data_5ND2
#
_entry.id   5ND2
#
loop_
_entity.id
_entity.type
_entity.pdbx_description
1 polymer 'Kinesin-like protein KIF20A'
2 polymer 'Tubulin alpha chain'
3 polymer 'Tubulin beta-2B chain'
4 non-polymer "ADENOSINE-5'-DIPHOSPHATE"
5 non-polymer 'MAGNESIUM ION'
6 non-polymer "GUANOSINE-5'-TRIPHOSPHATE"
7 non-polymer "GUANOSINE-5'-DIPHOSPHATE"
8 non-polymer TAXOL
#
loop_
_entity_poly.entity_id
_entity_poly.type
_entity_poly.pdbx_seq_one_letter_code
_entity_poly.pdbx_strand_id
1 'polypeptide(L)'
;SPILESTAADLRSVVRKDLLSDCSVISASLEDKQALLEDTSEKVKVYLRIRPFLTSELDRQEDQGCVCIENTETLVLQAP
KDSFALKSNERGVGQATHKFTFSQIFGPEVGQVAFFNLTMKEMVKDVLKGQNWLIYTYGVTNSGKTYTIQGTSKDAGILP
QSLALIFNSLQGQLHPTPDLKPLLSNEVIWLDSKQIRQEEMKKLSLLIGGLQEEELSTSVKKRVHTESRIGASNSFDSGV
AGLSSTSQFTSSSQLDETSQLWAQPDTVPVSVPADIRFSVWISFFEIYNELLYDLLEPPSHQHKRQTLRLCEDQNGNPYV
KDLNWIHVRDVEEAWKLLKVGRKNQSFASTHMNQQSSRSHSIFSIRILHLQGEGDIVPKISELSLCDLAGSERCKHQKSG
ERLKEAGNINTSLHTLGRCIAALRQNQQNRSKQNLIPFRDSKLTRVFQGFFTGRGRSCMIVNVNPCASTYDETLHAAKFS
ALASQLVHAPPVHLGIPSLHS
;
C
2 'polypeptide(L)'
;MRECISIHVGQAGVQIGNACWELYCLEHGIQPDGQMPSDKTIGGGDDSFNTFFSETGAGKHVPRAVFVDLEPTVIDEVRT
GTYRQLFHPEQLITGKEDAANNYARGHYTIGKEIIDLVLDRIRKLADQCTGLQGFSVFHSFGGGTGSGFTSLLMERLSVD
YGKKSKLEFSIYPAPQVSTAVVEPYNSILTTHTTLEHSDCAFMVDNEAIYDICRRNLDIERPTYTNLNRLIGQIVSSITA
SLRFDGALNVDLTEFQTNLVPYPRGHFPLATYAPVISAEKAYHEQLSVAEITNACFEPANQMVKCDPRHGKYMACCLLYR
GDVVPKDVNAAIATIKTKRTIQFVDWCPTGFKVGINYEPPTVVPGGDLAKVQRAVCMLSNTTAIAEAWARLDHKFDLMYA
KRAFVHWYVGEGMEEGEFSEAREDMAALEKDYEEVGVDSVEGEGEEEGEEY
;
A
3 'polypeptide(L)'
;MREIVHIQAGQCGNQIGAKFWEVISDEHGIDPTGSYHGDSDLQLERINVYYNEAAGNKYVPRAILVDLEPGTMDSVRSGP
FGQIFRPDNFVFGQSGAGNNWAKGHYTEGAELVDSVLDVVRKESESCDCLQGFQLTHSLGGGTGSGMGTLLISKIREEYP
DRIMNTFSVVPSPKVSDTVVEPYNATLSVHQLVENTDETYCIDNEALYDICFRTLKLTTPTYGDLNHLVSATMSGVTTCL
RFPGQLNADLRKLAVNMVPFPRLHFFMPGFAPLTSRGSQQYRALTVPELTQQMFDAKNMMAACDPRHGRYLTVAAVFRGR
MSMKEVDEQMLNVQNKNSSYFVEWIPNNVKTAVCDIPPRGLKMSATFIGNSTAIQELFKRISEQFTAMFRRKAFLHWYTG
EGMDEMEFTEAESNMNDLVSEYQQYQDATADEQGEFEEEEGEDEA
;
B
#
loop_
_chem_comp.id
_chem_comp.type
_chem_comp.name
_chem_comp.formula
ADP non-polymer ADENOSINE-5'-DIPHOSPHATE 'C10 H15 N5 O10 P2'
GDP RNA linking GUANOSINE-5'-DIPHOSPHATE 'C10 H15 N5 O11 P2'
GTP non-polymer GUANOSINE-5'-TRIPHOSPHATE 'C10 H16 N5 O14 P3'
MG non-polymer 'MAGNESIUM ION' 'Mg 2'
TA1 non-polymer TAXOL 'C47 H51 N O14'
#
# COMPACT_ATOMS: atom_id res chain seq x y z
N SER A 41 36.13 -1.59 -3.44
CA SER A 41 35.86 -2.72 -2.55
C SER A 41 35.52 -3.95 -3.37
N GLU A 42 35.44 -5.09 -2.73
CA GLU A 42 35.14 -6.31 -3.43
C GLU A 42 33.71 -6.27 -3.96
N LYS A 43 33.58 -5.91 -5.22
CA LYS A 43 32.28 -5.88 -5.85
C LYS A 43 32.00 -7.27 -6.36
N VAL A 44 30.75 -7.71 -6.27
CA VAL A 44 30.42 -9.05 -6.73
C VAL A 44 30.83 -9.22 -8.18
N LYS A 45 31.60 -10.27 -8.43
CA LYS A 45 32.02 -10.55 -9.78
C LYS A 45 30.81 -11.09 -10.50
N VAL A 46 30.45 -10.48 -11.59
CA VAL A 46 29.30 -10.93 -12.33
C VAL A 46 29.71 -11.67 -13.57
N TYR A 47 29.24 -12.89 -13.68
CA TYR A 47 29.54 -13.71 -14.83
C TYR A 47 28.23 -14.09 -15.46
N LEU A 48 28.15 -13.98 -16.76
CA LEU A 48 26.92 -14.31 -17.45
C LEU A 48 27.10 -15.60 -18.23
N ARG A 49 26.15 -16.49 -18.05
CA ARG A 49 26.17 -17.76 -18.72
C ARG A 49 24.92 -17.94 -19.55
N ILE A 50 25.11 -18.31 -20.79
CA ILE A 50 24.00 -18.54 -21.69
C ILE A 50 23.96 -20.02 -22.00
N ARG A 51 22.84 -20.66 -21.77
CA ARG A 51 22.75 -22.09 -22.04
C ARG A 51 22.25 -22.34 -23.45
N PRO A 52 22.58 -23.51 -24.01
CA PRO A 52 22.14 -23.88 -25.35
C PRO A 52 20.64 -24.13 -25.39
N PHE A 53 20.03 -23.89 -26.54
CA PHE A 53 18.61 -24.10 -26.70
C PHE A 53 18.24 -25.55 -26.43
N LEU A 54 17.14 -25.75 -25.73
CA LEU A 54 16.68 -27.09 -25.42
C LEU A 54 16.11 -27.72 -26.69
N THR A 55 16.03 -29.04 -26.73
CA THR A 55 15.52 -29.76 -27.88
C THR A 55 14.17 -29.20 -28.35
N SER A 56 13.23 -29.08 -27.43
CA SER A 56 11.90 -28.57 -27.72
C SER A 56 11.94 -27.04 -27.92
N GLU A 57 12.80 -26.39 -27.16
CA GLU A 57 12.94 -24.94 -27.23
C GLU A 57 13.46 -24.49 -28.60
N LEU A 58 14.49 -25.17 -29.08
CA LEU A 58 15.09 -24.86 -30.37
C LEU A 58 14.11 -25.21 -31.49
N ASP A 59 13.39 -26.30 -31.29
CA ASP A 59 12.41 -26.76 -32.27
C ASP A 59 11.24 -25.80 -32.37
N ARG A 60 10.91 -25.16 -31.25
CA ARG A 60 9.82 -24.19 -31.21
C ARG A 60 10.16 -22.98 -32.08
N GLN A 61 11.35 -22.44 -31.87
CA GLN A 61 11.84 -21.30 -32.61
C GLN A 61 13.35 -21.20 -32.45
N GLU A 62 14.05 -20.82 -33.51
CA GLU A 62 15.49 -20.67 -33.44
C GLU A 62 15.83 -19.24 -33.06
N ASP A 63 15.42 -18.90 -31.84
CA ASP A 63 15.63 -17.56 -31.30
C ASP A 63 17.01 -17.37 -30.69
N GLN A 64 17.74 -18.49 -30.50
CA GLN A 64 19.06 -18.44 -29.90
C GLN A 64 19.92 -17.35 -30.53
N GLY A 65 20.58 -16.59 -29.68
CA GLY A 65 21.42 -15.51 -30.17
C GLY A 65 20.70 -14.18 -30.12
N CYS A 66 19.57 -14.13 -29.41
CA CYS A 66 18.79 -12.89 -29.29
C CYS A 66 19.67 -11.79 -28.70
N VAL A 67 20.49 -12.17 -27.72
CA VAL A 67 21.41 -11.23 -27.12
C VAL A 67 22.68 -11.20 -27.95
N CYS A 68 23.14 -10.02 -28.29
CA CYS A 68 24.35 -9.89 -29.08
C CYS A 68 25.55 -9.81 -28.17
N ILE A 69 26.68 -10.27 -28.64
CA ILE A 69 27.88 -10.28 -27.83
C ILE A 69 28.92 -9.27 -28.30
N GLU A 70 29.34 -8.41 -27.39
CA GLU A 70 30.35 -7.40 -27.66
C GLU A 70 31.28 -7.36 -26.45
N ASN A 71 32.54 -7.74 -26.67
CA ASN A 71 33.53 -7.81 -25.58
C ASN A 71 33.23 -9.03 -24.72
N THR A 72 34.18 -9.48 -23.95
CA THR A 72 33.97 -10.64 -23.09
C THR A 72 33.16 -10.27 -21.83
N GLU A 73 33.20 -9.00 -21.46
CA GLU A 73 32.49 -8.51 -20.28
C GLU A 73 31.07 -8.00 -20.52
N THR A 74 30.80 -7.49 -21.71
CA THR A 74 29.50 -6.88 -21.98
C THR A 74 28.62 -7.65 -22.95
N LEU A 75 27.33 -7.44 -22.80
CA LEU A 75 26.31 -8.06 -23.65
C LEU A 75 25.36 -6.98 -24.10
N VAL A 76 25.01 -6.99 -25.36
CA VAL A 76 24.06 -6.01 -25.87
C VAL A 76 22.73 -6.72 -26.16
N LEU A 77 21.64 -6.12 -25.75
CA LEU A 77 20.34 -6.73 -25.94
C LEU A 77 19.67 -6.14 -27.14
N GLN A 78 19.33 -7.01 -28.12
CA GLN A 78 18.70 -6.64 -29.37
C GLN A 78 17.66 -7.69 -29.63
N ALA A 79 16.37 -7.43 -29.36
CA ALA A 79 15.36 -8.43 -29.54
C ALA A 79 14.35 -7.99 -30.55
N PRO A 80 14.11 -8.83 -31.50
CA PRO A 80 13.06 -8.50 -32.43
C PRO A 80 11.78 -8.93 -31.81
N GLN A 95 10.75 -4.11 -30.24
CA GLN A 95 12.22 -4.08 -30.15
C GLN A 95 12.62 -3.53 -28.83
N ALA A 96 13.92 -3.63 -28.51
CA ALA A 96 14.42 -3.14 -27.27
C ALA A 96 15.90 -3.10 -27.41
N THR A 97 16.58 -2.10 -26.85
CA THR A 97 18.00 -2.16 -26.98
C THR A 97 18.54 -1.85 -25.63
N HIS A 98 19.40 -2.71 -25.10
CA HIS A 98 19.96 -2.44 -23.78
C HIS A 98 21.39 -2.95 -23.74
N LYS A 99 22.10 -2.63 -22.67
CA LYS A 99 23.47 -3.08 -22.52
C LYS A 99 23.67 -3.68 -21.14
N PHE A 100 24.20 -4.88 -21.10
CA PHE A 100 24.45 -5.58 -19.85
C PHE A 100 25.94 -5.67 -19.61
N THR A 101 26.42 -4.96 -18.61
CA THR A 101 27.83 -4.97 -18.30
C THR A 101 28.13 -5.89 -17.13
N PHE A 102 28.96 -6.89 -17.40
CA PHE A 102 29.35 -7.86 -16.38
C PHE A 102 30.86 -7.98 -16.35
N SER A 103 31.38 -8.85 -15.50
CA SER A 103 32.81 -9.04 -15.41
C SER A 103 33.26 -9.90 -16.58
N GLN A 104 32.50 -10.96 -16.87
CA GLN A 104 32.80 -11.87 -17.95
C GLN A 104 31.54 -12.64 -18.37
N ILE A 105 31.56 -13.18 -19.58
CA ILE A 105 30.41 -13.94 -20.09
C ILE A 105 30.87 -15.14 -20.92
N PHE A 106 30.09 -16.21 -20.86
CA PHE A 106 30.37 -17.39 -21.65
C PHE A 106 29.25 -17.58 -22.68
N GLY A 107 29.63 -17.97 -23.89
CA GLY A 107 28.65 -18.16 -24.95
C GLY A 107 27.69 -19.29 -24.70
N PRO A 108 26.56 -19.30 -25.43
CA PRO A 108 25.52 -20.34 -25.29
C PRO A 108 26.04 -21.74 -25.58
N GLU A 109 27.11 -21.81 -26.35
CA GLU A 109 27.73 -23.08 -26.71
C GLU A 109 28.54 -23.66 -25.57
N VAL A 110 28.99 -22.80 -24.67
CA VAL A 110 29.80 -23.22 -23.54
C VAL A 110 29.00 -24.09 -22.57
N GLY A 111 29.50 -25.30 -22.33
CA GLY A 111 28.84 -26.21 -21.42
C GLY A 111 29.22 -25.87 -19.99
N GLN A 112 28.85 -26.71 -19.05
CA GLN A 112 29.18 -26.45 -17.66
C GLN A 112 30.69 -26.60 -17.42
N VAL A 113 31.31 -27.55 -18.13
CA VAL A 113 32.75 -27.83 -17.99
C VAL A 113 33.62 -26.57 -18.04
N ALA A 114 33.39 -25.75 -19.05
CA ALA A 114 34.14 -24.52 -19.23
C ALA A 114 33.78 -23.48 -18.17
N PHE A 115 32.53 -23.49 -17.74
CA PHE A 115 32.06 -22.55 -16.75
C PHE A 115 32.56 -22.84 -15.34
N PHE A 116 32.59 -24.11 -14.95
CA PHE A 116 33.03 -24.46 -13.61
C PHE A 116 34.50 -24.15 -13.33
N ASN A 117 35.35 -24.25 -14.36
CA ASN A 117 36.78 -24.00 -14.18
C ASN A 117 37.11 -22.62 -13.62
N LEU A 118 36.34 -21.60 -14.03
CA LEU A 118 36.58 -20.26 -13.53
C LEU A 118 36.34 -20.20 -12.03
N THR A 119 35.28 -20.86 -11.59
CA THR A 119 34.93 -20.91 -10.18
C THR A 119 35.92 -21.78 -9.41
N MET A 120 36.45 -22.81 -10.08
CA MET A 120 37.41 -23.73 -9.48
C MET A 120 38.56 -22.96 -8.85
N LYS A 121 39.19 -22.10 -9.65
CA LYS A 121 40.30 -21.29 -9.20
C LYS A 121 39.90 -20.42 -8.00
N GLU A 122 38.66 -19.96 -8.02
CA GLU A 122 38.14 -19.12 -6.95
C GLU A 122 37.79 -19.89 -5.67
N MET A 123 37.31 -21.11 -5.84
CA MET A 123 36.93 -21.95 -4.70
C MET A 123 38.13 -22.44 -3.91
N VAL A 124 39.11 -22.98 -4.62
CA VAL A 124 40.32 -23.51 -3.99
C VAL A 124 41.13 -22.41 -3.30
N LYS A 125 41.11 -21.21 -3.87
CA LYS A 125 41.86 -20.09 -3.30
C LYS A 125 41.24 -19.57 -2.00
N ASP A 126 39.94 -19.79 -1.81
CA ASP A 126 39.27 -19.31 -0.60
C ASP A 126 39.88 -19.83 0.68
N VAL A 127 40.26 -21.11 0.70
CA VAL A 127 40.88 -21.68 1.88
C VAL A 127 42.15 -20.92 2.24
N LEU A 128 42.80 -20.40 1.22
CA LEU A 128 44.01 -19.60 1.37
C LEU A 128 43.66 -18.18 1.82
N LYS A 129 42.49 -17.73 1.43
CA LYS A 129 42.01 -16.39 1.74
C LYS A 129 41.82 -16.20 3.24
N GLY A 130 41.18 -17.15 3.89
CA GLY A 130 40.97 -17.05 5.33
C GLY A 130 39.69 -16.32 5.68
N GLN A 131 38.88 -16.06 4.67
CA GLN A 131 37.60 -15.38 4.85
C GLN A 131 36.47 -16.16 4.18
N ASN A 132 35.25 -15.68 4.30
CA ASN A 132 34.11 -16.35 3.67
C ASN A 132 34.05 -16.05 2.18
N TRP A 133 33.43 -16.95 1.44
CA TRP A 133 33.24 -16.80 0.00
C TRP A 133 31.87 -17.32 -0.36
N LEU A 134 31.19 -16.63 -1.27
CA LEU A 134 29.87 -17.05 -1.67
C LEU A 134 29.66 -16.88 -3.16
N ILE A 135 29.04 -17.88 -3.77
CA ILE A 135 28.74 -17.83 -5.19
C ILE A 135 27.24 -17.93 -5.35
N TYR A 136 26.67 -16.97 -6.04
CA TYR A 136 25.22 -16.94 -6.25
C TYR A 136 24.91 -17.22 -7.71
N THR A 137 23.96 -18.12 -7.94
CA THR A 137 23.53 -18.43 -9.28
C THR A 137 22.14 -17.84 -9.51
N TYR A 138 22.06 -16.86 -10.39
CA TYR A 138 20.79 -16.23 -10.67
C TYR A 138 20.39 -16.45 -12.12
N GLY A 139 19.10 -16.53 -12.35
CA GLY A 139 18.59 -16.73 -13.68
C GLY A 139 17.19 -17.28 -13.64
N VAL A 140 16.62 -17.50 -14.81
CA VAL A 140 15.28 -18.02 -14.93
C VAL A 140 15.30 -19.53 -14.70
N THR A 141 14.19 -20.09 -14.24
CA THR A 141 14.11 -21.53 -14.03
C THR A 141 14.40 -22.24 -15.35
N ASN A 142 15.18 -23.32 -15.29
CA ASN A 142 15.54 -24.12 -16.47
C ASN A 142 16.59 -23.43 -17.34
N SER A 143 17.12 -22.29 -16.87
CA SER A 143 18.14 -21.57 -17.63
C SER A 143 19.52 -22.21 -17.46
N GLY A 144 19.63 -23.16 -16.50
CA GLY A 144 20.89 -23.77 -16.25
C GLY A 144 21.36 -23.56 -14.84
N LYS A 145 20.49 -23.08 -13.93
CA LYS A 145 20.95 -22.86 -12.58
C LYS A 145 21.37 -24.15 -11.93
N THR A 146 20.53 -25.17 -12.01
CA THR A 146 20.76 -26.42 -11.37
C THR A 146 21.91 -27.12 -12.04
N TYR A 147 22.03 -26.90 -13.35
CA TYR A 147 23.03 -27.47 -14.18
C TYR A 147 24.34 -26.90 -13.72
N THR A 148 24.37 -25.58 -13.45
CA THR A 148 25.59 -24.94 -13.05
C THR A 148 25.97 -25.33 -11.64
N ILE A 149 24.98 -25.42 -10.74
CA ILE A 149 25.25 -25.76 -9.35
C ILE A 149 25.71 -27.21 -9.18
N GLN A 150 24.78 -28.15 -9.30
CA GLN A 150 25.12 -29.56 -9.12
C GLN A 150 25.54 -30.22 -10.42
N GLY A 151 24.92 -29.79 -11.52
CA GLY A 151 25.23 -30.38 -12.80
C GLY A 151 24.57 -31.73 -12.95
N THR A 152 24.78 -32.34 -14.09
CA THR A 152 24.22 -33.67 -14.35
C THR A 152 25.17 -34.73 -13.86
N SER A 153 24.78 -35.98 -13.99
CA SER A 153 25.62 -37.08 -13.56
C SER A 153 26.86 -37.17 -14.45
N LYS A 154 26.64 -37.00 -15.75
CA LYS A 154 27.73 -37.03 -16.72
C LYS A 154 28.55 -35.74 -16.68
N ASP A 155 27.86 -34.62 -16.65
CA ASP A 155 28.51 -33.32 -16.64
C ASP A 155 28.32 -32.65 -15.29
N ALA A 156 29.32 -32.79 -14.43
CA ALA A 156 29.29 -32.22 -13.08
C ALA A 156 29.38 -30.70 -13.13
N GLY A 157 28.74 -30.06 -12.15
CA GLY A 157 28.73 -28.61 -12.09
C GLY A 157 29.81 -28.04 -11.19
N ILE A 158 29.61 -26.78 -10.80
CA ILE A 158 30.56 -26.05 -9.96
C ILE A 158 30.65 -26.64 -8.54
N LEU A 159 29.57 -27.22 -8.06
CA LEU A 159 29.55 -27.77 -6.71
C LEU A 159 30.41 -29.03 -6.54
N PRO A 160 30.20 -30.09 -7.37
CA PRO A 160 30.99 -31.33 -7.26
C PRO A 160 32.50 -31.09 -7.39
N GLN A 161 32.89 -30.26 -8.35
CA GLN A 161 34.29 -29.97 -8.59
C GLN A 161 34.95 -29.24 -7.42
N SER A 162 34.18 -28.40 -6.73
CA SER A 162 34.70 -27.63 -5.60
C SER A 162 35.20 -28.57 -4.50
N LEU A 163 34.34 -29.49 -4.08
CA LEU A 163 34.70 -30.44 -3.02
C LEU A 163 35.84 -31.34 -3.47
N ALA A 164 35.84 -31.67 -4.74
CA ALA A 164 36.88 -32.53 -5.31
C ALA A 164 38.24 -31.87 -5.20
N LEU A 165 38.29 -30.57 -5.53
CA LEU A 165 39.53 -29.82 -5.48
C LEU A 165 39.93 -29.49 -4.04
N ILE A 166 38.94 -29.22 -3.19
CA ILE A 166 39.21 -28.90 -1.79
C ILE A 166 39.85 -30.08 -1.07
N PHE A 167 39.26 -31.25 -1.22
CA PHE A 167 39.80 -32.46 -0.60
C PHE A 167 41.11 -32.85 -1.25
N ASN A 168 41.24 -32.57 -2.55
CA ASN A 168 42.47 -32.89 -3.27
C ASN A 168 43.66 -32.22 -2.60
N SER A 169 43.51 -30.95 -2.26
CA SER A 169 44.56 -30.20 -1.59
C SER A 169 44.71 -30.64 -0.13
N LEU A 170 43.63 -31.16 0.44
CA LEU A 170 43.62 -31.62 1.83
C LEU A 170 44.57 -32.80 2.02
N ARG A 277 47.05 -29.63 9.53
CA ARG A 277 45.82 -30.39 9.45
C ARG A 277 44.68 -29.52 8.99
N PHE A 278 43.92 -30.00 8.01
CA PHE A 278 42.79 -29.27 7.49
C PHE A 278 41.50 -29.99 7.86
N SER A 279 40.55 -29.25 8.39
CA SER A 279 39.28 -29.82 8.78
C SER A 279 38.17 -29.15 8.00
N VAL A 280 37.21 -29.91 7.52
CA VAL A 280 36.13 -29.34 6.75
C VAL A 280 34.77 -29.87 7.21
N TRP A 281 33.87 -28.94 7.49
CA TRP A 281 32.53 -29.29 7.92
C TRP A 281 31.56 -29.00 6.80
N ILE A 282 30.48 -29.77 6.73
CA ILE A 282 29.51 -29.60 5.67
C ILE A 282 28.12 -29.28 6.20
N SER A 283 27.46 -28.36 5.50
CA SER A 283 26.12 -27.95 5.84
C SER A 283 25.37 -27.63 4.56
N PHE A 284 24.14 -28.13 4.46
CA PHE A 284 23.32 -27.90 3.29
C PHE A 284 21.88 -27.69 3.73
N PHE A 285 21.36 -26.51 3.50
CA PHE A 285 20.01 -26.20 3.90
C PHE A 285 19.26 -25.40 2.84
N GLU A 286 17.95 -25.43 2.92
CA GLU A 286 17.11 -24.73 1.98
C GLU A 286 16.18 -23.81 2.75
N ILE A 287 15.86 -22.66 2.17
CA ILE A 287 14.97 -21.71 2.82
C ILE A 287 13.66 -21.58 2.04
N TYR A 288 12.57 -21.86 2.73
CA TYR A 288 11.25 -21.77 2.14
C TYR A 288 10.31 -20.98 3.04
N ASN A 289 9.75 -19.90 2.50
CA ASN A 289 8.83 -19.04 3.24
C ASN A 289 9.49 -18.45 4.48
N GLU A 290 10.78 -18.10 4.33
CA GLU A 290 11.58 -17.52 5.42
C GLU A 290 11.89 -18.52 6.53
N LEU A 291 11.76 -19.81 6.23
CA LEU A 291 12.06 -20.85 7.19
C LEU A 291 13.19 -21.72 6.68
N LEU A 292 14.12 -22.07 7.56
CA LEU A 292 15.26 -22.90 7.18
C LEU A 292 14.98 -24.38 7.43
N TYR A 293 15.43 -25.20 6.49
CA TYR A 293 15.26 -26.64 6.58
C TYR A 293 16.61 -27.32 6.37
N ASP A 294 16.88 -28.36 7.14
CA ASP A 294 18.15 -29.07 7.02
C ASP A 294 17.99 -30.18 6.00
N LEU A 295 18.65 -30.01 4.87
CA LEU A 295 18.59 -30.96 3.77
C LEU A 295 19.42 -32.21 4.05
N LEU A 296 20.46 -32.05 4.92
CA LEU A 296 21.48 -33.06 5.17
C LEU A 296 20.93 -34.33 5.77
N GLU A 297 20.09 -34.27 6.83
CA GLU A 297 19.60 -35.51 7.37
C GLU A 297 18.10 -35.55 7.17
N PRO A 298 17.60 -36.66 6.63
CA PRO A 298 16.19 -36.80 6.34
C PRO A 298 15.17 -36.79 7.46
N PRO A 299 15.42 -37.06 8.74
CA PRO A 299 14.34 -36.96 9.69
C PRO A 299 14.08 -35.53 10.04
N SER A 300 12.80 -35.17 10.28
CA SER A 300 12.49 -33.81 10.62
C SER A 300 11.11 -33.76 11.30
N GLN A 306 7.80 -26.53 10.58
CA GLN A 306 9.09 -26.78 11.26
C GLN A 306 9.87 -25.51 11.29
N THR A 307 10.52 -25.21 12.42
CA THR A 307 11.31 -24.02 12.46
C THR A 307 12.72 -24.44 12.66
N LEU A 308 13.65 -23.55 12.32
CA LEU A 308 15.01 -23.78 12.63
C LEU A 308 15.27 -22.63 13.57
N ARG A 309 16.41 -22.58 14.25
CA ARG A 309 16.56 -21.41 15.10
C ARG A 309 17.75 -20.55 14.64
N LEU A 310 17.84 -19.35 15.17
CA LEU A 310 18.93 -18.45 14.80
C LEU A 310 19.71 -18.04 16.03
N CYS A 311 21.01 -18.13 15.95
CA CYS A 311 21.86 -17.77 17.06
C CYS A 311 22.61 -16.50 16.74
N GLU A 312 22.80 -15.67 17.74
CA GLU A 312 23.52 -14.43 17.57
C GLU A 312 24.64 -14.36 18.58
N ASP A 313 25.82 -13.98 18.14
CA ASP A 313 26.95 -13.86 19.05
C ASP A 313 26.75 -12.60 19.86
N GLN A 314 27.40 -12.51 21.02
CA GLN A 314 27.26 -11.35 21.90
C GLN A 314 27.57 -10.04 21.20
N ASN A 315 28.43 -10.10 20.19
CA ASN A 315 28.81 -8.94 19.42
C ASN A 315 27.73 -8.49 18.45
N GLY A 316 26.77 -9.38 18.16
CA GLY A 316 25.72 -9.03 17.23
C GLY A 316 25.81 -9.78 15.92
N ASN A 317 26.80 -10.66 15.80
CA ASN A 317 26.98 -11.45 14.59
C ASN A 317 26.04 -12.65 14.59
N PRO A 318 25.16 -12.76 13.60
CA PRO A 318 24.23 -13.86 13.49
C PRO A 318 24.84 -15.10 12.85
N TYR A 319 24.47 -16.25 13.37
CA TYR A 319 24.95 -17.53 12.88
C TYR A 319 23.78 -18.51 12.87
N VAL A 320 23.81 -19.48 11.96
CA VAL A 320 22.74 -20.46 11.89
C VAL A 320 22.89 -21.48 13.02
N LYS A 321 21.84 -21.65 13.80
CA LYS A 321 21.88 -22.59 14.91
C LYS A 321 21.06 -23.82 14.60
N ASP A 322 21.48 -24.94 15.18
CA ASP A 322 20.82 -26.25 15.01
C ASP A 322 20.99 -26.77 13.60
N LEU A 323 21.99 -26.26 12.90
CA LEU A 323 22.29 -26.71 11.55
C LEU A 323 23.14 -27.96 11.67
N ASN A 324 22.83 -28.97 10.91
CA ASN A 324 23.58 -30.21 10.98
C ASN A 324 24.92 -30.07 10.28
N TRP A 325 25.98 -30.09 11.07
CA TRP A 325 27.33 -29.96 10.57
C TRP A 325 28.05 -31.30 10.73
N ILE A 326 28.62 -31.79 9.64
CA ILE A 326 29.34 -33.05 9.67
C ILE A 326 30.70 -32.89 9.01
N HIS A 327 31.70 -33.55 9.57
CA HIS A 327 33.05 -33.51 9.03
C HIS A 327 33.14 -34.52 7.89
N VAL A 328 33.93 -34.21 6.87
CA VAL A 328 34.06 -35.10 5.73
C VAL A 328 35.49 -35.63 5.58
N ARG A 329 35.60 -36.94 5.72
CA ARG A 329 36.88 -37.63 5.62
C ARG A 329 37.25 -37.90 4.16
N ASP A 330 36.25 -38.13 3.32
CA ASP A 330 36.48 -38.43 1.92
C ASP A 330 35.94 -37.34 0.99
N VAL A 331 36.49 -37.28 -0.22
CA VAL A 331 36.08 -36.29 -1.22
C VAL A 331 34.68 -36.57 -1.74
N GLU A 332 34.42 -37.81 -2.12
CA GLU A 332 33.13 -38.21 -2.64
C GLU A 332 32.08 -38.09 -1.55
N GLU A 333 32.49 -38.39 -0.32
CA GLU A 333 31.61 -38.30 0.83
C GLU A 333 31.01 -36.91 0.95
N ALA A 334 31.82 -35.89 0.70
CA ALA A 334 31.36 -34.51 0.78
C ALA A 334 30.26 -34.24 -0.25
N TRP A 335 30.54 -34.62 -1.49
CA TRP A 335 29.57 -34.44 -2.57
C TRP A 335 28.33 -35.29 -2.33
N LYS A 336 28.53 -36.51 -1.84
CA LYS A 336 27.43 -37.41 -1.57
C LYS A 336 26.54 -36.88 -0.44
N LEU A 337 27.16 -36.34 0.59
CA LEU A 337 26.42 -35.79 1.72
C LEU A 337 25.54 -34.63 1.29
N LEU A 338 26.07 -33.76 0.42
CA LEU A 338 25.30 -32.63 -0.07
C LEU A 338 24.26 -33.12 -1.07
N LYS A 339 24.59 -34.20 -1.78
CA LYS A 339 23.68 -34.78 -2.76
C LYS A 339 22.42 -35.28 -2.08
N VAL A 340 22.56 -35.76 -0.83
CA VAL A 340 21.41 -36.26 -0.07
C VAL A 340 20.38 -35.13 0.06
N GLY A 341 20.86 -33.94 0.39
CA GLY A 341 19.98 -32.80 0.53
C GLY A 341 19.46 -32.36 -0.83
N ARG A 342 20.31 -32.44 -1.84
CA ARG A 342 19.95 -32.06 -3.19
C ARG A 342 18.85 -32.99 -3.71
N LYS A 343 18.88 -34.25 -3.27
CA LYS A 343 17.88 -35.23 -3.66
C LYS A 343 16.51 -34.81 -3.12
N ASN A 344 16.50 -34.39 -1.85
CA ASN A 344 15.29 -33.96 -1.17
C ASN A 344 14.62 -32.80 -1.92
N GLN A 345 15.38 -31.73 -2.10
CA GLN A 345 14.86 -30.55 -2.78
C GLN A 345 14.76 -30.75 -4.29
N SER A 346 15.38 -31.83 -4.76
CA SER A 346 15.39 -32.18 -6.18
C SER A 346 16.04 -31.08 -7.03
N ARG A 358 12.07 -23.42 -6.75
CA ARG A 358 11.04 -22.83 -5.90
C ARG A 358 11.61 -22.06 -4.73
N SER A 359 12.62 -22.63 -4.10
CA SER A 359 13.24 -22.01 -2.94
C SER A 359 14.72 -21.71 -3.16
N HIS A 360 15.40 -21.30 -2.09
CA HIS A 360 16.82 -21.00 -2.18
C HIS A 360 17.63 -22.13 -1.59
N SER A 361 18.66 -22.55 -2.30
CA SER A 361 19.51 -23.62 -1.83
C SER A 361 20.86 -23.04 -1.44
N ILE A 362 21.35 -23.40 -0.27
CA ILE A 362 22.63 -22.90 0.18
C ILE A 362 23.49 -23.99 0.80
N PHE A 363 24.67 -24.16 0.23
CA PHE A 363 25.63 -25.15 0.69
C PHE A 363 26.80 -24.43 1.33
N SER A 364 27.01 -24.66 2.61
CA SER A 364 28.10 -24.01 3.32
C SER A 364 29.10 -25.01 3.86
N ILE A 365 30.38 -24.75 3.63
CA ILE A 365 31.45 -25.61 4.12
C ILE A 365 32.51 -24.77 4.82
N ARG A 366 32.86 -25.17 6.02
CA ARG A 366 33.86 -24.45 6.79
C ARG A 366 35.18 -25.18 6.74
N ILE A 367 36.22 -24.46 6.37
CA ILE A 367 37.55 -25.04 6.27
C ILE A 367 38.44 -24.53 7.38
N LEU A 368 38.98 -25.45 8.14
CA LEU A 368 39.88 -25.14 9.23
C LEU A 368 41.30 -25.47 8.81
N HIS A 369 42.19 -24.51 8.91
CA HIS A 369 43.57 -24.71 8.53
C HIS A 369 44.49 -24.48 9.72
N LEU A 370 45.20 -25.53 10.11
CA LEU A 370 46.13 -25.48 11.22
C LEU A 370 47.51 -25.96 10.78
N PRO A 378 43.58 -20.09 13.84
CA PRO A 378 43.46 -21.00 12.70
C PRO A 378 42.76 -20.33 11.54
N LYS A 379 43.37 -20.42 10.37
CA LYS A 379 42.78 -19.84 9.19
C LYS A 379 41.46 -20.54 8.90
N ILE A 380 40.37 -19.77 8.87
CA ILE A 380 39.06 -20.34 8.62
C ILE A 380 38.40 -19.70 7.42
N SER A 381 37.91 -20.54 6.52
CA SER A 381 37.23 -20.08 5.33
C SER A 381 35.86 -20.70 5.26
N GLU A 382 34.97 -20.09 4.50
CA GLU A 382 33.63 -20.60 4.35
C GLU A 382 33.21 -20.51 2.89
N LEU A 383 32.91 -21.65 2.29
CA LEU A 383 32.49 -21.68 0.90
C LEU A 383 31.01 -21.93 0.86
N SER A 384 30.28 -21.02 0.24
CA SER A 384 28.85 -21.18 0.15
C SER A 384 28.37 -21.18 -1.30
N LEU A 385 27.73 -22.28 -1.67
CA LEU A 385 27.18 -22.44 -3.01
C LEU A 385 25.70 -22.13 -2.89
N CYS A 386 25.26 -21.07 -3.53
CA CYS A 386 23.87 -20.68 -3.43
C CYS A 386 23.14 -20.75 -4.75
N ASP A 387 22.03 -21.45 -4.72
CA ASP A 387 21.13 -21.59 -5.86
C ASP A 387 19.89 -20.81 -5.50
N LEU A 388 19.64 -19.70 -6.27
CA LEU A 388 18.49 -18.84 -6.11
C LEU A 388 17.31 -19.38 -6.88
N ALA A 389 16.20 -18.60 -6.95
CA ALA A 389 14.97 -19.17 -7.43
C ALA A 389 14.13 -18.24 -8.28
N ALA A 406 5.98 -16.08 -3.16
CA ALA A 406 6.00 -15.93 -1.73
C ALA A 406 6.62 -14.59 -1.40
N GLY A 407 6.18 -13.97 -0.29
CA GLY A 407 6.56 -12.63 0.11
C GLY A 407 8.04 -12.50 0.38
N ASN A 408 8.64 -13.60 0.82
CA ASN A 408 10.06 -13.61 1.12
C ASN A 408 10.93 -13.53 -0.14
N ILE A 409 10.45 -14.09 -1.26
CA ILE A 409 11.22 -14.07 -2.50
C ILE A 409 11.25 -12.67 -3.11
N ASN A 410 10.09 -12.04 -3.25
CA ASN A 410 10.01 -10.70 -3.81
C ASN A 410 10.72 -9.69 -2.92
N THR A 411 10.64 -9.90 -1.62
CA THR A 411 11.30 -9.02 -0.66
C THR A 411 12.82 -9.18 -0.75
N SER A 412 13.28 -10.42 -0.62
CA SER A 412 14.72 -10.72 -0.67
C SER A 412 15.35 -10.16 -1.94
N LEU A 413 14.68 -10.34 -3.08
CA LEU A 413 15.20 -9.85 -4.35
C LEU A 413 15.36 -8.34 -4.33
N HIS A 414 14.35 -7.65 -3.81
CA HIS A 414 14.38 -6.20 -3.73
C HIS A 414 15.41 -5.72 -2.72
N THR A 415 15.45 -6.36 -1.55
CA THR A 415 16.40 -5.98 -0.52
C THR A 415 17.83 -6.15 -1.02
N LEU A 416 18.04 -7.20 -1.83
CA LEU A 416 19.35 -7.45 -2.41
C LEU A 416 19.70 -6.30 -3.34
N GLY A 417 18.74 -5.89 -4.16
CA GLY A 417 18.95 -4.79 -5.08
C GLY A 417 19.19 -3.50 -4.33
N ARG A 418 18.51 -3.34 -3.20
CA ARG A 418 18.67 -2.15 -2.38
C ARG A 418 20.04 -2.13 -1.72
N CYS A 419 20.50 -3.29 -1.26
CA CYS A 419 21.79 -3.39 -0.61
C CYS A 419 22.94 -3.18 -1.59
N ILE A 420 22.84 -3.73 -2.79
CA ILE A 420 23.89 -3.58 -3.79
C ILE A 420 23.97 -2.13 -4.26
N ALA A 421 22.83 -1.45 -4.28
CA ALA A 421 22.78 -0.06 -4.68
C ALA A 421 23.42 0.80 -3.59
N ALA A 422 22.98 0.59 -2.36
CA ALA A 422 23.51 1.34 -1.22
C ALA A 422 25.01 1.08 -1.07
N LEU A 423 25.39 -0.18 -1.25
CA LEU A 423 26.78 -0.58 -1.14
C LEU A 423 27.62 0.08 -2.23
N ARG A 424 27.16 -0.03 -3.48
CA ARG A 424 27.89 0.55 -4.60
C ARG A 424 28.07 2.05 -4.40
N GLN A 425 27.07 2.70 -3.83
CA GLN A 425 27.12 4.14 -3.58
C GLN A 425 28.23 4.45 -2.58
N ASN A 426 28.22 3.74 -1.46
CA ASN A 426 29.21 3.93 -0.41
C ASN A 426 30.63 3.65 -0.93
N GLN A 427 30.74 2.64 -1.76
CA GLN A 427 32.03 2.26 -2.33
C GLN A 427 32.53 3.25 -3.37
N GLN A 428 31.63 3.74 -4.23
CA GLN A 428 32.01 4.70 -5.27
C GLN A 428 32.19 6.11 -4.73
N ASN A 429 31.36 6.57 -3.77
CA ASN A 429 31.39 7.98 -3.44
C ASN A 429 31.23 8.23 -1.97
N ARG A 430 31.60 9.48 -1.56
CA ARG A 430 31.39 9.93 -0.21
C ARG A 430 30.21 10.84 -0.23
N LEU A 435 22.70 3.98 4.18
CA LEU A 435 22.19 3.02 5.14
C LEU A 435 22.20 1.69 4.44
N ILE A 436 22.54 0.60 5.16
CA ILE A 436 22.54 -0.71 4.54
C ILE A 436 21.30 -1.51 4.95
N PRO A 437 20.53 -1.98 3.97
CA PRO A 437 19.27 -2.73 4.11
C PRO A 437 19.36 -4.13 4.64
N PHE A 438 20.55 -4.53 5.13
CA PHE A 438 20.74 -5.88 5.59
C PHE A 438 19.77 -6.26 6.67
N ARG A 439 19.49 -5.35 7.62
CA ARG A 439 18.63 -5.69 8.72
C ARG A 439 17.25 -6.03 8.26
N ASP A 440 16.78 -5.40 7.17
CA ASP A 440 15.42 -5.54 6.71
C ASP A 440 15.14 -7.00 6.43
N SER A 441 16.10 -7.75 5.89
CA SER A 441 15.97 -9.13 5.42
C SER A 441 16.91 -10.07 6.17
N LYS A 442 16.38 -11.19 6.64
CA LYS A 442 17.17 -12.16 7.40
C LYS A 442 18.17 -12.89 6.50
N LEU A 443 17.76 -13.11 5.26
CA LEU A 443 18.60 -13.79 4.27
C LEU A 443 19.95 -13.11 4.11
N THR A 444 19.93 -11.81 3.88
CA THR A 444 21.16 -11.06 3.72
C THR A 444 21.86 -10.85 5.06
N ARG A 445 21.07 -10.72 6.12
CA ARG A 445 21.62 -10.49 7.45
C ARG A 445 22.52 -11.64 7.92
N VAL A 446 22.12 -12.87 7.65
CA VAL A 446 22.92 -14.03 8.06
C VAL A 446 24.23 -14.09 7.27
N PHE A 447 24.18 -13.63 6.02
CA PHE A 447 25.35 -13.60 5.15
C PHE A 447 26.17 -12.32 5.34
N GLN A 448 25.69 -11.44 6.22
CA GLN A 448 26.33 -10.14 6.49
C GLN A 448 27.84 -10.22 6.68
N GLY A 449 28.30 -11.19 7.47
CA GLY A 449 29.72 -11.33 7.71
C GLY A 449 30.53 -11.42 6.44
N PHE A 450 30.01 -12.17 5.48
CA PHE A 450 30.66 -12.34 4.19
C PHE A 450 30.59 -11.06 3.33
N PHE A 451 29.41 -10.48 3.25
CA PHE A 451 29.18 -9.28 2.44
C PHE A 451 29.87 -8.04 3.00
N THR A 452 29.49 -7.64 4.20
CA THR A 452 30.05 -6.45 4.85
C THR A 452 31.54 -6.65 5.18
N GLY A 453 31.92 -7.90 5.40
CA GLY A 453 33.30 -8.21 5.70
C GLY A 453 34.13 -8.28 4.43
N ARG A 454 35.42 -8.53 4.56
CA ARG A 454 36.25 -8.62 3.38
C ARG A 454 36.08 -10.02 2.82
N GLY A 455 35.57 -10.11 1.61
CA GLY A 455 35.35 -11.41 1.03
C GLY A 455 34.97 -11.29 -0.42
N ARG A 456 35.34 -12.30 -1.20
CA ARG A 456 35.05 -12.30 -2.61
C ARG A 456 33.66 -12.83 -2.90
N SER A 457 32.87 -12.05 -3.62
CA SER A 457 31.52 -12.44 -3.95
C SER A 457 31.36 -12.70 -5.44
N CYS A 458 31.25 -13.97 -5.81
CA CYS A 458 31.07 -14.34 -7.20
C CYS A 458 29.59 -14.59 -7.52
N MET A 459 29.10 -14.00 -8.60
CA MET A 459 27.71 -14.20 -9.00
C MET A 459 27.61 -14.60 -10.47
N ILE A 460 26.99 -15.74 -10.71
CA ILE A 460 26.81 -16.23 -12.07
C ILE A 460 25.36 -16.09 -12.48
N VAL A 461 25.13 -15.48 -13.63
CA VAL A 461 23.80 -15.28 -14.15
C VAL A 461 23.59 -16.15 -15.37
N ASN A 462 22.78 -17.18 -15.23
CA ASN A 462 22.49 -18.06 -16.35
C ASN A 462 21.13 -17.71 -16.92
N VAL A 463 21.04 -17.63 -18.24
CA VAL A 463 19.79 -17.27 -18.86
C VAL A 463 19.66 -17.88 -20.26
N ASN A 464 18.45 -17.84 -20.79
CA ASN A 464 18.16 -18.37 -22.12
C ASN A 464 18.37 -17.31 -23.18
N PRO A 465 19.05 -17.66 -24.29
CA PRO A 465 19.29 -16.74 -25.39
C PRO A 465 18.03 -16.53 -26.22
N CYS A 466 16.96 -17.20 -25.80
CA CYS A 466 15.66 -17.14 -26.45
C CYS A 466 15.09 -15.71 -26.45
N ALA A 467 14.43 -15.34 -27.53
CA ALA A 467 13.84 -14.01 -27.67
C ALA A 467 12.60 -13.87 -26.81
N SER A 468 11.86 -14.96 -26.64
CA SER A 468 10.66 -14.96 -25.83
C SER A 468 11.03 -14.80 -24.35
N THR A 469 12.23 -15.24 -24.02
CA THR A 469 12.73 -15.14 -22.66
C THR A 469 13.40 -13.78 -22.39
N TYR A 470 13.51 -12.94 -23.42
CA TYR A 470 14.15 -11.62 -23.31
C TYR A 470 13.62 -10.81 -22.11
N ASP A 471 12.30 -10.81 -21.95
CA ASP A 471 11.67 -10.09 -20.85
C ASP A 471 12.17 -10.58 -19.50
N GLU A 472 12.37 -11.89 -19.40
CA GLU A 472 12.85 -12.57 -18.22
C GLU A 472 14.38 -12.26 -18.05
N THR A 473 15.08 -12.35 -19.18
CA THR A 473 16.52 -12.15 -19.24
C THR A 473 16.93 -10.79 -18.68
N LEU A 474 16.24 -9.75 -19.13
CA LEU A 474 16.53 -8.39 -18.68
C LEU A 474 16.42 -8.29 -17.16
N HIS A 475 15.42 -8.94 -16.59
CA HIS A 475 15.21 -8.92 -15.15
C HIS A 475 16.34 -9.62 -14.40
N ALA A 476 16.77 -10.76 -14.93
CA ALA A 476 17.85 -11.53 -14.31
C ALA A 476 19.16 -10.74 -14.33
N ALA A 477 19.49 -10.17 -15.48
CA ALA A 477 20.71 -9.40 -15.65
C ALA A 477 20.66 -8.09 -14.84
N LYS A 478 19.45 -7.58 -14.63
CA LYS A 478 19.26 -6.35 -13.88
C LYS A 478 19.59 -6.54 -12.40
N PHE A 479 19.30 -7.74 -11.89
CA PHE A 479 19.55 -8.06 -10.50
C PHE A 479 21.05 -8.13 -10.19
N SER A 480 21.82 -8.68 -11.16
CA SER A 480 23.26 -8.73 -11.17
C SER A 480 23.90 -7.38 -11.42
N ALA A 481 23.71 -6.75 -12.61
CA ALA A 481 24.41 -5.51 -12.86
C ALA A 481 23.77 -4.78 -14.01
N LEU A 482 24.20 -3.53 -14.28
CA LEU A 482 23.70 -2.76 -15.39
C LEU A 482 24.89 -2.20 -16.10
N ALA A 483 24.75 -0.99 -16.67
CA ALA A 483 25.81 -0.34 -17.39
C ALA A 483 26.14 0.95 -16.65
N ARG B 2 -25.15 0.76 -30.52
CA ARG B 2 -26.05 1.85 -30.17
C ARG B 2 -26.11 2.04 -28.66
N GLU B 3 -26.24 0.94 -27.94
CA GLU B 3 -26.31 0.99 -26.48
C GLU B 3 -24.90 1.11 -25.89
N CYS B 4 -24.82 1.34 -24.59
CA CYS B 4 -23.54 1.47 -23.93
C CYS B 4 -23.65 1.16 -22.44
N ILE B 5 -23.13 0.01 -22.05
CA ILE B 5 -23.14 -0.39 -20.65
C ILE B 5 -22.09 0.45 -19.91
N SER B 6 -22.17 0.50 -18.60
CA SER B 6 -21.21 1.28 -17.82
C SER B 6 -20.65 0.47 -16.66
N ILE B 7 -19.36 0.55 -16.48
CA ILE B 7 -18.67 -0.17 -15.42
C ILE B 7 -18.10 0.78 -14.38
N HIS B 8 -18.83 0.97 -13.30
CA HIS B 8 -18.40 1.85 -12.23
C HIS B 8 -17.61 1.05 -11.20
N VAL B 9 -16.32 1.29 -11.14
CA VAL B 9 -15.46 0.56 -10.22
C VAL B 9 -14.74 1.49 -9.24
N GLY B 10 -14.57 1.04 -8.01
CA GLY B 10 -13.88 1.83 -7.02
C GLY B 10 -14.84 2.64 -6.16
N GLN B 11 -14.39 2.96 -4.95
CA GLN B 11 -15.20 3.73 -4.00
C GLN B 11 -15.77 4.99 -4.64
N ALA B 12 -14.88 5.80 -5.19
CA ALA B 12 -15.27 7.04 -5.85
C ALA B 12 -16.19 6.75 -7.05
N GLY B 13 -15.78 5.76 -7.85
CA GLY B 13 -16.53 5.38 -9.03
C GLY B 13 -17.97 5.00 -8.74
N VAL B 14 -18.22 4.50 -7.53
CA VAL B 14 -19.57 4.11 -7.14
C VAL B 14 -20.37 5.34 -6.74
N GLN B 15 -19.71 6.26 -6.04
CA GLN B 15 -20.36 7.49 -5.61
C GLN B 15 -20.71 8.38 -6.81
N ILE B 16 -19.78 8.48 -7.75
CA ILE B 16 -20.01 9.29 -8.94
C ILE B 16 -21.08 8.64 -9.82
N GLY B 17 -21.16 7.31 -9.76
CA GLY B 17 -22.14 6.60 -10.54
C GLY B 17 -23.53 6.82 -10.00
N ASN B 18 -23.65 6.79 -8.67
CA ASN B 18 -24.94 7.00 -8.00
C ASN B 18 -25.53 8.37 -8.37
N ALA B 19 -24.69 9.39 -8.33
CA ALA B 19 -25.12 10.75 -8.66
C ALA B 19 -25.54 10.86 -10.13
N CYS B 20 -24.70 10.33 -11.01
CA CYS B 20 -24.98 10.36 -12.44
C CYS B 20 -26.26 9.59 -12.77
N TRP B 21 -26.39 8.40 -12.21
CA TRP B 21 -27.56 7.57 -12.44
C TRP B 21 -28.84 8.20 -11.92
N GLU B 22 -28.72 8.95 -10.83
CA GLU B 22 -29.87 9.63 -10.25
C GLU B 22 -30.41 10.64 -11.25
N LEU B 23 -29.51 11.54 -11.67
CA LEU B 23 -29.84 12.56 -12.67
C LEU B 23 -30.44 11.94 -13.92
N TYR B 24 -29.81 10.84 -14.37
CA TYR B 24 -30.24 10.11 -15.55
C TYR B 24 -31.73 9.82 -15.54
N CYS B 25 -32.15 8.96 -14.61
CA CYS B 25 -33.55 8.60 -14.48
C CYS B 25 -34.45 9.82 -14.25
N LEU B 26 -33.91 10.83 -13.57
CA LEU B 26 -34.65 12.07 -13.28
C LEU B 26 -35.06 12.81 -14.54
N GLU B 27 -34.23 12.75 -15.58
CA GLU B 27 -34.55 13.43 -16.84
C GLU B 27 -35.12 12.46 -17.85
N HIS B 28 -35.50 11.28 -17.38
CA HIS B 28 -36.09 10.26 -18.23
C HIS B 28 -37.44 9.82 -17.67
N GLY B 29 -37.84 10.46 -16.58
CA GLY B 29 -39.11 10.15 -15.94
C GLY B 29 -39.13 8.75 -15.34
N ILE B 30 -38.00 8.30 -14.82
CA ILE B 30 -37.90 6.98 -14.23
C ILE B 30 -37.63 7.05 -12.73
N GLN B 31 -38.69 6.92 -11.95
CA GLN B 31 -38.59 6.92 -10.49
C GLN B 31 -37.85 5.67 -10.00
N PRO B 32 -37.56 5.58 -8.68
CA PRO B 32 -36.89 4.42 -8.07
C PRO B 32 -37.35 3.08 -8.65
N ASP B 33 -38.66 2.93 -8.80
CA ASP B 33 -39.21 1.70 -9.36
C ASP B 33 -39.60 1.94 -10.81
N GLY B 34 -38.78 1.42 -11.73
CA GLY B 34 -39.08 1.53 -13.12
C GLY B 34 -39.55 0.13 -13.51
N HIS B 61 -37.13 1.28 -15.30
CA HIS B 61 -37.10 -0.16 -15.62
C HIS B 61 -35.76 -0.68 -15.18
N VAL B 62 -35.09 -1.49 -16.02
CA VAL B 62 -33.79 -1.99 -15.63
C VAL B 62 -32.69 -1.17 -16.31
N PRO B 63 -31.69 -0.72 -15.53
CA PRO B 63 -30.56 0.07 -16.07
C PRO B 63 -29.64 -0.75 -16.97
N ARG B 64 -28.42 -0.25 -17.19
CA ARG B 64 -27.44 -0.93 -18.06
C ARG B 64 -26.02 -0.62 -17.60
N ALA B 65 -25.72 -0.90 -16.34
CA ALA B 65 -24.39 -0.67 -15.81
C ALA B 65 -24.13 -1.61 -14.64
N VAL B 66 -22.91 -1.59 -14.12
CA VAL B 66 -22.56 -2.44 -13.00
C VAL B 66 -21.65 -1.69 -12.04
N PHE B 67 -21.65 -2.12 -10.79
CA PHE B 67 -20.82 -1.51 -9.76
C PHE B 67 -19.91 -2.56 -9.14
N VAL B 68 -18.60 -2.28 -9.12
CA VAL B 68 -17.62 -3.22 -8.56
C VAL B 68 -16.70 -2.55 -7.56
N ASP B 69 -16.54 -3.15 -6.38
CA ASP B 69 -15.64 -2.63 -5.35
C ASP B 69 -15.23 -3.72 -4.37
N LEU B 70 -14.11 -3.52 -3.70
CA LEU B 70 -13.59 -4.50 -2.75
C LEU B 70 -14.05 -4.23 -1.32
N GLU B 71 -14.93 -3.25 -1.14
CA GLU B 71 -15.46 -2.94 0.18
C GLU B 71 -16.98 -2.98 0.14
N PRO B 72 -17.59 -3.95 0.85
CA PRO B 72 -19.04 -4.14 0.89
C PRO B 72 -19.79 -2.85 1.21
N THR B 73 -19.37 -2.16 2.27
CA THR B 73 -19.99 -0.91 2.71
C THR B 73 -20.15 0.13 1.59
N VAL B 74 -19.23 0.15 0.62
CA VAL B 74 -19.30 1.12 -0.45
C VAL B 74 -20.47 0.84 -1.39
N ILE B 75 -20.60 -0.41 -1.79
CA ILE B 75 -21.69 -0.83 -2.66
C ILE B 75 -22.99 -0.90 -1.86
N ASP B 76 -22.87 -1.30 -0.60
CA ASP B 76 -24.00 -1.45 0.31
C ASP B 76 -24.73 -0.14 0.54
N GLU B 77 -24.02 0.98 0.39
CA GLU B 77 -24.63 2.29 0.58
C GLU B 77 -25.72 2.52 -0.46
N VAL B 78 -25.53 1.98 -1.65
CA VAL B 78 -26.49 2.11 -2.73
C VAL B 78 -27.56 1.02 -2.62
N ARG B 79 -27.19 -0.05 -1.92
CA ARG B 79 -28.11 -1.18 -1.72
C ARG B 79 -29.02 -0.90 -0.52
N THR B 80 -28.75 0.20 0.17
CA THR B 80 -29.53 0.60 1.31
C THR B 80 -30.14 2.00 1.14
N GLY B 81 -29.39 2.88 0.48
CA GLY B 81 -29.85 4.25 0.24
C GLY B 81 -30.92 4.36 -0.84
N THR B 82 -31.00 5.54 -1.45
CA THR B 82 -31.98 5.80 -2.50
C THR B 82 -31.73 4.93 -3.75
N TYR B 83 -32.80 4.68 -4.50
CA TYR B 83 -32.73 3.88 -5.71
C TYR B 83 -32.17 2.48 -5.45
N ARG B 84 -32.46 1.98 -4.25
CA ARG B 84 -31.98 0.67 -3.83
C ARG B 84 -32.53 -0.45 -4.73
N GLN B 85 -33.83 -0.43 -4.97
CA GLN B 85 -34.45 -1.45 -5.80
C GLN B 85 -34.47 -1.10 -7.28
N LEU B 86 -33.65 -0.14 -7.68
CA LEU B 86 -33.57 0.25 -9.09
C LEU B 86 -32.51 -0.59 -9.79
N PHE B 87 -31.75 -1.33 -9.00
CA PHE B 87 -30.69 -2.17 -9.52
C PHE B 87 -30.94 -3.64 -9.19
N HIS B 88 -30.18 -4.50 -9.83
CA HIS B 88 -30.28 -5.94 -9.63
C HIS B 88 -29.01 -6.45 -8.94
N PRO B 89 -29.15 -7.38 -7.98
CA PRO B 89 -28.00 -7.93 -7.24
C PRO B 89 -26.94 -8.57 -8.15
N GLU B 90 -27.26 -8.72 -9.43
CA GLU B 90 -26.34 -9.31 -10.39
C GLU B 90 -25.38 -8.25 -10.92
N GLN B 91 -25.81 -7.00 -10.91
CA GLN B 91 -24.98 -5.91 -11.40
C GLN B 91 -24.26 -5.22 -10.26
N LEU B 92 -24.33 -5.83 -9.08
CA LEU B 92 -23.68 -5.30 -7.89
C LEU B 92 -22.71 -6.33 -7.35
N ILE B 93 -21.46 -6.23 -7.78
CA ILE B 93 -20.42 -7.15 -7.36
C ILE B 93 -19.54 -6.52 -6.28
N THR B 94 -19.24 -7.29 -5.26
CA THR B 94 -18.41 -6.81 -4.17
C THR B 94 -17.46 -7.93 -3.71
N GLY B 95 -16.33 -7.52 -3.15
CA GLY B 95 -15.35 -8.47 -2.69
C GLY B 95 -15.20 -8.43 -1.19
N LYS B 96 -15.89 -9.34 -0.51
CA LYS B 96 -15.90 -9.47 0.96
C LYS B 96 -14.55 -9.22 1.65
N GLU B 97 -13.44 -9.46 0.94
CA GLU B 97 -12.10 -9.25 1.51
C GLU B 97 -11.81 -7.78 1.84
N ASP B 98 -10.60 -7.35 1.55
CA ASP B 98 -10.19 -5.98 1.83
C ASP B 98 -9.95 -5.19 0.55
N ALA B 99 -10.22 -3.89 0.63
CA ALA B 99 -10.06 -2.99 -0.51
C ALA B 99 -8.60 -2.70 -0.80
N ALA B 100 -7.88 -2.18 0.21
CA ALA B 100 -6.46 -1.83 0.06
C ALA B 100 -6.26 -0.62 -0.85
N ASN B 101 -5.57 0.39 -0.36
CA ASN B 101 -5.34 1.60 -1.14
C ASN B 101 -4.11 1.49 -2.04
N ASN B 102 -3.85 0.31 -2.54
CA ASN B 102 -2.69 0.10 -3.40
C ASN B 102 -3.06 -0.66 -4.68
N TYR B 103 -2.59 -0.13 -5.79
CA TYR B 103 -2.81 -0.70 -7.11
C TYR B 103 -2.54 -2.20 -7.13
N ALA B 104 -1.28 -2.56 -6.94
CA ALA B 104 -0.81 -3.96 -6.93
C ALA B 104 -1.83 -4.97 -6.39
N ARG B 105 -2.25 -4.78 -5.15
CA ARG B 105 -3.20 -5.69 -4.52
C ARG B 105 -4.53 -5.76 -5.26
N GLY B 106 -5.06 -4.60 -5.64
CA GLY B 106 -6.32 -4.52 -6.35
C GLY B 106 -6.23 -5.07 -7.75
N HIS B 107 -5.03 -5.07 -8.31
CA HIS B 107 -4.79 -5.57 -9.66
C HIS B 107 -4.49 -7.07 -9.63
N TYR B 108 -3.44 -7.43 -8.93
CA TYR B 108 -3.03 -8.83 -8.82
C TYR B 108 -3.85 -9.58 -7.76
N THR B 109 -3.23 -9.78 -6.59
CA THR B 109 -3.81 -10.49 -5.45
C THR B 109 -5.34 -10.70 -5.48
N ILE B 110 -6.06 -9.69 -5.03
CA ILE B 110 -7.52 -9.77 -4.96
C ILE B 110 -8.23 -9.59 -6.31
N GLY B 111 -7.94 -8.47 -6.97
CA GLY B 111 -8.55 -8.15 -8.27
C GLY B 111 -8.70 -9.30 -9.25
N LYS B 112 -7.67 -10.12 -9.37
CA LYS B 112 -7.71 -11.27 -10.28
C LYS B 112 -8.84 -12.22 -9.94
N GLU B 113 -8.99 -12.52 -8.65
CA GLU B 113 -10.05 -13.41 -8.17
C GLU B 113 -11.44 -12.99 -8.63
N ILE B 114 -11.73 -11.70 -8.51
CA ILE B 114 -13.04 -11.15 -8.83
C ILE B 114 -13.30 -10.93 -10.33
N ILE B 115 -12.26 -10.67 -11.12
CA ILE B 115 -12.40 -10.42 -12.56
C ILE B 115 -13.40 -11.35 -13.27
N ASP B 116 -13.31 -12.65 -12.99
CA ASP B 116 -14.17 -13.65 -13.61
C ASP B 116 -15.65 -13.26 -13.51
N LEU B 117 -16.15 -13.18 -12.27
CA LEU B 117 -17.53 -12.81 -12.01
C LEU B 117 -17.92 -11.49 -12.66
N VAL B 118 -17.03 -10.51 -12.57
CA VAL B 118 -17.27 -9.19 -13.15
C VAL B 118 -17.41 -9.27 -14.65
N LEU B 119 -16.41 -9.85 -15.31
CA LEU B 119 -16.42 -10.01 -16.76
C LEU B 119 -17.71 -10.69 -17.20
N ASP B 120 -18.06 -11.75 -16.48
CA ASP B 120 -19.27 -12.53 -16.75
C ASP B 120 -20.48 -11.61 -16.92
N ARG B 121 -20.63 -10.65 -16.02
CA ARG B 121 -21.74 -9.70 -16.07
C ARG B 121 -21.64 -8.80 -17.30
N ILE B 122 -20.44 -8.28 -17.57
CA ILE B 122 -20.23 -7.39 -18.71
C ILE B 122 -20.35 -8.14 -20.05
N ARG B 123 -20.56 -9.45 -19.98
CA ARG B 123 -20.69 -10.25 -21.18
C ARG B 123 -22.13 -10.69 -21.32
N LYS B 124 -22.82 -10.79 -20.18
CA LYS B 124 -24.22 -11.18 -20.15
C LYS B 124 -25.10 -9.99 -20.53
N LEU B 125 -24.72 -8.80 -20.05
CA LEU B 125 -25.46 -7.59 -20.34
C LEU B 125 -25.22 -7.15 -21.76
N ALA B 126 -24.03 -7.45 -22.28
CA ALA B 126 -23.66 -7.08 -23.65
C ALA B 126 -24.44 -7.92 -24.66
N ASP B 127 -24.77 -9.14 -24.28
CA ASP B 127 -25.51 -10.03 -25.15
C ASP B 127 -27.00 -9.72 -25.07
N GLN B 128 -27.48 -9.51 -23.83
CA GLN B 128 -28.88 -9.18 -23.58
C GLN B 128 -29.36 -7.98 -24.40
N CYS B 129 -28.53 -6.94 -24.48
CA CYS B 129 -28.90 -5.74 -25.22
C CYS B 129 -28.95 -6.00 -26.72
N THR B 130 -29.21 -4.95 -27.49
CA THR B 130 -29.30 -5.08 -28.93
C THR B 130 -28.30 -4.15 -29.61
N GLY B 131 -27.23 -4.74 -30.14
CA GLY B 131 -26.18 -3.97 -30.80
C GLY B 131 -25.64 -2.83 -29.94
N LEU B 132 -24.59 -3.13 -29.17
CA LEU B 132 -23.99 -2.13 -28.30
C LEU B 132 -22.92 -1.37 -29.05
N GLN B 133 -22.45 -0.27 -28.46
CA GLN B 133 -21.43 0.55 -29.07
C GLN B 133 -20.13 0.49 -28.28
N GLY B 134 -20.24 0.29 -26.97
CA GLY B 134 -19.07 0.21 -26.15
C GLY B 134 -19.39 0.13 -24.68
N PHE B 135 -18.39 0.40 -23.85
CA PHE B 135 -18.55 0.35 -22.40
C PHE B 135 -18.04 1.61 -21.73
N SER B 136 -18.90 2.26 -20.96
CA SER B 136 -18.55 3.46 -20.24
C SER B 136 -17.86 3.11 -18.93
N VAL B 137 -16.57 3.37 -18.85
CA VAL B 137 -15.81 3.04 -17.65
C VAL B 137 -15.80 4.23 -16.69
N PHE B 138 -15.98 3.94 -15.40
CA PHE B 138 -15.97 4.96 -14.37
C PHE B 138 -15.08 4.53 -13.22
N HIS B 139 -13.94 5.21 -13.03
CA HIS B 139 -13.00 4.87 -11.98
C HIS B 139 -12.28 6.11 -11.41
N SER B 140 -11.48 5.88 -10.36
CA SER B 140 -10.76 6.93 -9.65
C SER B 140 -9.23 6.71 -9.62
N PHE B 141 -8.58 7.01 -10.74
CA PHE B 141 -7.10 6.93 -10.91
C PHE B 141 -6.25 6.56 -9.67
N GLY B 142 -6.36 7.36 -8.60
CA GLY B 142 -5.59 7.10 -7.39
C GLY B 142 -6.35 6.37 -6.31
N GLY B 143 -6.64 5.10 -6.54
CA GLY B 143 -7.36 4.31 -5.57
C GLY B 143 -6.87 2.87 -5.55
N GLY B 144 -7.72 1.96 -5.09
CA GLY B 144 -7.36 0.57 -5.07
C GLY B 144 -8.05 -0.17 -6.18
N THR B 145 -9.37 -0.31 -6.04
CA THR B 145 -10.18 -0.98 -7.02
C THR B 145 -10.33 -0.12 -8.27
N GLY B 146 -10.24 1.19 -8.06
CA GLY B 146 -10.37 2.12 -9.16
C GLY B 146 -9.15 2.09 -10.06
N SER B 147 -8.01 1.73 -9.50
CA SER B 147 -6.79 1.64 -10.27
C SER B 147 -6.55 0.22 -10.77
N GLY B 148 -6.29 -0.67 -9.82
CA GLY B 148 -6.00 -2.08 -10.12
C GLY B 148 -7.07 -2.76 -10.95
N PHE B 149 -8.21 -3.03 -10.32
CA PHE B 149 -9.33 -3.69 -10.97
C PHE B 149 -9.57 -3.24 -12.41
N THR B 150 -9.84 -1.95 -12.60
CA THR B 150 -10.08 -1.39 -13.92
C THR B 150 -9.01 -1.80 -14.91
N SER B 151 -7.75 -1.64 -14.51
CA SER B 151 -6.60 -2.00 -15.34
C SER B 151 -6.75 -3.39 -15.96
N LEU B 152 -7.04 -4.38 -15.12
CA LEU B 152 -7.17 -5.76 -15.58
C LEU B 152 -8.51 -5.98 -16.29
N LEU B 153 -9.51 -5.23 -15.88
CA LEU B 153 -10.84 -5.34 -16.46
C LEU B 153 -10.83 -4.87 -17.91
N MET B 154 -10.32 -3.67 -18.12
CA MET B 154 -10.25 -3.10 -19.46
C MET B 154 -9.30 -3.89 -20.35
N GLU B 155 -8.27 -4.47 -19.73
CA GLU B 155 -7.30 -5.27 -20.44
C GLU B 155 -8.01 -6.43 -21.15
N ARG B 156 -8.88 -7.11 -20.41
CA ARG B 156 -9.64 -8.23 -20.94
C ARG B 156 -10.76 -7.76 -21.86
N LEU B 157 -11.25 -6.55 -21.62
CA LEU B 157 -12.34 -5.99 -22.42
C LEU B 157 -11.87 -5.61 -23.81
N SER B 158 -10.73 -4.93 -23.89
CA SER B 158 -10.17 -4.51 -25.18
C SER B 158 -9.86 -5.70 -26.09
N VAL B 159 -9.83 -6.90 -25.52
CA VAL B 159 -9.54 -8.10 -26.29
C VAL B 159 -10.82 -8.83 -26.68
N ASP B 160 -11.75 -8.94 -25.73
CA ASP B 160 -13.01 -9.64 -25.97
C ASP B 160 -13.98 -8.76 -26.76
N TYR B 161 -13.85 -7.45 -26.61
CA TYR B 161 -14.72 -6.51 -27.28
C TYR B 161 -13.92 -5.40 -27.94
N GLY B 162 -12.79 -5.80 -28.54
CA GLY B 162 -11.93 -4.85 -29.24
C GLY B 162 -12.65 -4.14 -30.37
N LYS B 163 -13.69 -4.78 -30.89
CA LYS B 163 -14.47 -4.24 -32.00
C LYS B 163 -15.58 -3.32 -31.50
N LYS B 164 -15.30 -2.59 -30.42
CA LYS B 164 -16.27 -1.67 -29.84
C LYS B 164 -15.55 -0.42 -29.33
N SER B 165 -16.31 0.51 -28.79
CA SER B 165 -15.74 1.76 -28.28
C SER B 165 -15.36 1.61 -26.81
N LYS B 166 -14.16 2.06 -26.48
CA LYS B 166 -13.68 1.98 -25.12
C LYS B 166 -13.47 3.39 -24.54
N LEU B 167 -14.53 3.92 -23.95
CA LEU B 167 -14.47 5.25 -23.36
C LEU B 167 -14.49 5.17 -21.84
N GLU B 168 -13.43 5.68 -21.22
CA GLU B 168 -13.31 5.67 -19.77
C GLU B 168 -13.37 7.07 -19.19
N PHE B 169 -14.13 7.23 -18.13
CA PHE B 169 -14.23 8.51 -17.45
C PHE B 169 -13.44 8.42 -16.15
N SER B 170 -12.24 8.97 -16.16
CA SER B 170 -11.38 8.91 -15.00
C SER B 170 -11.40 10.20 -14.20
N ILE B 171 -11.13 10.06 -12.91
CA ILE B 171 -11.08 11.20 -12.00
C ILE B 171 -9.63 11.41 -11.59
N TYR B 172 -8.93 12.23 -12.37
CA TYR B 172 -7.52 12.48 -12.15
C TYR B 172 -7.24 13.14 -10.80
N PRO B 173 -6.32 12.53 -10.03
CA PRO B 173 -5.86 13.03 -8.73
C PRO B 173 -5.63 14.53 -8.73
N ALA B 174 -6.21 15.24 -7.78
CA ALA B 174 -6.03 16.69 -7.70
C ALA B 174 -4.55 17.04 -7.55
N PRO B 175 -4.05 17.95 -8.40
CA PRO B 175 -2.64 18.39 -8.44
C PRO B 175 -1.97 18.63 -7.09
N GLN B 176 -2.69 19.19 -6.14
CA GLN B 176 -2.13 19.47 -4.82
C GLN B 176 -3.03 18.92 -3.74
N VAL B 177 -4.31 18.80 -4.06
CA VAL B 177 -5.29 18.29 -3.13
C VAL B 177 -5.43 16.76 -3.30
N SER B 178 -4.38 16.05 -2.92
CA SER B 178 -4.37 14.61 -3.02
C SER B 178 -5.14 13.98 -1.86
N THR B 179 -5.48 12.71 -2.02
CA THR B 179 -6.19 11.99 -0.97
C THR B 179 -5.26 10.90 -0.46
N ALA B 180 -5.04 9.89 -1.29
CA ALA B 180 -4.11 8.82 -0.96
C ALA B 180 -2.67 9.36 -0.93
N VAL B 181 -1.83 8.80 -0.08
CA VAL B 181 -0.43 9.23 -0.02
C VAL B 181 0.32 8.64 -1.22
N VAL B 182 -0.05 7.41 -1.57
CA VAL B 182 0.57 6.72 -2.70
C VAL B 182 -0.03 7.17 -4.03
N GLU B 183 -1.18 7.87 -3.95
CA GLU B 183 -1.93 8.40 -5.10
C GLU B 183 -1.25 8.31 -6.49
N PRO B 184 -0.13 9.04 -6.72
CA PRO B 184 0.59 9.03 -8.00
C PRO B 184 0.92 7.62 -8.49
N TYR B 185 1.40 6.77 -7.58
CA TYR B 185 1.77 5.39 -7.92
C TYR B 185 0.60 4.66 -8.58
N ASN B 186 -0.59 4.86 -8.02
CA ASN B 186 -1.79 4.21 -8.52
C ASN B 186 -2.25 4.76 -9.86
N SER B 187 -1.86 5.98 -10.19
CA SER B 187 -2.30 6.57 -11.45
C SER B 187 -1.31 6.29 -12.58
N ILE B 188 -0.03 6.15 -12.25
CA ILE B 188 0.97 5.89 -13.27
C ILE B 188 0.88 4.46 -13.76
N LEU B 189 0.47 3.56 -12.87
CA LEU B 189 0.35 2.16 -13.22
C LEU B 189 -0.95 1.88 -13.99
N THR B 190 -1.98 2.66 -13.71
CA THR B 190 -3.27 2.48 -14.38
C THR B 190 -3.23 3.04 -15.80
N THR B 191 -2.51 4.14 -16.00
CA THR B 191 -2.42 4.75 -17.31
C THR B 191 -1.52 3.95 -18.24
N HIS B 192 -0.47 3.37 -17.68
CA HIS B 192 0.50 2.57 -18.43
C HIS B 192 -0.18 1.37 -19.09
N THR B 193 -1.16 0.78 -18.41
CA THR B 193 -1.85 -0.38 -18.93
C THR B 193 -3.14 -0.02 -19.69
N THR B 194 -3.63 1.20 -19.54
CA THR B 194 -4.85 1.62 -20.21
C THR B 194 -4.59 2.49 -21.44
N LEU B 195 -3.41 3.12 -21.51
CA LEU B 195 -3.06 3.99 -22.63
C LEU B 195 -3.21 3.31 -23.99
N GLU B 196 -2.80 2.07 -24.07
CA GLU B 196 -2.89 1.31 -25.32
C GLU B 196 -4.12 0.42 -25.35
N HIS B 197 -5.06 0.66 -24.46
CA HIS B 197 -6.28 -0.15 -24.39
C HIS B 197 -7.54 0.69 -24.39
N SER B 198 -7.37 1.99 -24.16
CA SER B 198 -8.50 2.91 -24.15
C SER B 198 -8.63 3.64 -25.48
N ASP B 199 -9.84 4.07 -25.81
CA ASP B 199 -10.09 4.81 -27.04
C ASP B 199 -10.21 6.29 -26.72
N CYS B 200 -10.98 6.60 -25.69
CA CYS B 200 -11.18 7.97 -25.25
C CYS B 200 -11.27 7.99 -23.73
N ALA B 201 -10.30 8.61 -23.08
CA ALA B 201 -10.28 8.69 -21.63
C ALA B 201 -10.59 10.09 -21.15
N PHE B 202 -11.83 10.32 -20.75
CA PHE B 202 -12.23 11.63 -20.26
C PHE B 202 -11.70 11.81 -18.85
N MET B 203 -11.12 12.95 -18.57
CA MET B 203 -10.57 13.19 -17.25
C MET B 203 -11.19 14.40 -16.57
N VAL B 204 -11.48 14.25 -15.29
CA VAL B 204 -12.04 15.32 -14.49
C VAL B 204 -11.15 15.58 -13.27
N ASP B 205 -10.73 16.83 -13.12
CA ASP B 205 -9.85 17.24 -12.03
C ASP B 205 -10.65 17.60 -10.79
N ASN B 206 -10.42 16.86 -9.71
CA ASN B 206 -11.13 17.09 -8.44
C ASN B 206 -10.85 18.48 -7.86
N GLU B 207 -9.61 18.92 -7.94
CA GLU B 207 -9.21 20.22 -7.39
C GLU B 207 -9.95 21.35 -8.11
N ALA B 208 -9.96 21.27 -9.43
CA ALA B 208 -10.63 22.27 -10.24
C ALA B 208 -12.14 22.30 -10.02
N ILE B 209 -12.69 21.24 -9.42
CA ILE B 209 -14.13 21.18 -9.16
C ILE B 209 -14.43 22.01 -7.92
N TYR B 210 -13.52 21.95 -6.96
CA TYR B 210 -13.67 22.71 -5.72
C TYR B 210 -13.68 24.19 -6.05
N ASP B 211 -12.74 24.61 -6.90
CA ASP B 211 -12.62 26.00 -7.31
C ASP B 211 -13.86 26.48 -8.05
N ILE B 212 -14.38 25.66 -8.95
CA ILE B 212 -15.57 26.02 -9.72
C ILE B 212 -16.77 26.25 -8.80
N CYS B 213 -16.94 25.38 -7.82
CA CYS B 213 -18.04 25.51 -6.88
C CYS B 213 -17.81 26.70 -5.94
N ARG B 214 -16.57 27.16 -5.88
CA ARG B 214 -16.21 28.27 -5.01
C ARG B 214 -16.45 29.61 -5.72
N ARG B 215 -16.08 29.68 -6.99
CA ARG B 215 -16.21 30.92 -7.76
C ARG B 215 -17.52 31.00 -8.56
N ASN B 216 -17.96 29.90 -9.14
CA ASN B 216 -19.17 29.88 -9.96
C ASN B 216 -20.33 29.20 -9.28
N LEU B 217 -20.45 29.38 -8.00
CA LEU B 217 -21.54 28.79 -7.23
C LEU B 217 -21.51 29.40 -5.85
N ASP B 218 -20.30 29.71 -5.40
CA ASP B 218 -20.05 30.32 -4.10
C ASP B 218 -20.68 29.50 -2.99
N ILE B 219 -19.89 28.56 -2.46
CA ILE B 219 -20.31 27.66 -1.40
C ILE B 219 -19.10 26.95 -0.83
N GLU B 220 -18.97 27.00 0.48
CA GLU B 220 -17.86 26.36 1.17
C GLU B 220 -18.30 25.04 1.76
N ARG B 221 -19.43 24.54 1.28
CA ARG B 221 -19.96 23.27 1.73
C ARG B 221 -20.23 22.30 0.55
N PRO B 222 -19.28 22.11 -0.39
CA PRO B 222 -19.47 21.21 -1.52
C PRO B 222 -18.99 19.80 -1.16
N THR B 223 -19.92 18.96 -0.79
CA THR B 223 -19.63 17.57 -0.43
C THR B 223 -19.42 16.74 -1.69
N TYR B 224 -18.88 15.53 -1.54
CA TYR B 224 -18.65 14.64 -2.67
C TYR B 224 -19.90 14.50 -3.53
N THR B 225 -21.06 14.40 -2.88
CA THR B 225 -22.33 14.27 -3.60
C THR B 225 -22.63 15.50 -4.46
N ASN B 226 -22.04 16.64 -4.13
CA ASN B 226 -22.26 17.86 -4.89
C ASN B 226 -21.32 17.87 -6.08
N LEU B 227 -20.07 17.53 -5.81
CA LEU B 227 -19.05 17.45 -6.85
C LEU B 227 -19.46 16.45 -7.91
N ASN B 228 -19.88 15.28 -7.46
CA ASN B 228 -20.30 14.18 -8.34
C ASN B 228 -21.50 14.59 -9.19
N ARG B 229 -22.36 15.43 -8.64
CA ARG B 229 -23.55 15.89 -9.36
C ARG B 229 -23.16 16.75 -10.56
N LEU B 230 -22.07 17.48 -10.42
CA LEU B 230 -21.56 18.31 -11.50
C LEU B 230 -21.12 17.43 -12.66
N ILE B 231 -20.29 16.44 -12.33
CA ILE B 231 -19.79 15.50 -13.32
C ILE B 231 -20.95 14.71 -13.93
N GLY B 232 -21.88 14.29 -13.08
CA GLY B 232 -23.04 13.54 -13.53
C GLY B 232 -23.90 14.33 -14.49
N GLN B 233 -23.73 15.64 -14.49
CA GLN B 233 -24.48 16.53 -15.36
C GLN B 233 -23.79 16.50 -16.73
N ILE B 234 -22.47 16.70 -16.70
CA ILE B 234 -21.68 16.66 -17.92
C ILE B 234 -21.84 15.29 -18.60
N VAL B 235 -21.78 14.22 -17.80
CA VAL B 235 -21.90 12.86 -18.32
C VAL B 235 -23.29 12.62 -18.90
N SER B 236 -24.30 13.26 -18.31
CA SER B 236 -25.67 13.13 -18.79
C SER B 236 -25.75 13.63 -20.24
N SER B 237 -25.02 14.68 -20.53
CA SER B 237 -24.99 15.25 -21.86
C SER B 237 -24.09 14.42 -22.78
N ILE B 238 -23.16 13.68 -22.18
CA ILE B 238 -22.26 12.81 -22.91
C ILE B 238 -23.02 11.59 -23.43
N THR B 239 -23.35 10.67 -22.55
CA THR B 239 -24.06 9.48 -22.96
C THR B 239 -25.55 9.76 -23.20
N ALA B 240 -26.33 9.81 -22.11
CA ALA B 240 -27.78 10.10 -22.14
C ALA B 240 -28.24 10.91 -23.35
N SER B 241 -27.98 12.23 -23.31
CA SER B 241 -28.39 13.16 -24.37
C SER B 241 -28.02 12.66 -25.77
N LEU B 242 -26.81 12.15 -25.93
CA LEU B 242 -26.35 11.66 -27.21
C LEU B 242 -27.25 10.56 -27.76
N ARG B 243 -27.80 9.74 -26.86
CA ARG B 243 -28.70 8.67 -27.25
C ARG B 243 -30.08 9.21 -27.61
N PHE B 244 -30.32 10.48 -27.26
CA PHE B 244 -31.59 11.12 -27.55
C PHE B 244 -31.47 11.94 -28.84
N ASP B 245 -32.36 11.68 -29.78
CA ASP B 245 -32.37 12.36 -31.07
C ASP B 245 -32.37 13.89 -30.96
N GLY B 246 -31.85 14.54 -32.00
CA GLY B 246 -31.76 15.97 -32.01
C GLY B 246 -31.46 16.48 -33.40
N ALA B 247 -31.03 17.73 -33.50
CA ALA B 247 -30.74 18.34 -34.79
C ALA B 247 -29.37 17.92 -35.34
N LEU B 248 -28.52 17.40 -34.48
CA LEU B 248 -27.19 16.98 -34.89
C LEU B 248 -26.67 15.83 -34.04
N ASN B 249 -27.42 14.72 -34.04
CA ASN B 249 -27.09 13.51 -33.26
C ASN B 249 -25.58 13.19 -33.29
N VAL B 250 -25.06 12.75 -32.15
CA VAL B 250 -23.63 12.42 -32.04
C VAL B 250 -23.44 11.05 -31.41
N ASP B 251 -22.91 10.12 -32.19
CA ASP B 251 -22.66 8.77 -31.69
C ASP B 251 -21.32 8.65 -30.96
N LEU B 252 -21.12 7.53 -30.27
CA LEU B 252 -19.88 7.28 -29.56
C LEU B 252 -18.73 7.12 -30.55
N THR B 253 -19.03 6.50 -31.69
CA THR B 253 -18.04 6.29 -32.75
C THR B 253 -17.46 7.64 -33.16
N GLU B 254 -18.34 8.57 -33.50
CA GLU B 254 -17.97 9.92 -33.87
C GLU B 254 -16.91 10.50 -32.93
N PHE B 255 -17.13 10.26 -31.64
CA PHE B 255 -16.21 10.73 -30.59
C PHE B 255 -14.80 10.22 -30.84
N GLN B 256 -14.58 8.93 -30.58
CA GLN B 256 -13.27 8.29 -30.77
C GLN B 256 -12.60 8.69 -32.09
N THR B 257 -13.39 8.97 -33.10
CA THR B 257 -12.86 9.36 -34.41
C THR B 257 -12.40 10.83 -34.42
N ASN B 258 -13.25 11.72 -33.93
CA ASN B 258 -12.96 13.16 -33.92
C ASN B 258 -12.17 13.63 -32.69
N LEU B 259 -12.04 12.80 -31.68
CA LEU B 259 -11.34 13.22 -30.47
C LEU B 259 -9.90 12.74 -30.42
N VAL B 260 -9.62 11.54 -30.91
CA VAL B 260 -8.26 11.03 -30.90
C VAL B 260 -7.70 10.85 -32.30
N PRO B 261 -6.72 11.69 -32.66
CA PRO B 261 -6.07 11.63 -33.97
C PRO B 261 -5.01 10.53 -34.04
N TYR B 262 -4.67 9.99 -32.89
CA TYR B 262 -3.67 8.93 -32.80
C TYR B 262 -4.18 7.79 -31.93
N PRO B 263 -3.73 6.55 -32.21
CA PRO B 263 -4.10 5.35 -31.45
C PRO B 263 -4.06 5.53 -29.92
N ARG B 264 -3.18 6.42 -29.46
CA ARG B 264 -3.04 6.70 -28.03
C ARG B 264 -4.37 7.15 -27.44
N GLY B 265 -4.74 6.52 -26.32
CA GLY B 265 -5.98 6.84 -25.61
C GLY B 265 -6.06 8.26 -25.04
N HIS B 266 -5.62 9.25 -25.83
CA HIS B 266 -5.64 10.69 -25.45
C HIS B 266 -6.75 11.07 -24.47
N PHE B 267 -6.42 11.94 -23.53
CA PHE B 267 -7.36 12.33 -22.50
C PHE B 267 -7.95 13.73 -22.73
N PRO B 268 -9.21 13.81 -23.16
CA PRO B 268 -9.90 15.08 -23.38
C PRO B 268 -10.43 15.64 -22.06
N LEU B 269 -10.85 16.89 -22.08
CA LEU B 269 -11.36 17.55 -20.88
C LEU B 269 -12.87 17.72 -20.91
N ALA B 270 -13.47 17.79 -19.73
CA ALA B 270 -14.91 17.97 -19.60
C ALA B 270 -15.21 19.41 -19.16
N THR B 271 -16.11 20.07 -19.86
CA THR B 271 -16.45 21.45 -19.55
C THR B 271 -17.96 21.69 -19.70
N TYR B 272 -18.55 22.37 -18.71
CA TYR B 272 -19.97 22.67 -18.74
C TYR B 272 -20.17 24.18 -18.77
N ALA B 273 -21.16 24.64 -19.54
CA ALA B 273 -21.42 26.07 -19.66
C ALA B 273 -22.29 26.64 -18.53
N PRO B 274 -23.54 26.15 -18.35
CA PRO B 274 -24.43 26.66 -17.29
C PRO B 274 -24.04 26.16 -15.90
N VAL B 275 -23.01 26.76 -15.34
CA VAL B 275 -22.52 26.42 -14.02
C VAL B 275 -22.79 27.56 -13.04
N ILE B 276 -23.99 28.10 -13.07
CA ILE B 276 -24.37 29.21 -12.21
C ILE B 276 -25.25 28.75 -11.03
N SER B 277 -25.12 29.45 -9.90
CA SER B 277 -25.88 29.14 -8.68
C SER B 277 -27.35 29.56 -8.77
N ALA B 278 -28.22 28.73 -8.20
CA ALA B 278 -29.65 29.01 -8.19
C ALA B 278 -30.07 29.72 -6.91
N GLU B 279 -29.28 30.71 -6.49
CA GLU B 279 -29.58 31.47 -5.27
C GLU B 279 -28.94 32.84 -5.38
N LYS B 280 -27.62 32.85 -5.45
CA LYS B 280 -26.84 34.09 -5.58
C LYS B 280 -27.05 34.76 -6.93
N ALA B 281 -26.18 34.46 -7.89
CA ALA B 281 -26.27 35.04 -9.22
C ALA B 281 -27.55 34.59 -9.93
N TYR B 282 -28.05 35.41 -10.83
CA TYR B 282 -29.26 35.11 -11.57
C TYR B 282 -29.14 35.64 -12.99
N HIS B 283 -28.68 34.79 -13.90
CA HIS B 283 -28.49 35.18 -15.30
C HIS B 283 -29.00 34.15 -16.31
N GLU B 284 -29.83 33.21 -15.83
CA GLU B 284 -30.44 32.15 -16.66
C GLU B 284 -30.34 32.36 -18.18
N GLN B 285 -30.99 33.41 -18.67
CA GLN B 285 -30.99 33.77 -20.08
C GLN B 285 -29.59 34.16 -20.58
N LEU B 286 -28.79 33.15 -20.89
CA LEU B 286 -27.43 33.35 -21.35
C LEU B 286 -27.22 32.85 -22.78
N SER B 287 -27.42 33.76 -23.75
CA SER B 287 -27.26 33.46 -25.18
C SER B 287 -26.02 32.62 -25.50
N VAL B 288 -26.09 31.88 -26.62
CA VAL B 288 -25.00 31.02 -27.09
C VAL B 288 -23.63 31.68 -26.97
N ALA B 289 -23.50 32.85 -27.60
CA ALA B 289 -22.25 33.62 -27.59
C ALA B 289 -21.59 33.70 -26.20
N GLU B 290 -22.42 33.77 -25.17
CA GLU B 290 -21.93 33.87 -23.81
C GLU B 290 -21.59 32.50 -23.22
N ILE B 291 -22.53 31.55 -23.31
CA ILE B 291 -22.33 30.22 -22.74
C ILE B 291 -21.19 29.45 -23.42
N THR B 292 -21.01 29.64 -24.72
CA THR B 292 -19.96 28.97 -25.45
C THR B 292 -18.59 29.54 -25.08
N ASN B 293 -18.52 30.85 -24.89
CA ASN B 293 -17.28 31.51 -24.52
C ASN B 293 -16.88 31.19 -23.09
N ALA B 294 -17.87 30.91 -22.24
CA ALA B 294 -17.64 30.58 -20.83
C ALA B 294 -16.98 29.22 -20.66
N CYS B 295 -16.79 28.51 -21.75
CA CYS B 295 -16.18 27.19 -21.73
C CYS B 295 -14.68 27.28 -22.00
N PHE B 296 -14.26 28.35 -22.66
CA PHE B 296 -12.86 28.53 -23.02
C PHE B 296 -12.02 29.11 -21.88
N GLU B 297 -12.67 29.59 -20.83
CA GLU B 297 -11.95 30.13 -19.68
C GLU B 297 -11.51 29.03 -18.73
N PRO B 298 -10.25 29.08 -18.25
CA PRO B 298 -9.69 28.08 -17.34
C PRO B 298 -10.43 28.00 -16.00
N ALA B 299 -11.24 29.02 -15.71
CA ALA B 299 -11.99 29.05 -14.46
C ALA B 299 -13.35 28.37 -14.63
N ASN B 300 -13.39 27.37 -15.49
CA ASN B 300 -14.61 26.62 -15.76
C ASN B 300 -14.32 25.47 -16.72
N GLN B 301 -13.29 24.68 -16.42
CA GLN B 301 -12.94 23.58 -17.30
C GLN B 301 -12.82 22.25 -16.53
N MET B 302 -13.22 22.27 -15.27
CA MET B 302 -13.17 21.07 -14.41
C MET B 302 -11.84 20.33 -14.52
N VAL B 303 -10.76 21.08 -14.66
CA VAL B 303 -9.44 20.49 -14.80
C VAL B 303 -8.35 21.52 -14.57
N LYS B 304 -7.31 21.14 -13.83
CA LYS B 304 -6.19 22.03 -13.55
C LYS B 304 -5.20 21.99 -14.71
N CYS B 305 -5.74 21.91 -15.91
CA CYS B 305 -4.93 21.87 -17.13
C CYS B 305 -5.08 23.16 -17.91
N ASP B 306 -4.97 24.29 -17.20
CA ASP B 306 -5.08 25.62 -17.78
C ASP B 306 -4.37 25.72 -19.12
N PRO B 307 -4.98 26.39 -20.11
CA PRO B 307 -4.40 26.58 -21.44
C PRO B 307 -3.15 27.49 -21.41
N ARG B 308 -2.16 27.08 -20.62
CA ARG B 308 -0.92 27.82 -20.45
C ARG B 308 -0.04 27.74 -21.71
N HIS B 309 -0.31 26.76 -22.55
CA HIS B 309 0.46 26.53 -23.78
C HIS B 309 -0.21 25.44 -24.60
N GLY B 310 -1.09 24.69 -23.94
CA GLY B 310 -1.81 23.63 -24.60
C GLY B 310 -2.66 24.12 -25.75
N LYS B 311 -2.31 23.70 -26.95
CA LYS B 311 -3.03 24.08 -28.15
C LYS B 311 -4.15 23.08 -28.42
N TYR B 312 -5.29 23.58 -28.89
CA TYR B 312 -6.42 22.72 -29.19
C TYR B 312 -6.16 21.94 -30.46
N MET B 313 -6.63 20.69 -30.51
CA MET B 313 -6.43 19.86 -31.69
C MET B 313 -7.72 19.17 -32.11
N ALA B 314 -8.74 19.30 -31.26
CA ALA B 314 -10.05 18.69 -31.52
C ALA B 314 -10.98 18.97 -30.35
N CYS B 315 -12.13 19.58 -30.65
CA CYS B 315 -13.10 19.91 -29.63
C CYS B 315 -14.50 19.53 -30.07
N CYS B 316 -15.27 18.97 -29.15
CA CYS B 316 -16.63 18.55 -29.42
C CYS B 316 -17.64 19.38 -28.62
N LEU B 317 -18.22 20.36 -29.27
CA LEU B 317 -19.19 21.23 -28.63
C LEU B 317 -20.57 20.58 -28.63
N LEU B 318 -20.92 19.95 -27.51
CA LEU B 318 -22.22 19.30 -27.37
C LEU B 318 -23.25 20.26 -26.79
N TYR B 319 -24.14 20.74 -27.62
CA TYR B 319 -25.18 21.64 -27.18
C TYR B 319 -26.45 20.84 -26.90
N ARG B 320 -27.24 21.30 -25.95
CA ARG B 320 -28.48 20.65 -25.61
C ARG B 320 -29.48 21.68 -25.13
N GLY B 321 -30.70 21.61 -25.64
CA GLY B 321 -31.73 22.54 -25.26
C GLY B 321 -32.17 23.41 -26.43
N ASP B 322 -32.57 24.63 -26.14
CA ASP B 322 -33.03 25.56 -27.17
C ASP B 322 -31.85 26.30 -27.78
N VAL B 323 -31.27 25.71 -28.82
CA VAL B 323 -30.12 26.30 -29.50
C VAL B 323 -30.36 26.39 -31.01
N VAL B 324 -30.01 27.53 -31.57
CA VAL B 324 -30.17 27.76 -33.00
C VAL B 324 -28.86 27.44 -33.73
N PRO B 325 -28.90 26.56 -34.75
CA PRO B 325 -27.72 26.16 -35.53
C PRO B 325 -26.93 27.37 -36.05
N LYS B 326 -27.64 28.39 -36.52
CA LYS B 326 -26.98 29.58 -37.04
C LYS B 326 -26.20 30.31 -35.94
N ASP B 327 -26.81 30.44 -34.76
CA ASP B 327 -26.16 31.09 -33.62
C ASP B 327 -24.90 30.33 -33.24
N VAL B 328 -24.99 29.01 -33.31
CA VAL B 328 -23.85 28.14 -33.03
C VAL B 328 -22.77 28.39 -34.06
N ASN B 329 -23.19 28.41 -35.32
CA ASN B 329 -22.30 28.64 -36.44
C ASN B 329 -21.96 30.12 -36.58
N ALA B 330 -21.63 30.72 -35.46
CA ALA B 330 -21.28 32.13 -35.38
C ALA B 330 -20.43 32.29 -34.14
N ALA B 331 -20.82 31.60 -33.07
CA ALA B 331 -20.07 31.61 -31.83
C ALA B 331 -18.73 30.92 -32.08
N ILE B 332 -18.79 29.85 -32.86
CA ILE B 332 -17.60 29.09 -33.22
C ILE B 332 -16.73 29.90 -34.17
N ALA B 333 -17.38 30.64 -35.06
CA ALA B 333 -16.69 31.48 -36.04
C ALA B 333 -15.88 32.58 -35.35
N THR B 334 -16.52 33.31 -34.44
CA THR B 334 -15.84 34.40 -33.74
C THR B 334 -14.66 33.87 -32.93
N ILE B 335 -14.83 32.70 -32.32
CA ILE B 335 -13.76 32.08 -31.55
C ILE B 335 -12.64 31.62 -32.47
N LYS B 336 -13.01 31.00 -33.59
CA LYS B 336 -12.05 30.55 -34.59
C LYS B 336 -11.19 31.70 -35.11
N THR B 337 -11.64 32.92 -34.89
CA THR B 337 -10.91 34.10 -35.33
C THR B 337 -10.46 34.93 -34.13
N LYS B 338 -10.45 34.30 -32.95
CA LYS B 338 -10.05 34.98 -31.73
C LYS B 338 -8.54 34.85 -31.51
N ARG B 339 -7.95 33.80 -32.09
CA ARG B 339 -6.50 33.53 -31.97
C ARG B 339 -6.04 33.20 -30.54
N THR B 340 -6.70 33.76 -29.53
CA THR B 340 -6.34 33.50 -28.13
C THR B 340 -6.56 32.04 -27.74
N ILE B 341 -7.25 31.32 -28.60
CA ILE B 341 -7.53 29.90 -28.39
C ILE B 341 -6.68 29.07 -29.35
N GLN B 342 -5.54 29.67 -29.73
CA GLN B 342 -4.54 29.08 -30.64
C GLN B 342 -4.63 27.56 -30.79
N PHE B 343 -4.93 27.12 -32.01
CA PHE B 343 -5.04 25.69 -32.31
C PHE B 343 -3.70 25.16 -32.81
N VAL B 344 -3.56 23.84 -32.82
CA VAL B 344 -2.34 23.21 -33.31
C VAL B 344 -2.21 23.50 -34.82
N ASP B 345 -1.00 23.42 -35.35
CA ASP B 345 -0.77 23.70 -36.76
C ASP B 345 -1.54 22.77 -37.68
N TRP B 346 -1.31 21.46 -37.51
CA TRP B 346 -1.97 20.45 -38.35
C TRP B 346 -3.48 20.37 -38.13
N CYS B 347 -4.06 21.31 -37.42
CA CYS B 347 -5.50 21.28 -37.17
C CYS B 347 -6.21 22.49 -37.77
N PRO B 348 -6.83 22.29 -38.95
CA PRO B 348 -7.58 23.35 -39.63
C PRO B 348 -8.88 23.63 -38.89
N THR B 349 -9.81 22.68 -38.94
CA THR B 349 -11.07 22.83 -38.26
C THR B 349 -11.27 21.67 -37.28
N GLY B 350 -11.24 21.97 -36.00
CA GLY B 350 -11.41 20.95 -34.99
C GLY B 350 -12.56 21.27 -34.06
N PHE B 351 -13.74 21.37 -34.64
CA PHE B 351 -14.94 21.68 -33.86
C PHE B 351 -16.09 20.78 -34.27
N LYS B 352 -16.33 19.74 -33.50
CA LYS B 352 -17.42 18.81 -33.77
C LYS B 352 -18.69 19.37 -33.15
N VAL B 353 -19.60 19.83 -33.99
CA VAL B 353 -20.84 20.43 -33.53
C VAL B 353 -21.90 19.37 -33.23
N GLY B 354 -22.35 19.36 -31.99
CA GLY B 354 -23.39 18.44 -31.59
C GLY B 354 -24.58 19.22 -31.07
N ILE B 355 -25.71 19.16 -31.78
CA ILE B 355 -26.89 19.89 -31.36
C ILE B 355 -28.00 18.94 -30.94
N ASN B 356 -28.35 18.99 -29.66
CA ASN B 356 -29.39 18.13 -29.13
C ASN B 356 -30.65 18.92 -28.85
N TYR B 357 -31.75 18.21 -28.73
CA TYR B 357 -33.04 18.83 -28.46
C TYR B 357 -33.24 18.99 -26.96
N GLU B 358 -33.23 17.88 -26.25
CA GLU B 358 -33.42 17.83 -24.81
C GLU B 358 -32.55 18.84 -24.05
N PRO B 359 -33.20 19.77 -23.34
CA PRO B 359 -32.50 20.78 -22.54
C PRO B 359 -31.88 20.14 -21.31
N PRO B 360 -30.99 20.86 -20.60
CA PRO B 360 -30.36 20.33 -19.39
C PRO B 360 -31.40 20.06 -18.30
N THR B 361 -31.01 19.32 -17.27
CA THR B 361 -31.91 18.95 -16.19
C THR B 361 -31.28 19.18 -14.82
N VAL B 362 -31.85 20.11 -14.08
CA VAL B 362 -31.36 20.46 -12.76
C VAL B 362 -32.04 19.65 -11.66
N VAL B 363 -31.26 19.24 -10.66
CA VAL B 363 -31.75 18.49 -9.51
C VAL B 363 -32.78 19.34 -8.75
N PRO B 364 -33.92 18.73 -8.36
CA PRO B 364 -35.01 19.41 -7.64
C PRO B 364 -34.54 20.31 -6.50
N GLY B 365 -33.47 19.93 -5.82
CA GLY B 365 -32.98 20.71 -4.71
C GLY B 365 -31.47 20.77 -4.66
N GLY B 366 -30.86 21.05 -5.80
CA GLY B 366 -29.40 21.14 -5.84
C GLY B 366 -28.89 22.55 -5.60
N ASP B 367 -28.25 23.12 -6.62
CA ASP B 367 -27.70 24.47 -6.54
C ASP B 367 -27.48 25.00 -7.95
N LEU B 368 -28.10 24.35 -8.92
CA LEU B 368 -27.95 24.70 -10.31
C LEU B 368 -29.08 25.63 -10.76
N ALA B 369 -28.70 26.73 -11.40
CA ALA B 369 -29.63 27.72 -11.92
C ALA B 369 -30.80 27.11 -12.70
N LYS B 370 -30.45 26.46 -13.82
CA LYS B 370 -31.40 25.82 -14.74
C LYS B 370 -31.64 26.69 -15.96
N VAL B 371 -30.80 26.51 -16.97
CA VAL B 371 -30.90 27.26 -18.21
C VAL B 371 -31.64 26.38 -19.22
N GLN B 372 -32.01 26.93 -20.37
CA GLN B 372 -32.73 26.15 -21.38
C GLN B 372 -31.79 25.76 -22.50
N ARG B 373 -30.53 25.59 -22.15
CA ARG B 373 -29.49 25.21 -23.09
C ARG B 373 -28.15 25.13 -22.37
N ALA B 374 -27.33 24.19 -22.80
CA ALA B 374 -26.03 23.99 -22.20
C ALA B 374 -24.99 23.70 -23.27
N VAL B 375 -23.74 24.01 -22.96
CA VAL B 375 -22.64 23.79 -23.87
C VAL B 375 -21.63 22.87 -23.21
N CYS B 376 -21.72 21.60 -23.56
CA CYS B 376 -20.82 20.60 -23.02
C CYS B 376 -19.59 20.52 -23.93
N MET B 377 -18.56 21.24 -23.55
CA MET B 377 -17.34 21.28 -24.33
C MET B 377 -16.32 20.26 -23.85
N LEU B 378 -15.86 19.45 -24.77
CA LEU B 378 -14.83 18.49 -24.50
C LEU B 378 -13.79 18.64 -25.58
N SER B 379 -12.52 18.49 -25.24
CA SER B 379 -11.47 18.66 -26.22
C SER B 379 -10.15 18.11 -25.72
N ASN B 380 -9.25 17.85 -26.66
CA ASN B 380 -7.93 17.35 -26.34
C ASN B 380 -6.92 18.45 -26.63
N THR B 381 -6.25 18.91 -25.58
CA THR B 381 -5.29 19.99 -25.69
C THR B 381 -3.94 19.59 -25.12
N THR B 382 -2.87 20.15 -25.67
CA THR B 382 -1.50 19.90 -25.19
C THR B 382 -1.38 20.27 -23.70
N ALA B 383 -2.42 20.89 -23.16
CA ALA B 383 -2.46 21.31 -21.76
C ALA B 383 -2.26 20.13 -20.81
N ILE B 384 -2.74 18.96 -21.22
CA ILE B 384 -2.62 17.74 -20.40
C ILE B 384 -1.16 17.44 -20.05
N ALA B 385 -0.22 17.95 -20.88
CA ALA B 385 1.20 17.74 -20.64
C ALA B 385 1.62 18.31 -19.29
N GLU B 386 0.97 19.39 -18.90
CA GLU B 386 1.22 20.02 -17.62
C GLU B 386 0.90 19.03 -16.51
N ALA B 387 -0.41 18.84 -16.26
CA ALA B 387 -0.91 17.87 -15.27
C ALA B 387 -0.06 16.61 -15.19
N TRP B 388 0.20 16.00 -16.36
CA TRP B 388 0.98 14.77 -16.42
C TRP B 388 2.38 14.97 -15.86
N ALA B 389 2.99 16.09 -16.22
CA ALA B 389 4.33 16.43 -15.74
C ALA B 389 4.37 16.41 -14.22
N ARG B 390 3.47 17.18 -13.62
CA ARG B 390 3.39 17.29 -12.17
C ARG B 390 3.11 15.94 -11.50
N LEU B 391 2.40 15.05 -12.19
CA LEU B 391 2.09 13.74 -11.63
C LEU B 391 3.25 12.77 -11.84
N ASP B 392 3.90 12.91 -12.99
CA ASP B 392 5.07 12.10 -13.33
C ASP B 392 6.18 12.45 -12.34
N HIS B 393 6.27 13.74 -12.05
CA HIS B 393 7.24 14.27 -11.10
C HIS B 393 7.06 13.58 -9.76
N LYS B 394 5.81 13.59 -9.28
CA LYS B 394 5.46 12.95 -8.00
C LYS B 394 5.98 11.52 -7.96
N PHE B 395 5.58 10.73 -8.97
CA PHE B 395 6.00 9.34 -9.10
C PHE B 395 7.52 9.20 -9.00
N ASP B 396 8.22 9.93 -9.87
CA ASP B 396 9.69 9.90 -9.92
C ASP B 396 10.31 10.21 -8.56
N LEU B 397 9.89 11.34 -7.97
CA LEU B 397 10.39 11.78 -6.66
C LEU B 397 10.33 10.68 -5.61
N MET B 398 9.13 10.12 -5.43
CA MET B 398 8.91 9.07 -4.43
C MET B 398 9.60 7.77 -4.80
N TYR B 399 9.52 7.40 -6.06
CA TYR B 399 10.12 6.17 -6.57
C TYR B 399 11.63 6.14 -6.31
N ALA B 400 12.25 7.31 -6.31
CA ALA B 400 13.69 7.43 -6.07
C ALA B 400 14.09 6.89 -4.71
N LYS B 401 13.16 6.87 -3.76
CA LYS B 401 13.46 6.37 -2.41
C LYS B 401 12.64 5.12 -2.10
N ARG B 402 11.96 4.60 -3.12
CA ARG B 402 11.14 3.38 -3.04
C ARG B 402 9.86 3.53 -2.21
N ALA B 403 9.86 4.44 -1.24
CA ALA B 403 8.73 4.66 -0.34
C ALA B 403 7.87 3.39 -0.10
N PHE B 404 6.57 3.49 -0.38
CA PHE B 404 5.63 2.39 -0.15
C PHE B 404 5.66 1.34 -1.27
N VAL B 405 6.82 1.14 -1.88
CA VAL B 405 6.95 0.17 -2.96
C VAL B 405 6.75 -1.27 -2.49
N HIS B 406 7.16 -1.55 -1.26
CA HIS B 406 7.03 -2.91 -0.70
C HIS B 406 5.58 -3.35 -0.60
N TRP B 407 4.66 -2.40 -0.52
CA TRP B 407 3.23 -2.72 -0.44
C TRP B 407 2.74 -3.20 -1.80
N TYR B 408 3.47 -2.83 -2.84
CA TYR B 408 3.13 -3.24 -4.18
C TYR B 408 3.88 -4.51 -4.52
N VAL B 409 5.16 -4.54 -4.18
CA VAL B 409 6.03 -5.67 -4.43
C VAL B 409 5.49 -6.96 -3.80
N GLY B 410 5.12 -6.88 -2.52
CA GLY B 410 4.63 -8.06 -1.81
C GLY B 410 3.21 -8.47 -2.20
N GLU B 411 2.73 -7.94 -3.32
CA GLU B 411 1.39 -8.28 -3.79
C GLU B 411 1.47 -8.83 -5.20
N GLY B 412 2.59 -9.45 -5.52
CA GLY B 412 2.81 -10.02 -6.83
C GLY B 412 3.21 -8.97 -7.83
N MET B 413 4.18 -8.15 -7.45
CA MET B 413 4.69 -7.08 -8.30
C MET B 413 6.18 -6.88 -8.07
N GLU B 414 6.81 -6.04 -8.89
CA GLU B 414 8.23 -5.79 -8.76
C GLU B 414 8.66 -4.49 -9.43
N GLU B 415 9.97 -4.25 -9.45
CA GLU B 415 10.54 -3.04 -10.05
C GLU B 415 10.32 -2.99 -11.57
N GLY B 416 10.17 -4.14 -12.20
CA GLY B 416 9.97 -4.21 -13.64
C GLY B 416 8.79 -3.37 -14.11
N GLU B 417 7.58 -3.83 -13.83
CA GLU B 417 6.36 -3.12 -14.22
C GLU B 417 6.39 -1.66 -13.81
N PHE B 418 7.03 -1.38 -12.67
CA PHE B 418 7.15 -0.02 -12.17
C PHE B 418 7.98 0.83 -13.12
N SER B 419 9.23 0.41 -13.33
CA SER B 419 10.14 1.12 -14.23
C SER B 419 9.58 1.20 -15.65
N GLU B 420 8.88 0.15 -16.07
CA GLU B 420 8.31 0.11 -17.42
C GLU B 420 7.10 1.03 -17.54
N ALA B 421 6.57 1.47 -16.40
CA ALA B 421 5.43 2.38 -16.40
C ALA B 421 5.96 3.80 -16.36
N ARG B 422 7.18 3.95 -15.86
CA ARG B 422 7.84 5.23 -15.80
C ARG B 422 8.26 5.60 -17.22
N GLU B 423 8.83 4.62 -17.90
CA GLU B 423 9.27 4.78 -19.28
C GLU B 423 8.09 5.04 -20.20
N ASP B 424 6.98 4.34 -19.96
CA ASP B 424 5.78 4.50 -20.76
C ASP B 424 5.24 5.92 -20.66
N MET B 425 4.96 6.36 -19.43
CA MET B 425 4.46 7.72 -19.20
C MET B 425 5.39 8.75 -19.82
N ALA B 426 6.69 8.48 -19.79
CA ALA B 426 7.68 9.36 -20.40
C ALA B 426 7.35 9.57 -21.87
N ALA B 427 6.92 8.50 -22.54
CA ALA B 427 6.58 8.57 -23.96
C ALA B 427 5.19 9.18 -24.16
N LEU B 428 4.56 9.58 -23.08
CA LEU B 428 3.26 10.21 -23.13
C LEU B 428 3.50 11.70 -22.97
N GLU B 429 4.63 12.01 -22.35
CA GLU B 429 5.07 13.38 -22.17
C GLU B 429 5.64 13.82 -23.51
N LYS B 430 6.30 12.89 -24.18
CA LYS B 430 6.89 13.16 -25.48
C LYS B 430 5.79 13.17 -26.53
N ASP B 431 4.79 12.30 -26.35
CA ASP B 431 3.66 12.22 -27.28
C ASP B 431 2.93 13.55 -27.32
N TYR B 432 2.44 14.00 -26.17
CA TYR B 432 1.70 15.25 -26.09
C TYR B 432 2.57 16.44 -26.48
N GLU B 433 3.88 16.26 -26.47
CA GLU B 433 4.79 17.33 -26.84
C GLU B 433 5.05 17.31 -28.34
N GLU B 434 5.12 16.12 -28.92
CA GLU B 434 5.36 15.96 -30.35
C GLU B 434 4.10 16.24 -31.19
N VAL B 435 2.93 15.91 -30.64
CA VAL B 435 1.67 16.14 -31.34
C VAL B 435 1.38 17.64 -31.45
N GLY B 436 2.13 18.44 -30.71
CA GLY B 436 1.94 19.86 -30.75
C GLY B 436 3.25 20.59 -30.57
N VAL B 437 3.15 21.84 -30.12
CA VAL B 437 4.32 22.71 -29.87
C VAL B 437 5.09 23.09 -31.14
N ASP B 438 5.03 22.26 -32.16
CA ASP B 438 5.74 22.53 -33.41
C ASP B 438 4.78 22.48 -34.57
N SER B 439 5.19 23.03 -35.70
CA SER B 439 4.38 23.04 -36.89
C SER B 439 4.38 21.67 -37.57
N ARG C 2 -13.59 -8.27 7.35
CA ARG C 2 -13.25 -6.96 7.89
C ARG C 2 -13.29 -6.97 9.42
N GLU C 3 -13.29 -8.17 10.00
CA GLU C 3 -13.35 -8.32 11.45
C GLU C 3 -11.95 -8.28 12.09
N ILE C 4 -11.91 -8.04 13.40
CA ILE C 4 -10.64 -7.94 14.13
C ILE C 4 -10.81 -8.48 15.55
N VAL C 5 -9.69 -8.88 16.18
CA VAL C 5 -9.73 -9.42 17.53
C VAL C 5 -8.77 -8.65 18.47
N HIS C 6 -9.35 -7.94 19.43
CA HIS C 6 -8.57 -7.17 20.40
C HIS C 6 -7.84 -8.07 21.40
N ILE C 7 -6.63 -7.68 21.78
CA ILE C 7 -5.85 -8.45 22.76
C ILE C 7 -5.30 -7.53 23.85
N GLN C 8 -5.80 -7.69 25.07
CA GLN C 8 -5.37 -6.88 26.21
C GLN C 8 -4.40 -7.63 27.12
N ALA C 9 -3.13 -7.62 26.76
CA ALA C 9 -2.11 -8.32 27.53
C ALA C 9 -1.58 -7.47 28.69
N GLY C 10 -1.43 -8.09 29.84
CA GLY C 10 -0.89 -7.41 31.01
C GLY C 10 -1.93 -6.66 31.82
N GLN C 11 -1.49 -6.06 32.92
CA GLN C 11 -2.37 -5.31 33.81
C GLN C 11 -2.84 -4.04 33.13
N CYS C 12 -1.88 -3.27 32.62
CA CYS C 12 -2.18 -2.02 31.93
C CYS C 12 -3.11 -2.30 30.75
N GLY C 13 -2.69 -3.21 29.87
CA GLY C 13 -3.48 -3.56 28.70
C GLY C 13 -4.92 -3.91 29.06
N ASN C 14 -5.10 -4.59 30.18
CA ASN C 14 -6.43 -4.97 30.65
C ASN C 14 -7.21 -3.74 31.06
N GLN C 15 -6.59 -2.90 31.89
CA GLN C 15 -7.21 -1.65 32.34
C GLN C 15 -7.62 -0.80 31.15
N ILE C 16 -6.71 -0.70 30.17
CA ILE C 16 -6.95 0.07 28.96
C ILE C 16 -8.13 -0.52 28.20
N GLY C 17 -8.12 -1.84 28.06
CA GLY C 17 -9.18 -2.54 27.37
C GLY C 17 -10.52 -2.35 28.05
N ALA C 18 -10.53 -2.43 29.38
CA ALA C 18 -11.76 -2.27 30.14
C ALA C 18 -12.41 -0.92 29.83
N LYS C 19 -11.61 0.13 29.78
CA LYS C 19 -12.11 1.47 29.49
C LYS C 19 -12.46 1.59 28.00
N PHE C 20 -11.69 0.93 27.15
CA PHE C 20 -11.92 0.95 25.72
C PHE C 20 -13.26 0.32 25.39
N TRP C 21 -13.59 -0.77 26.08
CA TRP C 21 -14.84 -1.47 25.83
C TRP C 21 -16.02 -0.70 26.39
N GLU C 22 -15.76 0.13 27.40
CA GLU C 22 -16.79 0.98 27.98
C GLU C 22 -17.23 2.00 26.94
N VAL C 23 -16.25 2.56 26.25
CA VAL C 23 -16.48 3.53 25.18
C VAL C 23 -17.17 2.86 23.99
N ILE C 24 -16.40 2.06 23.25
CA ILE C 24 -16.89 1.32 22.07
C ILE C 24 -18.35 0.83 22.18
N SER C 25 -18.72 0.31 23.36
CA SER C 25 -20.08 -0.20 23.57
C SER C 25 -21.10 0.92 23.41
N ASP C 26 -20.81 2.07 24.01
CA ASP C 26 -21.68 3.24 23.93
C ASP C 26 -21.70 3.76 22.50
N GLU C 27 -20.59 3.52 21.78
CA GLU C 27 -20.45 3.95 20.40
C GLU C 27 -21.13 2.95 19.45
N HIS C 28 -21.85 1.98 20.02
CA HIS C 28 -22.54 0.97 19.22
C HIS C 28 -23.83 0.59 19.91
N GLY C 29 -24.15 1.29 20.99
CA GLY C 29 -25.35 1.03 21.75
C GLY C 29 -25.47 -0.40 22.22
N ILE C 30 -24.42 -0.93 22.83
CA ILE C 30 -24.43 -2.29 23.35
C ILE C 30 -24.18 -2.30 24.86
N ASP C 31 -25.17 -2.74 25.61
CA ASP C 31 -25.07 -2.82 27.06
C ASP C 31 -24.46 -4.16 27.46
N PRO C 32 -23.73 -4.23 28.61
CA PRO C 32 -23.11 -5.45 29.14
C PRO C 32 -23.82 -6.75 28.72
N THR C 33 -25.01 -6.97 29.25
CA THR C 33 -25.80 -8.14 28.91
C THR C 33 -26.86 -7.76 27.87
N GLY C 34 -27.03 -6.46 27.68
CA GLY C 34 -27.98 -5.93 26.71
C GLY C 34 -27.59 -6.23 25.27
N SER C 35 -28.45 -5.83 24.34
CA SER C 35 -28.20 -6.04 22.92
C SER C 35 -27.96 -4.70 22.22
N TYR C 36 -28.48 -4.57 21.00
CA TYR C 36 -28.31 -3.35 20.24
C TYR C 36 -29.38 -2.31 20.60
N HIS C 37 -29.03 -1.43 21.52
CA HIS C 37 -29.93 -0.39 21.96
C HIS C 37 -29.64 0.91 21.21
N GLY C 38 -28.62 0.83 20.34
CA GLY C 38 -28.18 1.94 19.50
C GLY C 38 -29.25 2.97 19.18
N ASP C 39 -28.95 4.24 19.43
CA ASP C 39 -29.90 5.32 19.16
C ASP C 39 -30.21 5.36 17.67
N SER C 40 -29.21 5.03 16.86
CA SER C 40 -29.38 5.00 15.42
C SER C 40 -29.38 3.55 14.92
N ASP C 41 -29.33 3.39 13.61
CA ASP C 41 -29.32 2.05 13.01
C ASP C 41 -28.04 1.83 12.22
N LEU C 42 -27.17 2.83 12.24
CA LEU C 42 -25.92 2.76 11.51
C LEU C 42 -24.85 2.02 12.30
N GLN C 43 -25.07 1.89 13.61
CA GLN C 43 -24.12 1.22 14.48
C GLN C 43 -24.39 -0.28 14.54
N LEU C 44 -25.10 -0.81 13.55
CA LEU C 44 -25.44 -2.21 13.51
C LEU C 44 -24.95 -2.89 12.23
N GLU C 45 -24.73 -2.10 11.18
CA GLU C 45 -24.30 -2.63 9.89
C GLU C 45 -22.95 -3.34 9.91
N ARG C 46 -22.08 -3.00 10.85
CA ARG C 46 -20.75 -3.60 10.90
C ARG C 46 -20.32 -4.06 12.31
N ILE C 47 -21.28 -4.23 13.22
CA ILE C 47 -20.98 -4.66 14.59
C ILE C 47 -20.03 -5.87 14.62
N ASN C 48 -20.36 -6.85 13.79
CA ASN C 48 -19.58 -8.10 13.64
C ASN C 48 -18.08 -7.94 13.84
N VAL C 49 -17.54 -6.83 13.36
CA VAL C 49 -16.10 -6.54 13.45
C VAL C 49 -15.49 -6.77 14.83
N TYR C 50 -16.22 -6.38 15.88
CA TYR C 50 -15.69 -6.53 17.23
C TYR C 50 -16.62 -7.29 18.14
N TYR C 51 -17.65 -7.91 17.59
CA TYR C 51 -18.59 -8.66 18.41
C TYR C 51 -18.84 -10.02 17.78
N ASN C 52 -19.57 -10.87 18.49
CA ASN C 52 -19.89 -12.20 17.99
C ASN C 52 -21.34 -12.53 18.29
N GLU C 53 -22.04 -13.03 17.30
CA GLU C 53 -23.42 -13.41 17.48
C GLU C 53 -23.51 -14.82 18.01
N ALA C 54 -23.98 -14.96 19.24
CA ALA C 54 -24.10 -16.26 19.86
C ALA C 54 -25.55 -16.55 20.21
N ALA C 55 -26.07 -15.80 21.19
CA ALA C 55 -27.46 -15.97 21.63
C ALA C 55 -28.41 -15.20 20.72
N GLY C 56 -28.39 -13.89 20.84
CA GLY C 56 -29.23 -13.03 20.03
C GLY C 56 -29.45 -11.70 20.69
N ASN C 57 -29.10 -11.63 21.96
CA ASN C 57 -29.23 -10.40 22.73
C ASN C 57 -27.92 -10.12 23.43
N LYS C 58 -27.09 -11.16 23.51
CA LYS C 58 -25.80 -11.04 24.15
C LYS C 58 -24.70 -10.97 23.09
N TYR C 59 -24.36 -9.76 22.68
CA TYR C 59 -23.31 -9.55 21.70
C TYR C 59 -21.98 -9.47 22.41
N VAL C 60 -21.29 -10.59 22.50
CA VAL C 60 -20.02 -10.66 23.19
C VAL C 60 -18.86 -10.10 22.37
N PRO C 61 -18.17 -9.10 22.93
CA PRO C 61 -17.02 -8.46 22.29
C PRO C 61 -15.89 -9.45 22.09
N ARG C 62 -15.23 -9.36 20.96
CA ARG C 62 -14.12 -10.25 20.66
C ARG C 62 -12.79 -9.70 21.14
N ALA C 63 -12.50 -9.94 22.42
CA ALA C 63 -11.24 -9.51 22.99
C ALA C 63 -10.66 -10.64 23.81
N ILE C 64 -9.38 -10.57 24.10
CA ILE C 64 -8.71 -11.61 24.86
C ILE C 64 -7.99 -11.00 26.04
N LEU C 65 -8.20 -11.55 27.22
CA LEU C 65 -7.58 -11.07 28.43
C LEU C 65 -6.48 -12.02 28.86
N VAL C 66 -5.24 -11.66 28.61
CA VAL C 66 -4.11 -12.51 28.96
C VAL C 66 -3.24 -11.83 30.01
N ASP C 67 -3.18 -12.42 31.20
CA ASP C 67 -2.39 -11.87 32.29
C ASP C 67 -2.09 -12.95 33.33
N LEU C 68 -0.97 -12.81 34.03
CA LEU C 68 -0.55 -13.77 35.04
C LEU C 68 -0.96 -13.35 36.45
N GLU C 69 -1.66 -12.23 36.57
CA GLU C 69 -2.09 -11.77 37.88
C GLU C 69 -3.60 -11.83 38.00
N PRO C 70 -4.11 -12.85 38.71
CA PRO C 70 -5.55 -13.03 38.92
C PRO C 70 -6.21 -11.73 39.37
N GLY C 71 -5.71 -11.18 40.48
CA GLY C 71 -6.23 -9.92 41.02
C GLY C 71 -6.61 -8.90 39.96
N THR C 72 -5.68 -8.66 39.04
CA THR C 72 -5.88 -7.73 37.95
C THR C 72 -7.12 -8.09 37.11
N MET C 73 -7.08 -9.25 36.49
CA MET C 73 -8.19 -9.71 35.66
C MET C 73 -9.47 -9.86 36.49
N ASP C 74 -9.31 -10.16 37.77
CA ASP C 74 -10.43 -10.37 38.68
C ASP C 74 -11.07 -9.06 39.11
N SER C 75 -10.51 -7.94 38.71
CA SER C 75 -11.09 -6.64 39.02
C SER C 75 -11.76 -6.09 37.78
N VAL C 76 -11.31 -6.61 36.64
CA VAL C 76 -11.88 -6.23 35.35
C VAL C 76 -13.23 -6.93 35.17
N ARG C 77 -13.30 -8.19 35.59
CA ARG C 77 -14.52 -8.97 35.44
C ARG C 77 -15.54 -8.69 36.56
N SER C 78 -15.09 -8.09 37.63
CA SER C 78 -15.98 -7.81 38.75
C SER C 78 -16.46 -6.37 38.77
N GLY C 79 -16.24 -5.66 37.67
CA GLY C 79 -16.68 -4.28 37.62
C GLY C 79 -17.94 -4.12 36.80
N PRO C 80 -18.09 -2.99 36.13
CA PRO C 80 -19.24 -2.66 35.28
C PRO C 80 -19.33 -3.59 34.06
N PHE C 81 -18.82 -3.11 32.93
CA PHE C 81 -18.85 -3.87 31.67
C PHE C 81 -18.01 -5.15 31.72
N GLY C 82 -17.48 -5.48 32.89
CA GLY C 82 -16.65 -6.67 33.05
C GLY C 82 -17.37 -7.97 32.77
N GLN C 83 -18.69 -7.99 32.94
CA GLN C 83 -19.46 -9.22 32.71
C GLN C 83 -19.92 -9.36 31.26
N ILE C 84 -19.20 -8.74 30.34
CA ILE C 84 -19.55 -8.83 28.93
C ILE C 84 -18.61 -9.81 28.21
N PHE C 85 -17.47 -10.07 28.84
CA PHE C 85 -16.49 -10.97 28.27
C PHE C 85 -16.79 -12.42 28.63
N ARG C 86 -16.79 -13.29 27.63
CA ARG C 86 -17.05 -14.70 27.84
C ARG C 86 -15.89 -15.33 28.62
N PRO C 87 -16.19 -16.28 29.51
CA PRO C 87 -15.18 -16.97 30.34
C PRO C 87 -14.06 -17.57 29.52
N ASP C 88 -14.40 -18.01 28.31
CA ASP C 88 -13.43 -18.63 27.41
C ASP C 88 -12.36 -17.63 26.96
N ASN C 89 -12.71 -16.35 26.98
CA ASN C 89 -11.81 -15.28 26.58
C ASN C 89 -10.79 -14.96 27.67
N PHE C 90 -11.10 -15.36 28.90
CA PHE C 90 -10.22 -15.12 30.02
C PHE C 90 -9.08 -16.13 30.04
N VAL C 91 -7.88 -15.67 29.70
CA VAL C 91 -6.72 -16.53 29.68
C VAL C 91 -5.74 -16.08 30.77
N PHE C 92 -6.02 -16.46 32.00
CA PHE C 92 -5.17 -16.09 33.11
C PHE C 92 -4.20 -17.19 33.49
N GLY C 93 -3.11 -16.79 34.10
CA GLY C 93 -2.07 -17.70 34.53
C GLY C 93 -1.66 -17.41 35.95
N GLN C 94 -2.21 -18.16 36.90
CA GLN C 94 -1.94 -17.97 38.33
C GLN C 94 -0.45 -18.06 38.73
N SER C 95 0.44 -18.14 37.75
CA SER C 95 1.88 -18.19 38.00
C SER C 95 2.41 -16.87 38.60
N GLY C 96 3.72 -16.69 38.56
CA GLY C 96 4.31 -15.47 39.11
C GLY C 96 4.24 -14.30 38.15
N ALA C 97 3.34 -13.37 38.42
CA ALA C 97 3.15 -12.19 37.57
C ALA C 97 4.23 -11.13 37.75
N GLY C 98 5.44 -11.56 38.10
CA GLY C 98 6.58 -10.66 38.27
C GLY C 98 6.74 -9.65 37.14
N ASN C 99 7.25 -8.47 37.44
CA ASN C 99 7.46 -7.41 36.45
C ASN C 99 8.73 -7.66 35.64
N ASN C 100 8.96 -8.92 35.26
CA ASN C 100 10.15 -9.27 34.51
C ASN C 100 9.81 -9.77 33.12
N TRP C 101 10.51 -9.23 32.11
CA TRP C 101 10.29 -9.61 30.73
C TRP C 101 10.55 -11.10 30.51
N ALA C 102 11.69 -11.58 30.99
CA ALA C 102 12.08 -12.98 30.83
C ALA C 102 11.10 -13.91 31.54
N LYS C 103 10.61 -13.47 32.70
CA LYS C 103 9.68 -14.29 33.46
C LYS C 103 8.35 -14.43 32.73
N GLY C 104 7.99 -13.43 31.94
CA GLY C 104 6.74 -13.48 31.21
C GLY C 104 6.92 -13.83 29.75
N HIS C 105 8.14 -14.17 29.36
CA HIS C 105 8.43 -14.51 27.98
C HIS C 105 9.09 -15.88 27.86
N TYR C 106 9.89 -16.25 28.85
CA TYR C 106 10.60 -17.51 28.80
C TYR C 106 10.08 -18.60 29.76
N THR C 107 9.60 -18.23 30.94
CA THR C 107 9.13 -19.25 31.89
C THR C 107 7.63 -19.24 32.16
N GLU C 108 7.14 -18.20 32.82
CA GLU C 108 5.72 -18.12 33.18
C GLU C 108 4.87 -17.73 31.99
N GLY C 109 5.39 -16.86 31.16
CA GLY C 109 4.65 -16.43 29.99
C GLY C 109 4.58 -17.49 28.92
N ALA C 110 5.66 -18.25 28.78
CA ALA C 110 5.76 -19.30 27.76
C ALA C 110 4.72 -20.41 27.94
N GLU C 111 4.41 -20.74 29.18
CA GLU C 111 3.45 -21.80 29.46
C GLU C 111 2.03 -21.41 29.07
N LEU C 112 1.67 -20.17 29.33
CA LEU C 112 0.32 -19.68 29.04
C LEU C 112 0.10 -19.45 27.54
N VAL C 113 1.18 -19.33 26.78
CA VAL C 113 1.10 -19.11 25.33
C VAL C 113 0.18 -20.12 24.64
N ASP C 114 0.35 -21.38 25.01
CA ASP C 114 -0.44 -22.46 24.44
C ASP C 114 -1.95 -22.27 24.65
N SER C 115 -2.32 -21.66 25.77
CA SER C 115 -3.72 -21.40 26.08
C SER C 115 -4.24 -20.17 25.35
N VAL C 116 -3.33 -19.41 24.77
CA VAL C 116 -3.67 -18.21 24.03
C VAL C 116 -3.89 -18.55 22.57
N LEU C 117 -2.91 -19.25 22.00
CA LEU C 117 -2.96 -19.68 20.60
C LEU C 117 -4.28 -20.35 20.28
N ASP C 118 -4.79 -21.13 21.23
CA ASP C 118 -6.06 -21.83 21.07
C ASP C 118 -7.20 -20.85 20.89
N VAL C 119 -7.23 -19.81 21.73
CA VAL C 119 -8.29 -18.81 21.68
C VAL C 119 -8.18 -17.92 20.44
N VAL C 120 -6.97 -17.48 20.12
CA VAL C 120 -6.76 -16.61 18.96
C VAL C 120 -7.20 -17.27 17.66
N ARG C 121 -7.17 -18.60 17.62
CA ARG C 121 -7.58 -19.32 16.44
C ARG C 121 -9.09 -19.49 16.41
N LYS C 122 -9.67 -19.68 17.59
CA LYS C 122 -11.11 -19.81 17.71
C LYS C 122 -11.79 -18.50 17.33
N GLU C 123 -11.09 -17.40 17.61
CA GLU C 123 -11.60 -16.08 17.31
C GLU C 123 -11.34 -15.69 15.85
N SER C 124 -10.22 -16.17 15.29
CA SER C 124 -9.88 -15.85 13.91
C SER C 124 -10.78 -16.58 12.91
N GLU C 125 -11.04 -17.85 13.20
CA GLU C 125 -11.88 -18.68 12.33
C GLU C 125 -13.36 -18.53 12.66
N SER C 126 -13.73 -17.35 13.16
CA SER C 126 -15.12 -17.07 13.50
C SER C 126 -16.04 -17.07 12.28
N CYS C 127 -16.13 -15.93 11.61
CA CYS C 127 -16.96 -15.77 10.43
C CYS C 127 -16.42 -14.65 9.54
N ASP C 128 -17.06 -14.47 8.39
CA ASP C 128 -16.68 -13.41 7.44
C ASP C 128 -15.18 -13.45 7.10
N CYS C 129 -14.56 -12.28 7.04
CA CYS C 129 -13.16 -12.18 6.71
C CYS C 129 -12.38 -11.56 7.87
N LEU C 130 -11.20 -12.08 8.12
CA LEU C 130 -10.36 -11.57 9.19
C LEU C 130 -9.43 -10.49 8.66
N GLN C 131 -9.39 -9.36 9.34
CA GLN C 131 -8.55 -8.25 8.93
C GLN C 131 -7.19 -8.31 9.63
N GLY C 132 -7.19 -8.35 10.95
CA GLY C 132 -5.96 -8.41 11.70
C GLY C 132 -6.18 -8.55 13.19
N PHE C 133 -5.13 -8.36 13.96
CA PHE C 133 -5.20 -8.47 15.41
C PHE C 133 -4.61 -7.22 16.06
N GLN C 134 -5.36 -6.61 16.97
CA GLN C 134 -4.89 -5.43 17.67
C GLN C 134 -4.44 -5.79 19.08
N LEU C 135 -3.30 -5.28 19.49
CA LEU C 135 -2.76 -5.57 20.81
C LEU C 135 -2.58 -4.31 21.65
N THR C 136 -3.04 -4.38 22.88
CA THR C 136 -2.90 -3.26 23.81
C THR C 136 -2.03 -3.71 24.96
N HIS C 137 -1.05 -2.88 25.35
CA HIS C 137 -0.13 -3.24 26.44
C HIS C 137 0.80 -2.08 26.78
N SER C 138 1.64 -2.31 27.78
CA SER C 138 2.60 -1.32 28.23
C SER C 138 4.01 -1.90 28.23
N LEU C 139 5.00 -1.06 27.97
CA LEU C 139 6.40 -1.51 27.95
C LEU C 139 7.03 -1.38 29.33
N GLY C 140 6.22 -1.57 30.38
CA GLY C 140 6.72 -1.47 31.73
C GLY C 140 6.11 -2.53 32.63
N GLY C 141 6.18 -3.77 32.21
CA GLY C 141 5.63 -4.85 33.01
C GLY C 141 6.02 -6.21 32.47
N GLY C 142 5.68 -7.26 33.22
CA GLY C 142 6.01 -8.60 32.79
C GLY C 142 5.09 -9.07 31.69
N THR C 143 3.83 -9.28 32.05
CA THR C 143 2.80 -9.73 31.13
C THR C 143 2.55 -8.74 29.99
N GLY C 144 2.89 -7.48 30.21
CA GLY C 144 2.66 -6.47 29.19
C GLY C 144 3.74 -6.45 28.14
N SER C 145 4.96 -6.14 28.53
CA SER C 145 6.06 -6.07 27.59
C SER C 145 6.53 -7.46 27.16
N GLY C 146 6.48 -8.42 28.06
CA GLY C 146 6.92 -9.76 27.74
C GLY C 146 5.84 -10.59 27.07
N MET C 147 4.90 -11.07 27.87
CA MET C 147 3.81 -11.92 27.40
C MET C 147 3.04 -11.34 26.22
N GLY C 148 2.82 -10.04 26.23
CA GLY C 148 2.09 -9.39 25.17
C GLY C 148 2.83 -9.41 23.84
N THR C 149 4.14 -9.30 23.89
CA THR C 149 4.95 -9.27 22.68
C THR C 149 5.24 -10.67 22.14
N LEU C 150 5.23 -11.67 23.01
CA LEU C 150 5.50 -13.03 22.56
C LEU C 150 4.26 -13.58 21.86
N LEU C 151 3.11 -13.24 22.41
CA LEU C 151 1.83 -13.66 21.85
C LEU C 151 1.70 -13.22 20.39
N ILE C 152 2.03 -11.95 20.13
CA ILE C 152 1.94 -11.42 18.77
C ILE C 152 2.97 -12.03 17.82
N SER C 153 4.15 -12.36 18.35
CA SER C 153 5.21 -12.97 17.54
C SER C 153 4.71 -14.27 16.90
N LYS C 154 3.89 -15.00 17.63
CA LYS C 154 3.33 -16.25 17.13
C LYS C 154 2.19 -15.98 16.16
N ILE C 155 1.43 -14.93 16.45
CA ILE C 155 0.30 -14.55 15.61
C ILE C 155 0.78 -14.18 14.20
N ARG C 156 1.86 -13.42 14.13
CA ARG C 156 2.40 -13.00 12.85
C ARG C 156 3.06 -14.14 12.08
N GLU C 157 3.09 -15.31 12.68
CA GLU C 157 3.66 -16.48 12.03
C GLU C 157 2.53 -17.41 11.59
N GLU C 158 1.40 -17.30 12.28
CA GLU C 158 0.24 -18.10 11.98
C GLU C 158 -0.63 -17.42 10.92
N TYR C 159 -0.58 -16.10 10.90
CA TYR C 159 -1.35 -15.30 9.95
C TYR C 159 -0.51 -14.14 9.43
N PRO C 160 0.43 -14.42 8.50
CA PRO C 160 1.32 -13.40 7.93
C PRO C 160 0.63 -12.46 6.94
N ASP C 161 -0.66 -12.65 6.75
CA ASP C 161 -1.44 -11.82 5.83
C ASP C 161 -2.14 -10.71 6.59
N ARG C 162 -2.74 -11.07 7.71
CA ARG C 162 -3.47 -10.13 8.55
C ARG C 162 -2.53 -9.08 9.13
N ILE C 163 -2.98 -7.85 9.17
CA ILE C 163 -2.18 -6.77 9.72
C ILE C 163 -2.24 -6.83 11.25
N MET C 164 -1.34 -6.11 11.90
CA MET C 164 -1.29 -6.13 13.35
C MET C 164 -1.18 -4.72 13.90
N ASN C 165 -2.28 -4.22 14.43
CA ASN C 165 -2.32 -2.89 15.01
C ASN C 165 -1.99 -3.00 16.49
N THR C 166 -1.07 -2.20 16.97
CA THR C 166 -0.68 -2.26 18.37
C THR C 166 -0.69 -0.90 19.05
N PHE C 167 -1.24 -0.88 20.25
CA PHE C 167 -1.30 0.32 21.07
C PHE C 167 -0.41 0.08 22.27
N SER C 168 0.76 0.70 22.27
CA SER C 168 1.71 0.51 23.33
C SER C 168 1.88 1.75 24.20
N VAL C 169 1.76 1.53 25.50
CA VAL C 169 1.94 2.59 26.49
C VAL C 169 3.40 2.66 26.89
N VAL C 170 4.18 3.33 26.06
CA VAL C 170 5.62 3.50 26.28
C VAL C 170 5.93 4.12 27.64
N PRO C 171 7.09 3.77 28.21
CA PRO C 171 7.53 4.31 29.49
C PRO C 171 7.68 5.83 29.43
N SER C 172 6.91 6.55 30.21
CA SER C 172 6.97 7.99 30.23
C SER C 172 8.36 8.45 30.66
N PRO C 173 8.93 9.44 29.94
CA PRO C 173 10.26 9.98 30.24
C PRO C 173 10.36 10.52 31.67
N LYS C 174 9.91 11.78 31.85
CA LYS C 174 9.93 12.46 33.15
C LYS C 174 9.93 11.55 34.38
N VAL C 175 8.94 10.68 34.49
CA VAL C 175 8.82 9.76 35.61
C VAL C 175 8.48 8.34 35.14
N SER C 176 9.31 7.39 35.52
CA SER C 176 9.10 5.99 35.17
C SER C 176 8.20 5.35 36.22
N ASP C 177 7.22 4.57 35.79
CA ASP C 177 6.30 3.91 36.73
C ASP C 177 6.89 2.62 37.25
N THR C 178 8.08 2.30 36.77
CA THR C 178 8.79 1.09 37.17
C THR C 178 10.28 1.39 37.16
N VAL C 179 11.08 0.52 37.76
CA VAL C 179 12.52 0.73 37.79
C VAL C 179 13.17 -0.02 36.64
N VAL C 180 12.70 -1.23 36.41
CA VAL C 180 13.22 -2.05 35.32
C VAL C 180 12.63 -1.61 33.98
N GLU C 181 11.58 -0.80 34.06
CA GLU C 181 10.87 -0.22 32.90
C GLU C 181 11.63 -0.24 31.55
N PRO C 182 12.75 0.51 31.44
CA PRO C 182 13.54 0.59 30.19
C PRO C 182 14.05 -0.78 29.70
N TYR C 183 14.33 -1.67 30.64
CA TYR C 183 14.81 -3.01 30.32
C TYR C 183 13.71 -3.78 29.60
N ASN C 184 12.52 -3.76 30.20
CA ASN C 184 11.36 -4.44 29.64
C ASN C 184 10.96 -3.84 28.30
N ALA C 185 11.13 -2.53 28.20
CA ALA C 185 10.81 -1.78 26.98
C ALA C 185 11.72 -2.18 25.83
N THR C 186 13.01 -2.01 26.03
CA THR C 186 14.01 -2.34 25.01
C THR C 186 13.82 -3.76 24.46
N LEU C 187 13.54 -4.71 25.35
CA LEU C 187 13.36 -6.09 24.94
C LEU C 187 12.06 -6.32 24.16
N SER C 188 11.00 -5.60 24.51
CA SER C 188 9.73 -5.76 23.83
C SER C 188 9.70 -5.05 22.48
N VAL C 189 10.26 -3.85 22.42
CA VAL C 189 10.29 -3.07 21.19
C VAL C 189 11.01 -3.81 20.07
N HIS C 190 11.99 -4.65 20.43
CA HIS C 190 12.74 -5.43 19.44
C HIS C 190 11.80 -6.34 18.65
N GLN C 191 11.08 -7.19 19.37
CA GLN C 191 10.16 -8.12 18.74
C GLN C 191 8.99 -7.38 18.08
N LEU C 192 8.53 -6.31 18.72
CA LEU C 192 7.42 -5.52 18.19
C LEU C 192 7.75 -4.96 16.81
N VAL C 193 8.87 -4.26 16.69
CA VAL C 193 9.29 -3.64 15.44
C VAL C 193 9.58 -4.66 14.33
N GLU C 194 9.45 -5.95 14.65
CA GLU C 194 9.71 -6.99 13.67
C GLU C 194 8.50 -7.93 13.59
N ASN C 195 7.34 -7.45 14.01
CA ASN C 195 6.13 -8.26 13.99
C ASN C 195 4.91 -7.43 13.57
N THR C 196 4.54 -6.46 14.40
CA THR C 196 3.38 -5.61 14.13
C THR C 196 3.57 -4.76 12.88
N ASP C 197 2.46 -4.33 12.27
CA ASP C 197 2.51 -3.53 11.06
C ASP C 197 1.92 -2.14 11.33
N GLU C 198 1.56 -1.87 12.58
CA GLU C 198 0.99 -0.59 12.98
C GLU C 198 1.16 -0.43 14.48
N THR C 199 1.83 0.62 14.92
CA THR C 199 2.02 0.84 16.34
C THR C 199 1.76 2.29 16.75
N TYR C 200 0.85 2.46 17.68
CA TYR C 200 0.47 3.77 18.21
C TYR C 200 1.10 3.98 19.58
N CYS C 201 2.07 4.86 19.66
CA CYS C 201 2.76 5.13 20.93
C CYS C 201 1.97 6.07 21.83
N ILE C 202 1.60 5.57 23.00
CA ILE C 202 0.90 6.36 24.01
C ILE C 202 1.88 6.65 25.13
N ASP C 203 1.95 7.89 25.59
CA ASP C 203 2.90 8.27 26.64
C ASP C 203 2.19 8.80 27.89
N ASN C 204 2.49 8.17 29.01
CA ASN C 204 1.91 8.55 30.30
C ASN C 204 2.10 10.03 30.67
N GLU C 205 3.21 10.64 30.26
CA GLU C 205 3.44 12.04 30.64
C GLU C 205 2.72 13.00 29.70
N ALA C 206 2.53 12.58 28.47
CA ALA C 206 1.82 13.39 27.50
C ALA C 206 0.33 13.29 27.77
N LEU C 207 -0.07 12.10 28.23
CA LEU C 207 -1.45 11.84 28.56
C LEU C 207 -1.88 12.74 29.72
N TYR C 208 -1.07 12.75 30.78
CA TYR C 208 -1.31 13.59 31.95
C TYR C 208 -1.49 15.03 31.50
N ASP C 209 -0.50 15.51 30.75
CA ASP C 209 -0.49 16.87 30.21
C ASP C 209 -1.80 17.22 29.51
N ILE C 210 -2.17 16.42 28.52
CA ILE C 210 -3.41 16.64 27.75
C ILE C 210 -4.64 16.71 28.66
N CYS C 211 -4.55 16.08 29.82
CA CYS C 211 -5.65 16.05 30.75
C CYS C 211 -5.51 17.17 31.79
N PHE C 212 -4.44 17.95 31.67
CA PHE C 212 -4.21 19.06 32.59
C PHE C 212 -4.20 20.42 31.88
N ARG C 213 -3.87 20.46 30.60
CA ARG C 213 -3.81 21.74 29.89
C ARG C 213 -4.90 21.85 28.83
N THR C 214 -5.27 20.73 28.23
CA THR C 214 -6.30 20.74 27.20
C THR C 214 -7.63 20.35 27.81
N LEU C 215 -7.56 19.87 29.03
CA LEU C 215 -8.72 19.46 29.79
C LEU C 215 -8.53 19.98 31.20
N LYS C 216 -9.41 20.87 31.62
CA LYS C 216 -9.34 21.47 32.96
C LYS C 216 -9.45 20.47 34.11
N LEU C 217 -9.33 19.19 33.81
CA LEU C 217 -9.38 18.14 34.82
C LEU C 217 -8.28 18.33 35.86
N THR C 218 -8.66 18.39 37.14
CA THR C 218 -7.69 18.57 38.21
C THR C 218 -7.07 17.23 38.62
N THR C 219 -7.89 16.20 38.66
CA THR C 219 -7.44 14.87 39.04
C THR C 219 -7.58 13.84 37.91
N PRO C 220 -6.59 13.76 37.00
CA PRO C 220 -6.61 12.82 35.88
C PRO C 220 -6.18 11.42 36.32
N THR C 221 -7.15 10.62 36.74
CA THR C 221 -6.89 9.25 37.18
C THR C 221 -6.62 8.34 35.98
N TYR C 222 -6.31 7.08 36.24
CA TYR C 222 -6.05 6.12 35.17
C TYR C 222 -7.25 6.00 34.25
N GLY C 223 -8.42 5.83 34.85
CA GLY C 223 -9.66 5.73 34.10
C GLY C 223 -9.79 6.86 33.09
N ASP C 224 -9.47 8.07 33.54
CA ASP C 224 -9.53 9.25 32.71
C ASP C 224 -8.54 9.13 31.55
N LEU C 225 -7.26 8.95 31.90
CA LEU C 225 -6.20 8.78 30.90
C LEU C 225 -6.62 7.78 29.84
N ASN C 226 -7.02 6.59 30.28
CA ASN C 226 -7.47 5.52 29.39
C ASN C 226 -8.65 5.96 28.53
N HIS C 227 -9.59 6.72 29.12
CA HIS C 227 -10.77 7.17 28.44
C HIS C 227 -10.36 7.99 27.26
N LEU C 228 -9.31 8.81 27.42
CA LEU C 228 -8.80 9.66 26.35
C LEU C 228 -8.31 8.82 25.18
N VAL C 229 -7.52 7.80 25.50
CA VAL C 229 -6.97 6.88 24.50
C VAL C 229 -8.09 6.10 23.83
N SER C 230 -9.02 5.61 24.63
CA SER C 230 -10.16 4.83 24.14
C SER C 230 -10.91 5.58 23.03
N ALA C 231 -10.93 6.91 23.12
CA ALA C 231 -11.61 7.74 22.12
C ALA C 231 -10.82 7.77 20.81
N THR C 232 -9.53 7.55 20.90
CA THR C 232 -8.67 7.54 19.73
C THR C 232 -8.79 6.22 18.98
N MET C 233 -8.68 5.12 19.71
CA MET C 233 -8.75 3.80 19.12
C MET C 233 -10.11 3.53 18.45
N SER C 234 -11.14 4.25 18.88
CA SER C 234 -12.46 4.10 18.30
C SER C 234 -12.50 4.84 16.96
N GLY C 235 -11.82 5.98 16.92
CA GLY C 235 -11.74 6.76 15.70
C GLY C 235 -10.88 6.04 14.67
N VAL C 236 -9.93 5.26 15.17
CA VAL C 236 -9.07 4.45 14.32
C VAL C 236 -9.85 3.26 13.78
N THR C 237 -10.09 2.29 14.64
CA THR C 237 -10.80 1.07 14.29
C THR C 237 -12.29 1.30 13.97
N THR C 238 -13.17 1.08 14.97
CA THR C 238 -14.63 1.25 14.83
C THR C 238 -15.10 2.24 13.77
N CYS C 239 -14.56 3.45 13.80
CA CYS C 239 -14.91 4.50 12.83
C CYS C 239 -14.88 4.00 11.39
N LEU C 240 -13.77 3.39 11.00
CA LEU C 240 -13.61 2.86 9.64
C LEU C 240 -14.59 1.71 9.35
N ARG C 241 -15.36 1.31 10.34
CA ARG C 241 -16.35 0.25 10.16
C ARG C 241 -17.73 0.86 9.98
N PHE C 242 -17.76 2.15 9.70
CA PHE C 242 -19.01 2.86 9.50
C PHE C 242 -19.01 3.50 8.12
N PRO C 243 -20.19 3.80 7.58
CA PRO C 243 -20.32 4.42 6.25
C PRO C 243 -19.71 5.83 6.24
N GLY C 244 -19.56 6.38 5.04
CA GLY C 244 -18.98 7.70 4.91
C GLY C 244 -18.70 8.04 3.46
N GLN C 245 -18.49 9.33 3.19
CA GLN C 245 -18.21 9.79 1.84
C GLN C 245 -16.81 9.36 1.40
N LEU C 246 -15.90 9.30 2.37
CA LEU C 246 -14.52 8.90 2.11
C LEU C 246 -14.04 7.99 3.23
N ASN C 247 -14.40 6.71 3.15
CA ASN C 247 -14.03 5.76 4.19
C ASN C 247 -12.68 5.11 3.93
N ALA C 248 -12.09 4.58 4.99
CA ALA C 248 -10.80 3.92 4.92
C ALA C 248 -10.83 2.64 5.76
N ASP C 249 -9.67 2.00 5.89
CA ASP C 249 -9.56 0.76 6.66
C ASP C 249 -8.10 0.42 6.89
N LEU C 250 -7.81 -0.29 7.98
CA LEU C 250 -6.46 -0.78 8.31
C LEU C 250 -5.53 -0.90 7.11
N ARG C 251 -5.99 -1.62 6.07
CA ARG C 251 -5.20 -1.80 4.86
C ARG C 251 -4.92 -0.47 4.21
N LYS C 252 -5.99 0.33 3.94
CA LYS C 252 -5.82 1.59 3.26
C LYS C 252 -4.91 2.43 4.09
N LEU C 253 -5.12 2.42 5.42
CA LEU C 253 -4.32 3.19 6.37
C LEU C 253 -2.85 2.79 6.36
N ALA C 254 -2.57 1.51 6.56
CA ALA C 254 -1.20 1.00 6.61
C ALA C 254 -0.48 1.19 5.28
N VAL C 255 -1.20 0.93 4.19
CA VAL C 255 -0.64 1.06 2.85
C VAL C 255 -0.25 2.52 2.53
N ASN C 256 -0.62 3.42 3.42
CA ASN C 256 -0.31 4.83 3.25
C ASN C 256 0.40 5.38 4.47
N MET C 257 0.61 4.55 5.48
CA MET C 257 1.25 4.99 6.72
C MET C 257 2.61 4.36 6.95
N VAL C 258 2.83 3.17 6.40
CA VAL C 258 4.10 2.48 6.58
C VAL C 258 4.96 2.61 5.33
N PRO C 259 5.91 3.55 5.32
CA PRO C 259 6.79 3.78 4.19
C PRO C 259 7.92 2.76 4.13
N PHE C 260 8.29 2.18 5.27
CA PHE C 260 9.37 1.20 5.30
C PHE C 260 9.05 0.00 6.20
N PRO C 261 9.24 -1.22 5.65
CA PRO C 261 9.02 -2.54 6.32
C PRO C 261 9.37 -2.60 7.81
N ARG C 262 10.16 -1.65 8.27
CA ARG C 262 10.57 -1.56 9.67
C ARG C 262 9.36 -1.60 10.60
N LEU C 263 8.24 -1.02 10.13
CA LEU C 263 6.95 -0.94 10.84
C LEU C 263 6.51 0.50 11.02
N HIS C 264 7.42 1.32 11.53
CA HIS C 264 7.18 2.74 11.79
C HIS C 264 6.13 2.93 12.88
N PHE C 265 6.44 3.82 13.81
CA PHE C 265 5.56 4.09 14.94
C PHE C 265 4.78 5.37 14.74
N PHE C 266 3.50 5.32 15.04
CA PHE C 266 2.62 6.47 14.88
C PHE C 266 2.31 7.10 16.23
N MET C 267 1.57 8.19 16.18
CA MET C 267 1.20 8.92 17.38
C MET C 267 -0.24 9.40 17.30
N PRO C 268 -1.08 8.94 18.23
CA PRO C 268 -2.50 9.31 18.27
C PRO C 268 -2.76 10.73 18.78
N GLY C 269 -3.70 11.40 18.14
CA GLY C 269 -4.08 12.75 18.50
C GLY C 269 -5.58 12.94 18.38
N PHE C 270 -6.17 13.69 19.28
CA PHE C 270 -7.61 13.94 19.25
C PHE C 270 -7.92 15.32 18.68
N ALA C 271 -9.07 15.46 18.05
CA ALA C 271 -9.48 16.75 17.48
C ALA C 271 -10.29 17.59 18.48
N PRO C 272 -11.58 17.23 18.75
CA PRO C 272 -12.40 18.00 19.67
C PRO C 272 -11.97 17.74 21.11
N LEU C 273 -11.03 18.53 21.57
CA LEU C 273 -10.51 18.39 22.92
C LEU C 273 -10.73 19.68 23.68
N THR C 274 -11.98 19.92 24.05
CA THR C 274 -12.33 21.12 24.77
C THR C 274 -13.00 20.75 26.09
N SER C 275 -12.76 21.53 27.13
CA SER C 275 -13.36 21.25 28.41
C SER C 275 -14.88 21.37 28.30
N ARG C 276 -15.57 20.46 28.98
CA ARG C 276 -17.03 20.40 28.98
C ARG C 276 -17.73 21.76 29.11
N GLY C 277 -18.01 22.17 30.33
CA GLY C 277 -18.69 23.43 30.60
C GLY C 277 -18.16 24.66 29.88
N SER C 278 -17.22 25.35 30.52
CA SER C 278 -16.62 26.58 30.00
C SER C 278 -16.26 26.53 28.51
N GLN C 279 -15.13 25.88 28.23
CA GLN C 279 -14.59 25.71 26.86
C GLN C 279 -15.56 25.37 25.73
N GLN C 280 -16.74 24.84 26.08
CA GLN C 280 -17.76 24.47 25.10
C GLN C 280 -18.16 25.61 24.16
N TYR C 281 -17.27 25.94 23.22
CA TYR C 281 -17.52 27.00 22.25
C TYR C 281 -18.16 26.42 21.00
N ARG C 282 -18.00 25.11 20.81
CA ARG C 282 -18.55 24.40 19.66
C ARG C 282 -17.81 24.80 18.38
N ALA C 283 -16.69 25.47 18.55
CA ALA C 283 -15.87 25.91 17.43
C ALA C 283 -15.11 24.72 16.87
N LEU C 284 -15.79 23.97 16.01
CA LEU C 284 -15.22 22.79 15.39
C LEU C 284 -15.67 22.69 13.94
N THR C 285 -15.76 23.84 13.28
CA THR C 285 -16.18 23.90 11.88
C THR C 285 -15.29 23.05 10.99
N VAL C 286 -13.98 23.17 11.17
CA VAL C 286 -12.98 22.41 10.41
C VAL C 286 -11.53 22.86 10.64
N PRO C 287 -11.17 24.16 10.54
CA PRO C 287 -9.79 24.60 10.76
C PRO C 287 -9.38 24.47 12.22
N GLU C 288 -10.36 24.50 13.11
CA GLU C 288 -10.12 24.40 14.54
C GLU C 288 -9.61 23.00 14.88
N LEU C 289 -10.05 22.03 14.09
CA LEU C 289 -9.61 20.65 14.29
C LEU C 289 -8.17 20.52 13.83
N THR C 290 -7.86 21.15 12.71
CA THR C 290 -6.52 21.15 12.15
C THR C 290 -5.57 21.84 13.11
N GLN C 291 -6.02 22.95 13.67
CA GLN C 291 -5.24 23.73 14.63
C GLN C 291 -4.84 22.85 15.80
N GLN C 292 -5.82 22.14 16.33
CA GLN C 292 -5.60 21.24 17.45
C GLN C 292 -4.62 20.14 17.07
N MET C 293 -5.13 19.10 16.42
CA MET C 293 -4.36 17.96 15.94
C MET C 293 -2.93 18.26 15.47
N PHE C 294 -2.75 19.35 14.73
CA PHE C 294 -1.44 19.68 14.20
C PHE C 294 -0.56 20.50 15.16
N ASP C 295 -1.00 20.68 16.39
CA ASP C 295 -0.22 21.41 17.38
C ASP C 295 0.64 20.43 18.19
N ALA C 296 1.72 20.92 18.79
CA ALA C 296 2.60 20.10 19.62
C ALA C 296 1.75 19.51 20.74
N LYS C 297 1.36 20.35 21.67
CA LYS C 297 0.48 19.93 22.74
C LYS C 297 -0.78 19.37 22.07
N ASN C 298 -1.23 18.18 22.54
CA ASN C 298 -2.41 17.43 22.02
C ASN C 298 -1.94 16.07 21.49
N MET C 299 -0.64 15.92 21.39
CA MET C 299 -0.04 14.68 20.92
C MET C 299 0.15 13.74 22.10
N MET C 300 -0.52 12.59 22.04
CA MET C 300 -0.43 11.58 23.09
C MET C 300 0.98 11.09 23.36
N ALA C 301 1.90 11.37 22.46
CA ALA C 301 3.30 10.98 22.65
C ALA C 301 4.07 12.06 23.40
N ALA C 302 5.21 11.71 23.99
CA ALA C 302 6.00 12.69 24.72
C ALA C 302 6.76 13.61 23.77
N CYS C 303 7.25 13.04 22.68
CA CYS C 303 7.99 13.84 21.70
C CYS C 303 7.02 14.76 20.96
N ASP C 304 7.53 15.93 20.59
CA ASP C 304 6.72 16.90 19.87
C ASP C 304 7.04 16.90 18.40
N PRO C 305 6.00 16.90 17.55
CA PRO C 305 6.14 16.89 16.09
C PRO C 305 7.14 17.92 15.57
N ARG C 306 7.22 19.05 16.27
CA ARG C 306 8.14 20.11 15.89
C ARG C 306 9.61 19.69 15.96
N HIS C 307 9.89 18.57 16.62
CA HIS C 307 11.24 18.07 16.76
C HIS C 307 11.58 17.02 15.71
N GLY C 308 10.81 16.99 14.63
CA GLY C 308 11.06 16.02 13.58
C GLY C 308 10.11 16.14 12.43
N ARG C 309 10.62 15.87 11.24
CA ARG C 309 9.82 15.95 10.02
C ARG C 309 8.64 14.98 10.07
N TYR C 310 7.71 15.14 9.14
CA TYR C 310 6.55 14.26 9.08
C TYR C 310 6.80 13.29 7.95
N LEU C 311 6.35 12.06 8.11
CA LEU C 311 6.51 11.05 7.06
C LEU C 311 5.15 10.67 6.55
N THR C 312 4.20 10.56 7.47
CA THR C 312 2.84 10.21 7.13
C THR C 312 1.85 10.93 8.04
N VAL C 313 0.68 11.26 7.51
CA VAL C 313 -0.37 11.90 8.28
C VAL C 313 -1.69 11.24 7.92
N ALA C 314 -2.46 10.89 8.93
CA ALA C 314 -3.75 10.25 8.70
C ALA C 314 -4.85 10.97 9.47
N ALA C 315 -5.56 11.83 8.79
CA ALA C 315 -6.66 12.58 9.38
C ALA C 315 -7.97 11.88 9.08
N VAL C 316 -8.47 11.11 10.05
CA VAL C 316 -9.72 10.39 9.88
C VAL C 316 -10.87 11.16 10.51
N PHE C 317 -11.56 11.93 9.69
CA PHE C 317 -12.68 12.73 10.15
C PHE C 317 -13.93 11.88 10.28
N ARG C 318 -14.86 12.33 11.12
CA ARG C 318 -16.11 11.63 11.33
C ARG C 318 -17.22 12.62 11.70
N GLY C 319 -17.92 13.09 10.68
CA GLY C 319 -18.98 14.05 10.87
C GLY C 319 -19.34 14.72 9.55
N ARG C 320 -20.61 15.03 9.36
CA ARG C 320 -21.10 15.68 8.15
C ARG C 320 -20.32 16.95 7.83
N MET C 321 -19.47 16.88 6.80
CA MET C 321 -18.67 18.03 6.39
C MET C 321 -18.35 17.93 4.90
N SER C 322 -17.95 19.05 4.30
CA SER C 322 -17.63 19.10 2.88
C SER C 322 -16.16 18.81 2.63
N MET C 323 -15.89 17.93 1.67
CA MET C 323 -14.52 17.56 1.31
C MET C 323 -13.69 18.77 0.86
N LYS C 324 -14.34 19.90 0.65
CA LYS C 324 -13.64 21.10 0.21
C LYS C 324 -13.04 21.83 1.40
N GLU C 325 -13.78 21.95 2.49
CA GLU C 325 -13.27 22.62 3.68
C GLU C 325 -12.23 21.75 4.39
N VAL C 326 -12.24 20.47 4.07
CA VAL C 326 -11.32 19.52 4.67
C VAL C 326 -10.00 19.50 3.90
N ASP C 327 -10.08 19.08 2.64
CA ASP C 327 -8.92 18.98 1.76
C ASP C 327 -8.15 20.29 1.66
N GLU C 328 -8.88 21.39 1.56
CA GLU C 328 -8.27 22.71 1.46
C GLU C 328 -7.40 23.00 2.68
N GLN C 329 -8.02 22.91 3.85
CA GLN C 329 -7.32 23.14 5.11
C GLN C 329 -6.06 22.28 5.21
N MET C 330 -6.23 20.97 5.02
CA MET C 330 -5.13 20.01 5.08
C MET C 330 -3.95 20.45 4.22
N LEU C 331 -4.25 20.84 2.98
CA LEU C 331 -3.24 21.29 2.04
C LEU C 331 -2.51 22.53 2.58
N ASN C 332 -3.30 23.53 2.96
CA ASN C 332 -2.77 24.79 3.50
C ASN C 332 -1.71 24.56 4.57
N VAL C 333 -1.98 23.64 5.49
CA VAL C 333 -1.04 23.35 6.58
C VAL C 333 0.28 22.81 6.03
N GLN C 334 0.19 21.95 5.01
CA GLN C 334 1.39 21.36 4.41
C GLN C 334 2.17 22.40 3.61
N ASN C 335 1.52 23.51 3.31
CA ASN C 335 2.16 24.58 2.56
C ASN C 335 2.76 25.60 3.51
N LYS C 336 2.13 25.77 4.66
CA LYS C 336 2.60 26.72 5.67
C LYS C 336 3.76 26.18 6.48
N ASN C 337 3.73 24.87 6.77
CA ASN C 337 4.77 24.24 7.57
C ASN C 337 5.61 23.29 6.74
N SER C 338 5.93 23.71 5.51
CA SER C 338 6.73 22.91 4.59
C SER C 338 8.08 22.50 5.18
N SER C 339 8.55 23.29 6.16
CA SER C 339 9.82 23.02 6.83
C SER C 339 9.86 21.59 7.34
N TYR C 340 8.91 21.21 8.16
CA TYR C 340 8.85 19.85 8.67
C TYR C 340 7.62 19.14 8.15
N PHE C 341 7.77 18.53 6.98
CA PHE C 341 6.68 17.81 6.32
C PHE C 341 7.23 16.95 5.20
N VAL C 342 8.51 16.63 5.29
CA VAL C 342 9.21 15.81 4.31
C VAL C 342 9.27 16.43 2.91
N GLU C 343 10.29 16.05 2.16
CA GLU C 343 10.47 16.58 0.81
C GLU C 343 10.19 15.54 -0.26
N TRP C 344 10.63 14.30 -0.02
CA TRP C 344 10.44 13.21 -0.99
C TRP C 344 8.99 12.73 -1.13
N ILE C 345 8.07 13.37 -0.44
CA ILE C 345 6.66 13.02 -0.52
C ILE C 345 5.81 14.27 -0.69
N PRO C 346 5.21 14.43 -1.87
CA PRO C 346 4.38 15.60 -2.20
C PRO C 346 3.21 15.81 -1.24
N ASN C 347 2.50 14.73 -0.91
CA ASN C 347 1.35 14.82 -0.01
C ASN C 347 1.30 13.67 1.00
N ASN C 348 1.90 13.91 2.15
CA ASN C 348 1.94 12.95 3.25
C ASN C 348 0.55 12.69 3.83
N VAL C 349 -0.27 13.73 3.86
CA VAL C 349 -1.61 13.64 4.43
C VAL C 349 -2.54 12.73 3.62
N LYS C 350 -3.15 11.79 4.32
CA LYS C 350 -4.11 10.88 3.72
C LYS C 350 -5.49 11.20 4.31
N THR C 351 -6.28 11.95 3.57
CA THR C 351 -7.59 12.37 4.02
C THR C 351 -8.61 11.23 4.09
N ALA C 352 -9.37 11.22 5.18
CA ALA C 352 -10.43 10.25 5.39
C ALA C 352 -11.61 10.97 6.04
N VAL C 353 -12.82 10.72 5.56
CA VAL C 353 -14.00 11.40 6.10
C VAL C 353 -15.17 10.43 6.25
N CYS C 354 -15.52 10.15 7.49
CA CYS C 354 -16.64 9.29 7.80
C CYS C 354 -17.92 10.14 7.84
N ASP C 355 -19.04 9.53 8.17
CA ASP C 355 -20.31 10.25 8.22
C ASP C 355 -20.79 10.35 9.65
N ILE C 356 -21.08 9.21 10.24
CA ILE C 356 -21.56 9.16 11.62
C ILE C 356 -20.44 9.47 12.62
N PRO C 357 -20.64 10.49 13.46
CA PRO C 357 -19.66 10.88 14.47
C PRO C 357 -19.90 10.07 15.75
N PRO C 358 -19.04 10.21 16.76
CA PRO C 358 -19.23 9.49 18.03
C PRO C 358 -20.47 10.00 18.77
N ARG C 359 -21.53 9.20 18.68
CA ARG C 359 -22.84 9.46 19.29
C ARG C 359 -23.15 10.91 19.72
N GLY C 360 -22.64 11.35 20.87
CA GLY C 360 -22.94 12.69 21.36
C GLY C 360 -22.21 13.84 20.69
N LEU C 361 -21.18 13.56 19.91
CA LEU C 361 -20.44 14.63 19.24
C LEU C 361 -20.98 14.90 17.83
N LYS C 362 -20.83 16.14 17.38
CA LYS C 362 -21.31 16.55 16.06
C LYS C 362 -20.19 16.50 15.01
N MET C 363 -18.97 16.80 15.43
CA MET C 363 -17.83 16.82 14.52
C MET C 363 -16.58 16.37 15.24
N SER C 364 -15.87 15.43 14.64
CA SER C 364 -14.65 14.90 15.22
C SER C 364 -13.65 14.50 14.15
N ALA C 365 -12.44 14.15 14.57
CA ALA C 365 -11.39 13.75 13.65
C ALA C 365 -10.25 13.09 14.41
N THR C 366 -9.97 11.85 14.06
CA THR C 366 -8.89 11.12 14.70
C THR C 366 -7.57 11.45 13.98
N PHE C 367 -6.54 11.76 14.74
CA PHE C 367 -5.24 12.11 14.16
C PHE C 367 -4.21 11.01 14.38
N ILE C 368 -3.53 10.67 13.29
CA ILE C 368 -2.47 9.66 13.32
C ILE C 368 -1.24 10.23 12.63
N GLY C 369 -0.23 10.59 13.40
CA GLY C 369 0.97 11.16 12.82
C GLY C 369 2.17 10.22 12.86
N ASN C 370 2.87 10.14 11.75
CA ASN C 370 4.07 9.30 11.63
C ASN C 370 5.27 10.20 11.36
N SER C 371 5.69 10.92 12.39
CA SER C 371 6.82 11.83 12.26
C SER C 371 8.11 11.17 12.75
N THR C 372 9.24 11.75 12.35
CA THR C 372 10.54 11.23 12.75
C THR C 372 10.89 11.73 14.15
N ALA C 373 9.99 12.53 14.71
CA ALA C 373 10.16 13.09 16.04
C ALA C 373 10.16 12.00 17.11
N ILE C 374 9.63 10.83 16.76
CA ILE C 374 9.58 9.70 17.68
C ILE C 374 11.00 9.27 18.09
N GLN C 375 12.00 9.87 17.44
CA GLN C 375 13.39 9.62 17.74
C GLN C 375 13.67 10.09 19.16
N GLU C 376 13.05 11.22 19.53
CA GLU C 376 13.23 11.81 20.85
C GLU C 376 12.49 11.01 21.92
N LEU C 377 12.18 9.77 21.62
CA LEU C 377 11.50 8.89 22.55
C LEU C 377 12.31 7.59 22.67
N PHE C 378 12.62 6.99 21.52
CA PHE C 378 13.40 5.76 21.51
C PHE C 378 14.81 6.03 22.00
N LYS C 379 15.34 7.20 21.66
CA LYS C 379 16.68 7.60 22.08
C LYS C 379 16.75 7.58 23.60
N ARG C 380 15.72 8.14 24.22
CA ARG C 380 15.59 8.15 25.67
C ARG C 380 15.74 6.73 26.20
N ILE C 381 14.89 5.84 25.69
CA ILE C 381 14.90 4.43 26.08
C ILE C 381 16.31 3.83 25.97
N SER C 382 16.96 4.01 24.82
CA SER C 382 18.31 3.50 24.62
C SER C 382 19.24 4.05 25.70
N GLU C 383 19.13 5.34 25.97
CA GLU C 383 19.94 5.99 26.98
C GLU C 383 19.70 5.35 28.35
N GLN C 384 18.43 5.34 28.78
CA GLN C 384 18.05 4.74 30.06
C GLN C 384 18.59 3.32 30.17
N PHE C 385 18.35 2.52 29.12
CA PHE C 385 18.77 1.14 29.07
C PHE C 385 20.29 1.02 29.22
N THR C 386 21.02 1.51 28.22
CA THR C 386 22.48 1.46 28.21
C THR C 386 23.09 1.95 29.54
N ALA C 387 22.51 3.01 30.10
CA ALA C 387 22.99 3.58 31.36
C ALA C 387 22.97 2.57 32.51
N MET C 388 21.93 1.75 32.56
CA MET C 388 21.81 0.77 33.64
C MET C 388 22.33 -0.60 33.20
N PHE C 389 22.30 -0.84 31.89
CA PHE C 389 22.80 -2.09 31.33
C PHE C 389 24.30 -2.19 31.59
N ARG C 390 24.99 -1.06 31.45
CA ARG C 390 26.43 -0.98 31.72
C ARG C 390 26.79 -1.68 33.04
N ARG C 391 25.95 -1.51 34.05
CA ARG C 391 26.18 -2.12 35.35
C ARG C 391 25.40 -3.40 35.52
N LYS C 392 24.61 -3.73 34.50
CA LYS C 392 23.77 -4.93 34.50
C LYS C 392 22.82 -4.92 35.71
N ALA C 393 22.35 -3.71 36.04
CA ALA C 393 21.43 -3.43 37.16
C ALA C 393 20.66 -4.65 37.67
N PHE C 394 19.47 -4.85 37.17
CA PHE C 394 18.65 -5.98 37.59
C PHE C 394 18.72 -7.10 36.56
N LEU C 395 19.94 -7.42 36.12
CA LEU C 395 20.14 -8.47 35.13
C LEU C 395 19.90 -9.84 35.75
N HIS C 396 20.11 -9.92 37.06
CA HIS C 396 19.91 -11.15 37.79
C HIS C 396 18.46 -11.63 37.71
N TRP C 397 17.53 -10.68 37.67
CA TRP C 397 16.11 -11.00 37.60
C TRP C 397 15.75 -11.57 36.23
N TYR C 398 16.52 -11.20 35.21
CA TYR C 398 16.28 -11.67 33.85
C TYR C 398 16.98 -12.99 33.61
N THR C 399 18.29 -12.99 33.84
CA THR C 399 19.11 -14.19 33.66
C THR C 399 18.62 -15.34 34.53
N GLY C 400 18.22 -15.03 35.77
CA GLY C 400 17.74 -16.05 36.68
C GLY C 400 16.46 -16.70 36.22
N GLU C 401 15.74 -16.05 35.32
CA GLU C 401 14.50 -16.58 34.79
C GLU C 401 14.69 -17.15 33.38
N GLY C 402 15.95 -17.36 33.02
CA GLY C 402 16.26 -17.90 31.70
C GLY C 402 16.37 -16.83 30.62
N MET C 403 17.57 -16.31 30.47
CA MET C 403 17.83 -15.29 29.47
C MET C 403 19.23 -15.49 28.88
N ASP C 404 19.62 -14.63 27.95
CA ASP C 404 20.92 -14.71 27.31
C ASP C 404 21.56 -13.33 27.32
N GLU C 405 22.88 -13.28 27.41
CA GLU C 405 23.61 -12.01 27.42
C GLU C 405 23.47 -11.29 26.08
N MET C 406 23.21 -12.06 25.04
CA MET C 406 23.07 -11.50 23.70
C MET C 406 21.66 -10.94 23.48
N GLU C 407 20.72 -11.39 24.31
CA GLU C 407 19.34 -10.94 24.20
C GLU C 407 19.29 -9.43 24.36
N PHE C 408 20.11 -8.91 25.25
CA PHE C 408 20.19 -7.49 25.50
C PHE C 408 20.85 -6.76 24.34
N THR C 409 21.90 -7.37 23.77
CA THR C 409 22.60 -6.77 22.63
C THR C 409 21.67 -6.69 21.43
N GLU C 410 20.95 -7.78 21.17
CA GLU C 410 20.00 -7.85 20.08
C GLU C 410 19.01 -6.71 20.18
N ALA C 411 18.31 -6.66 21.31
CA ALA C 411 17.31 -5.62 21.57
C ALA C 411 17.90 -4.22 21.44
N GLU C 412 18.98 -3.95 22.17
CA GLU C 412 19.62 -2.64 22.13
C GLU C 412 20.01 -2.24 20.72
N SER C 413 20.75 -3.12 20.03
CA SER C 413 21.18 -2.87 18.66
C SER C 413 19.98 -2.56 17.77
N ASN C 414 19.03 -3.50 17.73
CA ASN C 414 17.82 -3.37 16.94
C ASN C 414 17.15 -2.00 17.15
N MET C 415 16.76 -1.73 18.38
CA MET C 415 16.09 -0.48 18.73
C MET C 415 16.96 0.74 18.42
N ASN C 416 18.26 0.65 18.69
CA ASN C 416 19.19 1.76 18.42
C ASN C 416 19.25 2.02 16.92
N ASP C 417 19.17 0.96 16.14
CA ASP C 417 19.20 1.06 14.68
C ASP C 417 17.92 1.74 14.19
N LEU C 418 16.83 1.46 14.90
CA LEU C 418 15.53 2.04 14.58
C LEU C 418 15.60 3.56 14.70
N VAL C 419 16.30 4.03 15.72
CA VAL C 419 16.47 5.46 15.95
C VAL C 419 17.21 6.06 14.75
N SER C 420 18.29 5.39 14.37
CA SER C 420 19.10 5.78 13.23
C SER C 420 18.25 5.87 11.95
N GLU C 421 17.55 4.78 11.64
CA GLU C 421 16.69 4.70 10.46
C GLU C 421 15.81 5.94 10.28
N TYR C 422 15.09 6.31 11.34
CA TYR C 422 14.23 7.49 11.31
C TYR C 422 15.01 8.76 10.97
N GLN C 423 16.24 8.83 11.46
CA GLN C 423 17.09 9.99 11.22
C GLN C 423 17.57 10.03 9.77
N GLN C 424 17.70 8.85 9.16
CA GLN C 424 18.14 8.74 7.77
C GLN C 424 17.15 9.39 6.81
N TYR C 425 15.90 9.53 7.28
CA TYR C 425 14.86 10.12 6.46
C TYR C 425 14.51 11.53 6.93
N GLN C 426 14.88 11.83 8.17
CA GLN C 426 14.63 13.15 8.75
C GLN C 426 15.40 14.23 7.99
N ASP C 427 16.61 13.89 7.54
CA ASP C 427 17.43 14.83 6.79
C ASP C 427 17.51 14.44 5.33
PB ADP D . 17.18 -24.61 -13.96
O1B ADP D . 17.68 -23.23 -14.35
O2B ADP D . 15.68 -24.69 -13.75
O3B ADP D . 17.96 -25.17 -12.81
PA ADP D . 18.46 -26.79 -15.26
O1A ADP D . 17.70 -27.90 -14.59
O2A ADP D . 19.79 -26.35 -14.74
O3A ADP D . 17.50 -25.49 -15.26
O5' ADP D . 18.57 -27.15 -16.82
C5' ADP D . 17.42 -27.36 -17.63
C4' ADP D . 17.73 -28.56 -18.52
O4' ADP D . 18.66 -28.18 -19.54
C3' ADP D . 18.40 -29.63 -17.67
O3' ADP D . 18.00 -30.92 -18.16
C2' ADP D . 19.89 -29.44 -17.93
O2' ADP D . 20.56 -30.69 -17.85
C1' ADP D . 19.92 -28.84 -19.33
N9 ADP D . 21.01 -27.83 -19.43
C8 ADP D . 21.02 -26.62 -18.83
N7 ADP D . 22.16 -25.94 -19.14
C5 ADP D . 22.88 -26.71 -19.99
C6 ADP D . 24.15 -26.58 -20.71
N6 ADP D . 24.91 -25.47 -20.58
N1 ADP D . 24.53 -27.61 -21.50
C2 ADP D . 23.78 -28.72 -21.63
N3 ADP D . 22.61 -28.91 -21.00
C4 ADP D . 22.12 -27.96 -20.18
MG MG E . 16.94 -26.27 -11.15
PG GTP F . -9.87 1.72 -3.14
O1G GTP F . -9.49 0.23 -3.27
O2G GTP F . -10.80 1.99 -1.98
O3G GTP F . -8.52 2.41 -2.98
O3B GTP F . -10.70 2.30 -4.45
PB GTP F . -11.25 3.84 -4.65
O1B GTP F . -10.70 4.31 -5.97
O2B GTP F . -12.70 3.89 -4.44
O3A GTP F . -10.47 4.66 -3.62
PA GTP F . -10.59 6.06 -3.02
O1A GTP F . -11.96 6.33 -2.53
O2A GTP F . -9.50 6.22 -2.01
O5' GTP F . -10.21 7.04 -4.29
C5' GTP F . -10.27 8.42 -3.94
C4' GTP F . -9.93 9.38 -5.03
O4' GTP F . -11.11 9.71 -5.80
C3' GTP F . -9.47 10.68 -4.40
O3' GTP F . -8.63 11.37 -5.29
C2' GTP F . -10.79 11.39 -4.15
O2' GTP F . -10.58 12.80 -4.13
C1' GTP F . -11.67 10.96 -5.33
N9 GTP F . -13.09 10.72 -5.02
C8 GTP F . -13.60 9.84 -4.09
N7 GTP F . -14.90 9.84 -4.02
C5 GTP F . -15.28 10.78 -4.94
C6 GTP F . -16.56 11.23 -5.31
O6 GTP F . -17.63 10.83 -4.85
N1 GTP F . -16.54 12.22 -6.31
C2 GTP F . -15.39 12.72 -6.89
N2 GTP F . -15.55 13.64 -7.79
N3 GTP F . -14.17 12.32 -6.55
C4 GTP F . -14.17 11.35 -5.58
MG MG G . -13.23 2.21 -1.82
PB GDP H . 2.17 -5.74 33.81
O1B GDP H . 2.08 -6.31 32.45
O2B GDP H . 0.96 -5.54 34.47
O3B GDP H . 3.25 -6.63 34.66
O3A GDP H . 2.78 -4.31 33.63
PA GDP H . 2.16 -2.82 34.10
O1A GDP H . 0.93 -2.54 33.30
O2A GDP H . 1.97 -2.88 35.60
O5' GDP H . 3.29 -1.87 33.62
C5' GDP H . 3.48 -0.55 34.22
C4' GDP H . 3.40 0.56 33.30
O4' GDP H . 2.03 0.62 32.74
C3' GDP H . 3.53 1.99 33.95
O3' GDP H . 4.30 2.81 33.00
C2' GDP H . 2.12 2.61 34.09
O2' GDP H . 1.97 4.04 33.98
C1' GDP H . 1.33 1.92 32.98
N9 GDP H . -0.06 1.61 33.33
C8 GDP H . -0.35 0.54 34.33
N7 GDP H . -1.74 0.70 34.23
C5 GDP H . -2.26 1.61 33.42
C6 GDP H . -3.45 2.20 32.93
O6 GDP H . -4.60 1.70 33.41
N1 GDP H . -3.49 3.19 32.00
C2 GDP H . -2.21 3.71 31.47
N2 GDP H . -2.49 4.67 30.62
N3 GDP H . -1.11 3.24 31.89
C4 GDP H . -1.11 2.23 32.78
O01 TA1 I . -17.25 13.16 28.91
C01 TA1 I . -17.48 13.72 27.60
C02 TA1 I . -16.31 14.82 27.37
O02 TA1 I . -15.08 13.98 27.46
C03 TA1 I . -14.27 14.13 28.61
O03 TA1 I . -14.49 14.92 29.49
C04 TA1 I . -13.13 13.26 28.59
C05 TA1 I . -12.96 12.57 29.87
C06 TA1 I . -11.78 11.64 29.92
C07 TA1 I . -10.92 11.47 28.81
C08 TA1 I . -11.16 12.11 27.76
C09 TA1 I . -12.23 13.02 27.54
C10 TA1 I . -16.25 15.61 25.95
C11 TA1 I . -14.78 15.71 25.30
O04 TA1 I . -14.21 14.38 24.96
C12 TA1 I . -14.74 13.59 23.96
O05 TA1 I . -15.67 13.89 23.27
C13 TA1 I . -13.94 12.31 23.85
C14 TA1 I . -13.62 16.34 26.11
O06 TA1 I . -13.35 17.34 25.11
C15 TA1 I . -14.41 16.82 24.28
C16 TA1 I . -15.48 17.90 23.94
C17 TA1 I . -16.89 17.54 24.40
O07 TA1 I . -17.79 18.64 24.08
C18 TA1 I . -16.96 17.13 25.95
C19 TA1 I . -16.20 18.19 26.80
C20 TA1 I . -18.49 17.27 26.48
O08 TA1 I . -18.75 18.09 27.33
C21 TA1 I . -19.61 16.37 25.96
O09 TA1 I . -20.87 16.75 26.68
C22 TA1 I . -21.91 17.35 25.99
O10 TA1 I . -21.91 17.61 24.84
C23 TA1 I . -23.05 17.65 26.93
C24 TA1 I . -19.27 14.89 26.17
C25 TA1 I . -19.09 14.06 25.07
C26 TA1 I . -18.58 12.61 25.37
O11 TA1 I . -18.07 11.90 24.19
C27 TA1 I . -18.90 11.12 23.53
O12 TA1 I . -20.05 10.92 23.76
C28 TA1 I . -18.17 10.44 22.34
O13 TA1 I . -19.09 9.58 21.70
C29 TA1 I . -16.94 9.68 22.90
N01 TA1 I . -17.42 8.83 23.98
C30 TA1 I . -16.64 8.44 25.01
O14 TA1 I . -15.46 8.75 25.13
C31 TA1 I . -17.35 7.61 26.03
C32 TA1 I . -17.94 6.38 25.75
C33 TA1 I . -18.62 5.65 26.77
C34 TA1 I . -18.69 6.17 28.08
C35 TA1 I . -18.10 7.39 28.37
C36 TA1 I . -17.44 8.13 27.38
C37 TA1 I . -16.18 8.93 21.79
C38 TA1 I . -15.13 9.59 21.15
C39 TA1 I . -14.39 8.96 20.11
C40 TA1 I . -14.73 7.66 19.72
C41 TA1 I . -15.77 7.00 20.35
C42 TA1 I . -16.51 7.63 21.39
C43 TA1 I . -17.42 12.63 26.43
C44 TA1 I . -19.26 14.46 23.61
C45 TA1 I . -19.02 14.34 27.66
C46 TA1 I . -20.12 13.23 27.98
C47 TA1 I . -19.17 15.31 28.86
N SER A 41 36.14 -1.59 -3.46
CA SER A 41 35.86 -2.71 -2.58
C SER A 41 35.52 -3.94 -3.40
N GLU A 42 35.44 -5.08 -2.75
CA GLU A 42 35.13 -6.30 -3.45
C GLU A 42 33.71 -6.26 -3.98
N LYS A 43 33.57 -5.91 -5.24
CA LYS A 43 32.27 -5.88 -5.87
C LYS A 43 32.00 -7.26 -6.38
N VAL A 44 30.75 -7.71 -6.30
CA VAL A 44 30.42 -9.04 -6.74
C VAL A 44 30.83 -9.21 -8.19
N LYS A 45 31.59 -10.27 -8.44
CA LYS A 45 32.01 -10.55 -9.79
C LYS A 45 30.80 -11.09 -10.51
N VAL A 46 30.45 -10.49 -11.61
CA VAL A 46 29.29 -10.93 -12.34
C VAL A 46 29.70 -11.68 -13.58
N TYR A 47 29.24 -12.90 -13.69
CA TYR A 47 29.54 -13.72 -14.83
C TYR A 47 28.22 -14.11 -15.46
N LEU A 48 28.14 -13.99 -16.77
CA LEU A 48 26.91 -14.32 -17.46
C LEU A 48 27.08 -15.61 -18.22
N ARG A 49 26.13 -16.50 -18.05
CA ARG A 49 26.16 -17.78 -18.72
C ARG A 49 24.92 -17.95 -19.54
N ILE A 50 25.10 -18.33 -20.78
CA ILE A 50 23.99 -18.56 -21.68
C ILE A 50 23.95 -20.04 -21.99
N ARG A 51 22.82 -20.68 -21.75
CA ARG A 51 22.74 -22.11 -22.03
C ARG A 51 22.24 -22.36 -23.43
N PRO A 52 22.56 -23.53 -24.00
CA PRO A 52 22.12 -23.91 -25.34
C PRO A 52 20.63 -24.16 -25.38
N PHE A 53 20.02 -23.92 -26.52
CA PHE A 53 18.59 -24.13 -26.68
C PHE A 53 18.23 -25.58 -26.41
N LEU A 54 17.13 -25.78 -25.71
CA LEU A 54 16.66 -27.12 -25.40
C LEU A 54 16.09 -27.74 -26.67
N THR A 55 16.01 -29.06 -26.69
CA THR A 55 15.50 -29.79 -27.85
C THR A 55 14.16 -29.23 -28.32
N SER A 56 13.22 -29.11 -27.39
CA SER A 56 11.89 -28.60 -27.69
C SER A 56 11.92 -27.09 -27.89
N GLU A 57 12.79 -26.41 -27.14
CA GLU A 57 12.93 -24.97 -27.21
C GLU A 57 13.44 -24.52 -28.58
N LEU A 58 14.47 -25.20 -29.06
CA LEU A 58 15.07 -24.90 -30.35
C LEU A 58 14.09 -25.25 -31.46
N ASP A 59 13.37 -26.34 -31.26
CA ASP A 59 12.39 -26.80 -32.24
C ASP A 59 11.22 -25.84 -32.34
N ARG A 60 10.89 -25.19 -31.22
CA ARG A 60 9.80 -24.23 -31.18
C ARG A 60 10.13 -23.03 -32.06
N GLN A 61 11.33 -22.48 -31.84
CA GLN A 61 11.82 -21.33 -32.59
C GLN A 61 13.33 -21.25 -32.43
N GLU A 62 14.03 -20.85 -33.49
CA GLU A 62 15.47 -20.72 -33.42
C GLU A 62 15.81 -19.27 -33.04
N ASP A 63 15.41 -18.94 -31.83
CA ASP A 63 15.60 -17.59 -31.29
C ASP A 63 16.99 -17.41 -30.68
N GLN A 64 17.71 -18.52 -30.49
CA GLN A 64 19.04 -18.47 -29.89
C GLN A 64 19.90 -17.39 -30.52
N GLY A 65 20.56 -16.62 -29.68
CA GLY A 65 21.39 -15.54 -30.16
C GLY A 65 20.67 -14.22 -30.12
N CYS A 66 19.54 -14.16 -29.41
CA CYS A 66 18.78 -12.92 -29.29
C CYS A 66 19.65 -11.83 -28.69
N VAL A 67 20.47 -12.20 -27.73
CA VAL A 67 21.38 -11.26 -27.12
C VAL A 67 22.66 -11.23 -27.95
N CYS A 68 23.13 -10.05 -28.29
CA CYS A 68 24.32 -9.93 -29.08
C CYS A 68 25.53 -9.83 -28.16
N ILE A 69 26.66 -10.30 -28.64
CA ILE A 69 27.87 -10.31 -27.83
C ILE A 69 28.90 -9.30 -28.31
N GLU A 70 29.31 -8.43 -27.41
CA GLU A 70 30.33 -7.43 -27.68
C GLU A 70 31.26 -7.38 -26.48
N ASN A 71 32.52 -7.77 -26.69
CA ASN A 71 33.52 -7.83 -25.60
C ASN A 71 33.20 -9.06 -24.74
N THR A 72 34.17 -9.50 -23.96
CA THR A 72 33.96 -10.66 -23.10
C THR A 72 33.15 -10.28 -21.84
N GLU A 73 33.19 -9.02 -21.47
CA GLU A 73 32.49 -8.52 -20.29
C GLU A 73 31.05 -8.02 -20.53
N THR A 74 30.79 -7.50 -21.72
CA THR A 74 29.48 -6.90 -22.00
C THR A 74 28.60 -7.68 -22.96
N LEU A 75 27.31 -7.46 -22.80
CA LEU A 75 26.30 -8.08 -23.66
C LEU A 75 25.34 -7.00 -24.11
N VAL A 76 24.99 -7.02 -25.37
CA VAL A 76 24.04 -6.04 -25.88
C VAL A 76 22.71 -6.75 -26.17
N LEU A 77 21.63 -6.15 -25.75
CA LEU A 77 20.33 -6.76 -25.94
C LEU A 77 19.63 -6.17 -27.15
N GLN A 78 19.31 -7.04 -28.13
CA GLN A 78 18.68 -6.66 -29.38
C GLN A 78 17.64 -7.73 -29.63
N ALA A 79 16.34 -7.46 -29.36
CA ALA A 79 15.34 -8.47 -29.54
C ALA A 79 14.33 -8.03 -30.55
N PRO A 80 14.08 -8.87 -31.50
CA PRO A 80 13.04 -8.54 -32.43
C PRO A 80 11.75 -8.96 -31.80
N GLN A 95 10.72 -4.15 -30.24
CA GLN A 95 12.20 -4.11 -30.16
C GLN A 95 12.60 -3.57 -28.83
N ALA A 96 13.90 -3.67 -28.52
CA ALA A 96 14.40 -3.17 -27.28
C ALA A 96 15.88 -3.13 -27.42
N THR A 97 16.56 -2.13 -26.86
CA THR A 97 17.98 -2.19 -26.99
C THR A 97 18.51 -1.87 -25.64
N HIS A 98 19.38 -2.74 -25.11
CA HIS A 98 19.95 -2.45 -23.80
C HIS A 98 21.37 -2.98 -23.75
N LYS A 99 22.09 -2.66 -22.69
CA LYS A 99 23.45 -3.11 -22.53
C LYS A 99 23.65 -3.71 -21.15
N PHE A 100 24.19 -4.91 -21.11
CA PHE A 100 24.43 -5.59 -19.87
C PHE A 100 25.93 -5.69 -19.62
N THR A 101 26.41 -4.97 -18.62
CA THR A 101 27.82 -4.98 -18.32
C THR A 101 28.11 -5.91 -17.14
N PHE A 102 28.95 -6.90 -17.41
CA PHE A 102 29.33 -7.88 -16.40
C PHE A 102 30.85 -7.99 -16.37
N SER A 103 31.36 -8.85 -15.52
CA SER A 103 32.80 -9.05 -15.43
C SER A 103 33.26 -9.91 -16.59
N GLN A 104 32.49 -10.97 -16.88
CA GLN A 104 32.79 -11.88 -17.97
C GLN A 104 31.53 -12.65 -18.38
N ILE A 105 31.54 -13.20 -19.59
CA ILE A 105 30.40 -13.96 -20.09
C ILE A 105 30.85 -15.16 -20.92
N PHE A 106 30.09 -16.22 -20.86
CA PHE A 106 30.36 -17.41 -21.65
C PHE A 106 29.24 -17.60 -22.68
N GLY A 107 29.61 -17.99 -23.89
CA GLY A 107 28.64 -18.18 -24.95
C GLY A 107 27.67 -19.31 -24.70
N PRO A 108 26.54 -19.33 -25.43
CA PRO A 108 25.50 -20.37 -25.28
C PRO A 108 26.03 -21.77 -25.57
N GLU A 109 27.10 -21.84 -26.34
CA GLU A 109 27.71 -23.11 -26.71
C GLU A 109 28.54 -23.68 -25.56
N VAL A 110 28.98 -22.83 -24.66
CA VAL A 110 29.78 -23.24 -23.53
C VAL A 110 28.99 -24.11 -22.57
N GLY A 111 29.49 -25.31 -22.32
CA GLY A 111 28.84 -26.22 -21.41
C GLY A 111 29.21 -25.88 -19.98
N GLN A 112 28.84 -26.73 -19.04
CA GLN A 112 29.17 -26.47 -17.64
C GLN A 112 30.68 -26.62 -17.41
N VAL A 113 31.30 -27.57 -18.12
CA VAL A 113 32.74 -27.84 -17.98
C VAL A 113 33.61 -26.59 -18.03
N ALA A 114 33.38 -25.76 -19.05
CA ALA A 114 34.14 -24.52 -19.22
C ALA A 114 33.78 -23.49 -18.16
N PHE A 115 32.52 -23.51 -17.74
CA PHE A 115 32.05 -22.55 -16.74
C PHE A 115 32.55 -22.85 -15.33
N PHE A 116 32.59 -24.12 -14.95
CA PHE A 116 33.03 -24.47 -13.60
C PHE A 116 34.50 -24.15 -13.32
N ASN A 117 35.34 -24.26 -14.35
CA ASN A 117 36.77 -24.01 -14.18
C ASN A 117 37.11 -22.62 -13.62
N LEU A 118 36.34 -21.61 -14.03
CA LEU A 118 36.57 -20.26 -13.53
C LEU A 118 36.34 -20.20 -12.03
N THR A 119 35.28 -20.86 -11.59
CA THR A 119 34.93 -20.91 -10.18
C THR A 119 35.91 -21.79 -9.41
N MET A 120 36.45 -22.81 -10.08
CA MET A 120 37.41 -23.73 -9.48
C MET A 120 38.56 -22.96 -8.85
N LYS A 121 39.19 -22.10 -9.65
CA LYS A 121 40.30 -21.29 -9.20
C LYS A 121 39.90 -20.42 -8.01
N GLU A 122 38.66 -19.96 -8.02
CA GLU A 122 38.13 -19.11 -6.96
C GLU A 122 37.79 -19.88 -5.68
N MET A 123 37.32 -21.11 -5.84
CA MET A 123 36.92 -21.94 -4.69
C MET A 123 38.14 -22.44 -3.91
N VAL A 124 39.11 -22.98 -4.62
CA VAL A 124 40.32 -23.50 -3.99
C VAL A 124 41.14 -22.40 -3.30
N LYS A 125 41.12 -21.20 -3.88
CA LYS A 125 41.86 -20.09 -3.31
C LYS A 125 41.24 -19.56 -2.01
N ASP A 126 39.94 -19.78 -1.81
CA ASP A 126 39.27 -19.30 -0.61
C ASP A 126 39.89 -19.81 0.68
N VAL A 127 40.26 -21.09 0.69
CA VAL A 127 40.88 -21.67 1.89
C VAL A 127 42.16 -20.90 2.24
N LEU A 128 42.81 -20.37 1.21
CA LEU A 128 44.02 -19.58 1.36
C LEU A 128 43.67 -18.16 1.81
N LYS A 129 42.49 -17.71 1.42
CA LYS A 129 42.02 -16.37 1.73
C LYS A 129 41.83 -16.18 3.23
N GLY A 130 41.18 -17.14 3.88
CA GLY A 130 40.98 -17.03 5.32
C GLY A 130 39.70 -16.30 5.67
N GLN A 131 38.88 -16.04 4.66
CA GLN A 131 37.61 -15.36 4.84
C GLN A 131 36.48 -16.14 4.17
N ASN A 132 35.25 -15.66 4.29
CA ASN A 132 34.12 -16.34 3.67
C ASN A 132 34.05 -16.03 2.18
N TRP A 133 33.43 -16.94 1.43
CA TRP A 133 33.26 -16.78 0.00
C TRP A 133 31.87 -17.30 -0.37
N LEU A 134 31.20 -16.62 -1.27
CA LEU A 134 29.87 -17.04 -1.66
C LEU A 134 29.66 -16.87 -3.15
N ILE A 135 29.05 -17.86 -3.76
CA ILE A 135 28.74 -17.84 -5.18
C ILE A 135 27.24 -17.93 -5.35
N TYR A 136 26.67 -16.97 -6.04
CA TYR A 136 25.23 -16.94 -6.25
C TYR A 136 24.90 -17.22 -7.70
N THR A 137 23.97 -18.12 -7.93
CA THR A 137 23.53 -18.42 -9.27
C THR A 137 22.13 -17.85 -9.50
N TYR A 138 22.05 -16.87 -10.38
CA TYR A 138 20.79 -16.23 -10.66
C TYR A 138 20.38 -16.46 -12.11
N GLY A 139 19.09 -16.54 -12.34
CA GLY A 139 18.58 -16.74 -13.67
C GLY A 139 17.18 -17.29 -13.63
N VAL A 140 16.61 -17.51 -14.80
CA VAL A 140 15.27 -18.04 -14.92
C VAL A 140 15.30 -19.54 -14.68
N THR A 141 14.18 -20.10 -14.22
CA THR A 141 14.11 -21.54 -14.01
C THR A 141 14.39 -22.25 -15.34
N ASN A 142 15.17 -23.34 -15.26
CA ASN A 142 15.53 -24.13 -16.43
C ASN A 142 16.58 -23.44 -17.32
N SER A 143 17.11 -22.31 -16.86
CA SER A 143 18.13 -21.59 -17.62
C SER A 143 19.51 -22.22 -17.44
N GLY A 144 19.62 -23.17 -16.48
CA GLY A 144 20.89 -23.79 -16.23
C GLY A 144 21.35 -23.58 -14.82
N LYS A 145 20.48 -23.09 -13.92
CA LYS A 145 20.94 -22.87 -12.57
C LYS A 145 21.37 -24.15 -11.92
N THR A 146 20.53 -25.18 -11.99
CA THR A 146 20.75 -26.42 -11.35
C THR A 146 21.91 -27.13 -12.02
N TYR A 147 22.03 -26.91 -13.32
CA TYR A 147 23.03 -27.48 -14.16
C TYR A 147 24.34 -26.91 -13.70
N THR A 148 24.36 -25.58 -13.44
CA THR A 148 25.58 -24.95 -13.04
C THR A 148 25.96 -25.33 -11.63
N ILE A 149 24.97 -25.43 -10.72
CA ILE A 149 25.24 -25.77 -9.33
C ILE A 149 25.71 -27.20 -9.16
N GLN A 150 24.79 -28.16 -9.28
CA GLN A 150 25.12 -29.56 -9.10
C GLN A 150 25.54 -30.22 -10.40
N GLY A 151 24.91 -29.80 -11.50
CA GLY A 151 25.23 -30.39 -12.76
C GLY A 151 24.57 -31.74 -12.93
N THR A 152 24.78 -32.35 -14.06
CA THR A 152 24.21 -33.67 -14.33
C THR A 152 25.17 -34.74 -13.83
N SER A 153 24.77 -36.00 -13.95
CA SER A 153 25.62 -37.09 -13.53
C SER A 153 26.85 -37.17 -14.41
N LYS A 154 26.64 -37.01 -15.72
CA LYS A 154 27.72 -37.05 -16.70
C LYS A 154 28.54 -35.75 -16.66
N ASP A 155 27.86 -34.63 -16.63
CA ASP A 155 28.52 -33.33 -16.61
C ASP A 155 28.32 -32.66 -15.27
N ALA A 156 29.32 -32.80 -14.41
CA ALA A 156 29.29 -32.23 -13.06
C ALA A 156 29.38 -30.71 -13.11
N GLY A 157 28.73 -30.07 -12.14
CA GLY A 157 28.73 -28.62 -12.07
C GLY A 157 29.80 -28.04 -11.17
N ILE A 158 29.61 -26.79 -10.79
CA ILE A 158 30.55 -26.05 -9.94
C ILE A 158 30.66 -26.64 -8.53
N LEU A 159 29.57 -27.21 -8.03
CA LEU A 159 29.55 -27.77 -6.69
C LEU A 159 30.41 -29.03 -6.53
N PRO A 160 30.21 -30.09 -7.35
CA PRO A 160 31.00 -31.33 -7.24
C PRO A 160 32.50 -31.08 -7.37
N GLN A 161 32.89 -30.26 -8.34
CA GLN A 161 34.29 -29.97 -8.58
C GLN A 161 34.95 -29.24 -7.41
N SER A 162 34.19 -28.39 -6.72
CA SER A 162 34.71 -27.64 -5.59
C SER A 162 35.20 -28.56 -4.49
N LEU A 163 34.35 -29.48 -4.06
CA LEU A 163 34.71 -30.43 -3.00
C LEU A 163 35.84 -31.33 -3.45
N ALA A 164 35.84 -31.67 -4.73
CA ALA A 164 36.88 -32.52 -5.30
C ALA A 164 38.25 -31.85 -5.19
N LEU A 165 38.30 -30.57 -5.51
CA LEU A 165 39.53 -29.81 -5.46
C LEU A 165 39.94 -29.47 -4.03
N ILE A 166 38.95 -29.20 -3.18
CA ILE A 166 39.21 -28.88 -1.78
C ILE A 166 39.86 -30.06 -1.07
N PHE A 167 39.27 -31.24 -1.21
CA PHE A 167 39.81 -32.43 -0.59
C PHE A 167 41.12 -32.84 -1.24
N ASN A 168 41.25 -32.56 -2.53
CA ASN A 168 42.47 -32.88 -3.26
C ASN A 168 43.67 -32.21 -2.60
N SER A 169 43.51 -30.94 -2.25
CA SER A 169 44.57 -30.19 -1.58
C SER A 169 44.73 -30.62 -0.12
N LEU A 170 43.64 -31.15 0.45
CA LEU A 170 43.63 -31.61 1.84
C LEU A 170 44.59 -32.78 2.03
N ARG A 277 47.07 -29.60 9.53
CA ARG A 277 45.84 -30.36 9.45
C ARG A 277 44.69 -29.48 8.99
N PHE A 278 43.93 -29.98 8.01
CA PHE A 278 42.80 -29.24 7.49
C PHE A 278 41.52 -29.96 7.87
N SER A 279 40.56 -29.23 8.41
CA SER A 279 39.29 -29.80 8.80
C SER A 279 38.19 -29.11 8.00
N VAL A 280 37.22 -29.89 7.53
CA VAL A 280 36.14 -29.32 6.76
C VAL A 280 34.79 -29.84 7.22
N TRP A 281 33.89 -28.91 7.50
CA TRP A 281 32.54 -29.26 7.94
C TRP A 281 31.57 -28.98 6.81
N ILE A 282 30.50 -29.75 6.75
CA ILE A 282 29.53 -29.58 5.69
C ILE A 282 28.14 -29.26 6.22
N SER A 283 27.48 -28.34 5.52
CA SER A 283 26.13 -27.93 5.86
C SER A 283 25.38 -27.62 4.58
N PHE A 284 24.16 -28.11 4.48
CA PHE A 284 23.33 -27.88 3.31
C PHE A 284 21.89 -27.69 3.76
N PHE A 285 21.37 -26.49 3.52
CA PHE A 285 20.02 -26.19 3.92
C PHE A 285 19.27 -25.39 2.86
N GLU A 286 17.96 -25.42 2.94
CA GLU A 286 17.12 -24.72 2.00
C GLU A 286 16.18 -23.79 2.77
N ILE A 287 15.86 -22.66 2.19
CA ILE A 287 14.98 -21.70 2.83
C ILE A 287 13.67 -21.57 2.06
N TYR A 288 12.57 -21.85 2.76
CA TYR A 288 11.25 -21.77 2.16
C TYR A 288 10.32 -20.97 3.06
N ASN A 289 9.76 -19.89 2.52
CA ASN A 289 8.84 -19.04 3.27
C ASN A 289 9.50 -18.44 4.50
N GLU A 290 10.79 -18.09 4.35
CA GLU A 290 11.59 -17.51 5.43
C GLU A 290 11.90 -18.50 6.55
N LEU A 291 11.78 -19.78 6.25
CA LEU A 291 12.06 -20.84 7.22
C LEU A 291 13.20 -21.71 6.70
N LEU A 292 14.13 -22.06 7.58
CA LEU A 292 15.27 -22.88 7.20
C LEU A 292 15.00 -24.36 7.44
N TYR A 293 15.45 -25.19 6.52
CA TYR A 293 15.27 -26.62 6.61
C TYR A 293 16.62 -27.30 6.40
N ASP A 294 16.90 -28.34 7.17
CA ASP A 294 18.16 -29.06 7.04
C ASP A 294 18.01 -30.17 6.02
N LEU A 295 18.67 -29.99 4.90
CA LEU A 295 18.60 -30.95 3.80
C LEU A 295 19.43 -32.19 4.08
N LEU A 296 20.47 -32.05 4.96
CA LEU A 296 21.47 -33.07 5.20
C LEU A 296 20.85 -34.35 5.73
N GLU A 297 20.04 -34.32 6.83
CA GLU A 297 19.41 -35.55 7.26
C GLU A 297 17.91 -35.42 7.03
N PRO A 298 17.31 -36.34 6.25
CA PRO A 298 15.88 -36.27 5.96
C PRO A 298 14.83 -36.52 7.04
N PRO A 299 14.96 -37.27 8.11
CA PRO A 299 13.84 -37.37 9.03
C PRO A 299 13.63 -36.07 9.74
N SER A 300 12.39 -35.54 9.70
CA SER A 300 12.21 -34.27 10.32
C SER A 300 11.18 -34.41 11.41
N GLN A 306 8.08 -27.11 10.31
CA GLN A 306 9.56 -27.18 10.29
C GLN A 306 10.08 -25.82 10.68
N THR A 307 10.96 -25.73 11.69
CA THR A 307 11.47 -24.44 12.01
C THR A 307 12.89 -24.58 12.46
N LEU A 308 13.73 -23.58 12.17
CA LEU A 308 15.09 -23.73 12.59
C LEU A 308 15.33 -22.57 13.49
N ARG A 309 16.43 -22.55 14.27
CA ARG A 309 16.58 -21.39 15.12
C ARG A 309 17.76 -20.53 14.66
N LEU A 310 17.86 -19.32 15.19
CA LEU A 310 18.94 -18.42 14.81
C LEU A 310 19.72 -18.01 16.04
N CYS A 311 21.03 -18.10 15.95
CA CYS A 311 21.88 -17.74 17.06
C CYS A 311 22.63 -16.46 16.74
N GLU A 312 22.83 -15.64 17.75
CA GLU A 312 23.54 -14.40 17.57
C GLU A 312 24.66 -14.33 18.59
N ASP A 313 25.85 -13.94 18.14
CA ASP A 313 26.98 -13.83 19.05
C ASP A 313 26.77 -12.57 19.86
N GLN A 314 27.42 -12.47 21.01
CA GLN A 314 27.29 -11.31 21.89
C GLN A 314 27.59 -10.00 21.19
N ASN A 315 28.44 -10.07 20.18
CA ASN A 315 28.83 -8.90 19.40
C ASN A 315 27.74 -8.45 18.44
N GLY A 316 26.80 -9.34 18.15
CA GLY A 316 25.73 -8.99 17.22
C GLY A 316 25.83 -9.76 15.91
N ASN A 317 26.82 -10.63 15.79
CA ASN A 317 26.99 -11.43 14.58
C ASN A 317 26.05 -12.62 14.59
N PRO A 318 25.18 -12.73 13.59
CA PRO A 318 24.24 -13.84 13.49
C PRO A 318 24.86 -15.07 12.85
N TYR A 319 24.48 -16.23 13.37
CA TYR A 319 24.96 -17.51 12.88
C TYR A 319 23.80 -18.49 12.87
N VAL A 320 23.83 -19.46 11.97
CA VAL A 320 22.76 -20.43 11.90
C VAL A 320 22.91 -21.45 13.03
N LYS A 321 21.85 -21.62 13.82
CA LYS A 321 21.90 -22.56 14.93
C LYS A 321 21.07 -23.80 14.62
N ASP A 322 21.50 -24.92 15.20
CA ASP A 322 20.84 -26.22 15.03
C ASP A 322 21.01 -26.74 13.62
N LEU A 323 22.02 -26.23 12.92
CA LEU A 323 22.31 -26.68 11.57
C LEU A 323 23.16 -27.93 11.69
N ASN A 324 22.84 -28.96 10.93
CA ASN A 324 23.59 -30.19 11.00
C ASN A 324 24.93 -30.04 10.30
N TRP A 325 25.99 -30.07 11.09
CA TRP A 325 27.35 -29.95 10.58
C TRP A 325 28.07 -31.27 10.75
N ILE A 326 28.63 -31.76 9.66
CA ILE A 326 29.36 -33.03 9.69
C ILE A 326 30.72 -32.88 9.03
N HIS A 327 31.72 -33.52 9.59
CA HIS A 327 33.07 -33.48 9.05
C HIS A 327 33.17 -34.50 7.91
N VAL A 328 33.94 -34.19 6.89
CA VAL A 328 34.08 -35.08 5.75
C VAL A 328 35.50 -35.61 5.60
N ARG A 329 35.63 -36.92 5.74
CA ARG A 329 36.90 -37.60 5.64
C ARG A 329 37.27 -37.88 4.19
N ASP A 330 36.26 -38.11 3.35
CA ASP A 330 36.49 -38.41 1.94
C ASP A 330 35.95 -37.33 1.01
N VAL A 331 36.51 -37.26 -0.19
CA VAL A 331 36.09 -36.27 -1.20
C VAL A 331 34.69 -36.56 -1.72
N GLU A 332 34.43 -37.81 -2.09
CA GLU A 332 33.13 -38.19 -2.61
C GLU A 332 32.09 -38.08 -1.52
N GLU A 333 32.50 -38.37 -0.29
CA GLU A 333 31.62 -38.29 0.86
C GLU A 333 31.01 -36.89 0.98
N ALA A 334 31.83 -35.87 0.74
CA ALA A 334 31.36 -34.50 0.80
C ALA A 334 30.27 -34.23 -0.23
N TRP A 335 30.55 -34.61 -1.47
CA TRP A 335 29.58 -34.43 -2.55
C TRP A 335 28.34 -35.28 -2.31
N LYS A 336 28.54 -36.50 -1.82
CA LYS A 336 27.43 -37.41 -1.54
C LYS A 336 26.55 -36.87 -0.42
N LEU A 337 27.17 -36.33 0.62
CA LEU A 337 26.43 -35.77 1.75
C LEU A 337 25.55 -34.62 1.31
N LEU A 338 26.09 -33.75 0.45
CA LEU A 338 25.31 -32.63 -0.04
C LEU A 338 24.27 -33.11 -1.05
N LYS A 339 24.60 -34.19 -1.75
CA LYS A 339 23.70 -34.77 -2.73
C LYS A 339 22.42 -35.27 -2.04
N VAL A 340 22.57 -35.75 -0.80
CA VAL A 340 21.42 -36.24 -0.04
C VAL A 340 20.39 -35.12 0.09
N GLY A 341 20.87 -33.93 0.42
CA GLY A 341 19.99 -32.79 0.55
C GLY A 341 19.46 -32.36 -0.79
N ARG A 342 20.32 -32.44 -1.81
CA ARG A 342 19.95 -32.06 -3.15
C ARG A 342 18.86 -32.99 -3.68
N LYS A 343 18.89 -34.25 -3.24
CA LYS A 343 17.88 -35.22 -3.63
C LYS A 343 16.53 -34.81 -3.08
N ASN A 344 16.52 -34.39 -1.82
CA ASN A 344 15.29 -33.96 -1.14
C ASN A 344 14.63 -32.80 -1.88
N GLN A 345 15.38 -31.72 -2.06
CA GLN A 345 14.86 -30.54 -2.75
C GLN A 345 14.77 -30.75 -4.26
N SER A 346 15.39 -31.83 -4.73
CA SER A 346 15.39 -32.17 -6.15
C SER A 346 16.04 -31.08 -7.00
N ARG A 358 12.07 -23.42 -6.73
CA ARG A 358 11.04 -22.84 -5.88
C ARG A 358 11.62 -22.06 -4.70
N SER A 359 12.63 -22.63 -4.07
CA SER A 359 13.24 -22.01 -2.91
C SER A 359 14.72 -21.70 -3.14
N HIS A 360 15.41 -21.29 -2.08
CA HIS A 360 16.82 -20.99 -2.16
C HIS A 360 17.64 -22.13 -1.57
N SER A 361 18.66 -22.54 -2.28
CA SER A 361 19.51 -23.61 -1.82
C SER A 361 20.86 -23.04 -1.43
N ILE A 362 21.35 -23.41 -0.26
CA ILE A 362 22.63 -22.89 0.19
C ILE A 362 23.50 -23.98 0.81
N PHE A 363 24.68 -24.15 0.24
CA PHE A 363 25.63 -25.14 0.70
C PHE A 363 26.81 -24.42 1.35
N SER A 364 27.02 -24.65 2.63
CA SER A 364 28.10 -24.00 3.33
C SER A 364 29.11 -25.00 3.87
N ILE A 365 30.39 -24.74 3.64
CA ILE A 365 31.46 -25.59 4.13
C ILE A 365 32.52 -24.76 4.83
N ARG A 366 32.87 -25.14 6.04
CA ARG A 366 33.87 -24.43 6.80
C ARG A 366 35.19 -25.16 6.74
N ILE A 367 36.24 -24.45 6.38
CA ILE A 367 37.56 -25.02 6.27
C ILE A 367 38.45 -24.49 7.38
N LEU A 368 39.01 -25.43 8.14
CA LEU A 368 39.89 -25.12 9.24
C LEU A 368 41.30 -25.45 8.81
N HIS A 369 42.20 -24.48 8.92
CA HIS A 369 43.59 -24.68 8.54
C HIS A 369 44.50 -24.46 9.72
N LEU A 370 45.21 -25.50 10.10
CA LEU A 370 46.15 -25.44 11.21
C LEU A 370 47.52 -25.93 10.78
N PRO A 378 43.59 -20.06 13.84
CA PRO A 378 43.48 -20.98 12.70
C PRO A 378 42.78 -20.31 11.54
N LYS A 379 43.37 -20.39 10.36
CA LYS A 379 42.79 -19.80 9.18
C LYS A 379 41.47 -20.51 8.90
N ILE A 380 40.39 -19.74 8.87
CA ILE A 380 39.07 -20.31 8.62
C ILE A 380 38.41 -19.68 7.42
N SER A 381 37.93 -20.52 6.52
CA SER A 381 37.25 -20.06 5.33
C SER A 381 35.87 -20.68 5.26
N GLU A 382 34.98 -20.08 4.50
CA GLU A 382 33.64 -20.58 4.35
C GLU A 382 33.22 -20.49 2.89
N LEU A 383 32.92 -21.63 2.30
CA LEU A 383 32.51 -21.66 0.91
C LEU A 383 31.02 -21.91 0.86
N SER A 384 30.29 -21.01 0.24
CA SER A 384 28.85 -21.16 0.15
C SER A 384 28.37 -21.17 -1.28
N LEU A 385 27.73 -22.27 -1.66
CA LEU A 385 27.19 -22.44 -3.00
C LEU A 385 25.71 -22.13 -2.89
N CYS A 386 25.26 -21.07 -3.52
CA CYS A 386 23.88 -20.68 -3.43
C CYS A 386 23.14 -20.75 -4.74
N ASP A 387 22.02 -21.45 -4.71
CA ASP A 387 21.14 -21.59 -5.85
C ASP A 387 19.88 -20.80 -5.49
N LEU A 388 19.75 -19.65 -6.18
CA LEU A 388 18.65 -18.73 -6.01
C LEU A 388 17.51 -19.14 -6.89
N ALA A 389 16.31 -18.77 -6.43
CA ALA A 389 15.06 -18.90 -7.11
C ALA A 389 15.00 -17.72 -8.00
N ALA A 406 3.70 -15.54 -0.40
CA ALA A 406 4.92 -16.02 0.23
C ALA A 406 5.72 -14.82 0.69
N GLY A 407 6.18 -13.96 -0.28
CA GLY A 407 6.56 -12.62 0.12
C GLY A 407 8.04 -12.50 0.39
N ASN A 408 8.65 -13.60 0.83
CA ASN A 408 10.06 -13.60 1.13
C ASN A 408 10.93 -13.52 -0.13
N ILE A 409 10.45 -14.09 -1.25
CA ILE A 409 11.22 -14.07 -2.49
C ILE A 409 11.26 -12.67 -3.10
N ASN A 410 10.08 -12.04 -3.23
CA ASN A 410 10.01 -10.70 -3.80
C ASN A 410 10.72 -9.69 -2.92
N THR A 411 10.64 -9.90 -1.62
CA THR A 411 11.31 -9.02 -0.66
C THR A 411 12.82 -9.18 -0.75
N SER A 412 13.28 -10.42 -0.62
CA SER A 412 14.72 -10.71 -0.67
C SER A 412 15.36 -10.16 -1.94
N LEU A 413 14.68 -10.34 -3.08
CA LEU A 413 15.20 -9.85 -4.34
C LEU A 413 15.36 -8.34 -4.33
N HIS A 414 14.35 -7.65 -3.81
CA HIS A 414 14.38 -6.20 -3.73
C HIS A 414 15.41 -5.72 -2.72
N THR A 415 15.45 -6.35 -1.56
CA THR A 415 16.40 -5.98 -0.52
C THR A 415 17.82 -6.15 -1.03
N LEU A 416 18.04 -7.20 -1.83
CA LEU A 416 19.36 -7.45 -2.41
C LEU A 416 19.71 -6.30 -3.35
N GLY A 417 18.74 -5.89 -4.17
CA GLY A 417 18.94 -4.79 -5.08
C GLY A 417 19.19 -3.49 -4.34
N ARG A 418 18.52 -3.33 -3.21
CA ARG A 418 18.66 -2.15 -2.39
C ARG A 418 20.04 -2.13 -1.73
N CYS A 419 20.49 -3.28 -1.27
CA CYS A 419 21.79 -3.39 -0.62
C CYS A 419 22.95 -3.17 -1.60
N ILE A 420 22.83 -3.73 -2.80
CA ILE A 420 23.89 -3.58 -3.80
C ILE A 420 23.97 -2.13 -4.26
N ALA A 421 22.83 -1.46 -4.29
CA ALA A 421 22.78 -0.06 -4.69
C ALA A 421 23.41 0.80 -3.61
N ALA A 422 22.97 0.60 -2.37
CA ALA A 422 23.50 1.34 -1.25
C ALA A 422 25.00 1.08 -1.09
N LEU A 423 25.39 -0.17 -1.27
CA LEU A 423 26.78 -0.56 -1.15
C LEU A 423 27.62 0.08 -2.25
N ARG A 424 27.16 -0.03 -3.50
CA ARG A 424 27.89 0.56 -4.62
C ARG A 424 28.08 2.06 -4.43
N GLN A 425 27.06 2.71 -3.86
CA GLN A 425 27.11 4.15 -3.61
C GLN A 425 28.22 4.46 -2.61
N ASN A 426 28.21 3.75 -1.49
CA ASN A 426 29.21 3.94 -0.44
C ASN A 426 30.62 3.65 -0.95
N GLN A 427 30.74 2.64 -1.79
CA GLN A 427 32.03 2.27 -2.36
C GLN A 427 32.53 3.26 -3.40
N GLN A 428 31.62 3.75 -4.25
CA GLN A 428 32.01 4.71 -5.30
C GLN A 428 32.18 6.12 -4.76
N ASN A 429 31.37 6.55 -3.76
CA ASN A 429 31.38 7.91 -3.28
C ASN A 429 31.49 7.90 -1.79
N ARG A 430 31.29 9.11 -1.23
CA ARG A 430 31.19 9.41 0.17
C ARG A 430 29.88 10.14 0.27
N LEU A 435 22.71 3.99 4.16
CA LEU A 435 22.19 3.05 5.11
C LEU A 435 22.21 1.71 4.42
N ILE A 436 22.55 0.62 5.14
CA ILE A 436 22.54 -0.69 4.52
C ILE A 436 21.30 -1.49 4.94
N PRO A 437 20.54 -1.97 3.96
CA PRO A 437 19.27 -2.71 4.11
C PRO A 437 19.37 -4.12 4.63
N PHE A 438 20.55 -4.52 5.12
CA PHE A 438 20.76 -5.86 5.58
C PHE A 438 19.78 -6.24 6.67
N ARG A 439 19.50 -5.33 7.62
CA ARG A 439 18.64 -5.67 8.72
C ARG A 439 17.26 -6.01 8.26
N ASP A 440 16.78 -5.39 7.17
CA ASP A 440 15.44 -5.52 6.71
C ASP A 440 15.16 -6.98 6.43
N SER A 441 16.11 -7.74 5.89
CA SER A 441 15.97 -9.11 5.42
C SER A 441 16.92 -10.05 6.17
N LYS A 442 16.38 -11.16 6.65
CA LYS A 442 17.18 -12.14 7.40
C LYS A 442 18.18 -12.87 6.51
N LEU A 443 17.77 -13.09 5.26
CA LEU A 443 18.61 -13.78 4.28
C LEU A 443 19.96 -13.11 4.12
N THR A 444 19.93 -11.80 3.88
CA THR A 444 21.17 -11.05 3.72
C THR A 444 21.87 -10.83 5.06
N ARG A 445 21.08 -10.70 6.12
CA ARG A 445 21.63 -10.47 7.45
C ARG A 445 22.53 -11.62 7.91
N VAL A 446 22.13 -12.85 7.65
CA VAL A 446 22.93 -14.00 8.06
C VAL A 446 24.24 -14.07 7.27
N PHE A 447 24.19 -13.61 6.02
CA PHE A 447 25.36 -13.58 5.14
C PHE A 447 26.18 -12.30 5.33
N GLN A 448 25.70 -11.42 6.21
CA GLN A 448 26.34 -10.12 6.49
C GLN A 448 27.85 -10.20 6.67
N GLY A 449 28.31 -11.17 7.47
CA GLY A 449 29.74 -11.32 7.71
C GLY A 449 30.54 -11.40 6.43
N PHE A 450 30.02 -12.15 5.47
CA PHE A 450 30.66 -12.32 4.18
C PHE A 450 30.59 -11.05 3.32
N PHE A 451 29.41 -10.46 3.24
CA PHE A 451 29.18 -9.26 2.44
C PHE A 451 29.87 -8.02 2.99
N THR A 452 29.49 -7.62 4.19
CA THR A 452 30.06 -6.44 4.83
C THR A 452 31.54 -6.63 5.16
N GLY A 453 31.93 -7.88 5.39
CA GLY A 453 33.31 -8.19 5.68
C GLY A 453 34.12 -8.26 4.41
N ARG A 454 35.42 -8.50 4.54
CA ARG A 454 36.25 -8.59 3.36
C ARG A 454 36.08 -9.99 2.80
N GLY A 455 35.58 -10.10 1.60
CA GLY A 455 35.35 -11.39 1.01
C GLY A 455 34.97 -11.28 -0.44
N ARG A 456 35.34 -12.29 -1.21
CA ARG A 456 35.06 -12.30 -2.63
C ARG A 456 33.66 -12.82 -2.91
N SER A 457 32.88 -12.05 -3.63
CA SER A 457 31.51 -12.43 -3.95
C SER A 457 31.36 -12.70 -5.45
N CYS A 458 31.25 -13.97 -5.81
CA CYS A 458 31.07 -14.33 -7.21
C CYS A 458 29.59 -14.59 -7.52
N MET A 459 29.09 -14.00 -8.61
CA MET A 459 27.70 -14.20 -8.99
C MET A 459 27.61 -14.60 -10.47
N ILE A 460 26.98 -15.74 -10.71
CA ILE A 460 26.81 -16.24 -12.06
C ILE A 460 25.35 -16.10 -12.48
N VAL A 461 25.13 -15.50 -13.62
CA VAL A 461 23.79 -15.29 -14.15
C VAL A 461 23.57 -16.17 -15.37
N ASN A 462 22.76 -17.19 -15.22
CA ASN A 462 22.48 -18.07 -16.34
C ASN A 462 21.12 -17.72 -16.91
N VAL A 463 21.03 -17.65 -18.23
CA VAL A 463 19.78 -17.29 -18.86
C VAL A 463 19.64 -17.91 -20.25
N ASN A 464 18.43 -17.87 -20.78
CA ASN A 464 18.14 -18.40 -22.11
C ASN A 464 18.35 -17.33 -23.17
N PRO A 465 19.03 -17.69 -24.28
CA PRO A 465 19.28 -16.78 -25.40
C PRO A 465 18.00 -16.56 -26.21
N CYS A 466 16.94 -17.23 -25.79
CA CYS A 466 15.64 -17.16 -26.44
C CYS A 466 15.07 -15.74 -26.44
N ALA A 467 14.41 -15.37 -27.52
CA ALA A 467 13.82 -14.04 -27.66
C ALA A 467 12.58 -13.90 -26.79
N SER A 468 11.85 -15.00 -26.64
CA SER A 468 10.64 -15.00 -25.82
C SER A 468 11.01 -14.83 -24.34
N THR A 469 12.22 -15.26 -24.01
CA THR A 469 12.72 -15.16 -22.65
C THR A 469 13.38 -13.81 -22.38
N TYR A 470 13.49 -12.96 -23.42
CA TYR A 470 14.14 -11.64 -23.29
C TYR A 470 13.60 -10.84 -22.11
N ASP A 471 12.29 -10.84 -21.94
CA ASP A 471 11.65 -10.11 -20.85
C ASP A 471 12.16 -10.60 -19.50
N GLU A 472 12.36 -11.91 -19.39
CA GLU A 472 12.85 -12.59 -18.21
C GLU A 472 14.37 -12.28 -18.04
N THR A 473 15.06 -12.36 -19.17
CA THR A 473 16.51 -12.17 -19.23
C THR A 473 16.92 -10.81 -18.68
N LEU A 474 16.22 -9.77 -19.13
CA LEU A 474 16.51 -8.41 -18.69
C LEU A 474 16.41 -8.30 -17.16
N HIS A 475 15.41 -8.96 -16.59
CA HIS A 475 15.20 -8.94 -15.15
C HIS A 475 16.33 -9.63 -14.40
N ALA A 476 16.76 -10.77 -14.92
CA ALA A 476 17.84 -11.53 -14.31
C ALA A 476 19.15 -10.75 -14.33
N ALA A 477 19.47 -10.18 -15.49
CA ALA A 477 20.70 -9.41 -15.64
C ALA A 477 20.66 -8.11 -14.84
N LYS A 478 19.45 -7.60 -14.63
CA LYS A 478 19.25 -6.36 -13.89
C LYS A 478 19.57 -6.55 -12.41
N PHE A 479 19.30 -7.75 -11.91
CA PHE A 479 19.54 -8.07 -10.50
C PHE A 479 21.04 -8.13 -10.20
N SER A 480 21.79 -8.72 -11.15
CA SER A 480 23.23 -8.80 -11.13
C SER A 480 23.88 -7.46 -11.39
N ALA A 481 23.71 -6.84 -12.59
CA ALA A 481 24.43 -5.61 -12.79
C ALA A 481 23.84 -4.86 -13.92
N LEU A 482 24.29 -3.59 -14.05
CA LEU A 482 24.08 -2.61 -15.09
C LEU A 482 25.06 -1.56 -14.70
N ALA A 483 25.16 -0.46 -15.48
CA ALA A 483 26.11 0.57 -15.18
C ALA A 483 25.42 1.72 -14.43
N ARG B 2 -25.15 0.76 -30.52
CA ARG B 2 -26.05 1.85 -30.17
C ARG B 2 -26.11 2.04 -28.66
N GLU B 3 -26.24 0.94 -27.94
CA GLU B 3 -26.31 0.99 -26.48
C GLU B 3 -24.90 1.11 -25.89
N CYS B 4 -24.82 1.34 -24.59
CA CYS B 4 -23.54 1.47 -23.93
C CYS B 4 -23.65 1.16 -22.44
N ILE B 5 -23.13 0.01 -22.05
CA ILE B 5 -23.14 -0.39 -20.65
C ILE B 5 -22.09 0.45 -19.91
N SER B 6 -22.17 0.50 -18.60
CA SER B 6 -21.21 1.28 -17.82
C SER B 6 -20.65 0.47 -16.66
N ILE B 7 -19.36 0.55 -16.48
CA ILE B 7 -18.67 -0.17 -15.42
C ILE B 7 -18.10 0.78 -14.38
N HIS B 8 -18.83 0.97 -13.30
CA HIS B 8 -18.40 1.85 -12.23
C HIS B 8 -17.61 1.05 -11.20
N VAL B 9 -16.32 1.29 -11.14
CA VAL B 9 -15.46 0.56 -10.22
C VAL B 9 -14.74 1.49 -9.24
N GLY B 10 -14.57 1.04 -8.01
CA GLY B 10 -13.88 1.83 -7.02
C GLY B 10 -14.84 2.64 -6.16
N GLN B 11 -14.39 2.96 -4.95
CA GLN B 11 -15.20 3.73 -4.00
C GLN B 11 -15.77 4.99 -4.64
N ALA B 12 -14.88 5.80 -5.19
CA ALA B 12 -15.27 7.04 -5.85
C ALA B 12 -16.19 6.75 -7.05
N GLY B 13 -15.78 5.76 -7.85
CA GLY B 13 -16.53 5.38 -9.03
C GLY B 13 -17.97 5.00 -8.74
N VAL B 14 -18.22 4.50 -7.53
CA VAL B 14 -19.57 4.11 -7.14
C VAL B 14 -20.37 5.34 -6.74
N GLN B 15 -19.71 6.26 -6.04
CA GLN B 15 -20.36 7.49 -5.61
C GLN B 15 -20.71 8.38 -6.81
N ILE B 16 -19.78 8.48 -7.75
CA ILE B 16 -20.01 9.29 -8.94
C ILE B 16 -21.08 8.64 -9.82
N GLY B 17 -21.16 7.31 -9.76
CA GLY B 17 -22.14 6.60 -10.54
C GLY B 17 -23.53 6.82 -10.00
N ASN B 18 -23.65 6.79 -8.67
CA ASN B 18 -24.94 7.00 -8.00
C ASN B 18 -25.53 8.37 -8.37
N ALA B 19 -24.69 9.39 -8.33
CA ALA B 19 -25.12 10.75 -8.66
C ALA B 19 -25.54 10.86 -10.13
N CYS B 20 -24.70 10.33 -11.01
CA CYS B 20 -24.98 10.36 -12.44
C CYS B 20 -26.26 9.59 -12.77
N TRP B 21 -26.39 8.40 -12.21
CA TRP B 21 -27.56 7.57 -12.44
C TRP B 21 -28.84 8.20 -11.92
N GLU B 22 -28.72 8.95 -10.83
CA GLU B 22 -29.87 9.63 -10.25
C GLU B 22 -30.41 10.64 -11.25
N LEU B 23 -29.51 11.54 -11.67
CA LEU B 23 -29.84 12.56 -12.67
C LEU B 23 -30.44 11.94 -13.92
N TYR B 24 -29.81 10.84 -14.37
CA TYR B 24 -30.24 10.11 -15.55
C TYR B 24 -31.73 9.82 -15.54
N CYS B 25 -32.15 8.96 -14.61
CA CYS B 25 -33.55 8.60 -14.48
C CYS B 25 -34.45 9.82 -14.25
N LEU B 26 -33.91 10.83 -13.57
CA LEU B 26 -34.65 12.07 -13.28
C LEU B 26 -35.06 12.81 -14.54
N GLU B 27 -34.23 12.75 -15.58
CA GLU B 27 -34.55 13.43 -16.84
C GLU B 27 -35.12 12.46 -17.85
N HIS B 28 -35.50 11.28 -17.38
CA HIS B 28 -36.09 10.26 -18.23
C HIS B 28 -37.44 9.82 -17.67
N GLY B 29 -37.84 10.46 -16.58
CA GLY B 29 -39.11 10.15 -15.94
C GLY B 29 -39.13 8.75 -15.34
N ILE B 30 -38.00 8.30 -14.82
CA ILE B 30 -37.90 6.98 -14.23
C ILE B 30 -37.63 7.05 -12.73
N GLN B 31 -38.69 6.92 -11.95
CA GLN B 31 -38.59 6.92 -10.49
C GLN B 31 -37.85 5.67 -10.00
N PRO B 32 -37.56 5.58 -8.68
CA PRO B 32 -36.89 4.42 -8.07
C PRO B 32 -37.35 3.08 -8.65
N ASP B 33 -38.66 2.93 -8.80
CA ASP B 33 -39.21 1.70 -9.36
C ASP B 33 -39.60 1.94 -10.81
N GLY B 34 -38.78 1.42 -11.73
CA GLY B 34 -39.08 1.53 -13.12
C GLY B 34 -39.55 0.13 -13.51
N HIS B 61 -37.13 1.28 -15.30
CA HIS B 61 -37.10 -0.16 -15.62
C HIS B 61 -35.76 -0.68 -15.18
N VAL B 62 -35.09 -1.49 -16.02
CA VAL B 62 -33.79 -1.99 -15.63
C VAL B 62 -32.69 -1.17 -16.31
N PRO B 63 -31.69 -0.72 -15.53
CA PRO B 63 -30.56 0.07 -16.07
C PRO B 63 -29.64 -0.75 -16.97
N ARG B 64 -28.42 -0.25 -17.19
CA ARG B 64 -27.44 -0.93 -18.06
C ARG B 64 -26.02 -0.62 -17.60
N ALA B 65 -25.72 -0.90 -16.34
CA ALA B 65 -24.39 -0.67 -15.81
C ALA B 65 -24.13 -1.61 -14.64
N VAL B 66 -22.91 -1.59 -14.12
CA VAL B 66 -22.56 -2.44 -13.00
C VAL B 66 -21.65 -1.69 -12.04
N PHE B 67 -21.65 -2.12 -10.79
CA PHE B 67 -20.82 -1.51 -9.76
C PHE B 67 -19.91 -2.56 -9.14
N VAL B 68 -18.60 -2.28 -9.12
CA VAL B 68 -17.62 -3.22 -8.56
C VAL B 68 -16.70 -2.55 -7.56
N ASP B 69 -16.54 -3.15 -6.38
CA ASP B 69 -15.64 -2.63 -5.35
C ASP B 69 -15.23 -3.72 -4.37
N LEU B 70 -14.11 -3.52 -3.70
CA LEU B 70 -13.59 -4.50 -2.75
C LEU B 70 -14.05 -4.23 -1.32
N GLU B 71 -14.93 -3.25 -1.14
CA GLU B 71 -15.46 -2.94 0.18
C GLU B 71 -16.98 -2.98 0.14
N PRO B 72 -17.59 -3.95 0.85
CA PRO B 72 -19.04 -4.14 0.89
C PRO B 72 -19.79 -2.85 1.21
N THR B 73 -19.37 -2.16 2.27
CA THR B 73 -19.99 -0.91 2.71
C THR B 73 -20.15 0.13 1.59
N VAL B 74 -19.23 0.15 0.62
CA VAL B 74 -19.30 1.12 -0.45
C VAL B 74 -20.47 0.84 -1.39
N ILE B 75 -20.60 -0.41 -1.79
CA ILE B 75 -21.69 -0.83 -2.66
C ILE B 75 -22.99 -0.90 -1.86
N ASP B 76 -22.87 -1.30 -0.60
CA ASP B 76 -24.00 -1.45 0.31
C ASP B 76 -24.73 -0.14 0.54
N GLU B 77 -24.02 0.98 0.39
CA GLU B 77 -24.63 2.29 0.58
C GLU B 77 -25.72 2.52 -0.46
N VAL B 78 -25.53 1.98 -1.65
CA VAL B 78 -26.49 2.11 -2.73
C VAL B 78 -27.56 1.02 -2.62
N ARG B 79 -27.19 -0.05 -1.92
CA ARG B 79 -28.11 -1.18 -1.72
C ARG B 79 -29.02 -0.90 -0.52
N THR B 80 -28.75 0.20 0.17
CA THR B 80 -29.53 0.60 1.31
C THR B 80 -30.14 2.00 1.14
N GLY B 81 -29.39 2.88 0.48
CA GLY B 81 -29.85 4.25 0.24
C GLY B 81 -30.92 4.36 -0.84
N THR B 82 -31.00 5.54 -1.45
CA THR B 82 -31.98 5.80 -2.50
C THR B 82 -31.73 4.93 -3.75
N TYR B 83 -32.80 4.68 -4.50
CA TYR B 83 -32.73 3.88 -5.71
C TYR B 83 -32.17 2.48 -5.45
N ARG B 84 -32.46 1.98 -4.25
CA ARG B 84 -31.98 0.67 -3.83
C ARG B 84 -32.53 -0.45 -4.73
N GLN B 85 -33.83 -0.43 -4.97
CA GLN B 85 -34.45 -1.45 -5.80
C GLN B 85 -34.47 -1.10 -7.28
N LEU B 86 -33.65 -0.14 -7.68
CA LEU B 86 -33.57 0.25 -9.09
C LEU B 86 -32.51 -0.59 -9.79
N PHE B 87 -31.75 -1.33 -9.00
CA PHE B 87 -30.69 -2.17 -9.52
C PHE B 87 -30.94 -3.64 -9.19
N HIS B 88 -30.18 -4.50 -9.83
CA HIS B 88 -30.28 -5.94 -9.63
C HIS B 88 -29.01 -6.45 -8.94
N PRO B 89 -29.15 -7.38 -7.98
CA PRO B 89 -28.00 -7.93 -7.24
C PRO B 89 -26.94 -8.57 -8.15
N GLU B 90 -27.26 -8.72 -9.43
CA GLU B 90 -26.34 -9.31 -10.39
C GLU B 90 -25.38 -8.25 -10.92
N GLN B 91 -25.81 -7.00 -10.91
CA GLN B 91 -24.98 -5.91 -11.40
C GLN B 91 -24.26 -5.22 -10.26
N LEU B 92 -24.33 -5.83 -9.08
CA LEU B 92 -23.68 -5.30 -7.89
C LEU B 92 -22.71 -6.33 -7.35
N ILE B 93 -21.46 -6.23 -7.78
CA ILE B 93 -20.42 -7.15 -7.36
C ILE B 93 -19.54 -6.52 -6.28
N THR B 94 -19.24 -7.29 -5.26
CA THR B 94 -18.41 -6.81 -4.17
C THR B 94 -17.46 -7.93 -3.71
N GLY B 95 -16.33 -7.52 -3.15
CA GLY B 95 -15.35 -8.47 -2.69
C GLY B 95 -15.20 -8.43 -1.19
N LYS B 96 -15.89 -9.34 -0.51
CA LYS B 96 -15.90 -9.47 0.96
C LYS B 96 -14.55 -9.22 1.65
N GLU B 97 -13.44 -9.46 0.94
CA GLU B 97 -12.10 -9.25 1.51
C GLU B 97 -11.81 -7.78 1.84
N ASP B 98 -10.60 -7.35 1.55
CA ASP B 98 -10.19 -5.98 1.83
C ASP B 98 -9.95 -5.19 0.55
N ALA B 99 -10.22 -3.89 0.63
CA ALA B 99 -10.06 -2.99 -0.51
C ALA B 99 -8.60 -2.70 -0.80
N ALA B 100 -7.88 -2.18 0.21
CA ALA B 100 -6.46 -1.83 0.06
C ALA B 100 -6.26 -0.62 -0.85
N ASN B 101 -5.57 0.39 -0.36
CA ASN B 101 -5.34 1.60 -1.14
C ASN B 101 -4.11 1.49 -2.04
N ASN B 102 -3.85 0.31 -2.54
CA ASN B 102 -2.69 0.10 -3.40
C ASN B 102 -3.06 -0.66 -4.68
N TYR B 103 -2.59 -0.13 -5.79
CA TYR B 103 -2.81 -0.70 -7.11
C TYR B 103 -2.54 -2.20 -7.13
N ALA B 104 -1.28 -2.56 -6.94
CA ALA B 104 -0.81 -3.96 -6.93
C ALA B 104 -1.83 -4.97 -6.39
N ARG B 105 -2.25 -4.78 -5.15
CA ARG B 105 -3.20 -5.69 -4.52
C ARG B 105 -4.53 -5.76 -5.26
N GLY B 106 -5.06 -4.60 -5.64
CA GLY B 106 -6.32 -4.52 -6.35
C GLY B 106 -6.23 -5.07 -7.75
N HIS B 107 -5.03 -5.07 -8.31
CA HIS B 107 -4.79 -5.57 -9.66
C HIS B 107 -4.49 -7.07 -9.63
N TYR B 108 -3.44 -7.43 -8.93
CA TYR B 108 -3.03 -8.83 -8.82
C TYR B 108 -3.85 -9.58 -7.76
N THR B 109 -3.23 -9.78 -6.59
CA THR B 109 -3.81 -10.49 -5.45
C THR B 109 -5.34 -10.70 -5.48
N ILE B 110 -6.06 -9.69 -5.03
CA ILE B 110 -7.52 -9.77 -4.96
C ILE B 110 -8.23 -9.59 -6.31
N GLY B 111 -7.94 -8.47 -6.97
CA GLY B 111 -8.55 -8.15 -8.27
C GLY B 111 -8.70 -9.30 -9.25
N LYS B 112 -7.67 -10.12 -9.37
CA LYS B 112 -7.71 -11.27 -10.28
C LYS B 112 -8.84 -12.22 -9.94
N GLU B 113 -8.99 -12.52 -8.65
CA GLU B 113 -10.05 -13.41 -8.17
C GLU B 113 -11.44 -12.99 -8.63
N ILE B 114 -11.73 -11.70 -8.51
CA ILE B 114 -13.04 -11.15 -8.83
C ILE B 114 -13.30 -10.93 -10.33
N ILE B 115 -12.26 -10.67 -11.12
CA ILE B 115 -12.40 -10.42 -12.56
C ILE B 115 -13.40 -11.35 -13.27
N ASP B 116 -13.31 -12.65 -12.99
CA ASP B 116 -14.17 -13.65 -13.61
C ASP B 116 -15.65 -13.26 -13.51
N LEU B 117 -16.15 -13.18 -12.27
CA LEU B 117 -17.53 -12.81 -12.01
C LEU B 117 -17.92 -11.49 -12.66
N VAL B 118 -17.03 -10.51 -12.57
CA VAL B 118 -17.27 -9.19 -13.15
C VAL B 118 -17.41 -9.27 -14.65
N LEU B 119 -16.41 -9.85 -15.31
CA LEU B 119 -16.42 -10.01 -16.76
C LEU B 119 -17.71 -10.69 -17.20
N ASP B 120 -18.06 -11.75 -16.48
CA ASP B 120 -19.27 -12.53 -16.75
C ASP B 120 -20.48 -11.61 -16.92
N ARG B 121 -20.63 -10.65 -16.02
CA ARG B 121 -21.74 -9.70 -16.07
C ARG B 121 -21.64 -8.80 -17.30
N ILE B 122 -20.44 -8.28 -17.57
CA ILE B 122 -20.23 -7.39 -18.71
C ILE B 122 -20.35 -8.14 -20.05
N ARG B 123 -20.56 -9.45 -19.98
CA ARG B 123 -20.69 -10.25 -21.18
C ARG B 123 -22.13 -10.69 -21.32
N LYS B 124 -22.82 -10.79 -20.18
CA LYS B 124 -24.22 -11.18 -20.15
C LYS B 124 -25.10 -9.99 -20.53
N LEU B 125 -24.72 -8.80 -20.05
CA LEU B 125 -25.46 -7.59 -20.34
C LEU B 125 -25.22 -7.15 -21.76
N ALA B 126 -24.03 -7.45 -22.28
CA ALA B 126 -23.66 -7.08 -23.65
C ALA B 126 -24.44 -7.92 -24.66
N ASP B 127 -24.77 -9.14 -24.28
CA ASP B 127 -25.51 -10.03 -25.15
C ASP B 127 -27.00 -9.72 -25.07
N GLN B 128 -27.48 -9.51 -23.83
CA GLN B 128 -28.88 -9.18 -23.58
C GLN B 128 -29.36 -7.98 -24.40
N CYS B 129 -28.53 -6.94 -24.48
CA CYS B 129 -28.90 -5.74 -25.22
C CYS B 129 -28.95 -6.00 -26.72
N THR B 130 -29.21 -4.95 -27.49
CA THR B 130 -29.30 -5.08 -28.93
C THR B 130 -28.30 -4.15 -29.61
N GLY B 131 -27.23 -4.74 -30.14
CA GLY B 131 -26.18 -3.97 -30.80
C GLY B 131 -25.64 -2.83 -29.94
N LEU B 132 -24.59 -3.13 -29.17
CA LEU B 132 -23.99 -2.13 -28.30
C LEU B 132 -22.92 -1.37 -29.05
N GLN B 133 -22.45 -0.27 -28.46
CA GLN B 133 -21.43 0.55 -29.07
C GLN B 133 -20.13 0.49 -28.28
N GLY B 134 -20.24 0.29 -26.97
CA GLY B 134 -19.07 0.21 -26.15
C GLY B 134 -19.39 0.13 -24.68
N PHE B 135 -18.39 0.40 -23.85
CA PHE B 135 -18.55 0.35 -22.40
C PHE B 135 -18.04 1.61 -21.73
N SER B 136 -18.90 2.26 -20.96
CA SER B 136 -18.55 3.46 -20.24
C SER B 136 -17.86 3.11 -18.93
N VAL B 137 -16.57 3.37 -18.85
CA VAL B 137 -15.81 3.04 -17.65
C VAL B 137 -15.80 4.23 -16.69
N PHE B 138 -15.98 3.94 -15.40
CA PHE B 138 -15.97 4.96 -14.37
C PHE B 138 -15.08 4.53 -13.22
N HIS B 139 -13.94 5.21 -13.03
CA HIS B 139 -13.00 4.87 -11.98
C HIS B 139 -12.28 6.11 -11.41
N SER B 140 -11.48 5.88 -10.36
CA SER B 140 -10.76 6.93 -9.65
C SER B 140 -9.23 6.71 -9.62
N PHE B 141 -8.58 7.01 -10.74
CA PHE B 141 -7.10 6.93 -10.91
C PHE B 141 -6.25 6.56 -9.67
N GLY B 142 -6.36 7.36 -8.60
CA GLY B 142 -5.59 7.10 -7.39
C GLY B 142 -6.35 6.37 -6.31
N GLY B 143 -6.64 5.10 -6.54
CA GLY B 143 -7.36 4.31 -5.57
C GLY B 143 -6.87 2.87 -5.55
N GLY B 144 -7.72 1.96 -5.09
CA GLY B 144 -7.36 0.57 -5.07
C GLY B 144 -8.05 -0.17 -6.18
N THR B 145 -9.37 -0.31 -6.04
CA THR B 145 -10.18 -0.98 -7.02
C THR B 145 -10.33 -0.12 -8.27
N GLY B 146 -10.24 1.19 -8.06
CA GLY B 146 -10.37 2.12 -9.16
C GLY B 146 -9.15 2.09 -10.06
N SER B 147 -8.01 1.73 -9.50
CA SER B 147 -6.79 1.64 -10.27
C SER B 147 -6.55 0.22 -10.77
N GLY B 148 -6.29 -0.67 -9.82
CA GLY B 148 -6.00 -2.08 -10.12
C GLY B 148 -7.07 -2.76 -10.95
N PHE B 149 -8.21 -3.03 -10.32
CA PHE B 149 -9.33 -3.69 -10.97
C PHE B 149 -9.57 -3.24 -12.41
N THR B 150 -9.84 -1.95 -12.60
CA THR B 150 -10.08 -1.39 -13.92
C THR B 150 -9.01 -1.80 -14.91
N SER B 151 -7.75 -1.64 -14.51
CA SER B 151 -6.60 -2.00 -15.34
C SER B 151 -6.75 -3.39 -15.96
N LEU B 152 -7.04 -4.38 -15.12
CA LEU B 152 -7.17 -5.76 -15.58
C LEU B 152 -8.51 -5.98 -16.29
N LEU B 153 -9.51 -5.23 -15.88
CA LEU B 153 -10.84 -5.34 -16.46
C LEU B 153 -10.83 -4.87 -17.91
N MET B 154 -10.32 -3.67 -18.12
CA MET B 154 -10.25 -3.10 -19.46
C MET B 154 -9.30 -3.89 -20.35
N GLU B 155 -8.27 -4.47 -19.73
CA GLU B 155 -7.30 -5.27 -20.44
C GLU B 155 -8.01 -6.43 -21.15
N ARG B 156 -8.88 -7.11 -20.41
CA ARG B 156 -9.64 -8.23 -20.94
C ARG B 156 -10.76 -7.76 -21.86
N LEU B 157 -11.25 -6.55 -21.62
CA LEU B 157 -12.34 -5.99 -22.42
C LEU B 157 -11.87 -5.61 -23.81
N SER B 158 -10.73 -4.93 -23.89
CA SER B 158 -10.17 -4.51 -25.18
C SER B 158 -9.86 -5.70 -26.09
N VAL B 159 -9.83 -6.90 -25.52
CA VAL B 159 -9.54 -8.10 -26.29
C VAL B 159 -10.82 -8.83 -26.68
N ASP B 160 -11.75 -8.94 -25.73
CA ASP B 160 -13.01 -9.64 -25.97
C ASP B 160 -13.98 -8.76 -26.76
N TYR B 161 -13.85 -7.45 -26.61
CA TYR B 161 -14.72 -6.51 -27.28
C TYR B 161 -13.92 -5.40 -27.94
N GLY B 162 -12.79 -5.80 -28.54
CA GLY B 162 -11.93 -4.85 -29.24
C GLY B 162 -12.65 -4.14 -30.37
N LYS B 163 -13.69 -4.78 -30.89
CA LYS B 163 -14.47 -4.24 -32.00
C LYS B 163 -15.58 -3.32 -31.50
N LYS B 164 -15.30 -2.59 -30.42
CA LYS B 164 -16.27 -1.67 -29.84
C LYS B 164 -15.55 -0.42 -29.33
N SER B 165 -16.31 0.51 -28.79
CA SER B 165 -15.74 1.76 -28.28
C SER B 165 -15.36 1.61 -26.81
N LYS B 166 -14.16 2.06 -26.48
CA LYS B 166 -13.68 1.98 -25.12
C LYS B 166 -13.47 3.39 -24.54
N LEU B 167 -14.53 3.92 -23.95
CA LEU B 167 -14.47 5.25 -23.36
C LEU B 167 -14.49 5.17 -21.84
N GLU B 168 -13.43 5.68 -21.22
CA GLU B 168 -13.31 5.67 -19.77
C GLU B 168 -13.37 7.07 -19.19
N PHE B 169 -14.13 7.23 -18.13
CA PHE B 169 -14.23 8.51 -17.45
C PHE B 169 -13.44 8.42 -16.15
N SER B 170 -12.24 8.97 -16.16
CA SER B 170 -11.38 8.91 -15.00
C SER B 170 -11.40 10.20 -14.20
N ILE B 171 -11.13 10.06 -12.91
CA ILE B 171 -11.08 11.20 -12.00
C ILE B 171 -9.63 11.41 -11.59
N TYR B 172 -8.93 12.23 -12.37
CA TYR B 172 -7.52 12.48 -12.15
C TYR B 172 -7.24 13.14 -10.80
N PRO B 173 -6.32 12.53 -10.03
CA PRO B 173 -5.86 13.03 -8.73
C PRO B 173 -5.63 14.53 -8.73
N ALA B 174 -6.21 15.24 -7.78
CA ALA B 174 -6.03 16.69 -7.70
C ALA B 174 -4.55 17.04 -7.55
N PRO B 175 -4.05 17.95 -8.40
CA PRO B 175 -2.64 18.39 -8.44
C PRO B 175 -1.97 18.63 -7.09
N GLN B 176 -2.69 19.19 -6.14
CA GLN B 176 -2.13 19.47 -4.82
C GLN B 176 -3.03 18.92 -3.74
N VAL B 177 -4.31 18.80 -4.06
CA VAL B 177 -5.29 18.29 -3.13
C VAL B 177 -5.43 16.76 -3.30
N SER B 178 -4.38 16.05 -2.92
CA SER B 178 -4.37 14.61 -3.02
C SER B 178 -5.14 13.98 -1.86
N THR B 179 -5.48 12.71 -2.02
CA THR B 179 -6.19 11.99 -0.97
C THR B 179 -5.26 10.90 -0.46
N ALA B 180 -5.04 9.89 -1.29
CA ALA B 180 -4.11 8.82 -0.96
C ALA B 180 -2.67 9.36 -0.93
N VAL B 181 -1.83 8.80 -0.08
CA VAL B 181 -0.43 9.23 -0.02
C VAL B 181 0.32 8.64 -1.22
N VAL B 182 -0.05 7.41 -1.57
CA VAL B 182 0.57 6.72 -2.70
C VAL B 182 -0.03 7.17 -4.03
N GLU B 183 -1.18 7.87 -3.95
CA GLU B 183 -1.93 8.40 -5.10
C GLU B 183 -1.25 8.31 -6.49
N PRO B 184 -0.13 9.04 -6.72
CA PRO B 184 0.59 9.03 -8.00
C PRO B 184 0.92 7.62 -8.49
N TYR B 185 1.40 6.77 -7.58
CA TYR B 185 1.77 5.39 -7.92
C TYR B 185 0.60 4.66 -8.58
N ASN B 186 -0.59 4.86 -8.02
CA ASN B 186 -1.79 4.21 -8.52
C ASN B 186 -2.25 4.76 -9.86
N SER B 187 -1.86 5.98 -10.19
CA SER B 187 -2.30 6.57 -11.45
C SER B 187 -1.31 6.29 -12.58
N ILE B 188 -0.03 6.15 -12.25
CA ILE B 188 0.97 5.89 -13.27
C ILE B 188 0.88 4.46 -13.76
N LEU B 189 0.47 3.56 -12.87
CA LEU B 189 0.35 2.16 -13.22
C LEU B 189 -0.95 1.88 -13.99
N THR B 190 -1.98 2.66 -13.71
CA THR B 190 -3.27 2.48 -14.38
C THR B 190 -3.23 3.04 -15.80
N THR B 191 -2.51 4.14 -16.00
CA THR B 191 -2.42 4.75 -17.31
C THR B 191 -1.52 3.95 -18.24
N HIS B 192 -0.47 3.37 -17.68
CA HIS B 192 0.50 2.57 -18.43
C HIS B 192 -0.18 1.37 -19.09
N THR B 193 -1.16 0.78 -18.41
CA THR B 193 -1.85 -0.38 -18.93
C THR B 193 -3.14 -0.02 -19.69
N THR B 194 -3.63 1.20 -19.54
CA THR B 194 -4.85 1.62 -20.21
C THR B 194 -4.59 2.49 -21.44
N LEU B 195 -3.41 3.12 -21.51
CA LEU B 195 -3.06 3.99 -22.63
C LEU B 195 -3.21 3.31 -23.99
N GLU B 196 -2.80 2.07 -24.07
CA GLU B 196 -2.89 1.31 -25.32
C GLU B 196 -4.12 0.42 -25.35
N HIS B 197 -5.06 0.66 -24.46
CA HIS B 197 -6.28 -0.15 -24.39
C HIS B 197 -7.54 0.69 -24.39
N SER B 198 -7.37 1.99 -24.16
CA SER B 198 -8.50 2.91 -24.15
C SER B 198 -8.63 3.64 -25.48
N ASP B 199 -9.84 4.07 -25.81
CA ASP B 199 -10.09 4.81 -27.04
C ASP B 199 -10.21 6.29 -26.72
N CYS B 200 -10.98 6.60 -25.69
CA CYS B 200 -11.18 7.97 -25.25
C CYS B 200 -11.27 7.99 -23.73
N ALA B 201 -10.30 8.61 -23.08
CA ALA B 201 -10.28 8.69 -21.63
C ALA B 201 -10.59 10.09 -21.15
N PHE B 202 -11.83 10.32 -20.75
CA PHE B 202 -12.23 11.63 -20.26
C PHE B 202 -11.70 11.81 -18.85
N MET B 203 -11.12 12.95 -18.57
CA MET B 203 -10.57 13.19 -17.25
C MET B 203 -11.19 14.40 -16.57
N VAL B 204 -11.48 14.25 -15.29
CA VAL B 204 -12.04 15.32 -14.49
C VAL B 204 -11.15 15.58 -13.27
N ASP B 205 -10.73 16.83 -13.12
CA ASP B 205 -9.85 17.24 -12.03
C ASP B 205 -10.65 17.60 -10.79
N ASN B 206 -10.42 16.86 -9.71
CA ASN B 206 -11.13 17.09 -8.44
C ASN B 206 -10.85 18.48 -7.86
N GLU B 207 -9.61 18.92 -7.94
CA GLU B 207 -9.21 20.22 -7.39
C GLU B 207 -9.95 21.35 -8.11
N ALA B 208 -9.96 21.27 -9.43
CA ALA B 208 -10.63 22.27 -10.24
C ALA B 208 -12.14 22.30 -10.02
N ILE B 209 -12.69 21.24 -9.42
CA ILE B 209 -14.13 21.18 -9.16
C ILE B 209 -14.43 22.01 -7.92
N TYR B 210 -13.52 21.95 -6.96
CA TYR B 210 -13.67 22.71 -5.72
C TYR B 210 -13.68 24.19 -6.05
N ASP B 211 -12.74 24.61 -6.90
CA ASP B 211 -12.62 26.00 -7.31
C ASP B 211 -13.86 26.48 -8.05
N ILE B 212 -14.38 25.66 -8.95
CA ILE B 212 -15.57 26.02 -9.72
C ILE B 212 -16.77 26.25 -8.80
N CYS B 213 -16.94 25.38 -7.82
CA CYS B 213 -18.04 25.51 -6.88
C CYS B 213 -17.81 26.70 -5.94
N ARG B 214 -16.57 27.16 -5.88
CA ARG B 214 -16.21 28.27 -5.01
C ARG B 214 -16.45 29.61 -5.72
N ARG B 215 -16.08 29.68 -6.99
CA ARG B 215 -16.21 30.92 -7.76
C ARG B 215 -17.52 31.00 -8.56
N ASN B 216 -17.96 29.90 -9.14
CA ASN B 216 -19.17 29.88 -9.96
C ASN B 216 -20.33 29.20 -9.28
N LEU B 217 -20.45 29.38 -8.00
CA LEU B 217 -21.54 28.79 -7.23
C LEU B 217 -21.51 29.40 -5.85
N ASP B 218 -20.30 29.71 -5.40
CA ASP B 218 -20.05 30.32 -4.10
C ASP B 218 -20.68 29.50 -2.99
N ILE B 219 -19.89 28.56 -2.46
CA ILE B 219 -20.31 27.66 -1.40
C ILE B 219 -19.10 26.95 -0.83
N GLU B 220 -18.97 27.00 0.48
CA GLU B 220 -17.86 26.36 1.17
C GLU B 220 -18.30 25.04 1.76
N ARG B 221 -19.43 24.54 1.28
CA ARG B 221 -19.96 23.27 1.73
C ARG B 221 -20.23 22.30 0.55
N PRO B 222 -19.28 22.11 -0.39
CA PRO B 222 -19.47 21.21 -1.52
C PRO B 222 -18.99 19.80 -1.16
N THR B 223 -19.92 18.96 -0.79
CA THR B 223 -19.63 17.57 -0.43
C THR B 223 -19.42 16.74 -1.69
N TYR B 224 -18.88 15.53 -1.54
CA TYR B 224 -18.65 14.64 -2.67
C TYR B 224 -19.90 14.50 -3.53
N THR B 225 -21.06 14.40 -2.88
CA THR B 225 -22.33 14.27 -3.60
C THR B 225 -22.63 15.50 -4.46
N ASN B 226 -22.04 16.64 -4.13
CA ASN B 226 -22.26 17.86 -4.89
C ASN B 226 -21.32 17.87 -6.08
N LEU B 227 -20.07 17.53 -5.81
CA LEU B 227 -19.05 17.45 -6.85
C LEU B 227 -19.46 16.45 -7.91
N ASN B 228 -19.88 15.28 -7.46
CA ASN B 228 -20.30 14.18 -8.34
C ASN B 228 -21.50 14.59 -9.19
N ARG B 229 -22.36 15.43 -8.64
CA ARG B 229 -23.55 15.89 -9.36
C ARG B 229 -23.16 16.75 -10.56
N LEU B 230 -22.07 17.48 -10.42
CA LEU B 230 -21.56 18.31 -11.50
C LEU B 230 -21.12 17.43 -12.66
N ILE B 231 -20.29 16.44 -12.33
CA ILE B 231 -19.79 15.50 -13.32
C ILE B 231 -20.95 14.71 -13.93
N GLY B 232 -21.88 14.29 -13.08
CA GLY B 232 -23.04 13.54 -13.53
C GLY B 232 -23.90 14.33 -14.49
N GLN B 233 -23.73 15.64 -14.49
CA GLN B 233 -24.48 16.53 -15.36
C GLN B 233 -23.79 16.50 -16.73
N ILE B 234 -22.47 16.70 -16.70
CA ILE B 234 -21.68 16.66 -17.92
C ILE B 234 -21.84 15.29 -18.60
N VAL B 235 -21.78 14.22 -17.80
CA VAL B 235 -21.90 12.86 -18.32
C VAL B 235 -23.29 12.62 -18.90
N SER B 236 -24.30 13.26 -18.31
CA SER B 236 -25.67 13.13 -18.79
C SER B 236 -25.75 13.63 -20.24
N SER B 237 -25.02 14.68 -20.53
CA SER B 237 -24.99 15.25 -21.86
C SER B 237 -24.09 14.42 -22.78
N ILE B 238 -23.16 13.68 -22.18
CA ILE B 238 -22.26 12.81 -22.91
C ILE B 238 -23.02 11.59 -23.43
N THR B 239 -23.35 10.67 -22.55
CA THR B 239 -24.06 9.48 -22.96
C THR B 239 -25.55 9.76 -23.20
N ALA B 240 -26.33 9.81 -22.11
CA ALA B 240 -27.78 10.10 -22.14
C ALA B 240 -28.24 10.91 -23.35
N SER B 241 -27.98 12.23 -23.31
CA SER B 241 -28.39 13.16 -24.37
C SER B 241 -28.02 12.66 -25.77
N LEU B 242 -26.81 12.15 -25.93
CA LEU B 242 -26.35 11.66 -27.21
C LEU B 242 -27.25 10.56 -27.76
N ARG B 243 -27.80 9.74 -26.86
CA ARG B 243 -28.70 8.67 -27.25
C ARG B 243 -30.08 9.21 -27.61
N PHE B 244 -30.32 10.48 -27.26
CA PHE B 244 -31.59 11.12 -27.55
C PHE B 244 -31.47 11.94 -28.84
N ASP B 245 -32.36 11.68 -29.78
CA ASP B 245 -32.37 12.36 -31.07
C ASP B 245 -32.37 13.89 -30.96
N GLY B 246 -31.85 14.54 -32.00
CA GLY B 246 -31.76 15.97 -32.01
C GLY B 246 -31.46 16.48 -33.40
N ALA B 247 -31.03 17.73 -33.50
CA ALA B 247 -30.74 18.34 -34.79
C ALA B 247 -29.37 17.92 -35.34
N LEU B 248 -28.52 17.40 -34.48
CA LEU B 248 -27.19 16.98 -34.89
C LEU B 248 -26.67 15.83 -34.04
N ASN B 249 -27.42 14.72 -34.04
CA ASN B 249 -27.09 13.51 -33.26
C ASN B 249 -25.58 13.19 -33.29
N VAL B 250 -25.06 12.75 -32.15
CA VAL B 250 -23.63 12.42 -32.04
C VAL B 250 -23.44 11.05 -31.41
N ASP B 251 -22.91 10.12 -32.19
CA ASP B 251 -22.66 8.77 -31.69
C ASP B 251 -21.32 8.65 -30.96
N LEU B 252 -21.12 7.53 -30.27
CA LEU B 252 -19.88 7.28 -29.56
C LEU B 252 -18.73 7.12 -30.55
N THR B 253 -19.03 6.50 -31.69
CA THR B 253 -18.04 6.29 -32.75
C THR B 253 -17.46 7.64 -33.16
N GLU B 254 -18.34 8.57 -33.50
CA GLU B 254 -17.97 9.92 -33.87
C GLU B 254 -16.91 10.50 -32.93
N PHE B 255 -17.13 10.26 -31.64
CA PHE B 255 -16.21 10.73 -30.59
C PHE B 255 -14.80 10.22 -30.84
N GLN B 256 -14.58 8.93 -30.58
CA GLN B 256 -13.27 8.29 -30.77
C GLN B 256 -12.60 8.69 -32.09
N THR B 257 -13.39 8.97 -33.10
CA THR B 257 -12.86 9.36 -34.41
C THR B 257 -12.40 10.83 -34.42
N ASN B 258 -13.25 11.72 -33.93
CA ASN B 258 -12.96 13.16 -33.92
C ASN B 258 -12.17 13.63 -32.69
N LEU B 259 -12.04 12.80 -31.68
CA LEU B 259 -11.34 13.22 -30.47
C LEU B 259 -9.90 12.74 -30.42
N VAL B 260 -9.62 11.54 -30.91
CA VAL B 260 -8.26 11.03 -30.90
C VAL B 260 -7.70 10.85 -32.30
N PRO B 261 -6.72 11.69 -32.66
CA PRO B 261 -6.07 11.63 -33.97
C PRO B 261 -5.01 10.53 -34.04
N TYR B 262 -4.67 9.99 -32.89
CA TYR B 262 -3.67 8.93 -32.80
C TYR B 262 -4.18 7.79 -31.93
N PRO B 263 -3.73 6.55 -32.21
CA PRO B 263 -4.10 5.35 -31.45
C PRO B 263 -4.06 5.53 -29.92
N ARG B 264 -3.18 6.42 -29.46
CA ARG B 264 -3.04 6.70 -28.03
C ARG B 264 -4.37 7.15 -27.44
N GLY B 265 -4.74 6.52 -26.32
CA GLY B 265 -5.98 6.84 -25.61
C GLY B 265 -6.06 8.26 -25.04
N HIS B 266 -5.62 9.25 -25.83
CA HIS B 266 -5.64 10.69 -25.45
C HIS B 266 -6.75 11.07 -24.47
N PHE B 267 -6.42 11.94 -23.53
CA PHE B 267 -7.36 12.33 -22.50
C PHE B 267 -7.95 13.73 -22.73
N PRO B 268 -9.21 13.81 -23.16
CA PRO B 268 -9.90 15.08 -23.38
C PRO B 268 -10.43 15.64 -22.06
N LEU B 269 -10.85 16.89 -22.08
CA LEU B 269 -11.36 17.55 -20.88
C LEU B 269 -12.87 17.72 -20.91
N ALA B 270 -13.47 17.79 -19.73
CA ALA B 270 -14.91 17.97 -19.60
C ALA B 270 -15.21 19.41 -19.16
N THR B 271 -16.11 20.07 -19.86
CA THR B 271 -16.45 21.45 -19.55
C THR B 271 -17.96 21.69 -19.70
N TYR B 272 -18.55 22.37 -18.71
CA TYR B 272 -19.97 22.67 -18.74
C TYR B 272 -20.17 24.18 -18.77
N ALA B 273 -21.16 24.64 -19.54
CA ALA B 273 -21.42 26.07 -19.66
C ALA B 273 -22.29 26.64 -18.53
N PRO B 274 -23.54 26.15 -18.35
CA PRO B 274 -24.43 26.66 -17.29
C PRO B 274 -24.04 26.16 -15.90
N VAL B 275 -23.01 26.76 -15.34
CA VAL B 275 -22.52 26.42 -14.02
C VAL B 275 -22.79 27.56 -13.04
N ILE B 276 -23.99 28.10 -13.07
CA ILE B 276 -24.37 29.21 -12.21
C ILE B 276 -25.25 28.75 -11.03
N SER B 277 -25.12 29.45 -9.90
CA SER B 277 -25.88 29.14 -8.68
C SER B 277 -27.35 29.56 -8.77
N ALA B 278 -28.22 28.73 -8.20
CA ALA B 278 -29.65 29.01 -8.19
C ALA B 278 -30.07 29.72 -6.91
N GLU B 279 -29.28 30.71 -6.49
CA GLU B 279 -29.58 31.47 -5.27
C GLU B 279 -28.94 32.84 -5.38
N LYS B 280 -27.62 32.85 -5.45
CA LYS B 280 -26.84 34.09 -5.58
C LYS B 280 -27.05 34.76 -6.93
N ALA B 281 -26.18 34.46 -7.89
CA ALA B 281 -26.27 35.04 -9.22
C ALA B 281 -27.55 34.59 -9.93
N TYR B 282 -28.05 35.41 -10.83
CA TYR B 282 -29.26 35.11 -11.57
C TYR B 282 -29.14 35.64 -12.99
N HIS B 283 -28.68 34.79 -13.90
CA HIS B 283 -28.49 35.18 -15.30
C HIS B 283 -29.00 34.15 -16.31
N GLU B 284 -29.83 33.21 -15.83
CA GLU B 284 -30.44 32.15 -16.66
C GLU B 284 -30.34 32.36 -18.18
N GLN B 285 -30.99 33.41 -18.67
CA GLN B 285 -30.99 33.77 -20.08
C GLN B 285 -29.59 34.16 -20.58
N LEU B 286 -28.79 33.15 -20.89
CA LEU B 286 -27.43 33.35 -21.35
C LEU B 286 -27.22 32.85 -22.78
N SER B 287 -27.42 33.76 -23.75
CA SER B 287 -27.26 33.46 -25.18
C SER B 287 -26.02 32.62 -25.50
N VAL B 288 -26.09 31.88 -26.62
CA VAL B 288 -25.00 31.02 -27.09
C VAL B 288 -23.63 31.68 -26.97
N ALA B 289 -23.50 32.85 -27.60
CA ALA B 289 -22.25 33.62 -27.59
C ALA B 289 -21.59 33.70 -26.20
N GLU B 290 -22.42 33.77 -25.17
CA GLU B 290 -21.93 33.87 -23.81
C GLU B 290 -21.59 32.50 -23.22
N ILE B 291 -22.53 31.55 -23.31
CA ILE B 291 -22.33 30.22 -22.74
C ILE B 291 -21.19 29.45 -23.42
N THR B 292 -21.01 29.64 -24.72
CA THR B 292 -19.96 28.97 -25.45
C THR B 292 -18.59 29.54 -25.08
N ASN B 293 -18.52 30.85 -24.89
CA ASN B 293 -17.28 31.51 -24.52
C ASN B 293 -16.88 31.19 -23.09
N ALA B 294 -17.87 30.91 -22.24
CA ALA B 294 -17.64 30.58 -20.83
C ALA B 294 -16.98 29.22 -20.66
N CYS B 295 -16.79 28.51 -21.75
CA CYS B 295 -16.18 27.19 -21.73
C CYS B 295 -14.68 27.28 -22.00
N PHE B 296 -14.26 28.35 -22.66
CA PHE B 296 -12.86 28.53 -23.02
C PHE B 296 -12.02 29.11 -21.88
N GLU B 297 -12.67 29.59 -20.83
CA GLU B 297 -11.95 30.13 -19.68
C GLU B 297 -11.51 29.03 -18.73
N PRO B 298 -10.25 29.08 -18.25
CA PRO B 298 -9.69 28.08 -17.34
C PRO B 298 -10.43 28.00 -16.00
N ALA B 299 -11.24 29.02 -15.71
CA ALA B 299 -11.99 29.05 -14.46
C ALA B 299 -13.35 28.37 -14.63
N ASN B 300 -13.39 27.37 -15.49
CA ASN B 300 -14.61 26.62 -15.76
C ASN B 300 -14.32 25.47 -16.72
N GLN B 301 -13.29 24.68 -16.42
CA GLN B 301 -12.94 23.58 -17.30
C GLN B 301 -12.82 22.25 -16.53
N MET B 302 -13.22 22.27 -15.27
CA MET B 302 -13.17 21.07 -14.41
C MET B 302 -11.84 20.33 -14.52
N VAL B 303 -10.76 21.08 -14.66
CA VAL B 303 -9.44 20.49 -14.80
C VAL B 303 -8.35 21.52 -14.57
N LYS B 304 -7.31 21.14 -13.83
CA LYS B 304 -6.19 22.03 -13.55
C LYS B 304 -5.20 21.99 -14.71
N CYS B 305 -5.74 21.91 -15.91
CA CYS B 305 -4.93 21.87 -17.13
C CYS B 305 -5.08 23.16 -17.91
N ASP B 306 -4.97 24.29 -17.20
CA ASP B 306 -5.08 25.62 -17.78
C ASP B 306 -4.37 25.72 -19.12
N PRO B 307 -4.98 26.39 -20.11
CA PRO B 307 -4.40 26.58 -21.44
C PRO B 307 -3.15 27.49 -21.41
N ARG B 308 -2.16 27.08 -20.62
CA ARG B 308 -0.92 27.82 -20.45
C ARG B 308 -0.04 27.74 -21.71
N HIS B 309 -0.31 26.76 -22.55
CA HIS B 309 0.46 26.53 -23.78
C HIS B 309 -0.21 25.44 -24.60
N GLY B 310 -1.09 24.69 -23.94
CA GLY B 310 -1.81 23.63 -24.60
C GLY B 310 -2.66 24.12 -25.75
N LYS B 311 -2.31 23.70 -26.95
CA LYS B 311 -3.03 24.08 -28.15
C LYS B 311 -4.15 23.08 -28.42
N TYR B 312 -5.29 23.58 -28.89
CA TYR B 312 -6.42 22.72 -29.19
C TYR B 312 -6.16 21.94 -30.46
N MET B 313 -6.63 20.69 -30.51
CA MET B 313 -6.43 19.86 -31.69
C MET B 313 -7.72 19.17 -32.11
N ALA B 314 -8.74 19.30 -31.26
CA ALA B 314 -10.05 18.69 -31.52
C ALA B 314 -10.98 18.97 -30.35
N CYS B 315 -12.13 19.58 -30.65
CA CYS B 315 -13.10 19.91 -29.63
C CYS B 315 -14.50 19.53 -30.07
N CYS B 316 -15.27 18.97 -29.15
CA CYS B 316 -16.63 18.55 -29.42
C CYS B 316 -17.64 19.38 -28.62
N LEU B 317 -18.22 20.36 -29.27
CA LEU B 317 -19.19 21.23 -28.63
C LEU B 317 -20.57 20.58 -28.63
N LEU B 318 -20.92 19.95 -27.51
CA LEU B 318 -22.22 19.30 -27.37
C LEU B 318 -23.25 20.26 -26.79
N TYR B 319 -24.14 20.74 -27.62
CA TYR B 319 -25.18 21.64 -27.18
C TYR B 319 -26.45 20.84 -26.90
N ARG B 320 -27.24 21.30 -25.95
CA ARG B 320 -28.48 20.65 -25.61
C ARG B 320 -29.48 21.68 -25.13
N GLY B 321 -30.70 21.61 -25.64
CA GLY B 321 -31.73 22.54 -25.26
C GLY B 321 -32.17 23.41 -26.43
N ASP B 322 -32.57 24.63 -26.14
CA ASP B 322 -33.03 25.56 -27.17
C ASP B 322 -31.85 26.30 -27.78
N VAL B 323 -31.27 25.71 -28.82
CA VAL B 323 -30.12 26.30 -29.50
C VAL B 323 -30.36 26.39 -31.01
N VAL B 324 -30.01 27.53 -31.57
CA VAL B 324 -30.17 27.76 -33.00
C VAL B 324 -28.86 27.44 -33.73
N PRO B 325 -28.90 26.56 -34.75
CA PRO B 325 -27.72 26.16 -35.53
C PRO B 325 -26.93 27.37 -36.05
N LYS B 326 -27.64 28.39 -36.52
CA LYS B 326 -26.98 29.58 -37.04
C LYS B 326 -26.20 30.31 -35.94
N ASP B 327 -26.81 30.44 -34.76
CA ASP B 327 -26.16 31.09 -33.62
C ASP B 327 -24.90 30.33 -33.24
N VAL B 328 -24.99 29.01 -33.31
CA VAL B 328 -23.85 28.14 -33.03
C VAL B 328 -22.77 28.39 -34.06
N ASN B 329 -23.19 28.41 -35.32
CA ASN B 329 -22.30 28.64 -36.44
C ASN B 329 -21.96 30.12 -36.58
N ALA B 330 -21.63 30.72 -35.46
CA ALA B 330 -21.28 32.13 -35.38
C ALA B 330 -20.43 32.29 -34.14
N ALA B 331 -20.82 31.60 -33.07
CA ALA B 331 -20.07 31.61 -31.83
C ALA B 331 -18.73 30.92 -32.08
N ILE B 332 -18.79 29.85 -32.86
CA ILE B 332 -17.60 29.09 -33.22
C ILE B 332 -16.73 29.90 -34.17
N ALA B 333 -17.38 30.64 -35.06
CA ALA B 333 -16.69 31.48 -36.04
C ALA B 333 -15.88 32.58 -35.35
N THR B 334 -16.52 33.31 -34.44
CA THR B 334 -15.84 34.40 -33.74
C THR B 334 -14.66 33.87 -32.93
N ILE B 335 -14.83 32.70 -32.32
CA ILE B 335 -13.76 32.08 -31.55
C ILE B 335 -12.64 31.62 -32.47
N LYS B 336 -13.01 31.00 -33.59
CA LYS B 336 -12.05 30.55 -34.59
C LYS B 336 -11.19 31.70 -35.11
N THR B 337 -11.64 32.92 -34.89
CA THR B 337 -10.91 34.10 -35.33
C THR B 337 -10.46 34.93 -34.13
N LYS B 338 -10.45 34.30 -32.95
CA LYS B 338 -10.05 34.98 -31.73
C LYS B 338 -8.54 34.85 -31.51
N ARG B 339 -7.95 33.80 -32.09
CA ARG B 339 -6.50 33.53 -31.97
C ARG B 339 -6.04 33.20 -30.54
N THR B 340 -6.70 33.76 -29.53
CA THR B 340 -6.34 33.50 -28.13
C THR B 340 -6.56 32.04 -27.74
N ILE B 341 -7.25 31.32 -28.60
CA ILE B 341 -7.53 29.90 -28.39
C ILE B 341 -6.68 29.07 -29.35
N GLN B 342 -5.54 29.67 -29.73
CA GLN B 342 -4.54 29.08 -30.64
C GLN B 342 -4.63 27.56 -30.79
N PHE B 343 -4.93 27.12 -32.01
CA PHE B 343 -5.04 25.69 -32.31
C PHE B 343 -3.70 25.16 -32.81
N VAL B 344 -3.56 23.84 -32.82
CA VAL B 344 -2.34 23.21 -33.31
C VAL B 344 -2.21 23.50 -34.82
N ASP B 345 -1.00 23.42 -35.35
CA ASP B 345 -0.77 23.70 -36.76
C ASP B 345 -1.54 22.77 -37.68
N TRP B 346 -1.31 21.46 -37.51
CA TRP B 346 -1.97 20.45 -38.35
C TRP B 346 -3.48 20.37 -38.13
N CYS B 347 -4.06 21.31 -37.42
CA CYS B 347 -5.50 21.28 -37.17
C CYS B 347 -6.21 22.49 -37.77
N PRO B 348 -6.83 22.29 -38.95
CA PRO B 348 -7.58 23.35 -39.63
C PRO B 348 -8.88 23.63 -38.89
N THR B 349 -9.81 22.68 -38.94
CA THR B 349 -11.07 22.83 -38.26
C THR B 349 -11.27 21.67 -37.28
N GLY B 350 -11.24 21.97 -36.00
CA GLY B 350 -11.41 20.95 -34.99
C GLY B 350 -12.56 21.27 -34.06
N PHE B 351 -13.74 21.37 -34.64
CA PHE B 351 -14.94 21.68 -33.86
C PHE B 351 -16.09 20.78 -34.27
N LYS B 352 -16.33 19.74 -33.50
CA LYS B 352 -17.42 18.81 -33.77
C LYS B 352 -18.69 19.37 -33.15
N VAL B 353 -19.60 19.83 -33.99
CA VAL B 353 -20.84 20.43 -33.53
C VAL B 353 -21.90 19.37 -33.23
N GLY B 354 -22.35 19.36 -31.99
CA GLY B 354 -23.39 18.44 -31.59
C GLY B 354 -24.58 19.22 -31.07
N ILE B 355 -25.71 19.16 -31.78
CA ILE B 355 -26.89 19.89 -31.36
C ILE B 355 -28.00 18.94 -30.94
N ASN B 356 -28.35 18.99 -29.66
CA ASN B 356 -29.39 18.13 -29.13
C ASN B 356 -30.65 18.92 -28.85
N TYR B 357 -31.75 18.21 -28.73
CA TYR B 357 -33.04 18.83 -28.46
C TYR B 357 -33.24 18.99 -26.96
N GLU B 358 -33.23 17.88 -26.25
CA GLU B 358 -33.42 17.83 -24.81
C GLU B 358 -32.55 18.84 -24.05
N PRO B 359 -33.20 19.77 -23.34
CA PRO B 359 -32.50 20.78 -22.54
C PRO B 359 -31.88 20.14 -21.31
N PRO B 360 -30.99 20.86 -20.60
CA PRO B 360 -30.36 20.33 -19.39
C PRO B 360 -31.40 20.06 -18.30
N THR B 361 -31.01 19.32 -17.27
CA THR B 361 -31.91 18.95 -16.19
C THR B 361 -31.28 19.18 -14.82
N VAL B 362 -31.85 20.11 -14.08
CA VAL B 362 -31.36 20.46 -12.76
C VAL B 362 -32.04 19.65 -11.66
N VAL B 363 -31.26 19.24 -10.66
CA VAL B 363 -31.75 18.49 -9.51
C VAL B 363 -32.78 19.34 -8.75
N PRO B 364 -33.92 18.73 -8.36
CA PRO B 364 -35.01 19.41 -7.64
C PRO B 364 -34.54 20.31 -6.50
N GLY B 365 -33.47 19.93 -5.82
CA GLY B 365 -32.98 20.71 -4.71
C GLY B 365 -31.47 20.77 -4.66
N GLY B 366 -30.86 21.05 -5.80
CA GLY B 366 -29.40 21.14 -5.84
C GLY B 366 -28.89 22.55 -5.60
N ASP B 367 -28.25 23.12 -6.62
CA ASP B 367 -27.70 24.47 -6.54
C ASP B 367 -27.48 25.00 -7.95
N LEU B 368 -28.10 24.35 -8.92
CA LEU B 368 -27.95 24.70 -10.31
C LEU B 368 -29.08 25.63 -10.76
N ALA B 369 -28.70 26.73 -11.40
CA ALA B 369 -29.63 27.72 -11.92
C ALA B 369 -30.80 27.11 -12.70
N LYS B 370 -30.45 26.46 -13.82
CA LYS B 370 -31.40 25.82 -14.74
C LYS B 370 -31.64 26.69 -15.96
N VAL B 371 -30.80 26.51 -16.97
CA VAL B 371 -30.90 27.26 -18.21
C VAL B 371 -31.64 26.38 -19.22
N GLN B 372 -32.01 26.93 -20.37
CA GLN B 372 -32.73 26.15 -21.38
C GLN B 372 -31.79 25.76 -22.50
N ARG B 373 -30.53 25.59 -22.15
CA ARG B 373 -29.49 25.21 -23.09
C ARG B 373 -28.15 25.13 -22.37
N ALA B 374 -27.33 24.19 -22.80
CA ALA B 374 -26.03 23.99 -22.20
C ALA B 374 -24.99 23.70 -23.27
N VAL B 375 -23.74 24.01 -22.96
CA VAL B 375 -22.64 23.79 -23.87
C VAL B 375 -21.63 22.87 -23.21
N CYS B 376 -21.72 21.60 -23.56
CA CYS B 376 -20.82 20.60 -23.02
C CYS B 376 -19.59 20.52 -23.93
N MET B 377 -18.56 21.24 -23.55
CA MET B 377 -17.34 21.28 -24.33
C MET B 377 -16.32 20.26 -23.85
N LEU B 378 -15.86 19.45 -24.77
CA LEU B 378 -14.83 18.49 -24.50
C LEU B 378 -13.79 18.64 -25.58
N SER B 379 -12.52 18.49 -25.24
CA SER B 379 -11.47 18.66 -26.22
C SER B 379 -10.15 18.11 -25.72
N ASN B 380 -9.25 17.85 -26.66
CA ASN B 380 -7.93 17.35 -26.34
C ASN B 380 -6.92 18.45 -26.63
N THR B 381 -6.25 18.91 -25.58
CA THR B 381 -5.29 19.99 -25.69
C THR B 381 -3.94 19.59 -25.12
N THR B 382 -2.87 20.15 -25.67
CA THR B 382 -1.50 19.90 -25.19
C THR B 382 -1.38 20.27 -23.70
N ALA B 383 -2.42 20.89 -23.16
CA ALA B 383 -2.46 21.31 -21.76
C ALA B 383 -2.26 20.13 -20.81
N ILE B 384 -2.74 18.96 -21.22
CA ILE B 384 -2.62 17.74 -20.40
C ILE B 384 -1.16 17.44 -20.05
N ALA B 385 -0.22 17.95 -20.88
CA ALA B 385 1.20 17.74 -20.64
C ALA B 385 1.62 18.31 -19.29
N GLU B 386 0.97 19.39 -18.90
CA GLU B 386 1.22 20.02 -17.62
C GLU B 386 0.90 19.03 -16.51
N ALA B 387 -0.41 18.84 -16.26
CA ALA B 387 -0.91 17.87 -15.27
C ALA B 387 -0.06 16.61 -15.19
N TRP B 388 0.20 16.00 -16.36
CA TRP B 388 0.98 14.77 -16.42
C TRP B 388 2.38 14.97 -15.86
N ALA B 389 2.99 16.09 -16.22
CA ALA B 389 4.33 16.43 -15.74
C ALA B 389 4.37 16.41 -14.22
N ARG B 390 3.47 17.18 -13.62
CA ARG B 390 3.39 17.29 -12.17
C ARG B 390 3.11 15.94 -11.50
N LEU B 391 2.40 15.05 -12.19
CA LEU B 391 2.09 13.74 -11.63
C LEU B 391 3.25 12.77 -11.84
N ASP B 392 3.90 12.91 -12.99
CA ASP B 392 5.07 12.10 -13.33
C ASP B 392 6.18 12.45 -12.34
N HIS B 393 6.27 13.74 -12.05
CA HIS B 393 7.24 14.27 -11.10
C HIS B 393 7.06 13.58 -9.76
N LYS B 394 5.81 13.59 -9.28
CA LYS B 394 5.46 12.95 -8.00
C LYS B 394 5.98 11.52 -7.96
N PHE B 395 5.58 10.73 -8.97
CA PHE B 395 6.00 9.34 -9.10
C PHE B 395 7.52 9.20 -9.00
N ASP B 396 8.22 9.93 -9.87
CA ASP B 396 9.69 9.90 -9.92
C ASP B 396 10.31 10.21 -8.56
N LEU B 397 9.89 11.34 -7.97
CA LEU B 397 10.39 11.78 -6.66
C LEU B 397 10.33 10.68 -5.61
N MET B 398 9.13 10.12 -5.43
CA MET B 398 8.91 9.07 -4.43
C MET B 398 9.60 7.77 -4.80
N TYR B 399 9.52 7.40 -6.06
CA TYR B 399 10.12 6.17 -6.57
C TYR B 399 11.63 6.14 -6.31
N ALA B 400 12.25 7.31 -6.31
CA ALA B 400 13.69 7.43 -6.07
C ALA B 400 14.09 6.89 -4.71
N LYS B 401 13.16 6.87 -3.76
CA LYS B 401 13.46 6.37 -2.41
C LYS B 401 12.64 5.12 -2.10
N ARG B 402 11.96 4.60 -3.12
CA ARG B 402 11.14 3.38 -3.04
C ARG B 402 9.86 3.53 -2.21
N ALA B 403 9.86 4.44 -1.24
CA ALA B 403 8.73 4.66 -0.34
C ALA B 403 7.87 3.39 -0.10
N PHE B 404 6.57 3.49 -0.38
CA PHE B 404 5.63 2.39 -0.15
C PHE B 404 5.66 1.34 -1.27
N VAL B 405 6.82 1.14 -1.88
CA VAL B 405 6.95 0.17 -2.96
C VAL B 405 6.75 -1.27 -2.49
N HIS B 406 7.16 -1.55 -1.26
CA HIS B 406 7.03 -2.91 -0.70
C HIS B 406 5.58 -3.35 -0.60
N TRP B 407 4.66 -2.40 -0.52
CA TRP B 407 3.23 -2.72 -0.44
C TRP B 407 2.74 -3.20 -1.80
N TYR B 408 3.47 -2.83 -2.84
CA TYR B 408 3.13 -3.24 -4.18
C TYR B 408 3.88 -4.51 -4.52
N VAL B 409 5.16 -4.54 -4.18
CA VAL B 409 6.03 -5.67 -4.43
C VAL B 409 5.49 -6.96 -3.80
N GLY B 410 5.12 -6.88 -2.52
CA GLY B 410 4.63 -8.06 -1.81
C GLY B 410 3.21 -8.47 -2.20
N GLU B 411 2.73 -7.94 -3.32
CA GLU B 411 1.39 -8.28 -3.79
C GLU B 411 1.47 -8.83 -5.20
N GLY B 412 2.59 -9.45 -5.52
CA GLY B 412 2.81 -10.02 -6.83
C GLY B 412 3.21 -8.97 -7.83
N MET B 413 4.18 -8.15 -7.45
CA MET B 413 4.69 -7.08 -8.30
C MET B 413 6.18 -6.88 -8.07
N GLU B 414 6.81 -6.04 -8.89
CA GLU B 414 8.23 -5.79 -8.76
C GLU B 414 8.66 -4.49 -9.43
N GLU B 415 9.97 -4.25 -9.45
CA GLU B 415 10.54 -3.04 -10.05
C GLU B 415 10.32 -2.99 -11.57
N GLY B 416 10.17 -4.14 -12.20
CA GLY B 416 9.97 -4.21 -13.64
C GLY B 416 8.79 -3.37 -14.11
N GLU B 417 7.58 -3.83 -13.83
CA GLU B 417 6.36 -3.12 -14.22
C GLU B 417 6.39 -1.66 -13.81
N PHE B 418 7.03 -1.38 -12.67
CA PHE B 418 7.15 -0.02 -12.17
C PHE B 418 7.98 0.83 -13.12
N SER B 419 9.23 0.41 -13.33
CA SER B 419 10.14 1.12 -14.23
C SER B 419 9.58 1.20 -15.65
N GLU B 420 8.88 0.15 -16.07
CA GLU B 420 8.31 0.11 -17.42
C GLU B 420 7.10 1.03 -17.54
N ALA B 421 6.57 1.47 -16.40
CA ALA B 421 5.43 2.38 -16.40
C ALA B 421 5.96 3.80 -16.36
N ARG B 422 7.18 3.95 -15.86
CA ARG B 422 7.84 5.23 -15.80
C ARG B 422 8.26 5.60 -17.22
N GLU B 423 8.83 4.62 -17.90
CA GLU B 423 9.27 4.78 -19.28
C GLU B 423 8.09 5.04 -20.20
N ASP B 424 6.98 4.34 -19.96
CA ASP B 424 5.78 4.50 -20.76
C ASP B 424 5.24 5.92 -20.66
N MET B 425 4.96 6.36 -19.43
CA MET B 425 4.46 7.72 -19.20
C MET B 425 5.39 8.75 -19.82
N ALA B 426 6.69 8.48 -19.79
CA ALA B 426 7.68 9.36 -20.40
C ALA B 426 7.35 9.57 -21.87
N ALA B 427 6.92 8.50 -22.54
CA ALA B 427 6.58 8.57 -23.96
C ALA B 427 5.19 9.18 -24.16
N LEU B 428 4.56 9.58 -23.08
CA LEU B 428 3.26 10.21 -23.13
C LEU B 428 3.50 11.70 -22.97
N GLU B 429 4.63 12.01 -22.35
CA GLU B 429 5.07 13.38 -22.17
C GLU B 429 5.64 13.82 -23.51
N LYS B 430 6.30 12.89 -24.18
CA LYS B 430 6.89 13.16 -25.48
C LYS B 430 5.79 13.17 -26.53
N ASP B 431 4.79 12.30 -26.35
CA ASP B 431 3.66 12.22 -27.28
C ASP B 431 2.93 13.55 -27.32
N TYR B 432 2.44 14.00 -26.17
CA TYR B 432 1.70 15.25 -26.09
C TYR B 432 2.57 16.44 -26.48
N GLU B 433 3.88 16.26 -26.47
CA GLU B 433 4.79 17.33 -26.84
C GLU B 433 5.05 17.31 -28.34
N GLU B 434 5.12 16.12 -28.92
CA GLU B 434 5.36 15.96 -30.35
C GLU B 434 4.10 16.24 -31.19
N VAL B 435 2.93 15.91 -30.64
CA VAL B 435 1.67 16.14 -31.34
C VAL B 435 1.38 17.64 -31.45
N GLY B 436 2.13 18.44 -30.71
CA GLY B 436 1.94 19.86 -30.75
C GLY B 436 3.25 20.59 -30.57
N VAL B 437 3.15 21.84 -30.12
CA VAL B 437 4.32 22.71 -29.87
C VAL B 437 5.09 23.09 -31.14
N ASP B 438 5.03 22.26 -32.16
CA ASP B 438 5.74 22.53 -33.41
C ASP B 438 4.78 22.48 -34.57
N SER B 439 5.19 23.03 -35.70
CA SER B 439 4.38 23.04 -36.89
C SER B 439 4.38 21.67 -37.57
N ARG C 2 -13.59 -8.27 7.35
CA ARG C 2 -13.25 -6.96 7.89
C ARG C 2 -13.29 -6.97 9.42
N GLU C 3 -13.29 -8.17 10.00
CA GLU C 3 -13.35 -8.32 11.45
C GLU C 3 -11.95 -8.28 12.09
N ILE C 4 -11.91 -8.04 13.40
CA ILE C 4 -10.64 -7.94 14.13
C ILE C 4 -10.81 -8.48 15.55
N VAL C 5 -9.69 -8.88 16.18
CA VAL C 5 -9.73 -9.42 17.53
C VAL C 5 -8.77 -8.65 18.47
N HIS C 6 -9.35 -7.94 19.43
CA HIS C 6 -8.57 -7.17 20.40
C HIS C 6 -7.84 -8.07 21.40
N ILE C 7 -6.63 -7.68 21.78
CA ILE C 7 -5.85 -8.45 22.76
C ILE C 7 -5.30 -7.53 23.85
N GLN C 8 -5.80 -7.69 25.07
CA GLN C 8 -5.37 -6.88 26.21
C GLN C 8 -4.40 -7.63 27.12
N ALA C 9 -3.13 -7.62 26.76
CA ALA C 9 -2.11 -8.32 27.53
C ALA C 9 -1.58 -7.47 28.69
N GLY C 10 -1.43 -8.09 29.84
CA GLY C 10 -0.89 -7.41 31.01
C GLY C 10 -1.93 -6.66 31.82
N GLN C 11 -1.49 -6.06 32.92
CA GLN C 11 -2.37 -5.31 33.81
C GLN C 11 -2.84 -4.04 33.13
N CYS C 12 -1.88 -3.27 32.62
CA CYS C 12 -2.18 -2.02 31.93
C CYS C 12 -3.11 -2.30 30.75
N GLY C 13 -2.69 -3.21 29.87
CA GLY C 13 -3.48 -3.56 28.70
C GLY C 13 -4.92 -3.91 29.06
N ASN C 14 -5.10 -4.59 30.18
CA ASN C 14 -6.43 -4.97 30.65
C ASN C 14 -7.21 -3.74 31.06
N GLN C 15 -6.59 -2.90 31.89
CA GLN C 15 -7.21 -1.65 32.34
C GLN C 15 -7.62 -0.80 31.15
N ILE C 16 -6.71 -0.70 30.17
CA ILE C 16 -6.95 0.07 28.96
C ILE C 16 -8.13 -0.52 28.20
N GLY C 17 -8.12 -1.84 28.06
CA GLY C 17 -9.18 -2.54 27.37
C GLY C 17 -10.52 -2.35 28.05
N ALA C 18 -10.53 -2.43 29.38
CA ALA C 18 -11.76 -2.27 30.14
C ALA C 18 -12.41 -0.92 29.83
N LYS C 19 -11.61 0.13 29.78
CA LYS C 19 -12.11 1.47 29.49
C LYS C 19 -12.46 1.59 28.00
N PHE C 20 -11.69 0.93 27.15
CA PHE C 20 -11.92 0.95 25.72
C PHE C 20 -13.26 0.32 25.39
N TRP C 21 -13.59 -0.77 26.08
CA TRP C 21 -14.84 -1.47 25.83
C TRP C 21 -16.02 -0.70 26.39
N GLU C 22 -15.76 0.13 27.40
CA GLU C 22 -16.79 0.98 27.98
C GLU C 22 -17.23 2.00 26.94
N VAL C 23 -16.25 2.56 26.25
CA VAL C 23 -16.48 3.53 25.18
C VAL C 23 -17.17 2.86 23.99
N ILE C 24 -16.40 2.06 23.25
CA ILE C 24 -16.89 1.32 22.07
C ILE C 24 -18.35 0.83 22.18
N SER C 25 -18.72 0.31 23.36
CA SER C 25 -20.08 -0.20 23.57
C SER C 25 -21.10 0.92 23.41
N ASP C 26 -20.81 2.07 24.01
CA ASP C 26 -21.68 3.24 23.93
C ASP C 26 -21.70 3.76 22.50
N GLU C 27 -20.59 3.52 21.78
CA GLU C 27 -20.45 3.95 20.40
C GLU C 27 -21.13 2.95 19.45
N HIS C 28 -21.85 1.98 20.02
CA HIS C 28 -22.54 0.97 19.22
C HIS C 28 -23.83 0.59 19.91
N GLY C 29 -24.15 1.29 20.99
CA GLY C 29 -25.35 1.03 21.75
C GLY C 29 -25.47 -0.40 22.22
N ILE C 30 -24.42 -0.93 22.83
CA ILE C 30 -24.43 -2.29 23.35
C ILE C 30 -24.18 -2.30 24.86
N ASP C 31 -25.17 -2.74 25.61
CA ASP C 31 -25.07 -2.82 27.06
C ASP C 31 -24.46 -4.16 27.46
N PRO C 32 -23.73 -4.23 28.61
CA PRO C 32 -23.11 -5.45 29.14
C PRO C 32 -23.82 -6.75 28.72
N THR C 33 -25.01 -6.97 29.25
CA THR C 33 -25.80 -8.14 28.91
C THR C 33 -26.86 -7.76 27.87
N GLY C 34 -27.03 -6.46 27.68
CA GLY C 34 -27.98 -5.93 26.71
C GLY C 34 -27.59 -6.23 25.27
N SER C 35 -28.45 -5.83 24.34
CA SER C 35 -28.20 -6.04 22.92
C SER C 35 -27.96 -4.70 22.22
N TYR C 36 -28.48 -4.57 21.00
CA TYR C 36 -28.31 -3.35 20.24
C TYR C 36 -29.38 -2.31 20.60
N HIS C 37 -29.03 -1.43 21.52
CA HIS C 37 -29.93 -0.39 21.96
C HIS C 37 -29.64 0.91 21.21
N GLY C 38 -28.62 0.83 20.34
CA GLY C 38 -28.18 1.94 19.50
C GLY C 38 -29.25 2.97 19.18
N ASP C 39 -28.95 4.24 19.43
CA ASP C 39 -29.90 5.32 19.16
C ASP C 39 -30.21 5.36 17.67
N SER C 40 -29.21 5.03 16.86
CA SER C 40 -29.38 5.00 15.42
C SER C 40 -29.38 3.55 14.92
N ASP C 41 -29.33 3.39 13.61
CA ASP C 41 -29.32 2.05 13.01
C ASP C 41 -28.04 1.83 12.22
N LEU C 42 -27.17 2.83 12.24
CA LEU C 42 -25.92 2.76 11.51
C LEU C 42 -24.85 2.02 12.30
N GLN C 43 -25.07 1.89 13.61
CA GLN C 43 -24.12 1.22 14.48
C GLN C 43 -24.39 -0.28 14.54
N LEU C 44 -25.10 -0.81 13.55
CA LEU C 44 -25.44 -2.21 13.51
C LEU C 44 -24.95 -2.89 12.23
N GLU C 45 -24.73 -2.10 11.18
CA GLU C 45 -24.30 -2.63 9.89
C GLU C 45 -22.95 -3.34 9.91
N ARG C 46 -22.08 -3.00 10.85
CA ARG C 46 -20.75 -3.60 10.90
C ARG C 46 -20.32 -4.06 12.31
N ILE C 47 -21.28 -4.23 13.22
CA ILE C 47 -20.98 -4.66 14.59
C ILE C 47 -20.03 -5.87 14.62
N ASN C 48 -20.36 -6.85 13.79
CA ASN C 48 -19.58 -8.10 13.64
C ASN C 48 -18.08 -7.94 13.84
N VAL C 49 -17.54 -6.83 13.36
CA VAL C 49 -16.10 -6.54 13.45
C VAL C 49 -15.49 -6.77 14.83
N TYR C 50 -16.22 -6.38 15.88
CA TYR C 50 -15.69 -6.53 17.23
C TYR C 50 -16.62 -7.29 18.14
N TYR C 51 -17.65 -7.91 17.59
CA TYR C 51 -18.59 -8.66 18.41
C TYR C 51 -18.84 -10.02 17.78
N ASN C 52 -19.57 -10.87 18.49
CA ASN C 52 -19.89 -12.20 17.99
C ASN C 52 -21.34 -12.53 18.29
N GLU C 53 -22.04 -13.03 17.30
CA GLU C 53 -23.42 -13.41 17.48
C GLU C 53 -23.51 -14.82 18.01
N ALA C 54 -23.98 -14.96 19.24
CA ALA C 54 -24.10 -16.26 19.86
C ALA C 54 -25.55 -16.55 20.21
N ALA C 55 -26.07 -15.80 21.19
CA ALA C 55 -27.46 -15.97 21.63
C ALA C 55 -28.41 -15.20 20.72
N GLY C 56 -28.39 -13.89 20.84
CA GLY C 56 -29.23 -13.03 20.03
C GLY C 56 -29.45 -11.70 20.69
N ASN C 57 -29.10 -11.63 21.96
CA ASN C 57 -29.23 -10.40 22.73
C ASN C 57 -27.92 -10.12 23.43
N LYS C 58 -27.09 -11.16 23.51
CA LYS C 58 -25.80 -11.04 24.15
C LYS C 58 -24.70 -10.97 23.09
N TYR C 59 -24.36 -9.76 22.68
CA TYR C 59 -23.31 -9.55 21.70
C TYR C 59 -21.98 -9.47 22.41
N VAL C 60 -21.29 -10.59 22.50
CA VAL C 60 -20.02 -10.66 23.19
C VAL C 60 -18.86 -10.10 22.37
N PRO C 61 -18.17 -9.10 22.93
CA PRO C 61 -17.02 -8.46 22.29
C PRO C 61 -15.89 -9.45 22.09
N ARG C 62 -15.23 -9.36 20.96
CA ARG C 62 -14.12 -10.25 20.66
C ARG C 62 -12.79 -9.70 21.14
N ALA C 63 -12.50 -9.94 22.42
CA ALA C 63 -11.24 -9.51 22.99
C ALA C 63 -10.66 -10.64 23.81
N ILE C 64 -9.38 -10.57 24.10
CA ILE C 64 -8.71 -11.61 24.86
C ILE C 64 -7.99 -11.00 26.04
N LEU C 65 -8.20 -11.55 27.22
CA LEU C 65 -7.58 -11.07 28.43
C LEU C 65 -6.48 -12.02 28.86
N VAL C 66 -5.24 -11.66 28.61
CA VAL C 66 -4.11 -12.51 28.96
C VAL C 66 -3.24 -11.83 30.01
N ASP C 67 -3.18 -12.42 31.20
CA ASP C 67 -2.39 -11.87 32.29
C ASP C 67 -2.09 -12.95 33.33
N LEU C 68 -0.97 -12.81 34.03
CA LEU C 68 -0.55 -13.77 35.04
C LEU C 68 -0.96 -13.35 36.45
N GLU C 69 -1.66 -12.23 36.57
CA GLU C 69 -2.09 -11.77 37.88
C GLU C 69 -3.60 -11.83 38.00
N PRO C 70 -4.11 -12.85 38.71
CA PRO C 70 -5.55 -13.03 38.92
C PRO C 70 -6.21 -11.73 39.37
N GLY C 71 -5.71 -11.18 40.48
CA GLY C 71 -6.23 -9.92 41.02
C GLY C 71 -6.61 -8.90 39.96
N THR C 72 -5.68 -8.66 39.04
CA THR C 72 -5.88 -7.73 37.95
C THR C 72 -7.12 -8.09 37.11
N MET C 73 -7.08 -9.25 36.49
CA MET C 73 -8.19 -9.71 35.66
C MET C 73 -9.47 -9.86 36.49
N ASP C 74 -9.31 -10.16 37.77
CA ASP C 74 -10.43 -10.37 38.68
C ASP C 74 -11.07 -9.06 39.11
N SER C 75 -10.51 -7.94 38.71
CA SER C 75 -11.09 -6.64 39.02
C SER C 75 -11.76 -6.09 37.78
N VAL C 76 -11.31 -6.61 36.64
CA VAL C 76 -11.88 -6.23 35.35
C VAL C 76 -13.23 -6.93 35.17
N ARG C 77 -13.30 -8.19 35.59
CA ARG C 77 -14.52 -8.97 35.44
C ARG C 77 -15.54 -8.69 36.56
N SER C 78 -15.09 -8.09 37.63
CA SER C 78 -15.98 -7.81 38.75
C SER C 78 -16.46 -6.37 38.77
N GLY C 79 -16.24 -5.66 37.67
CA GLY C 79 -16.68 -4.28 37.62
C GLY C 79 -17.94 -4.12 36.80
N PRO C 80 -18.09 -2.99 36.13
CA PRO C 80 -19.24 -2.66 35.28
C PRO C 80 -19.33 -3.59 34.06
N PHE C 81 -18.82 -3.11 32.93
CA PHE C 81 -18.85 -3.87 31.67
C PHE C 81 -18.01 -5.15 31.72
N GLY C 82 -17.48 -5.48 32.89
CA GLY C 82 -16.65 -6.67 33.05
C GLY C 82 -17.37 -7.97 32.77
N GLN C 83 -18.69 -7.99 32.94
CA GLN C 83 -19.46 -9.22 32.71
C GLN C 83 -19.92 -9.36 31.26
N ILE C 84 -19.20 -8.74 30.34
CA ILE C 84 -19.55 -8.83 28.93
C ILE C 84 -18.61 -9.81 28.21
N PHE C 85 -17.47 -10.07 28.84
CA PHE C 85 -16.49 -10.97 28.27
C PHE C 85 -16.79 -12.42 28.63
N ARG C 86 -16.79 -13.29 27.63
CA ARG C 86 -17.05 -14.70 27.84
C ARG C 86 -15.89 -15.33 28.62
N PRO C 87 -16.19 -16.28 29.51
CA PRO C 87 -15.18 -16.97 30.34
C PRO C 87 -14.06 -17.57 29.52
N ASP C 88 -14.40 -18.01 28.31
CA ASP C 88 -13.43 -18.63 27.41
C ASP C 88 -12.36 -17.63 26.96
N ASN C 89 -12.71 -16.35 26.98
CA ASN C 89 -11.81 -15.28 26.58
C ASN C 89 -10.79 -14.96 27.67
N PHE C 90 -11.10 -15.36 28.90
CA PHE C 90 -10.22 -15.12 30.02
C PHE C 90 -9.08 -16.13 30.04
N VAL C 91 -7.88 -15.67 29.70
CA VAL C 91 -6.72 -16.53 29.68
C VAL C 91 -5.74 -16.08 30.77
N PHE C 92 -6.02 -16.46 32.00
CA PHE C 92 -5.17 -16.09 33.11
C PHE C 92 -4.20 -17.19 33.49
N GLY C 93 -3.11 -16.79 34.10
CA GLY C 93 -2.07 -17.70 34.53
C GLY C 93 -1.66 -17.41 35.95
N GLN C 94 -2.21 -18.16 36.90
CA GLN C 94 -1.94 -17.97 38.33
C GLN C 94 -0.45 -18.06 38.73
N SER C 95 0.44 -18.14 37.75
CA SER C 95 1.88 -18.19 38.00
C SER C 95 2.41 -16.87 38.60
N GLY C 96 3.72 -16.69 38.56
CA GLY C 96 4.31 -15.47 39.11
C GLY C 96 4.24 -14.30 38.15
N ALA C 97 3.34 -13.37 38.42
CA ALA C 97 3.15 -12.19 37.57
C ALA C 97 4.23 -11.13 37.75
N GLY C 98 5.44 -11.56 38.10
CA GLY C 98 6.58 -10.66 38.27
C GLY C 98 6.74 -9.65 37.14
N ASN C 99 7.25 -8.47 37.44
CA ASN C 99 7.46 -7.41 36.45
C ASN C 99 8.73 -7.66 35.64
N ASN C 100 8.96 -8.92 35.26
CA ASN C 100 10.15 -9.27 34.51
C ASN C 100 9.81 -9.77 33.12
N TRP C 101 10.51 -9.23 32.11
CA TRP C 101 10.29 -9.61 30.73
C TRP C 101 10.55 -11.10 30.51
N ALA C 102 11.69 -11.58 30.99
CA ALA C 102 12.08 -12.98 30.83
C ALA C 102 11.10 -13.91 31.54
N LYS C 103 10.61 -13.47 32.70
CA LYS C 103 9.68 -14.29 33.46
C LYS C 103 8.35 -14.43 32.73
N GLY C 104 7.99 -13.43 31.94
CA GLY C 104 6.74 -13.48 31.21
C GLY C 104 6.92 -13.83 29.75
N HIS C 105 8.14 -14.17 29.36
CA HIS C 105 8.43 -14.51 27.98
C HIS C 105 9.09 -15.88 27.86
N TYR C 106 9.89 -16.25 28.85
CA TYR C 106 10.60 -17.51 28.80
C TYR C 106 10.08 -18.60 29.76
N THR C 107 9.60 -18.23 30.94
CA THR C 107 9.13 -19.25 31.89
C THR C 107 7.63 -19.24 32.16
N GLU C 108 7.14 -18.20 32.82
CA GLU C 108 5.72 -18.12 33.18
C GLU C 108 4.87 -17.73 31.99
N GLY C 109 5.39 -16.86 31.16
CA GLY C 109 4.65 -16.43 29.99
C GLY C 109 4.58 -17.49 28.92
N ALA C 110 5.66 -18.25 28.78
CA ALA C 110 5.76 -19.30 27.76
C ALA C 110 4.72 -20.41 27.94
N GLU C 111 4.41 -20.74 29.18
CA GLU C 111 3.45 -21.80 29.46
C GLU C 111 2.03 -21.41 29.07
N LEU C 112 1.67 -20.17 29.33
CA LEU C 112 0.32 -19.68 29.04
C LEU C 112 0.10 -19.45 27.54
N VAL C 113 1.18 -19.33 26.78
CA VAL C 113 1.10 -19.11 25.33
C VAL C 113 0.18 -20.12 24.64
N ASP C 114 0.35 -21.38 25.01
CA ASP C 114 -0.44 -22.46 24.44
C ASP C 114 -1.95 -22.27 24.65
N SER C 115 -2.32 -21.66 25.77
CA SER C 115 -3.72 -21.40 26.08
C SER C 115 -4.24 -20.17 25.35
N VAL C 116 -3.33 -19.41 24.77
CA VAL C 116 -3.67 -18.21 24.03
C VAL C 116 -3.89 -18.55 22.57
N LEU C 117 -2.91 -19.25 22.00
CA LEU C 117 -2.96 -19.68 20.60
C LEU C 117 -4.28 -20.35 20.28
N ASP C 118 -4.79 -21.13 21.23
CA ASP C 118 -6.06 -21.83 21.07
C ASP C 118 -7.20 -20.85 20.89
N VAL C 119 -7.23 -19.81 21.73
CA VAL C 119 -8.29 -18.81 21.68
C VAL C 119 -8.18 -17.92 20.44
N VAL C 120 -6.97 -17.48 20.12
CA VAL C 120 -6.76 -16.61 18.96
C VAL C 120 -7.20 -17.27 17.66
N ARG C 121 -7.17 -18.60 17.62
CA ARG C 121 -7.58 -19.32 16.44
C ARG C 121 -9.09 -19.49 16.41
N LYS C 122 -9.67 -19.68 17.59
CA LYS C 122 -11.11 -19.81 17.71
C LYS C 122 -11.79 -18.50 17.33
N GLU C 123 -11.09 -17.40 17.61
CA GLU C 123 -11.60 -16.08 17.31
C GLU C 123 -11.34 -15.69 15.85
N SER C 124 -10.22 -16.17 15.29
CA SER C 124 -9.88 -15.85 13.91
C SER C 124 -10.78 -16.58 12.91
N GLU C 125 -11.04 -17.85 13.20
CA GLU C 125 -11.88 -18.68 12.33
C GLU C 125 -13.36 -18.53 12.66
N SER C 126 -13.73 -17.35 13.16
CA SER C 126 -15.12 -17.07 13.50
C SER C 126 -16.04 -17.07 12.28
N CYS C 127 -16.13 -15.93 11.61
CA CYS C 127 -16.96 -15.77 10.43
C CYS C 127 -16.42 -14.65 9.54
N ASP C 128 -17.06 -14.47 8.39
CA ASP C 128 -16.68 -13.41 7.44
C ASP C 128 -15.18 -13.45 7.10
N CYS C 129 -14.56 -12.28 7.04
CA CYS C 129 -13.16 -12.18 6.71
C CYS C 129 -12.38 -11.56 7.87
N LEU C 130 -11.20 -12.08 8.12
CA LEU C 130 -10.36 -11.57 9.19
C LEU C 130 -9.43 -10.49 8.66
N GLN C 131 -9.39 -9.36 9.34
CA GLN C 131 -8.55 -8.25 8.93
C GLN C 131 -7.19 -8.31 9.63
N GLY C 132 -7.19 -8.35 10.95
CA GLY C 132 -5.96 -8.41 11.70
C GLY C 132 -6.18 -8.55 13.19
N PHE C 133 -5.13 -8.36 13.96
CA PHE C 133 -5.20 -8.47 15.41
C PHE C 133 -4.61 -7.22 16.06
N GLN C 134 -5.36 -6.61 16.97
CA GLN C 134 -4.89 -5.43 17.67
C GLN C 134 -4.44 -5.79 19.08
N LEU C 135 -3.30 -5.28 19.49
CA LEU C 135 -2.76 -5.57 20.81
C LEU C 135 -2.58 -4.31 21.65
N THR C 136 -3.04 -4.38 22.88
CA THR C 136 -2.90 -3.26 23.81
C THR C 136 -2.03 -3.71 24.96
N HIS C 137 -1.05 -2.88 25.35
CA HIS C 137 -0.13 -3.24 26.44
C HIS C 137 0.80 -2.08 26.78
N SER C 138 1.64 -2.31 27.78
CA SER C 138 2.60 -1.32 28.23
C SER C 138 4.01 -1.90 28.23
N LEU C 139 5.00 -1.06 27.97
CA LEU C 139 6.40 -1.51 27.95
C LEU C 139 7.03 -1.38 29.33
N GLY C 140 6.22 -1.57 30.38
CA GLY C 140 6.72 -1.47 31.73
C GLY C 140 6.11 -2.53 32.63
N GLY C 141 6.18 -3.77 32.21
CA GLY C 141 5.63 -4.85 33.01
C GLY C 141 6.02 -6.21 32.47
N GLY C 142 5.68 -7.26 33.22
CA GLY C 142 6.01 -8.60 32.79
C GLY C 142 5.09 -9.07 31.69
N THR C 143 3.83 -9.28 32.05
CA THR C 143 2.80 -9.73 31.13
C THR C 143 2.55 -8.74 29.99
N GLY C 144 2.89 -7.48 30.21
CA GLY C 144 2.66 -6.47 29.19
C GLY C 144 3.74 -6.45 28.14
N SER C 145 4.96 -6.14 28.53
CA SER C 145 6.06 -6.07 27.59
C SER C 145 6.53 -7.46 27.16
N GLY C 146 6.48 -8.42 28.06
CA GLY C 146 6.92 -9.76 27.74
C GLY C 146 5.84 -10.59 27.07
N MET C 147 4.90 -11.07 27.87
CA MET C 147 3.81 -11.92 27.40
C MET C 147 3.04 -11.34 26.22
N GLY C 148 2.82 -10.04 26.23
CA GLY C 148 2.09 -9.39 25.17
C GLY C 148 2.83 -9.41 23.84
N THR C 149 4.14 -9.30 23.89
CA THR C 149 4.95 -9.27 22.68
C THR C 149 5.24 -10.67 22.14
N LEU C 150 5.23 -11.67 23.01
CA LEU C 150 5.50 -13.03 22.56
C LEU C 150 4.26 -13.58 21.86
N LEU C 151 3.11 -13.24 22.41
CA LEU C 151 1.83 -13.66 21.85
C LEU C 151 1.70 -13.22 20.39
N ILE C 152 2.03 -11.95 20.13
CA ILE C 152 1.94 -11.42 18.77
C ILE C 152 2.97 -12.03 17.82
N SER C 153 4.15 -12.36 18.35
CA SER C 153 5.21 -12.97 17.54
C SER C 153 4.71 -14.27 16.90
N LYS C 154 3.89 -15.00 17.63
CA LYS C 154 3.33 -16.25 17.13
C LYS C 154 2.19 -15.98 16.16
N ILE C 155 1.43 -14.93 16.45
CA ILE C 155 0.30 -14.55 15.61
C ILE C 155 0.78 -14.18 14.20
N ARG C 156 1.86 -13.42 14.13
CA ARG C 156 2.40 -13.00 12.85
C ARG C 156 3.06 -14.14 12.08
N GLU C 157 3.09 -15.31 12.68
CA GLU C 157 3.66 -16.48 12.03
C GLU C 157 2.53 -17.41 11.59
N GLU C 158 1.40 -17.30 12.28
CA GLU C 158 0.24 -18.10 11.98
C GLU C 158 -0.63 -17.42 10.92
N TYR C 159 -0.58 -16.10 10.90
CA TYR C 159 -1.35 -15.30 9.95
C TYR C 159 -0.51 -14.14 9.43
N PRO C 160 0.43 -14.42 8.50
CA PRO C 160 1.32 -13.40 7.93
C PRO C 160 0.63 -12.46 6.94
N ASP C 161 -0.66 -12.65 6.75
CA ASP C 161 -1.44 -11.82 5.83
C ASP C 161 -2.14 -10.71 6.59
N ARG C 162 -2.74 -11.07 7.71
CA ARG C 162 -3.47 -10.13 8.55
C ARG C 162 -2.53 -9.08 9.13
N ILE C 163 -2.98 -7.85 9.17
CA ILE C 163 -2.18 -6.77 9.72
C ILE C 163 -2.24 -6.83 11.25
N MET C 164 -1.34 -6.11 11.90
CA MET C 164 -1.29 -6.13 13.35
C MET C 164 -1.18 -4.72 13.90
N ASN C 165 -2.28 -4.22 14.43
CA ASN C 165 -2.32 -2.89 15.01
C ASN C 165 -1.99 -3.00 16.49
N THR C 166 -1.07 -2.20 16.97
CA THR C 166 -0.68 -2.26 18.37
C THR C 166 -0.69 -0.90 19.05
N PHE C 167 -1.24 -0.88 20.25
CA PHE C 167 -1.30 0.32 21.07
C PHE C 167 -0.41 0.08 22.27
N SER C 168 0.76 0.70 22.27
CA SER C 168 1.71 0.51 23.33
C SER C 168 1.88 1.75 24.20
N VAL C 169 1.76 1.53 25.50
CA VAL C 169 1.94 2.59 26.49
C VAL C 169 3.40 2.66 26.89
N VAL C 170 4.18 3.33 26.06
CA VAL C 170 5.62 3.50 26.28
C VAL C 170 5.93 4.12 27.64
N PRO C 171 7.09 3.77 28.21
CA PRO C 171 7.53 4.31 29.49
C PRO C 171 7.68 5.83 29.43
N SER C 172 6.91 6.55 30.21
CA SER C 172 6.97 7.99 30.23
C SER C 172 8.36 8.45 30.66
N PRO C 173 8.93 9.44 29.94
CA PRO C 173 10.26 9.98 30.24
C PRO C 173 10.36 10.52 31.67
N LYS C 174 9.91 11.78 31.85
CA LYS C 174 9.93 12.46 33.15
C LYS C 174 9.93 11.55 34.38
N VAL C 175 8.94 10.68 34.49
CA VAL C 175 8.82 9.76 35.61
C VAL C 175 8.48 8.34 35.14
N SER C 176 9.31 7.39 35.52
CA SER C 176 9.10 5.99 35.17
C SER C 176 8.20 5.35 36.22
N ASP C 177 7.22 4.57 35.79
CA ASP C 177 6.30 3.91 36.73
C ASP C 177 6.89 2.62 37.25
N THR C 178 8.08 2.30 36.77
CA THR C 178 8.79 1.09 37.17
C THR C 178 10.28 1.39 37.16
N VAL C 179 11.08 0.52 37.76
CA VAL C 179 12.52 0.73 37.79
C VAL C 179 13.17 -0.02 36.64
N VAL C 180 12.70 -1.23 36.41
CA VAL C 180 13.22 -2.05 35.32
C VAL C 180 12.63 -1.61 33.98
N GLU C 181 11.58 -0.80 34.06
CA GLU C 181 10.87 -0.22 32.90
C GLU C 181 11.63 -0.24 31.55
N PRO C 182 12.75 0.51 31.44
CA PRO C 182 13.54 0.59 30.19
C PRO C 182 14.05 -0.78 29.70
N TYR C 183 14.33 -1.67 30.64
CA TYR C 183 14.81 -3.01 30.32
C TYR C 183 13.71 -3.78 29.60
N ASN C 184 12.52 -3.76 30.20
CA ASN C 184 11.36 -4.44 29.64
C ASN C 184 10.96 -3.84 28.30
N ALA C 185 11.13 -2.53 28.20
CA ALA C 185 10.81 -1.78 26.98
C ALA C 185 11.72 -2.18 25.83
N THR C 186 13.01 -2.01 26.03
CA THR C 186 14.01 -2.34 25.01
C THR C 186 13.82 -3.76 24.46
N LEU C 187 13.54 -4.71 25.35
CA LEU C 187 13.36 -6.09 24.94
C LEU C 187 12.06 -6.32 24.16
N SER C 188 11.00 -5.60 24.51
CA SER C 188 9.73 -5.76 23.83
C SER C 188 9.70 -5.05 22.48
N VAL C 189 10.26 -3.85 22.42
CA VAL C 189 10.29 -3.07 21.19
C VAL C 189 11.01 -3.81 20.07
N HIS C 190 11.99 -4.65 20.43
CA HIS C 190 12.74 -5.43 19.44
C HIS C 190 11.80 -6.34 18.65
N GLN C 191 11.08 -7.19 19.37
CA GLN C 191 10.16 -8.12 18.74
C GLN C 191 8.99 -7.38 18.08
N LEU C 192 8.53 -6.31 18.72
CA LEU C 192 7.42 -5.52 18.19
C LEU C 192 7.75 -4.96 16.81
N VAL C 193 8.87 -4.26 16.69
CA VAL C 193 9.29 -3.64 15.44
C VAL C 193 9.58 -4.66 14.33
N GLU C 194 9.45 -5.95 14.65
CA GLU C 194 9.71 -6.99 13.67
C GLU C 194 8.50 -7.93 13.59
N ASN C 195 7.34 -7.45 14.01
CA ASN C 195 6.13 -8.26 13.99
C ASN C 195 4.91 -7.43 13.57
N THR C 196 4.54 -6.46 14.40
CA THR C 196 3.38 -5.61 14.13
C THR C 196 3.57 -4.76 12.88
N ASP C 197 2.46 -4.33 12.27
CA ASP C 197 2.51 -3.53 11.06
C ASP C 197 1.92 -2.14 11.33
N GLU C 198 1.56 -1.87 12.58
CA GLU C 198 0.99 -0.59 12.98
C GLU C 198 1.16 -0.43 14.48
N THR C 199 1.83 0.62 14.92
CA THR C 199 2.02 0.84 16.34
C THR C 199 1.76 2.29 16.75
N TYR C 200 0.85 2.46 17.68
CA TYR C 200 0.47 3.77 18.21
C TYR C 200 1.10 3.98 19.58
N CYS C 201 2.07 4.86 19.66
CA CYS C 201 2.76 5.13 20.93
C CYS C 201 1.97 6.07 21.83
N ILE C 202 1.60 5.57 23.00
CA ILE C 202 0.90 6.36 24.01
C ILE C 202 1.88 6.65 25.13
N ASP C 203 1.95 7.89 25.59
CA ASP C 203 2.90 8.27 26.64
C ASP C 203 2.19 8.80 27.89
N ASN C 204 2.49 8.17 29.01
CA ASN C 204 1.91 8.55 30.30
C ASN C 204 2.10 10.03 30.67
N GLU C 205 3.21 10.64 30.26
CA GLU C 205 3.44 12.04 30.64
C GLU C 205 2.72 13.00 29.70
N ALA C 206 2.53 12.58 28.47
CA ALA C 206 1.82 13.39 27.50
C ALA C 206 0.33 13.29 27.77
N LEU C 207 -0.07 12.10 28.23
CA LEU C 207 -1.45 11.84 28.56
C LEU C 207 -1.88 12.74 29.72
N TYR C 208 -1.07 12.75 30.78
CA TYR C 208 -1.31 13.59 31.95
C TYR C 208 -1.49 15.03 31.50
N ASP C 209 -0.50 15.51 30.75
CA ASP C 209 -0.49 16.87 30.21
C ASP C 209 -1.80 17.22 29.51
N ILE C 210 -2.17 16.42 28.52
CA ILE C 210 -3.41 16.64 27.75
C ILE C 210 -4.64 16.71 28.66
N CYS C 211 -4.55 16.08 29.82
CA CYS C 211 -5.65 16.05 30.75
C CYS C 211 -5.51 17.17 31.79
N PHE C 212 -4.44 17.95 31.67
CA PHE C 212 -4.21 19.06 32.59
C PHE C 212 -4.20 20.42 31.88
N ARG C 213 -3.87 20.46 30.60
CA ARG C 213 -3.81 21.74 29.89
C ARG C 213 -4.90 21.85 28.83
N THR C 214 -5.27 20.73 28.23
CA THR C 214 -6.30 20.74 27.20
C THR C 214 -7.63 20.35 27.81
N LEU C 215 -7.56 19.87 29.03
CA LEU C 215 -8.72 19.46 29.79
C LEU C 215 -8.53 19.98 31.20
N LYS C 216 -9.41 20.87 31.62
CA LYS C 216 -9.34 21.47 32.96
C LYS C 216 -9.45 20.47 34.11
N LEU C 217 -9.33 19.19 33.81
CA LEU C 217 -9.38 18.14 34.82
C LEU C 217 -8.28 18.33 35.86
N THR C 218 -8.66 18.39 37.14
CA THR C 218 -7.69 18.57 38.21
C THR C 218 -7.07 17.23 38.62
N THR C 219 -7.89 16.20 38.66
CA THR C 219 -7.44 14.87 39.04
C THR C 219 -7.58 13.84 37.91
N PRO C 220 -6.59 13.76 37.00
CA PRO C 220 -6.61 12.82 35.88
C PRO C 220 -6.18 11.42 36.32
N THR C 221 -7.15 10.62 36.74
CA THR C 221 -6.89 9.25 37.18
C THR C 221 -6.62 8.34 35.98
N TYR C 222 -6.31 7.08 36.24
CA TYR C 222 -6.05 6.12 35.17
C TYR C 222 -7.25 6.00 34.25
N GLY C 223 -8.42 5.83 34.85
CA GLY C 223 -9.66 5.73 34.10
C GLY C 223 -9.79 6.86 33.09
N ASP C 224 -9.47 8.07 33.54
CA ASP C 224 -9.53 9.25 32.71
C ASP C 224 -8.54 9.13 31.55
N LEU C 225 -7.26 8.95 31.90
CA LEU C 225 -6.20 8.78 30.90
C LEU C 225 -6.62 7.78 29.84
N ASN C 226 -7.02 6.59 30.28
CA ASN C 226 -7.47 5.52 29.39
C ASN C 226 -8.65 5.96 28.53
N HIS C 227 -9.59 6.72 29.12
CA HIS C 227 -10.77 7.17 28.44
C HIS C 227 -10.36 7.99 27.26
N LEU C 228 -9.31 8.81 27.42
CA LEU C 228 -8.80 9.66 26.35
C LEU C 228 -8.31 8.82 25.18
N VAL C 229 -7.52 7.80 25.50
CA VAL C 229 -6.97 6.88 24.50
C VAL C 229 -8.09 6.10 23.83
N SER C 230 -9.02 5.61 24.63
CA SER C 230 -10.16 4.83 24.14
C SER C 230 -10.91 5.58 23.03
N ALA C 231 -10.93 6.91 23.12
CA ALA C 231 -11.61 7.74 22.12
C ALA C 231 -10.82 7.77 20.81
N THR C 232 -9.53 7.55 20.90
CA THR C 232 -8.67 7.54 19.73
C THR C 232 -8.79 6.22 18.98
N MET C 233 -8.68 5.12 19.71
CA MET C 233 -8.75 3.80 19.12
C MET C 233 -10.11 3.53 18.45
N SER C 234 -11.14 4.25 18.88
CA SER C 234 -12.46 4.10 18.30
C SER C 234 -12.50 4.84 16.96
N GLY C 235 -11.82 5.98 16.92
CA GLY C 235 -11.74 6.76 15.70
C GLY C 235 -10.88 6.04 14.67
N VAL C 236 -9.93 5.26 15.17
CA VAL C 236 -9.07 4.45 14.32
C VAL C 236 -9.85 3.26 13.78
N THR C 237 -10.09 2.29 14.64
CA THR C 237 -10.80 1.07 14.29
C THR C 237 -12.29 1.30 13.97
N THR C 238 -13.17 1.08 14.97
CA THR C 238 -14.63 1.25 14.83
C THR C 238 -15.10 2.24 13.77
N CYS C 239 -14.56 3.45 13.80
CA CYS C 239 -14.91 4.50 12.83
C CYS C 239 -14.88 4.00 11.39
N LEU C 240 -13.77 3.39 11.00
CA LEU C 240 -13.61 2.86 9.64
C LEU C 240 -14.59 1.71 9.35
N ARG C 241 -15.36 1.31 10.34
CA ARG C 241 -16.35 0.25 10.16
C ARG C 241 -17.73 0.86 9.98
N PHE C 242 -17.76 2.15 9.70
CA PHE C 242 -19.01 2.86 9.50
C PHE C 242 -19.01 3.50 8.12
N PRO C 243 -20.19 3.80 7.58
CA PRO C 243 -20.32 4.42 6.25
C PRO C 243 -19.71 5.83 6.24
N GLY C 244 -19.56 6.38 5.04
CA GLY C 244 -18.98 7.70 4.91
C GLY C 244 -18.70 8.04 3.46
N GLN C 245 -18.49 9.33 3.19
CA GLN C 245 -18.21 9.79 1.84
C GLN C 245 -16.81 9.36 1.40
N LEU C 246 -15.90 9.30 2.37
CA LEU C 246 -14.52 8.90 2.11
C LEU C 246 -14.04 7.99 3.23
N ASN C 247 -14.40 6.71 3.15
CA ASN C 247 -14.03 5.76 4.19
C ASN C 247 -12.68 5.11 3.93
N ALA C 248 -12.09 4.58 4.99
CA ALA C 248 -10.80 3.92 4.92
C ALA C 248 -10.83 2.64 5.76
N ASP C 249 -9.67 2.00 5.89
CA ASP C 249 -9.56 0.76 6.66
C ASP C 249 -8.10 0.42 6.89
N LEU C 250 -7.81 -0.29 7.98
CA LEU C 250 -6.46 -0.78 8.31
C LEU C 250 -5.53 -0.90 7.11
N ARG C 251 -5.99 -1.62 6.07
CA ARG C 251 -5.20 -1.80 4.86
C ARG C 251 -4.92 -0.47 4.21
N LYS C 252 -5.99 0.33 3.94
CA LYS C 252 -5.82 1.59 3.26
C LYS C 252 -4.91 2.43 4.09
N LEU C 253 -5.12 2.42 5.42
CA LEU C 253 -4.32 3.19 6.37
C LEU C 253 -2.85 2.79 6.36
N ALA C 254 -2.57 1.51 6.56
CA ALA C 254 -1.20 1.00 6.61
C ALA C 254 -0.48 1.19 5.28
N VAL C 255 -1.20 0.93 4.19
CA VAL C 255 -0.64 1.06 2.85
C VAL C 255 -0.25 2.52 2.53
N ASN C 256 -0.62 3.42 3.42
CA ASN C 256 -0.31 4.83 3.25
C ASN C 256 0.40 5.38 4.47
N MET C 257 0.61 4.55 5.48
CA MET C 257 1.25 4.99 6.72
C MET C 257 2.61 4.36 6.95
N VAL C 258 2.83 3.17 6.40
CA VAL C 258 4.10 2.48 6.58
C VAL C 258 4.96 2.61 5.33
N PRO C 259 5.91 3.55 5.32
CA PRO C 259 6.79 3.78 4.19
C PRO C 259 7.92 2.76 4.13
N PHE C 260 8.29 2.18 5.27
CA PHE C 260 9.37 1.20 5.30
C PHE C 260 9.05 0.00 6.20
N PRO C 261 9.24 -1.22 5.65
CA PRO C 261 9.02 -2.54 6.32
C PRO C 261 9.37 -2.60 7.81
N ARG C 262 10.16 -1.65 8.27
CA ARG C 262 10.57 -1.56 9.67
C ARG C 262 9.36 -1.60 10.60
N LEU C 263 8.24 -1.02 10.13
CA LEU C 263 6.95 -0.94 10.84
C LEU C 263 6.51 0.50 11.02
N HIS C 264 7.42 1.32 11.53
CA HIS C 264 7.18 2.74 11.79
C HIS C 264 6.13 2.93 12.88
N PHE C 265 6.44 3.82 13.81
CA PHE C 265 5.56 4.09 14.94
C PHE C 265 4.78 5.37 14.74
N PHE C 266 3.50 5.32 15.04
CA PHE C 266 2.62 6.47 14.88
C PHE C 266 2.31 7.10 16.23
N MET C 267 1.57 8.19 16.18
CA MET C 267 1.20 8.92 17.38
C MET C 267 -0.24 9.40 17.30
N PRO C 268 -1.08 8.94 18.23
CA PRO C 268 -2.50 9.31 18.27
C PRO C 268 -2.76 10.73 18.78
N GLY C 269 -3.70 11.40 18.14
CA GLY C 269 -4.08 12.75 18.50
C GLY C 269 -5.58 12.94 18.38
N PHE C 270 -6.17 13.69 19.28
CA PHE C 270 -7.61 13.94 19.25
C PHE C 270 -7.92 15.32 18.68
N ALA C 271 -9.07 15.46 18.05
CA ALA C 271 -9.48 16.75 17.48
C ALA C 271 -10.29 17.59 18.48
N PRO C 272 -11.58 17.23 18.75
CA PRO C 272 -12.40 18.00 19.67
C PRO C 272 -11.97 17.74 21.11
N LEU C 273 -11.03 18.53 21.57
CA LEU C 273 -10.51 18.39 22.92
C LEU C 273 -10.73 19.68 23.68
N THR C 274 -11.98 19.92 24.05
CA THR C 274 -12.33 21.12 24.77
C THR C 274 -13.00 20.75 26.09
N SER C 275 -12.76 21.53 27.13
CA SER C 275 -13.36 21.25 28.41
C SER C 275 -14.88 21.37 28.30
N ARG C 276 -15.57 20.46 28.98
CA ARG C 276 -17.03 20.40 28.98
C ARG C 276 -17.73 21.76 29.11
N GLY C 277 -18.01 22.17 30.33
CA GLY C 277 -18.69 23.43 30.60
C GLY C 277 -18.16 24.66 29.88
N SER C 278 -17.22 25.35 30.52
CA SER C 278 -16.62 26.58 30.00
C SER C 278 -16.26 26.53 28.51
N GLN C 279 -15.13 25.88 28.23
CA GLN C 279 -14.59 25.71 26.86
C GLN C 279 -15.56 25.37 25.73
N GLN C 280 -16.74 24.84 26.08
CA GLN C 280 -17.76 24.47 25.10
C GLN C 280 -18.16 25.61 24.16
N TYR C 281 -17.27 25.94 23.22
CA TYR C 281 -17.52 27.00 22.25
C TYR C 281 -18.16 26.42 21.00
N ARG C 282 -18.00 25.11 20.81
CA ARG C 282 -18.55 24.40 19.66
C ARG C 282 -17.81 24.80 18.38
N ALA C 283 -16.69 25.47 18.55
CA ALA C 283 -15.87 25.91 17.43
C ALA C 283 -15.11 24.72 16.87
N LEU C 284 -15.79 23.97 16.01
CA LEU C 284 -15.22 22.79 15.39
C LEU C 284 -15.67 22.69 13.94
N THR C 285 -15.76 23.84 13.28
CA THR C 285 -16.18 23.90 11.88
C THR C 285 -15.29 23.05 10.99
N VAL C 286 -13.98 23.17 11.17
CA VAL C 286 -12.98 22.41 10.41
C VAL C 286 -11.53 22.86 10.64
N PRO C 287 -11.17 24.16 10.54
CA PRO C 287 -9.79 24.60 10.76
C PRO C 287 -9.38 24.47 12.22
N GLU C 288 -10.36 24.50 13.11
CA GLU C 288 -10.12 24.40 14.54
C GLU C 288 -9.61 23.00 14.88
N LEU C 289 -10.05 22.03 14.09
CA LEU C 289 -9.61 20.65 14.29
C LEU C 289 -8.17 20.52 13.83
N THR C 290 -7.86 21.15 12.71
CA THR C 290 -6.52 21.15 12.15
C THR C 290 -5.57 21.84 13.11
N GLN C 291 -6.02 22.95 13.67
CA GLN C 291 -5.24 23.73 14.63
C GLN C 291 -4.84 22.85 15.80
N GLN C 292 -5.82 22.14 16.33
CA GLN C 292 -5.60 21.24 17.45
C GLN C 292 -4.62 20.14 17.07
N MET C 293 -5.13 19.10 16.42
CA MET C 293 -4.36 17.96 15.94
C MET C 293 -2.93 18.26 15.47
N PHE C 294 -2.75 19.35 14.73
CA PHE C 294 -1.44 19.68 14.20
C PHE C 294 -0.56 20.50 15.16
N ASP C 295 -1.00 20.68 16.39
CA ASP C 295 -0.22 21.41 17.38
C ASP C 295 0.64 20.43 18.19
N ALA C 296 1.72 20.92 18.79
CA ALA C 296 2.60 20.10 19.62
C ALA C 296 1.75 19.51 20.74
N LYS C 297 1.36 20.35 21.67
CA LYS C 297 0.48 19.93 22.74
C LYS C 297 -0.78 19.37 22.07
N ASN C 298 -1.23 18.18 22.54
CA ASN C 298 -2.41 17.43 22.02
C ASN C 298 -1.94 16.07 21.49
N MET C 299 -0.64 15.92 21.39
CA MET C 299 -0.04 14.68 20.92
C MET C 299 0.15 13.74 22.10
N MET C 300 -0.52 12.59 22.04
CA MET C 300 -0.43 11.58 23.09
C MET C 300 0.98 11.09 23.36
N ALA C 301 1.90 11.37 22.46
CA ALA C 301 3.30 10.98 22.65
C ALA C 301 4.07 12.06 23.40
N ALA C 302 5.21 11.71 23.99
CA ALA C 302 6.00 12.69 24.72
C ALA C 302 6.76 13.61 23.77
N CYS C 303 7.25 13.04 22.68
CA CYS C 303 7.99 13.84 21.70
C CYS C 303 7.02 14.76 20.96
N ASP C 304 7.53 15.93 20.59
CA ASP C 304 6.72 16.90 19.87
C ASP C 304 7.04 16.90 18.40
N PRO C 305 6.00 16.90 17.55
CA PRO C 305 6.14 16.89 16.09
C PRO C 305 7.14 17.92 15.57
N ARG C 306 7.22 19.05 16.27
CA ARG C 306 8.14 20.11 15.89
C ARG C 306 9.61 19.69 15.96
N HIS C 307 9.89 18.57 16.62
CA HIS C 307 11.24 18.07 16.76
C HIS C 307 11.58 17.02 15.71
N GLY C 308 10.81 16.99 14.63
CA GLY C 308 11.06 16.02 13.58
C GLY C 308 10.11 16.14 12.43
N ARG C 309 10.62 15.87 11.24
CA ARG C 309 9.82 15.95 10.02
C ARG C 309 8.64 14.98 10.07
N TYR C 310 7.71 15.14 9.14
CA TYR C 310 6.55 14.26 9.08
C TYR C 310 6.80 13.29 7.95
N LEU C 311 6.35 12.06 8.11
CA LEU C 311 6.51 11.05 7.06
C LEU C 311 5.15 10.67 6.55
N THR C 312 4.20 10.56 7.47
CA THR C 312 2.84 10.21 7.13
C THR C 312 1.85 10.93 8.04
N VAL C 313 0.68 11.26 7.51
CA VAL C 313 -0.37 11.90 8.28
C VAL C 313 -1.69 11.24 7.92
N ALA C 314 -2.46 10.89 8.93
CA ALA C 314 -3.75 10.25 8.70
C ALA C 314 -4.85 10.97 9.47
N ALA C 315 -5.56 11.83 8.79
CA ALA C 315 -6.66 12.58 9.38
C ALA C 315 -7.97 11.88 9.08
N VAL C 316 -8.47 11.11 10.05
CA VAL C 316 -9.72 10.39 9.88
C VAL C 316 -10.87 11.16 10.51
N PHE C 317 -11.56 11.93 9.69
CA PHE C 317 -12.68 12.73 10.15
C PHE C 317 -13.93 11.88 10.28
N ARG C 318 -14.86 12.33 11.12
CA ARG C 318 -16.11 11.63 11.33
C ARG C 318 -17.22 12.62 11.70
N GLY C 319 -17.92 13.09 10.68
CA GLY C 319 -18.98 14.05 10.87
C GLY C 319 -19.34 14.72 9.55
N ARG C 320 -20.61 15.03 9.36
CA ARG C 320 -21.10 15.68 8.15
C ARG C 320 -20.32 16.95 7.83
N MET C 321 -19.47 16.88 6.80
CA MET C 321 -18.67 18.03 6.39
C MET C 321 -18.35 17.93 4.90
N SER C 322 -17.95 19.05 4.30
CA SER C 322 -17.63 19.10 2.88
C SER C 322 -16.16 18.81 2.63
N MET C 323 -15.89 17.93 1.67
CA MET C 323 -14.52 17.56 1.31
C MET C 323 -13.69 18.77 0.86
N LYS C 324 -14.34 19.90 0.65
CA LYS C 324 -13.64 21.10 0.21
C LYS C 324 -13.04 21.83 1.40
N GLU C 325 -13.78 21.95 2.49
CA GLU C 325 -13.27 22.62 3.68
C GLU C 325 -12.23 21.75 4.39
N VAL C 326 -12.24 20.47 4.07
CA VAL C 326 -11.32 19.52 4.67
C VAL C 326 -10.00 19.50 3.90
N ASP C 327 -10.08 19.08 2.64
CA ASP C 327 -8.92 18.98 1.76
C ASP C 327 -8.15 20.29 1.66
N GLU C 328 -8.88 21.39 1.56
CA GLU C 328 -8.27 22.71 1.46
C GLU C 328 -7.40 23.00 2.68
N GLN C 329 -8.02 22.91 3.85
CA GLN C 329 -7.32 23.14 5.11
C GLN C 329 -6.06 22.28 5.21
N MET C 330 -6.23 20.97 5.02
CA MET C 330 -5.13 20.01 5.08
C MET C 330 -3.95 20.45 4.22
N LEU C 331 -4.25 20.84 2.98
CA LEU C 331 -3.24 21.29 2.04
C LEU C 331 -2.51 22.53 2.58
N ASN C 332 -3.30 23.53 2.96
CA ASN C 332 -2.77 24.79 3.50
C ASN C 332 -1.71 24.56 4.57
N VAL C 333 -1.98 23.64 5.49
CA VAL C 333 -1.04 23.35 6.58
C VAL C 333 0.28 22.81 6.03
N GLN C 334 0.19 21.95 5.01
CA GLN C 334 1.39 21.36 4.41
C GLN C 334 2.17 22.40 3.61
N ASN C 335 1.52 23.51 3.31
CA ASN C 335 2.16 24.58 2.56
C ASN C 335 2.76 25.60 3.51
N LYS C 336 2.13 25.77 4.66
CA LYS C 336 2.60 26.72 5.67
C LYS C 336 3.76 26.18 6.48
N ASN C 337 3.73 24.87 6.77
CA ASN C 337 4.77 24.24 7.57
C ASN C 337 5.61 23.29 6.74
N SER C 338 5.93 23.71 5.51
CA SER C 338 6.73 22.91 4.59
C SER C 338 8.08 22.50 5.18
N SER C 339 8.55 23.29 6.16
CA SER C 339 9.82 23.02 6.83
C SER C 339 9.86 21.59 7.34
N TYR C 340 8.91 21.21 8.16
CA TYR C 340 8.85 19.85 8.67
C TYR C 340 7.62 19.14 8.15
N PHE C 341 7.77 18.53 6.98
CA PHE C 341 6.68 17.81 6.32
C PHE C 341 7.23 16.95 5.20
N VAL C 342 8.51 16.63 5.29
CA VAL C 342 9.21 15.81 4.31
C VAL C 342 9.27 16.43 2.91
N GLU C 343 10.29 16.05 2.16
CA GLU C 343 10.47 16.58 0.81
C GLU C 343 10.19 15.54 -0.26
N TRP C 344 10.63 14.30 -0.02
CA TRP C 344 10.44 13.21 -0.99
C TRP C 344 8.99 12.73 -1.13
N ILE C 345 8.07 13.37 -0.44
CA ILE C 345 6.66 13.02 -0.52
C ILE C 345 5.81 14.27 -0.69
N PRO C 346 5.21 14.43 -1.87
CA PRO C 346 4.38 15.60 -2.20
C PRO C 346 3.21 15.81 -1.24
N ASN C 347 2.50 14.73 -0.91
CA ASN C 347 1.35 14.82 -0.01
C ASN C 347 1.30 13.67 1.00
N ASN C 348 1.90 13.91 2.15
CA ASN C 348 1.94 12.95 3.25
C ASN C 348 0.55 12.69 3.83
N VAL C 349 -0.27 13.73 3.86
CA VAL C 349 -1.61 13.64 4.43
C VAL C 349 -2.54 12.73 3.62
N LYS C 350 -3.15 11.79 4.32
CA LYS C 350 -4.11 10.88 3.72
C LYS C 350 -5.49 11.20 4.31
N THR C 351 -6.28 11.95 3.57
CA THR C 351 -7.59 12.37 4.02
C THR C 351 -8.61 11.23 4.09
N ALA C 352 -9.37 11.22 5.18
CA ALA C 352 -10.43 10.25 5.39
C ALA C 352 -11.61 10.97 6.04
N VAL C 353 -12.82 10.72 5.56
CA VAL C 353 -14.00 11.40 6.10
C VAL C 353 -15.17 10.43 6.25
N CYS C 354 -15.52 10.15 7.49
CA CYS C 354 -16.64 9.29 7.80
C CYS C 354 -17.92 10.14 7.84
N ASP C 355 -19.04 9.53 8.17
CA ASP C 355 -20.31 10.25 8.22
C ASP C 355 -20.79 10.35 9.65
N ILE C 356 -21.08 9.21 10.24
CA ILE C 356 -21.56 9.16 11.62
C ILE C 356 -20.44 9.47 12.62
N PRO C 357 -20.64 10.49 13.46
CA PRO C 357 -19.66 10.88 14.47
C PRO C 357 -19.90 10.07 15.75
N PRO C 358 -19.04 10.21 16.76
CA PRO C 358 -19.23 9.49 18.03
C PRO C 358 -20.47 10.00 18.77
N ARG C 359 -21.53 9.20 18.68
CA ARG C 359 -22.84 9.46 19.29
C ARG C 359 -23.15 10.91 19.72
N GLY C 360 -22.64 11.35 20.87
CA GLY C 360 -22.94 12.69 21.36
C GLY C 360 -22.21 13.84 20.69
N LEU C 361 -21.18 13.56 19.91
CA LEU C 361 -20.44 14.63 19.24
C LEU C 361 -20.98 14.90 17.83
N LYS C 362 -20.83 16.14 17.38
CA LYS C 362 -21.31 16.55 16.06
C LYS C 362 -20.19 16.50 15.01
N MET C 363 -18.97 16.80 15.43
CA MET C 363 -17.83 16.82 14.52
C MET C 363 -16.58 16.37 15.24
N SER C 364 -15.87 15.43 14.64
CA SER C 364 -14.65 14.90 15.22
C SER C 364 -13.65 14.50 14.15
N ALA C 365 -12.44 14.15 14.57
CA ALA C 365 -11.39 13.75 13.65
C ALA C 365 -10.25 13.09 14.41
N THR C 366 -9.97 11.85 14.06
CA THR C 366 -8.89 11.12 14.70
C THR C 366 -7.57 11.45 13.98
N PHE C 367 -6.54 11.76 14.74
CA PHE C 367 -5.24 12.11 14.16
C PHE C 367 -4.21 11.01 14.38
N ILE C 368 -3.53 10.67 13.29
CA ILE C 368 -2.47 9.66 13.32
C ILE C 368 -1.24 10.23 12.63
N GLY C 369 -0.23 10.59 13.40
CA GLY C 369 0.97 11.16 12.82
C GLY C 369 2.17 10.22 12.86
N ASN C 370 2.87 10.14 11.75
CA ASN C 370 4.07 9.30 11.63
C ASN C 370 5.27 10.20 11.36
N SER C 371 5.69 10.92 12.39
CA SER C 371 6.82 11.83 12.26
C SER C 371 8.11 11.17 12.75
N THR C 372 9.24 11.75 12.35
CA THR C 372 10.54 11.23 12.75
C THR C 372 10.89 11.73 14.15
N ALA C 373 9.99 12.53 14.71
CA ALA C 373 10.16 13.09 16.04
C ALA C 373 10.16 12.00 17.11
N ILE C 374 9.63 10.83 16.76
CA ILE C 374 9.58 9.70 17.68
C ILE C 374 11.00 9.27 18.09
N GLN C 375 12.00 9.87 17.44
CA GLN C 375 13.39 9.62 17.74
C GLN C 375 13.67 10.09 19.16
N GLU C 376 13.05 11.22 19.53
CA GLU C 376 13.23 11.81 20.85
C GLU C 376 12.49 11.01 21.92
N LEU C 377 12.18 9.77 21.62
CA LEU C 377 11.50 8.89 22.55
C LEU C 377 12.31 7.59 22.67
N PHE C 378 12.62 6.99 21.52
CA PHE C 378 13.40 5.76 21.51
C PHE C 378 14.81 6.03 22.00
N LYS C 379 15.34 7.20 21.66
CA LYS C 379 16.68 7.60 22.08
C LYS C 379 16.75 7.58 23.60
N ARG C 380 15.72 8.14 24.22
CA ARG C 380 15.59 8.15 25.67
C ARG C 380 15.74 6.73 26.20
N ILE C 381 14.89 5.84 25.69
CA ILE C 381 14.90 4.43 26.08
C ILE C 381 16.31 3.83 25.97
N SER C 382 16.96 4.01 24.82
CA SER C 382 18.31 3.50 24.62
C SER C 382 19.24 4.05 25.70
N GLU C 383 19.13 5.34 25.97
CA GLU C 383 19.94 5.99 26.98
C GLU C 383 19.70 5.35 28.35
N GLN C 384 18.43 5.34 28.78
CA GLN C 384 18.05 4.74 30.06
C GLN C 384 18.59 3.32 30.17
N PHE C 385 18.35 2.52 29.12
CA PHE C 385 18.77 1.14 29.07
C PHE C 385 20.29 1.02 29.22
N THR C 386 21.02 1.51 28.22
CA THR C 386 22.48 1.46 28.21
C THR C 386 23.09 1.95 29.54
N ALA C 387 22.51 3.01 30.10
CA ALA C 387 22.99 3.58 31.36
C ALA C 387 22.97 2.57 32.51
N MET C 388 21.93 1.75 32.56
CA MET C 388 21.81 0.77 33.64
C MET C 388 22.33 -0.60 33.20
N PHE C 389 22.30 -0.84 31.89
CA PHE C 389 22.80 -2.09 31.33
C PHE C 389 24.30 -2.19 31.59
N ARG C 390 24.99 -1.06 31.45
CA ARG C 390 26.43 -0.98 31.72
C ARG C 390 26.79 -1.68 33.04
N ARG C 391 25.95 -1.51 34.05
CA ARG C 391 26.18 -2.12 35.35
C ARG C 391 25.40 -3.40 35.52
N LYS C 392 24.61 -3.73 34.50
CA LYS C 392 23.77 -4.93 34.50
C LYS C 392 22.82 -4.92 35.71
N ALA C 393 22.35 -3.71 36.04
CA ALA C 393 21.43 -3.43 37.16
C ALA C 393 20.66 -4.65 37.67
N PHE C 394 19.47 -4.85 37.17
CA PHE C 394 18.65 -5.98 37.59
C PHE C 394 18.72 -7.10 36.56
N LEU C 395 19.94 -7.42 36.12
CA LEU C 395 20.14 -8.47 35.13
C LEU C 395 19.90 -9.84 35.75
N HIS C 396 20.11 -9.92 37.06
CA HIS C 396 19.91 -11.15 37.79
C HIS C 396 18.46 -11.63 37.71
N TRP C 397 17.53 -10.68 37.67
CA TRP C 397 16.11 -11.00 37.60
C TRP C 397 15.75 -11.57 36.23
N TYR C 398 16.52 -11.20 35.21
CA TYR C 398 16.28 -11.67 33.85
C TYR C 398 16.98 -12.99 33.61
N THR C 399 18.29 -12.99 33.84
CA THR C 399 19.11 -14.19 33.66
C THR C 399 18.62 -15.34 34.53
N GLY C 400 18.22 -15.03 35.77
CA GLY C 400 17.74 -16.05 36.68
C GLY C 400 16.46 -16.70 36.22
N GLU C 401 15.74 -16.05 35.32
CA GLU C 401 14.50 -16.58 34.79
C GLU C 401 14.69 -17.15 33.38
N GLY C 402 15.95 -17.36 33.02
CA GLY C 402 16.26 -17.90 31.70
C GLY C 402 16.37 -16.83 30.62
N MET C 403 17.57 -16.31 30.47
CA MET C 403 17.83 -15.29 29.47
C MET C 403 19.23 -15.49 28.88
N ASP C 404 19.62 -14.63 27.95
CA ASP C 404 20.92 -14.71 27.31
C ASP C 404 21.56 -13.33 27.32
N GLU C 405 22.88 -13.28 27.41
CA GLU C 405 23.61 -12.01 27.42
C GLU C 405 23.47 -11.29 26.08
N MET C 406 23.21 -12.06 25.04
CA MET C 406 23.07 -11.50 23.70
C MET C 406 21.66 -10.94 23.48
N GLU C 407 20.72 -11.39 24.31
CA GLU C 407 19.34 -10.94 24.20
C GLU C 407 19.29 -9.43 24.36
N PHE C 408 20.11 -8.91 25.25
CA PHE C 408 20.19 -7.49 25.50
C PHE C 408 20.85 -6.76 24.34
N THR C 409 21.90 -7.37 23.77
CA THR C 409 22.60 -6.77 22.63
C THR C 409 21.67 -6.69 21.43
N GLU C 410 20.95 -7.78 21.17
CA GLU C 410 20.00 -7.85 20.08
C GLU C 410 19.01 -6.71 20.18
N ALA C 411 18.31 -6.66 21.31
CA ALA C 411 17.31 -5.62 21.57
C ALA C 411 17.90 -4.22 21.44
N GLU C 412 18.98 -3.95 22.17
CA GLU C 412 19.62 -2.64 22.13
C GLU C 412 20.01 -2.24 20.72
N SER C 413 20.75 -3.12 20.03
CA SER C 413 21.18 -2.87 18.66
C SER C 413 19.98 -2.56 17.77
N ASN C 414 19.03 -3.50 17.73
CA ASN C 414 17.82 -3.37 16.94
C ASN C 414 17.15 -2.00 17.15
N MET C 415 16.76 -1.73 18.38
CA MET C 415 16.09 -0.48 18.73
C MET C 415 16.96 0.74 18.42
N ASN C 416 18.26 0.65 18.69
CA ASN C 416 19.19 1.76 18.42
C ASN C 416 19.25 2.02 16.92
N ASP C 417 19.17 0.96 16.14
CA ASP C 417 19.20 1.06 14.68
C ASP C 417 17.92 1.74 14.19
N LEU C 418 16.83 1.46 14.90
CA LEU C 418 15.53 2.04 14.58
C LEU C 418 15.60 3.56 14.70
N VAL C 419 16.30 4.03 15.72
CA VAL C 419 16.47 5.46 15.95
C VAL C 419 17.21 6.06 14.75
N SER C 420 18.29 5.39 14.37
CA SER C 420 19.10 5.78 13.23
C SER C 420 18.25 5.87 11.95
N GLU C 421 17.55 4.78 11.64
CA GLU C 421 16.69 4.70 10.46
C GLU C 421 15.81 5.94 10.28
N TYR C 422 15.09 6.31 11.34
CA TYR C 422 14.23 7.49 11.31
C TYR C 422 15.01 8.76 10.97
N GLN C 423 16.24 8.83 11.46
CA GLN C 423 17.09 9.99 11.22
C GLN C 423 17.57 10.03 9.77
N GLN C 424 17.70 8.85 9.16
CA GLN C 424 18.14 8.74 7.77
C GLN C 424 17.15 9.39 6.81
N TYR C 425 15.90 9.53 7.28
CA TYR C 425 14.86 10.12 6.46
C TYR C 425 14.51 11.53 6.93
N GLN C 426 14.88 11.83 8.17
CA GLN C 426 14.63 13.15 8.75
C GLN C 426 15.40 14.23 7.99
N ASP C 427 16.61 13.89 7.54
CA ASP C 427 17.43 14.83 6.79
C ASP C 427 17.51 14.44 5.33
PB ADP D . 17.18 -24.62 -13.94
O1B ADP D . 17.67 -23.25 -14.33
O2B ADP D . 15.68 -24.70 -13.73
O3B ADP D . 17.96 -25.18 -12.79
PA ADP D . 18.44 -26.80 -15.24
O1A ADP D . 17.70 -27.92 -14.56
O2A ADP D . 19.78 -26.37 -14.72
O3A ADP D . 17.49 -25.51 -15.24
O5' ADP D . 18.57 -27.16 -16.79
C5' ADP D . 17.42 -27.37 -17.61
C4' ADP D . 17.72 -28.57 -18.49
O4' ADP D . 18.66 -28.21 -19.51
C3' ADP D . 18.39 -29.65 -17.64
O3' ADP D . 17.99 -30.94 -18.13
C2' ADP D . 19.88 -29.45 -17.91
O2' ADP D . 20.55 -30.70 -17.83
C1' ADP D . 19.91 -28.86 -19.30
N9 ADP D . 21.00 -27.85 -19.41
C8 ADP D . 21.01 -26.64 -18.81
N7 ADP D . 22.15 -25.95 -19.12
C5 ADP D . 22.87 -26.72 -19.96
C6 ADP D . 24.14 -26.61 -20.69
N6 ADP D . 24.90 -25.48 -20.57
N1 ADP D . 24.52 -27.63 -21.48
C2 ADP D . 23.78 -28.74 -21.62
N3 ADP D . 22.61 -28.93 -20.98
C4 ADP D . 22.11 -27.97 -20.15
MG MG E . 16.94 -26.28 -11.12
PG GTP F . -9.87 1.72 -3.14
O1G GTP F . -9.49 0.23 -3.27
O2G GTP F . -10.80 1.99 -1.98
O3G GTP F . -8.52 2.41 -2.98
O3B GTP F . -10.70 2.30 -4.45
PB GTP F . -11.25 3.84 -4.65
O1B GTP F . -10.70 4.31 -5.97
O2B GTP F . -12.70 3.89 -4.44
O3A GTP F . -10.47 4.66 -3.62
PA GTP F . -10.59 6.06 -3.02
O1A GTP F . -11.96 6.33 -2.53
O2A GTP F . -9.50 6.22 -2.01
O5' GTP F . -10.21 7.04 -4.29
C5' GTP F . -10.27 8.42 -3.94
C4' GTP F . -9.93 9.38 -5.03
O4' GTP F . -11.11 9.71 -5.80
C3' GTP F . -9.47 10.68 -4.40
O3' GTP F . -8.63 11.37 -5.29
C2' GTP F . -10.79 11.39 -4.15
O2' GTP F . -10.58 12.80 -4.13
C1' GTP F . -11.67 10.96 -5.33
N9 GTP F . -13.09 10.72 -5.02
C8 GTP F . -13.60 9.84 -4.09
N7 GTP F . -14.90 9.84 -4.02
C5 GTP F . -15.28 10.78 -4.94
C6 GTP F . -16.56 11.23 -5.31
O6 GTP F . -17.63 10.83 -4.85
N1 GTP F . -16.54 12.22 -6.31
C2 GTP F . -15.39 12.72 -6.89
N2 GTP F . -15.55 13.64 -7.79
N3 GTP F . -14.17 12.32 -6.55
C4 GTP F . -14.17 11.35 -5.58
MG MG G . -13.23 2.21 -1.82
PB GDP H . 2.17 -5.74 33.81
O1B GDP H . 2.08 -6.31 32.45
O2B GDP H . 0.96 -5.54 34.47
O3B GDP H . 3.25 -6.63 34.66
O3A GDP H . 2.78 -4.31 33.63
PA GDP H . 2.16 -2.82 34.10
O1A GDP H . 0.93 -2.54 33.30
O2A GDP H . 1.97 -2.88 35.60
O5' GDP H . 3.29 -1.87 33.62
C5' GDP H . 3.48 -0.55 34.22
C4' GDP H . 3.40 0.56 33.30
O4' GDP H . 2.03 0.62 32.74
C3' GDP H . 3.53 1.99 33.95
O3' GDP H . 4.30 2.81 33.00
C2' GDP H . 2.12 2.61 34.09
O2' GDP H . 1.97 4.04 33.98
C1' GDP H . 1.33 1.92 32.98
N9 GDP H . -0.06 1.61 33.33
C8 GDP H . -0.35 0.54 34.33
N7 GDP H . -1.74 0.70 34.23
C5 GDP H . -2.26 1.61 33.42
C6 GDP H . -3.45 2.20 32.93
O6 GDP H . -4.60 1.70 33.41
N1 GDP H . -3.49 3.19 32.00
C2 GDP H . -2.21 3.71 31.47
N2 GDP H . -2.49 4.67 30.62
N3 GDP H . -1.11 3.24 31.89
C4 GDP H . -1.11 2.23 32.78
O01 TA1 I . -17.25 13.16 28.91
C01 TA1 I . -17.48 13.72 27.60
C02 TA1 I . -16.31 14.82 27.37
O02 TA1 I . -15.08 13.98 27.46
C03 TA1 I . -14.27 14.13 28.61
O03 TA1 I . -14.49 14.92 29.49
C04 TA1 I . -13.13 13.26 28.59
C05 TA1 I . -12.96 12.57 29.87
C06 TA1 I . -11.78 11.64 29.92
C07 TA1 I . -10.92 11.47 28.81
C08 TA1 I . -11.16 12.11 27.76
C09 TA1 I . -12.23 13.02 27.54
C10 TA1 I . -16.25 15.61 25.95
C11 TA1 I . -14.78 15.71 25.30
O04 TA1 I . -14.21 14.38 24.96
C12 TA1 I . -14.74 13.59 23.96
O05 TA1 I . -15.67 13.89 23.27
C13 TA1 I . -13.94 12.31 23.85
C14 TA1 I . -13.62 16.34 26.11
O06 TA1 I . -13.35 17.34 25.11
C15 TA1 I . -14.41 16.82 24.28
C16 TA1 I . -15.48 17.90 23.94
C17 TA1 I . -16.89 17.54 24.40
O07 TA1 I . -17.79 18.64 24.08
C18 TA1 I . -16.96 17.13 25.95
C19 TA1 I . -16.20 18.19 26.80
C20 TA1 I . -18.49 17.27 26.48
O08 TA1 I . -18.75 18.09 27.33
C21 TA1 I . -19.61 16.37 25.96
O09 TA1 I . -20.87 16.75 26.68
C22 TA1 I . -21.91 17.35 25.99
O10 TA1 I . -21.91 17.61 24.84
C23 TA1 I . -23.05 17.65 26.93
C24 TA1 I . -19.27 14.89 26.17
C25 TA1 I . -19.09 14.06 25.07
C26 TA1 I . -18.58 12.61 25.37
O11 TA1 I . -18.07 11.90 24.19
C27 TA1 I . -18.90 11.12 23.53
O12 TA1 I . -20.05 10.92 23.76
C28 TA1 I . -18.17 10.44 22.34
O13 TA1 I . -19.09 9.58 21.70
C29 TA1 I . -16.94 9.68 22.90
N01 TA1 I . -17.42 8.83 23.98
C30 TA1 I . -16.64 8.44 25.01
O14 TA1 I . -15.46 8.75 25.13
C31 TA1 I . -17.35 7.61 26.03
C32 TA1 I . -17.94 6.38 25.75
C33 TA1 I . -18.62 5.65 26.77
C34 TA1 I . -18.69 6.17 28.08
C35 TA1 I . -18.10 7.39 28.37
C36 TA1 I . -17.44 8.13 27.38
C37 TA1 I . -16.18 8.93 21.79
C38 TA1 I . -15.13 9.59 21.15
C39 TA1 I . -14.39 8.96 20.11
C40 TA1 I . -14.73 7.66 19.72
C41 TA1 I . -15.77 7.00 20.35
C42 TA1 I . -16.51 7.63 21.39
C43 TA1 I . -17.42 12.63 26.43
C44 TA1 I . -19.26 14.46 23.61
C45 TA1 I . -19.02 14.34 27.66
C46 TA1 I . -20.12 13.23 27.98
C47 TA1 I . -19.17 15.31 28.86
N SER A 41 36.12 -1.58 -3.45
CA SER A 41 35.85 -2.71 -2.57
C SER A 41 35.51 -3.93 -3.39
N GLU A 42 35.43 -5.07 -2.74
CA GLU A 42 35.13 -6.30 -3.44
C GLU A 42 33.70 -6.25 -3.97
N LYS A 43 33.57 -5.90 -5.23
CA LYS A 43 32.27 -5.87 -5.86
C LYS A 43 32.00 -7.26 -6.38
N VAL A 44 30.75 -7.70 -6.29
CA VAL A 44 30.43 -9.04 -6.74
C VAL A 44 30.83 -9.21 -8.19
N LYS A 45 31.60 -10.26 -8.45
CA LYS A 45 32.02 -10.55 -9.79
C LYS A 45 30.81 -11.09 -10.51
N VAL A 46 30.46 -10.47 -11.61
CA VAL A 46 29.30 -10.93 -12.34
C VAL A 46 29.71 -11.66 -13.59
N TYR A 47 29.25 -12.88 -13.69
CA TYR A 47 29.54 -13.71 -14.84
C TYR A 47 28.23 -14.09 -15.47
N LEU A 48 28.15 -13.97 -16.78
CA LEU A 48 26.92 -14.31 -17.46
C LEU A 48 27.09 -15.60 -18.23
N ARG A 49 26.15 -16.49 -18.07
CA ARG A 49 26.18 -17.76 -18.73
C ARG A 49 24.93 -17.94 -19.56
N ILE A 50 25.12 -18.31 -20.81
CA ILE A 50 24.01 -18.54 -21.70
C ILE A 50 23.97 -20.02 -22.01
N ARG A 51 22.86 -20.67 -21.77
CA ARG A 51 22.77 -22.09 -22.04
C ARG A 51 22.26 -22.35 -23.46
N PRO A 52 22.59 -23.52 -24.02
CA PRO A 52 22.15 -23.88 -25.37
C PRO A 52 20.66 -24.14 -25.41
N PHE A 53 20.04 -23.90 -26.56
CA PHE A 53 18.63 -24.11 -26.71
C PHE A 53 18.25 -25.56 -26.45
N LEU A 54 17.16 -25.76 -25.74
CA LEU A 54 16.70 -27.10 -25.43
C LEU A 54 16.13 -27.73 -26.70
N THR A 55 16.05 -29.05 -26.73
CA THR A 55 15.54 -29.78 -27.89
C THR A 55 14.20 -29.21 -28.36
N SER A 56 13.25 -29.10 -27.43
CA SER A 56 11.92 -28.58 -27.73
C SER A 56 11.96 -27.06 -27.93
N GLU A 57 12.82 -26.40 -27.17
CA GLU A 57 12.95 -24.95 -27.25
C GLU A 57 13.47 -24.51 -28.61
N LEU A 58 14.51 -25.19 -29.09
CA LEU A 58 15.09 -24.88 -30.39
C LEU A 58 14.13 -25.23 -31.50
N ASP A 59 13.40 -26.33 -31.30
CA ASP A 59 12.43 -26.78 -32.28
C ASP A 59 11.26 -25.82 -32.38
N ARG A 60 10.93 -25.18 -31.26
CA ARG A 60 9.83 -24.22 -31.23
C ARG A 60 10.17 -23.01 -32.09
N GLN A 61 11.36 -22.47 -31.88
CA GLN A 61 11.85 -21.31 -32.63
C GLN A 61 13.36 -21.22 -32.47
N GLU A 62 14.07 -20.83 -33.52
CA GLU A 62 15.51 -20.69 -33.45
C GLU A 62 15.84 -19.26 -33.07
N ASP A 63 15.44 -18.91 -31.85
CA ASP A 63 15.64 -17.58 -31.31
C ASP A 63 17.02 -17.39 -30.71
N GLN A 64 17.74 -18.50 -30.52
CA GLN A 64 19.07 -18.45 -29.91
C GLN A 64 19.93 -17.36 -30.54
N GLY A 65 20.59 -16.60 -29.70
CA GLY A 65 21.42 -15.52 -30.17
C GLY A 65 20.70 -14.19 -30.14
N CYS A 66 19.57 -14.14 -29.43
CA CYS A 66 18.80 -12.90 -29.30
C CYS A 66 19.67 -11.81 -28.71
N VAL A 67 20.49 -12.18 -27.74
CA VAL A 67 21.41 -11.24 -27.13
C VAL A 67 22.68 -11.21 -27.96
N CYS A 68 23.14 -10.03 -28.30
CA CYS A 68 24.35 -9.90 -29.10
C CYS A 68 25.54 -9.80 -28.18
N ILE A 69 26.68 -10.27 -28.65
CA ILE A 69 27.88 -10.28 -27.84
C ILE A 69 28.93 -9.27 -28.32
N GLU A 70 29.33 -8.41 -27.41
CA GLU A 70 30.35 -7.40 -27.67
C GLU A 70 31.28 -7.35 -26.47
N ASN A 71 32.54 -7.74 -26.68
CA ASN A 71 33.53 -7.80 -25.60
C ASN A 71 33.22 -9.02 -24.74
N THR A 72 34.19 -9.47 -23.96
CA THR A 72 33.96 -10.63 -23.09
C THR A 72 33.17 -10.26 -21.84
N GLU A 73 33.21 -8.99 -21.47
CA GLU A 73 32.50 -8.50 -20.29
C GLU A 73 31.06 -7.99 -20.53
N THR A 74 30.80 -7.48 -21.72
CA THR A 74 29.50 -6.87 -22.00
C THR A 74 28.62 -7.66 -22.96
N LEU A 75 27.32 -7.44 -22.80
CA LEU A 75 26.31 -8.06 -23.66
C LEU A 75 25.36 -6.97 -24.11
N VAL A 76 25.00 -7.00 -25.38
CA VAL A 76 24.06 -6.02 -25.89
C VAL A 76 22.73 -6.72 -26.18
N LEU A 77 21.64 -6.13 -25.76
CA LEU A 77 20.33 -6.74 -25.95
C LEU A 77 19.65 -6.15 -27.16
N GLN A 78 19.31 -7.02 -28.14
CA GLN A 78 18.70 -6.64 -29.38
C GLN A 78 17.66 -7.70 -29.65
N ALA A 79 16.36 -7.44 -29.37
CA ALA A 79 15.36 -8.45 -29.55
C ALA A 79 14.34 -8.01 -30.57
N PRO A 80 14.10 -8.85 -31.52
CA PRO A 80 13.06 -8.52 -32.44
C PRO A 80 11.77 -8.95 -31.82
N GLN A 95 10.74 -4.13 -30.25
CA GLN A 95 12.22 -4.10 -30.18
C GLN A 95 12.62 -3.55 -28.85
N ALA A 96 13.92 -3.65 -28.53
CA ALA A 96 14.42 -3.16 -27.28
C ALA A 96 15.89 -3.11 -27.42
N THR A 97 16.57 -2.11 -26.87
CA THR A 97 17.99 -2.17 -27.00
C THR A 97 18.52 -1.86 -25.64
N HIS A 98 19.39 -2.72 -25.12
CA HIS A 98 19.95 -2.45 -23.80
C HIS A 98 21.39 -2.96 -23.75
N LYS A 99 22.10 -2.64 -22.69
CA LYS A 99 23.46 -3.09 -22.53
C LYS A 99 23.66 -3.69 -21.15
N PHE A 100 24.20 -4.89 -21.11
CA PHE A 100 24.43 -5.58 -19.87
C PHE A 100 25.94 -5.67 -19.62
N THR A 101 26.41 -4.96 -18.63
CA THR A 101 27.83 -4.96 -18.32
C THR A 101 28.13 -5.89 -17.14
N PHE A 102 28.96 -6.89 -17.40
CA PHE A 102 29.34 -7.86 -16.40
C PHE A 102 30.85 -7.98 -16.37
N SER A 103 31.37 -8.84 -15.52
CA SER A 103 32.81 -9.04 -15.42
C SER A 103 33.27 -9.90 -16.59
N GLN A 104 32.50 -10.95 -16.88
CA GLN A 104 32.81 -11.86 -17.97
C GLN A 104 31.55 -12.63 -18.38
N ILE A 105 31.55 -13.18 -19.59
CA ILE A 105 30.42 -13.94 -20.10
C ILE A 105 30.87 -15.13 -20.93
N PHE A 106 30.09 -16.20 -20.87
CA PHE A 106 30.38 -17.38 -21.67
C PHE A 106 29.26 -17.58 -22.69
N GLY A 107 29.63 -17.97 -23.90
CA GLY A 107 28.67 -18.15 -24.97
C GLY A 107 27.70 -19.29 -24.71
N PRO A 108 26.57 -19.30 -25.44
CA PRO A 108 25.53 -20.35 -25.31
C PRO A 108 26.05 -21.75 -25.59
N GLU A 109 27.12 -21.81 -26.36
CA GLU A 109 27.74 -23.08 -26.73
C GLU A 109 28.56 -23.66 -25.59
N VAL A 110 29.01 -22.80 -24.69
CA VAL A 110 29.81 -23.22 -23.55
C VAL A 110 29.02 -24.09 -22.58
N GLY A 111 29.52 -25.29 -22.35
CA GLY A 111 28.86 -26.20 -21.43
C GLY A 111 29.24 -25.87 -20.01
N GLN A 112 28.87 -26.71 -19.05
CA GLN A 112 29.20 -26.45 -17.67
C GLN A 112 30.70 -26.60 -17.42
N VAL A 113 31.33 -27.54 -18.14
CA VAL A 113 32.76 -27.82 -18.00
C VAL A 113 33.64 -26.56 -18.06
N ALA A 114 33.40 -25.74 -19.06
CA ALA A 114 34.16 -24.51 -19.23
C ALA A 114 33.80 -23.47 -18.17
N PHE A 115 32.55 -23.49 -17.76
CA PHE A 115 32.07 -22.54 -16.76
C PHE A 115 32.58 -22.83 -15.34
N PHE A 116 32.61 -24.10 -14.96
CA PHE A 116 33.05 -24.45 -13.61
C PHE A 116 34.51 -24.13 -13.34
N ASN A 117 35.37 -24.24 -14.36
CA ASN A 117 36.79 -23.99 -14.19
C ASN A 117 37.12 -22.61 -13.63
N LEU A 118 36.35 -21.59 -14.03
CA LEU A 118 36.60 -20.24 -13.54
C LEU A 118 36.35 -20.18 -12.04
N THR A 119 35.29 -20.85 -11.60
CA THR A 119 34.94 -20.89 -10.20
C THR A 119 35.92 -21.78 -9.42
N MET A 120 36.46 -22.79 -10.10
CA MET A 120 37.43 -23.71 -9.49
C MET A 120 38.58 -22.94 -8.86
N LYS A 121 39.20 -22.09 -9.66
CA LYS A 121 40.31 -21.26 -9.21
C LYS A 121 39.91 -20.40 -8.01
N GLU A 122 38.67 -19.94 -8.02
CA GLU A 122 38.15 -19.10 -6.96
C GLU A 122 37.80 -19.88 -5.68
N MET A 123 37.32 -21.10 -5.85
CA MET A 123 36.93 -21.93 -4.70
C MET A 123 38.14 -22.43 -3.92
N VAL A 124 39.13 -22.96 -4.63
CA VAL A 124 40.33 -23.49 -3.99
C VAL A 124 41.14 -22.39 -3.31
N LYS A 125 41.13 -21.20 -3.88
CA LYS A 125 41.87 -20.07 -3.31
C LYS A 125 41.25 -19.55 -2.01
N ASP A 126 39.95 -19.77 -1.81
CA ASP A 126 39.27 -19.29 -0.61
C ASP A 126 39.89 -19.81 0.67
N VAL A 127 40.27 -21.09 0.69
CA VAL A 127 40.88 -21.67 1.89
C VAL A 127 42.15 -20.90 2.24
N LEU A 128 42.81 -20.37 1.21
CA LEU A 128 44.01 -19.57 1.36
C LEU A 128 43.67 -18.16 1.81
N LYS A 129 42.49 -17.71 1.41
CA LYS A 129 42.02 -16.36 1.73
C LYS A 129 41.83 -16.17 3.24
N GLY A 130 41.18 -17.13 3.88
CA GLY A 130 40.97 -17.04 5.32
C GLY A 130 39.68 -16.31 5.66
N GLN A 131 38.88 -16.04 4.65
CA GLN A 131 37.61 -15.36 4.84
C GLN A 131 36.48 -16.14 4.16
N ASN A 132 35.25 -15.66 4.28
CA ASN A 132 34.12 -16.34 3.66
C ASN A 132 34.05 -16.03 2.17
N TRP A 133 33.43 -16.93 1.43
CA TRP A 133 33.26 -16.79 -0.01
C TRP A 133 31.88 -17.31 -0.37
N LEU A 134 31.19 -16.62 -1.28
CA LEU A 134 29.88 -17.04 -1.68
C LEU A 134 29.67 -16.87 -3.17
N ILE A 135 29.05 -17.87 -3.78
CA ILE A 135 28.74 -17.83 -5.20
C ILE A 135 27.25 -17.93 -5.37
N TYR A 136 26.67 -16.97 -6.06
CA TYR A 136 25.23 -16.94 -6.27
C TYR A 136 24.91 -17.22 -7.72
N THR A 137 23.97 -18.11 -7.95
CA THR A 137 23.54 -18.43 -9.30
C THR A 137 22.15 -17.84 -9.52
N TYR A 138 22.06 -16.87 -10.41
CA TYR A 138 20.80 -16.23 -10.69
C TYR A 138 20.39 -16.46 -12.13
N GLY A 139 19.10 -16.53 -12.37
CA GLY A 139 18.60 -16.73 -13.69
C GLY A 139 17.19 -17.29 -13.66
N VAL A 140 16.63 -17.50 -14.83
CA VAL A 140 15.28 -18.04 -14.94
C VAL A 140 15.31 -19.55 -14.71
N THR A 141 14.20 -20.10 -14.25
CA THR A 141 14.12 -21.54 -14.05
C THR A 141 14.41 -22.26 -15.37
N ASN A 142 15.19 -23.34 -15.29
CA ASN A 142 15.55 -24.13 -16.47
C ASN A 142 16.60 -23.44 -17.35
N SER A 143 17.14 -22.30 -16.89
CA SER A 143 18.15 -21.58 -17.64
C SER A 143 19.53 -22.21 -17.46
N GLY A 144 19.64 -23.16 -16.51
CA GLY A 144 20.91 -23.78 -16.26
C GLY A 144 21.38 -23.57 -14.85
N LYS A 145 20.50 -23.08 -13.95
CA LYS A 145 20.96 -22.86 -12.60
C LYS A 145 21.38 -24.15 -11.95
N THR A 146 20.54 -25.17 -12.03
CA THR A 146 20.77 -26.43 -11.38
C THR A 146 21.92 -27.12 -12.04
N TYR A 147 22.04 -26.90 -13.36
CA TYR A 147 23.06 -27.47 -14.19
C TYR A 147 24.36 -26.91 -13.73
N THR A 148 24.38 -25.58 -13.46
CA THR A 148 25.61 -24.94 -13.06
C THR A 148 25.98 -25.32 -11.66
N ILE A 149 24.99 -25.43 -10.75
CA ILE A 149 25.26 -25.76 -9.36
C ILE A 149 25.73 -27.20 -9.19
N GLN A 150 24.80 -28.15 -9.31
CA GLN A 150 25.14 -29.55 -9.13
C GLN A 150 25.55 -30.22 -10.44
N GLY A 151 24.94 -29.79 -11.53
CA GLY A 151 25.25 -30.38 -12.80
C GLY A 151 24.60 -31.73 -12.96
N THR A 152 24.80 -32.35 -14.10
CA THR A 152 24.24 -33.67 -14.36
C THR A 152 25.21 -34.74 -13.86
N SER A 153 24.81 -35.99 -14.00
CA SER A 153 25.64 -37.09 -13.57
C SER A 153 26.89 -37.16 -14.45
N LYS A 154 26.67 -36.99 -15.76
CA LYS A 154 27.75 -37.03 -16.72
C LYS A 154 28.57 -35.74 -16.68
N ASP A 155 27.89 -34.61 -16.66
CA ASP A 155 28.54 -33.31 -16.65
C ASP A 155 28.35 -32.64 -15.30
N ALA A 156 29.35 -32.79 -14.44
CA ALA A 156 29.31 -32.22 -13.10
C ALA A 156 29.40 -30.70 -13.13
N GLY A 157 28.76 -30.06 -12.16
CA GLY A 157 28.75 -28.61 -12.10
C GLY A 157 29.83 -28.03 -11.19
N ILE A 158 29.63 -26.77 -10.80
CA ILE A 158 30.56 -26.05 -9.96
C ILE A 158 30.67 -26.64 -8.56
N LEU A 159 29.59 -27.21 -8.06
CA LEU A 159 29.56 -27.76 -6.71
C LEU A 159 30.43 -29.03 -6.56
N PRO A 160 30.23 -30.08 -7.38
CA PRO A 160 31.01 -31.32 -7.27
C PRO A 160 32.51 -31.08 -7.40
N GLN A 161 32.90 -30.25 -8.36
CA GLN A 161 34.32 -29.96 -8.60
C GLN A 161 34.97 -29.23 -7.43
N SER A 162 34.20 -28.38 -6.74
CA SER A 162 34.72 -27.63 -5.61
C SER A 162 35.22 -28.55 -4.50
N LEU A 163 34.36 -29.48 -4.08
CA LEU A 163 34.72 -30.42 -3.03
C LEU A 163 35.85 -31.33 -3.47
N ALA A 164 35.86 -31.67 -4.75
CA ALA A 164 36.90 -32.52 -5.31
C ALA A 164 38.26 -31.85 -5.21
N LEU A 165 38.31 -30.56 -5.53
CA LEU A 165 39.55 -29.80 -5.48
C LEU A 165 39.95 -29.47 -4.04
N ILE A 166 38.97 -29.20 -3.19
CA ILE A 166 39.23 -28.87 -1.79
C ILE A 166 39.87 -30.06 -1.08
N PHE A 167 39.27 -31.24 -1.23
CA PHE A 167 39.81 -32.43 -0.62
C PHE A 167 41.14 -32.83 -1.26
N ASN A 168 41.27 -32.55 -2.55
CA ASN A 168 42.49 -32.87 -3.28
C ASN A 168 43.69 -32.20 -2.61
N SER A 169 43.53 -30.93 -2.27
CA SER A 169 44.58 -30.18 -1.59
C SER A 169 44.73 -30.61 -0.13
N LEU A 170 43.64 -31.14 0.43
CA LEU A 170 43.65 -31.60 1.82
C LEU A 170 44.60 -32.77 2.02
N ARG A 277 47.07 -29.60 9.52
CA ARG A 277 45.84 -30.36 9.44
C ARG A 277 44.69 -29.49 8.97
N PHE A 278 43.94 -29.97 8.00
CA PHE A 278 42.80 -29.24 7.48
C PHE A 278 41.52 -29.97 7.85
N SER A 279 40.57 -29.23 8.39
CA SER A 279 39.29 -29.80 8.78
C SER A 279 38.19 -29.12 7.99
N VAL A 280 37.23 -29.89 7.52
CA VAL A 280 36.14 -29.33 6.74
C VAL A 280 34.79 -29.85 7.20
N TRP A 281 33.89 -28.93 7.49
CA TRP A 281 32.54 -29.28 7.92
C TRP A 281 31.57 -28.99 6.79
N ILE A 282 30.50 -29.76 6.73
CA ILE A 282 29.53 -29.60 5.66
C ILE A 282 28.14 -29.28 6.18
N SER A 283 27.48 -28.35 5.50
CA SER A 283 26.14 -27.95 5.83
C SER A 283 25.38 -27.63 4.55
N PHE A 284 24.16 -28.12 4.45
CA PHE A 284 23.34 -27.90 3.28
C PHE A 284 21.89 -27.70 3.72
N PHE A 285 21.38 -26.50 3.50
CA PHE A 285 20.03 -26.20 3.90
C PHE A 285 19.28 -25.42 2.83
N GLU A 286 17.96 -25.44 2.91
CA GLU A 286 17.12 -24.73 1.96
C GLU A 286 16.19 -23.81 2.74
N ILE A 287 15.86 -22.67 2.15
CA ILE A 287 14.97 -21.73 2.80
C ILE A 287 13.67 -21.59 2.04
N TYR A 288 12.58 -21.86 2.72
CA TYR A 288 11.25 -21.78 2.12
C TYR A 288 10.32 -21.00 3.02
N ASN A 289 9.76 -19.92 2.49
CA ASN A 289 8.84 -19.06 3.23
C ASN A 289 9.50 -18.47 4.47
N GLU A 290 10.79 -18.11 4.32
CA GLU A 290 11.59 -17.54 5.40
C GLU A 290 11.89 -18.53 6.52
N LEU A 291 11.76 -19.81 6.22
CA LEU A 291 12.06 -20.86 7.18
C LEU A 291 13.20 -21.73 6.67
N LEU A 292 14.13 -22.08 7.55
CA LEU A 292 15.27 -22.90 7.16
C LEU A 292 15.00 -24.39 7.42
N TYR A 293 15.45 -25.21 6.48
CA TYR A 293 15.27 -26.65 6.57
C TYR A 293 16.62 -27.32 6.37
N ASP A 294 16.90 -28.36 7.13
CA ASP A 294 18.16 -29.08 7.01
C ASP A 294 18.01 -30.19 5.98
N LEU A 295 18.67 -30.02 4.86
CA LEU A 295 18.60 -30.96 3.77
C LEU A 295 19.45 -32.20 4.04
N LEU A 296 20.38 -32.15 5.02
CA LEU A 296 21.07 -33.36 5.40
C LEU A 296 20.05 -34.34 5.99
N GLU A 297 19.02 -33.82 6.71
CA GLU A 297 17.94 -34.51 7.37
C GLU A 297 16.84 -34.83 6.39
N PRO A 298 16.14 -35.91 6.68
CA PRO A 298 14.97 -36.34 5.92
C PRO A 298 13.76 -35.69 6.50
N PRO A 299 12.64 -35.63 5.81
CA PRO A 299 11.49 -35.04 6.44
C PRO A 299 11.02 -35.82 7.62
N SER A 300 10.91 -35.14 8.76
CA SER A 300 10.58 -35.82 9.97
C SER A 300 9.77 -34.81 10.76
N GLN A 306 10.19 -28.88 11.69
CA GLN A 306 11.64 -29.06 11.40
C GLN A 306 12.19 -27.79 10.79
N THR A 307 12.14 -26.68 11.56
CA THR A 307 12.65 -25.43 11.08
C THR A 307 13.81 -25.15 11.97
N LEU A 308 14.76 -24.29 11.53
CA LEU A 308 15.88 -23.99 12.36
C LEU A 308 15.68 -22.71 13.12
N ARG A 309 16.43 -22.59 14.24
CA ARG A 309 16.57 -21.41 15.08
C ARG A 309 17.75 -20.56 14.63
N LEU A 310 17.85 -19.35 15.15
CA LEU A 310 18.93 -18.45 14.78
C LEU A 310 19.71 -18.04 16.02
N CYS A 311 21.02 -18.14 15.93
CA CYS A 311 21.87 -17.78 17.05
C CYS A 311 22.61 -16.49 16.72
N GLU A 312 22.81 -15.67 17.73
CA GLU A 312 23.52 -14.43 17.56
C GLU A 312 24.64 -14.36 18.58
N ASP A 313 25.83 -13.97 18.13
CA ASP A 313 26.96 -13.86 19.04
C ASP A 313 26.75 -12.60 19.85
N GLN A 314 27.40 -12.51 21.00
CA GLN A 314 27.26 -11.35 21.88
C GLN A 314 27.56 -10.03 21.18
N ASN A 315 28.42 -10.09 20.18
CA ASN A 315 28.81 -8.93 19.40
C ASN A 315 27.72 -8.47 18.43
N GLY A 316 26.77 -9.36 18.15
CA GLY A 316 25.71 -9.02 17.21
C GLY A 316 25.80 -9.78 15.90
N ASN A 317 26.79 -10.65 15.78
CA ASN A 317 26.98 -11.45 14.58
C ASN A 317 26.04 -12.65 14.58
N PRO A 318 25.16 -12.75 13.58
CA PRO A 318 24.22 -13.86 13.48
C PRO A 318 24.85 -15.09 12.84
N TYR A 319 24.47 -16.25 13.36
CA TYR A 319 24.95 -17.53 12.87
C TYR A 319 23.79 -18.51 12.85
N VAL A 320 23.82 -19.48 11.95
CA VAL A 320 22.75 -20.46 11.87
C VAL A 320 22.90 -21.48 13.00
N LYS A 321 21.85 -21.65 13.79
CA LYS A 321 21.89 -22.58 14.89
C LYS A 321 21.07 -23.83 14.59
N ASP A 322 21.50 -24.95 15.17
CA ASP A 322 20.83 -26.25 15.00
C ASP A 322 21.01 -26.77 13.58
N LEU A 323 22.02 -26.26 12.90
CA LEU A 323 22.31 -26.70 11.55
C LEU A 323 23.16 -27.96 11.66
N ASN A 324 22.84 -28.98 10.91
CA ASN A 324 23.59 -30.22 10.97
C ASN A 324 24.94 -30.06 10.27
N TRP A 325 25.99 -30.08 11.07
CA TRP A 325 27.34 -29.96 10.55
C TRP A 325 28.07 -31.29 10.71
N ILE A 326 28.64 -31.78 9.63
CA ILE A 326 29.36 -33.04 9.66
C ILE A 326 30.73 -32.89 9.00
N HIS A 327 31.73 -33.54 9.57
CA HIS A 327 33.07 -33.50 9.03
C HIS A 327 33.17 -34.51 7.88
N VAL A 328 33.95 -34.19 6.86
CA VAL A 328 34.09 -35.09 5.72
C VAL A 328 35.51 -35.62 5.57
N ARG A 329 35.64 -36.92 5.72
CA ARG A 329 36.91 -37.61 5.62
C ARG A 329 37.29 -37.88 4.16
N ASP A 330 36.28 -38.11 3.31
CA ASP A 330 36.51 -38.41 1.91
C ASP A 330 35.97 -37.32 0.99
N VAL A 331 36.53 -37.26 -0.22
CA VAL A 331 36.11 -36.27 -1.22
C VAL A 331 34.70 -36.55 -1.74
N GLU A 332 34.45 -37.81 -2.12
CA GLU A 332 33.15 -38.19 -2.64
C GLU A 332 32.10 -38.08 -1.55
N GLU A 333 32.52 -38.37 -0.32
CA GLU A 333 31.64 -38.29 0.83
C GLU A 333 31.02 -36.90 0.95
N ALA A 334 31.84 -35.88 0.70
CA ALA A 334 31.38 -34.50 0.77
C ALA A 334 30.29 -34.24 -0.26
N TRP A 335 30.56 -34.61 -1.51
CA TRP A 335 29.60 -34.43 -2.58
C TRP A 335 28.36 -35.29 -2.34
N LYS A 336 28.56 -36.50 -1.85
CA LYS A 336 27.45 -37.41 -1.57
C LYS A 336 26.56 -36.87 -0.45
N LEU A 337 27.19 -36.33 0.59
CA LEU A 337 26.45 -35.78 1.71
C LEU A 337 25.56 -34.62 1.27
N LEU A 338 26.09 -33.76 0.42
CA LEU A 338 25.33 -32.63 -0.08
C LEU A 338 24.28 -33.12 -1.08
N LYS A 339 24.61 -34.19 -1.79
CA LYS A 339 23.71 -34.78 -2.77
C LYS A 339 22.44 -35.27 -2.08
N VAL A 340 22.59 -35.77 -0.84
CA VAL A 340 21.44 -36.25 -0.08
C VAL A 340 20.40 -35.14 0.05
N GLY A 341 20.88 -33.94 0.38
CA GLY A 341 20.00 -32.80 0.51
C GLY A 341 19.48 -32.37 -0.83
N ARG A 342 20.33 -32.44 -1.84
CA ARG A 342 19.97 -32.07 -3.19
C ARG A 342 18.88 -33.00 -3.72
N LYS A 343 18.91 -34.26 -3.28
CA LYS A 343 17.90 -35.24 -3.67
C LYS A 343 16.54 -34.82 -3.13
N ASN A 344 16.53 -34.40 -1.86
CA ASN A 344 15.31 -33.98 -1.18
C ASN A 344 14.65 -32.81 -1.93
N GLN A 345 15.40 -31.74 -2.11
CA GLN A 345 14.87 -30.56 -2.79
C GLN A 345 14.78 -30.76 -4.30
N SER A 346 15.41 -31.85 -4.78
CA SER A 346 15.41 -32.18 -6.19
C SER A 346 16.06 -31.09 -7.04
N ARG A 358 12.09 -23.44 -6.76
CA ARG A 358 11.05 -22.85 -5.92
C ARG A 358 11.63 -22.07 -4.74
N SER A 359 12.64 -22.64 -4.11
CA SER A 359 13.24 -22.03 -2.94
C SER A 359 14.73 -21.73 -3.17
N HIS A 360 15.41 -21.31 -2.11
CA HIS A 360 16.83 -21.00 -2.20
C HIS A 360 17.64 -22.15 -1.60
N SER A 361 18.67 -22.56 -2.31
CA SER A 361 19.52 -23.63 -1.85
C SER A 361 20.87 -23.04 -1.46
N ILE A 362 21.35 -23.42 -0.29
CA ILE A 362 22.64 -22.90 0.16
C ILE A 362 23.50 -23.99 0.79
N PHE A 363 24.68 -24.16 0.21
CA PHE A 363 25.64 -25.15 0.68
C PHE A 363 26.82 -24.43 1.32
N SER A 364 27.02 -24.67 2.60
CA SER A 364 28.11 -24.01 3.32
C SER A 364 29.12 -25.02 3.86
N ILE A 365 30.39 -24.74 3.62
CA ILE A 365 31.46 -25.59 4.11
C ILE A 365 32.51 -24.76 4.81
N ARG A 366 32.88 -25.16 6.02
CA ARG A 366 33.87 -24.43 6.79
C ARG A 366 35.19 -25.16 6.73
N ILE A 367 36.23 -24.45 6.36
CA ILE A 367 37.56 -25.03 6.26
C ILE A 367 38.45 -24.50 7.37
N LEU A 368 39.00 -25.44 8.12
CA LEU A 368 39.89 -25.12 9.23
C LEU A 368 41.31 -25.45 8.80
N HIS A 369 42.19 -24.49 8.90
CA HIS A 369 43.59 -24.68 8.52
C HIS A 369 44.50 -24.45 9.71
N LEU A 370 45.22 -25.51 10.10
CA LEU A 370 46.15 -25.44 11.21
C LEU A 370 47.52 -25.93 10.77
N PRO A 378 43.58 -20.06 13.84
CA PRO A 378 43.47 -20.98 12.69
C PRO A 378 42.77 -20.31 11.53
N LYS A 379 43.37 -20.40 10.36
CA LYS A 379 42.79 -19.81 9.18
C LYS A 379 41.46 -20.50 8.89
N ILE A 380 40.38 -19.75 8.86
CA ILE A 380 39.07 -20.32 8.61
C ILE A 380 38.40 -19.68 7.41
N SER A 381 37.92 -20.52 6.51
CA SER A 381 37.25 -20.07 5.31
C SER A 381 35.86 -20.69 5.25
N GLU A 382 34.98 -20.09 4.49
CA GLU A 382 33.64 -20.59 4.34
C GLU A 382 33.22 -20.50 2.88
N LEU A 383 32.91 -21.63 2.29
CA LEU A 383 32.51 -21.67 0.89
C LEU A 383 31.02 -21.92 0.84
N SER A 384 30.29 -21.01 0.23
CA SER A 384 28.86 -21.16 0.14
C SER A 384 28.38 -21.18 -1.31
N LEU A 385 27.74 -22.27 -1.68
CA LEU A 385 27.19 -22.44 -3.02
C LEU A 385 25.71 -22.13 -2.91
N CYS A 386 25.27 -21.07 -3.55
CA CYS A 386 23.88 -20.68 -3.44
C CYS A 386 23.14 -20.75 -4.76
N ASP A 387 22.02 -21.45 -4.73
CA ASP A 387 21.15 -21.59 -5.87
C ASP A 387 19.89 -20.82 -5.52
N LEU A 388 19.75 -19.65 -6.21
CA LEU A 388 18.65 -18.74 -6.05
C LEU A 388 17.51 -19.21 -6.91
N ALA A 389 16.29 -18.88 -6.45
CA ALA A 389 15.03 -19.22 -7.06
C ALA A 389 14.91 -18.61 -8.42
N ALA A 406 4.89 -16.54 -1.04
CA ALA A 406 5.61 -16.33 0.18
C ALA A 406 5.78 -14.89 0.62
N GLY A 407 6.18 -13.99 -0.31
CA GLY A 407 6.55 -12.65 0.09
C GLY A 407 8.04 -12.52 0.37
N ASN A 408 8.64 -13.61 0.80
CA ASN A 408 10.06 -13.62 1.10
C ASN A 408 10.92 -13.54 -0.16
N ILE A 409 10.45 -14.11 -1.27
CA ILE A 409 11.22 -14.08 -2.51
C ILE A 409 11.25 -12.69 -3.13
N ASN A 410 10.08 -12.05 -3.26
CA ASN A 410 10.01 -10.71 -3.83
C ASN A 410 10.73 -9.70 -2.95
N THR A 411 10.64 -9.92 -1.63
CA THR A 411 11.30 -9.02 -0.68
C THR A 411 12.81 -9.20 -0.76
N SER A 412 13.29 -10.43 -0.63
CA SER A 412 14.72 -10.73 -0.68
C SER A 412 15.35 -10.17 -1.95
N LEU A 413 14.68 -10.35 -3.09
CA LEU A 413 15.20 -9.87 -4.37
C LEU A 413 15.36 -8.35 -4.34
N HIS A 414 14.35 -7.66 -3.82
CA HIS A 414 14.38 -6.21 -3.75
C HIS A 414 15.40 -5.73 -2.73
N THR A 415 15.44 -6.37 -1.57
CA THR A 415 16.40 -5.99 -0.53
C THR A 415 17.82 -6.17 -1.03
N LEU A 416 18.04 -7.20 -1.84
CA LEU A 416 19.35 -7.46 -2.42
C LEU A 416 19.70 -6.31 -3.36
N GLY A 417 18.73 -5.90 -4.17
CA GLY A 417 18.94 -4.80 -5.09
C GLY A 417 19.18 -3.50 -4.35
N ARG A 418 18.51 -3.34 -3.22
CA ARG A 418 18.65 -2.15 -2.40
C ARG A 418 20.03 -2.13 -1.74
N CYS A 419 20.48 -3.30 -1.28
CA CYS A 419 21.78 -3.39 -0.62
C CYS A 419 22.93 -3.18 -1.60
N ILE A 420 22.82 -3.74 -2.80
CA ILE A 420 23.88 -3.58 -3.80
C ILE A 420 23.96 -2.13 -4.27
N ALA A 421 22.82 -1.46 -4.29
CA ALA A 421 22.77 -0.06 -4.70
C ALA A 421 23.40 0.80 -3.61
N ALA A 422 22.97 0.59 -2.37
CA ALA A 422 23.49 1.33 -1.24
C ALA A 422 24.99 1.08 -1.08
N LEU A 423 25.38 -0.18 -1.26
CA LEU A 423 26.77 -0.57 -1.15
C LEU A 423 27.61 0.08 -2.25
N ARG A 424 27.14 -0.03 -3.49
CA ARG A 424 27.88 0.56 -4.62
C ARG A 424 28.06 2.06 -4.42
N GLN A 425 27.05 2.71 -3.84
CA GLN A 425 27.10 4.14 -3.59
C GLN A 425 28.21 4.45 -2.59
N ASN A 426 28.20 3.74 -1.48
CA ASN A 426 29.19 3.94 -0.42
C ASN A 426 30.60 3.66 -0.94
N GLN A 427 30.73 2.64 -1.78
CA GLN A 427 32.01 2.26 -2.34
C GLN A 427 32.51 3.26 -3.40
N GLN A 428 31.61 3.76 -4.24
CA GLN A 428 31.99 4.70 -5.29
C GLN A 428 32.16 6.13 -4.74
N ASN A 429 31.53 6.35 -3.56
CA ASN A 429 31.40 7.50 -2.71
C ASN A 429 30.57 8.61 -3.32
N ARG A 430 29.32 8.29 -3.74
CA ARG A 430 28.49 9.34 -4.28
C ARG A 430 27.12 9.27 -3.66
N LEU A 435 22.69 3.98 4.16
CA LEU A 435 22.17 3.03 5.12
C LEU A 435 22.18 1.69 4.42
N ILE A 436 22.53 0.60 5.15
CA ILE A 436 22.52 -0.70 4.53
C ILE A 436 21.28 -1.51 4.94
N PRO A 437 20.52 -1.98 3.96
CA PRO A 437 19.25 -2.73 4.10
C PRO A 437 19.36 -4.14 4.62
N PHE A 438 20.53 -4.53 5.11
CA PHE A 438 20.74 -5.88 5.58
C PHE A 438 19.76 -6.26 6.66
N ARG A 439 19.48 -5.35 7.61
CA ARG A 439 18.62 -5.70 8.71
C ARG A 439 17.25 -6.04 8.25
N ASP A 440 16.77 -5.40 7.16
CA ASP A 440 15.41 -5.55 6.70
C ASP A 440 15.14 -7.01 6.42
N SER A 441 16.09 -7.76 5.87
CA SER A 441 15.96 -9.13 5.40
C SER A 441 16.91 -10.08 6.16
N LYS A 442 16.37 -11.19 6.63
CA LYS A 442 17.17 -12.17 7.39
C LYS A 442 18.17 -12.88 6.49
N LEU A 443 17.76 -13.12 5.25
CA LEU A 443 18.60 -13.80 4.26
C LEU A 443 19.95 -13.12 4.10
N THR A 444 19.93 -11.81 3.87
CA THR A 444 21.16 -11.06 3.70
C THR A 444 21.85 -10.85 5.05
N ARG A 445 21.06 -10.71 6.10
CA ARG A 445 21.62 -10.50 7.44
C ARG A 445 22.52 -11.64 7.90
N VAL A 446 22.11 -12.87 7.64
CA VAL A 446 22.92 -14.03 8.05
C VAL A 446 24.23 -14.08 7.26
N PHE A 447 24.18 -13.62 6.01
CA PHE A 447 25.35 -13.59 5.13
C PHE A 447 26.16 -12.31 5.32
N GLN A 448 25.68 -11.43 6.20
CA GLN A 448 26.33 -10.14 6.48
C GLN A 448 27.84 -10.22 6.67
N GLY A 449 28.30 -11.19 7.46
CA GLY A 449 29.73 -11.33 7.70
C GLY A 449 30.53 -11.40 6.42
N PHE A 450 30.01 -12.16 5.46
CA PHE A 450 30.66 -12.34 4.18
C PHE A 450 30.59 -11.06 3.32
N PHE A 451 29.40 -10.47 3.24
CA PHE A 451 29.18 -9.27 2.44
C PHE A 451 29.86 -8.02 2.99
N THR A 452 29.48 -7.63 4.19
CA THR A 452 30.05 -6.45 4.83
C THR A 452 31.53 -6.64 5.16
N GLY A 453 31.92 -7.89 5.39
CA GLY A 453 33.29 -8.20 5.68
C GLY A 453 34.12 -8.27 4.41
N ARG A 454 35.41 -8.51 4.54
CA ARG A 454 36.24 -8.60 3.37
C ARG A 454 36.08 -10.00 2.80
N GLY A 455 35.57 -10.10 1.61
CA GLY A 455 35.35 -11.39 1.01
C GLY A 455 34.97 -11.27 -0.43
N ARG A 456 35.34 -12.28 -1.20
CA ARG A 456 35.06 -12.30 -2.63
C ARG A 456 33.66 -12.82 -2.91
N SER A 457 32.88 -12.04 -3.64
CA SER A 457 31.51 -12.43 -3.95
C SER A 457 31.36 -12.70 -5.45
N CYS A 458 31.25 -13.96 -5.82
CA CYS A 458 31.07 -14.32 -7.21
C CYS A 458 29.59 -14.58 -7.53
N MET A 459 29.10 -13.99 -8.62
CA MET A 459 27.71 -14.19 -9.00
C MET A 459 27.61 -14.60 -10.48
N ILE A 460 27.00 -15.74 -10.73
CA ILE A 460 26.82 -16.23 -12.08
C ILE A 460 25.36 -16.09 -12.49
N VAL A 461 25.14 -15.48 -13.65
CA VAL A 461 23.81 -15.28 -14.16
C VAL A 461 23.59 -16.15 -15.38
N ASN A 462 22.78 -17.18 -15.24
CA ASN A 462 22.50 -18.07 -16.36
C ASN A 462 21.14 -17.71 -16.94
N VAL A 463 21.04 -17.64 -18.25
CA VAL A 463 19.79 -17.29 -18.88
C VAL A 463 19.66 -17.89 -20.28
N ASN A 464 18.45 -17.85 -20.80
CA ASN A 464 18.17 -18.39 -22.12
C ASN A 464 18.37 -17.32 -23.19
N PRO A 465 19.05 -17.67 -24.29
CA PRO A 465 19.31 -16.75 -25.41
C PRO A 465 18.03 -16.54 -26.24
N CYS A 466 16.96 -17.22 -25.81
CA CYS A 466 15.66 -17.15 -26.47
C CYS A 466 15.10 -15.73 -26.46
N ALA A 467 14.44 -15.36 -27.55
CA ALA A 467 13.85 -14.03 -27.69
C ALA A 467 12.60 -13.89 -26.82
N SER A 468 11.87 -14.99 -26.66
CA SER A 468 10.66 -14.98 -25.84
C SER A 468 11.03 -14.82 -24.37
N THR A 469 12.24 -15.25 -24.03
CA THR A 469 12.75 -15.16 -22.68
C THR A 469 13.40 -13.79 -22.40
N TYR A 470 13.50 -12.95 -23.43
CA TYR A 470 14.15 -11.64 -23.32
C TYR A 470 13.63 -10.83 -22.12
N ASP A 471 12.30 -10.83 -21.96
CA ASP A 471 11.66 -10.11 -20.86
C ASP A 471 12.18 -10.60 -19.52
N GLU A 472 12.38 -11.90 -19.42
CA GLU A 472 12.85 -12.59 -18.23
C GLU A 472 14.38 -12.27 -18.06
N THR A 473 15.08 -12.36 -19.19
CA THR A 473 16.52 -12.16 -19.26
C THR A 473 16.94 -10.80 -18.69
N LEU A 474 16.24 -9.75 -19.14
CA LEU A 474 16.52 -8.40 -18.70
C LEU A 474 16.42 -8.29 -17.17
N HIS A 475 15.42 -8.95 -16.61
CA HIS A 475 15.21 -8.94 -15.16
C HIS A 475 16.34 -9.63 -14.42
N ALA A 476 16.77 -10.76 -14.95
CA ALA A 476 17.85 -11.53 -14.33
C ALA A 476 19.16 -10.74 -14.35
N ALA A 477 19.48 -10.18 -15.50
CA ALA A 477 20.72 -9.40 -15.66
C ALA A 477 20.66 -8.10 -14.86
N LYS A 478 19.45 -7.59 -14.64
CA LYS A 478 19.25 -6.36 -13.90
C LYS A 478 19.58 -6.55 -12.42
N PHE A 479 19.30 -7.74 -11.92
CA PHE A 479 19.55 -8.06 -10.52
C PHE A 479 21.04 -8.13 -10.21
N SER A 480 21.82 -8.68 -11.15
CA SER A 480 23.24 -8.74 -11.02
C SER A 480 23.79 -7.35 -11.20
N ALA A 481 24.98 -7.09 -10.65
CA ALA A 481 25.62 -5.80 -10.72
C ALA A 481 25.73 -5.43 -12.16
N LEU A 482 25.31 -4.20 -12.48
CA LEU A 482 25.49 -3.68 -13.80
C LEU A 482 26.34 -2.46 -13.60
N ALA A 483 26.48 -1.61 -14.63
CA ALA A 483 27.29 -0.43 -14.50
C ALA A 483 26.41 0.78 -14.21
N ARG B 2 -25.15 0.76 -30.52
CA ARG B 2 -26.05 1.85 -30.17
C ARG B 2 -26.11 2.04 -28.66
N GLU B 3 -26.24 0.94 -27.94
CA GLU B 3 -26.31 0.99 -26.48
C GLU B 3 -24.90 1.11 -25.89
N CYS B 4 -24.82 1.34 -24.59
CA CYS B 4 -23.54 1.47 -23.93
C CYS B 4 -23.65 1.16 -22.44
N ILE B 5 -23.13 0.01 -22.05
CA ILE B 5 -23.14 -0.39 -20.65
C ILE B 5 -22.09 0.45 -19.91
N SER B 6 -22.17 0.50 -18.60
CA SER B 6 -21.21 1.28 -17.82
C SER B 6 -20.65 0.47 -16.66
N ILE B 7 -19.36 0.55 -16.48
CA ILE B 7 -18.67 -0.17 -15.42
C ILE B 7 -18.10 0.78 -14.38
N HIS B 8 -18.83 0.97 -13.30
CA HIS B 8 -18.40 1.85 -12.23
C HIS B 8 -17.61 1.05 -11.20
N VAL B 9 -16.32 1.29 -11.14
CA VAL B 9 -15.46 0.56 -10.22
C VAL B 9 -14.74 1.49 -9.24
N GLY B 10 -14.57 1.04 -8.01
CA GLY B 10 -13.88 1.83 -7.02
C GLY B 10 -14.84 2.64 -6.16
N GLN B 11 -14.39 2.96 -4.95
CA GLN B 11 -15.20 3.73 -4.00
C GLN B 11 -15.77 4.99 -4.64
N ALA B 12 -14.88 5.80 -5.19
CA ALA B 12 -15.27 7.04 -5.85
C ALA B 12 -16.19 6.75 -7.05
N GLY B 13 -15.78 5.76 -7.85
CA GLY B 13 -16.53 5.38 -9.03
C GLY B 13 -17.97 5.00 -8.74
N VAL B 14 -18.22 4.50 -7.53
CA VAL B 14 -19.57 4.11 -7.14
C VAL B 14 -20.37 5.34 -6.74
N GLN B 15 -19.71 6.26 -6.04
CA GLN B 15 -20.36 7.49 -5.61
C GLN B 15 -20.71 8.38 -6.81
N ILE B 16 -19.78 8.48 -7.75
CA ILE B 16 -20.01 9.29 -8.94
C ILE B 16 -21.08 8.64 -9.82
N GLY B 17 -21.16 7.31 -9.76
CA GLY B 17 -22.14 6.60 -10.54
C GLY B 17 -23.53 6.82 -10.00
N ASN B 18 -23.65 6.79 -8.67
CA ASN B 18 -24.94 7.00 -8.00
C ASN B 18 -25.53 8.37 -8.37
N ALA B 19 -24.69 9.39 -8.33
CA ALA B 19 -25.12 10.75 -8.66
C ALA B 19 -25.54 10.86 -10.13
N CYS B 20 -24.70 10.33 -11.01
CA CYS B 20 -24.98 10.36 -12.44
C CYS B 20 -26.26 9.59 -12.77
N TRP B 21 -26.39 8.40 -12.21
CA TRP B 21 -27.56 7.57 -12.44
C TRP B 21 -28.84 8.20 -11.92
N GLU B 22 -28.72 8.95 -10.83
CA GLU B 22 -29.87 9.63 -10.25
C GLU B 22 -30.41 10.64 -11.25
N LEU B 23 -29.51 11.54 -11.67
CA LEU B 23 -29.84 12.56 -12.67
C LEU B 23 -30.44 11.94 -13.92
N TYR B 24 -29.81 10.84 -14.37
CA TYR B 24 -30.24 10.11 -15.55
C TYR B 24 -31.73 9.82 -15.54
N CYS B 25 -32.15 8.96 -14.61
CA CYS B 25 -33.55 8.60 -14.48
C CYS B 25 -34.45 9.82 -14.25
N LEU B 26 -33.91 10.83 -13.57
CA LEU B 26 -34.65 12.07 -13.28
C LEU B 26 -35.06 12.81 -14.54
N GLU B 27 -34.23 12.75 -15.58
CA GLU B 27 -34.55 13.43 -16.84
C GLU B 27 -35.12 12.46 -17.85
N HIS B 28 -35.50 11.28 -17.38
CA HIS B 28 -36.09 10.26 -18.23
C HIS B 28 -37.44 9.82 -17.67
N GLY B 29 -37.84 10.46 -16.58
CA GLY B 29 -39.11 10.15 -15.94
C GLY B 29 -39.13 8.75 -15.34
N ILE B 30 -38.00 8.30 -14.82
CA ILE B 30 -37.90 6.98 -14.23
C ILE B 30 -37.63 7.05 -12.73
N GLN B 31 -38.69 6.92 -11.95
CA GLN B 31 -38.59 6.92 -10.49
C GLN B 31 -37.85 5.67 -10.00
N PRO B 32 -37.56 5.58 -8.68
CA PRO B 32 -36.89 4.42 -8.07
C PRO B 32 -37.35 3.08 -8.65
N ASP B 33 -38.66 2.93 -8.80
CA ASP B 33 -39.21 1.70 -9.36
C ASP B 33 -39.60 1.94 -10.81
N GLY B 34 -38.78 1.42 -11.73
CA GLY B 34 -39.08 1.53 -13.12
C GLY B 34 -39.55 0.13 -13.51
N HIS B 61 -37.13 1.28 -15.30
CA HIS B 61 -37.10 -0.16 -15.62
C HIS B 61 -35.76 -0.68 -15.18
N VAL B 62 -35.09 -1.49 -16.02
CA VAL B 62 -33.79 -1.99 -15.63
C VAL B 62 -32.69 -1.17 -16.31
N PRO B 63 -31.69 -0.72 -15.53
CA PRO B 63 -30.56 0.07 -16.07
C PRO B 63 -29.64 -0.75 -16.97
N ARG B 64 -28.42 -0.25 -17.19
CA ARG B 64 -27.44 -0.93 -18.06
C ARG B 64 -26.02 -0.62 -17.60
N ALA B 65 -25.72 -0.90 -16.34
CA ALA B 65 -24.39 -0.67 -15.81
C ALA B 65 -24.13 -1.61 -14.64
N VAL B 66 -22.91 -1.59 -14.12
CA VAL B 66 -22.56 -2.44 -13.00
C VAL B 66 -21.65 -1.69 -12.04
N PHE B 67 -21.65 -2.12 -10.79
CA PHE B 67 -20.82 -1.51 -9.76
C PHE B 67 -19.91 -2.56 -9.14
N VAL B 68 -18.60 -2.28 -9.12
CA VAL B 68 -17.62 -3.22 -8.56
C VAL B 68 -16.70 -2.55 -7.56
N ASP B 69 -16.54 -3.15 -6.38
CA ASP B 69 -15.64 -2.63 -5.35
C ASP B 69 -15.23 -3.72 -4.37
N LEU B 70 -14.11 -3.52 -3.70
CA LEU B 70 -13.59 -4.50 -2.75
C LEU B 70 -14.05 -4.23 -1.32
N GLU B 71 -14.93 -3.25 -1.14
CA GLU B 71 -15.46 -2.94 0.18
C GLU B 71 -16.98 -2.98 0.14
N PRO B 72 -17.59 -3.95 0.85
CA PRO B 72 -19.04 -4.14 0.89
C PRO B 72 -19.79 -2.85 1.21
N THR B 73 -19.37 -2.16 2.27
CA THR B 73 -19.99 -0.91 2.71
C THR B 73 -20.15 0.13 1.59
N VAL B 74 -19.23 0.15 0.62
CA VAL B 74 -19.30 1.12 -0.45
C VAL B 74 -20.47 0.84 -1.39
N ILE B 75 -20.60 -0.41 -1.79
CA ILE B 75 -21.69 -0.83 -2.66
C ILE B 75 -22.99 -0.90 -1.86
N ASP B 76 -22.87 -1.30 -0.60
CA ASP B 76 -24.00 -1.45 0.31
C ASP B 76 -24.73 -0.14 0.54
N GLU B 77 -24.02 0.98 0.39
CA GLU B 77 -24.63 2.29 0.58
C GLU B 77 -25.72 2.52 -0.46
N VAL B 78 -25.53 1.98 -1.65
CA VAL B 78 -26.49 2.11 -2.73
C VAL B 78 -27.56 1.02 -2.62
N ARG B 79 -27.19 -0.05 -1.92
CA ARG B 79 -28.11 -1.18 -1.72
C ARG B 79 -29.02 -0.90 -0.52
N THR B 80 -28.75 0.20 0.17
CA THR B 80 -29.53 0.60 1.31
C THR B 80 -30.14 2.00 1.14
N GLY B 81 -29.39 2.88 0.48
CA GLY B 81 -29.85 4.25 0.24
C GLY B 81 -30.92 4.36 -0.84
N THR B 82 -31.00 5.54 -1.45
CA THR B 82 -31.98 5.80 -2.50
C THR B 82 -31.73 4.93 -3.75
N TYR B 83 -32.80 4.68 -4.50
CA TYR B 83 -32.73 3.88 -5.71
C TYR B 83 -32.17 2.48 -5.45
N ARG B 84 -32.46 1.98 -4.25
CA ARG B 84 -31.98 0.67 -3.83
C ARG B 84 -32.53 -0.45 -4.73
N GLN B 85 -33.83 -0.43 -4.97
CA GLN B 85 -34.45 -1.45 -5.80
C GLN B 85 -34.47 -1.10 -7.28
N LEU B 86 -33.65 -0.14 -7.68
CA LEU B 86 -33.57 0.25 -9.09
C LEU B 86 -32.51 -0.59 -9.79
N PHE B 87 -31.75 -1.33 -9.00
CA PHE B 87 -30.69 -2.17 -9.52
C PHE B 87 -30.94 -3.64 -9.19
N HIS B 88 -30.18 -4.50 -9.83
CA HIS B 88 -30.28 -5.94 -9.63
C HIS B 88 -29.01 -6.45 -8.94
N PRO B 89 -29.15 -7.38 -7.98
CA PRO B 89 -28.00 -7.93 -7.24
C PRO B 89 -26.94 -8.57 -8.15
N GLU B 90 -27.26 -8.72 -9.43
CA GLU B 90 -26.34 -9.31 -10.39
C GLU B 90 -25.38 -8.25 -10.92
N GLN B 91 -25.81 -7.00 -10.91
CA GLN B 91 -24.98 -5.91 -11.40
C GLN B 91 -24.26 -5.22 -10.26
N LEU B 92 -24.33 -5.83 -9.08
CA LEU B 92 -23.68 -5.30 -7.89
C LEU B 92 -22.71 -6.33 -7.35
N ILE B 93 -21.46 -6.23 -7.78
CA ILE B 93 -20.42 -7.15 -7.36
C ILE B 93 -19.54 -6.52 -6.28
N THR B 94 -19.24 -7.29 -5.26
CA THR B 94 -18.41 -6.81 -4.17
C THR B 94 -17.46 -7.93 -3.71
N GLY B 95 -16.33 -7.52 -3.15
CA GLY B 95 -15.35 -8.47 -2.69
C GLY B 95 -15.20 -8.43 -1.19
N LYS B 96 -15.89 -9.34 -0.51
CA LYS B 96 -15.90 -9.47 0.96
C LYS B 96 -14.55 -9.22 1.65
N GLU B 97 -13.44 -9.46 0.94
CA GLU B 97 -12.10 -9.25 1.51
C GLU B 97 -11.81 -7.78 1.84
N ASP B 98 -10.60 -7.35 1.55
CA ASP B 98 -10.19 -5.98 1.83
C ASP B 98 -9.95 -5.19 0.55
N ALA B 99 -10.22 -3.89 0.63
CA ALA B 99 -10.06 -2.99 -0.51
C ALA B 99 -8.60 -2.70 -0.80
N ALA B 100 -7.88 -2.18 0.21
CA ALA B 100 -6.46 -1.83 0.06
C ALA B 100 -6.26 -0.62 -0.85
N ASN B 101 -5.57 0.39 -0.36
CA ASN B 101 -5.34 1.60 -1.14
C ASN B 101 -4.11 1.49 -2.04
N ASN B 102 -3.85 0.31 -2.54
CA ASN B 102 -2.69 0.10 -3.40
C ASN B 102 -3.06 -0.66 -4.68
N TYR B 103 -2.59 -0.13 -5.79
CA TYR B 103 -2.81 -0.70 -7.11
C TYR B 103 -2.54 -2.20 -7.13
N ALA B 104 -1.28 -2.56 -6.94
CA ALA B 104 -0.81 -3.96 -6.93
C ALA B 104 -1.83 -4.97 -6.39
N ARG B 105 -2.25 -4.78 -5.15
CA ARG B 105 -3.20 -5.69 -4.52
C ARG B 105 -4.53 -5.76 -5.26
N GLY B 106 -5.06 -4.60 -5.64
CA GLY B 106 -6.32 -4.52 -6.35
C GLY B 106 -6.23 -5.07 -7.75
N HIS B 107 -5.03 -5.07 -8.31
CA HIS B 107 -4.79 -5.57 -9.66
C HIS B 107 -4.49 -7.07 -9.63
N TYR B 108 -3.44 -7.43 -8.93
CA TYR B 108 -3.03 -8.83 -8.82
C TYR B 108 -3.85 -9.58 -7.76
N THR B 109 -3.23 -9.78 -6.59
CA THR B 109 -3.81 -10.49 -5.45
C THR B 109 -5.34 -10.70 -5.48
N ILE B 110 -6.06 -9.69 -5.03
CA ILE B 110 -7.52 -9.77 -4.96
C ILE B 110 -8.23 -9.59 -6.31
N GLY B 111 -7.94 -8.47 -6.97
CA GLY B 111 -8.55 -8.15 -8.27
C GLY B 111 -8.70 -9.30 -9.25
N LYS B 112 -7.67 -10.12 -9.37
CA LYS B 112 -7.71 -11.27 -10.28
C LYS B 112 -8.84 -12.22 -9.94
N GLU B 113 -8.99 -12.52 -8.65
CA GLU B 113 -10.05 -13.41 -8.17
C GLU B 113 -11.44 -12.99 -8.63
N ILE B 114 -11.73 -11.70 -8.51
CA ILE B 114 -13.04 -11.15 -8.83
C ILE B 114 -13.30 -10.93 -10.33
N ILE B 115 -12.26 -10.67 -11.12
CA ILE B 115 -12.40 -10.42 -12.56
C ILE B 115 -13.40 -11.35 -13.27
N ASP B 116 -13.31 -12.65 -12.99
CA ASP B 116 -14.17 -13.65 -13.61
C ASP B 116 -15.65 -13.26 -13.51
N LEU B 117 -16.15 -13.18 -12.27
CA LEU B 117 -17.53 -12.81 -12.01
C LEU B 117 -17.92 -11.49 -12.66
N VAL B 118 -17.03 -10.51 -12.57
CA VAL B 118 -17.27 -9.19 -13.15
C VAL B 118 -17.41 -9.27 -14.65
N LEU B 119 -16.41 -9.85 -15.31
CA LEU B 119 -16.42 -10.01 -16.76
C LEU B 119 -17.71 -10.69 -17.20
N ASP B 120 -18.06 -11.75 -16.48
CA ASP B 120 -19.27 -12.53 -16.75
C ASP B 120 -20.48 -11.61 -16.92
N ARG B 121 -20.63 -10.65 -16.02
CA ARG B 121 -21.74 -9.70 -16.07
C ARG B 121 -21.64 -8.80 -17.30
N ILE B 122 -20.44 -8.28 -17.57
CA ILE B 122 -20.23 -7.39 -18.71
C ILE B 122 -20.35 -8.14 -20.05
N ARG B 123 -20.56 -9.45 -19.98
CA ARG B 123 -20.69 -10.25 -21.18
C ARG B 123 -22.13 -10.69 -21.32
N LYS B 124 -22.82 -10.79 -20.18
CA LYS B 124 -24.22 -11.18 -20.15
C LYS B 124 -25.10 -9.99 -20.53
N LEU B 125 -24.72 -8.80 -20.05
CA LEU B 125 -25.46 -7.59 -20.34
C LEU B 125 -25.22 -7.15 -21.76
N ALA B 126 -24.03 -7.45 -22.28
CA ALA B 126 -23.66 -7.08 -23.65
C ALA B 126 -24.44 -7.92 -24.66
N ASP B 127 -24.77 -9.14 -24.28
CA ASP B 127 -25.51 -10.03 -25.15
C ASP B 127 -27.00 -9.72 -25.07
N GLN B 128 -27.48 -9.51 -23.83
CA GLN B 128 -28.88 -9.18 -23.58
C GLN B 128 -29.36 -7.98 -24.40
N CYS B 129 -28.53 -6.94 -24.48
CA CYS B 129 -28.90 -5.74 -25.22
C CYS B 129 -28.95 -6.00 -26.72
N THR B 130 -29.21 -4.95 -27.49
CA THR B 130 -29.30 -5.08 -28.93
C THR B 130 -28.30 -4.15 -29.61
N GLY B 131 -27.23 -4.74 -30.14
CA GLY B 131 -26.18 -3.97 -30.80
C GLY B 131 -25.64 -2.83 -29.94
N LEU B 132 -24.59 -3.13 -29.17
CA LEU B 132 -23.99 -2.13 -28.30
C LEU B 132 -22.92 -1.37 -29.05
N GLN B 133 -22.45 -0.27 -28.46
CA GLN B 133 -21.43 0.55 -29.07
C GLN B 133 -20.13 0.49 -28.28
N GLY B 134 -20.24 0.29 -26.97
CA GLY B 134 -19.07 0.21 -26.15
C GLY B 134 -19.39 0.13 -24.68
N PHE B 135 -18.39 0.40 -23.85
CA PHE B 135 -18.55 0.35 -22.40
C PHE B 135 -18.04 1.61 -21.73
N SER B 136 -18.90 2.26 -20.96
CA SER B 136 -18.55 3.46 -20.24
C SER B 136 -17.86 3.11 -18.93
N VAL B 137 -16.57 3.37 -18.85
CA VAL B 137 -15.81 3.04 -17.65
C VAL B 137 -15.80 4.23 -16.69
N PHE B 138 -15.98 3.94 -15.40
CA PHE B 138 -15.97 4.96 -14.37
C PHE B 138 -15.08 4.53 -13.22
N HIS B 139 -13.94 5.21 -13.03
CA HIS B 139 -13.00 4.87 -11.98
C HIS B 139 -12.28 6.11 -11.41
N SER B 140 -11.48 5.88 -10.36
CA SER B 140 -10.76 6.93 -9.65
C SER B 140 -9.23 6.71 -9.62
N PHE B 141 -8.58 7.01 -10.74
CA PHE B 141 -7.10 6.93 -10.91
C PHE B 141 -6.25 6.56 -9.67
N GLY B 142 -6.36 7.36 -8.60
CA GLY B 142 -5.59 7.10 -7.39
C GLY B 142 -6.35 6.37 -6.31
N GLY B 143 -6.64 5.10 -6.54
CA GLY B 143 -7.36 4.31 -5.57
C GLY B 143 -6.87 2.87 -5.55
N GLY B 144 -7.72 1.96 -5.09
CA GLY B 144 -7.36 0.57 -5.07
C GLY B 144 -8.05 -0.17 -6.18
N THR B 145 -9.37 -0.31 -6.04
CA THR B 145 -10.18 -0.98 -7.02
C THR B 145 -10.33 -0.12 -8.27
N GLY B 146 -10.24 1.19 -8.06
CA GLY B 146 -10.37 2.12 -9.16
C GLY B 146 -9.15 2.09 -10.06
N SER B 147 -8.01 1.73 -9.50
CA SER B 147 -6.79 1.64 -10.27
C SER B 147 -6.55 0.22 -10.77
N GLY B 148 -6.29 -0.67 -9.82
CA GLY B 148 -6.00 -2.08 -10.12
C GLY B 148 -7.07 -2.76 -10.95
N PHE B 149 -8.21 -3.03 -10.32
CA PHE B 149 -9.33 -3.69 -10.97
C PHE B 149 -9.57 -3.24 -12.41
N THR B 150 -9.84 -1.95 -12.60
CA THR B 150 -10.08 -1.39 -13.92
C THR B 150 -9.01 -1.80 -14.91
N SER B 151 -7.75 -1.64 -14.51
CA SER B 151 -6.60 -2.00 -15.34
C SER B 151 -6.75 -3.39 -15.96
N LEU B 152 -7.04 -4.38 -15.12
CA LEU B 152 -7.17 -5.76 -15.58
C LEU B 152 -8.51 -5.98 -16.29
N LEU B 153 -9.51 -5.23 -15.88
CA LEU B 153 -10.84 -5.34 -16.46
C LEU B 153 -10.83 -4.87 -17.91
N MET B 154 -10.32 -3.67 -18.12
CA MET B 154 -10.25 -3.10 -19.46
C MET B 154 -9.30 -3.89 -20.35
N GLU B 155 -8.27 -4.47 -19.73
CA GLU B 155 -7.30 -5.27 -20.44
C GLU B 155 -8.01 -6.43 -21.15
N ARG B 156 -8.88 -7.11 -20.41
CA ARG B 156 -9.64 -8.23 -20.94
C ARG B 156 -10.76 -7.76 -21.86
N LEU B 157 -11.25 -6.55 -21.62
CA LEU B 157 -12.34 -5.99 -22.42
C LEU B 157 -11.87 -5.61 -23.81
N SER B 158 -10.73 -4.93 -23.89
CA SER B 158 -10.17 -4.51 -25.18
C SER B 158 -9.86 -5.70 -26.09
N VAL B 159 -9.83 -6.90 -25.52
CA VAL B 159 -9.54 -8.10 -26.29
C VAL B 159 -10.82 -8.83 -26.68
N ASP B 160 -11.75 -8.94 -25.73
CA ASP B 160 -13.01 -9.64 -25.97
C ASP B 160 -13.98 -8.76 -26.76
N TYR B 161 -13.85 -7.45 -26.61
CA TYR B 161 -14.72 -6.51 -27.28
C TYR B 161 -13.92 -5.40 -27.94
N GLY B 162 -12.79 -5.80 -28.54
CA GLY B 162 -11.93 -4.85 -29.24
C GLY B 162 -12.65 -4.14 -30.37
N LYS B 163 -13.69 -4.78 -30.89
CA LYS B 163 -14.47 -4.24 -32.00
C LYS B 163 -15.58 -3.32 -31.50
N LYS B 164 -15.30 -2.59 -30.42
CA LYS B 164 -16.27 -1.67 -29.84
C LYS B 164 -15.55 -0.42 -29.33
N SER B 165 -16.31 0.51 -28.79
CA SER B 165 -15.74 1.76 -28.28
C SER B 165 -15.36 1.61 -26.81
N LYS B 166 -14.16 2.06 -26.48
CA LYS B 166 -13.68 1.98 -25.12
C LYS B 166 -13.47 3.39 -24.54
N LEU B 167 -14.53 3.92 -23.95
CA LEU B 167 -14.47 5.25 -23.36
C LEU B 167 -14.49 5.17 -21.84
N GLU B 168 -13.43 5.68 -21.22
CA GLU B 168 -13.31 5.67 -19.77
C GLU B 168 -13.37 7.07 -19.19
N PHE B 169 -14.13 7.23 -18.13
CA PHE B 169 -14.23 8.51 -17.45
C PHE B 169 -13.44 8.42 -16.15
N SER B 170 -12.24 8.97 -16.16
CA SER B 170 -11.38 8.91 -15.00
C SER B 170 -11.40 10.20 -14.20
N ILE B 171 -11.13 10.06 -12.91
CA ILE B 171 -11.08 11.20 -12.00
C ILE B 171 -9.63 11.41 -11.59
N TYR B 172 -8.93 12.23 -12.37
CA TYR B 172 -7.52 12.48 -12.15
C TYR B 172 -7.24 13.14 -10.80
N PRO B 173 -6.32 12.53 -10.03
CA PRO B 173 -5.86 13.03 -8.73
C PRO B 173 -5.63 14.53 -8.73
N ALA B 174 -6.21 15.24 -7.78
CA ALA B 174 -6.03 16.69 -7.70
C ALA B 174 -4.55 17.04 -7.55
N PRO B 175 -4.05 17.95 -8.40
CA PRO B 175 -2.64 18.39 -8.44
C PRO B 175 -1.97 18.63 -7.09
N GLN B 176 -2.69 19.19 -6.14
CA GLN B 176 -2.13 19.47 -4.82
C GLN B 176 -3.03 18.92 -3.74
N VAL B 177 -4.31 18.80 -4.06
CA VAL B 177 -5.29 18.29 -3.13
C VAL B 177 -5.43 16.76 -3.30
N SER B 178 -4.38 16.05 -2.92
CA SER B 178 -4.37 14.61 -3.02
C SER B 178 -5.14 13.98 -1.86
N THR B 179 -5.48 12.71 -2.02
CA THR B 179 -6.19 11.99 -0.97
C THR B 179 -5.26 10.90 -0.46
N ALA B 180 -5.04 9.89 -1.29
CA ALA B 180 -4.11 8.82 -0.96
C ALA B 180 -2.67 9.36 -0.93
N VAL B 181 -1.83 8.80 -0.08
CA VAL B 181 -0.43 9.23 -0.02
C VAL B 181 0.32 8.64 -1.22
N VAL B 182 -0.05 7.41 -1.57
CA VAL B 182 0.57 6.72 -2.70
C VAL B 182 -0.03 7.17 -4.03
N GLU B 183 -1.18 7.87 -3.95
CA GLU B 183 -1.93 8.40 -5.10
C GLU B 183 -1.25 8.31 -6.49
N PRO B 184 -0.13 9.04 -6.72
CA PRO B 184 0.59 9.03 -8.00
C PRO B 184 0.92 7.62 -8.49
N TYR B 185 1.40 6.77 -7.58
CA TYR B 185 1.77 5.39 -7.92
C TYR B 185 0.60 4.66 -8.58
N ASN B 186 -0.59 4.86 -8.02
CA ASN B 186 -1.79 4.21 -8.52
C ASN B 186 -2.25 4.76 -9.86
N SER B 187 -1.86 5.98 -10.19
CA SER B 187 -2.30 6.57 -11.45
C SER B 187 -1.31 6.29 -12.58
N ILE B 188 -0.03 6.15 -12.25
CA ILE B 188 0.97 5.89 -13.27
C ILE B 188 0.88 4.46 -13.76
N LEU B 189 0.47 3.56 -12.87
CA LEU B 189 0.35 2.16 -13.22
C LEU B 189 -0.95 1.88 -13.99
N THR B 190 -1.98 2.66 -13.71
CA THR B 190 -3.27 2.48 -14.38
C THR B 190 -3.23 3.04 -15.80
N THR B 191 -2.51 4.14 -16.00
CA THR B 191 -2.42 4.75 -17.31
C THR B 191 -1.52 3.95 -18.24
N HIS B 192 -0.47 3.37 -17.68
CA HIS B 192 0.50 2.57 -18.43
C HIS B 192 -0.18 1.37 -19.09
N THR B 193 -1.16 0.78 -18.41
CA THR B 193 -1.85 -0.38 -18.93
C THR B 193 -3.14 -0.02 -19.69
N THR B 194 -3.63 1.20 -19.54
CA THR B 194 -4.85 1.62 -20.21
C THR B 194 -4.59 2.49 -21.44
N LEU B 195 -3.41 3.12 -21.51
CA LEU B 195 -3.06 3.99 -22.63
C LEU B 195 -3.21 3.31 -23.99
N GLU B 196 -2.80 2.07 -24.07
CA GLU B 196 -2.89 1.31 -25.32
C GLU B 196 -4.12 0.42 -25.35
N HIS B 197 -5.06 0.66 -24.46
CA HIS B 197 -6.28 -0.15 -24.39
C HIS B 197 -7.54 0.69 -24.39
N SER B 198 -7.37 1.99 -24.16
CA SER B 198 -8.50 2.91 -24.15
C SER B 198 -8.63 3.64 -25.48
N ASP B 199 -9.84 4.07 -25.81
CA ASP B 199 -10.09 4.81 -27.04
C ASP B 199 -10.21 6.29 -26.72
N CYS B 200 -10.98 6.60 -25.69
CA CYS B 200 -11.18 7.97 -25.25
C CYS B 200 -11.27 7.99 -23.73
N ALA B 201 -10.30 8.61 -23.08
CA ALA B 201 -10.28 8.69 -21.63
C ALA B 201 -10.59 10.09 -21.15
N PHE B 202 -11.83 10.32 -20.75
CA PHE B 202 -12.23 11.63 -20.26
C PHE B 202 -11.70 11.81 -18.85
N MET B 203 -11.12 12.95 -18.57
CA MET B 203 -10.57 13.19 -17.25
C MET B 203 -11.19 14.40 -16.57
N VAL B 204 -11.48 14.25 -15.29
CA VAL B 204 -12.04 15.32 -14.49
C VAL B 204 -11.15 15.58 -13.27
N ASP B 205 -10.73 16.83 -13.12
CA ASP B 205 -9.85 17.24 -12.03
C ASP B 205 -10.65 17.60 -10.79
N ASN B 206 -10.42 16.86 -9.71
CA ASN B 206 -11.13 17.09 -8.44
C ASN B 206 -10.85 18.48 -7.86
N GLU B 207 -9.61 18.92 -7.94
CA GLU B 207 -9.21 20.22 -7.39
C GLU B 207 -9.95 21.35 -8.11
N ALA B 208 -9.96 21.27 -9.43
CA ALA B 208 -10.63 22.27 -10.24
C ALA B 208 -12.14 22.30 -10.02
N ILE B 209 -12.69 21.24 -9.42
CA ILE B 209 -14.13 21.18 -9.16
C ILE B 209 -14.43 22.01 -7.92
N TYR B 210 -13.52 21.95 -6.96
CA TYR B 210 -13.67 22.71 -5.72
C TYR B 210 -13.68 24.19 -6.05
N ASP B 211 -12.74 24.61 -6.90
CA ASP B 211 -12.62 26.00 -7.31
C ASP B 211 -13.86 26.48 -8.05
N ILE B 212 -14.38 25.66 -8.95
CA ILE B 212 -15.57 26.02 -9.72
C ILE B 212 -16.77 26.25 -8.80
N CYS B 213 -16.94 25.38 -7.82
CA CYS B 213 -18.04 25.51 -6.88
C CYS B 213 -17.81 26.70 -5.94
N ARG B 214 -16.57 27.16 -5.88
CA ARG B 214 -16.21 28.27 -5.01
C ARG B 214 -16.45 29.61 -5.72
N ARG B 215 -16.08 29.68 -6.99
CA ARG B 215 -16.21 30.92 -7.76
C ARG B 215 -17.52 31.00 -8.56
N ASN B 216 -17.96 29.90 -9.14
CA ASN B 216 -19.17 29.88 -9.96
C ASN B 216 -20.33 29.20 -9.28
N LEU B 217 -20.45 29.38 -8.00
CA LEU B 217 -21.54 28.79 -7.23
C LEU B 217 -21.51 29.40 -5.85
N ASP B 218 -20.30 29.71 -5.40
CA ASP B 218 -20.05 30.32 -4.10
C ASP B 218 -20.68 29.50 -2.99
N ILE B 219 -19.89 28.56 -2.46
CA ILE B 219 -20.31 27.66 -1.40
C ILE B 219 -19.10 26.95 -0.83
N GLU B 220 -18.97 27.00 0.48
CA GLU B 220 -17.86 26.36 1.17
C GLU B 220 -18.30 25.04 1.76
N ARG B 221 -19.43 24.54 1.28
CA ARG B 221 -19.96 23.27 1.73
C ARG B 221 -20.23 22.30 0.55
N PRO B 222 -19.28 22.11 -0.39
CA PRO B 222 -19.47 21.21 -1.52
C PRO B 222 -18.99 19.80 -1.16
N THR B 223 -19.92 18.96 -0.79
CA THR B 223 -19.63 17.57 -0.43
C THR B 223 -19.42 16.74 -1.69
N TYR B 224 -18.88 15.53 -1.54
CA TYR B 224 -18.65 14.64 -2.67
C TYR B 224 -19.90 14.50 -3.53
N THR B 225 -21.06 14.40 -2.88
CA THR B 225 -22.33 14.27 -3.60
C THR B 225 -22.63 15.50 -4.46
N ASN B 226 -22.04 16.64 -4.13
CA ASN B 226 -22.26 17.86 -4.89
C ASN B 226 -21.32 17.87 -6.08
N LEU B 227 -20.07 17.53 -5.81
CA LEU B 227 -19.05 17.45 -6.85
C LEU B 227 -19.46 16.45 -7.91
N ASN B 228 -19.88 15.28 -7.46
CA ASN B 228 -20.30 14.18 -8.34
C ASN B 228 -21.50 14.59 -9.19
N ARG B 229 -22.36 15.43 -8.64
CA ARG B 229 -23.55 15.89 -9.36
C ARG B 229 -23.16 16.75 -10.56
N LEU B 230 -22.07 17.48 -10.42
CA LEU B 230 -21.56 18.31 -11.50
C LEU B 230 -21.12 17.43 -12.66
N ILE B 231 -20.29 16.44 -12.33
CA ILE B 231 -19.79 15.50 -13.32
C ILE B 231 -20.95 14.71 -13.93
N GLY B 232 -21.88 14.29 -13.08
CA GLY B 232 -23.04 13.54 -13.53
C GLY B 232 -23.90 14.33 -14.49
N GLN B 233 -23.73 15.64 -14.49
CA GLN B 233 -24.48 16.53 -15.36
C GLN B 233 -23.79 16.50 -16.73
N ILE B 234 -22.47 16.70 -16.70
CA ILE B 234 -21.68 16.66 -17.92
C ILE B 234 -21.84 15.29 -18.60
N VAL B 235 -21.78 14.22 -17.80
CA VAL B 235 -21.90 12.86 -18.32
C VAL B 235 -23.29 12.62 -18.90
N SER B 236 -24.30 13.26 -18.31
CA SER B 236 -25.67 13.13 -18.79
C SER B 236 -25.75 13.63 -20.24
N SER B 237 -25.02 14.68 -20.53
CA SER B 237 -24.99 15.25 -21.86
C SER B 237 -24.09 14.42 -22.78
N ILE B 238 -23.16 13.68 -22.18
CA ILE B 238 -22.26 12.81 -22.91
C ILE B 238 -23.02 11.59 -23.43
N THR B 239 -23.35 10.67 -22.55
CA THR B 239 -24.06 9.48 -22.96
C THR B 239 -25.55 9.76 -23.20
N ALA B 240 -26.33 9.81 -22.11
CA ALA B 240 -27.78 10.10 -22.14
C ALA B 240 -28.24 10.91 -23.35
N SER B 241 -27.98 12.23 -23.31
CA SER B 241 -28.39 13.16 -24.37
C SER B 241 -28.02 12.66 -25.77
N LEU B 242 -26.81 12.15 -25.93
CA LEU B 242 -26.35 11.66 -27.21
C LEU B 242 -27.25 10.56 -27.76
N ARG B 243 -27.80 9.74 -26.86
CA ARG B 243 -28.70 8.67 -27.25
C ARG B 243 -30.08 9.21 -27.61
N PHE B 244 -30.32 10.48 -27.26
CA PHE B 244 -31.59 11.12 -27.55
C PHE B 244 -31.47 11.94 -28.84
N ASP B 245 -32.36 11.68 -29.78
CA ASP B 245 -32.37 12.36 -31.07
C ASP B 245 -32.37 13.89 -30.96
N GLY B 246 -31.85 14.54 -32.00
CA GLY B 246 -31.76 15.97 -32.01
C GLY B 246 -31.46 16.48 -33.40
N ALA B 247 -31.03 17.73 -33.50
CA ALA B 247 -30.74 18.34 -34.79
C ALA B 247 -29.37 17.92 -35.34
N LEU B 248 -28.52 17.40 -34.48
CA LEU B 248 -27.19 16.98 -34.89
C LEU B 248 -26.67 15.83 -34.04
N ASN B 249 -27.42 14.72 -34.04
CA ASN B 249 -27.09 13.51 -33.26
C ASN B 249 -25.58 13.19 -33.29
N VAL B 250 -25.06 12.75 -32.15
CA VAL B 250 -23.63 12.42 -32.04
C VAL B 250 -23.44 11.05 -31.41
N ASP B 251 -22.91 10.12 -32.19
CA ASP B 251 -22.66 8.77 -31.69
C ASP B 251 -21.32 8.65 -30.96
N LEU B 252 -21.12 7.53 -30.27
CA LEU B 252 -19.88 7.28 -29.56
C LEU B 252 -18.73 7.12 -30.55
N THR B 253 -19.03 6.50 -31.69
CA THR B 253 -18.04 6.29 -32.75
C THR B 253 -17.46 7.64 -33.16
N GLU B 254 -18.34 8.57 -33.50
CA GLU B 254 -17.97 9.92 -33.87
C GLU B 254 -16.91 10.50 -32.93
N PHE B 255 -17.13 10.26 -31.64
CA PHE B 255 -16.21 10.73 -30.59
C PHE B 255 -14.80 10.22 -30.84
N GLN B 256 -14.58 8.93 -30.58
CA GLN B 256 -13.27 8.29 -30.77
C GLN B 256 -12.60 8.69 -32.09
N THR B 257 -13.39 8.97 -33.10
CA THR B 257 -12.86 9.36 -34.41
C THR B 257 -12.40 10.83 -34.42
N ASN B 258 -13.25 11.72 -33.93
CA ASN B 258 -12.96 13.16 -33.92
C ASN B 258 -12.17 13.63 -32.69
N LEU B 259 -12.04 12.80 -31.68
CA LEU B 259 -11.34 13.22 -30.47
C LEU B 259 -9.90 12.74 -30.42
N VAL B 260 -9.62 11.54 -30.91
CA VAL B 260 -8.26 11.03 -30.90
C VAL B 260 -7.70 10.85 -32.30
N PRO B 261 -6.72 11.69 -32.66
CA PRO B 261 -6.07 11.63 -33.97
C PRO B 261 -5.01 10.53 -34.04
N TYR B 262 -4.67 9.99 -32.89
CA TYR B 262 -3.67 8.93 -32.80
C TYR B 262 -4.18 7.79 -31.93
N PRO B 263 -3.73 6.55 -32.21
CA PRO B 263 -4.10 5.35 -31.45
C PRO B 263 -4.06 5.53 -29.92
N ARG B 264 -3.18 6.42 -29.46
CA ARG B 264 -3.04 6.70 -28.03
C ARG B 264 -4.37 7.15 -27.44
N GLY B 265 -4.74 6.52 -26.32
CA GLY B 265 -5.98 6.84 -25.61
C GLY B 265 -6.06 8.26 -25.04
N HIS B 266 -5.62 9.25 -25.83
CA HIS B 266 -5.64 10.69 -25.45
C HIS B 266 -6.75 11.07 -24.47
N PHE B 267 -6.42 11.94 -23.53
CA PHE B 267 -7.36 12.33 -22.50
C PHE B 267 -7.95 13.73 -22.73
N PRO B 268 -9.21 13.81 -23.16
CA PRO B 268 -9.90 15.08 -23.38
C PRO B 268 -10.43 15.64 -22.06
N LEU B 269 -10.85 16.89 -22.08
CA LEU B 269 -11.36 17.55 -20.88
C LEU B 269 -12.87 17.72 -20.91
N ALA B 270 -13.47 17.79 -19.73
CA ALA B 270 -14.91 17.97 -19.60
C ALA B 270 -15.21 19.41 -19.16
N THR B 271 -16.11 20.07 -19.86
CA THR B 271 -16.45 21.45 -19.55
C THR B 271 -17.96 21.69 -19.70
N TYR B 272 -18.55 22.37 -18.71
CA TYR B 272 -19.97 22.67 -18.74
C TYR B 272 -20.17 24.18 -18.77
N ALA B 273 -21.16 24.64 -19.54
CA ALA B 273 -21.42 26.07 -19.66
C ALA B 273 -22.29 26.64 -18.53
N PRO B 274 -23.54 26.15 -18.35
CA PRO B 274 -24.43 26.66 -17.29
C PRO B 274 -24.04 26.16 -15.90
N VAL B 275 -23.01 26.76 -15.34
CA VAL B 275 -22.52 26.42 -14.02
C VAL B 275 -22.79 27.56 -13.04
N ILE B 276 -23.99 28.10 -13.07
CA ILE B 276 -24.37 29.21 -12.21
C ILE B 276 -25.25 28.75 -11.03
N SER B 277 -25.12 29.45 -9.90
CA SER B 277 -25.88 29.14 -8.68
C SER B 277 -27.35 29.56 -8.77
N ALA B 278 -28.22 28.73 -8.20
CA ALA B 278 -29.65 29.01 -8.19
C ALA B 278 -30.07 29.72 -6.91
N GLU B 279 -29.28 30.71 -6.49
CA GLU B 279 -29.58 31.47 -5.27
C GLU B 279 -28.94 32.84 -5.38
N LYS B 280 -27.62 32.85 -5.45
CA LYS B 280 -26.84 34.09 -5.58
C LYS B 280 -27.05 34.76 -6.93
N ALA B 281 -26.18 34.46 -7.89
CA ALA B 281 -26.27 35.04 -9.22
C ALA B 281 -27.55 34.59 -9.93
N TYR B 282 -28.05 35.41 -10.83
CA TYR B 282 -29.26 35.11 -11.57
C TYR B 282 -29.14 35.64 -12.99
N HIS B 283 -28.68 34.79 -13.90
CA HIS B 283 -28.49 35.18 -15.30
C HIS B 283 -29.00 34.15 -16.31
N GLU B 284 -29.83 33.21 -15.83
CA GLU B 284 -30.44 32.15 -16.66
C GLU B 284 -30.34 32.36 -18.18
N GLN B 285 -30.99 33.41 -18.67
CA GLN B 285 -30.99 33.77 -20.08
C GLN B 285 -29.59 34.16 -20.58
N LEU B 286 -28.79 33.15 -20.89
CA LEU B 286 -27.43 33.35 -21.35
C LEU B 286 -27.22 32.85 -22.78
N SER B 287 -27.42 33.76 -23.75
CA SER B 287 -27.26 33.46 -25.18
C SER B 287 -26.02 32.62 -25.50
N VAL B 288 -26.09 31.88 -26.62
CA VAL B 288 -25.00 31.02 -27.09
C VAL B 288 -23.63 31.68 -26.97
N ALA B 289 -23.50 32.85 -27.60
CA ALA B 289 -22.25 33.62 -27.59
C ALA B 289 -21.59 33.70 -26.20
N GLU B 290 -22.42 33.77 -25.17
CA GLU B 290 -21.93 33.87 -23.81
C GLU B 290 -21.59 32.50 -23.22
N ILE B 291 -22.53 31.55 -23.31
CA ILE B 291 -22.33 30.22 -22.74
C ILE B 291 -21.19 29.45 -23.42
N THR B 292 -21.01 29.64 -24.72
CA THR B 292 -19.96 28.97 -25.45
C THR B 292 -18.59 29.54 -25.08
N ASN B 293 -18.52 30.85 -24.89
CA ASN B 293 -17.28 31.51 -24.52
C ASN B 293 -16.88 31.19 -23.09
N ALA B 294 -17.87 30.91 -22.24
CA ALA B 294 -17.64 30.58 -20.83
C ALA B 294 -16.98 29.22 -20.66
N CYS B 295 -16.79 28.51 -21.75
CA CYS B 295 -16.18 27.19 -21.73
C CYS B 295 -14.68 27.28 -22.00
N PHE B 296 -14.26 28.35 -22.66
CA PHE B 296 -12.86 28.53 -23.02
C PHE B 296 -12.02 29.11 -21.88
N GLU B 297 -12.67 29.59 -20.83
CA GLU B 297 -11.95 30.13 -19.68
C GLU B 297 -11.51 29.03 -18.73
N PRO B 298 -10.25 29.08 -18.25
CA PRO B 298 -9.69 28.08 -17.34
C PRO B 298 -10.43 28.00 -16.00
N ALA B 299 -11.24 29.02 -15.71
CA ALA B 299 -11.99 29.05 -14.46
C ALA B 299 -13.35 28.37 -14.63
N ASN B 300 -13.39 27.37 -15.49
CA ASN B 300 -14.61 26.62 -15.76
C ASN B 300 -14.32 25.47 -16.72
N GLN B 301 -13.29 24.68 -16.42
CA GLN B 301 -12.94 23.58 -17.30
C GLN B 301 -12.82 22.25 -16.53
N MET B 302 -13.22 22.27 -15.27
CA MET B 302 -13.17 21.07 -14.41
C MET B 302 -11.84 20.33 -14.52
N VAL B 303 -10.76 21.08 -14.66
CA VAL B 303 -9.44 20.49 -14.80
C VAL B 303 -8.35 21.52 -14.57
N LYS B 304 -7.31 21.14 -13.83
CA LYS B 304 -6.19 22.03 -13.55
C LYS B 304 -5.20 21.99 -14.71
N CYS B 305 -5.74 21.91 -15.91
CA CYS B 305 -4.93 21.87 -17.13
C CYS B 305 -5.08 23.16 -17.91
N ASP B 306 -4.97 24.29 -17.20
CA ASP B 306 -5.08 25.62 -17.78
C ASP B 306 -4.37 25.72 -19.12
N PRO B 307 -4.98 26.39 -20.11
CA PRO B 307 -4.40 26.58 -21.44
C PRO B 307 -3.15 27.49 -21.41
N ARG B 308 -2.16 27.08 -20.62
CA ARG B 308 -0.92 27.82 -20.45
C ARG B 308 -0.04 27.74 -21.71
N HIS B 309 -0.31 26.76 -22.55
CA HIS B 309 0.46 26.53 -23.78
C HIS B 309 -0.21 25.44 -24.60
N GLY B 310 -1.09 24.69 -23.94
CA GLY B 310 -1.81 23.63 -24.60
C GLY B 310 -2.66 24.12 -25.75
N LYS B 311 -2.31 23.70 -26.95
CA LYS B 311 -3.03 24.08 -28.15
C LYS B 311 -4.15 23.08 -28.42
N TYR B 312 -5.29 23.58 -28.89
CA TYR B 312 -6.42 22.72 -29.19
C TYR B 312 -6.16 21.94 -30.46
N MET B 313 -6.63 20.69 -30.51
CA MET B 313 -6.43 19.86 -31.69
C MET B 313 -7.72 19.17 -32.11
N ALA B 314 -8.74 19.30 -31.26
CA ALA B 314 -10.05 18.69 -31.52
C ALA B 314 -10.98 18.97 -30.35
N CYS B 315 -12.13 19.58 -30.65
CA CYS B 315 -13.10 19.91 -29.63
C CYS B 315 -14.50 19.53 -30.07
N CYS B 316 -15.27 18.97 -29.15
CA CYS B 316 -16.63 18.55 -29.42
C CYS B 316 -17.64 19.38 -28.62
N LEU B 317 -18.22 20.36 -29.27
CA LEU B 317 -19.19 21.23 -28.63
C LEU B 317 -20.57 20.58 -28.63
N LEU B 318 -20.92 19.95 -27.51
CA LEU B 318 -22.22 19.30 -27.37
C LEU B 318 -23.25 20.26 -26.79
N TYR B 319 -24.14 20.74 -27.62
CA TYR B 319 -25.18 21.64 -27.18
C TYR B 319 -26.45 20.84 -26.90
N ARG B 320 -27.24 21.30 -25.95
CA ARG B 320 -28.48 20.65 -25.61
C ARG B 320 -29.48 21.68 -25.13
N GLY B 321 -30.70 21.61 -25.64
CA GLY B 321 -31.73 22.54 -25.26
C GLY B 321 -32.17 23.41 -26.43
N ASP B 322 -32.57 24.63 -26.14
CA ASP B 322 -33.03 25.56 -27.17
C ASP B 322 -31.85 26.30 -27.78
N VAL B 323 -31.27 25.71 -28.82
CA VAL B 323 -30.12 26.30 -29.50
C VAL B 323 -30.36 26.39 -31.01
N VAL B 324 -30.01 27.53 -31.57
CA VAL B 324 -30.17 27.76 -33.00
C VAL B 324 -28.86 27.44 -33.73
N PRO B 325 -28.90 26.56 -34.75
CA PRO B 325 -27.72 26.16 -35.53
C PRO B 325 -26.93 27.37 -36.05
N LYS B 326 -27.64 28.39 -36.52
CA LYS B 326 -26.98 29.58 -37.04
C LYS B 326 -26.20 30.31 -35.94
N ASP B 327 -26.81 30.44 -34.76
CA ASP B 327 -26.16 31.09 -33.62
C ASP B 327 -24.90 30.33 -33.24
N VAL B 328 -24.99 29.01 -33.31
CA VAL B 328 -23.85 28.14 -33.03
C VAL B 328 -22.77 28.39 -34.06
N ASN B 329 -23.19 28.41 -35.32
CA ASN B 329 -22.30 28.64 -36.44
C ASN B 329 -21.96 30.12 -36.58
N ALA B 330 -21.63 30.72 -35.46
CA ALA B 330 -21.28 32.13 -35.38
C ALA B 330 -20.43 32.29 -34.14
N ALA B 331 -20.82 31.60 -33.07
CA ALA B 331 -20.07 31.61 -31.83
C ALA B 331 -18.73 30.92 -32.08
N ILE B 332 -18.79 29.85 -32.86
CA ILE B 332 -17.60 29.09 -33.22
C ILE B 332 -16.73 29.90 -34.17
N ALA B 333 -17.38 30.64 -35.06
CA ALA B 333 -16.69 31.48 -36.04
C ALA B 333 -15.88 32.58 -35.35
N THR B 334 -16.52 33.31 -34.44
CA THR B 334 -15.84 34.40 -33.74
C THR B 334 -14.66 33.87 -32.93
N ILE B 335 -14.83 32.70 -32.32
CA ILE B 335 -13.76 32.08 -31.55
C ILE B 335 -12.64 31.62 -32.47
N LYS B 336 -13.01 31.00 -33.59
CA LYS B 336 -12.05 30.55 -34.59
C LYS B 336 -11.19 31.70 -35.11
N THR B 337 -11.64 32.92 -34.89
CA THR B 337 -10.91 34.10 -35.33
C THR B 337 -10.46 34.93 -34.13
N LYS B 338 -10.45 34.30 -32.95
CA LYS B 338 -10.05 34.98 -31.73
C LYS B 338 -8.54 34.85 -31.51
N ARG B 339 -7.95 33.80 -32.09
CA ARG B 339 -6.50 33.53 -31.97
C ARG B 339 -6.04 33.20 -30.54
N THR B 340 -6.70 33.76 -29.53
CA THR B 340 -6.34 33.50 -28.13
C THR B 340 -6.56 32.04 -27.74
N ILE B 341 -7.25 31.32 -28.60
CA ILE B 341 -7.53 29.90 -28.39
C ILE B 341 -6.68 29.07 -29.35
N GLN B 342 -5.54 29.67 -29.73
CA GLN B 342 -4.54 29.08 -30.64
C GLN B 342 -4.63 27.56 -30.79
N PHE B 343 -4.93 27.12 -32.01
CA PHE B 343 -5.04 25.69 -32.31
C PHE B 343 -3.70 25.16 -32.81
N VAL B 344 -3.56 23.84 -32.82
CA VAL B 344 -2.34 23.21 -33.31
C VAL B 344 -2.21 23.50 -34.82
N ASP B 345 -1.00 23.42 -35.35
CA ASP B 345 -0.77 23.70 -36.76
C ASP B 345 -1.54 22.77 -37.68
N TRP B 346 -1.31 21.46 -37.51
CA TRP B 346 -1.97 20.45 -38.35
C TRP B 346 -3.48 20.37 -38.13
N CYS B 347 -4.06 21.31 -37.42
CA CYS B 347 -5.50 21.28 -37.17
C CYS B 347 -6.21 22.49 -37.77
N PRO B 348 -6.83 22.29 -38.95
CA PRO B 348 -7.58 23.35 -39.63
C PRO B 348 -8.88 23.63 -38.89
N THR B 349 -9.81 22.68 -38.94
CA THR B 349 -11.07 22.83 -38.26
C THR B 349 -11.27 21.67 -37.28
N GLY B 350 -11.24 21.97 -36.00
CA GLY B 350 -11.41 20.95 -34.99
C GLY B 350 -12.56 21.27 -34.06
N PHE B 351 -13.74 21.37 -34.64
CA PHE B 351 -14.94 21.68 -33.86
C PHE B 351 -16.09 20.78 -34.27
N LYS B 352 -16.33 19.74 -33.50
CA LYS B 352 -17.42 18.81 -33.77
C LYS B 352 -18.69 19.37 -33.15
N VAL B 353 -19.60 19.83 -33.99
CA VAL B 353 -20.84 20.43 -33.53
C VAL B 353 -21.90 19.37 -33.23
N GLY B 354 -22.35 19.36 -31.99
CA GLY B 354 -23.39 18.44 -31.59
C GLY B 354 -24.58 19.22 -31.07
N ILE B 355 -25.71 19.16 -31.78
CA ILE B 355 -26.89 19.89 -31.36
C ILE B 355 -28.00 18.94 -30.94
N ASN B 356 -28.35 18.99 -29.66
CA ASN B 356 -29.39 18.13 -29.13
C ASN B 356 -30.65 18.92 -28.85
N TYR B 357 -31.75 18.21 -28.73
CA TYR B 357 -33.04 18.83 -28.46
C TYR B 357 -33.24 18.99 -26.96
N GLU B 358 -33.23 17.88 -26.25
CA GLU B 358 -33.42 17.83 -24.81
C GLU B 358 -32.55 18.84 -24.05
N PRO B 359 -33.20 19.77 -23.34
CA PRO B 359 -32.50 20.78 -22.54
C PRO B 359 -31.88 20.14 -21.31
N PRO B 360 -30.99 20.86 -20.60
CA PRO B 360 -30.36 20.33 -19.39
C PRO B 360 -31.40 20.06 -18.30
N THR B 361 -31.01 19.32 -17.27
CA THR B 361 -31.91 18.95 -16.19
C THR B 361 -31.28 19.18 -14.82
N VAL B 362 -31.85 20.11 -14.08
CA VAL B 362 -31.36 20.46 -12.76
C VAL B 362 -32.04 19.65 -11.66
N VAL B 363 -31.26 19.24 -10.66
CA VAL B 363 -31.75 18.49 -9.51
C VAL B 363 -32.78 19.34 -8.75
N PRO B 364 -33.92 18.73 -8.36
CA PRO B 364 -35.01 19.41 -7.64
C PRO B 364 -34.54 20.31 -6.50
N GLY B 365 -33.47 19.93 -5.82
CA GLY B 365 -32.98 20.71 -4.71
C GLY B 365 -31.47 20.77 -4.66
N GLY B 366 -30.86 21.05 -5.80
CA GLY B 366 -29.40 21.14 -5.84
C GLY B 366 -28.89 22.55 -5.60
N ASP B 367 -28.25 23.12 -6.62
CA ASP B 367 -27.70 24.47 -6.54
C ASP B 367 -27.48 25.00 -7.95
N LEU B 368 -28.10 24.35 -8.92
CA LEU B 368 -27.95 24.70 -10.31
C LEU B 368 -29.08 25.63 -10.76
N ALA B 369 -28.70 26.73 -11.40
CA ALA B 369 -29.63 27.72 -11.92
C ALA B 369 -30.80 27.11 -12.70
N LYS B 370 -30.45 26.46 -13.82
CA LYS B 370 -31.40 25.82 -14.74
C LYS B 370 -31.64 26.69 -15.96
N VAL B 371 -30.80 26.51 -16.97
CA VAL B 371 -30.90 27.26 -18.21
C VAL B 371 -31.64 26.38 -19.22
N GLN B 372 -32.01 26.93 -20.37
CA GLN B 372 -32.73 26.15 -21.38
C GLN B 372 -31.79 25.76 -22.50
N ARG B 373 -30.53 25.59 -22.15
CA ARG B 373 -29.49 25.21 -23.09
C ARG B 373 -28.15 25.13 -22.37
N ALA B 374 -27.33 24.19 -22.80
CA ALA B 374 -26.03 23.99 -22.20
C ALA B 374 -24.99 23.70 -23.27
N VAL B 375 -23.74 24.01 -22.96
CA VAL B 375 -22.64 23.79 -23.87
C VAL B 375 -21.63 22.87 -23.21
N CYS B 376 -21.72 21.60 -23.56
CA CYS B 376 -20.82 20.60 -23.02
C CYS B 376 -19.59 20.52 -23.93
N MET B 377 -18.56 21.24 -23.55
CA MET B 377 -17.34 21.28 -24.33
C MET B 377 -16.32 20.26 -23.85
N LEU B 378 -15.86 19.45 -24.77
CA LEU B 378 -14.83 18.49 -24.50
C LEU B 378 -13.79 18.64 -25.58
N SER B 379 -12.52 18.49 -25.24
CA SER B 379 -11.47 18.66 -26.22
C SER B 379 -10.15 18.11 -25.72
N ASN B 380 -9.25 17.85 -26.66
CA ASN B 380 -7.93 17.35 -26.34
C ASN B 380 -6.92 18.45 -26.63
N THR B 381 -6.25 18.91 -25.58
CA THR B 381 -5.29 19.99 -25.69
C THR B 381 -3.94 19.59 -25.12
N THR B 382 -2.87 20.15 -25.67
CA THR B 382 -1.50 19.90 -25.19
C THR B 382 -1.38 20.27 -23.70
N ALA B 383 -2.42 20.89 -23.16
CA ALA B 383 -2.46 21.31 -21.76
C ALA B 383 -2.26 20.13 -20.81
N ILE B 384 -2.74 18.96 -21.22
CA ILE B 384 -2.62 17.74 -20.40
C ILE B 384 -1.16 17.44 -20.05
N ALA B 385 -0.22 17.95 -20.88
CA ALA B 385 1.20 17.74 -20.64
C ALA B 385 1.62 18.31 -19.29
N GLU B 386 0.97 19.39 -18.90
CA GLU B 386 1.22 20.02 -17.62
C GLU B 386 0.90 19.03 -16.51
N ALA B 387 -0.41 18.84 -16.26
CA ALA B 387 -0.91 17.87 -15.27
C ALA B 387 -0.06 16.61 -15.19
N TRP B 388 0.20 16.00 -16.36
CA TRP B 388 0.98 14.77 -16.42
C TRP B 388 2.38 14.97 -15.86
N ALA B 389 2.99 16.09 -16.22
CA ALA B 389 4.33 16.43 -15.74
C ALA B 389 4.37 16.41 -14.22
N ARG B 390 3.47 17.18 -13.62
CA ARG B 390 3.39 17.29 -12.17
C ARG B 390 3.11 15.94 -11.50
N LEU B 391 2.40 15.05 -12.19
CA LEU B 391 2.09 13.74 -11.63
C LEU B 391 3.25 12.77 -11.84
N ASP B 392 3.90 12.91 -12.99
CA ASP B 392 5.07 12.10 -13.33
C ASP B 392 6.18 12.45 -12.34
N HIS B 393 6.27 13.74 -12.05
CA HIS B 393 7.24 14.27 -11.10
C HIS B 393 7.06 13.58 -9.76
N LYS B 394 5.81 13.59 -9.28
CA LYS B 394 5.46 12.95 -8.00
C LYS B 394 5.98 11.52 -7.96
N PHE B 395 5.58 10.73 -8.97
CA PHE B 395 6.00 9.34 -9.10
C PHE B 395 7.52 9.20 -9.00
N ASP B 396 8.22 9.93 -9.87
CA ASP B 396 9.69 9.90 -9.92
C ASP B 396 10.31 10.21 -8.56
N LEU B 397 9.89 11.34 -7.97
CA LEU B 397 10.39 11.78 -6.66
C LEU B 397 10.33 10.68 -5.61
N MET B 398 9.13 10.12 -5.43
CA MET B 398 8.91 9.07 -4.43
C MET B 398 9.60 7.77 -4.80
N TYR B 399 9.52 7.40 -6.06
CA TYR B 399 10.12 6.17 -6.57
C TYR B 399 11.63 6.14 -6.31
N ALA B 400 12.25 7.31 -6.31
CA ALA B 400 13.69 7.43 -6.07
C ALA B 400 14.09 6.89 -4.71
N LYS B 401 13.16 6.87 -3.76
CA LYS B 401 13.46 6.37 -2.41
C LYS B 401 12.64 5.12 -2.10
N ARG B 402 11.96 4.60 -3.12
CA ARG B 402 11.14 3.38 -3.04
C ARG B 402 9.86 3.53 -2.21
N ALA B 403 9.86 4.44 -1.24
CA ALA B 403 8.73 4.66 -0.34
C ALA B 403 7.87 3.39 -0.10
N PHE B 404 6.57 3.49 -0.38
CA PHE B 404 5.63 2.39 -0.15
C PHE B 404 5.66 1.34 -1.27
N VAL B 405 6.82 1.14 -1.88
CA VAL B 405 6.95 0.17 -2.96
C VAL B 405 6.75 -1.27 -2.49
N HIS B 406 7.16 -1.55 -1.26
CA HIS B 406 7.03 -2.91 -0.70
C HIS B 406 5.58 -3.35 -0.60
N TRP B 407 4.66 -2.40 -0.52
CA TRP B 407 3.23 -2.72 -0.44
C TRP B 407 2.74 -3.20 -1.80
N TYR B 408 3.47 -2.83 -2.84
CA TYR B 408 3.13 -3.24 -4.18
C TYR B 408 3.88 -4.51 -4.52
N VAL B 409 5.16 -4.54 -4.18
CA VAL B 409 6.03 -5.67 -4.43
C VAL B 409 5.49 -6.96 -3.80
N GLY B 410 5.12 -6.88 -2.52
CA GLY B 410 4.63 -8.06 -1.81
C GLY B 410 3.21 -8.47 -2.20
N GLU B 411 2.73 -7.94 -3.32
CA GLU B 411 1.39 -8.28 -3.79
C GLU B 411 1.47 -8.83 -5.20
N GLY B 412 2.59 -9.45 -5.52
CA GLY B 412 2.81 -10.02 -6.83
C GLY B 412 3.21 -8.97 -7.83
N MET B 413 4.18 -8.15 -7.45
CA MET B 413 4.69 -7.08 -8.30
C MET B 413 6.18 -6.88 -8.07
N GLU B 414 6.81 -6.04 -8.89
CA GLU B 414 8.23 -5.79 -8.76
C GLU B 414 8.66 -4.49 -9.43
N GLU B 415 9.97 -4.25 -9.45
CA GLU B 415 10.54 -3.04 -10.05
C GLU B 415 10.32 -2.99 -11.57
N GLY B 416 10.17 -4.14 -12.20
CA GLY B 416 9.97 -4.21 -13.64
C GLY B 416 8.79 -3.37 -14.11
N GLU B 417 7.58 -3.83 -13.83
CA GLU B 417 6.36 -3.12 -14.22
C GLU B 417 6.39 -1.66 -13.81
N PHE B 418 7.03 -1.38 -12.67
CA PHE B 418 7.15 -0.02 -12.17
C PHE B 418 7.98 0.83 -13.12
N SER B 419 9.23 0.41 -13.33
CA SER B 419 10.14 1.12 -14.23
C SER B 419 9.58 1.20 -15.65
N GLU B 420 8.88 0.15 -16.07
CA GLU B 420 8.31 0.11 -17.42
C GLU B 420 7.10 1.03 -17.54
N ALA B 421 6.57 1.47 -16.40
CA ALA B 421 5.43 2.38 -16.40
C ALA B 421 5.96 3.80 -16.36
N ARG B 422 7.18 3.95 -15.86
CA ARG B 422 7.84 5.23 -15.80
C ARG B 422 8.26 5.60 -17.22
N GLU B 423 8.83 4.62 -17.90
CA GLU B 423 9.27 4.78 -19.28
C GLU B 423 8.09 5.04 -20.20
N ASP B 424 6.98 4.34 -19.96
CA ASP B 424 5.78 4.50 -20.76
C ASP B 424 5.24 5.92 -20.66
N MET B 425 4.96 6.36 -19.43
CA MET B 425 4.46 7.72 -19.20
C MET B 425 5.39 8.75 -19.82
N ALA B 426 6.69 8.48 -19.79
CA ALA B 426 7.68 9.36 -20.40
C ALA B 426 7.35 9.57 -21.87
N ALA B 427 6.92 8.50 -22.54
CA ALA B 427 6.58 8.57 -23.96
C ALA B 427 5.19 9.18 -24.16
N LEU B 428 4.56 9.58 -23.08
CA LEU B 428 3.26 10.21 -23.13
C LEU B 428 3.50 11.70 -22.97
N GLU B 429 4.63 12.01 -22.35
CA GLU B 429 5.07 13.38 -22.17
C GLU B 429 5.64 13.82 -23.51
N LYS B 430 6.30 12.89 -24.18
CA LYS B 430 6.89 13.16 -25.48
C LYS B 430 5.79 13.17 -26.53
N ASP B 431 4.79 12.30 -26.35
CA ASP B 431 3.66 12.22 -27.28
C ASP B 431 2.93 13.55 -27.32
N TYR B 432 2.44 14.00 -26.17
CA TYR B 432 1.70 15.25 -26.09
C TYR B 432 2.57 16.44 -26.48
N GLU B 433 3.88 16.26 -26.47
CA GLU B 433 4.79 17.33 -26.84
C GLU B 433 5.05 17.31 -28.34
N GLU B 434 5.12 16.12 -28.92
CA GLU B 434 5.36 15.96 -30.35
C GLU B 434 4.10 16.24 -31.19
N VAL B 435 2.93 15.91 -30.64
CA VAL B 435 1.67 16.14 -31.34
C VAL B 435 1.38 17.64 -31.45
N GLY B 436 2.13 18.44 -30.71
CA GLY B 436 1.94 19.86 -30.75
C GLY B 436 3.25 20.59 -30.57
N VAL B 437 3.15 21.84 -30.12
CA VAL B 437 4.32 22.71 -29.87
C VAL B 437 5.09 23.09 -31.14
N ASP B 438 5.03 22.26 -32.16
CA ASP B 438 5.74 22.53 -33.41
C ASP B 438 4.78 22.48 -34.57
N SER B 439 5.19 23.03 -35.70
CA SER B 439 4.38 23.04 -36.89
C SER B 439 4.38 21.67 -37.57
N ARG C 2 -13.59 -8.27 7.35
CA ARG C 2 -13.25 -6.96 7.89
C ARG C 2 -13.29 -6.97 9.42
N GLU C 3 -13.29 -8.17 10.00
CA GLU C 3 -13.35 -8.32 11.45
C GLU C 3 -11.95 -8.28 12.09
N ILE C 4 -11.91 -8.04 13.40
CA ILE C 4 -10.64 -7.94 14.13
C ILE C 4 -10.81 -8.48 15.55
N VAL C 5 -9.69 -8.88 16.18
CA VAL C 5 -9.73 -9.42 17.53
C VAL C 5 -8.77 -8.65 18.47
N HIS C 6 -9.35 -7.94 19.43
CA HIS C 6 -8.57 -7.17 20.40
C HIS C 6 -7.84 -8.07 21.40
N ILE C 7 -6.63 -7.68 21.78
CA ILE C 7 -5.85 -8.45 22.76
C ILE C 7 -5.30 -7.53 23.85
N GLN C 8 -5.80 -7.69 25.07
CA GLN C 8 -5.37 -6.88 26.21
C GLN C 8 -4.40 -7.63 27.12
N ALA C 9 -3.13 -7.62 26.76
CA ALA C 9 -2.11 -8.32 27.53
C ALA C 9 -1.58 -7.47 28.69
N GLY C 10 -1.43 -8.09 29.84
CA GLY C 10 -0.89 -7.41 31.01
C GLY C 10 -1.93 -6.66 31.82
N GLN C 11 -1.49 -6.06 32.92
CA GLN C 11 -2.37 -5.31 33.81
C GLN C 11 -2.84 -4.04 33.13
N CYS C 12 -1.88 -3.27 32.62
CA CYS C 12 -2.18 -2.02 31.93
C CYS C 12 -3.11 -2.30 30.75
N GLY C 13 -2.69 -3.21 29.87
CA GLY C 13 -3.48 -3.56 28.70
C GLY C 13 -4.92 -3.91 29.06
N ASN C 14 -5.10 -4.59 30.18
CA ASN C 14 -6.43 -4.97 30.65
C ASN C 14 -7.21 -3.74 31.06
N GLN C 15 -6.59 -2.90 31.89
CA GLN C 15 -7.21 -1.65 32.34
C GLN C 15 -7.62 -0.80 31.15
N ILE C 16 -6.71 -0.70 30.17
CA ILE C 16 -6.95 0.07 28.96
C ILE C 16 -8.13 -0.52 28.20
N GLY C 17 -8.12 -1.84 28.06
CA GLY C 17 -9.18 -2.54 27.37
C GLY C 17 -10.52 -2.35 28.05
N ALA C 18 -10.53 -2.43 29.38
CA ALA C 18 -11.76 -2.27 30.14
C ALA C 18 -12.41 -0.92 29.83
N LYS C 19 -11.61 0.13 29.78
CA LYS C 19 -12.11 1.47 29.49
C LYS C 19 -12.46 1.59 28.00
N PHE C 20 -11.69 0.93 27.15
CA PHE C 20 -11.92 0.95 25.72
C PHE C 20 -13.26 0.32 25.39
N TRP C 21 -13.59 -0.77 26.08
CA TRP C 21 -14.84 -1.47 25.83
C TRP C 21 -16.02 -0.70 26.39
N GLU C 22 -15.76 0.13 27.40
CA GLU C 22 -16.79 0.98 27.98
C GLU C 22 -17.23 2.00 26.94
N VAL C 23 -16.25 2.56 26.25
CA VAL C 23 -16.48 3.53 25.18
C VAL C 23 -17.17 2.86 23.99
N ILE C 24 -16.40 2.06 23.25
CA ILE C 24 -16.89 1.32 22.07
C ILE C 24 -18.35 0.83 22.18
N SER C 25 -18.72 0.31 23.36
CA SER C 25 -20.08 -0.20 23.57
C SER C 25 -21.10 0.92 23.41
N ASP C 26 -20.81 2.07 24.01
CA ASP C 26 -21.68 3.24 23.93
C ASP C 26 -21.70 3.76 22.50
N GLU C 27 -20.59 3.52 21.78
CA GLU C 27 -20.45 3.95 20.40
C GLU C 27 -21.13 2.95 19.45
N HIS C 28 -21.85 1.98 20.02
CA HIS C 28 -22.54 0.97 19.22
C HIS C 28 -23.83 0.59 19.91
N GLY C 29 -24.15 1.29 20.99
CA GLY C 29 -25.35 1.03 21.75
C GLY C 29 -25.47 -0.40 22.22
N ILE C 30 -24.42 -0.93 22.83
CA ILE C 30 -24.43 -2.29 23.35
C ILE C 30 -24.18 -2.30 24.86
N ASP C 31 -25.17 -2.74 25.61
CA ASP C 31 -25.07 -2.82 27.06
C ASP C 31 -24.46 -4.16 27.46
N PRO C 32 -23.73 -4.23 28.61
CA PRO C 32 -23.11 -5.45 29.14
C PRO C 32 -23.82 -6.75 28.72
N THR C 33 -25.01 -6.97 29.25
CA THR C 33 -25.80 -8.14 28.91
C THR C 33 -26.86 -7.76 27.87
N GLY C 34 -27.03 -6.46 27.68
CA GLY C 34 -27.98 -5.93 26.71
C GLY C 34 -27.59 -6.23 25.27
N SER C 35 -28.45 -5.83 24.34
CA SER C 35 -28.20 -6.04 22.92
C SER C 35 -27.96 -4.70 22.22
N TYR C 36 -28.48 -4.57 21.00
CA TYR C 36 -28.31 -3.35 20.24
C TYR C 36 -29.38 -2.31 20.60
N HIS C 37 -29.03 -1.43 21.52
CA HIS C 37 -29.93 -0.39 21.96
C HIS C 37 -29.64 0.91 21.21
N GLY C 38 -28.62 0.83 20.34
CA GLY C 38 -28.18 1.94 19.50
C GLY C 38 -29.25 2.97 19.18
N ASP C 39 -28.95 4.24 19.43
CA ASP C 39 -29.90 5.32 19.16
C ASP C 39 -30.21 5.36 17.67
N SER C 40 -29.21 5.03 16.86
CA SER C 40 -29.38 5.00 15.42
C SER C 40 -29.38 3.55 14.92
N ASP C 41 -29.33 3.39 13.61
CA ASP C 41 -29.32 2.05 13.01
C ASP C 41 -28.04 1.83 12.22
N LEU C 42 -27.17 2.83 12.24
CA LEU C 42 -25.92 2.76 11.51
C LEU C 42 -24.85 2.02 12.30
N GLN C 43 -25.07 1.89 13.61
CA GLN C 43 -24.12 1.22 14.48
C GLN C 43 -24.39 -0.28 14.54
N LEU C 44 -25.10 -0.81 13.55
CA LEU C 44 -25.44 -2.21 13.51
C LEU C 44 -24.95 -2.89 12.23
N GLU C 45 -24.73 -2.10 11.18
CA GLU C 45 -24.30 -2.63 9.89
C GLU C 45 -22.95 -3.34 9.91
N ARG C 46 -22.08 -3.00 10.85
CA ARG C 46 -20.75 -3.60 10.90
C ARG C 46 -20.32 -4.06 12.31
N ILE C 47 -21.28 -4.23 13.22
CA ILE C 47 -20.98 -4.66 14.59
C ILE C 47 -20.03 -5.87 14.62
N ASN C 48 -20.36 -6.85 13.79
CA ASN C 48 -19.58 -8.10 13.64
C ASN C 48 -18.08 -7.94 13.84
N VAL C 49 -17.54 -6.83 13.36
CA VAL C 49 -16.10 -6.54 13.45
C VAL C 49 -15.49 -6.77 14.83
N TYR C 50 -16.22 -6.38 15.88
CA TYR C 50 -15.69 -6.53 17.23
C TYR C 50 -16.62 -7.29 18.14
N TYR C 51 -17.65 -7.91 17.59
CA TYR C 51 -18.59 -8.66 18.41
C TYR C 51 -18.84 -10.02 17.78
N ASN C 52 -19.57 -10.87 18.49
CA ASN C 52 -19.89 -12.20 17.99
C ASN C 52 -21.34 -12.53 18.29
N GLU C 53 -22.04 -13.03 17.30
CA GLU C 53 -23.42 -13.41 17.48
C GLU C 53 -23.51 -14.82 18.01
N ALA C 54 -23.98 -14.96 19.24
CA ALA C 54 -24.10 -16.26 19.86
C ALA C 54 -25.55 -16.55 20.21
N ALA C 55 -26.07 -15.80 21.19
CA ALA C 55 -27.46 -15.97 21.63
C ALA C 55 -28.41 -15.20 20.72
N GLY C 56 -28.39 -13.89 20.84
CA GLY C 56 -29.23 -13.03 20.03
C GLY C 56 -29.45 -11.70 20.69
N ASN C 57 -29.10 -11.63 21.96
CA ASN C 57 -29.23 -10.40 22.73
C ASN C 57 -27.92 -10.12 23.43
N LYS C 58 -27.09 -11.16 23.51
CA LYS C 58 -25.80 -11.04 24.15
C LYS C 58 -24.70 -10.97 23.09
N TYR C 59 -24.36 -9.76 22.68
CA TYR C 59 -23.31 -9.55 21.70
C TYR C 59 -21.98 -9.47 22.41
N VAL C 60 -21.29 -10.59 22.50
CA VAL C 60 -20.02 -10.66 23.19
C VAL C 60 -18.86 -10.10 22.37
N PRO C 61 -18.17 -9.10 22.93
CA PRO C 61 -17.02 -8.46 22.29
C PRO C 61 -15.89 -9.45 22.09
N ARG C 62 -15.23 -9.36 20.96
CA ARG C 62 -14.12 -10.25 20.66
C ARG C 62 -12.79 -9.70 21.14
N ALA C 63 -12.50 -9.94 22.42
CA ALA C 63 -11.24 -9.51 22.99
C ALA C 63 -10.66 -10.64 23.81
N ILE C 64 -9.38 -10.57 24.10
CA ILE C 64 -8.71 -11.61 24.86
C ILE C 64 -7.99 -11.00 26.04
N LEU C 65 -8.20 -11.55 27.22
CA LEU C 65 -7.58 -11.07 28.43
C LEU C 65 -6.48 -12.02 28.86
N VAL C 66 -5.24 -11.66 28.61
CA VAL C 66 -4.11 -12.51 28.96
C VAL C 66 -3.24 -11.83 30.01
N ASP C 67 -3.18 -12.42 31.20
CA ASP C 67 -2.39 -11.87 32.29
C ASP C 67 -2.09 -12.95 33.33
N LEU C 68 -0.97 -12.81 34.03
CA LEU C 68 -0.55 -13.77 35.04
C LEU C 68 -0.96 -13.35 36.45
N GLU C 69 -1.66 -12.23 36.57
CA GLU C 69 -2.09 -11.77 37.88
C GLU C 69 -3.60 -11.83 38.00
N PRO C 70 -4.11 -12.85 38.71
CA PRO C 70 -5.55 -13.03 38.92
C PRO C 70 -6.21 -11.73 39.37
N GLY C 71 -5.71 -11.18 40.48
CA GLY C 71 -6.23 -9.92 41.02
C GLY C 71 -6.61 -8.90 39.96
N THR C 72 -5.68 -8.66 39.04
CA THR C 72 -5.88 -7.73 37.95
C THR C 72 -7.12 -8.09 37.11
N MET C 73 -7.08 -9.25 36.49
CA MET C 73 -8.19 -9.71 35.66
C MET C 73 -9.47 -9.86 36.49
N ASP C 74 -9.31 -10.16 37.77
CA ASP C 74 -10.43 -10.37 38.68
C ASP C 74 -11.07 -9.06 39.11
N SER C 75 -10.51 -7.94 38.71
CA SER C 75 -11.09 -6.64 39.02
C SER C 75 -11.76 -6.09 37.78
N VAL C 76 -11.31 -6.61 36.64
CA VAL C 76 -11.88 -6.23 35.35
C VAL C 76 -13.23 -6.93 35.17
N ARG C 77 -13.30 -8.19 35.59
CA ARG C 77 -14.52 -8.97 35.44
C ARG C 77 -15.54 -8.69 36.56
N SER C 78 -15.09 -8.09 37.63
CA SER C 78 -15.98 -7.81 38.75
C SER C 78 -16.46 -6.37 38.77
N GLY C 79 -16.24 -5.66 37.67
CA GLY C 79 -16.68 -4.28 37.62
C GLY C 79 -17.94 -4.12 36.80
N PRO C 80 -18.09 -2.99 36.13
CA PRO C 80 -19.24 -2.66 35.28
C PRO C 80 -19.33 -3.59 34.06
N PHE C 81 -18.82 -3.11 32.93
CA PHE C 81 -18.85 -3.87 31.67
C PHE C 81 -18.01 -5.15 31.72
N GLY C 82 -17.48 -5.48 32.89
CA GLY C 82 -16.65 -6.67 33.05
C GLY C 82 -17.37 -7.97 32.77
N GLN C 83 -18.69 -7.99 32.94
CA GLN C 83 -19.46 -9.22 32.71
C GLN C 83 -19.92 -9.36 31.26
N ILE C 84 -19.20 -8.74 30.34
CA ILE C 84 -19.55 -8.83 28.93
C ILE C 84 -18.61 -9.81 28.21
N PHE C 85 -17.47 -10.07 28.84
CA PHE C 85 -16.49 -10.97 28.27
C PHE C 85 -16.79 -12.42 28.63
N ARG C 86 -16.79 -13.29 27.63
CA ARG C 86 -17.05 -14.70 27.84
C ARG C 86 -15.89 -15.33 28.62
N PRO C 87 -16.19 -16.28 29.51
CA PRO C 87 -15.18 -16.97 30.34
C PRO C 87 -14.06 -17.57 29.52
N ASP C 88 -14.40 -18.01 28.31
CA ASP C 88 -13.43 -18.63 27.41
C ASP C 88 -12.36 -17.63 26.96
N ASN C 89 -12.71 -16.35 26.98
CA ASN C 89 -11.81 -15.28 26.58
C ASN C 89 -10.79 -14.96 27.67
N PHE C 90 -11.10 -15.36 28.90
CA PHE C 90 -10.22 -15.12 30.02
C PHE C 90 -9.08 -16.13 30.04
N VAL C 91 -7.88 -15.67 29.70
CA VAL C 91 -6.72 -16.53 29.68
C VAL C 91 -5.74 -16.08 30.77
N PHE C 92 -6.02 -16.46 32.00
CA PHE C 92 -5.17 -16.09 33.11
C PHE C 92 -4.20 -17.19 33.49
N GLY C 93 -3.11 -16.79 34.10
CA GLY C 93 -2.07 -17.70 34.53
C GLY C 93 -1.66 -17.41 35.95
N GLN C 94 -2.21 -18.16 36.90
CA GLN C 94 -1.94 -17.97 38.33
C GLN C 94 -0.45 -18.06 38.73
N SER C 95 0.44 -18.14 37.75
CA SER C 95 1.88 -18.19 38.00
C SER C 95 2.41 -16.87 38.60
N GLY C 96 3.72 -16.69 38.56
CA GLY C 96 4.31 -15.47 39.11
C GLY C 96 4.24 -14.30 38.15
N ALA C 97 3.34 -13.37 38.42
CA ALA C 97 3.15 -12.19 37.57
C ALA C 97 4.23 -11.13 37.75
N GLY C 98 5.44 -11.56 38.10
CA GLY C 98 6.58 -10.66 38.27
C GLY C 98 6.74 -9.65 37.14
N ASN C 99 7.25 -8.47 37.44
CA ASN C 99 7.46 -7.41 36.45
C ASN C 99 8.73 -7.66 35.64
N ASN C 100 8.96 -8.92 35.26
CA ASN C 100 10.15 -9.27 34.51
C ASN C 100 9.81 -9.77 33.12
N TRP C 101 10.51 -9.23 32.11
CA TRP C 101 10.29 -9.61 30.73
C TRP C 101 10.55 -11.10 30.51
N ALA C 102 11.69 -11.58 30.99
CA ALA C 102 12.08 -12.98 30.83
C ALA C 102 11.10 -13.91 31.54
N LYS C 103 10.61 -13.47 32.70
CA LYS C 103 9.68 -14.29 33.46
C LYS C 103 8.35 -14.43 32.73
N GLY C 104 7.99 -13.43 31.94
CA GLY C 104 6.74 -13.48 31.21
C GLY C 104 6.92 -13.83 29.75
N HIS C 105 8.14 -14.17 29.36
CA HIS C 105 8.43 -14.51 27.98
C HIS C 105 9.09 -15.88 27.86
N TYR C 106 9.89 -16.25 28.85
CA TYR C 106 10.60 -17.51 28.80
C TYR C 106 10.08 -18.60 29.76
N THR C 107 9.60 -18.23 30.94
CA THR C 107 9.13 -19.25 31.89
C THR C 107 7.63 -19.24 32.16
N GLU C 108 7.14 -18.20 32.82
CA GLU C 108 5.72 -18.12 33.18
C GLU C 108 4.87 -17.73 31.99
N GLY C 109 5.39 -16.86 31.16
CA GLY C 109 4.65 -16.43 29.99
C GLY C 109 4.58 -17.49 28.92
N ALA C 110 5.66 -18.25 28.78
CA ALA C 110 5.76 -19.30 27.76
C ALA C 110 4.72 -20.41 27.94
N GLU C 111 4.41 -20.74 29.18
CA GLU C 111 3.45 -21.80 29.46
C GLU C 111 2.03 -21.41 29.07
N LEU C 112 1.67 -20.17 29.33
CA LEU C 112 0.32 -19.68 29.04
C LEU C 112 0.10 -19.45 27.54
N VAL C 113 1.18 -19.33 26.78
CA VAL C 113 1.10 -19.11 25.33
C VAL C 113 0.18 -20.12 24.64
N ASP C 114 0.35 -21.38 25.01
CA ASP C 114 -0.44 -22.46 24.44
C ASP C 114 -1.95 -22.27 24.65
N SER C 115 -2.32 -21.66 25.77
CA SER C 115 -3.72 -21.40 26.08
C SER C 115 -4.24 -20.17 25.35
N VAL C 116 -3.33 -19.41 24.77
CA VAL C 116 -3.67 -18.21 24.03
C VAL C 116 -3.89 -18.55 22.57
N LEU C 117 -2.91 -19.25 22.00
CA LEU C 117 -2.96 -19.68 20.60
C LEU C 117 -4.28 -20.35 20.28
N ASP C 118 -4.79 -21.13 21.23
CA ASP C 118 -6.06 -21.83 21.07
C ASP C 118 -7.20 -20.85 20.89
N VAL C 119 -7.23 -19.81 21.73
CA VAL C 119 -8.29 -18.81 21.68
C VAL C 119 -8.18 -17.92 20.44
N VAL C 120 -6.97 -17.48 20.12
CA VAL C 120 -6.76 -16.61 18.96
C VAL C 120 -7.20 -17.27 17.66
N ARG C 121 -7.17 -18.60 17.62
CA ARG C 121 -7.58 -19.32 16.44
C ARG C 121 -9.09 -19.49 16.41
N LYS C 122 -9.67 -19.68 17.59
CA LYS C 122 -11.11 -19.81 17.71
C LYS C 122 -11.79 -18.50 17.33
N GLU C 123 -11.09 -17.40 17.61
CA GLU C 123 -11.60 -16.08 17.31
C GLU C 123 -11.34 -15.69 15.85
N SER C 124 -10.22 -16.17 15.29
CA SER C 124 -9.88 -15.85 13.91
C SER C 124 -10.78 -16.58 12.91
N GLU C 125 -11.04 -17.85 13.20
CA GLU C 125 -11.88 -18.68 12.33
C GLU C 125 -13.36 -18.53 12.66
N SER C 126 -13.73 -17.35 13.16
CA SER C 126 -15.12 -17.07 13.50
C SER C 126 -16.04 -17.07 12.28
N CYS C 127 -16.13 -15.93 11.61
CA CYS C 127 -16.96 -15.77 10.43
C CYS C 127 -16.42 -14.65 9.54
N ASP C 128 -17.06 -14.47 8.39
CA ASP C 128 -16.68 -13.41 7.44
C ASP C 128 -15.18 -13.45 7.10
N CYS C 129 -14.56 -12.28 7.04
CA CYS C 129 -13.16 -12.18 6.71
C CYS C 129 -12.38 -11.56 7.87
N LEU C 130 -11.20 -12.08 8.12
CA LEU C 130 -10.36 -11.57 9.19
C LEU C 130 -9.43 -10.49 8.66
N GLN C 131 -9.39 -9.36 9.34
CA GLN C 131 -8.55 -8.25 8.93
C GLN C 131 -7.19 -8.31 9.63
N GLY C 132 -7.19 -8.35 10.95
CA GLY C 132 -5.96 -8.41 11.70
C GLY C 132 -6.18 -8.55 13.19
N PHE C 133 -5.13 -8.36 13.96
CA PHE C 133 -5.20 -8.47 15.41
C PHE C 133 -4.61 -7.22 16.06
N GLN C 134 -5.36 -6.61 16.97
CA GLN C 134 -4.89 -5.43 17.67
C GLN C 134 -4.44 -5.79 19.08
N LEU C 135 -3.30 -5.28 19.49
CA LEU C 135 -2.76 -5.57 20.81
C LEU C 135 -2.58 -4.31 21.65
N THR C 136 -3.04 -4.38 22.88
CA THR C 136 -2.90 -3.26 23.81
C THR C 136 -2.03 -3.71 24.96
N HIS C 137 -1.05 -2.88 25.35
CA HIS C 137 -0.13 -3.24 26.44
C HIS C 137 0.80 -2.08 26.78
N SER C 138 1.64 -2.31 27.78
CA SER C 138 2.60 -1.32 28.23
C SER C 138 4.01 -1.90 28.23
N LEU C 139 5.00 -1.06 27.97
CA LEU C 139 6.40 -1.51 27.95
C LEU C 139 7.03 -1.38 29.33
N GLY C 140 6.22 -1.57 30.38
CA GLY C 140 6.72 -1.47 31.73
C GLY C 140 6.11 -2.53 32.63
N GLY C 141 6.18 -3.77 32.21
CA GLY C 141 5.63 -4.85 33.01
C GLY C 141 6.02 -6.21 32.47
N GLY C 142 5.68 -7.26 33.22
CA GLY C 142 6.01 -8.60 32.79
C GLY C 142 5.09 -9.07 31.69
N THR C 143 3.83 -9.28 32.05
CA THR C 143 2.80 -9.73 31.13
C THR C 143 2.55 -8.74 29.99
N GLY C 144 2.89 -7.48 30.21
CA GLY C 144 2.66 -6.47 29.19
C GLY C 144 3.74 -6.45 28.14
N SER C 145 4.96 -6.14 28.53
CA SER C 145 6.06 -6.07 27.59
C SER C 145 6.53 -7.46 27.16
N GLY C 146 6.48 -8.42 28.06
CA GLY C 146 6.92 -9.76 27.74
C GLY C 146 5.84 -10.59 27.07
N MET C 147 4.90 -11.07 27.87
CA MET C 147 3.81 -11.92 27.40
C MET C 147 3.04 -11.34 26.22
N GLY C 148 2.82 -10.04 26.23
CA GLY C 148 2.09 -9.39 25.17
C GLY C 148 2.83 -9.41 23.84
N THR C 149 4.14 -9.30 23.89
CA THR C 149 4.95 -9.27 22.68
C THR C 149 5.24 -10.67 22.14
N LEU C 150 5.23 -11.67 23.01
CA LEU C 150 5.50 -13.03 22.56
C LEU C 150 4.26 -13.58 21.86
N LEU C 151 3.11 -13.24 22.41
CA LEU C 151 1.83 -13.66 21.85
C LEU C 151 1.70 -13.22 20.39
N ILE C 152 2.03 -11.95 20.13
CA ILE C 152 1.94 -11.42 18.77
C ILE C 152 2.97 -12.03 17.82
N SER C 153 4.15 -12.36 18.35
CA SER C 153 5.21 -12.97 17.54
C SER C 153 4.71 -14.27 16.90
N LYS C 154 3.89 -15.00 17.63
CA LYS C 154 3.33 -16.25 17.13
C LYS C 154 2.19 -15.98 16.16
N ILE C 155 1.43 -14.93 16.45
CA ILE C 155 0.30 -14.55 15.61
C ILE C 155 0.78 -14.18 14.20
N ARG C 156 1.86 -13.42 14.13
CA ARG C 156 2.40 -13.00 12.85
C ARG C 156 3.06 -14.14 12.08
N GLU C 157 3.09 -15.31 12.68
CA GLU C 157 3.66 -16.48 12.03
C GLU C 157 2.53 -17.41 11.59
N GLU C 158 1.40 -17.30 12.28
CA GLU C 158 0.24 -18.10 11.98
C GLU C 158 -0.63 -17.42 10.92
N TYR C 159 -0.58 -16.10 10.90
CA TYR C 159 -1.35 -15.30 9.95
C TYR C 159 -0.51 -14.14 9.43
N PRO C 160 0.43 -14.42 8.50
CA PRO C 160 1.32 -13.40 7.93
C PRO C 160 0.63 -12.46 6.94
N ASP C 161 -0.66 -12.65 6.75
CA ASP C 161 -1.44 -11.82 5.83
C ASP C 161 -2.14 -10.71 6.59
N ARG C 162 -2.74 -11.07 7.71
CA ARG C 162 -3.47 -10.13 8.55
C ARG C 162 -2.53 -9.08 9.13
N ILE C 163 -2.98 -7.85 9.17
CA ILE C 163 -2.18 -6.77 9.72
C ILE C 163 -2.24 -6.83 11.25
N MET C 164 -1.34 -6.11 11.90
CA MET C 164 -1.29 -6.13 13.35
C MET C 164 -1.18 -4.72 13.90
N ASN C 165 -2.28 -4.22 14.43
CA ASN C 165 -2.32 -2.89 15.01
C ASN C 165 -1.99 -3.00 16.49
N THR C 166 -1.07 -2.20 16.97
CA THR C 166 -0.68 -2.26 18.37
C THR C 166 -0.69 -0.90 19.05
N PHE C 167 -1.24 -0.88 20.25
CA PHE C 167 -1.30 0.32 21.07
C PHE C 167 -0.41 0.08 22.27
N SER C 168 0.76 0.70 22.27
CA SER C 168 1.71 0.51 23.33
C SER C 168 1.88 1.75 24.20
N VAL C 169 1.76 1.53 25.50
CA VAL C 169 1.94 2.59 26.49
C VAL C 169 3.40 2.66 26.89
N VAL C 170 4.18 3.33 26.06
CA VAL C 170 5.62 3.50 26.28
C VAL C 170 5.93 4.12 27.64
N PRO C 171 7.09 3.77 28.21
CA PRO C 171 7.53 4.31 29.49
C PRO C 171 7.68 5.83 29.43
N SER C 172 6.91 6.55 30.21
CA SER C 172 6.97 7.99 30.23
C SER C 172 8.36 8.45 30.66
N PRO C 173 8.93 9.44 29.94
CA PRO C 173 10.26 9.98 30.24
C PRO C 173 10.36 10.52 31.67
N LYS C 174 9.91 11.78 31.85
CA LYS C 174 9.93 12.46 33.15
C LYS C 174 9.93 11.55 34.38
N VAL C 175 8.94 10.68 34.49
CA VAL C 175 8.82 9.76 35.61
C VAL C 175 8.48 8.34 35.14
N SER C 176 9.31 7.39 35.52
CA SER C 176 9.10 5.99 35.17
C SER C 176 8.20 5.35 36.22
N ASP C 177 7.22 4.57 35.79
CA ASP C 177 6.30 3.91 36.73
C ASP C 177 6.89 2.62 37.25
N THR C 178 8.08 2.30 36.77
CA THR C 178 8.79 1.09 37.17
C THR C 178 10.28 1.39 37.16
N VAL C 179 11.08 0.52 37.76
CA VAL C 179 12.52 0.73 37.79
C VAL C 179 13.17 -0.02 36.64
N VAL C 180 12.70 -1.23 36.41
CA VAL C 180 13.22 -2.05 35.32
C VAL C 180 12.63 -1.61 33.98
N GLU C 181 11.58 -0.80 34.06
CA GLU C 181 10.87 -0.22 32.90
C GLU C 181 11.63 -0.24 31.55
N PRO C 182 12.75 0.51 31.44
CA PRO C 182 13.54 0.59 30.19
C PRO C 182 14.05 -0.78 29.70
N TYR C 183 14.33 -1.67 30.64
CA TYR C 183 14.81 -3.01 30.32
C TYR C 183 13.71 -3.78 29.60
N ASN C 184 12.52 -3.76 30.20
CA ASN C 184 11.36 -4.44 29.64
C ASN C 184 10.96 -3.84 28.30
N ALA C 185 11.13 -2.53 28.20
CA ALA C 185 10.81 -1.78 26.98
C ALA C 185 11.72 -2.18 25.83
N THR C 186 13.01 -2.01 26.03
CA THR C 186 14.01 -2.34 25.01
C THR C 186 13.82 -3.76 24.46
N LEU C 187 13.54 -4.71 25.35
CA LEU C 187 13.36 -6.09 24.94
C LEU C 187 12.06 -6.32 24.16
N SER C 188 11.00 -5.60 24.51
CA SER C 188 9.73 -5.76 23.83
C SER C 188 9.70 -5.05 22.48
N VAL C 189 10.26 -3.85 22.42
CA VAL C 189 10.29 -3.07 21.19
C VAL C 189 11.01 -3.81 20.07
N HIS C 190 11.99 -4.65 20.43
CA HIS C 190 12.74 -5.43 19.44
C HIS C 190 11.80 -6.34 18.65
N GLN C 191 11.08 -7.19 19.37
CA GLN C 191 10.16 -8.12 18.74
C GLN C 191 8.99 -7.38 18.08
N LEU C 192 8.53 -6.31 18.72
CA LEU C 192 7.42 -5.52 18.19
C LEU C 192 7.75 -4.96 16.81
N VAL C 193 8.87 -4.26 16.69
CA VAL C 193 9.29 -3.64 15.44
C VAL C 193 9.58 -4.66 14.33
N GLU C 194 9.45 -5.95 14.65
CA GLU C 194 9.71 -6.99 13.67
C GLU C 194 8.50 -7.93 13.59
N ASN C 195 7.34 -7.45 14.01
CA ASN C 195 6.13 -8.26 13.99
C ASN C 195 4.91 -7.43 13.57
N THR C 196 4.54 -6.46 14.40
CA THR C 196 3.38 -5.61 14.13
C THR C 196 3.57 -4.76 12.88
N ASP C 197 2.46 -4.33 12.27
CA ASP C 197 2.51 -3.53 11.06
C ASP C 197 1.92 -2.14 11.33
N GLU C 198 1.56 -1.87 12.58
CA GLU C 198 0.99 -0.59 12.98
C GLU C 198 1.16 -0.43 14.48
N THR C 199 1.83 0.62 14.92
CA THR C 199 2.02 0.84 16.34
C THR C 199 1.76 2.29 16.75
N TYR C 200 0.85 2.46 17.68
CA TYR C 200 0.47 3.77 18.21
C TYR C 200 1.10 3.98 19.58
N CYS C 201 2.07 4.86 19.66
CA CYS C 201 2.76 5.13 20.93
C CYS C 201 1.97 6.07 21.83
N ILE C 202 1.60 5.57 23.00
CA ILE C 202 0.90 6.36 24.01
C ILE C 202 1.88 6.65 25.13
N ASP C 203 1.95 7.89 25.59
CA ASP C 203 2.90 8.27 26.64
C ASP C 203 2.19 8.80 27.89
N ASN C 204 2.49 8.17 29.01
CA ASN C 204 1.91 8.55 30.30
C ASN C 204 2.10 10.03 30.67
N GLU C 205 3.21 10.64 30.26
CA GLU C 205 3.44 12.04 30.64
C GLU C 205 2.72 13.00 29.70
N ALA C 206 2.53 12.58 28.47
CA ALA C 206 1.82 13.39 27.50
C ALA C 206 0.33 13.29 27.77
N LEU C 207 -0.07 12.10 28.23
CA LEU C 207 -1.45 11.84 28.56
C LEU C 207 -1.88 12.74 29.72
N TYR C 208 -1.07 12.75 30.78
CA TYR C 208 -1.31 13.59 31.95
C TYR C 208 -1.49 15.03 31.50
N ASP C 209 -0.50 15.51 30.75
CA ASP C 209 -0.49 16.87 30.21
C ASP C 209 -1.80 17.22 29.51
N ILE C 210 -2.17 16.42 28.52
CA ILE C 210 -3.41 16.64 27.75
C ILE C 210 -4.64 16.71 28.66
N CYS C 211 -4.55 16.08 29.82
CA CYS C 211 -5.65 16.05 30.75
C CYS C 211 -5.51 17.17 31.79
N PHE C 212 -4.44 17.95 31.67
CA PHE C 212 -4.21 19.06 32.59
C PHE C 212 -4.20 20.42 31.88
N ARG C 213 -3.87 20.46 30.60
CA ARG C 213 -3.81 21.74 29.89
C ARG C 213 -4.90 21.85 28.83
N THR C 214 -5.27 20.73 28.23
CA THR C 214 -6.30 20.74 27.20
C THR C 214 -7.63 20.35 27.81
N LEU C 215 -7.56 19.87 29.03
CA LEU C 215 -8.72 19.46 29.79
C LEU C 215 -8.53 19.98 31.20
N LYS C 216 -9.41 20.87 31.62
CA LYS C 216 -9.34 21.47 32.96
C LYS C 216 -9.45 20.47 34.11
N LEU C 217 -9.33 19.19 33.81
CA LEU C 217 -9.38 18.14 34.82
C LEU C 217 -8.28 18.33 35.86
N THR C 218 -8.66 18.39 37.14
CA THR C 218 -7.69 18.57 38.21
C THR C 218 -7.07 17.23 38.62
N THR C 219 -7.89 16.20 38.66
CA THR C 219 -7.44 14.87 39.04
C THR C 219 -7.58 13.84 37.91
N PRO C 220 -6.59 13.76 37.00
CA PRO C 220 -6.61 12.82 35.88
C PRO C 220 -6.18 11.42 36.32
N THR C 221 -7.15 10.62 36.74
CA THR C 221 -6.89 9.25 37.18
C THR C 221 -6.62 8.34 35.98
N TYR C 222 -6.31 7.08 36.24
CA TYR C 222 -6.05 6.12 35.17
C TYR C 222 -7.25 6.00 34.25
N GLY C 223 -8.42 5.83 34.85
CA GLY C 223 -9.66 5.73 34.10
C GLY C 223 -9.79 6.86 33.09
N ASP C 224 -9.47 8.07 33.54
CA ASP C 224 -9.53 9.25 32.71
C ASP C 224 -8.54 9.13 31.55
N LEU C 225 -7.26 8.95 31.90
CA LEU C 225 -6.20 8.78 30.90
C LEU C 225 -6.62 7.78 29.84
N ASN C 226 -7.02 6.59 30.28
CA ASN C 226 -7.47 5.52 29.39
C ASN C 226 -8.65 5.96 28.53
N HIS C 227 -9.59 6.72 29.12
CA HIS C 227 -10.77 7.17 28.44
C HIS C 227 -10.36 7.99 27.26
N LEU C 228 -9.31 8.81 27.42
CA LEU C 228 -8.80 9.66 26.35
C LEU C 228 -8.31 8.82 25.18
N VAL C 229 -7.52 7.80 25.50
CA VAL C 229 -6.97 6.88 24.50
C VAL C 229 -8.09 6.10 23.83
N SER C 230 -9.02 5.61 24.63
CA SER C 230 -10.16 4.83 24.14
C SER C 230 -10.91 5.58 23.03
N ALA C 231 -10.93 6.91 23.12
CA ALA C 231 -11.61 7.74 22.12
C ALA C 231 -10.82 7.77 20.81
N THR C 232 -9.53 7.55 20.90
CA THR C 232 -8.67 7.54 19.73
C THR C 232 -8.79 6.22 18.98
N MET C 233 -8.68 5.12 19.71
CA MET C 233 -8.75 3.80 19.12
C MET C 233 -10.11 3.53 18.45
N SER C 234 -11.14 4.25 18.88
CA SER C 234 -12.46 4.10 18.30
C SER C 234 -12.50 4.84 16.96
N GLY C 235 -11.82 5.98 16.92
CA GLY C 235 -11.74 6.76 15.70
C GLY C 235 -10.88 6.04 14.67
N VAL C 236 -9.93 5.26 15.17
CA VAL C 236 -9.07 4.45 14.32
C VAL C 236 -9.85 3.26 13.78
N THR C 237 -10.09 2.29 14.64
CA THR C 237 -10.80 1.07 14.29
C THR C 237 -12.29 1.30 13.97
N THR C 238 -13.17 1.08 14.97
CA THR C 238 -14.63 1.25 14.83
C THR C 238 -15.10 2.24 13.77
N CYS C 239 -14.56 3.45 13.80
CA CYS C 239 -14.91 4.50 12.83
C CYS C 239 -14.88 4.00 11.39
N LEU C 240 -13.77 3.39 11.00
CA LEU C 240 -13.61 2.86 9.64
C LEU C 240 -14.59 1.71 9.35
N ARG C 241 -15.36 1.31 10.34
CA ARG C 241 -16.35 0.25 10.16
C ARG C 241 -17.73 0.86 9.98
N PHE C 242 -17.76 2.15 9.70
CA PHE C 242 -19.01 2.86 9.50
C PHE C 242 -19.01 3.50 8.12
N PRO C 243 -20.19 3.80 7.58
CA PRO C 243 -20.32 4.42 6.25
C PRO C 243 -19.71 5.83 6.24
N GLY C 244 -19.56 6.38 5.04
CA GLY C 244 -18.98 7.70 4.91
C GLY C 244 -18.70 8.04 3.46
N GLN C 245 -18.49 9.33 3.19
CA GLN C 245 -18.21 9.79 1.84
C GLN C 245 -16.81 9.36 1.40
N LEU C 246 -15.90 9.30 2.37
CA LEU C 246 -14.52 8.90 2.11
C LEU C 246 -14.04 7.99 3.23
N ASN C 247 -14.40 6.71 3.15
CA ASN C 247 -14.03 5.76 4.19
C ASN C 247 -12.68 5.11 3.93
N ALA C 248 -12.09 4.58 4.99
CA ALA C 248 -10.80 3.92 4.92
C ALA C 248 -10.83 2.64 5.76
N ASP C 249 -9.67 2.00 5.89
CA ASP C 249 -9.56 0.76 6.66
C ASP C 249 -8.10 0.42 6.89
N LEU C 250 -7.81 -0.29 7.98
CA LEU C 250 -6.46 -0.78 8.31
C LEU C 250 -5.53 -0.90 7.11
N ARG C 251 -5.99 -1.62 6.07
CA ARG C 251 -5.20 -1.80 4.86
C ARG C 251 -4.92 -0.47 4.21
N LYS C 252 -5.99 0.33 3.94
CA LYS C 252 -5.82 1.59 3.26
C LYS C 252 -4.91 2.43 4.09
N LEU C 253 -5.12 2.42 5.42
CA LEU C 253 -4.32 3.19 6.37
C LEU C 253 -2.85 2.79 6.36
N ALA C 254 -2.57 1.51 6.56
CA ALA C 254 -1.20 1.00 6.61
C ALA C 254 -0.48 1.19 5.28
N VAL C 255 -1.20 0.93 4.19
CA VAL C 255 -0.64 1.06 2.85
C VAL C 255 -0.25 2.52 2.53
N ASN C 256 -0.62 3.42 3.42
CA ASN C 256 -0.31 4.83 3.25
C ASN C 256 0.40 5.38 4.47
N MET C 257 0.61 4.55 5.48
CA MET C 257 1.25 4.99 6.72
C MET C 257 2.61 4.36 6.95
N VAL C 258 2.83 3.17 6.40
CA VAL C 258 4.10 2.48 6.58
C VAL C 258 4.96 2.61 5.33
N PRO C 259 5.91 3.55 5.32
CA PRO C 259 6.79 3.78 4.19
C PRO C 259 7.92 2.76 4.13
N PHE C 260 8.29 2.18 5.27
CA PHE C 260 9.37 1.20 5.30
C PHE C 260 9.05 0.00 6.20
N PRO C 261 9.24 -1.22 5.65
CA PRO C 261 9.02 -2.54 6.32
C PRO C 261 9.37 -2.60 7.81
N ARG C 262 10.16 -1.65 8.27
CA ARG C 262 10.57 -1.56 9.67
C ARG C 262 9.36 -1.60 10.60
N LEU C 263 8.24 -1.02 10.13
CA LEU C 263 6.95 -0.94 10.84
C LEU C 263 6.51 0.50 11.02
N HIS C 264 7.42 1.32 11.53
CA HIS C 264 7.18 2.74 11.79
C HIS C 264 6.13 2.93 12.88
N PHE C 265 6.44 3.82 13.81
CA PHE C 265 5.56 4.09 14.94
C PHE C 265 4.78 5.37 14.74
N PHE C 266 3.50 5.32 15.04
CA PHE C 266 2.62 6.47 14.88
C PHE C 266 2.31 7.10 16.23
N MET C 267 1.57 8.19 16.18
CA MET C 267 1.20 8.92 17.38
C MET C 267 -0.24 9.40 17.30
N PRO C 268 -1.08 8.94 18.23
CA PRO C 268 -2.50 9.31 18.27
C PRO C 268 -2.76 10.73 18.78
N GLY C 269 -3.70 11.40 18.14
CA GLY C 269 -4.08 12.75 18.50
C GLY C 269 -5.58 12.94 18.38
N PHE C 270 -6.17 13.69 19.28
CA PHE C 270 -7.61 13.94 19.25
C PHE C 270 -7.92 15.32 18.68
N ALA C 271 -9.07 15.46 18.05
CA ALA C 271 -9.48 16.75 17.48
C ALA C 271 -10.29 17.59 18.48
N PRO C 272 -11.58 17.23 18.75
CA PRO C 272 -12.40 18.00 19.67
C PRO C 272 -11.97 17.74 21.11
N LEU C 273 -11.03 18.53 21.57
CA LEU C 273 -10.51 18.39 22.92
C LEU C 273 -10.73 19.68 23.68
N THR C 274 -11.98 19.92 24.05
CA THR C 274 -12.33 21.12 24.77
C THR C 274 -13.00 20.75 26.09
N SER C 275 -12.76 21.53 27.13
CA SER C 275 -13.36 21.25 28.41
C SER C 275 -14.88 21.37 28.30
N ARG C 276 -15.57 20.46 28.98
CA ARG C 276 -17.03 20.40 28.98
C ARG C 276 -17.73 21.76 29.11
N GLY C 277 -18.01 22.17 30.33
CA GLY C 277 -18.69 23.43 30.60
C GLY C 277 -18.16 24.66 29.88
N SER C 278 -17.22 25.35 30.52
CA SER C 278 -16.62 26.58 30.00
C SER C 278 -16.26 26.53 28.51
N GLN C 279 -15.13 25.88 28.23
CA GLN C 279 -14.59 25.71 26.86
C GLN C 279 -15.56 25.37 25.73
N GLN C 280 -16.74 24.84 26.08
CA GLN C 280 -17.76 24.47 25.10
C GLN C 280 -18.16 25.61 24.16
N TYR C 281 -17.27 25.94 23.22
CA TYR C 281 -17.52 27.00 22.25
C TYR C 281 -18.16 26.42 21.00
N ARG C 282 -18.00 25.11 20.81
CA ARG C 282 -18.55 24.40 19.66
C ARG C 282 -17.81 24.80 18.38
N ALA C 283 -16.69 25.47 18.55
CA ALA C 283 -15.87 25.91 17.43
C ALA C 283 -15.11 24.72 16.87
N LEU C 284 -15.79 23.97 16.01
CA LEU C 284 -15.22 22.79 15.39
C LEU C 284 -15.67 22.69 13.94
N THR C 285 -15.76 23.84 13.28
CA THR C 285 -16.18 23.90 11.88
C THR C 285 -15.29 23.05 10.99
N VAL C 286 -13.98 23.17 11.17
CA VAL C 286 -12.98 22.41 10.41
C VAL C 286 -11.53 22.86 10.64
N PRO C 287 -11.17 24.16 10.54
CA PRO C 287 -9.79 24.60 10.76
C PRO C 287 -9.38 24.47 12.22
N GLU C 288 -10.36 24.50 13.11
CA GLU C 288 -10.12 24.40 14.54
C GLU C 288 -9.61 23.00 14.88
N LEU C 289 -10.05 22.03 14.09
CA LEU C 289 -9.61 20.65 14.29
C LEU C 289 -8.17 20.52 13.83
N THR C 290 -7.86 21.15 12.71
CA THR C 290 -6.52 21.15 12.15
C THR C 290 -5.57 21.84 13.11
N GLN C 291 -6.02 22.95 13.67
CA GLN C 291 -5.24 23.73 14.63
C GLN C 291 -4.84 22.85 15.80
N GLN C 292 -5.82 22.14 16.33
CA GLN C 292 -5.60 21.24 17.45
C GLN C 292 -4.62 20.14 17.07
N MET C 293 -5.13 19.10 16.42
CA MET C 293 -4.36 17.96 15.94
C MET C 293 -2.93 18.26 15.47
N PHE C 294 -2.75 19.35 14.73
CA PHE C 294 -1.44 19.68 14.20
C PHE C 294 -0.56 20.50 15.16
N ASP C 295 -1.00 20.68 16.39
CA ASP C 295 -0.22 21.41 17.38
C ASP C 295 0.64 20.43 18.19
N ALA C 296 1.72 20.92 18.79
CA ALA C 296 2.60 20.10 19.62
C ALA C 296 1.75 19.51 20.74
N LYS C 297 1.36 20.35 21.67
CA LYS C 297 0.48 19.93 22.74
C LYS C 297 -0.78 19.37 22.07
N ASN C 298 -1.23 18.18 22.54
CA ASN C 298 -2.41 17.43 22.02
C ASN C 298 -1.94 16.07 21.49
N MET C 299 -0.64 15.92 21.39
CA MET C 299 -0.04 14.68 20.92
C MET C 299 0.15 13.74 22.10
N MET C 300 -0.52 12.59 22.04
CA MET C 300 -0.43 11.58 23.09
C MET C 300 0.98 11.09 23.36
N ALA C 301 1.90 11.37 22.46
CA ALA C 301 3.30 10.98 22.65
C ALA C 301 4.07 12.06 23.40
N ALA C 302 5.21 11.71 23.99
CA ALA C 302 6.00 12.69 24.72
C ALA C 302 6.76 13.61 23.77
N CYS C 303 7.25 13.04 22.68
CA CYS C 303 7.99 13.84 21.70
C CYS C 303 7.02 14.76 20.96
N ASP C 304 7.53 15.93 20.59
CA ASP C 304 6.72 16.90 19.87
C ASP C 304 7.04 16.90 18.40
N PRO C 305 6.00 16.90 17.55
CA PRO C 305 6.14 16.89 16.09
C PRO C 305 7.14 17.92 15.57
N ARG C 306 7.22 19.05 16.27
CA ARG C 306 8.14 20.11 15.89
C ARG C 306 9.61 19.69 15.96
N HIS C 307 9.89 18.57 16.62
CA HIS C 307 11.24 18.07 16.76
C HIS C 307 11.58 17.02 15.71
N GLY C 308 10.81 16.99 14.63
CA GLY C 308 11.06 16.02 13.58
C GLY C 308 10.11 16.14 12.43
N ARG C 309 10.62 15.87 11.24
CA ARG C 309 9.82 15.95 10.02
C ARG C 309 8.64 14.98 10.07
N TYR C 310 7.71 15.14 9.14
CA TYR C 310 6.55 14.26 9.08
C TYR C 310 6.80 13.29 7.95
N LEU C 311 6.35 12.06 8.11
CA LEU C 311 6.51 11.05 7.06
C LEU C 311 5.15 10.67 6.55
N THR C 312 4.20 10.56 7.47
CA THR C 312 2.84 10.21 7.13
C THR C 312 1.85 10.93 8.04
N VAL C 313 0.68 11.26 7.51
CA VAL C 313 -0.37 11.90 8.28
C VAL C 313 -1.69 11.24 7.92
N ALA C 314 -2.46 10.89 8.93
CA ALA C 314 -3.75 10.25 8.70
C ALA C 314 -4.85 10.97 9.47
N ALA C 315 -5.56 11.83 8.79
CA ALA C 315 -6.66 12.58 9.38
C ALA C 315 -7.97 11.88 9.08
N VAL C 316 -8.47 11.11 10.05
CA VAL C 316 -9.72 10.39 9.88
C VAL C 316 -10.87 11.16 10.51
N PHE C 317 -11.56 11.93 9.69
CA PHE C 317 -12.68 12.73 10.15
C PHE C 317 -13.93 11.88 10.28
N ARG C 318 -14.86 12.33 11.12
CA ARG C 318 -16.11 11.63 11.33
C ARG C 318 -17.22 12.62 11.70
N GLY C 319 -17.92 13.09 10.68
CA GLY C 319 -18.98 14.05 10.87
C GLY C 319 -19.34 14.72 9.55
N ARG C 320 -20.61 15.03 9.36
CA ARG C 320 -21.10 15.68 8.15
C ARG C 320 -20.32 16.95 7.83
N MET C 321 -19.47 16.88 6.80
CA MET C 321 -18.67 18.03 6.39
C MET C 321 -18.35 17.93 4.90
N SER C 322 -17.95 19.05 4.30
CA SER C 322 -17.63 19.10 2.88
C SER C 322 -16.16 18.81 2.63
N MET C 323 -15.89 17.93 1.67
CA MET C 323 -14.52 17.56 1.31
C MET C 323 -13.69 18.77 0.86
N LYS C 324 -14.34 19.90 0.65
CA LYS C 324 -13.64 21.10 0.21
C LYS C 324 -13.04 21.83 1.40
N GLU C 325 -13.78 21.95 2.49
CA GLU C 325 -13.27 22.62 3.68
C GLU C 325 -12.23 21.75 4.39
N VAL C 326 -12.24 20.47 4.07
CA VAL C 326 -11.32 19.52 4.67
C VAL C 326 -10.00 19.50 3.90
N ASP C 327 -10.08 19.08 2.64
CA ASP C 327 -8.92 18.98 1.76
C ASP C 327 -8.15 20.29 1.66
N GLU C 328 -8.88 21.39 1.56
CA GLU C 328 -8.27 22.71 1.46
C GLU C 328 -7.40 23.00 2.68
N GLN C 329 -8.02 22.91 3.85
CA GLN C 329 -7.32 23.14 5.11
C GLN C 329 -6.06 22.28 5.21
N MET C 330 -6.23 20.97 5.02
CA MET C 330 -5.13 20.01 5.08
C MET C 330 -3.95 20.45 4.22
N LEU C 331 -4.25 20.84 2.98
CA LEU C 331 -3.24 21.29 2.04
C LEU C 331 -2.51 22.53 2.58
N ASN C 332 -3.30 23.53 2.96
CA ASN C 332 -2.77 24.79 3.50
C ASN C 332 -1.71 24.56 4.57
N VAL C 333 -1.98 23.64 5.49
CA VAL C 333 -1.04 23.35 6.58
C VAL C 333 0.28 22.81 6.03
N GLN C 334 0.19 21.95 5.01
CA GLN C 334 1.39 21.36 4.41
C GLN C 334 2.17 22.40 3.61
N ASN C 335 1.52 23.51 3.31
CA ASN C 335 2.16 24.58 2.56
C ASN C 335 2.76 25.60 3.51
N LYS C 336 2.13 25.77 4.66
CA LYS C 336 2.60 26.72 5.67
C LYS C 336 3.76 26.18 6.48
N ASN C 337 3.73 24.87 6.77
CA ASN C 337 4.77 24.24 7.57
C ASN C 337 5.61 23.29 6.74
N SER C 338 5.93 23.71 5.51
CA SER C 338 6.73 22.91 4.59
C SER C 338 8.08 22.50 5.18
N SER C 339 8.55 23.29 6.16
CA SER C 339 9.82 23.02 6.83
C SER C 339 9.86 21.59 7.34
N TYR C 340 8.91 21.21 8.16
CA TYR C 340 8.85 19.85 8.67
C TYR C 340 7.62 19.14 8.15
N PHE C 341 7.77 18.53 6.98
CA PHE C 341 6.68 17.81 6.32
C PHE C 341 7.23 16.95 5.20
N VAL C 342 8.51 16.63 5.29
CA VAL C 342 9.21 15.81 4.31
C VAL C 342 9.27 16.43 2.91
N GLU C 343 10.29 16.05 2.16
CA GLU C 343 10.47 16.58 0.81
C GLU C 343 10.19 15.54 -0.26
N TRP C 344 10.63 14.30 -0.02
CA TRP C 344 10.44 13.21 -0.99
C TRP C 344 8.99 12.73 -1.13
N ILE C 345 8.07 13.37 -0.44
CA ILE C 345 6.66 13.02 -0.52
C ILE C 345 5.81 14.27 -0.69
N PRO C 346 5.21 14.43 -1.87
CA PRO C 346 4.38 15.60 -2.20
C PRO C 346 3.21 15.81 -1.24
N ASN C 347 2.50 14.73 -0.91
CA ASN C 347 1.35 14.82 -0.01
C ASN C 347 1.30 13.67 1.00
N ASN C 348 1.90 13.91 2.15
CA ASN C 348 1.94 12.95 3.25
C ASN C 348 0.55 12.69 3.83
N VAL C 349 -0.27 13.73 3.86
CA VAL C 349 -1.61 13.64 4.43
C VAL C 349 -2.54 12.73 3.62
N LYS C 350 -3.15 11.79 4.32
CA LYS C 350 -4.11 10.88 3.72
C LYS C 350 -5.49 11.20 4.31
N THR C 351 -6.28 11.95 3.57
CA THR C 351 -7.59 12.37 4.02
C THR C 351 -8.61 11.23 4.09
N ALA C 352 -9.37 11.22 5.18
CA ALA C 352 -10.43 10.25 5.39
C ALA C 352 -11.61 10.97 6.04
N VAL C 353 -12.82 10.72 5.56
CA VAL C 353 -14.00 11.40 6.10
C VAL C 353 -15.17 10.43 6.25
N CYS C 354 -15.52 10.15 7.49
CA CYS C 354 -16.64 9.29 7.80
C CYS C 354 -17.92 10.14 7.84
N ASP C 355 -19.04 9.53 8.17
CA ASP C 355 -20.31 10.25 8.22
C ASP C 355 -20.79 10.35 9.65
N ILE C 356 -21.08 9.21 10.24
CA ILE C 356 -21.56 9.16 11.62
C ILE C 356 -20.44 9.47 12.62
N PRO C 357 -20.64 10.49 13.46
CA PRO C 357 -19.66 10.88 14.47
C PRO C 357 -19.90 10.07 15.75
N PRO C 358 -19.04 10.21 16.76
CA PRO C 358 -19.23 9.49 18.03
C PRO C 358 -20.47 10.00 18.77
N ARG C 359 -21.53 9.20 18.68
CA ARG C 359 -22.84 9.46 19.29
C ARG C 359 -23.15 10.91 19.72
N GLY C 360 -22.64 11.35 20.87
CA GLY C 360 -22.94 12.69 21.36
C GLY C 360 -22.21 13.84 20.69
N LEU C 361 -21.18 13.56 19.91
CA LEU C 361 -20.44 14.63 19.24
C LEU C 361 -20.98 14.90 17.83
N LYS C 362 -20.83 16.14 17.38
CA LYS C 362 -21.31 16.55 16.06
C LYS C 362 -20.19 16.50 15.01
N MET C 363 -18.97 16.80 15.43
CA MET C 363 -17.83 16.82 14.52
C MET C 363 -16.58 16.37 15.24
N SER C 364 -15.87 15.43 14.64
CA SER C 364 -14.65 14.90 15.22
C SER C 364 -13.65 14.50 14.15
N ALA C 365 -12.44 14.15 14.57
CA ALA C 365 -11.39 13.75 13.65
C ALA C 365 -10.25 13.09 14.41
N THR C 366 -9.97 11.85 14.06
CA THR C 366 -8.89 11.12 14.70
C THR C 366 -7.57 11.45 13.98
N PHE C 367 -6.54 11.76 14.74
CA PHE C 367 -5.24 12.11 14.16
C PHE C 367 -4.21 11.01 14.38
N ILE C 368 -3.53 10.67 13.29
CA ILE C 368 -2.47 9.66 13.32
C ILE C 368 -1.24 10.23 12.63
N GLY C 369 -0.23 10.59 13.40
CA GLY C 369 0.97 11.16 12.82
C GLY C 369 2.17 10.22 12.86
N ASN C 370 2.87 10.14 11.75
CA ASN C 370 4.07 9.30 11.63
C ASN C 370 5.27 10.20 11.36
N SER C 371 5.69 10.92 12.39
CA SER C 371 6.82 11.83 12.26
C SER C 371 8.11 11.17 12.75
N THR C 372 9.24 11.75 12.35
CA THR C 372 10.54 11.23 12.75
C THR C 372 10.89 11.73 14.15
N ALA C 373 9.99 12.53 14.71
CA ALA C 373 10.16 13.09 16.04
C ALA C 373 10.16 12.00 17.11
N ILE C 374 9.63 10.83 16.76
CA ILE C 374 9.58 9.70 17.68
C ILE C 374 11.00 9.27 18.09
N GLN C 375 12.00 9.87 17.44
CA GLN C 375 13.39 9.62 17.74
C GLN C 375 13.67 10.09 19.16
N GLU C 376 13.05 11.22 19.53
CA GLU C 376 13.23 11.81 20.85
C GLU C 376 12.49 11.01 21.92
N LEU C 377 12.18 9.77 21.62
CA LEU C 377 11.50 8.89 22.55
C LEU C 377 12.31 7.59 22.67
N PHE C 378 12.62 6.99 21.52
CA PHE C 378 13.40 5.76 21.51
C PHE C 378 14.81 6.03 22.00
N LYS C 379 15.34 7.20 21.66
CA LYS C 379 16.68 7.60 22.08
C LYS C 379 16.75 7.58 23.60
N ARG C 380 15.72 8.14 24.22
CA ARG C 380 15.59 8.15 25.67
C ARG C 380 15.74 6.73 26.20
N ILE C 381 14.89 5.84 25.69
CA ILE C 381 14.90 4.43 26.08
C ILE C 381 16.31 3.83 25.97
N SER C 382 16.96 4.01 24.82
CA SER C 382 18.31 3.50 24.62
C SER C 382 19.24 4.05 25.70
N GLU C 383 19.13 5.34 25.97
CA GLU C 383 19.94 5.99 26.98
C GLU C 383 19.70 5.35 28.35
N GLN C 384 18.43 5.34 28.78
CA GLN C 384 18.05 4.74 30.06
C GLN C 384 18.59 3.32 30.17
N PHE C 385 18.35 2.52 29.12
CA PHE C 385 18.77 1.14 29.07
C PHE C 385 20.29 1.02 29.22
N THR C 386 21.02 1.51 28.22
CA THR C 386 22.48 1.46 28.21
C THR C 386 23.09 1.95 29.54
N ALA C 387 22.51 3.01 30.10
CA ALA C 387 22.99 3.58 31.36
C ALA C 387 22.97 2.57 32.51
N MET C 388 21.93 1.75 32.56
CA MET C 388 21.81 0.77 33.64
C MET C 388 22.33 -0.60 33.20
N PHE C 389 22.30 -0.84 31.89
CA PHE C 389 22.80 -2.09 31.33
C PHE C 389 24.30 -2.19 31.59
N ARG C 390 24.99 -1.06 31.45
CA ARG C 390 26.43 -0.98 31.72
C ARG C 390 26.79 -1.68 33.04
N ARG C 391 25.95 -1.51 34.05
CA ARG C 391 26.18 -2.12 35.35
C ARG C 391 25.40 -3.40 35.52
N LYS C 392 24.61 -3.73 34.50
CA LYS C 392 23.77 -4.93 34.50
C LYS C 392 22.82 -4.92 35.71
N ALA C 393 22.35 -3.71 36.04
CA ALA C 393 21.43 -3.43 37.16
C ALA C 393 20.66 -4.65 37.67
N PHE C 394 19.47 -4.85 37.17
CA PHE C 394 18.65 -5.98 37.59
C PHE C 394 18.72 -7.10 36.56
N LEU C 395 19.94 -7.42 36.12
CA LEU C 395 20.14 -8.47 35.13
C LEU C 395 19.90 -9.84 35.75
N HIS C 396 20.11 -9.92 37.06
CA HIS C 396 19.91 -11.15 37.79
C HIS C 396 18.46 -11.63 37.71
N TRP C 397 17.53 -10.68 37.67
CA TRP C 397 16.11 -11.00 37.60
C TRP C 397 15.75 -11.57 36.23
N TYR C 398 16.52 -11.20 35.21
CA TYR C 398 16.28 -11.67 33.85
C TYR C 398 16.98 -12.99 33.61
N THR C 399 18.29 -12.99 33.84
CA THR C 399 19.11 -14.19 33.66
C THR C 399 18.62 -15.34 34.53
N GLY C 400 18.22 -15.03 35.77
CA GLY C 400 17.74 -16.05 36.68
C GLY C 400 16.46 -16.70 36.22
N GLU C 401 15.74 -16.05 35.32
CA GLU C 401 14.50 -16.58 34.79
C GLU C 401 14.69 -17.15 33.38
N GLY C 402 15.95 -17.36 33.02
CA GLY C 402 16.26 -17.90 31.70
C GLY C 402 16.37 -16.83 30.62
N MET C 403 17.57 -16.31 30.47
CA MET C 403 17.83 -15.29 29.47
C MET C 403 19.23 -15.49 28.88
N ASP C 404 19.62 -14.63 27.95
CA ASP C 404 20.92 -14.71 27.31
C ASP C 404 21.56 -13.33 27.32
N GLU C 405 22.88 -13.28 27.41
CA GLU C 405 23.61 -12.01 27.42
C GLU C 405 23.47 -11.29 26.08
N MET C 406 23.21 -12.06 25.04
CA MET C 406 23.07 -11.50 23.70
C MET C 406 21.66 -10.94 23.48
N GLU C 407 20.72 -11.39 24.31
CA GLU C 407 19.34 -10.94 24.20
C GLU C 407 19.29 -9.43 24.36
N PHE C 408 20.11 -8.91 25.25
CA PHE C 408 20.19 -7.49 25.50
C PHE C 408 20.85 -6.76 24.34
N THR C 409 21.90 -7.37 23.77
CA THR C 409 22.60 -6.77 22.63
C THR C 409 21.67 -6.69 21.43
N GLU C 410 20.95 -7.78 21.17
CA GLU C 410 20.00 -7.85 20.08
C GLU C 410 19.01 -6.71 20.18
N ALA C 411 18.31 -6.66 21.31
CA ALA C 411 17.31 -5.62 21.57
C ALA C 411 17.90 -4.22 21.44
N GLU C 412 18.98 -3.95 22.17
CA GLU C 412 19.62 -2.64 22.13
C GLU C 412 20.01 -2.24 20.72
N SER C 413 20.75 -3.12 20.03
CA SER C 413 21.18 -2.87 18.66
C SER C 413 19.98 -2.56 17.77
N ASN C 414 19.03 -3.50 17.73
CA ASN C 414 17.82 -3.37 16.94
C ASN C 414 17.15 -2.00 17.15
N MET C 415 16.76 -1.73 18.38
CA MET C 415 16.09 -0.48 18.73
C MET C 415 16.96 0.74 18.42
N ASN C 416 18.26 0.65 18.69
CA ASN C 416 19.19 1.76 18.42
C ASN C 416 19.25 2.02 16.92
N ASP C 417 19.17 0.96 16.14
CA ASP C 417 19.20 1.06 14.68
C ASP C 417 17.92 1.74 14.19
N LEU C 418 16.83 1.46 14.90
CA LEU C 418 15.53 2.04 14.58
C LEU C 418 15.60 3.56 14.70
N VAL C 419 16.30 4.03 15.72
CA VAL C 419 16.47 5.46 15.95
C VAL C 419 17.21 6.06 14.75
N SER C 420 18.29 5.39 14.37
CA SER C 420 19.10 5.78 13.23
C SER C 420 18.25 5.87 11.95
N GLU C 421 17.55 4.78 11.64
CA GLU C 421 16.69 4.70 10.46
C GLU C 421 15.81 5.94 10.28
N TYR C 422 15.09 6.31 11.34
CA TYR C 422 14.23 7.49 11.31
C TYR C 422 15.01 8.76 10.97
N GLN C 423 16.24 8.83 11.46
CA GLN C 423 17.09 9.99 11.22
C GLN C 423 17.57 10.03 9.77
N GLN C 424 17.70 8.85 9.16
CA GLN C 424 18.14 8.74 7.77
C GLN C 424 17.15 9.39 6.81
N TYR C 425 15.90 9.53 7.28
CA TYR C 425 14.86 10.12 6.46
C TYR C 425 14.51 11.53 6.93
N GLN C 426 14.88 11.83 8.17
CA GLN C 426 14.63 13.15 8.75
C GLN C 426 15.40 14.23 7.99
N ASP C 427 16.61 13.89 7.54
CA ASP C 427 17.43 14.83 6.79
C ASP C 427 17.51 14.44 5.33
PB ADP D . 17.20 -24.62 -13.96
O1B ADP D . 17.69 -23.24 -14.36
O2B ADP D . 15.70 -24.70 -13.76
O3B ADP D . 17.98 -25.18 -12.83
PA ADP D . 18.47 -26.80 -15.27
O1A ADP D . 17.71 -27.92 -14.60
O2A ADP D . 19.81 -26.36 -14.75
O3A ADP D . 17.52 -25.50 -15.27
O5' ADP D . 18.60 -27.15 -16.83
C5' ADP D . 17.45 -27.36 -17.64
C4' ADP D . 17.75 -28.57 -18.53
O4' ADP D . 18.68 -28.20 -19.55
C3' ADP D . 18.42 -29.64 -17.68
O3' ADP D . 18.02 -30.93 -18.17
C2' ADP D . 19.90 -29.45 -17.94
O2' ADP D . 20.58 -30.70 -17.86
C1' ADP D . 19.95 -28.85 -19.34
N9 ADP D . 21.03 -27.83 -19.45
C8 ADP D . 21.05 -26.62 -18.83
N7 ADP D . 22.17 -25.94 -19.15
C5 ADP D . 22.90 -26.71 -19.99
C6 ADP D . 24.17 -26.60 -20.72
N6 ADP D . 24.93 -25.47 -20.59
N1 ADP D . 24.55 -27.61 -21.51
C2 ADP D . 23.81 -28.73 -21.64
N3 ADP D . 22.63 -28.92 -21.01
C4 ADP D . 22.13 -27.96 -20.18
MG MG E . 16.96 -26.28 -11.16
PG GTP F . -9.87 1.72 -3.14
O1G GTP F . -9.49 0.23 -3.27
O2G GTP F . -10.80 1.99 -1.98
O3G GTP F . -8.52 2.41 -2.98
O3B GTP F . -10.70 2.30 -4.45
PB GTP F . -11.25 3.84 -4.65
O1B GTP F . -10.70 4.31 -5.97
O2B GTP F . -12.70 3.89 -4.44
O3A GTP F . -10.47 4.66 -3.62
PA GTP F . -10.59 6.06 -3.02
O1A GTP F . -11.96 6.33 -2.53
O2A GTP F . -9.50 6.22 -2.01
O5' GTP F . -10.21 7.04 -4.29
C5' GTP F . -10.27 8.42 -3.94
C4' GTP F . -9.93 9.38 -5.03
O4' GTP F . -11.11 9.71 -5.80
C3' GTP F . -9.47 10.68 -4.40
O3' GTP F . -8.63 11.37 -5.29
C2' GTP F . -10.79 11.39 -4.15
O2' GTP F . -10.58 12.80 -4.13
C1' GTP F . -11.67 10.96 -5.33
N9 GTP F . -13.09 10.72 -5.02
C8 GTP F . -13.60 9.84 -4.09
N7 GTP F . -14.90 9.84 -4.02
C5 GTP F . -15.28 10.78 -4.94
C6 GTP F . -16.56 11.23 -5.31
O6 GTP F . -17.63 10.83 -4.85
N1 GTP F . -16.54 12.22 -6.31
C2 GTP F . -15.39 12.72 -6.89
N2 GTP F . -15.55 13.64 -7.79
N3 GTP F . -14.17 12.32 -6.55
C4 GTP F . -14.17 11.35 -5.58
MG MG G . -13.23 2.21 -1.82
PB GDP H . 2.17 -5.74 33.81
O1B GDP H . 2.08 -6.31 32.45
O2B GDP H . 0.96 -5.54 34.47
O3B GDP H . 3.25 -6.63 34.66
O3A GDP H . 2.78 -4.31 33.63
PA GDP H . 2.16 -2.82 34.10
O1A GDP H . 0.93 -2.54 33.30
O2A GDP H . 1.97 -2.88 35.60
O5' GDP H . 3.29 -1.87 33.62
C5' GDP H . 3.48 -0.55 34.22
C4' GDP H . 3.40 0.56 33.30
O4' GDP H . 2.03 0.62 32.74
C3' GDP H . 3.53 1.99 33.95
O3' GDP H . 4.30 2.81 33.00
C2' GDP H . 2.12 2.61 34.09
O2' GDP H . 1.97 4.04 33.98
C1' GDP H . 1.33 1.92 32.98
N9 GDP H . -0.06 1.61 33.33
C8 GDP H . -0.35 0.54 34.33
N7 GDP H . -1.74 0.70 34.23
C5 GDP H . -2.26 1.61 33.42
C6 GDP H . -3.45 2.20 32.93
O6 GDP H . -4.60 1.70 33.41
N1 GDP H . -3.49 3.19 32.00
C2 GDP H . -2.21 3.71 31.47
N2 GDP H . -2.49 4.67 30.62
N3 GDP H . -1.11 3.24 31.89
C4 GDP H . -1.11 2.23 32.78
O01 TA1 I . -17.25 13.16 28.91
C01 TA1 I . -17.48 13.72 27.60
C02 TA1 I . -16.31 14.82 27.37
O02 TA1 I . -15.08 13.98 27.46
C03 TA1 I . -14.27 14.13 28.61
O03 TA1 I . -14.49 14.92 29.49
C04 TA1 I . -13.13 13.26 28.59
C05 TA1 I . -12.96 12.57 29.87
C06 TA1 I . -11.78 11.64 29.92
C07 TA1 I . -10.92 11.47 28.81
C08 TA1 I . -11.16 12.11 27.76
C09 TA1 I . -12.23 13.02 27.54
C10 TA1 I . -16.25 15.61 25.95
C11 TA1 I . -14.78 15.71 25.30
O04 TA1 I . -14.21 14.38 24.96
C12 TA1 I . -14.74 13.59 23.96
O05 TA1 I . -15.67 13.89 23.27
C13 TA1 I . -13.94 12.31 23.85
C14 TA1 I . -13.62 16.34 26.11
O06 TA1 I . -13.35 17.34 25.11
C15 TA1 I . -14.41 16.82 24.28
C16 TA1 I . -15.48 17.90 23.94
C17 TA1 I . -16.89 17.54 24.40
O07 TA1 I . -17.79 18.64 24.08
C18 TA1 I . -16.96 17.13 25.95
C19 TA1 I . -16.20 18.19 26.80
C20 TA1 I . -18.49 17.27 26.48
O08 TA1 I . -18.75 18.09 27.33
C21 TA1 I . -19.61 16.37 25.96
O09 TA1 I . -20.87 16.75 26.68
C22 TA1 I . -21.91 17.35 25.99
O10 TA1 I . -21.91 17.61 24.84
C23 TA1 I . -23.05 17.65 26.93
C24 TA1 I . -19.27 14.89 26.17
C25 TA1 I . -19.09 14.06 25.07
C26 TA1 I . -18.58 12.61 25.37
O11 TA1 I . -18.07 11.90 24.19
C27 TA1 I . -18.90 11.12 23.53
O12 TA1 I . -20.05 10.92 23.76
C28 TA1 I . -18.17 10.44 22.34
O13 TA1 I . -19.09 9.58 21.70
C29 TA1 I . -16.94 9.68 22.90
N01 TA1 I . -17.42 8.83 23.98
C30 TA1 I . -16.64 8.44 25.01
O14 TA1 I . -15.46 8.75 25.13
C31 TA1 I . -17.35 7.61 26.03
C32 TA1 I . -17.94 6.38 25.75
C33 TA1 I . -18.62 5.65 26.77
C34 TA1 I . -18.69 6.17 28.08
C35 TA1 I . -18.10 7.39 28.37
C36 TA1 I . -17.44 8.13 27.38
C37 TA1 I . -16.18 8.93 21.79
C38 TA1 I . -15.13 9.59 21.15
C39 TA1 I . -14.39 8.96 20.11
C40 TA1 I . -14.73 7.66 19.72
C41 TA1 I . -15.77 7.00 20.35
C42 TA1 I . -16.51 7.63 21.39
C43 TA1 I . -17.42 12.63 26.43
C44 TA1 I . -19.26 14.46 23.61
C45 TA1 I . -19.02 14.34 27.66
C46 TA1 I . -20.12 13.23 27.98
C47 TA1 I . -19.17 15.31 28.86
N SER A 41 36.13 -1.60 -3.44
CA SER A 41 35.86 -2.71 -2.56
C SER A 41 35.53 -3.94 -3.38
N GLU A 42 35.44 -5.08 -2.73
CA GLU A 42 35.13 -6.31 -3.44
C GLU A 42 33.71 -6.27 -3.96
N LYS A 43 33.58 -5.91 -5.22
CA LYS A 43 32.28 -5.88 -5.85
C LYS A 43 32.01 -7.27 -6.37
N VAL A 44 30.76 -7.71 -6.29
CA VAL A 44 30.43 -9.04 -6.73
C VAL A 44 30.84 -9.23 -8.19
N LYS A 45 31.60 -10.27 -8.43
CA LYS A 45 32.02 -10.56 -9.78
C LYS A 45 30.81 -11.09 -10.50
N VAL A 46 30.46 -10.49 -11.60
CA VAL A 46 29.30 -10.93 -12.33
C VAL A 46 29.71 -11.67 -13.57
N TYR A 47 29.25 -12.90 -13.68
CA TYR A 47 29.55 -13.72 -14.82
C TYR A 47 28.24 -14.10 -15.46
N LEU A 48 28.15 -13.99 -16.76
CA LEU A 48 26.93 -14.32 -17.45
C LEU A 48 27.09 -15.61 -18.21
N ARG A 49 26.15 -16.50 -18.05
CA ARG A 49 26.18 -17.77 -18.71
C ARG A 49 24.93 -17.95 -19.54
N ILE A 50 25.12 -18.32 -20.79
CA ILE A 50 24.00 -18.55 -21.68
C ILE A 50 23.97 -20.03 -21.99
N ARG A 51 22.85 -20.68 -21.76
CA ARG A 51 22.75 -22.10 -22.03
C ARG A 51 22.25 -22.35 -23.43
N PRO A 52 22.58 -23.53 -24.00
CA PRO A 52 22.15 -23.89 -25.35
C PRO A 52 20.65 -24.14 -25.38
N PHE A 53 20.04 -23.91 -26.54
CA PHE A 53 18.61 -24.11 -26.69
C PHE A 53 18.24 -25.57 -26.43
N LEU A 54 17.15 -25.77 -25.72
CA LEU A 54 16.68 -27.10 -25.41
C LEU A 54 16.12 -27.74 -26.68
N THR A 55 16.04 -29.05 -26.71
CA THR A 55 15.52 -29.78 -27.87
C THR A 55 14.19 -29.22 -28.33
N SER A 56 13.24 -29.10 -27.41
CA SER A 56 11.92 -28.59 -27.71
C SER A 56 11.95 -27.07 -27.91
N GLU A 57 12.81 -26.40 -27.14
CA GLU A 57 12.94 -24.95 -27.22
C GLU A 57 13.46 -24.51 -28.59
N LEU A 58 14.49 -25.20 -29.07
CA LEU A 58 15.09 -24.88 -30.36
C LEU A 58 14.11 -25.24 -31.47
N ASP A 59 13.39 -26.33 -31.27
CA ASP A 59 12.42 -26.79 -32.26
C ASP A 59 11.24 -25.83 -32.36
N ARG A 60 10.92 -25.18 -31.23
CA ARG A 60 9.82 -24.21 -31.20
C ARG A 60 10.16 -23.01 -32.06
N GLN A 61 11.36 -22.47 -31.86
CA GLN A 61 11.84 -21.31 -32.61
C GLN A 61 13.35 -21.23 -32.45
N GLU A 62 14.05 -20.83 -33.51
CA GLU A 62 15.50 -20.70 -33.43
C GLU A 62 15.82 -19.26 -33.05
N ASP A 63 15.43 -18.92 -31.84
CA ASP A 63 15.62 -17.58 -31.29
C ASP A 63 17.01 -17.40 -30.69
N GLN A 64 17.73 -18.50 -30.49
CA GLN A 64 19.06 -18.46 -29.89
C GLN A 64 19.92 -17.36 -30.53
N GLY A 65 20.59 -16.60 -29.68
CA GLY A 65 21.42 -15.53 -30.16
C GLY A 65 20.70 -14.20 -30.12
N CYS A 66 19.57 -14.15 -29.41
CA CYS A 66 18.80 -12.91 -29.28
C CYS A 66 19.66 -11.81 -28.69
N VAL A 67 20.49 -12.19 -27.72
CA VAL A 67 21.40 -11.25 -27.12
C VAL A 67 22.67 -11.22 -27.95
N CYS A 68 23.14 -10.04 -28.28
CA CYS A 68 24.34 -9.91 -29.07
C CYS A 68 25.55 -9.82 -28.16
N ILE A 69 26.68 -10.29 -28.64
CA ILE A 69 27.88 -10.29 -27.82
C ILE A 69 28.92 -9.28 -28.30
N GLU A 70 29.33 -8.41 -27.40
CA GLU A 70 30.35 -7.42 -27.67
C GLU A 70 31.28 -7.36 -26.47
N ASN A 71 32.54 -7.75 -26.67
CA ASN A 71 33.52 -7.82 -25.59
C ASN A 71 33.22 -9.04 -24.73
N THR A 72 34.19 -9.49 -23.95
CA THR A 72 33.96 -10.64 -23.09
C THR A 72 33.17 -10.28 -21.84
N GLU A 73 33.21 -9.01 -21.47
CA GLU A 73 32.50 -8.52 -20.28
C GLU A 73 31.07 -8.00 -20.52
N THR A 74 30.79 -7.49 -21.71
CA THR A 74 29.50 -6.89 -21.98
C THR A 74 28.62 -7.66 -22.95
N LEU A 75 27.32 -7.45 -22.80
CA LEU A 75 26.30 -8.06 -23.65
C LEU A 75 25.36 -6.99 -24.10
N VAL A 76 25.00 -7.01 -25.36
CA VAL A 76 24.05 -6.03 -25.87
C VAL A 76 22.73 -6.73 -26.16
N LEU A 77 21.64 -6.14 -25.74
CA LEU A 77 20.34 -6.74 -25.93
C LEU A 77 19.65 -6.16 -27.14
N GLN A 78 19.31 -7.03 -28.12
CA GLN A 78 18.70 -6.65 -29.37
C GLN A 78 17.65 -7.71 -29.64
N ALA A 79 16.36 -7.45 -29.36
CA ALA A 79 15.36 -8.46 -29.53
C ALA A 79 14.34 -8.01 -30.55
N PRO A 80 14.10 -8.85 -31.49
CA PRO A 80 13.06 -8.53 -32.42
C PRO A 80 11.77 -8.95 -31.80
N GLN A 95 10.74 -4.14 -30.23
CA GLN A 95 12.21 -4.10 -30.15
C GLN A 95 12.62 -3.55 -28.82
N ALA A 96 13.92 -3.66 -28.51
CA ALA A 96 14.42 -3.16 -27.27
C ALA A 96 15.89 -3.12 -27.40
N THR A 97 16.57 -2.12 -26.85
CA THR A 97 17.99 -2.18 -26.98
C THR A 97 18.52 -1.87 -25.63
N HIS A 98 19.40 -2.73 -25.10
CA HIS A 98 19.96 -2.45 -23.79
C HIS A 98 21.38 -2.97 -23.74
N LYS A 99 22.09 -2.65 -22.67
CA LYS A 99 23.47 -3.10 -22.52
C LYS A 99 23.65 -3.70 -21.14
N PHE A 100 24.19 -4.90 -21.10
CA PHE A 100 24.44 -5.58 -19.85
C PHE A 100 25.94 -5.68 -19.62
N THR A 101 26.42 -4.97 -18.61
CA THR A 101 27.84 -4.98 -18.30
C THR A 101 28.12 -5.91 -17.13
N PHE A 102 28.96 -6.89 -17.40
CA PHE A 102 29.34 -7.88 -16.38
C PHE A 102 30.86 -7.98 -16.35
N SER A 103 31.38 -8.85 -15.50
CA SER A 103 32.81 -9.04 -15.41
C SER A 103 33.27 -9.91 -16.59
N GLN A 104 32.50 -10.96 -16.87
CA GLN A 104 32.81 -11.88 -17.96
C GLN A 104 31.55 -12.65 -18.38
N ILE A 105 31.55 -13.19 -19.58
CA ILE A 105 30.42 -13.95 -20.08
C ILE A 105 30.87 -15.14 -20.92
N PHE A 106 30.09 -16.22 -20.87
CA PHE A 106 30.38 -17.40 -21.66
C PHE A 106 29.26 -17.59 -22.68
N GLY A 107 29.63 -17.98 -23.89
CA GLY A 107 28.65 -18.16 -24.95
C GLY A 107 27.69 -19.30 -24.70
N PRO A 108 26.56 -19.32 -25.42
CA PRO A 108 25.52 -20.36 -25.29
C PRO A 108 26.05 -21.75 -25.57
N GLU A 109 27.12 -21.82 -26.34
CA GLU A 109 27.73 -23.09 -26.72
C GLU A 109 28.55 -23.67 -25.56
N VAL A 110 29.00 -22.81 -24.67
CA VAL A 110 29.81 -23.23 -23.54
C VAL A 110 29.00 -24.10 -22.57
N GLY A 111 29.51 -25.31 -22.33
CA GLY A 111 28.86 -26.21 -21.42
C GLY A 111 29.23 -25.88 -19.98
N GLN A 112 28.85 -26.72 -19.04
CA GLN A 112 29.19 -26.46 -17.65
C GLN A 112 30.70 -26.61 -17.41
N VAL A 113 31.32 -27.56 -18.12
CA VAL A 113 32.75 -27.84 -17.99
C VAL A 113 33.62 -26.58 -18.05
N ALA A 114 33.40 -25.75 -19.05
CA ALA A 114 34.16 -24.52 -19.23
C ALA A 114 33.79 -23.49 -18.17
N PHE A 115 32.54 -23.50 -17.74
CA PHE A 115 32.06 -22.55 -16.74
C PHE A 115 32.57 -22.85 -15.33
N PHE A 116 32.60 -24.11 -14.95
CA PHE A 116 33.04 -24.46 -13.60
C PHE A 116 34.52 -24.15 -13.33
N ASN A 117 35.37 -24.26 -14.35
CA ASN A 117 36.79 -24.01 -14.18
C ASN A 117 37.11 -22.62 -13.62
N LEU A 118 36.35 -21.61 -14.02
CA LEU A 118 36.59 -20.25 -13.53
C LEU A 118 36.35 -20.19 -12.02
N THR A 119 35.29 -20.87 -11.59
CA THR A 119 34.94 -20.91 -10.19
C THR A 119 35.92 -21.79 -9.42
N MET A 120 36.46 -22.81 -10.09
CA MET A 120 37.43 -23.73 -9.48
C MET A 120 38.58 -22.96 -8.84
N LYS A 121 39.20 -22.10 -9.65
CA LYS A 121 40.31 -21.28 -9.21
C LYS A 121 39.91 -20.42 -8.00
N GLU A 122 38.67 -19.95 -8.01
CA GLU A 122 38.15 -19.11 -6.95
C GLU A 122 37.80 -19.89 -5.68
N MET A 123 37.32 -21.12 -5.83
CA MET A 123 36.94 -21.94 -4.70
C MET A 123 38.14 -22.44 -3.91
N VAL A 124 39.13 -22.98 -4.62
CA VAL A 124 40.33 -23.51 -3.98
C VAL A 124 41.14 -22.40 -3.29
N LYS A 125 41.13 -21.21 -3.87
CA LYS A 125 41.87 -20.09 -3.30
C LYS A 125 41.25 -19.56 -2.00
N ASP A 126 39.96 -19.78 -1.80
CA ASP A 126 39.27 -19.31 -0.60
C ASP A 126 39.90 -19.82 0.69
N VAL A 127 40.27 -21.10 0.70
CA VAL A 127 40.89 -21.68 1.89
C VAL A 127 42.16 -20.91 2.24
N LEU A 128 42.81 -20.38 1.22
CA LEU A 128 44.02 -19.59 1.37
C LEU A 128 43.68 -18.17 1.82
N LYS A 129 42.50 -17.72 1.42
CA LYS A 129 42.02 -16.38 1.74
C LYS A 129 41.84 -16.19 3.24
N GLY A 130 41.19 -17.15 3.89
CA GLY A 130 40.98 -17.05 5.32
C GLY A 130 39.70 -16.32 5.68
N GLN A 131 38.89 -16.05 4.66
CA GLN A 131 37.62 -15.37 4.85
C GLN A 131 36.49 -16.15 4.18
N ASN A 132 35.26 -15.67 4.29
CA ASN A 132 34.13 -16.35 3.68
C ASN A 132 34.05 -16.04 2.18
N TRP A 133 33.44 -16.95 1.44
CA TRP A 133 33.26 -16.80 0.01
C TRP A 133 31.88 -17.31 -0.36
N LEU A 134 31.21 -16.63 -1.27
CA LEU A 134 29.88 -17.05 -1.66
C LEU A 134 29.67 -16.87 -3.16
N ILE A 135 29.05 -17.87 -3.77
CA ILE A 135 28.76 -17.84 -5.18
C ILE A 135 27.25 -17.94 -5.35
N TYR A 136 26.67 -16.97 -6.05
CA TYR A 136 25.24 -16.95 -6.25
C TYR A 136 24.91 -17.22 -7.70
N THR A 137 23.97 -18.12 -7.93
CA THR A 137 23.54 -18.44 -9.28
C THR A 137 22.15 -17.85 -9.50
N TYR A 138 22.06 -16.88 -10.39
CA TYR A 138 20.79 -16.24 -10.67
C TYR A 138 20.40 -16.46 -12.11
N GLY A 139 19.10 -16.54 -12.34
CA GLY A 139 18.59 -16.74 -13.67
C GLY A 139 17.20 -17.29 -13.64
N VAL A 140 16.63 -17.51 -14.81
CA VAL A 140 15.28 -18.04 -14.92
C VAL A 140 15.31 -19.54 -14.69
N THR A 141 14.20 -20.11 -14.23
CA THR A 141 14.12 -21.54 -14.02
C THR A 141 14.40 -22.26 -15.34
N ASN A 142 15.18 -23.34 -15.27
CA ASN A 142 15.54 -24.14 -16.45
C ASN A 142 16.60 -23.44 -17.33
N SER A 143 17.13 -22.30 -16.87
CA SER A 143 18.15 -21.58 -17.62
C SER A 143 19.53 -22.22 -17.45
N GLY A 144 19.64 -23.17 -16.49
CA GLY A 144 20.91 -23.79 -16.24
C GLY A 144 21.37 -23.57 -14.83
N LYS A 145 20.49 -23.09 -13.93
CA LYS A 145 20.96 -22.87 -12.58
C LYS A 145 21.38 -24.16 -11.93
N THR A 146 20.54 -25.18 -12.01
CA THR A 146 20.77 -26.44 -11.36
C THR A 146 21.91 -27.13 -12.03
N TYR A 147 22.04 -26.91 -13.34
CA TYR A 147 23.04 -27.48 -14.16
C TYR A 147 24.35 -26.91 -13.72
N THR A 148 24.38 -25.59 -13.45
CA THR A 148 25.59 -24.94 -13.04
C THR A 148 25.98 -25.33 -11.64
N ILE A 149 24.99 -25.44 -10.73
CA ILE A 149 25.26 -25.77 -9.34
C ILE A 149 25.73 -27.21 -9.17
N GLN A 150 24.80 -28.16 -9.29
CA GLN A 150 25.14 -29.56 -9.11
C GLN A 150 25.55 -30.23 -10.42
N GLY A 151 24.93 -29.81 -11.50
CA GLY A 151 25.25 -30.39 -12.78
C GLY A 151 24.59 -31.73 -12.94
N THR A 152 24.79 -32.36 -14.07
CA THR A 152 24.23 -33.67 -14.35
C THR A 152 25.19 -34.74 -13.85
N SER A 153 24.79 -36.00 -13.97
CA SER A 153 25.63 -37.10 -13.54
C SER A 153 26.88 -37.17 -14.43
N LYS A 154 26.66 -37.01 -15.74
CA LYS A 154 27.74 -37.05 -16.71
C LYS A 154 28.57 -35.75 -16.66
N ASP A 155 27.87 -34.62 -16.65
CA ASP A 155 28.53 -33.32 -16.63
C ASP A 155 28.33 -32.65 -15.29
N ALA A 156 29.34 -32.80 -14.42
CA ALA A 156 29.30 -32.23 -13.08
C ALA A 156 29.40 -30.71 -13.11
N GLY A 157 28.75 -30.07 -12.15
CA GLY A 157 28.75 -28.61 -12.09
C GLY A 157 29.82 -28.03 -11.18
N ILE A 158 29.63 -26.78 -10.80
CA ILE A 158 30.56 -26.05 -9.95
C ILE A 158 30.67 -26.65 -8.53
N LEU A 159 29.58 -27.21 -8.05
CA LEU A 159 29.56 -27.77 -6.69
C LEU A 159 30.42 -29.04 -6.54
N PRO A 160 30.22 -30.09 -7.37
CA PRO A 160 31.01 -31.33 -7.26
C PRO A 160 32.52 -31.10 -7.38
N GLN A 161 32.90 -30.27 -8.35
CA GLN A 161 34.32 -29.97 -8.59
C GLN A 161 34.97 -29.24 -7.41
N SER A 162 34.20 -28.39 -6.73
CA SER A 162 34.72 -27.64 -5.60
C SER A 162 35.22 -28.56 -4.49
N LEU A 163 34.36 -29.49 -4.07
CA LEU A 163 34.72 -30.43 -3.02
C LEU A 163 35.85 -31.33 -3.46
N ALA A 164 35.86 -31.68 -4.74
CA ALA A 164 36.89 -32.53 -5.30
C ALA A 164 38.26 -31.86 -5.21
N LEU A 165 38.31 -30.57 -5.53
CA LEU A 165 39.55 -29.81 -5.47
C LEU A 165 39.95 -29.48 -4.03
N ILE A 166 38.97 -29.22 -3.19
CA ILE A 166 39.23 -28.89 -1.79
C ILE A 166 39.87 -30.08 -1.07
N PHE A 167 39.27 -31.25 -1.23
CA PHE A 167 39.82 -32.45 -0.60
C PHE A 167 41.14 -32.85 -1.25
N ASN A 168 41.26 -32.57 -2.54
CA ASN A 168 42.49 -32.89 -3.27
C ASN A 168 43.69 -32.22 -2.60
N SER A 169 43.53 -30.94 -2.26
CA SER A 169 44.58 -30.19 -1.59
C SER A 169 44.73 -30.63 -0.12
N LEU A 170 43.65 -31.15 0.45
CA LEU A 170 43.65 -31.62 1.83
C LEU A 170 44.59 -32.79 2.03
N ARG A 277 47.08 -29.61 9.53
CA ARG A 277 45.84 -30.38 9.45
C ARG A 277 44.70 -29.50 8.98
N PHE A 278 43.94 -29.99 8.01
CA PHE A 278 42.80 -29.25 7.48
C PHE A 278 41.52 -29.98 7.86
N SER A 279 40.57 -29.24 8.40
CA SER A 279 39.30 -29.81 8.79
C SER A 279 38.19 -29.13 8.00
N VAL A 280 37.23 -29.90 7.53
CA VAL A 280 36.15 -29.34 6.75
C VAL A 280 34.79 -29.86 7.22
N TRP A 281 33.89 -28.94 7.50
CA TRP A 281 32.55 -29.28 7.93
C TRP A 281 31.58 -29.00 6.81
N ILE A 282 30.51 -29.77 6.74
CA ILE A 282 29.54 -29.60 5.67
C ILE A 282 28.15 -29.28 6.20
N SER A 283 27.49 -28.36 5.51
CA SER A 283 26.15 -27.95 5.85
C SER A 283 25.38 -27.64 4.57
N PHE A 284 24.16 -28.13 4.47
CA PHE A 284 23.34 -27.90 3.30
C PHE A 284 21.90 -27.70 3.74
N PHE A 285 21.38 -26.51 3.51
CA PHE A 285 20.02 -26.21 3.92
C PHE A 285 19.28 -25.41 2.85
N GLU A 286 17.96 -25.44 2.93
CA GLU A 286 17.12 -24.73 1.98
C GLU A 286 16.20 -23.81 2.76
N ILE A 287 15.87 -22.67 2.17
CA ILE A 287 14.98 -21.72 2.83
C ILE A 287 13.68 -21.58 2.06
N TYR A 288 12.58 -21.87 2.74
CA TYR A 288 11.26 -21.79 2.15
C TYR A 288 10.32 -20.99 3.05
N ASN A 289 9.77 -19.91 2.51
CA ASN A 289 8.84 -19.05 3.25
C ASN A 289 9.51 -18.46 4.49
N GLU A 290 10.79 -18.11 4.35
CA GLU A 290 11.60 -17.53 5.42
C GLU A 290 11.91 -18.53 6.54
N LEU A 291 11.78 -19.81 6.23
CA LEU A 291 12.08 -20.86 7.21
C LEU A 291 13.22 -21.73 6.69
N LEU A 292 14.13 -22.08 7.58
CA LEU A 292 15.27 -22.91 7.18
C LEU A 292 15.00 -24.38 7.44
N TYR A 293 15.45 -25.21 6.51
CA TYR A 293 15.28 -26.65 6.59
C TYR A 293 16.63 -27.33 6.38
N ASP A 294 16.91 -28.36 7.15
CA ASP A 294 18.17 -29.08 7.03
C ASP A 294 18.01 -30.19 6.01
N LEU A 295 18.67 -30.02 4.88
CA LEU A 295 18.61 -30.97 3.79
C LEU A 295 19.44 -32.21 4.06
N LEU A 296 20.41 -32.15 5.02
CA LEU A 296 21.12 -33.37 5.36
C LEU A 296 20.13 -34.38 5.89
N GLU A 297 19.07 -33.92 6.62
CA GLU A 297 17.98 -34.71 7.17
C GLU A 297 16.98 -35.00 6.06
N PRO A 298 16.53 -36.24 5.95
CA PRO A 298 15.62 -36.61 4.87
C PRO A 298 14.16 -36.18 4.80
N PRO A 299 13.46 -35.78 5.84
CA PRO A 299 12.05 -35.51 5.78
C PRO A 299 11.65 -34.49 4.77
N SER A 300 10.51 -34.74 4.10
CA SER A 300 9.90 -33.93 3.09
C SER A 300 10.10 -34.64 1.77
N GLN A 306 8.94 -28.39 11.67
CA GLN A 306 10.39 -28.40 11.46
C GLN A 306 10.84 -27.08 10.93
N THR A 307 11.85 -26.46 11.58
CA THR A 307 12.50 -25.27 11.10
C THR A 307 13.72 -25.09 11.96
N LEU A 308 14.64 -24.18 11.56
CA LEU A 308 15.81 -23.97 12.38
C LEU A 308 15.65 -22.69 13.16
N ARG A 309 16.44 -22.58 14.26
CA ARG A 309 16.58 -21.41 15.11
C ARG A 309 17.76 -20.56 14.65
N LEU A 310 17.87 -19.35 15.18
CA LEU A 310 18.94 -18.46 14.80
C LEU A 310 19.72 -18.04 16.03
N CYS A 311 21.04 -18.13 15.95
CA CYS A 311 21.89 -17.77 17.06
C CYS A 311 22.63 -16.49 16.75
N GLU A 312 22.83 -15.67 17.74
CA GLU A 312 23.54 -14.42 17.57
C GLU A 312 24.65 -14.36 18.59
N ASP A 313 25.84 -13.97 18.15
CA ASP A 313 26.97 -13.86 19.05
C ASP A 313 26.77 -12.60 19.87
N GLN A 314 27.42 -12.50 21.02
CA GLN A 314 27.28 -11.36 21.90
C GLN A 314 27.57 -10.03 21.20
N ASN A 315 28.44 -10.10 20.19
CA ASN A 315 28.83 -8.93 19.41
C ASN A 315 27.74 -8.48 18.45
N GLY A 316 26.79 -9.37 18.16
CA GLY A 316 25.73 -9.02 17.23
C GLY A 316 25.82 -9.78 15.91
N ASN A 317 26.81 -10.66 15.79
CA ASN A 317 27.00 -11.45 14.58
C ASN A 317 26.05 -12.65 14.60
N PRO A 318 25.17 -12.76 13.59
CA PRO A 318 24.24 -13.86 13.50
C PRO A 318 24.86 -15.10 12.86
N TYR A 319 24.48 -16.25 13.38
CA TYR A 319 24.96 -17.53 12.88
C TYR A 319 23.79 -18.52 12.87
N VAL A 320 23.83 -19.48 11.97
CA VAL A 320 22.75 -20.47 11.89
C VAL A 320 22.91 -21.48 13.02
N LYS A 321 21.86 -21.65 13.81
CA LYS A 321 21.89 -22.59 14.92
C LYS A 321 21.08 -23.83 14.61
N ASP A 322 21.50 -24.95 15.19
CA ASP A 322 20.85 -26.25 15.02
C ASP A 322 21.01 -26.77 13.60
N LEU A 323 22.02 -26.26 12.91
CA LEU A 323 22.32 -26.71 11.56
C LEU A 323 23.16 -27.96 11.69
N ASN A 324 22.85 -28.98 10.92
CA ASN A 324 23.60 -30.22 10.99
C ASN A 324 24.94 -30.07 10.29
N TRP A 325 26.00 -30.08 11.09
CA TRP A 325 27.35 -29.97 10.57
C TRP A 325 28.07 -31.30 10.73
N ILE A 326 28.65 -31.79 9.65
CA ILE A 326 29.36 -33.04 9.68
C ILE A 326 30.73 -32.89 9.02
N HIS A 327 31.74 -33.55 9.58
CA HIS A 327 33.08 -33.51 9.03
C HIS A 327 33.17 -34.51 7.89
N VAL A 328 33.95 -34.20 6.88
CA VAL A 328 34.08 -35.10 5.73
C VAL A 328 35.51 -35.62 5.58
N ARG A 329 35.64 -36.94 5.73
CA ARG A 329 36.90 -37.62 5.63
C ARG A 329 37.29 -37.90 4.17
N ASP A 330 36.28 -38.12 3.33
CA ASP A 330 36.51 -38.43 1.93
C ASP A 330 35.96 -37.34 1.00
N VAL A 331 36.51 -37.27 -0.21
CA VAL A 331 36.11 -36.28 -1.20
C VAL A 331 34.70 -36.56 -1.74
N GLU A 332 34.45 -37.82 -2.10
CA GLU A 332 33.15 -38.20 -2.63
C GLU A 332 32.09 -38.09 -1.54
N GLU A 333 32.52 -38.39 -0.31
CA GLU A 333 31.64 -38.30 0.85
C GLU A 333 31.03 -36.90 0.96
N ALA A 334 31.84 -35.90 0.72
CA ALA A 334 31.38 -34.51 0.79
C ALA A 334 30.29 -34.25 -0.23
N TRP A 335 30.56 -34.62 -1.49
CA TRP A 335 29.59 -34.44 -2.57
C TRP A 335 28.35 -35.29 -2.33
N LYS A 336 28.56 -36.51 -1.83
CA LYS A 336 27.45 -37.42 -1.55
C LYS A 336 26.56 -36.88 -0.43
N LEU A 337 27.18 -36.34 0.60
CA LEU A 337 26.45 -35.79 1.73
C LEU A 337 25.56 -34.63 1.29
N LEU A 338 26.09 -33.77 0.44
CA LEU A 338 25.32 -32.64 -0.06
C LEU A 338 24.28 -33.12 -1.06
N LYS A 339 24.61 -34.20 -1.77
CA LYS A 339 23.70 -34.78 -2.74
C LYS A 339 22.44 -35.28 -2.06
N VAL A 340 22.58 -35.77 -0.83
CA VAL A 340 21.44 -36.26 -0.06
C VAL A 340 20.41 -35.14 0.07
N GLY A 341 20.88 -33.95 0.41
CA GLY A 341 20.00 -32.81 0.53
C GLY A 341 19.48 -32.37 -0.81
N ARG A 342 20.33 -32.45 -1.82
CA ARG A 342 19.96 -32.08 -3.17
C ARG A 342 18.87 -33.00 -3.70
N LYS A 343 18.90 -34.26 -3.25
CA LYS A 343 17.90 -35.24 -3.65
C LYS A 343 16.53 -34.82 -3.11
N ASN A 344 16.53 -34.41 -1.84
CA ASN A 344 15.31 -33.97 -1.16
C ASN A 344 14.64 -32.81 -1.90
N GLN A 345 15.39 -31.74 -2.08
CA GLN A 345 14.88 -30.55 -2.77
C GLN A 345 14.78 -30.77 -4.28
N SER A 346 15.41 -31.84 -4.75
CA SER A 346 15.41 -32.18 -6.17
C SER A 346 16.05 -31.09 -7.02
N ARG A 358 12.08 -23.44 -6.74
CA ARG A 358 11.05 -22.84 -5.90
C ARG A 358 11.62 -22.07 -4.72
N SER A 359 12.63 -22.64 -4.09
CA SER A 359 13.25 -22.02 -2.92
C SER A 359 14.73 -21.72 -3.15
N HIS A 360 15.41 -21.31 -2.09
CA HIS A 360 16.83 -21.01 -2.18
C HIS A 360 17.64 -22.14 -1.58
N SER A 361 18.67 -22.56 -2.29
CA SER A 361 19.52 -23.63 -1.83
C SER A 361 20.87 -23.05 -1.44
N ILE A 362 21.35 -23.41 -0.27
CA ILE A 362 22.64 -22.90 0.18
C ILE A 362 23.51 -24.00 0.81
N PHE A 363 24.69 -24.17 0.23
CA PHE A 363 25.64 -25.16 0.70
C PHE A 363 26.82 -24.44 1.34
N SER A 364 27.03 -24.67 2.62
CA SER A 364 28.11 -24.01 3.33
C SER A 364 29.12 -25.02 3.87
N ILE A 365 30.39 -24.75 3.64
CA ILE A 365 31.47 -25.61 4.12
C ILE A 365 32.52 -24.76 4.82
N ARG A 366 32.87 -25.16 6.03
CA ARG A 366 33.88 -24.44 6.80
C ARG A 366 35.20 -25.18 6.75
N ILE A 367 36.24 -24.45 6.38
CA ILE A 367 37.57 -25.04 6.27
C ILE A 367 38.46 -24.51 7.38
N LEU A 368 39.01 -25.45 8.14
CA LEU A 368 39.90 -25.13 9.24
C LEU A 368 41.31 -25.46 8.81
N HIS A 369 42.20 -24.50 8.91
CA HIS A 369 43.59 -24.69 8.53
C HIS A 369 44.51 -24.46 9.72
N LEU A 370 45.22 -25.52 10.10
CA LEU A 370 46.15 -25.47 11.22
C LEU A 370 47.53 -25.95 10.78
N PRO A 378 43.60 -20.08 13.85
CA PRO A 378 43.48 -20.99 12.69
C PRO A 378 42.78 -20.32 11.55
N LYS A 379 43.38 -20.41 10.36
CA LYS A 379 42.80 -19.82 9.18
C LYS A 379 41.48 -20.52 8.90
N ILE A 380 40.39 -19.77 8.88
CA ILE A 380 39.08 -20.33 8.63
C ILE A 380 38.41 -19.69 7.41
N SER A 381 37.93 -20.53 6.52
CA SER A 381 37.26 -20.08 5.32
C SER A 381 35.87 -20.70 5.26
N GLU A 382 34.98 -20.10 4.49
CA GLU A 382 33.63 -20.60 4.35
C GLU A 382 33.22 -20.51 2.90
N LEU A 383 32.92 -21.64 2.29
CA LEU A 383 32.51 -21.67 0.90
C LEU A 383 31.03 -21.93 0.85
N SER A 384 30.29 -21.02 0.25
CA SER A 384 28.86 -21.18 0.15
C SER A 384 28.39 -21.18 -1.29
N LEU A 385 27.74 -22.28 -1.66
CA LEU A 385 27.19 -22.45 -3.00
C LEU A 385 25.72 -22.14 -2.89
N CYS A 386 25.28 -21.07 -3.53
CA CYS A 386 23.88 -20.69 -3.43
C CYS A 386 23.14 -20.76 -4.74
N ASP A 387 22.03 -21.45 -4.71
CA ASP A 387 21.15 -21.60 -5.85
C ASP A 387 19.89 -20.82 -5.50
N LEU A 388 19.75 -19.66 -6.19
CA LEU A 388 18.65 -18.74 -6.05
C LEU A 388 17.63 -19.11 -7.06
N ALA A 389 16.45 -18.49 -6.92
CA ALA A 389 15.36 -18.60 -7.85
C ALA A 389 15.37 -17.29 -8.54
N ALA A 406 4.24 -17.05 -0.46
CA ALA A 406 5.34 -16.16 -0.71
C ALA A 406 5.27 -14.90 0.11
N GLY A 407 6.19 -13.98 -0.29
CA GLY A 407 6.56 -12.64 0.11
C GLY A 407 8.04 -12.52 0.39
N ASN A 408 8.65 -13.61 0.82
CA ASN A 408 10.07 -13.62 1.12
C ASN A 408 10.93 -13.54 -0.14
N ILE A 409 10.46 -14.10 -1.24
CA ILE A 409 11.22 -14.08 -2.49
C ILE A 409 11.26 -12.68 -3.11
N ASN A 410 10.09 -12.05 -3.23
CA ASN A 410 10.02 -10.71 -3.81
C ASN A 410 10.73 -9.70 -2.92
N THR A 411 10.65 -9.91 -1.61
CA THR A 411 11.30 -9.03 -0.67
C THR A 411 12.83 -9.19 -0.74
N SER A 412 13.29 -10.43 -0.61
CA SER A 412 14.72 -10.72 -0.66
C SER A 412 15.36 -10.17 -1.94
N LEU A 413 14.69 -10.35 -3.07
CA LEU A 413 15.20 -9.86 -4.34
C LEU A 413 15.37 -8.35 -4.32
N HIS A 414 14.35 -7.66 -3.80
CA HIS A 414 14.39 -6.21 -3.72
C HIS A 414 15.41 -5.73 -2.71
N THR A 415 15.45 -6.36 -1.55
CA THR A 415 16.40 -5.99 -0.51
C THR A 415 17.83 -6.16 -1.02
N LEU A 416 18.05 -7.21 -1.82
CA LEU A 416 19.35 -7.46 -2.41
C LEU A 416 19.71 -6.31 -3.34
N GLY A 417 18.73 -5.90 -4.16
CA GLY A 417 18.95 -4.80 -5.07
C GLY A 417 19.19 -3.51 -4.34
N ARG A 418 18.52 -3.35 -3.21
CA ARG A 418 18.67 -2.15 -2.38
C ARG A 418 20.05 -2.14 -1.73
N CYS A 419 20.50 -3.29 -1.26
CA CYS A 419 21.80 -3.40 -0.61
C CYS A 419 22.94 -3.18 -1.59
N ILE A 420 22.84 -3.74 -2.79
CA ILE A 420 23.89 -3.58 -3.79
C ILE A 420 23.98 -2.14 -4.26
N ALA A 421 22.83 -1.46 -4.28
CA ALA A 421 22.77 -0.07 -4.68
C ALA A 421 23.42 0.79 -3.60
N ALA A 422 22.98 0.59 -2.37
CA ALA A 422 23.51 1.33 -1.23
C ALA A 422 25.00 1.07 -1.07
N LEU A 423 25.39 -0.18 -1.25
CA LEU A 423 26.78 -0.58 -1.14
C LEU A 423 27.62 0.06 -2.23
N ARG A 424 27.16 -0.03 -3.48
CA ARG A 424 27.89 0.55 -4.60
C ARG A 424 28.07 2.05 -4.40
N GLN A 425 27.06 2.70 -3.84
CA GLN A 425 27.12 4.13 -3.58
C GLN A 425 28.22 4.45 -2.59
N ASN A 426 28.22 3.74 -1.46
CA ASN A 426 29.20 3.93 -0.42
C ASN A 426 30.61 3.64 -0.93
N GLN A 427 30.74 2.63 -1.77
CA GLN A 427 32.03 2.26 -2.33
C GLN A 427 32.53 3.26 -3.38
N GLN A 428 31.63 3.74 -4.24
CA GLN A 428 32.01 4.70 -5.27
C GLN A 428 32.19 6.11 -4.74
N ASN A 429 31.31 6.58 -3.81
CA ASN A 429 31.34 8.00 -3.50
C ASN A 429 31.08 8.24 -2.05
N ARG A 430 31.13 9.53 -1.64
CA ARG A 430 30.76 9.82 -0.29
C ARG A 430 29.52 10.66 -0.33
N LEU A 435 22.71 3.97 4.18
CA LEU A 435 22.18 3.02 5.13
C LEU A 435 22.20 1.69 4.44
N ILE A 436 22.54 0.60 5.16
CA ILE A 436 22.54 -0.71 4.54
C ILE A 436 21.30 -1.51 4.95
N PRO A 437 20.54 -1.99 3.97
CA PRO A 437 19.27 -2.73 4.12
C PRO A 437 19.37 -4.13 4.63
N PHE A 438 20.55 -4.54 5.13
CA PHE A 438 20.75 -5.89 5.59
C PHE A 438 19.77 -6.26 6.68
N ARG A 439 19.49 -5.35 7.63
CA ARG A 439 18.64 -5.70 8.73
C ARG A 439 17.26 -6.04 8.26
N ASP A 440 16.78 -5.40 7.17
CA ASP A 440 15.44 -5.54 6.72
C ASP A 440 15.16 -7.00 6.43
N SER A 441 16.11 -7.76 5.90
CA SER A 441 15.98 -9.14 5.43
C SER A 441 16.93 -10.08 6.17
N LYS A 442 16.39 -11.19 6.65
CA LYS A 442 17.18 -12.16 7.40
C LYS A 442 18.17 -12.89 6.50
N LEU A 443 17.78 -13.11 5.26
CA LEU A 443 18.61 -13.81 4.28
C LEU A 443 19.96 -13.12 4.12
N THR A 444 19.94 -11.81 3.89
CA THR A 444 21.17 -11.07 3.73
C THR A 444 21.87 -10.86 5.06
N ARG A 445 21.08 -10.71 6.13
CA ARG A 445 21.63 -10.50 7.46
C ARG A 445 22.53 -11.64 7.92
N VAL A 446 22.13 -12.88 7.66
CA VAL A 446 22.94 -14.02 8.06
C VAL A 446 24.24 -14.09 7.26
N PHE A 447 24.19 -13.63 6.03
CA PHE A 447 25.35 -13.60 5.15
C PHE A 447 26.18 -12.31 5.34
N GLN A 448 25.70 -11.43 6.22
CA GLN A 448 26.33 -10.14 6.49
C GLN A 448 27.85 -10.22 6.69
N GLY A 449 28.32 -11.19 7.47
CA GLY A 449 29.74 -11.34 7.72
C GLY A 449 30.54 -11.42 6.43
N PHE A 450 30.02 -12.17 5.48
CA PHE A 450 30.67 -12.34 4.18
C PHE A 450 30.60 -11.07 3.33
N PHE A 451 29.41 -10.48 3.25
CA PHE A 451 29.18 -9.28 2.44
C PHE A 451 29.87 -8.04 3.00
N THR A 452 29.49 -7.64 4.20
CA THR A 452 30.06 -6.46 4.84
C THR A 452 31.54 -6.65 5.18
N GLY A 453 31.93 -7.90 5.40
CA GLY A 453 33.31 -8.21 5.70
C GLY A 453 34.14 -8.28 4.43
N ARG A 454 35.42 -8.52 4.55
CA ARG A 454 36.25 -8.61 3.37
C ARG A 454 36.09 -10.01 2.82
N GLY A 455 35.58 -10.11 1.61
CA GLY A 455 35.36 -11.40 1.02
C GLY A 455 34.98 -11.28 -0.43
N ARG A 456 35.35 -12.30 -1.20
CA ARG A 456 35.06 -12.30 -2.62
C ARG A 456 33.66 -12.83 -2.90
N SER A 457 32.89 -12.06 -3.63
CA SER A 457 31.52 -12.44 -3.95
C SER A 457 31.37 -12.71 -5.44
N CYS A 458 31.26 -13.98 -5.81
CA CYS A 458 31.07 -14.34 -7.20
C CYS A 458 29.60 -14.59 -7.52
N MET A 459 29.11 -14.01 -8.60
CA MET A 459 27.71 -14.20 -9.00
C MET A 459 27.61 -14.60 -10.46
N ILE A 460 27.00 -15.75 -10.71
CA ILE A 460 26.82 -16.23 -12.06
C ILE A 460 25.36 -16.10 -12.48
N VAL A 461 25.14 -15.49 -13.63
CA VAL A 461 23.81 -15.29 -14.14
C VAL A 461 23.58 -16.16 -15.37
N ASN A 462 22.79 -17.19 -15.23
CA ASN A 462 22.50 -18.07 -16.35
C ASN A 462 21.14 -17.72 -16.92
N VAL A 463 21.04 -17.65 -18.23
CA VAL A 463 19.79 -17.29 -18.86
C VAL A 463 19.66 -17.90 -20.26
N ASN A 464 18.45 -17.86 -20.78
CA ASN A 464 18.16 -18.39 -22.11
C ASN A 464 18.37 -17.33 -23.17
N PRO A 465 19.05 -17.67 -24.28
CA PRO A 465 19.29 -16.76 -25.40
C PRO A 465 18.03 -16.55 -26.22
N CYS A 466 16.96 -17.22 -25.79
CA CYS A 466 15.65 -17.15 -26.44
C CYS A 466 15.09 -15.73 -26.43
N ALA A 467 14.43 -15.36 -27.53
CA ALA A 467 13.83 -14.03 -27.66
C ALA A 467 12.59 -13.89 -26.80
N SER A 468 11.87 -14.99 -26.64
CA SER A 468 10.65 -14.98 -25.82
C SER A 468 11.03 -14.82 -24.35
N THR A 469 12.23 -15.25 -24.01
CA THR A 469 12.74 -15.16 -22.65
C THR A 469 13.40 -13.79 -22.38
N TYR A 470 13.51 -12.95 -23.42
CA TYR A 470 14.14 -11.64 -23.30
C TYR A 470 13.62 -10.83 -22.11
N ASP A 471 12.30 -10.83 -21.94
CA ASP A 471 11.67 -10.10 -20.84
C ASP A 471 12.18 -10.61 -19.50
N GLU A 472 12.38 -11.91 -19.40
CA GLU A 472 12.85 -12.59 -18.21
C GLU A 472 14.38 -12.27 -18.04
N THR A 473 15.08 -12.36 -19.17
CA THR A 473 16.52 -12.17 -19.24
C THR A 473 16.93 -10.80 -18.68
N LEU A 474 16.24 -9.76 -19.12
CA LEU A 474 16.52 -8.40 -18.68
C LEU A 474 16.42 -8.30 -17.15
N HIS A 475 15.42 -8.96 -16.59
CA HIS A 475 15.21 -8.94 -15.15
C HIS A 475 16.34 -9.64 -14.41
N ALA A 476 16.77 -10.77 -14.93
CA ALA A 476 17.86 -11.54 -14.31
C ALA A 476 19.16 -10.75 -14.32
N ALA A 477 19.49 -10.18 -15.48
CA ALA A 477 20.71 -9.41 -15.65
C ALA A 477 20.67 -8.11 -14.84
N LYS A 478 19.46 -7.59 -14.63
CA LYS A 478 19.26 -6.36 -13.88
C LYS A 478 19.58 -6.55 -12.40
N PHE A 479 19.31 -7.75 -11.90
CA PHE A 479 19.56 -8.07 -10.50
C PHE A 479 21.05 -8.14 -10.19
N SER A 480 21.86 -8.58 -11.17
CA SER A 480 23.28 -8.57 -11.02
C SER A 480 23.83 -7.18 -11.29
N ALA A 481 25.11 -6.94 -10.90
CA ALA A 481 25.77 -5.66 -11.04
C ALA A 481 25.71 -5.25 -12.48
N LEU A 482 25.15 -4.05 -12.72
CA LEU A 482 24.95 -3.67 -14.08
C LEU A 482 25.19 -2.18 -14.11
N ALA A 483 26.28 -1.72 -14.77
CA ALA A 483 26.54 -0.31 -14.86
C ALA A 483 26.72 0.04 -16.34
N ARG B 2 -25.15 0.76 -30.52
CA ARG B 2 -26.05 1.85 -30.17
C ARG B 2 -26.11 2.04 -28.66
N GLU B 3 -26.24 0.94 -27.94
CA GLU B 3 -26.31 0.99 -26.48
C GLU B 3 -24.90 1.11 -25.89
N CYS B 4 -24.82 1.34 -24.59
CA CYS B 4 -23.54 1.47 -23.93
C CYS B 4 -23.65 1.16 -22.44
N ILE B 5 -23.13 0.01 -22.05
CA ILE B 5 -23.14 -0.39 -20.65
C ILE B 5 -22.09 0.45 -19.91
N SER B 6 -22.17 0.50 -18.60
CA SER B 6 -21.21 1.28 -17.82
C SER B 6 -20.65 0.47 -16.66
N ILE B 7 -19.36 0.55 -16.48
CA ILE B 7 -18.67 -0.17 -15.42
C ILE B 7 -18.10 0.78 -14.38
N HIS B 8 -18.83 0.97 -13.30
CA HIS B 8 -18.40 1.85 -12.23
C HIS B 8 -17.61 1.05 -11.20
N VAL B 9 -16.32 1.29 -11.14
CA VAL B 9 -15.46 0.56 -10.22
C VAL B 9 -14.74 1.49 -9.24
N GLY B 10 -14.57 1.04 -8.01
CA GLY B 10 -13.88 1.83 -7.02
C GLY B 10 -14.84 2.64 -6.16
N GLN B 11 -14.39 2.96 -4.95
CA GLN B 11 -15.20 3.73 -4.00
C GLN B 11 -15.77 4.99 -4.64
N ALA B 12 -14.88 5.80 -5.19
CA ALA B 12 -15.27 7.04 -5.85
C ALA B 12 -16.19 6.75 -7.05
N GLY B 13 -15.78 5.76 -7.85
CA GLY B 13 -16.53 5.38 -9.03
C GLY B 13 -17.97 5.00 -8.74
N VAL B 14 -18.22 4.50 -7.53
CA VAL B 14 -19.57 4.11 -7.14
C VAL B 14 -20.37 5.34 -6.74
N GLN B 15 -19.71 6.26 -6.04
CA GLN B 15 -20.36 7.49 -5.61
C GLN B 15 -20.71 8.38 -6.81
N ILE B 16 -19.78 8.48 -7.75
CA ILE B 16 -20.01 9.29 -8.94
C ILE B 16 -21.08 8.64 -9.82
N GLY B 17 -21.16 7.31 -9.76
CA GLY B 17 -22.14 6.60 -10.54
C GLY B 17 -23.53 6.82 -10.00
N ASN B 18 -23.65 6.79 -8.67
CA ASN B 18 -24.94 7.00 -8.00
C ASN B 18 -25.53 8.37 -8.37
N ALA B 19 -24.69 9.39 -8.33
CA ALA B 19 -25.12 10.75 -8.66
C ALA B 19 -25.54 10.86 -10.13
N CYS B 20 -24.70 10.33 -11.01
CA CYS B 20 -24.98 10.36 -12.44
C CYS B 20 -26.26 9.59 -12.77
N TRP B 21 -26.39 8.40 -12.21
CA TRP B 21 -27.56 7.57 -12.44
C TRP B 21 -28.84 8.20 -11.92
N GLU B 22 -28.72 8.95 -10.83
CA GLU B 22 -29.87 9.63 -10.25
C GLU B 22 -30.41 10.64 -11.25
N LEU B 23 -29.51 11.54 -11.67
CA LEU B 23 -29.84 12.56 -12.67
C LEU B 23 -30.44 11.94 -13.92
N TYR B 24 -29.81 10.84 -14.37
CA TYR B 24 -30.24 10.11 -15.55
C TYR B 24 -31.73 9.82 -15.54
N CYS B 25 -32.15 8.96 -14.61
CA CYS B 25 -33.55 8.60 -14.48
C CYS B 25 -34.45 9.82 -14.25
N LEU B 26 -33.91 10.83 -13.57
CA LEU B 26 -34.65 12.07 -13.28
C LEU B 26 -35.06 12.81 -14.54
N GLU B 27 -34.23 12.75 -15.58
CA GLU B 27 -34.55 13.43 -16.84
C GLU B 27 -35.12 12.46 -17.85
N HIS B 28 -35.50 11.28 -17.38
CA HIS B 28 -36.09 10.26 -18.23
C HIS B 28 -37.44 9.82 -17.67
N GLY B 29 -37.84 10.46 -16.58
CA GLY B 29 -39.11 10.15 -15.94
C GLY B 29 -39.13 8.75 -15.34
N ILE B 30 -38.00 8.30 -14.82
CA ILE B 30 -37.90 6.98 -14.23
C ILE B 30 -37.63 7.05 -12.73
N GLN B 31 -38.69 6.92 -11.95
CA GLN B 31 -38.59 6.92 -10.49
C GLN B 31 -37.85 5.67 -10.00
N PRO B 32 -37.56 5.58 -8.68
CA PRO B 32 -36.89 4.42 -8.07
C PRO B 32 -37.35 3.08 -8.65
N ASP B 33 -38.66 2.93 -8.80
CA ASP B 33 -39.21 1.70 -9.36
C ASP B 33 -39.60 1.94 -10.81
N GLY B 34 -38.78 1.42 -11.73
CA GLY B 34 -39.08 1.53 -13.12
C GLY B 34 -39.55 0.13 -13.51
N HIS B 61 -37.13 1.28 -15.30
CA HIS B 61 -37.10 -0.16 -15.62
C HIS B 61 -35.76 -0.68 -15.18
N VAL B 62 -35.09 -1.49 -16.02
CA VAL B 62 -33.79 -1.99 -15.63
C VAL B 62 -32.69 -1.17 -16.31
N PRO B 63 -31.69 -0.72 -15.53
CA PRO B 63 -30.56 0.07 -16.07
C PRO B 63 -29.64 -0.75 -16.97
N ARG B 64 -28.42 -0.25 -17.19
CA ARG B 64 -27.44 -0.93 -18.06
C ARG B 64 -26.02 -0.62 -17.60
N ALA B 65 -25.72 -0.90 -16.34
CA ALA B 65 -24.39 -0.67 -15.81
C ALA B 65 -24.13 -1.61 -14.64
N VAL B 66 -22.91 -1.59 -14.12
CA VAL B 66 -22.56 -2.44 -13.00
C VAL B 66 -21.65 -1.69 -12.04
N PHE B 67 -21.65 -2.12 -10.79
CA PHE B 67 -20.82 -1.51 -9.76
C PHE B 67 -19.91 -2.56 -9.14
N VAL B 68 -18.60 -2.28 -9.12
CA VAL B 68 -17.62 -3.22 -8.56
C VAL B 68 -16.70 -2.55 -7.56
N ASP B 69 -16.54 -3.15 -6.38
CA ASP B 69 -15.64 -2.63 -5.35
C ASP B 69 -15.23 -3.72 -4.37
N LEU B 70 -14.11 -3.52 -3.70
CA LEU B 70 -13.59 -4.50 -2.75
C LEU B 70 -14.05 -4.23 -1.32
N GLU B 71 -14.93 -3.25 -1.14
CA GLU B 71 -15.46 -2.94 0.18
C GLU B 71 -16.98 -2.98 0.14
N PRO B 72 -17.59 -3.95 0.85
CA PRO B 72 -19.04 -4.14 0.89
C PRO B 72 -19.79 -2.85 1.21
N THR B 73 -19.37 -2.16 2.27
CA THR B 73 -19.99 -0.91 2.71
C THR B 73 -20.15 0.13 1.59
N VAL B 74 -19.23 0.15 0.62
CA VAL B 74 -19.30 1.12 -0.45
C VAL B 74 -20.47 0.84 -1.39
N ILE B 75 -20.60 -0.41 -1.79
CA ILE B 75 -21.69 -0.83 -2.66
C ILE B 75 -22.99 -0.90 -1.86
N ASP B 76 -22.87 -1.30 -0.60
CA ASP B 76 -24.00 -1.45 0.31
C ASP B 76 -24.73 -0.14 0.54
N GLU B 77 -24.02 0.98 0.39
CA GLU B 77 -24.63 2.29 0.58
C GLU B 77 -25.72 2.52 -0.46
N VAL B 78 -25.53 1.98 -1.65
CA VAL B 78 -26.49 2.11 -2.73
C VAL B 78 -27.56 1.02 -2.62
N ARG B 79 -27.19 -0.05 -1.92
CA ARG B 79 -28.11 -1.18 -1.72
C ARG B 79 -29.02 -0.90 -0.52
N THR B 80 -28.75 0.20 0.17
CA THR B 80 -29.53 0.60 1.31
C THR B 80 -30.14 2.00 1.14
N GLY B 81 -29.39 2.88 0.48
CA GLY B 81 -29.85 4.25 0.24
C GLY B 81 -30.92 4.36 -0.84
N THR B 82 -31.00 5.54 -1.45
CA THR B 82 -31.98 5.80 -2.50
C THR B 82 -31.73 4.93 -3.75
N TYR B 83 -32.80 4.68 -4.50
CA TYR B 83 -32.73 3.88 -5.71
C TYR B 83 -32.17 2.48 -5.45
N ARG B 84 -32.46 1.98 -4.25
CA ARG B 84 -31.98 0.67 -3.83
C ARG B 84 -32.53 -0.45 -4.73
N GLN B 85 -33.83 -0.43 -4.97
CA GLN B 85 -34.45 -1.45 -5.80
C GLN B 85 -34.47 -1.10 -7.28
N LEU B 86 -33.65 -0.14 -7.68
CA LEU B 86 -33.57 0.25 -9.09
C LEU B 86 -32.51 -0.59 -9.79
N PHE B 87 -31.75 -1.33 -9.00
CA PHE B 87 -30.69 -2.17 -9.52
C PHE B 87 -30.94 -3.64 -9.19
N HIS B 88 -30.18 -4.50 -9.83
CA HIS B 88 -30.28 -5.94 -9.63
C HIS B 88 -29.01 -6.45 -8.94
N PRO B 89 -29.15 -7.38 -7.98
CA PRO B 89 -28.00 -7.93 -7.24
C PRO B 89 -26.94 -8.57 -8.15
N GLU B 90 -27.26 -8.72 -9.43
CA GLU B 90 -26.34 -9.31 -10.39
C GLU B 90 -25.38 -8.25 -10.92
N GLN B 91 -25.81 -7.00 -10.91
CA GLN B 91 -24.98 -5.91 -11.40
C GLN B 91 -24.26 -5.22 -10.26
N LEU B 92 -24.33 -5.83 -9.08
CA LEU B 92 -23.68 -5.30 -7.89
C LEU B 92 -22.71 -6.33 -7.35
N ILE B 93 -21.46 -6.23 -7.78
CA ILE B 93 -20.42 -7.15 -7.36
C ILE B 93 -19.54 -6.52 -6.28
N THR B 94 -19.24 -7.29 -5.26
CA THR B 94 -18.41 -6.81 -4.17
C THR B 94 -17.46 -7.93 -3.71
N GLY B 95 -16.33 -7.52 -3.15
CA GLY B 95 -15.35 -8.47 -2.69
C GLY B 95 -15.20 -8.43 -1.19
N LYS B 96 -15.89 -9.34 -0.51
CA LYS B 96 -15.90 -9.47 0.96
C LYS B 96 -14.55 -9.22 1.65
N GLU B 97 -13.44 -9.46 0.94
CA GLU B 97 -12.10 -9.25 1.51
C GLU B 97 -11.81 -7.78 1.84
N ASP B 98 -10.60 -7.35 1.55
CA ASP B 98 -10.19 -5.98 1.83
C ASP B 98 -9.95 -5.19 0.55
N ALA B 99 -10.22 -3.89 0.63
CA ALA B 99 -10.06 -2.99 -0.51
C ALA B 99 -8.60 -2.70 -0.80
N ALA B 100 -7.88 -2.18 0.21
CA ALA B 100 -6.46 -1.83 0.06
C ALA B 100 -6.26 -0.62 -0.85
N ASN B 101 -5.57 0.39 -0.36
CA ASN B 101 -5.34 1.60 -1.14
C ASN B 101 -4.11 1.49 -2.04
N ASN B 102 -3.85 0.31 -2.54
CA ASN B 102 -2.69 0.10 -3.40
C ASN B 102 -3.06 -0.66 -4.68
N TYR B 103 -2.59 -0.13 -5.79
CA TYR B 103 -2.81 -0.70 -7.11
C TYR B 103 -2.54 -2.20 -7.13
N ALA B 104 -1.28 -2.56 -6.94
CA ALA B 104 -0.81 -3.96 -6.93
C ALA B 104 -1.83 -4.97 -6.39
N ARG B 105 -2.25 -4.78 -5.15
CA ARG B 105 -3.20 -5.69 -4.52
C ARG B 105 -4.53 -5.76 -5.26
N GLY B 106 -5.06 -4.60 -5.64
CA GLY B 106 -6.32 -4.52 -6.35
C GLY B 106 -6.23 -5.07 -7.75
N HIS B 107 -5.03 -5.07 -8.31
CA HIS B 107 -4.79 -5.57 -9.66
C HIS B 107 -4.49 -7.07 -9.63
N TYR B 108 -3.44 -7.43 -8.93
CA TYR B 108 -3.03 -8.83 -8.82
C TYR B 108 -3.85 -9.58 -7.76
N THR B 109 -3.23 -9.78 -6.59
CA THR B 109 -3.81 -10.49 -5.45
C THR B 109 -5.34 -10.70 -5.48
N ILE B 110 -6.06 -9.69 -5.03
CA ILE B 110 -7.52 -9.77 -4.96
C ILE B 110 -8.23 -9.59 -6.31
N GLY B 111 -7.94 -8.47 -6.97
CA GLY B 111 -8.55 -8.15 -8.27
C GLY B 111 -8.70 -9.30 -9.25
N LYS B 112 -7.67 -10.12 -9.37
CA LYS B 112 -7.71 -11.27 -10.28
C LYS B 112 -8.84 -12.22 -9.94
N GLU B 113 -8.99 -12.52 -8.65
CA GLU B 113 -10.05 -13.41 -8.17
C GLU B 113 -11.44 -12.99 -8.63
N ILE B 114 -11.73 -11.70 -8.51
CA ILE B 114 -13.04 -11.15 -8.83
C ILE B 114 -13.30 -10.93 -10.33
N ILE B 115 -12.26 -10.67 -11.12
CA ILE B 115 -12.40 -10.42 -12.56
C ILE B 115 -13.40 -11.35 -13.27
N ASP B 116 -13.31 -12.65 -12.99
CA ASP B 116 -14.17 -13.65 -13.61
C ASP B 116 -15.65 -13.26 -13.51
N LEU B 117 -16.15 -13.18 -12.27
CA LEU B 117 -17.53 -12.81 -12.01
C LEU B 117 -17.92 -11.49 -12.66
N VAL B 118 -17.03 -10.51 -12.57
CA VAL B 118 -17.27 -9.19 -13.15
C VAL B 118 -17.41 -9.27 -14.65
N LEU B 119 -16.41 -9.85 -15.31
CA LEU B 119 -16.42 -10.01 -16.76
C LEU B 119 -17.71 -10.69 -17.20
N ASP B 120 -18.06 -11.75 -16.48
CA ASP B 120 -19.27 -12.53 -16.75
C ASP B 120 -20.48 -11.61 -16.92
N ARG B 121 -20.63 -10.65 -16.02
CA ARG B 121 -21.74 -9.70 -16.07
C ARG B 121 -21.64 -8.80 -17.30
N ILE B 122 -20.44 -8.28 -17.57
CA ILE B 122 -20.23 -7.39 -18.71
C ILE B 122 -20.35 -8.14 -20.05
N ARG B 123 -20.56 -9.45 -19.98
CA ARG B 123 -20.69 -10.25 -21.18
C ARG B 123 -22.13 -10.69 -21.32
N LYS B 124 -22.82 -10.79 -20.18
CA LYS B 124 -24.22 -11.18 -20.15
C LYS B 124 -25.10 -9.99 -20.53
N LEU B 125 -24.72 -8.80 -20.05
CA LEU B 125 -25.46 -7.59 -20.34
C LEU B 125 -25.22 -7.15 -21.76
N ALA B 126 -24.03 -7.45 -22.28
CA ALA B 126 -23.66 -7.08 -23.65
C ALA B 126 -24.44 -7.92 -24.66
N ASP B 127 -24.77 -9.14 -24.28
CA ASP B 127 -25.51 -10.03 -25.15
C ASP B 127 -27.00 -9.72 -25.07
N GLN B 128 -27.48 -9.51 -23.83
CA GLN B 128 -28.88 -9.18 -23.58
C GLN B 128 -29.36 -7.98 -24.40
N CYS B 129 -28.53 -6.94 -24.48
CA CYS B 129 -28.90 -5.74 -25.22
C CYS B 129 -28.95 -6.00 -26.72
N THR B 130 -29.21 -4.95 -27.49
CA THR B 130 -29.30 -5.08 -28.93
C THR B 130 -28.30 -4.15 -29.61
N GLY B 131 -27.23 -4.74 -30.14
CA GLY B 131 -26.18 -3.97 -30.80
C GLY B 131 -25.64 -2.83 -29.94
N LEU B 132 -24.59 -3.13 -29.17
CA LEU B 132 -23.99 -2.13 -28.30
C LEU B 132 -22.92 -1.37 -29.05
N GLN B 133 -22.45 -0.27 -28.46
CA GLN B 133 -21.43 0.55 -29.07
C GLN B 133 -20.13 0.49 -28.28
N GLY B 134 -20.24 0.29 -26.97
CA GLY B 134 -19.07 0.21 -26.15
C GLY B 134 -19.39 0.13 -24.68
N PHE B 135 -18.39 0.40 -23.85
CA PHE B 135 -18.55 0.35 -22.40
C PHE B 135 -18.04 1.61 -21.73
N SER B 136 -18.90 2.26 -20.96
CA SER B 136 -18.55 3.46 -20.24
C SER B 136 -17.86 3.11 -18.93
N VAL B 137 -16.57 3.37 -18.85
CA VAL B 137 -15.81 3.04 -17.65
C VAL B 137 -15.80 4.23 -16.69
N PHE B 138 -15.98 3.94 -15.40
CA PHE B 138 -15.97 4.96 -14.37
C PHE B 138 -15.08 4.53 -13.22
N HIS B 139 -13.94 5.21 -13.03
CA HIS B 139 -13.00 4.87 -11.98
C HIS B 139 -12.28 6.11 -11.41
N SER B 140 -11.48 5.88 -10.36
CA SER B 140 -10.76 6.93 -9.65
C SER B 140 -9.23 6.71 -9.62
N PHE B 141 -8.58 7.01 -10.74
CA PHE B 141 -7.10 6.93 -10.91
C PHE B 141 -6.25 6.56 -9.67
N GLY B 142 -6.36 7.36 -8.60
CA GLY B 142 -5.59 7.10 -7.39
C GLY B 142 -6.35 6.37 -6.31
N GLY B 143 -6.64 5.10 -6.54
CA GLY B 143 -7.36 4.31 -5.57
C GLY B 143 -6.87 2.87 -5.55
N GLY B 144 -7.72 1.96 -5.09
CA GLY B 144 -7.36 0.57 -5.07
C GLY B 144 -8.05 -0.17 -6.18
N THR B 145 -9.37 -0.31 -6.04
CA THR B 145 -10.18 -0.98 -7.02
C THR B 145 -10.33 -0.12 -8.27
N GLY B 146 -10.24 1.19 -8.06
CA GLY B 146 -10.37 2.12 -9.16
C GLY B 146 -9.15 2.09 -10.06
N SER B 147 -8.01 1.73 -9.50
CA SER B 147 -6.79 1.64 -10.27
C SER B 147 -6.55 0.22 -10.77
N GLY B 148 -6.29 -0.67 -9.82
CA GLY B 148 -6.00 -2.08 -10.12
C GLY B 148 -7.07 -2.76 -10.95
N PHE B 149 -8.21 -3.03 -10.32
CA PHE B 149 -9.33 -3.69 -10.97
C PHE B 149 -9.57 -3.24 -12.41
N THR B 150 -9.84 -1.95 -12.60
CA THR B 150 -10.08 -1.39 -13.92
C THR B 150 -9.01 -1.80 -14.91
N SER B 151 -7.75 -1.64 -14.51
CA SER B 151 -6.60 -2.00 -15.34
C SER B 151 -6.75 -3.39 -15.96
N LEU B 152 -7.04 -4.38 -15.12
CA LEU B 152 -7.17 -5.76 -15.58
C LEU B 152 -8.51 -5.98 -16.29
N LEU B 153 -9.51 -5.23 -15.88
CA LEU B 153 -10.84 -5.34 -16.46
C LEU B 153 -10.83 -4.87 -17.91
N MET B 154 -10.32 -3.67 -18.12
CA MET B 154 -10.25 -3.10 -19.46
C MET B 154 -9.30 -3.89 -20.35
N GLU B 155 -8.27 -4.47 -19.73
CA GLU B 155 -7.30 -5.27 -20.44
C GLU B 155 -8.01 -6.43 -21.15
N ARG B 156 -8.88 -7.11 -20.41
CA ARG B 156 -9.64 -8.23 -20.94
C ARG B 156 -10.76 -7.76 -21.86
N LEU B 157 -11.25 -6.55 -21.62
CA LEU B 157 -12.34 -5.99 -22.42
C LEU B 157 -11.87 -5.61 -23.81
N SER B 158 -10.73 -4.93 -23.89
CA SER B 158 -10.17 -4.51 -25.18
C SER B 158 -9.86 -5.70 -26.09
N VAL B 159 -9.83 -6.90 -25.52
CA VAL B 159 -9.54 -8.10 -26.29
C VAL B 159 -10.82 -8.83 -26.68
N ASP B 160 -11.75 -8.94 -25.73
CA ASP B 160 -13.01 -9.64 -25.97
C ASP B 160 -13.98 -8.76 -26.76
N TYR B 161 -13.85 -7.45 -26.61
CA TYR B 161 -14.72 -6.51 -27.28
C TYR B 161 -13.92 -5.40 -27.94
N GLY B 162 -12.79 -5.80 -28.54
CA GLY B 162 -11.93 -4.85 -29.24
C GLY B 162 -12.65 -4.14 -30.37
N LYS B 163 -13.69 -4.78 -30.89
CA LYS B 163 -14.47 -4.24 -32.00
C LYS B 163 -15.58 -3.32 -31.50
N LYS B 164 -15.30 -2.59 -30.42
CA LYS B 164 -16.27 -1.67 -29.84
C LYS B 164 -15.55 -0.42 -29.33
N SER B 165 -16.31 0.51 -28.79
CA SER B 165 -15.74 1.76 -28.28
C SER B 165 -15.36 1.61 -26.81
N LYS B 166 -14.16 2.06 -26.48
CA LYS B 166 -13.68 1.98 -25.12
C LYS B 166 -13.47 3.39 -24.54
N LEU B 167 -14.53 3.92 -23.95
CA LEU B 167 -14.47 5.25 -23.36
C LEU B 167 -14.49 5.17 -21.84
N GLU B 168 -13.43 5.68 -21.22
CA GLU B 168 -13.31 5.67 -19.77
C GLU B 168 -13.37 7.07 -19.19
N PHE B 169 -14.13 7.23 -18.13
CA PHE B 169 -14.23 8.51 -17.45
C PHE B 169 -13.44 8.42 -16.15
N SER B 170 -12.24 8.97 -16.16
CA SER B 170 -11.38 8.91 -15.00
C SER B 170 -11.40 10.20 -14.20
N ILE B 171 -11.13 10.06 -12.91
CA ILE B 171 -11.08 11.20 -12.00
C ILE B 171 -9.63 11.41 -11.59
N TYR B 172 -8.93 12.23 -12.37
CA TYR B 172 -7.52 12.48 -12.15
C TYR B 172 -7.24 13.14 -10.80
N PRO B 173 -6.32 12.53 -10.03
CA PRO B 173 -5.86 13.03 -8.73
C PRO B 173 -5.63 14.53 -8.73
N ALA B 174 -6.21 15.24 -7.78
CA ALA B 174 -6.03 16.69 -7.70
C ALA B 174 -4.55 17.04 -7.55
N PRO B 175 -4.05 17.95 -8.40
CA PRO B 175 -2.64 18.39 -8.44
C PRO B 175 -1.97 18.63 -7.09
N GLN B 176 -2.69 19.19 -6.14
CA GLN B 176 -2.13 19.47 -4.82
C GLN B 176 -3.03 18.92 -3.74
N VAL B 177 -4.31 18.80 -4.06
CA VAL B 177 -5.29 18.29 -3.13
C VAL B 177 -5.43 16.76 -3.30
N SER B 178 -4.38 16.05 -2.92
CA SER B 178 -4.37 14.61 -3.02
C SER B 178 -5.14 13.98 -1.86
N THR B 179 -5.48 12.71 -2.02
CA THR B 179 -6.19 11.99 -0.97
C THR B 179 -5.26 10.90 -0.46
N ALA B 180 -5.04 9.89 -1.29
CA ALA B 180 -4.11 8.82 -0.96
C ALA B 180 -2.67 9.36 -0.93
N VAL B 181 -1.83 8.80 -0.08
CA VAL B 181 -0.43 9.23 -0.02
C VAL B 181 0.32 8.64 -1.22
N VAL B 182 -0.05 7.41 -1.57
CA VAL B 182 0.57 6.72 -2.70
C VAL B 182 -0.03 7.17 -4.03
N GLU B 183 -1.18 7.87 -3.95
CA GLU B 183 -1.93 8.40 -5.10
C GLU B 183 -1.25 8.31 -6.49
N PRO B 184 -0.13 9.04 -6.72
CA PRO B 184 0.59 9.03 -8.00
C PRO B 184 0.92 7.62 -8.49
N TYR B 185 1.40 6.77 -7.58
CA TYR B 185 1.77 5.39 -7.92
C TYR B 185 0.60 4.66 -8.58
N ASN B 186 -0.59 4.86 -8.02
CA ASN B 186 -1.79 4.21 -8.52
C ASN B 186 -2.25 4.76 -9.86
N SER B 187 -1.86 5.98 -10.19
CA SER B 187 -2.30 6.57 -11.45
C SER B 187 -1.31 6.29 -12.58
N ILE B 188 -0.03 6.15 -12.25
CA ILE B 188 0.97 5.89 -13.27
C ILE B 188 0.88 4.46 -13.76
N LEU B 189 0.47 3.56 -12.87
CA LEU B 189 0.35 2.16 -13.22
C LEU B 189 -0.95 1.88 -13.99
N THR B 190 -1.98 2.66 -13.71
CA THR B 190 -3.27 2.48 -14.38
C THR B 190 -3.23 3.04 -15.80
N THR B 191 -2.51 4.14 -16.00
CA THR B 191 -2.42 4.75 -17.31
C THR B 191 -1.52 3.95 -18.24
N HIS B 192 -0.47 3.37 -17.68
CA HIS B 192 0.50 2.57 -18.43
C HIS B 192 -0.18 1.37 -19.09
N THR B 193 -1.16 0.78 -18.41
CA THR B 193 -1.85 -0.38 -18.93
C THR B 193 -3.14 -0.02 -19.69
N THR B 194 -3.63 1.20 -19.54
CA THR B 194 -4.85 1.62 -20.21
C THR B 194 -4.59 2.49 -21.44
N LEU B 195 -3.41 3.12 -21.51
CA LEU B 195 -3.06 3.99 -22.63
C LEU B 195 -3.21 3.31 -23.99
N GLU B 196 -2.80 2.07 -24.07
CA GLU B 196 -2.89 1.31 -25.32
C GLU B 196 -4.12 0.42 -25.35
N HIS B 197 -5.06 0.66 -24.46
CA HIS B 197 -6.28 -0.15 -24.39
C HIS B 197 -7.54 0.69 -24.39
N SER B 198 -7.37 1.99 -24.16
CA SER B 198 -8.50 2.91 -24.15
C SER B 198 -8.63 3.64 -25.48
N ASP B 199 -9.84 4.07 -25.81
CA ASP B 199 -10.09 4.81 -27.04
C ASP B 199 -10.21 6.29 -26.72
N CYS B 200 -10.98 6.60 -25.69
CA CYS B 200 -11.18 7.97 -25.25
C CYS B 200 -11.27 7.99 -23.73
N ALA B 201 -10.30 8.61 -23.08
CA ALA B 201 -10.28 8.69 -21.63
C ALA B 201 -10.59 10.09 -21.15
N PHE B 202 -11.83 10.32 -20.75
CA PHE B 202 -12.23 11.63 -20.26
C PHE B 202 -11.70 11.81 -18.85
N MET B 203 -11.12 12.95 -18.57
CA MET B 203 -10.57 13.19 -17.25
C MET B 203 -11.19 14.40 -16.57
N VAL B 204 -11.48 14.25 -15.29
CA VAL B 204 -12.04 15.32 -14.49
C VAL B 204 -11.15 15.58 -13.27
N ASP B 205 -10.73 16.83 -13.12
CA ASP B 205 -9.85 17.24 -12.03
C ASP B 205 -10.65 17.60 -10.79
N ASN B 206 -10.42 16.86 -9.71
CA ASN B 206 -11.13 17.09 -8.44
C ASN B 206 -10.85 18.48 -7.86
N GLU B 207 -9.61 18.92 -7.94
CA GLU B 207 -9.21 20.22 -7.39
C GLU B 207 -9.95 21.35 -8.11
N ALA B 208 -9.96 21.27 -9.43
CA ALA B 208 -10.63 22.27 -10.24
C ALA B 208 -12.14 22.30 -10.02
N ILE B 209 -12.69 21.24 -9.42
CA ILE B 209 -14.13 21.18 -9.16
C ILE B 209 -14.43 22.01 -7.92
N TYR B 210 -13.52 21.95 -6.96
CA TYR B 210 -13.67 22.71 -5.72
C TYR B 210 -13.68 24.19 -6.05
N ASP B 211 -12.74 24.61 -6.90
CA ASP B 211 -12.62 26.00 -7.31
C ASP B 211 -13.86 26.48 -8.05
N ILE B 212 -14.38 25.66 -8.95
CA ILE B 212 -15.57 26.02 -9.72
C ILE B 212 -16.77 26.25 -8.80
N CYS B 213 -16.94 25.38 -7.82
CA CYS B 213 -18.04 25.51 -6.88
C CYS B 213 -17.81 26.70 -5.94
N ARG B 214 -16.57 27.16 -5.88
CA ARG B 214 -16.21 28.27 -5.01
C ARG B 214 -16.45 29.61 -5.72
N ARG B 215 -16.08 29.68 -6.99
CA ARG B 215 -16.21 30.92 -7.76
C ARG B 215 -17.52 31.00 -8.56
N ASN B 216 -17.96 29.90 -9.14
CA ASN B 216 -19.17 29.88 -9.96
C ASN B 216 -20.33 29.20 -9.28
N LEU B 217 -20.45 29.38 -8.00
CA LEU B 217 -21.54 28.79 -7.23
C LEU B 217 -21.51 29.40 -5.85
N ASP B 218 -20.30 29.71 -5.40
CA ASP B 218 -20.05 30.32 -4.10
C ASP B 218 -20.68 29.50 -2.99
N ILE B 219 -19.89 28.56 -2.46
CA ILE B 219 -20.31 27.66 -1.40
C ILE B 219 -19.10 26.95 -0.83
N GLU B 220 -18.97 27.00 0.48
CA GLU B 220 -17.86 26.36 1.17
C GLU B 220 -18.30 25.04 1.76
N ARG B 221 -19.43 24.54 1.28
CA ARG B 221 -19.96 23.27 1.73
C ARG B 221 -20.23 22.30 0.55
N PRO B 222 -19.28 22.11 -0.39
CA PRO B 222 -19.47 21.21 -1.52
C PRO B 222 -18.99 19.80 -1.16
N THR B 223 -19.92 18.96 -0.79
CA THR B 223 -19.63 17.57 -0.43
C THR B 223 -19.42 16.74 -1.69
N TYR B 224 -18.88 15.53 -1.54
CA TYR B 224 -18.65 14.64 -2.67
C TYR B 224 -19.90 14.50 -3.53
N THR B 225 -21.06 14.40 -2.88
CA THR B 225 -22.33 14.27 -3.60
C THR B 225 -22.63 15.50 -4.46
N ASN B 226 -22.04 16.64 -4.13
CA ASN B 226 -22.26 17.86 -4.89
C ASN B 226 -21.32 17.87 -6.08
N LEU B 227 -20.07 17.53 -5.81
CA LEU B 227 -19.05 17.45 -6.85
C LEU B 227 -19.46 16.45 -7.91
N ASN B 228 -19.88 15.28 -7.46
CA ASN B 228 -20.30 14.18 -8.34
C ASN B 228 -21.50 14.59 -9.19
N ARG B 229 -22.36 15.43 -8.64
CA ARG B 229 -23.55 15.89 -9.36
C ARG B 229 -23.16 16.75 -10.56
N LEU B 230 -22.07 17.48 -10.42
CA LEU B 230 -21.56 18.31 -11.50
C LEU B 230 -21.12 17.43 -12.66
N ILE B 231 -20.29 16.44 -12.33
CA ILE B 231 -19.79 15.50 -13.32
C ILE B 231 -20.95 14.71 -13.93
N GLY B 232 -21.88 14.29 -13.08
CA GLY B 232 -23.04 13.54 -13.53
C GLY B 232 -23.90 14.33 -14.49
N GLN B 233 -23.73 15.64 -14.49
CA GLN B 233 -24.48 16.53 -15.36
C GLN B 233 -23.79 16.50 -16.73
N ILE B 234 -22.47 16.70 -16.70
CA ILE B 234 -21.68 16.66 -17.92
C ILE B 234 -21.84 15.29 -18.60
N VAL B 235 -21.78 14.22 -17.80
CA VAL B 235 -21.90 12.86 -18.32
C VAL B 235 -23.29 12.62 -18.90
N SER B 236 -24.30 13.26 -18.31
CA SER B 236 -25.67 13.13 -18.79
C SER B 236 -25.75 13.63 -20.24
N SER B 237 -25.02 14.68 -20.53
CA SER B 237 -24.99 15.25 -21.86
C SER B 237 -24.09 14.42 -22.78
N ILE B 238 -23.16 13.68 -22.18
CA ILE B 238 -22.26 12.81 -22.91
C ILE B 238 -23.02 11.59 -23.43
N THR B 239 -23.35 10.67 -22.55
CA THR B 239 -24.06 9.48 -22.96
C THR B 239 -25.55 9.76 -23.20
N ALA B 240 -26.33 9.81 -22.11
CA ALA B 240 -27.78 10.10 -22.14
C ALA B 240 -28.24 10.91 -23.35
N SER B 241 -27.98 12.23 -23.31
CA SER B 241 -28.39 13.16 -24.37
C SER B 241 -28.02 12.66 -25.77
N LEU B 242 -26.81 12.15 -25.93
CA LEU B 242 -26.35 11.66 -27.21
C LEU B 242 -27.25 10.56 -27.76
N ARG B 243 -27.80 9.74 -26.86
CA ARG B 243 -28.70 8.67 -27.25
C ARG B 243 -30.08 9.21 -27.61
N PHE B 244 -30.32 10.48 -27.26
CA PHE B 244 -31.59 11.12 -27.55
C PHE B 244 -31.47 11.94 -28.84
N ASP B 245 -32.36 11.68 -29.78
CA ASP B 245 -32.37 12.36 -31.07
C ASP B 245 -32.37 13.89 -30.96
N GLY B 246 -31.85 14.54 -32.00
CA GLY B 246 -31.76 15.97 -32.01
C GLY B 246 -31.46 16.48 -33.40
N ALA B 247 -31.03 17.73 -33.50
CA ALA B 247 -30.74 18.34 -34.79
C ALA B 247 -29.37 17.92 -35.34
N LEU B 248 -28.52 17.40 -34.48
CA LEU B 248 -27.19 16.98 -34.89
C LEU B 248 -26.67 15.83 -34.04
N ASN B 249 -27.42 14.72 -34.04
CA ASN B 249 -27.09 13.51 -33.26
C ASN B 249 -25.58 13.19 -33.29
N VAL B 250 -25.06 12.75 -32.15
CA VAL B 250 -23.63 12.42 -32.04
C VAL B 250 -23.44 11.05 -31.41
N ASP B 251 -22.91 10.12 -32.19
CA ASP B 251 -22.66 8.77 -31.69
C ASP B 251 -21.32 8.65 -30.96
N LEU B 252 -21.12 7.53 -30.27
CA LEU B 252 -19.88 7.28 -29.56
C LEU B 252 -18.73 7.12 -30.55
N THR B 253 -19.03 6.50 -31.69
CA THR B 253 -18.04 6.29 -32.75
C THR B 253 -17.46 7.64 -33.16
N GLU B 254 -18.34 8.57 -33.50
CA GLU B 254 -17.97 9.92 -33.87
C GLU B 254 -16.91 10.50 -32.93
N PHE B 255 -17.13 10.26 -31.64
CA PHE B 255 -16.21 10.73 -30.59
C PHE B 255 -14.80 10.22 -30.84
N GLN B 256 -14.58 8.93 -30.58
CA GLN B 256 -13.27 8.29 -30.77
C GLN B 256 -12.60 8.69 -32.09
N THR B 257 -13.39 8.97 -33.10
CA THR B 257 -12.86 9.36 -34.41
C THR B 257 -12.40 10.83 -34.42
N ASN B 258 -13.25 11.72 -33.93
CA ASN B 258 -12.96 13.16 -33.92
C ASN B 258 -12.17 13.63 -32.69
N LEU B 259 -12.04 12.80 -31.68
CA LEU B 259 -11.34 13.22 -30.47
C LEU B 259 -9.90 12.74 -30.42
N VAL B 260 -9.62 11.54 -30.91
CA VAL B 260 -8.26 11.03 -30.90
C VAL B 260 -7.70 10.85 -32.30
N PRO B 261 -6.72 11.69 -32.66
CA PRO B 261 -6.07 11.63 -33.97
C PRO B 261 -5.01 10.53 -34.04
N TYR B 262 -4.67 9.99 -32.89
CA TYR B 262 -3.67 8.93 -32.80
C TYR B 262 -4.18 7.79 -31.93
N PRO B 263 -3.73 6.55 -32.21
CA PRO B 263 -4.10 5.35 -31.45
C PRO B 263 -4.06 5.53 -29.92
N ARG B 264 -3.18 6.42 -29.46
CA ARG B 264 -3.04 6.70 -28.03
C ARG B 264 -4.37 7.15 -27.44
N GLY B 265 -4.74 6.52 -26.32
CA GLY B 265 -5.98 6.84 -25.61
C GLY B 265 -6.06 8.26 -25.04
N HIS B 266 -5.62 9.25 -25.83
CA HIS B 266 -5.64 10.69 -25.45
C HIS B 266 -6.75 11.07 -24.47
N PHE B 267 -6.42 11.94 -23.53
CA PHE B 267 -7.36 12.33 -22.50
C PHE B 267 -7.95 13.73 -22.73
N PRO B 268 -9.21 13.81 -23.16
CA PRO B 268 -9.90 15.08 -23.38
C PRO B 268 -10.43 15.64 -22.06
N LEU B 269 -10.85 16.89 -22.08
CA LEU B 269 -11.36 17.55 -20.88
C LEU B 269 -12.87 17.72 -20.91
N ALA B 270 -13.47 17.79 -19.73
CA ALA B 270 -14.91 17.97 -19.60
C ALA B 270 -15.21 19.41 -19.16
N THR B 271 -16.11 20.07 -19.86
CA THR B 271 -16.45 21.45 -19.55
C THR B 271 -17.96 21.69 -19.70
N TYR B 272 -18.55 22.37 -18.71
CA TYR B 272 -19.97 22.67 -18.74
C TYR B 272 -20.17 24.18 -18.77
N ALA B 273 -21.16 24.64 -19.54
CA ALA B 273 -21.42 26.07 -19.66
C ALA B 273 -22.29 26.64 -18.53
N PRO B 274 -23.54 26.15 -18.35
CA PRO B 274 -24.43 26.66 -17.29
C PRO B 274 -24.04 26.16 -15.90
N VAL B 275 -23.01 26.76 -15.34
CA VAL B 275 -22.52 26.42 -14.02
C VAL B 275 -22.79 27.56 -13.04
N ILE B 276 -23.99 28.10 -13.07
CA ILE B 276 -24.37 29.21 -12.21
C ILE B 276 -25.25 28.75 -11.03
N SER B 277 -25.12 29.45 -9.90
CA SER B 277 -25.88 29.14 -8.68
C SER B 277 -27.35 29.56 -8.77
N ALA B 278 -28.22 28.73 -8.20
CA ALA B 278 -29.65 29.01 -8.19
C ALA B 278 -30.07 29.72 -6.91
N GLU B 279 -29.28 30.71 -6.49
CA GLU B 279 -29.58 31.47 -5.27
C GLU B 279 -28.94 32.84 -5.38
N LYS B 280 -27.62 32.85 -5.45
CA LYS B 280 -26.84 34.09 -5.58
C LYS B 280 -27.05 34.76 -6.93
N ALA B 281 -26.18 34.46 -7.89
CA ALA B 281 -26.27 35.04 -9.22
C ALA B 281 -27.55 34.59 -9.93
N TYR B 282 -28.05 35.41 -10.83
CA TYR B 282 -29.26 35.11 -11.57
C TYR B 282 -29.14 35.64 -12.99
N HIS B 283 -28.68 34.79 -13.90
CA HIS B 283 -28.49 35.18 -15.30
C HIS B 283 -29.00 34.15 -16.31
N GLU B 284 -29.83 33.21 -15.83
CA GLU B 284 -30.44 32.15 -16.66
C GLU B 284 -30.34 32.36 -18.18
N GLN B 285 -30.99 33.41 -18.67
CA GLN B 285 -30.99 33.77 -20.08
C GLN B 285 -29.59 34.16 -20.58
N LEU B 286 -28.79 33.15 -20.89
CA LEU B 286 -27.43 33.35 -21.35
C LEU B 286 -27.22 32.85 -22.78
N SER B 287 -27.42 33.76 -23.75
CA SER B 287 -27.26 33.46 -25.18
C SER B 287 -26.02 32.62 -25.50
N VAL B 288 -26.09 31.88 -26.62
CA VAL B 288 -25.00 31.02 -27.09
C VAL B 288 -23.63 31.68 -26.97
N ALA B 289 -23.50 32.85 -27.60
CA ALA B 289 -22.25 33.62 -27.59
C ALA B 289 -21.59 33.70 -26.20
N GLU B 290 -22.42 33.77 -25.17
CA GLU B 290 -21.93 33.87 -23.81
C GLU B 290 -21.59 32.50 -23.22
N ILE B 291 -22.53 31.55 -23.31
CA ILE B 291 -22.33 30.22 -22.74
C ILE B 291 -21.19 29.45 -23.42
N THR B 292 -21.01 29.64 -24.72
CA THR B 292 -19.96 28.97 -25.45
C THR B 292 -18.59 29.54 -25.08
N ASN B 293 -18.52 30.85 -24.89
CA ASN B 293 -17.28 31.51 -24.52
C ASN B 293 -16.88 31.19 -23.09
N ALA B 294 -17.87 30.91 -22.24
CA ALA B 294 -17.64 30.58 -20.83
C ALA B 294 -16.98 29.22 -20.66
N CYS B 295 -16.79 28.51 -21.75
CA CYS B 295 -16.18 27.19 -21.73
C CYS B 295 -14.68 27.28 -22.00
N PHE B 296 -14.26 28.35 -22.66
CA PHE B 296 -12.86 28.53 -23.02
C PHE B 296 -12.02 29.11 -21.88
N GLU B 297 -12.67 29.59 -20.83
CA GLU B 297 -11.95 30.13 -19.68
C GLU B 297 -11.51 29.03 -18.73
N PRO B 298 -10.25 29.08 -18.25
CA PRO B 298 -9.69 28.08 -17.34
C PRO B 298 -10.43 28.00 -16.00
N ALA B 299 -11.24 29.02 -15.71
CA ALA B 299 -11.99 29.05 -14.46
C ALA B 299 -13.35 28.37 -14.63
N ASN B 300 -13.39 27.37 -15.49
CA ASN B 300 -14.61 26.62 -15.76
C ASN B 300 -14.32 25.47 -16.72
N GLN B 301 -13.29 24.68 -16.42
CA GLN B 301 -12.94 23.58 -17.30
C GLN B 301 -12.82 22.25 -16.53
N MET B 302 -13.22 22.27 -15.27
CA MET B 302 -13.17 21.07 -14.41
C MET B 302 -11.84 20.33 -14.52
N VAL B 303 -10.76 21.08 -14.66
CA VAL B 303 -9.44 20.49 -14.80
C VAL B 303 -8.35 21.52 -14.57
N LYS B 304 -7.31 21.14 -13.83
CA LYS B 304 -6.19 22.03 -13.55
C LYS B 304 -5.20 21.99 -14.71
N CYS B 305 -5.74 21.91 -15.91
CA CYS B 305 -4.93 21.87 -17.13
C CYS B 305 -5.08 23.16 -17.91
N ASP B 306 -4.97 24.29 -17.20
CA ASP B 306 -5.08 25.62 -17.78
C ASP B 306 -4.37 25.72 -19.12
N PRO B 307 -4.98 26.39 -20.11
CA PRO B 307 -4.40 26.58 -21.44
C PRO B 307 -3.15 27.49 -21.41
N ARG B 308 -2.16 27.08 -20.62
CA ARG B 308 -0.92 27.82 -20.45
C ARG B 308 -0.04 27.74 -21.71
N HIS B 309 -0.31 26.76 -22.55
CA HIS B 309 0.46 26.53 -23.78
C HIS B 309 -0.21 25.44 -24.60
N GLY B 310 -1.09 24.69 -23.94
CA GLY B 310 -1.81 23.63 -24.60
C GLY B 310 -2.66 24.12 -25.75
N LYS B 311 -2.31 23.70 -26.95
CA LYS B 311 -3.03 24.08 -28.15
C LYS B 311 -4.15 23.08 -28.42
N TYR B 312 -5.29 23.58 -28.89
CA TYR B 312 -6.42 22.72 -29.19
C TYR B 312 -6.16 21.94 -30.46
N MET B 313 -6.63 20.69 -30.51
CA MET B 313 -6.43 19.86 -31.69
C MET B 313 -7.72 19.17 -32.11
N ALA B 314 -8.74 19.30 -31.26
CA ALA B 314 -10.05 18.69 -31.52
C ALA B 314 -10.98 18.97 -30.35
N CYS B 315 -12.13 19.58 -30.65
CA CYS B 315 -13.10 19.91 -29.63
C CYS B 315 -14.50 19.53 -30.07
N CYS B 316 -15.27 18.97 -29.15
CA CYS B 316 -16.63 18.55 -29.42
C CYS B 316 -17.64 19.38 -28.62
N LEU B 317 -18.22 20.36 -29.27
CA LEU B 317 -19.19 21.23 -28.63
C LEU B 317 -20.57 20.58 -28.63
N LEU B 318 -20.92 19.95 -27.51
CA LEU B 318 -22.22 19.30 -27.37
C LEU B 318 -23.25 20.26 -26.79
N TYR B 319 -24.14 20.74 -27.62
CA TYR B 319 -25.18 21.64 -27.18
C TYR B 319 -26.45 20.84 -26.90
N ARG B 320 -27.24 21.30 -25.95
CA ARG B 320 -28.48 20.65 -25.61
C ARG B 320 -29.48 21.68 -25.13
N GLY B 321 -30.70 21.61 -25.64
CA GLY B 321 -31.73 22.54 -25.26
C GLY B 321 -32.17 23.41 -26.43
N ASP B 322 -32.57 24.63 -26.14
CA ASP B 322 -33.03 25.56 -27.17
C ASP B 322 -31.85 26.30 -27.78
N VAL B 323 -31.27 25.71 -28.82
CA VAL B 323 -30.12 26.30 -29.50
C VAL B 323 -30.36 26.39 -31.01
N VAL B 324 -30.01 27.53 -31.57
CA VAL B 324 -30.17 27.76 -33.00
C VAL B 324 -28.86 27.44 -33.73
N PRO B 325 -28.90 26.56 -34.75
CA PRO B 325 -27.72 26.16 -35.53
C PRO B 325 -26.93 27.37 -36.05
N LYS B 326 -27.64 28.39 -36.52
CA LYS B 326 -26.98 29.58 -37.04
C LYS B 326 -26.20 30.31 -35.94
N ASP B 327 -26.81 30.44 -34.76
CA ASP B 327 -26.16 31.09 -33.62
C ASP B 327 -24.90 30.33 -33.24
N VAL B 328 -24.99 29.01 -33.31
CA VAL B 328 -23.85 28.14 -33.03
C VAL B 328 -22.77 28.39 -34.06
N ASN B 329 -23.19 28.41 -35.32
CA ASN B 329 -22.30 28.64 -36.44
C ASN B 329 -21.96 30.12 -36.58
N ALA B 330 -21.63 30.72 -35.46
CA ALA B 330 -21.28 32.13 -35.38
C ALA B 330 -20.43 32.29 -34.14
N ALA B 331 -20.82 31.60 -33.07
CA ALA B 331 -20.07 31.61 -31.83
C ALA B 331 -18.73 30.92 -32.08
N ILE B 332 -18.79 29.85 -32.86
CA ILE B 332 -17.60 29.09 -33.22
C ILE B 332 -16.73 29.90 -34.17
N ALA B 333 -17.38 30.64 -35.06
CA ALA B 333 -16.69 31.48 -36.04
C ALA B 333 -15.88 32.58 -35.35
N THR B 334 -16.52 33.31 -34.44
CA THR B 334 -15.84 34.40 -33.74
C THR B 334 -14.66 33.87 -32.93
N ILE B 335 -14.83 32.70 -32.32
CA ILE B 335 -13.76 32.08 -31.55
C ILE B 335 -12.64 31.62 -32.47
N LYS B 336 -13.01 31.00 -33.59
CA LYS B 336 -12.05 30.55 -34.59
C LYS B 336 -11.19 31.70 -35.11
N THR B 337 -11.64 32.92 -34.89
CA THR B 337 -10.91 34.10 -35.33
C THR B 337 -10.46 34.93 -34.13
N LYS B 338 -10.45 34.30 -32.95
CA LYS B 338 -10.05 34.98 -31.73
C LYS B 338 -8.54 34.85 -31.51
N ARG B 339 -7.95 33.80 -32.09
CA ARG B 339 -6.50 33.53 -31.97
C ARG B 339 -6.04 33.20 -30.54
N THR B 340 -6.70 33.76 -29.53
CA THR B 340 -6.34 33.50 -28.13
C THR B 340 -6.56 32.04 -27.74
N ILE B 341 -7.25 31.32 -28.60
CA ILE B 341 -7.53 29.90 -28.39
C ILE B 341 -6.68 29.07 -29.35
N GLN B 342 -5.54 29.67 -29.73
CA GLN B 342 -4.54 29.08 -30.64
C GLN B 342 -4.63 27.56 -30.79
N PHE B 343 -4.93 27.12 -32.01
CA PHE B 343 -5.04 25.69 -32.31
C PHE B 343 -3.70 25.16 -32.81
N VAL B 344 -3.56 23.84 -32.82
CA VAL B 344 -2.34 23.21 -33.31
C VAL B 344 -2.21 23.50 -34.82
N ASP B 345 -1.00 23.42 -35.35
CA ASP B 345 -0.77 23.70 -36.76
C ASP B 345 -1.54 22.77 -37.68
N TRP B 346 -1.31 21.46 -37.51
CA TRP B 346 -1.97 20.45 -38.35
C TRP B 346 -3.48 20.37 -38.13
N CYS B 347 -4.06 21.31 -37.42
CA CYS B 347 -5.50 21.28 -37.17
C CYS B 347 -6.21 22.49 -37.77
N PRO B 348 -6.83 22.29 -38.95
CA PRO B 348 -7.58 23.35 -39.63
C PRO B 348 -8.88 23.63 -38.89
N THR B 349 -9.81 22.68 -38.94
CA THR B 349 -11.07 22.83 -38.26
C THR B 349 -11.27 21.67 -37.28
N GLY B 350 -11.24 21.97 -36.00
CA GLY B 350 -11.41 20.95 -34.99
C GLY B 350 -12.56 21.27 -34.06
N PHE B 351 -13.74 21.37 -34.64
CA PHE B 351 -14.94 21.68 -33.86
C PHE B 351 -16.09 20.78 -34.27
N LYS B 352 -16.33 19.74 -33.50
CA LYS B 352 -17.42 18.81 -33.77
C LYS B 352 -18.69 19.37 -33.15
N VAL B 353 -19.60 19.83 -33.99
CA VAL B 353 -20.84 20.43 -33.53
C VAL B 353 -21.90 19.37 -33.23
N GLY B 354 -22.35 19.36 -31.99
CA GLY B 354 -23.39 18.44 -31.59
C GLY B 354 -24.58 19.22 -31.07
N ILE B 355 -25.71 19.16 -31.78
CA ILE B 355 -26.89 19.89 -31.36
C ILE B 355 -28.00 18.94 -30.94
N ASN B 356 -28.35 18.99 -29.66
CA ASN B 356 -29.39 18.13 -29.13
C ASN B 356 -30.65 18.92 -28.85
N TYR B 357 -31.75 18.21 -28.73
CA TYR B 357 -33.04 18.83 -28.46
C TYR B 357 -33.24 18.99 -26.96
N GLU B 358 -33.23 17.88 -26.25
CA GLU B 358 -33.42 17.83 -24.81
C GLU B 358 -32.55 18.84 -24.05
N PRO B 359 -33.20 19.77 -23.34
CA PRO B 359 -32.50 20.78 -22.54
C PRO B 359 -31.88 20.14 -21.31
N PRO B 360 -30.99 20.86 -20.60
CA PRO B 360 -30.36 20.33 -19.39
C PRO B 360 -31.40 20.06 -18.30
N THR B 361 -31.01 19.32 -17.27
CA THR B 361 -31.91 18.95 -16.19
C THR B 361 -31.28 19.18 -14.82
N VAL B 362 -31.85 20.11 -14.08
CA VAL B 362 -31.36 20.46 -12.76
C VAL B 362 -32.04 19.65 -11.66
N VAL B 363 -31.26 19.24 -10.66
CA VAL B 363 -31.75 18.49 -9.51
C VAL B 363 -32.78 19.34 -8.75
N PRO B 364 -33.92 18.73 -8.36
CA PRO B 364 -35.01 19.41 -7.64
C PRO B 364 -34.54 20.31 -6.50
N GLY B 365 -33.47 19.93 -5.82
CA GLY B 365 -32.98 20.71 -4.71
C GLY B 365 -31.47 20.77 -4.66
N GLY B 366 -30.86 21.05 -5.80
CA GLY B 366 -29.40 21.14 -5.84
C GLY B 366 -28.89 22.55 -5.60
N ASP B 367 -28.25 23.12 -6.62
CA ASP B 367 -27.70 24.47 -6.54
C ASP B 367 -27.48 25.00 -7.95
N LEU B 368 -28.10 24.35 -8.92
CA LEU B 368 -27.95 24.70 -10.31
C LEU B 368 -29.08 25.63 -10.76
N ALA B 369 -28.70 26.73 -11.40
CA ALA B 369 -29.63 27.72 -11.92
C ALA B 369 -30.80 27.11 -12.70
N LYS B 370 -30.45 26.46 -13.82
CA LYS B 370 -31.40 25.82 -14.74
C LYS B 370 -31.64 26.69 -15.96
N VAL B 371 -30.80 26.51 -16.97
CA VAL B 371 -30.90 27.26 -18.21
C VAL B 371 -31.64 26.38 -19.22
N GLN B 372 -32.01 26.93 -20.37
CA GLN B 372 -32.73 26.15 -21.38
C GLN B 372 -31.79 25.76 -22.50
N ARG B 373 -30.53 25.59 -22.15
CA ARG B 373 -29.49 25.21 -23.09
C ARG B 373 -28.15 25.13 -22.37
N ALA B 374 -27.33 24.19 -22.80
CA ALA B 374 -26.03 23.99 -22.20
C ALA B 374 -24.99 23.70 -23.27
N VAL B 375 -23.74 24.01 -22.96
CA VAL B 375 -22.64 23.79 -23.87
C VAL B 375 -21.63 22.87 -23.21
N CYS B 376 -21.72 21.60 -23.56
CA CYS B 376 -20.82 20.60 -23.02
C CYS B 376 -19.59 20.52 -23.93
N MET B 377 -18.56 21.24 -23.55
CA MET B 377 -17.34 21.28 -24.33
C MET B 377 -16.32 20.26 -23.85
N LEU B 378 -15.86 19.45 -24.77
CA LEU B 378 -14.83 18.49 -24.50
C LEU B 378 -13.79 18.64 -25.58
N SER B 379 -12.52 18.49 -25.24
CA SER B 379 -11.47 18.66 -26.22
C SER B 379 -10.15 18.11 -25.72
N ASN B 380 -9.25 17.85 -26.66
CA ASN B 380 -7.93 17.35 -26.34
C ASN B 380 -6.92 18.45 -26.63
N THR B 381 -6.25 18.91 -25.58
CA THR B 381 -5.29 19.99 -25.69
C THR B 381 -3.94 19.59 -25.12
N THR B 382 -2.87 20.15 -25.67
CA THR B 382 -1.50 19.90 -25.19
C THR B 382 -1.38 20.27 -23.70
N ALA B 383 -2.42 20.89 -23.16
CA ALA B 383 -2.46 21.31 -21.76
C ALA B 383 -2.26 20.13 -20.81
N ILE B 384 -2.74 18.96 -21.22
CA ILE B 384 -2.62 17.74 -20.40
C ILE B 384 -1.16 17.44 -20.05
N ALA B 385 -0.22 17.95 -20.88
CA ALA B 385 1.20 17.74 -20.64
C ALA B 385 1.62 18.31 -19.29
N GLU B 386 0.97 19.39 -18.90
CA GLU B 386 1.22 20.02 -17.62
C GLU B 386 0.90 19.03 -16.51
N ALA B 387 -0.41 18.84 -16.26
CA ALA B 387 -0.91 17.87 -15.27
C ALA B 387 -0.06 16.61 -15.19
N TRP B 388 0.20 16.00 -16.36
CA TRP B 388 0.98 14.77 -16.42
C TRP B 388 2.38 14.97 -15.86
N ALA B 389 2.99 16.09 -16.22
CA ALA B 389 4.33 16.43 -15.74
C ALA B 389 4.37 16.41 -14.22
N ARG B 390 3.47 17.18 -13.62
CA ARG B 390 3.39 17.29 -12.17
C ARG B 390 3.11 15.94 -11.50
N LEU B 391 2.40 15.05 -12.19
CA LEU B 391 2.09 13.74 -11.63
C LEU B 391 3.25 12.77 -11.84
N ASP B 392 3.90 12.91 -12.99
CA ASP B 392 5.07 12.10 -13.33
C ASP B 392 6.18 12.45 -12.34
N HIS B 393 6.27 13.74 -12.05
CA HIS B 393 7.24 14.27 -11.10
C HIS B 393 7.06 13.58 -9.76
N LYS B 394 5.81 13.59 -9.28
CA LYS B 394 5.46 12.95 -8.00
C LYS B 394 5.98 11.52 -7.96
N PHE B 395 5.58 10.73 -8.97
CA PHE B 395 6.00 9.34 -9.10
C PHE B 395 7.52 9.20 -9.00
N ASP B 396 8.22 9.93 -9.87
CA ASP B 396 9.69 9.90 -9.92
C ASP B 396 10.31 10.21 -8.56
N LEU B 397 9.89 11.34 -7.97
CA LEU B 397 10.39 11.78 -6.66
C LEU B 397 10.33 10.68 -5.61
N MET B 398 9.13 10.12 -5.43
CA MET B 398 8.91 9.07 -4.43
C MET B 398 9.60 7.77 -4.80
N TYR B 399 9.52 7.40 -6.06
CA TYR B 399 10.12 6.17 -6.57
C TYR B 399 11.63 6.14 -6.31
N ALA B 400 12.25 7.31 -6.31
CA ALA B 400 13.69 7.43 -6.07
C ALA B 400 14.09 6.89 -4.71
N LYS B 401 13.16 6.87 -3.76
CA LYS B 401 13.46 6.37 -2.41
C LYS B 401 12.64 5.12 -2.10
N ARG B 402 11.96 4.60 -3.12
CA ARG B 402 11.14 3.38 -3.04
C ARG B 402 9.86 3.53 -2.21
N ALA B 403 9.86 4.44 -1.24
CA ALA B 403 8.73 4.66 -0.34
C ALA B 403 7.87 3.39 -0.10
N PHE B 404 6.57 3.49 -0.38
CA PHE B 404 5.63 2.39 -0.15
C PHE B 404 5.66 1.34 -1.27
N VAL B 405 6.82 1.14 -1.88
CA VAL B 405 6.95 0.17 -2.96
C VAL B 405 6.75 -1.27 -2.49
N HIS B 406 7.16 -1.55 -1.26
CA HIS B 406 7.03 -2.91 -0.70
C HIS B 406 5.58 -3.35 -0.60
N TRP B 407 4.66 -2.40 -0.52
CA TRP B 407 3.23 -2.72 -0.44
C TRP B 407 2.74 -3.20 -1.80
N TYR B 408 3.47 -2.83 -2.84
CA TYR B 408 3.13 -3.24 -4.18
C TYR B 408 3.88 -4.51 -4.52
N VAL B 409 5.16 -4.54 -4.18
CA VAL B 409 6.03 -5.67 -4.43
C VAL B 409 5.49 -6.96 -3.80
N GLY B 410 5.12 -6.88 -2.52
CA GLY B 410 4.63 -8.06 -1.81
C GLY B 410 3.21 -8.47 -2.20
N GLU B 411 2.73 -7.94 -3.32
CA GLU B 411 1.39 -8.28 -3.79
C GLU B 411 1.47 -8.83 -5.20
N GLY B 412 2.59 -9.45 -5.52
CA GLY B 412 2.81 -10.02 -6.83
C GLY B 412 3.21 -8.97 -7.83
N MET B 413 4.18 -8.15 -7.45
CA MET B 413 4.69 -7.08 -8.30
C MET B 413 6.18 -6.88 -8.07
N GLU B 414 6.81 -6.04 -8.89
CA GLU B 414 8.23 -5.79 -8.76
C GLU B 414 8.66 -4.49 -9.43
N GLU B 415 9.97 -4.25 -9.45
CA GLU B 415 10.54 -3.04 -10.05
C GLU B 415 10.32 -2.99 -11.57
N GLY B 416 10.17 -4.14 -12.20
CA GLY B 416 9.97 -4.21 -13.64
C GLY B 416 8.79 -3.37 -14.11
N GLU B 417 7.58 -3.83 -13.83
CA GLU B 417 6.36 -3.12 -14.22
C GLU B 417 6.39 -1.66 -13.81
N PHE B 418 7.03 -1.38 -12.67
CA PHE B 418 7.15 -0.02 -12.17
C PHE B 418 7.98 0.83 -13.12
N SER B 419 9.23 0.41 -13.33
CA SER B 419 10.14 1.12 -14.23
C SER B 419 9.58 1.20 -15.65
N GLU B 420 8.88 0.15 -16.07
CA GLU B 420 8.31 0.11 -17.42
C GLU B 420 7.10 1.03 -17.54
N ALA B 421 6.57 1.47 -16.40
CA ALA B 421 5.43 2.38 -16.40
C ALA B 421 5.96 3.80 -16.36
N ARG B 422 7.18 3.95 -15.86
CA ARG B 422 7.84 5.23 -15.80
C ARG B 422 8.26 5.60 -17.22
N GLU B 423 8.83 4.62 -17.90
CA GLU B 423 9.27 4.78 -19.28
C GLU B 423 8.09 5.04 -20.20
N ASP B 424 6.98 4.34 -19.96
CA ASP B 424 5.78 4.50 -20.76
C ASP B 424 5.24 5.92 -20.66
N MET B 425 4.96 6.36 -19.43
CA MET B 425 4.46 7.72 -19.20
C MET B 425 5.39 8.75 -19.82
N ALA B 426 6.69 8.48 -19.79
CA ALA B 426 7.68 9.36 -20.40
C ALA B 426 7.35 9.57 -21.87
N ALA B 427 6.92 8.50 -22.54
CA ALA B 427 6.58 8.57 -23.96
C ALA B 427 5.19 9.18 -24.16
N LEU B 428 4.56 9.58 -23.08
CA LEU B 428 3.26 10.21 -23.13
C LEU B 428 3.50 11.70 -22.97
N GLU B 429 4.63 12.01 -22.35
CA GLU B 429 5.07 13.38 -22.17
C GLU B 429 5.64 13.82 -23.51
N LYS B 430 6.30 12.89 -24.18
CA LYS B 430 6.89 13.16 -25.48
C LYS B 430 5.79 13.17 -26.53
N ASP B 431 4.79 12.30 -26.35
CA ASP B 431 3.66 12.22 -27.28
C ASP B 431 2.93 13.55 -27.32
N TYR B 432 2.44 14.00 -26.17
CA TYR B 432 1.70 15.25 -26.09
C TYR B 432 2.57 16.44 -26.48
N GLU B 433 3.88 16.26 -26.47
CA GLU B 433 4.79 17.33 -26.84
C GLU B 433 5.05 17.31 -28.34
N GLU B 434 5.12 16.12 -28.92
CA GLU B 434 5.36 15.96 -30.35
C GLU B 434 4.10 16.24 -31.19
N VAL B 435 2.93 15.91 -30.64
CA VAL B 435 1.67 16.14 -31.34
C VAL B 435 1.38 17.64 -31.45
N GLY B 436 2.13 18.44 -30.71
CA GLY B 436 1.94 19.86 -30.75
C GLY B 436 3.25 20.59 -30.57
N VAL B 437 3.15 21.84 -30.12
CA VAL B 437 4.32 22.71 -29.87
C VAL B 437 5.09 23.09 -31.14
N ASP B 438 5.03 22.26 -32.16
CA ASP B 438 5.74 22.53 -33.41
C ASP B 438 4.78 22.48 -34.57
N SER B 439 5.19 23.03 -35.70
CA SER B 439 4.38 23.04 -36.89
C SER B 439 4.38 21.67 -37.57
N ARG C 2 -13.59 -8.27 7.35
CA ARG C 2 -13.25 -6.96 7.89
C ARG C 2 -13.29 -6.97 9.42
N GLU C 3 -13.29 -8.17 10.00
CA GLU C 3 -13.35 -8.32 11.45
C GLU C 3 -11.95 -8.28 12.09
N ILE C 4 -11.91 -8.04 13.40
CA ILE C 4 -10.64 -7.94 14.13
C ILE C 4 -10.81 -8.48 15.55
N VAL C 5 -9.69 -8.88 16.18
CA VAL C 5 -9.73 -9.42 17.53
C VAL C 5 -8.77 -8.65 18.47
N HIS C 6 -9.35 -7.94 19.43
CA HIS C 6 -8.57 -7.17 20.40
C HIS C 6 -7.84 -8.07 21.40
N ILE C 7 -6.63 -7.68 21.78
CA ILE C 7 -5.85 -8.45 22.76
C ILE C 7 -5.30 -7.53 23.85
N GLN C 8 -5.80 -7.69 25.07
CA GLN C 8 -5.37 -6.88 26.21
C GLN C 8 -4.40 -7.63 27.12
N ALA C 9 -3.13 -7.62 26.76
CA ALA C 9 -2.11 -8.32 27.53
C ALA C 9 -1.58 -7.47 28.69
N GLY C 10 -1.43 -8.09 29.84
CA GLY C 10 -0.89 -7.41 31.01
C GLY C 10 -1.93 -6.66 31.82
N GLN C 11 -1.49 -6.06 32.92
CA GLN C 11 -2.37 -5.31 33.81
C GLN C 11 -2.84 -4.04 33.13
N CYS C 12 -1.88 -3.27 32.62
CA CYS C 12 -2.18 -2.02 31.93
C CYS C 12 -3.11 -2.30 30.75
N GLY C 13 -2.69 -3.21 29.87
CA GLY C 13 -3.48 -3.56 28.70
C GLY C 13 -4.92 -3.91 29.06
N ASN C 14 -5.10 -4.59 30.18
CA ASN C 14 -6.43 -4.97 30.65
C ASN C 14 -7.21 -3.74 31.06
N GLN C 15 -6.59 -2.90 31.89
CA GLN C 15 -7.21 -1.65 32.34
C GLN C 15 -7.62 -0.80 31.15
N ILE C 16 -6.71 -0.70 30.17
CA ILE C 16 -6.95 0.07 28.96
C ILE C 16 -8.13 -0.52 28.20
N GLY C 17 -8.12 -1.84 28.06
CA GLY C 17 -9.18 -2.54 27.37
C GLY C 17 -10.52 -2.35 28.05
N ALA C 18 -10.53 -2.43 29.38
CA ALA C 18 -11.76 -2.27 30.14
C ALA C 18 -12.41 -0.92 29.83
N LYS C 19 -11.61 0.13 29.78
CA LYS C 19 -12.11 1.47 29.49
C LYS C 19 -12.46 1.59 28.00
N PHE C 20 -11.69 0.93 27.15
CA PHE C 20 -11.92 0.95 25.72
C PHE C 20 -13.26 0.32 25.39
N TRP C 21 -13.59 -0.77 26.08
CA TRP C 21 -14.84 -1.47 25.83
C TRP C 21 -16.02 -0.70 26.39
N GLU C 22 -15.76 0.13 27.40
CA GLU C 22 -16.79 0.98 27.98
C GLU C 22 -17.23 2.00 26.94
N VAL C 23 -16.25 2.56 26.25
CA VAL C 23 -16.48 3.53 25.18
C VAL C 23 -17.17 2.86 23.99
N ILE C 24 -16.40 2.06 23.25
CA ILE C 24 -16.89 1.32 22.07
C ILE C 24 -18.35 0.83 22.18
N SER C 25 -18.72 0.31 23.36
CA SER C 25 -20.08 -0.20 23.57
C SER C 25 -21.10 0.92 23.41
N ASP C 26 -20.81 2.07 24.01
CA ASP C 26 -21.68 3.24 23.93
C ASP C 26 -21.70 3.76 22.50
N GLU C 27 -20.59 3.52 21.78
CA GLU C 27 -20.45 3.95 20.40
C GLU C 27 -21.13 2.95 19.45
N HIS C 28 -21.85 1.98 20.02
CA HIS C 28 -22.54 0.97 19.22
C HIS C 28 -23.83 0.59 19.91
N GLY C 29 -24.15 1.29 20.99
CA GLY C 29 -25.35 1.03 21.75
C GLY C 29 -25.47 -0.40 22.22
N ILE C 30 -24.42 -0.93 22.83
CA ILE C 30 -24.43 -2.29 23.35
C ILE C 30 -24.18 -2.30 24.86
N ASP C 31 -25.17 -2.74 25.61
CA ASP C 31 -25.07 -2.82 27.06
C ASP C 31 -24.46 -4.16 27.46
N PRO C 32 -23.73 -4.23 28.61
CA PRO C 32 -23.11 -5.45 29.14
C PRO C 32 -23.82 -6.75 28.72
N THR C 33 -25.01 -6.97 29.25
CA THR C 33 -25.80 -8.14 28.91
C THR C 33 -26.86 -7.76 27.87
N GLY C 34 -27.03 -6.46 27.68
CA GLY C 34 -27.98 -5.93 26.71
C GLY C 34 -27.59 -6.23 25.27
N SER C 35 -28.45 -5.83 24.34
CA SER C 35 -28.20 -6.04 22.92
C SER C 35 -27.96 -4.70 22.22
N TYR C 36 -28.48 -4.57 21.00
CA TYR C 36 -28.31 -3.35 20.24
C TYR C 36 -29.38 -2.31 20.60
N HIS C 37 -29.03 -1.43 21.52
CA HIS C 37 -29.93 -0.39 21.96
C HIS C 37 -29.64 0.91 21.21
N GLY C 38 -28.62 0.83 20.34
CA GLY C 38 -28.18 1.94 19.50
C GLY C 38 -29.25 2.97 19.18
N ASP C 39 -28.95 4.24 19.43
CA ASP C 39 -29.90 5.32 19.16
C ASP C 39 -30.21 5.36 17.67
N SER C 40 -29.21 5.03 16.86
CA SER C 40 -29.38 5.00 15.42
C SER C 40 -29.38 3.55 14.92
N ASP C 41 -29.33 3.39 13.61
CA ASP C 41 -29.32 2.05 13.01
C ASP C 41 -28.04 1.83 12.22
N LEU C 42 -27.17 2.83 12.24
CA LEU C 42 -25.92 2.76 11.51
C LEU C 42 -24.85 2.02 12.30
N GLN C 43 -25.07 1.89 13.61
CA GLN C 43 -24.12 1.22 14.48
C GLN C 43 -24.39 -0.28 14.54
N LEU C 44 -25.10 -0.81 13.55
CA LEU C 44 -25.44 -2.21 13.51
C LEU C 44 -24.95 -2.89 12.23
N GLU C 45 -24.73 -2.10 11.18
CA GLU C 45 -24.30 -2.63 9.89
C GLU C 45 -22.95 -3.34 9.91
N ARG C 46 -22.08 -3.00 10.85
CA ARG C 46 -20.75 -3.60 10.90
C ARG C 46 -20.32 -4.06 12.31
N ILE C 47 -21.28 -4.23 13.22
CA ILE C 47 -20.98 -4.66 14.59
C ILE C 47 -20.03 -5.87 14.62
N ASN C 48 -20.36 -6.85 13.79
CA ASN C 48 -19.58 -8.10 13.64
C ASN C 48 -18.08 -7.94 13.84
N VAL C 49 -17.54 -6.83 13.36
CA VAL C 49 -16.10 -6.54 13.45
C VAL C 49 -15.49 -6.77 14.83
N TYR C 50 -16.22 -6.38 15.88
CA TYR C 50 -15.69 -6.53 17.23
C TYR C 50 -16.62 -7.29 18.14
N TYR C 51 -17.65 -7.91 17.59
CA TYR C 51 -18.59 -8.66 18.41
C TYR C 51 -18.84 -10.02 17.78
N ASN C 52 -19.57 -10.87 18.49
CA ASN C 52 -19.89 -12.20 17.99
C ASN C 52 -21.34 -12.53 18.29
N GLU C 53 -22.04 -13.03 17.30
CA GLU C 53 -23.42 -13.41 17.48
C GLU C 53 -23.51 -14.82 18.01
N ALA C 54 -23.98 -14.96 19.24
CA ALA C 54 -24.10 -16.26 19.86
C ALA C 54 -25.55 -16.55 20.21
N ALA C 55 -26.07 -15.80 21.19
CA ALA C 55 -27.46 -15.97 21.63
C ALA C 55 -28.41 -15.20 20.72
N GLY C 56 -28.39 -13.89 20.84
CA GLY C 56 -29.23 -13.03 20.03
C GLY C 56 -29.45 -11.70 20.69
N ASN C 57 -29.10 -11.63 21.96
CA ASN C 57 -29.23 -10.40 22.73
C ASN C 57 -27.92 -10.12 23.43
N LYS C 58 -27.09 -11.16 23.51
CA LYS C 58 -25.80 -11.04 24.15
C LYS C 58 -24.70 -10.97 23.09
N TYR C 59 -24.36 -9.76 22.68
CA TYR C 59 -23.31 -9.55 21.70
C TYR C 59 -21.98 -9.47 22.41
N VAL C 60 -21.29 -10.59 22.50
CA VAL C 60 -20.02 -10.66 23.19
C VAL C 60 -18.86 -10.10 22.37
N PRO C 61 -18.17 -9.10 22.93
CA PRO C 61 -17.02 -8.46 22.29
C PRO C 61 -15.89 -9.45 22.09
N ARG C 62 -15.23 -9.36 20.96
CA ARG C 62 -14.12 -10.25 20.66
C ARG C 62 -12.79 -9.70 21.14
N ALA C 63 -12.50 -9.94 22.42
CA ALA C 63 -11.24 -9.51 22.99
C ALA C 63 -10.66 -10.64 23.81
N ILE C 64 -9.38 -10.57 24.10
CA ILE C 64 -8.71 -11.61 24.86
C ILE C 64 -7.99 -11.00 26.04
N LEU C 65 -8.20 -11.55 27.22
CA LEU C 65 -7.58 -11.07 28.43
C LEU C 65 -6.48 -12.02 28.86
N VAL C 66 -5.24 -11.66 28.61
CA VAL C 66 -4.11 -12.51 28.96
C VAL C 66 -3.24 -11.83 30.01
N ASP C 67 -3.18 -12.42 31.20
CA ASP C 67 -2.39 -11.87 32.29
C ASP C 67 -2.09 -12.95 33.33
N LEU C 68 -0.97 -12.81 34.03
CA LEU C 68 -0.55 -13.77 35.04
C LEU C 68 -0.96 -13.35 36.45
N GLU C 69 -1.66 -12.23 36.57
CA GLU C 69 -2.09 -11.77 37.88
C GLU C 69 -3.60 -11.83 38.00
N PRO C 70 -4.11 -12.85 38.71
CA PRO C 70 -5.55 -13.03 38.92
C PRO C 70 -6.21 -11.73 39.37
N GLY C 71 -5.71 -11.18 40.48
CA GLY C 71 -6.23 -9.92 41.02
C GLY C 71 -6.61 -8.90 39.96
N THR C 72 -5.68 -8.66 39.04
CA THR C 72 -5.88 -7.73 37.95
C THR C 72 -7.12 -8.09 37.11
N MET C 73 -7.08 -9.25 36.49
CA MET C 73 -8.19 -9.71 35.66
C MET C 73 -9.47 -9.86 36.49
N ASP C 74 -9.31 -10.16 37.77
CA ASP C 74 -10.43 -10.37 38.68
C ASP C 74 -11.07 -9.06 39.11
N SER C 75 -10.51 -7.94 38.71
CA SER C 75 -11.09 -6.64 39.02
C SER C 75 -11.76 -6.09 37.78
N VAL C 76 -11.31 -6.61 36.64
CA VAL C 76 -11.88 -6.23 35.35
C VAL C 76 -13.23 -6.93 35.17
N ARG C 77 -13.30 -8.19 35.59
CA ARG C 77 -14.52 -8.97 35.44
C ARG C 77 -15.54 -8.69 36.56
N SER C 78 -15.09 -8.09 37.63
CA SER C 78 -15.98 -7.81 38.75
C SER C 78 -16.46 -6.37 38.77
N GLY C 79 -16.24 -5.66 37.67
CA GLY C 79 -16.68 -4.28 37.62
C GLY C 79 -17.94 -4.12 36.80
N PRO C 80 -18.09 -2.99 36.13
CA PRO C 80 -19.24 -2.66 35.28
C PRO C 80 -19.33 -3.59 34.06
N PHE C 81 -18.82 -3.11 32.93
CA PHE C 81 -18.85 -3.87 31.67
C PHE C 81 -18.01 -5.15 31.72
N GLY C 82 -17.48 -5.48 32.89
CA GLY C 82 -16.65 -6.67 33.05
C GLY C 82 -17.37 -7.97 32.77
N GLN C 83 -18.69 -7.99 32.94
CA GLN C 83 -19.46 -9.22 32.71
C GLN C 83 -19.92 -9.36 31.26
N ILE C 84 -19.20 -8.74 30.34
CA ILE C 84 -19.55 -8.83 28.93
C ILE C 84 -18.61 -9.81 28.21
N PHE C 85 -17.47 -10.07 28.84
CA PHE C 85 -16.49 -10.97 28.27
C PHE C 85 -16.79 -12.42 28.63
N ARG C 86 -16.79 -13.29 27.63
CA ARG C 86 -17.05 -14.70 27.84
C ARG C 86 -15.89 -15.33 28.62
N PRO C 87 -16.19 -16.28 29.51
CA PRO C 87 -15.18 -16.97 30.34
C PRO C 87 -14.06 -17.57 29.52
N ASP C 88 -14.40 -18.01 28.31
CA ASP C 88 -13.43 -18.63 27.41
C ASP C 88 -12.36 -17.63 26.96
N ASN C 89 -12.71 -16.35 26.98
CA ASN C 89 -11.81 -15.28 26.58
C ASN C 89 -10.79 -14.96 27.67
N PHE C 90 -11.10 -15.36 28.90
CA PHE C 90 -10.22 -15.12 30.02
C PHE C 90 -9.08 -16.13 30.04
N VAL C 91 -7.88 -15.67 29.70
CA VAL C 91 -6.72 -16.53 29.68
C VAL C 91 -5.74 -16.08 30.77
N PHE C 92 -6.02 -16.46 32.00
CA PHE C 92 -5.17 -16.09 33.11
C PHE C 92 -4.20 -17.19 33.49
N GLY C 93 -3.11 -16.79 34.10
CA GLY C 93 -2.07 -17.70 34.53
C GLY C 93 -1.66 -17.41 35.95
N GLN C 94 -2.21 -18.16 36.90
CA GLN C 94 -1.94 -17.97 38.33
C GLN C 94 -0.45 -18.06 38.73
N SER C 95 0.44 -18.14 37.75
CA SER C 95 1.88 -18.19 38.00
C SER C 95 2.41 -16.87 38.60
N GLY C 96 3.72 -16.69 38.56
CA GLY C 96 4.31 -15.47 39.11
C GLY C 96 4.24 -14.30 38.15
N ALA C 97 3.34 -13.37 38.42
CA ALA C 97 3.15 -12.19 37.57
C ALA C 97 4.23 -11.13 37.75
N GLY C 98 5.44 -11.56 38.10
CA GLY C 98 6.58 -10.66 38.27
C GLY C 98 6.74 -9.65 37.14
N ASN C 99 7.25 -8.47 37.44
CA ASN C 99 7.46 -7.41 36.45
C ASN C 99 8.73 -7.66 35.64
N ASN C 100 8.96 -8.92 35.26
CA ASN C 100 10.15 -9.27 34.51
C ASN C 100 9.81 -9.77 33.12
N TRP C 101 10.51 -9.23 32.11
CA TRP C 101 10.29 -9.61 30.73
C TRP C 101 10.55 -11.10 30.51
N ALA C 102 11.69 -11.58 30.99
CA ALA C 102 12.08 -12.98 30.83
C ALA C 102 11.10 -13.91 31.54
N LYS C 103 10.61 -13.47 32.70
CA LYS C 103 9.68 -14.29 33.46
C LYS C 103 8.35 -14.43 32.73
N GLY C 104 7.99 -13.43 31.94
CA GLY C 104 6.74 -13.48 31.21
C GLY C 104 6.92 -13.83 29.75
N HIS C 105 8.14 -14.17 29.36
CA HIS C 105 8.43 -14.51 27.98
C HIS C 105 9.09 -15.88 27.86
N TYR C 106 9.89 -16.25 28.85
CA TYR C 106 10.60 -17.51 28.80
C TYR C 106 10.08 -18.60 29.76
N THR C 107 9.60 -18.23 30.94
CA THR C 107 9.13 -19.25 31.89
C THR C 107 7.63 -19.24 32.16
N GLU C 108 7.14 -18.20 32.82
CA GLU C 108 5.72 -18.12 33.18
C GLU C 108 4.87 -17.73 31.99
N GLY C 109 5.39 -16.86 31.16
CA GLY C 109 4.65 -16.43 29.99
C GLY C 109 4.58 -17.49 28.92
N ALA C 110 5.66 -18.25 28.78
CA ALA C 110 5.76 -19.30 27.76
C ALA C 110 4.72 -20.41 27.94
N GLU C 111 4.41 -20.74 29.18
CA GLU C 111 3.45 -21.80 29.46
C GLU C 111 2.03 -21.41 29.07
N LEU C 112 1.67 -20.17 29.33
CA LEU C 112 0.32 -19.68 29.04
C LEU C 112 0.10 -19.45 27.54
N VAL C 113 1.18 -19.33 26.78
CA VAL C 113 1.10 -19.11 25.33
C VAL C 113 0.18 -20.12 24.64
N ASP C 114 0.35 -21.38 25.01
CA ASP C 114 -0.44 -22.46 24.44
C ASP C 114 -1.95 -22.27 24.65
N SER C 115 -2.32 -21.66 25.77
CA SER C 115 -3.72 -21.40 26.08
C SER C 115 -4.24 -20.17 25.35
N VAL C 116 -3.33 -19.41 24.77
CA VAL C 116 -3.67 -18.21 24.03
C VAL C 116 -3.89 -18.55 22.57
N LEU C 117 -2.91 -19.25 22.00
CA LEU C 117 -2.96 -19.68 20.60
C LEU C 117 -4.28 -20.35 20.28
N ASP C 118 -4.79 -21.13 21.23
CA ASP C 118 -6.06 -21.83 21.07
C ASP C 118 -7.20 -20.85 20.89
N VAL C 119 -7.23 -19.81 21.73
CA VAL C 119 -8.29 -18.81 21.68
C VAL C 119 -8.18 -17.92 20.44
N VAL C 120 -6.97 -17.48 20.12
CA VAL C 120 -6.76 -16.61 18.96
C VAL C 120 -7.20 -17.27 17.66
N ARG C 121 -7.17 -18.60 17.62
CA ARG C 121 -7.58 -19.32 16.44
C ARG C 121 -9.09 -19.49 16.41
N LYS C 122 -9.67 -19.68 17.59
CA LYS C 122 -11.11 -19.81 17.71
C LYS C 122 -11.79 -18.50 17.33
N GLU C 123 -11.09 -17.40 17.61
CA GLU C 123 -11.60 -16.08 17.31
C GLU C 123 -11.34 -15.69 15.85
N SER C 124 -10.22 -16.17 15.29
CA SER C 124 -9.88 -15.85 13.91
C SER C 124 -10.78 -16.58 12.91
N GLU C 125 -11.04 -17.85 13.20
CA GLU C 125 -11.88 -18.68 12.33
C GLU C 125 -13.36 -18.53 12.66
N SER C 126 -13.73 -17.35 13.16
CA SER C 126 -15.12 -17.07 13.50
C SER C 126 -16.04 -17.07 12.28
N CYS C 127 -16.13 -15.93 11.61
CA CYS C 127 -16.96 -15.77 10.43
C CYS C 127 -16.42 -14.65 9.54
N ASP C 128 -17.06 -14.47 8.39
CA ASP C 128 -16.68 -13.41 7.44
C ASP C 128 -15.18 -13.45 7.10
N CYS C 129 -14.56 -12.28 7.04
CA CYS C 129 -13.16 -12.18 6.71
C CYS C 129 -12.38 -11.56 7.87
N LEU C 130 -11.20 -12.08 8.12
CA LEU C 130 -10.36 -11.57 9.19
C LEU C 130 -9.43 -10.49 8.66
N GLN C 131 -9.39 -9.36 9.34
CA GLN C 131 -8.55 -8.25 8.93
C GLN C 131 -7.19 -8.31 9.63
N GLY C 132 -7.19 -8.35 10.95
CA GLY C 132 -5.96 -8.41 11.70
C GLY C 132 -6.18 -8.55 13.19
N PHE C 133 -5.13 -8.36 13.96
CA PHE C 133 -5.20 -8.47 15.41
C PHE C 133 -4.61 -7.22 16.06
N GLN C 134 -5.36 -6.61 16.97
CA GLN C 134 -4.89 -5.43 17.67
C GLN C 134 -4.44 -5.79 19.08
N LEU C 135 -3.30 -5.28 19.49
CA LEU C 135 -2.76 -5.57 20.81
C LEU C 135 -2.58 -4.31 21.65
N THR C 136 -3.04 -4.38 22.88
CA THR C 136 -2.90 -3.26 23.81
C THR C 136 -2.03 -3.71 24.96
N HIS C 137 -1.05 -2.88 25.35
CA HIS C 137 -0.13 -3.24 26.44
C HIS C 137 0.80 -2.08 26.78
N SER C 138 1.64 -2.31 27.78
CA SER C 138 2.60 -1.32 28.23
C SER C 138 4.01 -1.90 28.23
N LEU C 139 5.00 -1.06 27.97
CA LEU C 139 6.40 -1.51 27.95
C LEU C 139 7.03 -1.38 29.33
N GLY C 140 6.22 -1.57 30.38
CA GLY C 140 6.72 -1.47 31.73
C GLY C 140 6.11 -2.53 32.63
N GLY C 141 6.18 -3.77 32.21
CA GLY C 141 5.63 -4.85 33.01
C GLY C 141 6.02 -6.21 32.47
N GLY C 142 5.68 -7.26 33.22
CA GLY C 142 6.01 -8.60 32.79
C GLY C 142 5.09 -9.07 31.69
N THR C 143 3.83 -9.28 32.05
CA THR C 143 2.80 -9.73 31.13
C THR C 143 2.55 -8.74 29.99
N GLY C 144 2.89 -7.48 30.21
CA GLY C 144 2.66 -6.47 29.19
C GLY C 144 3.74 -6.45 28.14
N SER C 145 4.96 -6.14 28.53
CA SER C 145 6.06 -6.07 27.59
C SER C 145 6.53 -7.46 27.16
N GLY C 146 6.48 -8.42 28.06
CA GLY C 146 6.92 -9.76 27.74
C GLY C 146 5.84 -10.59 27.07
N MET C 147 4.90 -11.07 27.87
CA MET C 147 3.81 -11.92 27.40
C MET C 147 3.04 -11.34 26.22
N GLY C 148 2.82 -10.04 26.23
CA GLY C 148 2.09 -9.39 25.17
C GLY C 148 2.83 -9.41 23.84
N THR C 149 4.14 -9.30 23.89
CA THR C 149 4.95 -9.27 22.68
C THR C 149 5.24 -10.67 22.14
N LEU C 150 5.23 -11.67 23.01
CA LEU C 150 5.50 -13.03 22.56
C LEU C 150 4.26 -13.58 21.86
N LEU C 151 3.11 -13.24 22.41
CA LEU C 151 1.83 -13.66 21.85
C LEU C 151 1.70 -13.22 20.39
N ILE C 152 2.03 -11.95 20.13
CA ILE C 152 1.94 -11.42 18.77
C ILE C 152 2.97 -12.03 17.82
N SER C 153 4.15 -12.36 18.35
CA SER C 153 5.21 -12.97 17.54
C SER C 153 4.71 -14.27 16.90
N LYS C 154 3.89 -15.00 17.63
CA LYS C 154 3.33 -16.25 17.13
C LYS C 154 2.19 -15.98 16.16
N ILE C 155 1.43 -14.93 16.45
CA ILE C 155 0.30 -14.55 15.61
C ILE C 155 0.78 -14.18 14.20
N ARG C 156 1.86 -13.42 14.13
CA ARG C 156 2.40 -13.00 12.85
C ARG C 156 3.06 -14.14 12.08
N GLU C 157 3.09 -15.31 12.68
CA GLU C 157 3.66 -16.48 12.03
C GLU C 157 2.53 -17.41 11.59
N GLU C 158 1.40 -17.30 12.28
CA GLU C 158 0.24 -18.10 11.98
C GLU C 158 -0.63 -17.42 10.92
N TYR C 159 -0.58 -16.10 10.90
CA TYR C 159 -1.35 -15.30 9.95
C TYR C 159 -0.51 -14.14 9.43
N PRO C 160 0.43 -14.42 8.50
CA PRO C 160 1.32 -13.40 7.93
C PRO C 160 0.63 -12.46 6.94
N ASP C 161 -0.66 -12.65 6.75
CA ASP C 161 -1.44 -11.82 5.83
C ASP C 161 -2.14 -10.71 6.59
N ARG C 162 -2.74 -11.07 7.71
CA ARG C 162 -3.47 -10.13 8.55
C ARG C 162 -2.53 -9.08 9.13
N ILE C 163 -2.98 -7.85 9.17
CA ILE C 163 -2.18 -6.77 9.72
C ILE C 163 -2.24 -6.83 11.25
N MET C 164 -1.34 -6.11 11.90
CA MET C 164 -1.29 -6.13 13.35
C MET C 164 -1.18 -4.72 13.90
N ASN C 165 -2.28 -4.22 14.43
CA ASN C 165 -2.32 -2.89 15.01
C ASN C 165 -1.99 -3.00 16.49
N THR C 166 -1.07 -2.20 16.97
CA THR C 166 -0.68 -2.26 18.37
C THR C 166 -0.69 -0.90 19.05
N PHE C 167 -1.24 -0.88 20.25
CA PHE C 167 -1.30 0.32 21.07
C PHE C 167 -0.41 0.08 22.27
N SER C 168 0.76 0.70 22.27
CA SER C 168 1.71 0.51 23.33
C SER C 168 1.88 1.75 24.20
N VAL C 169 1.76 1.53 25.50
CA VAL C 169 1.94 2.59 26.49
C VAL C 169 3.40 2.66 26.89
N VAL C 170 4.18 3.33 26.06
CA VAL C 170 5.62 3.50 26.28
C VAL C 170 5.93 4.12 27.64
N PRO C 171 7.09 3.77 28.21
CA PRO C 171 7.53 4.31 29.49
C PRO C 171 7.68 5.83 29.43
N SER C 172 6.91 6.55 30.21
CA SER C 172 6.97 7.99 30.23
C SER C 172 8.36 8.45 30.66
N PRO C 173 8.93 9.44 29.94
CA PRO C 173 10.26 9.98 30.24
C PRO C 173 10.36 10.52 31.67
N LYS C 174 9.91 11.78 31.85
CA LYS C 174 9.93 12.46 33.15
C LYS C 174 9.93 11.55 34.38
N VAL C 175 8.94 10.68 34.49
CA VAL C 175 8.82 9.76 35.61
C VAL C 175 8.48 8.34 35.14
N SER C 176 9.31 7.39 35.52
CA SER C 176 9.10 5.99 35.17
C SER C 176 8.20 5.35 36.22
N ASP C 177 7.22 4.57 35.79
CA ASP C 177 6.30 3.91 36.73
C ASP C 177 6.89 2.62 37.25
N THR C 178 8.08 2.30 36.77
CA THR C 178 8.79 1.09 37.17
C THR C 178 10.28 1.39 37.16
N VAL C 179 11.08 0.52 37.76
CA VAL C 179 12.52 0.73 37.79
C VAL C 179 13.17 -0.02 36.64
N VAL C 180 12.70 -1.23 36.41
CA VAL C 180 13.22 -2.05 35.32
C VAL C 180 12.63 -1.61 33.98
N GLU C 181 11.58 -0.80 34.06
CA GLU C 181 10.87 -0.22 32.90
C GLU C 181 11.63 -0.24 31.55
N PRO C 182 12.75 0.51 31.44
CA PRO C 182 13.54 0.59 30.19
C PRO C 182 14.05 -0.78 29.70
N TYR C 183 14.33 -1.67 30.64
CA TYR C 183 14.81 -3.01 30.32
C TYR C 183 13.71 -3.78 29.60
N ASN C 184 12.52 -3.76 30.20
CA ASN C 184 11.36 -4.44 29.64
C ASN C 184 10.96 -3.84 28.30
N ALA C 185 11.13 -2.53 28.20
CA ALA C 185 10.81 -1.78 26.98
C ALA C 185 11.72 -2.18 25.83
N THR C 186 13.01 -2.01 26.03
CA THR C 186 14.01 -2.34 25.01
C THR C 186 13.82 -3.76 24.46
N LEU C 187 13.54 -4.71 25.35
CA LEU C 187 13.36 -6.09 24.94
C LEU C 187 12.06 -6.32 24.16
N SER C 188 11.00 -5.60 24.51
CA SER C 188 9.73 -5.76 23.83
C SER C 188 9.70 -5.05 22.48
N VAL C 189 10.26 -3.85 22.42
CA VAL C 189 10.29 -3.07 21.19
C VAL C 189 11.01 -3.81 20.07
N HIS C 190 11.99 -4.65 20.43
CA HIS C 190 12.74 -5.43 19.44
C HIS C 190 11.80 -6.34 18.65
N GLN C 191 11.08 -7.19 19.37
CA GLN C 191 10.16 -8.12 18.74
C GLN C 191 8.99 -7.38 18.08
N LEU C 192 8.53 -6.31 18.72
CA LEU C 192 7.42 -5.52 18.19
C LEU C 192 7.75 -4.96 16.81
N VAL C 193 8.87 -4.26 16.69
CA VAL C 193 9.29 -3.64 15.44
C VAL C 193 9.58 -4.66 14.33
N GLU C 194 9.45 -5.95 14.65
CA GLU C 194 9.71 -6.99 13.67
C GLU C 194 8.50 -7.93 13.59
N ASN C 195 7.34 -7.45 14.01
CA ASN C 195 6.13 -8.26 13.99
C ASN C 195 4.91 -7.43 13.57
N THR C 196 4.54 -6.46 14.40
CA THR C 196 3.38 -5.61 14.13
C THR C 196 3.57 -4.76 12.88
N ASP C 197 2.46 -4.33 12.27
CA ASP C 197 2.51 -3.53 11.06
C ASP C 197 1.92 -2.14 11.33
N GLU C 198 1.56 -1.87 12.58
CA GLU C 198 0.99 -0.59 12.98
C GLU C 198 1.16 -0.43 14.48
N THR C 199 1.83 0.62 14.92
CA THR C 199 2.02 0.84 16.34
C THR C 199 1.76 2.29 16.75
N TYR C 200 0.85 2.46 17.68
CA TYR C 200 0.47 3.77 18.21
C TYR C 200 1.10 3.98 19.58
N CYS C 201 2.07 4.86 19.66
CA CYS C 201 2.76 5.13 20.93
C CYS C 201 1.97 6.07 21.83
N ILE C 202 1.60 5.57 23.00
CA ILE C 202 0.90 6.36 24.01
C ILE C 202 1.88 6.65 25.13
N ASP C 203 1.95 7.89 25.59
CA ASP C 203 2.90 8.27 26.64
C ASP C 203 2.19 8.80 27.89
N ASN C 204 2.49 8.17 29.01
CA ASN C 204 1.91 8.55 30.30
C ASN C 204 2.10 10.03 30.67
N GLU C 205 3.21 10.64 30.26
CA GLU C 205 3.44 12.04 30.64
C GLU C 205 2.72 13.00 29.70
N ALA C 206 2.53 12.58 28.47
CA ALA C 206 1.82 13.39 27.50
C ALA C 206 0.33 13.29 27.77
N LEU C 207 -0.07 12.10 28.23
CA LEU C 207 -1.45 11.84 28.56
C LEU C 207 -1.88 12.74 29.72
N TYR C 208 -1.07 12.75 30.78
CA TYR C 208 -1.31 13.59 31.95
C TYR C 208 -1.49 15.03 31.50
N ASP C 209 -0.50 15.51 30.75
CA ASP C 209 -0.49 16.87 30.21
C ASP C 209 -1.80 17.22 29.51
N ILE C 210 -2.17 16.42 28.52
CA ILE C 210 -3.41 16.64 27.75
C ILE C 210 -4.64 16.71 28.66
N CYS C 211 -4.55 16.08 29.82
CA CYS C 211 -5.65 16.05 30.75
C CYS C 211 -5.51 17.17 31.79
N PHE C 212 -4.44 17.95 31.67
CA PHE C 212 -4.21 19.06 32.59
C PHE C 212 -4.20 20.42 31.88
N ARG C 213 -3.87 20.46 30.60
CA ARG C 213 -3.81 21.74 29.89
C ARG C 213 -4.90 21.85 28.83
N THR C 214 -5.27 20.73 28.23
CA THR C 214 -6.30 20.74 27.20
C THR C 214 -7.63 20.35 27.81
N LEU C 215 -7.56 19.87 29.03
CA LEU C 215 -8.72 19.46 29.79
C LEU C 215 -8.53 19.98 31.20
N LYS C 216 -9.41 20.87 31.62
CA LYS C 216 -9.34 21.47 32.96
C LYS C 216 -9.45 20.47 34.11
N LEU C 217 -9.33 19.19 33.81
CA LEU C 217 -9.38 18.14 34.82
C LEU C 217 -8.28 18.33 35.86
N THR C 218 -8.66 18.39 37.14
CA THR C 218 -7.69 18.57 38.21
C THR C 218 -7.07 17.23 38.62
N THR C 219 -7.89 16.20 38.66
CA THR C 219 -7.44 14.87 39.04
C THR C 219 -7.58 13.84 37.91
N PRO C 220 -6.59 13.76 37.00
CA PRO C 220 -6.61 12.82 35.88
C PRO C 220 -6.18 11.42 36.32
N THR C 221 -7.15 10.62 36.74
CA THR C 221 -6.89 9.25 37.18
C THR C 221 -6.62 8.34 35.98
N TYR C 222 -6.31 7.08 36.24
CA TYR C 222 -6.05 6.12 35.17
C TYR C 222 -7.25 6.00 34.25
N GLY C 223 -8.42 5.83 34.85
CA GLY C 223 -9.66 5.73 34.10
C GLY C 223 -9.79 6.86 33.09
N ASP C 224 -9.47 8.07 33.54
CA ASP C 224 -9.53 9.25 32.71
C ASP C 224 -8.54 9.13 31.55
N LEU C 225 -7.26 8.95 31.90
CA LEU C 225 -6.20 8.78 30.90
C LEU C 225 -6.62 7.78 29.84
N ASN C 226 -7.02 6.59 30.28
CA ASN C 226 -7.47 5.52 29.39
C ASN C 226 -8.65 5.96 28.53
N HIS C 227 -9.59 6.72 29.12
CA HIS C 227 -10.77 7.17 28.44
C HIS C 227 -10.36 7.99 27.26
N LEU C 228 -9.31 8.81 27.42
CA LEU C 228 -8.80 9.66 26.35
C LEU C 228 -8.31 8.82 25.18
N VAL C 229 -7.52 7.80 25.50
CA VAL C 229 -6.97 6.88 24.50
C VAL C 229 -8.09 6.10 23.83
N SER C 230 -9.02 5.61 24.63
CA SER C 230 -10.16 4.83 24.14
C SER C 230 -10.91 5.58 23.03
N ALA C 231 -10.93 6.91 23.12
CA ALA C 231 -11.61 7.74 22.12
C ALA C 231 -10.82 7.77 20.81
N THR C 232 -9.53 7.55 20.90
CA THR C 232 -8.67 7.54 19.73
C THR C 232 -8.79 6.22 18.98
N MET C 233 -8.68 5.12 19.71
CA MET C 233 -8.75 3.80 19.12
C MET C 233 -10.11 3.53 18.45
N SER C 234 -11.14 4.25 18.88
CA SER C 234 -12.46 4.10 18.30
C SER C 234 -12.50 4.84 16.96
N GLY C 235 -11.82 5.98 16.92
CA GLY C 235 -11.74 6.76 15.70
C GLY C 235 -10.88 6.04 14.67
N VAL C 236 -9.93 5.26 15.17
CA VAL C 236 -9.07 4.45 14.32
C VAL C 236 -9.85 3.26 13.78
N THR C 237 -10.09 2.29 14.64
CA THR C 237 -10.80 1.07 14.29
C THR C 237 -12.29 1.30 13.97
N THR C 238 -13.17 1.08 14.97
CA THR C 238 -14.63 1.25 14.83
C THR C 238 -15.10 2.24 13.77
N CYS C 239 -14.56 3.45 13.80
CA CYS C 239 -14.91 4.50 12.83
C CYS C 239 -14.88 4.00 11.39
N LEU C 240 -13.77 3.39 11.00
CA LEU C 240 -13.61 2.86 9.64
C LEU C 240 -14.59 1.71 9.35
N ARG C 241 -15.36 1.31 10.34
CA ARG C 241 -16.35 0.25 10.16
C ARG C 241 -17.73 0.86 9.98
N PHE C 242 -17.76 2.15 9.70
CA PHE C 242 -19.01 2.86 9.50
C PHE C 242 -19.01 3.50 8.12
N PRO C 243 -20.19 3.80 7.58
CA PRO C 243 -20.32 4.42 6.25
C PRO C 243 -19.71 5.83 6.24
N GLY C 244 -19.56 6.38 5.04
CA GLY C 244 -18.98 7.70 4.91
C GLY C 244 -18.70 8.04 3.46
N GLN C 245 -18.49 9.33 3.19
CA GLN C 245 -18.21 9.79 1.84
C GLN C 245 -16.81 9.36 1.40
N LEU C 246 -15.90 9.30 2.37
CA LEU C 246 -14.52 8.90 2.11
C LEU C 246 -14.04 7.99 3.23
N ASN C 247 -14.40 6.71 3.15
CA ASN C 247 -14.03 5.76 4.19
C ASN C 247 -12.68 5.11 3.93
N ALA C 248 -12.09 4.58 4.99
CA ALA C 248 -10.80 3.92 4.92
C ALA C 248 -10.83 2.64 5.76
N ASP C 249 -9.67 2.00 5.89
CA ASP C 249 -9.56 0.76 6.66
C ASP C 249 -8.10 0.42 6.89
N LEU C 250 -7.81 -0.29 7.98
CA LEU C 250 -6.46 -0.78 8.31
C LEU C 250 -5.53 -0.90 7.11
N ARG C 251 -5.99 -1.62 6.07
CA ARG C 251 -5.20 -1.80 4.86
C ARG C 251 -4.92 -0.47 4.21
N LYS C 252 -5.99 0.33 3.94
CA LYS C 252 -5.82 1.59 3.26
C LYS C 252 -4.91 2.43 4.09
N LEU C 253 -5.12 2.42 5.42
CA LEU C 253 -4.32 3.19 6.37
C LEU C 253 -2.85 2.79 6.36
N ALA C 254 -2.57 1.51 6.56
CA ALA C 254 -1.20 1.00 6.61
C ALA C 254 -0.48 1.19 5.28
N VAL C 255 -1.20 0.93 4.19
CA VAL C 255 -0.64 1.06 2.85
C VAL C 255 -0.25 2.52 2.53
N ASN C 256 -0.62 3.42 3.42
CA ASN C 256 -0.31 4.83 3.25
C ASN C 256 0.40 5.38 4.47
N MET C 257 0.61 4.55 5.48
CA MET C 257 1.25 4.99 6.72
C MET C 257 2.61 4.36 6.95
N VAL C 258 2.83 3.17 6.40
CA VAL C 258 4.10 2.48 6.58
C VAL C 258 4.96 2.61 5.33
N PRO C 259 5.91 3.55 5.32
CA PRO C 259 6.79 3.78 4.19
C PRO C 259 7.92 2.76 4.13
N PHE C 260 8.29 2.18 5.27
CA PHE C 260 9.37 1.20 5.30
C PHE C 260 9.05 0.00 6.20
N PRO C 261 9.24 -1.22 5.65
CA PRO C 261 9.02 -2.54 6.32
C PRO C 261 9.37 -2.60 7.81
N ARG C 262 10.16 -1.65 8.27
CA ARG C 262 10.57 -1.56 9.67
C ARG C 262 9.36 -1.60 10.60
N LEU C 263 8.24 -1.02 10.13
CA LEU C 263 6.95 -0.94 10.84
C LEU C 263 6.51 0.50 11.02
N HIS C 264 7.42 1.32 11.53
CA HIS C 264 7.18 2.74 11.79
C HIS C 264 6.13 2.93 12.88
N PHE C 265 6.44 3.82 13.81
CA PHE C 265 5.56 4.09 14.94
C PHE C 265 4.78 5.37 14.74
N PHE C 266 3.50 5.32 15.04
CA PHE C 266 2.62 6.47 14.88
C PHE C 266 2.31 7.10 16.23
N MET C 267 1.57 8.19 16.18
CA MET C 267 1.20 8.92 17.38
C MET C 267 -0.24 9.40 17.30
N PRO C 268 -1.08 8.94 18.23
CA PRO C 268 -2.50 9.31 18.27
C PRO C 268 -2.76 10.73 18.78
N GLY C 269 -3.70 11.40 18.14
CA GLY C 269 -4.08 12.75 18.50
C GLY C 269 -5.58 12.94 18.38
N PHE C 270 -6.17 13.69 19.28
CA PHE C 270 -7.61 13.94 19.25
C PHE C 270 -7.92 15.32 18.68
N ALA C 271 -9.07 15.46 18.05
CA ALA C 271 -9.48 16.75 17.48
C ALA C 271 -10.29 17.59 18.48
N PRO C 272 -11.58 17.23 18.75
CA PRO C 272 -12.40 18.00 19.67
C PRO C 272 -11.97 17.74 21.11
N LEU C 273 -11.03 18.53 21.57
CA LEU C 273 -10.51 18.39 22.92
C LEU C 273 -10.73 19.68 23.68
N THR C 274 -11.98 19.92 24.05
CA THR C 274 -12.33 21.12 24.77
C THR C 274 -13.00 20.75 26.09
N SER C 275 -12.76 21.53 27.13
CA SER C 275 -13.36 21.25 28.41
C SER C 275 -14.88 21.37 28.30
N ARG C 276 -15.57 20.46 28.98
CA ARG C 276 -17.03 20.40 28.98
C ARG C 276 -17.73 21.76 29.11
N GLY C 277 -18.01 22.17 30.33
CA GLY C 277 -18.69 23.43 30.60
C GLY C 277 -18.16 24.66 29.88
N SER C 278 -17.22 25.35 30.52
CA SER C 278 -16.62 26.58 30.00
C SER C 278 -16.26 26.53 28.51
N GLN C 279 -15.13 25.88 28.23
CA GLN C 279 -14.59 25.71 26.86
C GLN C 279 -15.56 25.37 25.73
N GLN C 280 -16.74 24.84 26.08
CA GLN C 280 -17.76 24.47 25.10
C GLN C 280 -18.16 25.61 24.16
N TYR C 281 -17.27 25.94 23.22
CA TYR C 281 -17.52 27.00 22.25
C TYR C 281 -18.16 26.42 21.00
N ARG C 282 -18.00 25.11 20.81
CA ARG C 282 -18.55 24.40 19.66
C ARG C 282 -17.81 24.80 18.38
N ALA C 283 -16.69 25.47 18.55
CA ALA C 283 -15.87 25.91 17.43
C ALA C 283 -15.11 24.72 16.87
N LEU C 284 -15.79 23.97 16.01
CA LEU C 284 -15.22 22.79 15.39
C LEU C 284 -15.67 22.69 13.94
N THR C 285 -15.76 23.84 13.28
CA THR C 285 -16.18 23.90 11.88
C THR C 285 -15.29 23.05 10.99
N VAL C 286 -13.98 23.17 11.17
CA VAL C 286 -12.98 22.41 10.41
C VAL C 286 -11.53 22.86 10.64
N PRO C 287 -11.17 24.16 10.54
CA PRO C 287 -9.79 24.60 10.76
C PRO C 287 -9.38 24.47 12.22
N GLU C 288 -10.36 24.50 13.11
CA GLU C 288 -10.12 24.40 14.54
C GLU C 288 -9.61 23.00 14.88
N LEU C 289 -10.05 22.03 14.09
CA LEU C 289 -9.61 20.65 14.29
C LEU C 289 -8.17 20.52 13.83
N THR C 290 -7.86 21.15 12.71
CA THR C 290 -6.52 21.15 12.15
C THR C 290 -5.57 21.84 13.11
N GLN C 291 -6.02 22.95 13.67
CA GLN C 291 -5.24 23.73 14.63
C GLN C 291 -4.84 22.85 15.80
N GLN C 292 -5.82 22.14 16.33
CA GLN C 292 -5.60 21.24 17.45
C GLN C 292 -4.62 20.14 17.07
N MET C 293 -5.13 19.10 16.42
CA MET C 293 -4.36 17.96 15.94
C MET C 293 -2.93 18.26 15.47
N PHE C 294 -2.75 19.35 14.73
CA PHE C 294 -1.44 19.68 14.20
C PHE C 294 -0.56 20.50 15.16
N ASP C 295 -1.00 20.68 16.39
CA ASP C 295 -0.22 21.41 17.38
C ASP C 295 0.64 20.43 18.19
N ALA C 296 1.72 20.92 18.79
CA ALA C 296 2.60 20.10 19.62
C ALA C 296 1.75 19.51 20.74
N LYS C 297 1.36 20.35 21.67
CA LYS C 297 0.48 19.93 22.74
C LYS C 297 -0.78 19.37 22.07
N ASN C 298 -1.23 18.18 22.54
CA ASN C 298 -2.41 17.43 22.02
C ASN C 298 -1.94 16.07 21.49
N MET C 299 -0.64 15.92 21.39
CA MET C 299 -0.04 14.68 20.92
C MET C 299 0.15 13.74 22.10
N MET C 300 -0.52 12.59 22.04
CA MET C 300 -0.43 11.58 23.09
C MET C 300 0.98 11.09 23.36
N ALA C 301 1.90 11.37 22.46
CA ALA C 301 3.30 10.98 22.65
C ALA C 301 4.07 12.06 23.40
N ALA C 302 5.21 11.71 23.99
CA ALA C 302 6.00 12.69 24.72
C ALA C 302 6.76 13.61 23.77
N CYS C 303 7.25 13.04 22.68
CA CYS C 303 7.99 13.84 21.70
C CYS C 303 7.02 14.76 20.96
N ASP C 304 7.53 15.93 20.59
CA ASP C 304 6.72 16.90 19.87
C ASP C 304 7.04 16.90 18.40
N PRO C 305 6.00 16.90 17.55
CA PRO C 305 6.14 16.89 16.09
C PRO C 305 7.14 17.92 15.57
N ARG C 306 7.22 19.05 16.27
CA ARG C 306 8.14 20.11 15.89
C ARG C 306 9.61 19.69 15.96
N HIS C 307 9.89 18.57 16.62
CA HIS C 307 11.24 18.07 16.76
C HIS C 307 11.58 17.02 15.71
N GLY C 308 10.81 16.99 14.63
CA GLY C 308 11.06 16.02 13.58
C GLY C 308 10.11 16.14 12.43
N ARG C 309 10.62 15.87 11.24
CA ARG C 309 9.82 15.95 10.02
C ARG C 309 8.64 14.98 10.07
N TYR C 310 7.71 15.14 9.14
CA TYR C 310 6.55 14.26 9.08
C TYR C 310 6.80 13.29 7.95
N LEU C 311 6.35 12.06 8.11
CA LEU C 311 6.51 11.05 7.06
C LEU C 311 5.15 10.67 6.55
N THR C 312 4.20 10.56 7.47
CA THR C 312 2.84 10.21 7.13
C THR C 312 1.85 10.93 8.04
N VAL C 313 0.68 11.26 7.51
CA VAL C 313 -0.37 11.90 8.28
C VAL C 313 -1.69 11.24 7.92
N ALA C 314 -2.46 10.89 8.93
CA ALA C 314 -3.75 10.25 8.70
C ALA C 314 -4.85 10.97 9.47
N ALA C 315 -5.56 11.83 8.79
CA ALA C 315 -6.66 12.58 9.38
C ALA C 315 -7.97 11.88 9.08
N VAL C 316 -8.47 11.11 10.05
CA VAL C 316 -9.72 10.39 9.88
C VAL C 316 -10.87 11.16 10.51
N PHE C 317 -11.56 11.93 9.69
CA PHE C 317 -12.68 12.73 10.15
C PHE C 317 -13.93 11.88 10.28
N ARG C 318 -14.86 12.33 11.12
CA ARG C 318 -16.11 11.63 11.33
C ARG C 318 -17.22 12.62 11.70
N GLY C 319 -17.92 13.09 10.68
CA GLY C 319 -18.98 14.05 10.87
C GLY C 319 -19.34 14.72 9.55
N ARG C 320 -20.61 15.03 9.36
CA ARG C 320 -21.10 15.68 8.15
C ARG C 320 -20.32 16.95 7.83
N MET C 321 -19.47 16.88 6.80
CA MET C 321 -18.67 18.03 6.39
C MET C 321 -18.35 17.93 4.90
N SER C 322 -17.95 19.05 4.30
CA SER C 322 -17.63 19.10 2.88
C SER C 322 -16.16 18.81 2.63
N MET C 323 -15.89 17.93 1.67
CA MET C 323 -14.52 17.56 1.31
C MET C 323 -13.69 18.77 0.86
N LYS C 324 -14.34 19.90 0.65
CA LYS C 324 -13.64 21.10 0.21
C LYS C 324 -13.04 21.83 1.40
N GLU C 325 -13.78 21.95 2.49
CA GLU C 325 -13.27 22.62 3.68
C GLU C 325 -12.23 21.75 4.39
N VAL C 326 -12.24 20.47 4.07
CA VAL C 326 -11.32 19.52 4.67
C VAL C 326 -10.00 19.50 3.90
N ASP C 327 -10.08 19.08 2.64
CA ASP C 327 -8.92 18.98 1.76
C ASP C 327 -8.15 20.29 1.66
N GLU C 328 -8.88 21.39 1.56
CA GLU C 328 -8.27 22.71 1.46
C GLU C 328 -7.40 23.00 2.68
N GLN C 329 -8.02 22.91 3.85
CA GLN C 329 -7.32 23.14 5.11
C GLN C 329 -6.06 22.28 5.21
N MET C 330 -6.23 20.97 5.02
CA MET C 330 -5.13 20.01 5.08
C MET C 330 -3.95 20.45 4.22
N LEU C 331 -4.25 20.84 2.98
CA LEU C 331 -3.24 21.29 2.04
C LEU C 331 -2.51 22.53 2.58
N ASN C 332 -3.30 23.53 2.96
CA ASN C 332 -2.77 24.79 3.50
C ASN C 332 -1.71 24.56 4.57
N VAL C 333 -1.98 23.64 5.49
CA VAL C 333 -1.04 23.35 6.58
C VAL C 333 0.28 22.81 6.03
N GLN C 334 0.19 21.95 5.01
CA GLN C 334 1.39 21.36 4.41
C GLN C 334 2.17 22.40 3.61
N ASN C 335 1.52 23.51 3.31
CA ASN C 335 2.16 24.58 2.56
C ASN C 335 2.76 25.60 3.51
N LYS C 336 2.13 25.77 4.66
CA LYS C 336 2.60 26.72 5.67
C LYS C 336 3.76 26.18 6.48
N ASN C 337 3.73 24.87 6.77
CA ASN C 337 4.77 24.24 7.57
C ASN C 337 5.61 23.29 6.74
N SER C 338 5.93 23.71 5.51
CA SER C 338 6.73 22.91 4.59
C SER C 338 8.08 22.50 5.18
N SER C 339 8.55 23.29 6.16
CA SER C 339 9.82 23.02 6.83
C SER C 339 9.86 21.59 7.34
N TYR C 340 8.91 21.21 8.16
CA TYR C 340 8.85 19.85 8.67
C TYR C 340 7.62 19.14 8.15
N PHE C 341 7.77 18.53 6.98
CA PHE C 341 6.68 17.81 6.32
C PHE C 341 7.23 16.95 5.20
N VAL C 342 8.51 16.63 5.29
CA VAL C 342 9.21 15.81 4.31
C VAL C 342 9.27 16.43 2.91
N GLU C 343 10.29 16.05 2.16
CA GLU C 343 10.47 16.58 0.81
C GLU C 343 10.19 15.54 -0.26
N TRP C 344 10.63 14.30 -0.02
CA TRP C 344 10.44 13.21 -0.99
C TRP C 344 8.99 12.73 -1.13
N ILE C 345 8.07 13.37 -0.44
CA ILE C 345 6.66 13.02 -0.52
C ILE C 345 5.81 14.27 -0.69
N PRO C 346 5.21 14.43 -1.87
CA PRO C 346 4.38 15.60 -2.20
C PRO C 346 3.21 15.81 -1.24
N ASN C 347 2.50 14.73 -0.91
CA ASN C 347 1.35 14.82 -0.01
C ASN C 347 1.30 13.67 1.00
N ASN C 348 1.90 13.91 2.15
CA ASN C 348 1.94 12.95 3.25
C ASN C 348 0.55 12.69 3.83
N VAL C 349 -0.27 13.73 3.86
CA VAL C 349 -1.61 13.64 4.43
C VAL C 349 -2.54 12.73 3.62
N LYS C 350 -3.15 11.79 4.32
CA LYS C 350 -4.11 10.88 3.72
C LYS C 350 -5.49 11.20 4.31
N THR C 351 -6.28 11.95 3.57
CA THR C 351 -7.59 12.37 4.02
C THR C 351 -8.61 11.23 4.09
N ALA C 352 -9.37 11.22 5.18
CA ALA C 352 -10.43 10.25 5.39
C ALA C 352 -11.61 10.97 6.04
N VAL C 353 -12.82 10.72 5.56
CA VAL C 353 -14.00 11.40 6.10
C VAL C 353 -15.17 10.43 6.25
N CYS C 354 -15.52 10.15 7.49
CA CYS C 354 -16.64 9.29 7.80
C CYS C 354 -17.92 10.14 7.84
N ASP C 355 -19.04 9.53 8.17
CA ASP C 355 -20.31 10.25 8.22
C ASP C 355 -20.79 10.35 9.65
N ILE C 356 -21.08 9.21 10.24
CA ILE C 356 -21.56 9.16 11.62
C ILE C 356 -20.44 9.47 12.62
N PRO C 357 -20.64 10.49 13.46
CA PRO C 357 -19.66 10.88 14.47
C PRO C 357 -19.90 10.07 15.75
N PRO C 358 -19.04 10.21 16.76
CA PRO C 358 -19.23 9.49 18.03
C PRO C 358 -20.47 10.00 18.77
N ARG C 359 -21.53 9.20 18.68
CA ARG C 359 -22.84 9.46 19.29
C ARG C 359 -23.15 10.91 19.72
N GLY C 360 -22.64 11.35 20.87
CA GLY C 360 -22.94 12.69 21.36
C GLY C 360 -22.21 13.84 20.69
N LEU C 361 -21.18 13.56 19.91
CA LEU C 361 -20.44 14.63 19.24
C LEU C 361 -20.98 14.90 17.83
N LYS C 362 -20.83 16.14 17.38
CA LYS C 362 -21.31 16.55 16.06
C LYS C 362 -20.19 16.50 15.01
N MET C 363 -18.97 16.80 15.43
CA MET C 363 -17.83 16.82 14.52
C MET C 363 -16.58 16.37 15.24
N SER C 364 -15.87 15.43 14.64
CA SER C 364 -14.65 14.90 15.22
C SER C 364 -13.65 14.50 14.15
N ALA C 365 -12.44 14.15 14.57
CA ALA C 365 -11.39 13.75 13.65
C ALA C 365 -10.25 13.09 14.41
N THR C 366 -9.97 11.85 14.06
CA THR C 366 -8.89 11.12 14.70
C THR C 366 -7.57 11.45 13.98
N PHE C 367 -6.54 11.76 14.74
CA PHE C 367 -5.24 12.11 14.16
C PHE C 367 -4.21 11.01 14.38
N ILE C 368 -3.53 10.67 13.29
CA ILE C 368 -2.47 9.66 13.32
C ILE C 368 -1.24 10.23 12.63
N GLY C 369 -0.23 10.59 13.40
CA GLY C 369 0.97 11.16 12.82
C GLY C 369 2.17 10.22 12.86
N ASN C 370 2.87 10.14 11.75
CA ASN C 370 4.07 9.30 11.63
C ASN C 370 5.27 10.20 11.36
N SER C 371 5.69 10.92 12.39
CA SER C 371 6.82 11.83 12.26
C SER C 371 8.11 11.17 12.75
N THR C 372 9.24 11.75 12.35
CA THR C 372 10.54 11.23 12.75
C THR C 372 10.89 11.73 14.15
N ALA C 373 9.99 12.53 14.71
CA ALA C 373 10.16 13.09 16.04
C ALA C 373 10.16 12.00 17.11
N ILE C 374 9.63 10.83 16.76
CA ILE C 374 9.58 9.70 17.68
C ILE C 374 11.00 9.27 18.09
N GLN C 375 12.00 9.87 17.44
CA GLN C 375 13.39 9.62 17.74
C GLN C 375 13.67 10.09 19.16
N GLU C 376 13.05 11.22 19.53
CA GLU C 376 13.23 11.81 20.85
C GLU C 376 12.49 11.01 21.92
N LEU C 377 12.18 9.77 21.62
CA LEU C 377 11.50 8.89 22.55
C LEU C 377 12.31 7.59 22.67
N PHE C 378 12.62 6.99 21.52
CA PHE C 378 13.40 5.76 21.51
C PHE C 378 14.81 6.03 22.00
N LYS C 379 15.34 7.20 21.66
CA LYS C 379 16.68 7.60 22.08
C LYS C 379 16.75 7.58 23.60
N ARG C 380 15.72 8.14 24.22
CA ARG C 380 15.59 8.15 25.67
C ARG C 380 15.74 6.73 26.20
N ILE C 381 14.89 5.84 25.69
CA ILE C 381 14.90 4.43 26.08
C ILE C 381 16.31 3.83 25.97
N SER C 382 16.96 4.01 24.82
CA SER C 382 18.31 3.50 24.62
C SER C 382 19.24 4.05 25.70
N GLU C 383 19.13 5.34 25.97
CA GLU C 383 19.94 5.99 26.98
C GLU C 383 19.70 5.35 28.35
N GLN C 384 18.43 5.34 28.78
CA GLN C 384 18.05 4.74 30.06
C GLN C 384 18.59 3.32 30.17
N PHE C 385 18.35 2.52 29.12
CA PHE C 385 18.77 1.14 29.07
C PHE C 385 20.29 1.02 29.22
N THR C 386 21.02 1.51 28.22
CA THR C 386 22.48 1.46 28.21
C THR C 386 23.09 1.95 29.54
N ALA C 387 22.51 3.01 30.10
CA ALA C 387 22.99 3.58 31.36
C ALA C 387 22.97 2.57 32.51
N MET C 388 21.93 1.75 32.56
CA MET C 388 21.81 0.77 33.64
C MET C 388 22.33 -0.60 33.20
N PHE C 389 22.30 -0.84 31.89
CA PHE C 389 22.80 -2.09 31.33
C PHE C 389 24.30 -2.19 31.59
N ARG C 390 24.99 -1.06 31.45
CA ARG C 390 26.43 -0.98 31.72
C ARG C 390 26.79 -1.68 33.04
N ARG C 391 25.95 -1.51 34.05
CA ARG C 391 26.18 -2.12 35.35
C ARG C 391 25.40 -3.40 35.52
N LYS C 392 24.61 -3.73 34.50
CA LYS C 392 23.77 -4.93 34.50
C LYS C 392 22.82 -4.92 35.71
N ALA C 393 22.35 -3.71 36.04
CA ALA C 393 21.43 -3.43 37.16
C ALA C 393 20.66 -4.65 37.67
N PHE C 394 19.47 -4.85 37.17
CA PHE C 394 18.65 -5.98 37.59
C PHE C 394 18.72 -7.10 36.56
N LEU C 395 19.94 -7.42 36.12
CA LEU C 395 20.14 -8.47 35.13
C LEU C 395 19.90 -9.84 35.75
N HIS C 396 20.11 -9.92 37.06
CA HIS C 396 19.91 -11.15 37.79
C HIS C 396 18.46 -11.63 37.71
N TRP C 397 17.53 -10.68 37.67
CA TRP C 397 16.11 -11.00 37.60
C TRP C 397 15.75 -11.57 36.23
N TYR C 398 16.52 -11.20 35.21
CA TYR C 398 16.28 -11.67 33.85
C TYR C 398 16.98 -12.99 33.61
N THR C 399 18.29 -12.99 33.84
CA THR C 399 19.11 -14.19 33.66
C THR C 399 18.62 -15.34 34.53
N GLY C 400 18.22 -15.03 35.77
CA GLY C 400 17.74 -16.05 36.68
C GLY C 400 16.46 -16.70 36.22
N GLU C 401 15.74 -16.05 35.32
CA GLU C 401 14.50 -16.58 34.79
C GLU C 401 14.69 -17.15 33.38
N GLY C 402 15.95 -17.36 33.02
CA GLY C 402 16.26 -17.90 31.70
C GLY C 402 16.37 -16.83 30.62
N MET C 403 17.57 -16.31 30.47
CA MET C 403 17.83 -15.29 29.47
C MET C 403 19.23 -15.49 28.88
N ASP C 404 19.62 -14.63 27.95
CA ASP C 404 20.92 -14.71 27.31
C ASP C 404 21.56 -13.33 27.32
N GLU C 405 22.88 -13.28 27.41
CA GLU C 405 23.61 -12.01 27.42
C GLU C 405 23.47 -11.29 26.08
N MET C 406 23.21 -12.06 25.04
CA MET C 406 23.07 -11.50 23.70
C MET C 406 21.66 -10.94 23.48
N GLU C 407 20.72 -11.39 24.31
CA GLU C 407 19.34 -10.94 24.20
C GLU C 407 19.29 -9.43 24.36
N PHE C 408 20.11 -8.91 25.25
CA PHE C 408 20.19 -7.49 25.50
C PHE C 408 20.85 -6.76 24.34
N THR C 409 21.90 -7.37 23.77
CA THR C 409 22.60 -6.77 22.63
C THR C 409 21.67 -6.69 21.43
N GLU C 410 20.95 -7.78 21.17
CA GLU C 410 20.00 -7.85 20.08
C GLU C 410 19.01 -6.71 20.18
N ALA C 411 18.31 -6.66 21.31
CA ALA C 411 17.31 -5.62 21.57
C ALA C 411 17.90 -4.22 21.44
N GLU C 412 18.98 -3.95 22.17
CA GLU C 412 19.62 -2.64 22.13
C GLU C 412 20.01 -2.24 20.72
N SER C 413 20.75 -3.12 20.03
CA SER C 413 21.18 -2.87 18.66
C SER C 413 19.98 -2.56 17.77
N ASN C 414 19.03 -3.50 17.73
CA ASN C 414 17.82 -3.37 16.94
C ASN C 414 17.15 -2.00 17.15
N MET C 415 16.76 -1.73 18.38
CA MET C 415 16.09 -0.48 18.73
C MET C 415 16.96 0.74 18.42
N ASN C 416 18.26 0.65 18.69
CA ASN C 416 19.19 1.76 18.42
C ASN C 416 19.25 2.02 16.92
N ASP C 417 19.17 0.96 16.14
CA ASP C 417 19.20 1.06 14.68
C ASP C 417 17.92 1.74 14.19
N LEU C 418 16.83 1.46 14.90
CA LEU C 418 15.53 2.04 14.58
C LEU C 418 15.60 3.56 14.70
N VAL C 419 16.30 4.03 15.72
CA VAL C 419 16.47 5.46 15.95
C VAL C 419 17.21 6.06 14.75
N SER C 420 18.29 5.39 14.37
CA SER C 420 19.10 5.78 13.23
C SER C 420 18.25 5.87 11.95
N GLU C 421 17.55 4.78 11.64
CA GLU C 421 16.69 4.70 10.46
C GLU C 421 15.81 5.94 10.28
N TYR C 422 15.09 6.31 11.34
CA TYR C 422 14.23 7.49 11.31
C TYR C 422 15.01 8.76 10.97
N GLN C 423 16.24 8.83 11.46
CA GLN C 423 17.09 9.99 11.22
C GLN C 423 17.57 10.03 9.77
N GLN C 424 17.70 8.85 9.16
CA GLN C 424 18.14 8.74 7.77
C GLN C 424 17.15 9.39 6.81
N TYR C 425 15.90 9.53 7.28
CA TYR C 425 14.86 10.12 6.46
C TYR C 425 14.51 11.53 6.93
N GLN C 426 14.88 11.83 8.17
CA GLN C 426 14.63 13.15 8.75
C GLN C 426 15.40 14.23 7.99
N ASP C 427 16.61 13.89 7.54
CA ASP C 427 17.43 14.83 6.79
C ASP C 427 17.51 14.44 5.33
PB ADP D . 17.19 -24.62 -13.94
O1B ADP D . 17.69 -23.25 -14.35
O2B ADP D . 15.70 -24.71 -13.74
O3B ADP D . 17.97 -25.19 -12.81
PA ADP D . 18.47 -26.80 -15.25
O1A ADP D . 17.71 -27.92 -14.58
O2A ADP D . 19.81 -26.36 -14.73
O3A ADP D . 17.51 -25.50 -15.24
O5' ADP D . 18.58 -27.16 -16.81
C5' ADP D . 17.43 -27.37 -17.62
C4' ADP D . 17.75 -28.58 -18.51
O4' ADP D . 18.67 -28.21 -19.53
C3' ADP D . 18.41 -29.64 -17.66
O3' ADP D . 18.01 -30.94 -18.15
C2' ADP D . 19.89 -29.45 -17.92
O2' ADP D . 20.57 -30.70 -17.85
C1' ADP D . 19.93 -28.86 -19.31
N9 ADP D . 21.02 -27.84 -19.43
C8 ADP D . 21.04 -26.64 -18.81
N7 ADP D . 22.17 -25.95 -19.13
C5 ADP D . 22.89 -26.72 -19.97
C6 ADP D . 24.16 -26.60 -20.70
N6 ADP D . 24.92 -25.48 -20.58
N1 ADP D . 24.54 -27.63 -21.49
C2 ADP D . 23.80 -28.74 -21.63
N3 ADP D . 22.62 -28.92 -21.00
C4 ADP D . 22.12 -27.97 -20.17
MG MG E . 16.96 -26.29 -11.14
PG GTP F . -9.87 1.72 -3.14
O1G GTP F . -9.49 0.23 -3.27
O2G GTP F . -10.80 1.99 -1.98
O3G GTP F . -8.52 2.41 -2.98
O3B GTP F . -10.70 2.30 -4.45
PB GTP F . -11.25 3.84 -4.65
O1B GTP F . -10.70 4.31 -5.97
O2B GTP F . -12.70 3.89 -4.44
O3A GTP F . -10.47 4.66 -3.62
PA GTP F . -10.59 6.06 -3.02
O1A GTP F . -11.96 6.33 -2.53
O2A GTP F . -9.50 6.22 -2.01
O5' GTP F . -10.21 7.04 -4.29
C5' GTP F . -10.27 8.42 -3.94
C4' GTP F . -9.93 9.38 -5.03
O4' GTP F . -11.11 9.71 -5.80
C3' GTP F . -9.47 10.68 -4.40
O3' GTP F . -8.63 11.37 -5.29
C2' GTP F . -10.79 11.39 -4.15
O2' GTP F . -10.58 12.80 -4.13
C1' GTP F . -11.67 10.96 -5.33
N9 GTP F . -13.09 10.72 -5.02
C8 GTP F . -13.60 9.84 -4.09
N7 GTP F . -14.90 9.84 -4.02
C5 GTP F . -15.28 10.78 -4.94
C6 GTP F . -16.56 11.23 -5.31
O6 GTP F . -17.63 10.83 -4.85
N1 GTP F . -16.54 12.22 -6.31
C2 GTP F . -15.39 12.72 -6.89
N2 GTP F . -15.55 13.64 -7.79
N3 GTP F . -14.17 12.32 -6.55
C4 GTP F . -14.17 11.35 -5.58
MG MG G . -13.23 2.21 -1.82
PB GDP H . 2.17 -5.74 33.81
O1B GDP H . 2.08 -6.31 32.45
O2B GDP H . 0.96 -5.54 34.47
O3B GDP H . 3.25 -6.63 34.66
O3A GDP H . 2.78 -4.31 33.63
PA GDP H . 2.16 -2.82 34.10
O1A GDP H . 0.93 -2.54 33.30
O2A GDP H . 1.97 -2.88 35.60
O5' GDP H . 3.29 -1.87 33.62
C5' GDP H . 3.48 -0.55 34.22
C4' GDP H . 3.40 0.56 33.30
O4' GDP H . 2.03 0.62 32.74
C3' GDP H . 3.53 1.99 33.95
O3' GDP H . 4.30 2.81 33.00
C2' GDP H . 2.12 2.61 34.09
O2' GDP H . 1.97 4.04 33.98
C1' GDP H . 1.33 1.92 32.98
N9 GDP H . -0.06 1.61 33.33
C8 GDP H . -0.35 0.54 34.33
N7 GDP H . -1.74 0.70 34.23
C5 GDP H . -2.26 1.61 33.42
C6 GDP H . -3.45 2.20 32.93
O6 GDP H . -4.60 1.70 33.41
N1 GDP H . -3.49 3.19 32.00
C2 GDP H . -2.21 3.71 31.47
N2 GDP H . -2.49 4.67 30.62
N3 GDP H . -1.11 3.24 31.89
C4 GDP H . -1.11 2.23 32.78
O01 TA1 I . -17.25 13.16 28.91
C01 TA1 I . -17.48 13.72 27.60
C02 TA1 I . -16.31 14.82 27.37
O02 TA1 I . -15.08 13.98 27.46
C03 TA1 I . -14.27 14.13 28.61
O03 TA1 I . -14.49 14.92 29.49
C04 TA1 I . -13.13 13.26 28.59
C05 TA1 I . -12.96 12.57 29.87
C06 TA1 I . -11.78 11.64 29.92
C07 TA1 I . -10.92 11.47 28.81
C08 TA1 I . -11.16 12.11 27.76
C09 TA1 I . -12.23 13.02 27.54
C10 TA1 I . -16.25 15.61 25.95
C11 TA1 I . -14.78 15.71 25.30
O04 TA1 I . -14.21 14.38 24.96
C12 TA1 I . -14.74 13.59 23.96
O05 TA1 I . -15.67 13.89 23.27
C13 TA1 I . -13.94 12.31 23.85
C14 TA1 I . -13.62 16.34 26.11
O06 TA1 I . -13.35 17.34 25.11
C15 TA1 I . -14.41 16.82 24.28
C16 TA1 I . -15.48 17.90 23.94
C17 TA1 I . -16.89 17.54 24.40
O07 TA1 I . -17.79 18.64 24.08
C18 TA1 I . -16.96 17.13 25.95
C19 TA1 I . -16.20 18.19 26.80
C20 TA1 I . -18.49 17.27 26.48
O08 TA1 I . -18.75 18.09 27.33
C21 TA1 I . -19.61 16.37 25.96
O09 TA1 I . -20.87 16.75 26.68
C22 TA1 I . -21.91 17.35 25.99
O10 TA1 I . -21.91 17.61 24.84
C23 TA1 I . -23.05 17.65 26.93
C24 TA1 I . -19.27 14.89 26.17
C25 TA1 I . -19.09 14.06 25.07
C26 TA1 I . -18.58 12.61 25.37
O11 TA1 I . -18.07 11.90 24.19
C27 TA1 I . -18.90 11.12 23.53
O12 TA1 I . -20.05 10.92 23.76
C28 TA1 I . -18.17 10.44 22.34
O13 TA1 I . -19.09 9.58 21.70
C29 TA1 I . -16.94 9.68 22.90
N01 TA1 I . -17.42 8.83 23.98
C30 TA1 I . -16.64 8.44 25.01
O14 TA1 I . -15.46 8.75 25.13
C31 TA1 I . -17.35 7.61 26.03
C32 TA1 I . -17.94 6.38 25.75
C33 TA1 I . -18.62 5.65 26.77
C34 TA1 I . -18.69 6.17 28.08
C35 TA1 I . -18.10 7.39 28.37
C36 TA1 I . -17.44 8.13 27.38
C37 TA1 I . -16.18 8.93 21.79
C38 TA1 I . -15.13 9.59 21.15
C39 TA1 I . -14.39 8.96 20.11
C40 TA1 I . -14.73 7.66 19.72
C41 TA1 I . -15.77 7.00 20.35
C42 TA1 I . -16.51 7.63 21.39
C43 TA1 I . -17.42 12.63 26.43
C44 TA1 I . -19.26 14.46 23.61
C45 TA1 I . -19.02 14.34 27.66
C46 TA1 I . -20.12 13.23 27.98
C47 TA1 I . -19.17 15.31 28.86
N SER A 41 36.13 -1.59 -3.45
CA SER A 41 35.85 -2.71 -2.57
C SER A 41 35.52 -3.94 -3.38
N GLU A 42 35.44 -5.08 -2.74
CA GLU A 42 35.13 -6.30 -3.44
C GLU A 42 33.70 -6.26 -3.96
N LYS A 43 33.57 -5.91 -5.23
CA LYS A 43 32.28 -5.88 -5.86
C LYS A 43 32.00 -7.26 -6.37
N VAL A 44 30.76 -7.70 -6.28
CA VAL A 44 30.43 -9.04 -6.74
C VAL A 44 30.83 -9.21 -8.19
N LYS A 45 31.60 -10.26 -8.44
CA LYS A 45 32.02 -10.55 -9.79
C LYS A 45 30.81 -11.09 -10.51
N VAL A 46 30.45 -10.49 -11.61
CA VAL A 46 29.30 -10.93 -12.34
C VAL A 46 29.71 -11.67 -13.59
N TYR A 47 29.25 -12.89 -13.69
CA TYR A 47 29.55 -13.72 -14.83
C TYR A 47 28.23 -14.10 -15.47
N LEU A 48 28.15 -13.99 -16.77
CA LEU A 48 26.92 -14.31 -17.46
C LEU A 48 27.10 -15.60 -18.23
N ARG A 49 26.15 -16.50 -18.06
CA ARG A 49 26.19 -17.77 -18.73
C ARG A 49 24.93 -17.95 -19.56
N ILE A 50 25.12 -18.31 -20.80
CA ILE A 50 24.02 -18.54 -21.69
C ILE A 50 23.98 -20.03 -22.01
N ARG A 51 22.85 -20.67 -21.77
CA ARG A 51 22.77 -22.10 -22.04
C ARG A 51 22.26 -22.35 -23.45
N PRO A 52 22.60 -23.53 -24.02
CA PRO A 52 22.16 -23.89 -25.36
C PRO A 52 20.66 -24.14 -25.40
N PHE A 53 20.05 -23.91 -26.55
CA PHE A 53 18.62 -24.11 -26.71
C PHE A 53 18.26 -25.57 -26.45
N LEU A 54 17.17 -25.77 -25.74
CA LEU A 54 16.70 -27.11 -25.43
C LEU A 54 16.13 -27.74 -26.69
N THR A 55 16.05 -29.06 -26.72
CA THR A 55 15.54 -29.78 -27.88
C THR A 55 14.19 -29.22 -28.36
N SER A 56 13.26 -29.11 -27.43
CA SER A 56 11.93 -28.59 -27.73
C SER A 56 11.96 -27.08 -27.93
N GLU A 57 12.82 -26.41 -27.17
CA GLU A 57 12.96 -24.96 -27.24
C GLU A 57 13.47 -24.52 -28.60
N LEU A 58 14.51 -25.19 -29.08
CA LEU A 58 15.10 -24.89 -30.38
C LEU A 58 14.12 -25.24 -31.49
N ASP A 59 13.40 -26.33 -31.30
CA ASP A 59 12.43 -26.79 -32.27
C ASP A 59 11.26 -25.82 -32.37
N ARG A 60 10.93 -25.18 -31.26
CA ARG A 60 9.84 -24.22 -31.22
C ARG A 60 10.18 -23.02 -32.09
N GLN A 61 11.37 -22.47 -31.87
CA GLN A 61 11.86 -21.32 -32.62
C GLN A 61 13.36 -21.22 -32.46
N GLU A 62 14.07 -20.83 -33.52
CA GLU A 62 15.51 -20.69 -33.45
C GLU A 62 15.84 -19.26 -33.07
N ASP A 63 15.44 -18.92 -31.86
CA ASP A 63 15.64 -17.58 -31.31
C ASP A 63 17.02 -17.39 -30.70
N GLN A 64 17.74 -18.50 -30.51
CA GLN A 64 19.07 -18.46 -29.91
C GLN A 64 19.93 -17.36 -30.54
N GLY A 65 20.60 -16.60 -29.69
CA GLY A 65 21.43 -15.53 -30.18
C GLY A 65 20.71 -14.19 -30.13
N CYS A 66 19.57 -14.14 -29.43
CA CYS A 66 18.80 -12.90 -29.30
C CYS A 66 19.68 -11.81 -28.70
N VAL A 67 20.49 -12.18 -27.73
CA VAL A 67 21.41 -11.24 -27.13
C VAL A 67 22.69 -11.22 -27.96
N CYS A 68 23.15 -10.04 -28.29
CA CYS A 68 24.34 -9.90 -29.08
C CYS A 68 25.55 -9.81 -28.17
N ILE A 69 26.69 -10.28 -28.64
CA ILE A 69 27.89 -10.29 -27.83
C ILE A 69 28.93 -9.28 -28.31
N GLU A 70 29.34 -8.41 -27.40
CA GLU A 70 30.35 -7.40 -27.67
C GLU A 70 31.29 -7.36 -26.47
N ASN A 71 32.54 -7.74 -26.68
CA ASN A 71 33.53 -7.81 -25.59
C ASN A 71 33.23 -9.03 -24.74
N THR A 72 34.19 -9.47 -23.95
CA THR A 72 33.97 -10.64 -23.09
C THR A 72 33.16 -10.27 -21.84
N GLU A 73 33.20 -9.00 -21.46
CA GLU A 73 32.50 -8.50 -20.29
C GLU A 73 31.07 -8.00 -20.52
N THR A 74 30.80 -7.49 -21.71
CA THR A 74 29.51 -6.88 -21.99
C THR A 74 28.62 -7.66 -22.96
N LEU A 75 27.32 -7.45 -22.81
CA LEU A 75 26.32 -8.07 -23.65
C LEU A 75 25.36 -6.98 -24.11
N VAL A 76 25.00 -7.00 -25.37
CA VAL A 76 24.06 -6.03 -25.89
C VAL A 76 22.73 -6.72 -26.18
N LEU A 77 21.65 -6.14 -25.75
CA LEU A 77 20.34 -6.75 -25.94
C LEU A 77 19.66 -6.15 -27.15
N GLN A 78 19.32 -7.03 -28.14
CA GLN A 78 18.69 -6.65 -29.38
C GLN A 78 17.66 -7.71 -29.65
N ALA A 79 16.36 -7.45 -29.38
CA ALA A 79 15.36 -8.46 -29.56
C ALA A 79 14.35 -8.01 -30.56
N PRO A 80 14.11 -8.86 -31.51
CA PRO A 80 13.07 -8.53 -32.43
C PRO A 80 11.77 -8.95 -31.82
N GLN A 95 10.74 -4.13 -30.25
CA GLN A 95 12.22 -4.10 -30.17
C GLN A 95 12.62 -3.56 -28.84
N ALA A 96 13.92 -3.65 -28.53
CA ALA A 96 14.42 -3.16 -27.28
C ALA A 96 15.90 -3.12 -27.43
N THR A 97 16.58 -2.12 -26.86
CA THR A 97 17.99 -2.17 -26.99
C THR A 97 18.52 -1.87 -25.64
N HIS A 98 19.40 -2.73 -25.11
CA HIS A 98 19.96 -2.45 -23.79
C HIS A 98 21.39 -2.97 -23.75
N LYS A 99 22.10 -2.64 -22.69
CA LYS A 99 23.47 -3.10 -22.53
C LYS A 99 23.66 -3.69 -21.15
N PHE A 100 24.20 -4.89 -21.11
CA PHE A 100 24.44 -5.59 -19.86
C PHE A 100 25.94 -5.68 -19.63
N THR A 101 26.42 -4.97 -18.62
CA THR A 101 27.83 -4.97 -18.31
C THR A 101 28.13 -5.90 -17.14
N PHE A 102 28.96 -6.89 -17.40
CA PHE A 102 29.35 -7.87 -16.39
C PHE A 102 30.86 -7.98 -16.36
N SER A 103 31.37 -8.85 -15.51
CA SER A 103 32.81 -9.04 -15.42
C SER A 103 33.27 -9.90 -16.60
N GLN A 104 32.51 -10.95 -16.87
CA GLN A 104 32.81 -11.86 -17.97
C GLN A 104 31.55 -12.65 -18.38
N ILE A 105 31.56 -13.19 -19.59
CA ILE A 105 30.42 -13.94 -20.09
C ILE A 105 30.87 -15.13 -20.93
N PHE A 106 30.10 -16.21 -20.88
CA PHE A 106 30.38 -17.39 -21.67
C PHE A 106 29.26 -17.58 -22.68
N GLY A 107 29.64 -17.97 -23.89
CA GLY A 107 28.67 -18.16 -24.96
C GLY A 107 27.70 -19.30 -24.70
N PRO A 108 26.56 -19.31 -25.43
CA PRO A 108 25.53 -20.35 -25.30
C PRO A 108 26.06 -21.75 -25.58
N GLU A 109 27.13 -21.82 -26.36
CA GLU A 109 27.74 -23.09 -26.72
C GLU A 109 28.56 -23.68 -25.58
N VAL A 110 29.01 -22.81 -24.68
CA VAL A 110 29.81 -23.22 -23.55
C VAL A 110 29.02 -24.09 -22.58
N GLY A 111 29.51 -25.30 -22.34
CA GLY A 111 28.86 -26.21 -21.42
C GLY A 111 29.24 -25.87 -20.00
N GLN A 112 28.87 -26.71 -19.06
CA GLN A 112 29.20 -26.46 -17.65
C GLN A 112 30.71 -26.61 -17.43
N VAL A 113 31.32 -27.55 -18.13
CA VAL A 113 32.77 -27.83 -18.00
C VAL A 113 33.64 -26.57 -18.05
N ALA A 114 33.41 -25.75 -19.06
CA ALA A 114 34.17 -24.51 -19.24
C ALA A 114 33.80 -23.48 -18.18
N PHE A 115 32.54 -23.49 -17.75
CA PHE A 115 32.07 -22.54 -16.76
C PHE A 115 32.57 -22.85 -15.34
N PHE A 116 32.61 -24.10 -14.95
CA PHE A 116 33.05 -24.45 -13.61
C PHE A 116 34.52 -24.14 -13.34
N ASN A 117 35.37 -24.24 -14.36
CA ASN A 117 36.80 -24.00 -14.19
C ASN A 117 37.12 -22.61 -13.63
N LEU A 118 36.36 -21.60 -14.03
CA LEU A 118 36.60 -20.24 -13.54
C LEU A 118 36.35 -20.19 -12.03
N THR A 119 35.29 -20.86 -11.60
CA THR A 119 34.94 -20.89 -10.19
C THR A 119 35.92 -21.78 -9.42
N MET A 120 36.46 -22.80 -10.09
CA MET A 120 37.43 -23.72 -9.48
C MET A 120 38.58 -22.94 -8.85
N LYS A 121 39.19 -22.10 -9.65
CA LYS A 121 40.32 -21.27 -9.21
C LYS A 121 39.92 -20.41 -8.01
N GLU A 122 38.68 -19.95 -8.02
CA GLU A 122 38.15 -19.11 -6.96
C GLU A 122 37.80 -19.88 -5.68
N MET A 123 37.33 -21.10 -5.84
CA MET A 123 36.94 -21.94 -4.70
C MET A 123 38.15 -22.43 -3.91
N VAL A 124 39.13 -22.97 -4.62
CA VAL A 124 40.34 -23.50 -4.00
C VAL A 124 41.14 -22.40 -3.30
N LYS A 125 41.13 -21.20 -3.88
CA LYS A 125 41.86 -20.08 -3.31
C LYS A 125 41.25 -19.56 -2.00
N ASP A 126 39.96 -19.78 -1.81
CA ASP A 126 39.28 -19.29 -0.60
C ASP A 126 39.90 -19.82 0.68
N VAL A 127 40.28 -21.09 0.70
CA VAL A 127 40.89 -21.68 1.88
C VAL A 127 42.16 -20.90 2.24
N LEU A 128 42.81 -20.38 1.21
CA LEU A 128 44.02 -19.58 1.37
C LEU A 128 43.67 -18.16 1.82
N LYS A 129 42.49 -17.71 1.42
CA LYS A 129 42.02 -16.37 1.74
C LYS A 129 41.83 -16.18 3.23
N GLY A 130 41.19 -17.14 3.89
CA GLY A 130 40.97 -17.04 5.32
C GLY A 130 39.69 -16.32 5.67
N GLN A 131 38.89 -16.05 4.66
CA GLN A 131 37.61 -15.36 4.84
C GLN A 131 36.48 -16.14 4.17
N ASN A 132 35.25 -15.67 4.29
CA ASN A 132 34.12 -16.34 3.67
C ASN A 132 34.04 -16.04 2.17
N TRP A 133 33.44 -16.94 1.43
CA TRP A 133 33.26 -16.79 0.00
C TRP A 133 31.88 -17.31 -0.37
N LEU A 134 31.20 -16.63 -1.27
CA LEU A 134 29.88 -17.05 -1.67
C LEU A 134 29.67 -16.87 -3.17
N ILE A 135 29.05 -17.87 -3.78
CA ILE A 135 28.75 -17.84 -5.19
C ILE A 135 27.25 -17.93 -5.37
N TYR A 136 26.67 -16.97 -6.06
CA TYR A 136 25.24 -16.95 -6.26
C TYR A 136 24.91 -17.23 -7.72
N THR A 137 23.98 -18.12 -7.95
CA THR A 137 23.54 -18.43 -9.29
C THR A 137 22.15 -17.84 -9.52
N TYR A 138 22.06 -16.88 -10.40
CA TYR A 138 20.80 -16.24 -10.68
C TYR A 138 20.40 -16.47 -12.13
N GLY A 139 19.10 -16.53 -12.36
CA GLY A 139 18.60 -16.74 -13.68
C GLY A 139 17.19 -17.30 -13.66
N VAL A 140 16.64 -17.51 -14.82
CA VAL A 140 15.29 -18.05 -14.94
C VAL A 140 15.31 -19.55 -14.71
N THR A 141 14.20 -20.10 -14.25
CA THR A 141 14.13 -21.54 -14.04
C THR A 141 14.42 -22.27 -15.36
N ASN A 142 15.19 -23.34 -15.28
CA ASN A 142 15.55 -24.14 -16.46
C ASN A 142 16.61 -23.44 -17.34
N SER A 143 17.13 -22.31 -16.88
CA SER A 143 18.15 -21.58 -17.64
C SER A 143 19.54 -22.22 -17.47
N GLY A 144 19.65 -23.17 -16.50
CA GLY A 144 20.91 -23.78 -16.26
C GLY A 144 21.38 -23.58 -14.84
N LYS A 145 20.50 -23.09 -13.94
CA LYS A 145 20.97 -22.87 -12.59
C LYS A 145 21.39 -24.15 -11.94
N THR A 146 20.55 -25.18 -12.02
CA THR A 146 20.78 -26.43 -11.38
C THR A 146 21.92 -27.13 -12.05
N TYR A 147 22.04 -26.91 -13.35
CA TYR A 147 23.05 -27.48 -14.18
C TYR A 147 24.36 -26.91 -13.73
N THR A 148 24.39 -25.59 -13.46
CA THR A 148 25.60 -24.94 -13.06
C THR A 148 25.99 -25.33 -11.65
N ILE A 149 25.00 -25.43 -10.74
CA ILE A 149 25.26 -25.76 -9.36
C ILE A 149 25.73 -27.21 -9.18
N GLN A 150 24.81 -28.16 -9.30
CA GLN A 150 25.15 -29.56 -9.12
C GLN A 150 25.56 -30.22 -10.43
N GLY A 151 24.94 -29.80 -11.52
CA GLY A 151 25.25 -30.38 -12.79
C GLY A 151 24.60 -31.73 -12.96
N THR A 152 24.81 -32.35 -14.09
CA THR A 152 24.24 -33.67 -14.36
C THR A 152 25.20 -34.74 -13.86
N SER A 153 24.81 -35.99 -13.99
CA SER A 153 25.65 -37.09 -13.56
C SER A 153 26.88 -37.18 -14.45
N LYS A 154 26.67 -37.01 -15.75
CA LYS A 154 27.76 -37.04 -16.73
C LYS A 154 28.58 -35.75 -16.68
N ASP A 155 27.88 -34.62 -16.66
CA ASP A 155 28.54 -33.32 -16.64
C ASP A 155 28.35 -32.65 -15.29
N ALA A 156 29.35 -32.79 -14.43
CA ALA A 156 29.31 -32.22 -13.09
C ALA A 156 29.41 -30.70 -13.12
N GLY A 157 28.76 -30.06 -12.16
CA GLY A 157 28.76 -28.62 -12.09
C GLY A 157 29.83 -28.04 -11.20
N ILE A 158 29.63 -26.78 -10.81
CA ILE A 158 30.57 -26.05 -9.96
C ILE A 158 30.68 -26.64 -8.55
N LEU A 159 29.59 -27.22 -8.05
CA LEU A 159 29.56 -27.78 -6.70
C LEU A 159 30.43 -29.04 -6.55
N PRO A 160 30.23 -30.09 -7.37
CA PRO A 160 31.01 -31.32 -7.27
C PRO A 160 32.52 -31.09 -7.39
N GLN A 161 32.91 -30.26 -8.35
CA GLN A 161 34.32 -29.97 -8.60
C GLN A 161 34.97 -29.23 -7.42
N SER A 162 34.20 -28.38 -6.74
CA SER A 162 34.72 -27.63 -5.61
C SER A 162 35.22 -28.55 -4.50
N LEU A 163 34.36 -29.48 -4.08
CA LEU A 163 34.73 -30.42 -3.02
C LEU A 163 35.86 -31.33 -3.46
N ALA A 164 35.86 -31.67 -4.75
CA ALA A 164 36.90 -32.52 -5.31
C ALA A 164 38.26 -31.85 -5.20
N LEU A 165 38.32 -30.56 -5.52
CA LEU A 165 39.56 -29.81 -5.47
C LEU A 165 39.95 -29.47 -4.04
N ILE A 166 38.97 -29.20 -3.19
CA ILE A 166 39.23 -28.88 -1.80
C ILE A 166 39.87 -30.06 -1.08
N PHE A 167 39.27 -31.24 -1.23
CA PHE A 167 39.82 -32.44 -0.61
C PHE A 167 41.14 -32.84 -1.25
N ASN A 168 41.27 -32.56 -2.54
CA ASN A 168 42.49 -32.87 -3.27
C ASN A 168 43.69 -32.20 -2.60
N SER A 169 43.54 -30.94 -2.26
CA SER A 169 44.58 -30.18 -1.59
C SER A 169 44.74 -30.62 -0.13
N LEU A 170 43.65 -31.14 0.44
CA LEU A 170 43.65 -31.60 1.82
C LEU A 170 44.60 -32.79 2.02
N ARG A 277 47.07 -29.60 9.53
CA ARG A 277 45.85 -30.37 9.45
C ARG A 277 44.69 -29.49 8.97
N PHE A 278 43.95 -29.98 8.00
CA PHE A 278 42.80 -29.25 7.48
C PHE A 278 41.52 -29.97 7.85
N SER A 279 40.57 -29.24 8.39
CA SER A 279 39.29 -29.81 8.78
C SER A 279 38.20 -29.13 8.00
N VAL A 280 37.24 -29.90 7.52
CA VAL A 280 36.15 -29.33 6.75
C VAL A 280 34.80 -29.86 7.20
N TRP A 281 33.89 -28.93 7.49
CA TRP A 281 32.54 -29.28 7.92
C TRP A 281 31.57 -28.99 6.80
N ILE A 282 30.51 -29.77 6.72
CA ILE A 282 29.53 -29.60 5.66
C ILE A 282 28.14 -29.28 6.19
N SER A 283 27.49 -28.36 5.51
CA SER A 283 26.14 -27.95 5.84
C SER A 283 25.38 -27.63 4.56
N PHE A 284 24.16 -28.12 4.45
CA PHE A 284 23.34 -27.90 3.28
C PHE A 284 21.90 -27.70 3.73
N PHE A 285 21.38 -26.51 3.49
CA PHE A 285 20.02 -26.20 3.90
C PHE A 285 19.28 -25.42 2.84
N GLU A 286 17.97 -25.44 2.92
CA GLU A 286 17.12 -24.74 1.97
C GLU A 286 16.19 -23.81 2.74
N ILE A 287 15.87 -22.68 2.16
CA ILE A 287 14.98 -21.73 2.81
C ILE A 287 13.67 -21.59 2.04
N TYR A 288 12.58 -21.88 2.72
CA TYR A 288 11.26 -21.80 2.13
C TYR A 288 10.33 -21.01 3.03
N ASN A 289 9.76 -19.92 2.49
CA ASN A 289 8.84 -19.06 3.23
C ASN A 289 9.50 -18.47 4.47
N GLU A 290 10.79 -18.11 4.32
CA GLU A 290 11.59 -17.54 5.41
C GLU A 290 11.89 -18.53 6.53
N LEU A 291 11.77 -19.82 6.22
CA LEU A 291 12.07 -20.87 7.19
C LEU A 291 13.20 -21.73 6.67
N LEU A 292 14.13 -22.09 7.56
CA LEU A 292 15.27 -22.91 7.17
C LEU A 292 15.00 -24.39 7.42
N TYR A 293 15.45 -25.22 6.49
CA TYR A 293 15.28 -26.66 6.57
C TYR A 293 16.62 -27.32 6.37
N ASP A 294 16.90 -28.36 7.13
CA ASP A 294 18.17 -29.08 7.02
C ASP A 294 18.01 -30.20 6.00
N LEU A 295 18.68 -30.02 4.87
CA LEU A 295 18.60 -30.97 3.78
C LEU A 295 19.45 -32.20 4.05
N LEU A 296 20.42 -32.16 5.00
CA LEU A 296 21.12 -33.38 5.36
C LEU A 296 20.13 -34.36 5.95
N GLU A 297 19.13 -33.86 6.72
CA GLU A 297 18.09 -34.64 7.37
C GLU A 297 16.99 -34.98 6.42
N PRO A 298 16.46 -36.16 6.65
CA PRO A 298 15.28 -36.61 5.96
C PRO A 298 14.06 -36.07 6.64
N PRO A 299 12.95 -35.88 5.97
CA PRO A 299 11.80 -35.35 6.65
C PRO A 299 11.30 -36.29 7.70
N SER A 300 11.16 -35.78 8.94
CA SER A 300 10.80 -36.61 10.03
C SER A 300 10.19 -35.71 11.09
N GLN A 306 10.98 -29.53 11.77
CA GLN A 306 12.38 -29.34 11.32
C GLN A 306 12.64 -27.97 10.74
N THR A 307 12.51 -26.93 11.59
CA THR A 307 12.82 -25.59 11.19
C THR A 307 14.02 -25.24 11.99
N LEU A 308 14.84 -24.27 11.53
CA LEU A 308 16.00 -23.93 12.30
C LEU A 308 15.78 -22.66 13.06
N ARG A 309 16.43 -22.59 14.24
CA ARG A 309 16.57 -21.42 15.09
C ARG A 309 17.75 -20.56 14.63
N LEU A 310 17.86 -19.36 15.16
CA LEU A 310 18.93 -18.45 14.78
C LEU A 310 19.71 -18.04 16.02
N CYS A 311 21.02 -18.14 15.93
CA CYS A 311 21.87 -17.78 17.05
C CYS A 311 22.61 -16.49 16.73
N GLU A 312 22.82 -15.68 17.74
CA GLU A 312 23.52 -14.43 17.56
C GLU A 312 24.64 -14.36 18.58
N ASP A 313 25.83 -13.97 18.13
CA ASP A 313 26.96 -13.86 19.04
C ASP A 313 26.75 -12.60 19.85
N GLN A 314 27.41 -12.51 21.00
CA GLN A 314 27.26 -11.35 21.89
C GLN A 314 27.56 -10.04 21.19
N ASN A 315 28.43 -10.10 20.18
CA ASN A 315 28.81 -8.93 19.40
C ASN A 315 27.72 -8.48 18.44
N GLY A 316 26.77 -9.36 18.15
CA GLY A 316 25.71 -9.02 17.22
C GLY A 316 25.81 -9.78 15.91
N ASN A 317 26.80 -10.66 15.79
CA ASN A 317 26.99 -11.46 14.57
C ASN A 317 26.04 -12.65 14.59
N PRO A 318 25.17 -12.76 13.58
CA PRO A 318 24.23 -13.87 13.49
C PRO A 318 24.86 -15.10 12.85
N TYR A 319 24.47 -16.25 13.36
CA TYR A 319 24.95 -17.53 12.87
C TYR A 319 23.79 -18.51 12.85
N VAL A 320 23.82 -19.48 11.95
CA VAL A 320 22.75 -20.47 11.88
C VAL A 320 22.90 -21.48 13.01
N LYS A 321 21.85 -21.65 13.80
CA LYS A 321 21.89 -22.59 14.90
C LYS A 321 21.07 -23.83 14.59
N ASP A 322 21.50 -24.95 15.17
CA ASP A 322 20.83 -26.25 15.00
C ASP A 322 21.01 -26.78 13.59
N LEU A 323 22.02 -26.26 12.90
CA LEU A 323 22.32 -26.71 11.55
C LEU A 323 23.16 -27.96 11.66
N ASN A 324 22.84 -28.98 10.90
CA ASN A 324 23.59 -30.22 10.97
C ASN A 324 24.94 -30.06 10.27
N TRP A 325 26.00 -30.09 11.07
CA TRP A 325 27.34 -29.97 10.56
C TRP A 325 28.08 -31.29 10.72
N ILE A 326 28.64 -31.78 9.63
CA ILE A 326 29.37 -33.05 9.66
C ILE A 326 30.73 -32.89 9.01
N HIS A 327 31.73 -33.54 9.58
CA HIS A 327 33.08 -33.51 9.03
C HIS A 327 33.17 -34.51 7.88
N VAL A 328 33.96 -34.19 6.87
CA VAL A 328 34.09 -35.09 5.72
C VAL A 328 35.51 -35.62 5.57
N ARG A 329 35.63 -36.93 5.72
CA ARG A 329 36.91 -37.61 5.62
C ARG A 329 37.28 -37.89 4.17
N ASP A 330 36.28 -38.11 3.32
CA ASP A 330 36.52 -38.42 1.92
C ASP A 330 35.97 -37.34 0.99
N VAL A 331 36.53 -37.26 -0.22
CA VAL A 331 36.11 -36.27 -1.22
C VAL A 331 34.71 -36.56 -1.75
N GLU A 332 34.45 -37.81 -2.11
CA GLU A 332 33.15 -38.19 -2.64
C GLU A 332 32.11 -38.08 -1.54
N GLU A 333 32.52 -38.38 -0.33
CA GLU A 333 31.64 -38.30 0.84
C GLU A 333 31.03 -36.91 0.95
N ALA A 334 31.84 -35.89 0.71
CA ALA A 334 31.39 -34.50 0.78
C ALA A 334 30.29 -34.24 -0.25
N TRP A 335 30.56 -34.62 -1.50
CA TRP A 335 29.59 -34.44 -2.58
C TRP A 335 28.36 -35.29 -2.34
N LYS A 336 28.56 -36.50 -1.84
CA LYS A 336 27.45 -37.41 -1.56
C LYS A 336 26.57 -36.88 -0.44
N LEU A 337 27.19 -36.33 0.59
CA LEU A 337 26.45 -35.79 1.72
C LEU A 337 25.57 -34.63 1.28
N LEU A 338 26.10 -33.77 0.42
CA LEU A 338 25.32 -32.63 -0.07
C LEU A 338 24.29 -33.12 -1.08
N LYS A 339 24.62 -34.20 -1.78
CA LYS A 339 23.71 -34.79 -2.76
C LYS A 339 22.45 -35.28 -2.07
N VAL A 340 22.59 -35.77 -0.84
CA VAL A 340 21.45 -36.26 -0.08
C VAL A 340 20.41 -35.15 0.05
N GLY A 341 20.89 -33.95 0.39
CA GLY A 341 20.01 -32.81 0.52
C GLY A 341 19.48 -32.37 -0.83
N ARG A 342 20.34 -32.45 -1.84
CA ARG A 342 19.97 -32.07 -3.19
C ARG A 342 18.87 -33.01 -3.72
N LYS A 343 18.91 -34.26 -3.27
CA LYS A 343 17.90 -35.24 -3.67
C LYS A 343 16.54 -34.82 -3.12
N ASN A 344 16.53 -34.41 -1.86
CA ASN A 344 15.31 -33.98 -1.18
C ASN A 344 14.66 -32.82 -1.92
N GLN A 345 15.40 -31.74 -2.11
CA GLN A 345 14.87 -30.56 -2.79
C GLN A 345 14.79 -30.77 -4.30
N SER A 346 15.41 -31.85 -4.77
CA SER A 346 15.41 -32.20 -6.19
C SER A 346 16.06 -31.09 -7.04
N ARG A 358 12.09 -23.44 -6.76
CA ARG A 358 11.05 -22.85 -5.91
C ARG A 358 11.63 -22.08 -4.74
N SER A 359 12.64 -22.64 -4.11
CA SER A 359 13.24 -22.03 -2.94
C SER A 359 14.73 -21.73 -3.16
N HIS A 360 15.42 -21.32 -2.10
CA HIS A 360 16.83 -21.01 -2.19
C HIS A 360 17.64 -22.15 -1.60
N SER A 361 18.67 -22.56 -2.31
CA SER A 361 19.52 -23.64 -1.84
C SER A 361 20.87 -23.05 -1.45
N ILE A 362 21.36 -23.42 -0.28
CA ILE A 362 22.64 -22.90 0.17
C ILE A 362 23.50 -23.99 0.80
N PHE A 363 24.68 -24.17 0.22
CA PHE A 363 25.64 -25.16 0.69
C PHE A 363 26.82 -24.43 1.32
N SER A 364 27.02 -24.67 2.60
CA SER A 364 28.11 -24.01 3.32
C SER A 364 29.12 -25.02 3.86
N ILE A 365 30.40 -24.74 3.63
CA ILE A 365 31.47 -25.60 4.11
C ILE A 365 32.52 -24.76 4.82
N ARG A 366 32.88 -25.16 6.02
CA ARG A 366 33.88 -24.44 6.79
C ARG A 366 35.20 -25.17 6.74
N ILE A 367 36.24 -24.45 6.37
CA ILE A 367 37.56 -25.03 6.27
C ILE A 367 38.46 -24.51 7.38
N LEU A 368 39.00 -25.44 8.13
CA LEU A 368 39.89 -25.13 9.23
C LEU A 368 41.31 -25.46 8.81
N HIS A 369 42.19 -24.49 8.90
CA HIS A 369 43.59 -24.68 8.52
C HIS A 369 44.50 -24.46 9.72
N LEU A 370 45.22 -25.51 10.10
CA LEU A 370 46.15 -25.45 11.21
C LEU A 370 47.53 -25.94 10.78
N PRO A 378 43.59 -20.07 13.84
CA PRO A 378 43.47 -20.99 12.70
C PRO A 378 42.77 -20.31 11.54
N LYS A 379 43.38 -20.41 10.37
CA LYS A 379 42.79 -19.82 9.18
C LYS A 379 41.47 -20.51 8.89
N ILE A 380 40.38 -19.76 8.87
CA ILE A 380 39.08 -20.32 8.62
C ILE A 380 38.41 -19.69 7.41
N SER A 381 37.93 -20.53 6.51
CA SER A 381 37.25 -20.07 5.31
C SER A 381 35.86 -20.69 5.25
N GLU A 382 34.98 -20.09 4.49
CA GLU A 382 33.64 -20.59 4.34
C GLU A 382 33.23 -20.50 2.89
N LEU A 383 32.92 -21.64 2.29
CA LEU A 383 32.51 -21.67 0.89
C LEU A 383 31.02 -21.93 0.84
N SER A 384 30.29 -21.01 0.24
CA SER A 384 28.87 -21.17 0.14
C SER A 384 28.38 -21.18 -1.30
N LEU A 385 27.74 -22.28 -1.68
CA LEU A 385 27.19 -22.44 -3.01
C LEU A 385 25.71 -22.13 -2.90
N CYS A 386 25.27 -21.07 -3.54
CA CYS A 386 23.88 -20.68 -3.44
C CYS A 386 23.14 -20.75 -4.76
N ASP A 387 22.03 -21.46 -4.72
CA ASP A 387 21.15 -21.60 -5.87
C ASP A 387 19.89 -20.82 -5.51
N LEU A 388 19.71 -19.67 -6.23
CA LEU A 388 18.60 -18.75 -6.07
C LEU A 388 17.46 -19.15 -6.99
N ALA A 389 16.25 -18.68 -6.62
CA ALA A 389 15.01 -18.86 -7.33
C ALA A 389 14.92 -17.75 -8.33
N ALA A 406 3.64 -15.47 -0.36
CA ALA A 406 4.86 -15.99 0.24
C ALA A 406 5.71 -14.83 0.67
N GLY A 407 6.19 -14.00 -0.30
CA GLY A 407 6.55 -12.65 0.09
C GLY A 407 8.04 -12.53 0.37
N ASN A 408 8.65 -13.62 0.80
CA ASN A 408 10.06 -13.63 1.10
C ASN A 408 10.92 -13.54 -0.16
N ILE A 409 10.46 -14.11 -1.27
CA ILE A 409 11.23 -14.09 -2.51
C ILE A 409 11.25 -12.69 -3.13
N ASN A 410 10.09 -12.06 -3.25
CA ASN A 410 10.01 -10.71 -3.83
C ASN A 410 10.73 -9.70 -2.94
N THR A 411 10.65 -9.91 -1.64
CA THR A 411 11.30 -9.04 -0.68
C THR A 411 12.81 -9.20 -0.76
N SER A 412 13.29 -10.44 -0.64
CA SER A 412 14.72 -10.73 -0.68
C SER A 412 15.36 -10.18 -1.95
N LEU A 413 14.69 -10.36 -3.09
CA LEU A 413 15.20 -9.87 -4.36
C LEU A 413 15.37 -8.35 -4.34
N HIS A 414 14.36 -7.67 -3.81
CA HIS A 414 14.39 -6.22 -3.74
C HIS A 414 15.40 -5.73 -2.73
N THR A 415 15.45 -6.36 -1.56
CA THR A 415 16.40 -5.99 -0.53
C THR A 415 17.82 -6.17 -1.03
N LEU A 416 18.04 -7.20 -1.84
CA LEU A 416 19.35 -7.46 -2.42
C LEU A 416 19.71 -6.31 -3.35
N GLY A 417 18.73 -5.90 -4.17
CA GLY A 417 18.94 -4.80 -5.09
C GLY A 417 19.18 -3.51 -4.34
N ARG A 418 18.51 -3.35 -3.22
CA ARG A 418 18.66 -2.16 -2.39
C ARG A 418 20.04 -2.14 -1.73
N CYS A 419 20.49 -3.30 -1.27
CA CYS A 419 21.78 -3.40 -0.62
C CYS A 419 22.93 -3.18 -1.60
N ILE A 420 22.83 -3.75 -2.80
CA ILE A 420 23.89 -3.58 -3.80
C ILE A 420 23.97 -2.14 -4.27
N ALA A 421 22.82 -1.46 -4.29
CA ALA A 421 22.77 -0.06 -4.69
C ALA A 421 23.41 0.79 -3.61
N ALA A 422 22.97 0.59 -2.37
CA ALA A 422 23.49 1.33 -1.24
C ALA A 422 24.99 1.07 -1.09
N LEU A 423 25.38 -0.18 -1.26
CA LEU A 423 26.78 -0.58 -1.15
C LEU A 423 27.61 0.07 -2.24
N ARG A 424 27.15 -0.04 -3.49
CA ARG A 424 27.89 0.55 -4.61
C ARG A 424 28.07 2.05 -4.41
N GLN A 425 27.05 2.70 -3.85
CA GLN A 425 27.10 4.14 -3.59
C GLN A 425 28.21 4.45 -2.59
N ASN A 426 28.20 3.73 -1.47
CA ASN A 426 29.19 3.93 -0.42
C ASN A 426 30.61 3.66 -0.94
N GLN A 427 30.73 2.64 -1.78
CA GLN A 427 32.02 2.25 -2.34
C GLN A 427 32.52 3.26 -3.39
N GLN A 428 31.61 3.75 -4.24
CA GLN A 428 32.00 4.71 -5.28
C GLN A 428 32.17 6.12 -4.74
N ASN A 429 31.42 6.44 -3.70
CA ASN A 429 31.51 7.77 -3.09
C ASN A 429 32.79 7.90 -2.30
N ARG A 430 33.38 9.09 -2.35
CA ARG A 430 34.61 9.36 -1.63
C ARG A 430 34.37 9.17 -0.14
N LEU A 435 22.69 3.98 4.16
CA LEU A 435 22.17 3.02 5.12
C LEU A 435 22.19 1.69 4.43
N ILE A 436 22.53 0.60 5.15
CA ILE A 436 22.53 -0.71 4.52
C ILE A 436 21.28 -1.51 4.94
N PRO A 437 20.53 -1.99 3.96
CA PRO A 437 19.26 -2.73 4.11
C PRO A 437 19.36 -4.14 4.63
N PHE A 438 20.54 -4.54 5.12
CA PHE A 438 20.74 -5.88 5.58
C PHE A 438 19.76 -6.26 6.66
N ARG A 439 19.48 -5.35 7.61
CA ARG A 439 18.62 -5.70 8.71
C ARG A 439 17.25 -6.04 8.25
N ASP A 440 16.77 -5.41 7.17
CA ASP A 440 15.43 -5.55 6.70
C ASP A 440 15.14 -7.01 6.42
N SER A 441 16.10 -7.77 5.88
CA SER A 441 15.96 -9.14 5.41
C SER A 441 16.91 -10.08 6.16
N LYS A 442 16.38 -11.20 6.63
CA LYS A 442 17.17 -12.17 7.39
C LYS A 442 18.17 -12.89 6.49
N LEU A 443 17.77 -13.12 5.24
CA LEU A 443 18.61 -13.81 4.27
C LEU A 443 19.95 -13.12 4.11
N THR A 444 19.93 -11.82 3.87
CA THR A 444 21.16 -11.07 3.71
C THR A 444 21.86 -10.86 5.05
N ARG A 445 21.07 -10.72 6.11
CA ARG A 445 21.62 -10.50 7.44
C ARG A 445 22.53 -11.64 7.91
N VAL A 446 22.12 -12.88 7.65
CA VAL A 446 22.92 -14.03 8.05
C VAL A 446 24.24 -14.09 7.25
N PHE A 447 24.18 -13.62 6.01
CA PHE A 447 25.35 -13.59 5.14
C PHE A 447 26.17 -12.31 5.33
N GLN A 448 25.69 -11.44 6.21
CA GLN A 448 26.33 -10.14 6.48
C GLN A 448 27.84 -10.22 6.67
N GLY A 449 28.30 -11.19 7.46
CA GLY A 449 29.73 -11.33 7.71
C GLY A 449 30.54 -11.41 6.43
N PHE A 450 30.02 -12.17 5.47
CA PHE A 450 30.66 -12.34 4.18
C PHE A 450 30.59 -11.06 3.32
N PHE A 451 29.41 -10.48 3.24
CA PHE A 451 29.18 -9.27 2.44
C PHE A 451 29.86 -8.02 2.99
N THR A 452 29.48 -7.63 4.19
CA THR A 452 30.05 -6.45 4.83
C THR A 452 31.54 -6.65 5.17
N GLY A 453 31.92 -7.89 5.39
CA GLY A 453 33.31 -8.21 5.69
C GLY A 453 34.12 -8.27 4.42
N ARG A 454 35.42 -8.51 4.55
CA ARG A 454 36.24 -8.60 3.37
C ARG A 454 36.08 -10.00 2.81
N GLY A 455 35.58 -10.11 1.60
CA GLY A 455 35.36 -11.39 1.02
C GLY A 455 34.98 -11.28 -0.43
N ARG A 456 35.35 -12.29 -1.20
CA ARG A 456 35.06 -12.30 -2.63
C ARG A 456 33.66 -12.82 -2.91
N SER A 457 32.88 -12.05 -3.63
CA SER A 457 31.52 -12.44 -3.95
C SER A 457 31.37 -12.70 -5.44
N CYS A 458 31.25 -13.97 -5.81
CA CYS A 458 31.08 -14.33 -7.21
C CYS A 458 29.60 -14.59 -7.53
N MET A 459 29.10 -14.00 -8.61
CA MET A 459 27.71 -14.20 -9.01
C MET A 459 27.62 -14.60 -10.47
N ILE A 460 27.00 -15.74 -10.72
CA ILE A 460 26.82 -16.24 -12.08
C ILE A 460 25.36 -16.09 -12.49
N VAL A 461 25.15 -15.49 -13.64
CA VAL A 461 23.81 -15.29 -14.15
C VAL A 461 23.59 -16.16 -15.38
N ASN A 462 22.78 -17.19 -15.23
CA ASN A 462 22.50 -18.07 -16.36
C ASN A 462 21.14 -17.71 -16.93
N VAL A 463 21.05 -17.65 -18.24
CA VAL A 463 19.80 -17.29 -18.87
C VAL A 463 19.67 -17.90 -20.27
N ASN A 464 18.46 -17.85 -20.81
CA ASN A 464 18.17 -18.39 -22.12
C ASN A 464 18.37 -17.32 -23.18
N PRO A 465 19.06 -17.68 -24.29
CA PRO A 465 19.30 -16.77 -25.41
C PRO A 465 18.03 -16.54 -26.23
N CYS A 466 16.97 -17.22 -25.81
CA CYS A 466 15.66 -17.15 -26.46
C CYS A 466 15.10 -15.73 -26.46
N ALA A 467 14.44 -15.36 -27.55
CA ALA A 467 13.84 -14.03 -27.68
C ALA A 467 12.60 -13.90 -26.81
N SER A 468 11.87 -14.99 -26.66
CA SER A 468 10.67 -14.99 -25.84
C SER A 468 11.03 -14.83 -24.36
N THR A 469 12.24 -15.25 -24.03
CA THR A 469 12.75 -15.16 -22.67
C THR A 469 13.41 -13.80 -22.40
N TYR A 470 13.51 -12.96 -23.44
CA TYR A 470 14.15 -11.64 -23.31
C TYR A 470 13.62 -10.83 -22.12
N ASP A 471 12.30 -10.84 -21.95
CA ASP A 471 11.66 -10.11 -20.86
C ASP A 471 12.18 -10.60 -19.52
N GLU A 472 12.39 -11.91 -19.41
CA GLU A 472 12.86 -12.60 -18.23
C GLU A 472 14.39 -12.27 -18.05
N THR A 473 15.08 -12.37 -19.19
CA THR A 473 16.53 -12.17 -19.25
C THR A 473 16.94 -10.80 -18.69
N LEU A 474 16.24 -9.76 -19.14
CA LEU A 474 16.52 -8.40 -18.69
C LEU A 474 16.43 -8.30 -17.18
N HIS A 475 15.42 -8.95 -16.61
CA HIS A 475 15.21 -8.94 -15.16
C HIS A 475 16.34 -9.63 -14.42
N ALA A 476 16.78 -10.78 -14.94
CA ALA A 476 17.85 -11.53 -14.33
C ALA A 476 19.17 -10.75 -14.34
N ALA A 477 19.49 -10.18 -15.49
CA ALA A 477 20.72 -9.40 -15.66
C ALA A 477 20.66 -8.10 -14.86
N LYS A 478 19.45 -7.59 -14.64
CA LYS A 478 19.25 -6.36 -13.89
C LYS A 478 19.58 -6.55 -12.41
N PHE A 479 19.30 -7.74 -11.91
CA PHE A 479 19.55 -8.06 -10.51
C PHE A 479 21.05 -8.13 -10.20
N SER A 480 21.80 -8.77 -11.14
CA SER A 480 23.23 -8.89 -11.09
C SER A 480 23.97 -7.62 -11.45
N ALA A 481 23.80 -7.09 -12.69
CA ALA A 481 24.68 -6.01 -13.05
C ALA A 481 23.92 -4.79 -13.38
N LEU A 482 24.69 -3.70 -13.59
CA LEU A 482 24.19 -2.42 -14.00
C LEU A 482 24.59 -2.27 -15.43
N ALA A 483 23.87 -1.39 -16.15
CA ALA A 483 24.15 -1.08 -17.53
C ALA A 483 25.36 -0.14 -17.54
N ARG B 2 -25.15 0.76 -30.52
CA ARG B 2 -26.05 1.85 -30.17
C ARG B 2 -26.11 2.04 -28.66
N GLU B 3 -26.24 0.94 -27.94
CA GLU B 3 -26.31 0.99 -26.48
C GLU B 3 -24.90 1.11 -25.89
N CYS B 4 -24.82 1.34 -24.59
CA CYS B 4 -23.54 1.47 -23.93
C CYS B 4 -23.65 1.16 -22.44
N ILE B 5 -23.13 0.01 -22.05
CA ILE B 5 -23.14 -0.39 -20.65
C ILE B 5 -22.09 0.45 -19.91
N SER B 6 -22.17 0.50 -18.60
CA SER B 6 -21.21 1.28 -17.82
C SER B 6 -20.65 0.47 -16.66
N ILE B 7 -19.36 0.55 -16.48
CA ILE B 7 -18.67 -0.17 -15.42
C ILE B 7 -18.10 0.78 -14.38
N HIS B 8 -18.83 0.97 -13.30
CA HIS B 8 -18.40 1.85 -12.23
C HIS B 8 -17.61 1.05 -11.20
N VAL B 9 -16.32 1.29 -11.14
CA VAL B 9 -15.46 0.56 -10.22
C VAL B 9 -14.74 1.49 -9.24
N GLY B 10 -14.57 1.04 -8.01
CA GLY B 10 -13.88 1.83 -7.02
C GLY B 10 -14.84 2.64 -6.16
N GLN B 11 -14.39 2.96 -4.95
CA GLN B 11 -15.20 3.73 -4.00
C GLN B 11 -15.77 4.99 -4.64
N ALA B 12 -14.88 5.80 -5.19
CA ALA B 12 -15.27 7.04 -5.85
C ALA B 12 -16.19 6.75 -7.05
N GLY B 13 -15.78 5.76 -7.85
CA GLY B 13 -16.53 5.38 -9.03
C GLY B 13 -17.97 5.00 -8.74
N VAL B 14 -18.22 4.50 -7.53
CA VAL B 14 -19.57 4.11 -7.14
C VAL B 14 -20.37 5.34 -6.74
N GLN B 15 -19.71 6.26 -6.04
CA GLN B 15 -20.36 7.49 -5.61
C GLN B 15 -20.71 8.38 -6.81
N ILE B 16 -19.78 8.48 -7.75
CA ILE B 16 -20.01 9.29 -8.94
C ILE B 16 -21.08 8.64 -9.82
N GLY B 17 -21.16 7.31 -9.76
CA GLY B 17 -22.14 6.60 -10.54
C GLY B 17 -23.53 6.82 -10.00
N ASN B 18 -23.65 6.79 -8.67
CA ASN B 18 -24.94 7.00 -8.00
C ASN B 18 -25.53 8.37 -8.37
N ALA B 19 -24.69 9.39 -8.33
CA ALA B 19 -25.12 10.75 -8.66
C ALA B 19 -25.54 10.86 -10.13
N CYS B 20 -24.70 10.33 -11.01
CA CYS B 20 -24.98 10.36 -12.44
C CYS B 20 -26.26 9.59 -12.77
N TRP B 21 -26.39 8.40 -12.21
CA TRP B 21 -27.56 7.57 -12.44
C TRP B 21 -28.84 8.20 -11.92
N GLU B 22 -28.72 8.95 -10.83
CA GLU B 22 -29.87 9.63 -10.25
C GLU B 22 -30.41 10.64 -11.25
N LEU B 23 -29.51 11.54 -11.67
CA LEU B 23 -29.84 12.56 -12.67
C LEU B 23 -30.44 11.94 -13.92
N TYR B 24 -29.81 10.84 -14.37
CA TYR B 24 -30.24 10.11 -15.55
C TYR B 24 -31.73 9.82 -15.54
N CYS B 25 -32.15 8.96 -14.61
CA CYS B 25 -33.55 8.60 -14.48
C CYS B 25 -34.45 9.82 -14.25
N LEU B 26 -33.91 10.83 -13.57
CA LEU B 26 -34.65 12.07 -13.28
C LEU B 26 -35.06 12.81 -14.54
N GLU B 27 -34.23 12.75 -15.58
CA GLU B 27 -34.55 13.43 -16.84
C GLU B 27 -35.12 12.46 -17.85
N HIS B 28 -35.50 11.28 -17.38
CA HIS B 28 -36.09 10.26 -18.23
C HIS B 28 -37.44 9.82 -17.67
N GLY B 29 -37.84 10.46 -16.58
CA GLY B 29 -39.11 10.15 -15.94
C GLY B 29 -39.13 8.75 -15.34
N ILE B 30 -38.00 8.30 -14.82
CA ILE B 30 -37.90 6.98 -14.23
C ILE B 30 -37.63 7.05 -12.73
N GLN B 31 -38.69 6.92 -11.95
CA GLN B 31 -38.59 6.92 -10.49
C GLN B 31 -37.85 5.67 -10.00
N PRO B 32 -37.56 5.58 -8.68
CA PRO B 32 -36.89 4.42 -8.07
C PRO B 32 -37.35 3.08 -8.65
N ASP B 33 -38.66 2.93 -8.80
CA ASP B 33 -39.21 1.70 -9.36
C ASP B 33 -39.60 1.94 -10.81
N GLY B 34 -38.78 1.42 -11.73
CA GLY B 34 -39.08 1.53 -13.12
C GLY B 34 -39.55 0.13 -13.51
N HIS B 61 -37.13 1.28 -15.30
CA HIS B 61 -37.10 -0.16 -15.62
C HIS B 61 -35.76 -0.68 -15.18
N VAL B 62 -35.09 -1.49 -16.02
CA VAL B 62 -33.79 -1.99 -15.63
C VAL B 62 -32.69 -1.17 -16.31
N PRO B 63 -31.69 -0.72 -15.53
CA PRO B 63 -30.56 0.07 -16.07
C PRO B 63 -29.64 -0.75 -16.97
N ARG B 64 -28.42 -0.25 -17.19
CA ARG B 64 -27.44 -0.93 -18.06
C ARG B 64 -26.02 -0.62 -17.60
N ALA B 65 -25.72 -0.90 -16.34
CA ALA B 65 -24.39 -0.67 -15.81
C ALA B 65 -24.13 -1.61 -14.64
N VAL B 66 -22.91 -1.59 -14.12
CA VAL B 66 -22.56 -2.44 -13.00
C VAL B 66 -21.65 -1.69 -12.04
N PHE B 67 -21.65 -2.12 -10.79
CA PHE B 67 -20.82 -1.51 -9.76
C PHE B 67 -19.91 -2.56 -9.14
N VAL B 68 -18.60 -2.28 -9.12
CA VAL B 68 -17.62 -3.22 -8.56
C VAL B 68 -16.70 -2.55 -7.56
N ASP B 69 -16.54 -3.15 -6.38
CA ASP B 69 -15.64 -2.63 -5.35
C ASP B 69 -15.23 -3.72 -4.37
N LEU B 70 -14.11 -3.52 -3.70
CA LEU B 70 -13.59 -4.50 -2.75
C LEU B 70 -14.05 -4.23 -1.32
N GLU B 71 -14.93 -3.25 -1.14
CA GLU B 71 -15.46 -2.94 0.18
C GLU B 71 -16.98 -2.98 0.14
N PRO B 72 -17.59 -3.95 0.85
CA PRO B 72 -19.04 -4.14 0.89
C PRO B 72 -19.79 -2.85 1.21
N THR B 73 -19.37 -2.16 2.27
CA THR B 73 -19.99 -0.91 2.71
C THR B 73 -20.15 0.13 1.59
N VAL B 74 -19.23 0.15 0.62
CA VAL B 74 -19.30 1.12 -0.45
C VAL B 74 -20.47 0.84 -1.39
N ILE B 75 -20.60 -0.41 -1.79
CA ILE B 75 -21.69 -0.83 -2.66
C ILE B 75 -22.99 -0.90 -1.86
N ASP B 76 -22.87 -1.30 -0.60
CA ASP B 76 -24.00 -1.45 0.31
C ASP B 76 -24.73 -0.14 0.54
N GLU B 77 -24.02 0.98 0.39
CA GLU B 77 -24.63 2.29 0.58
C GLU B 77 -25.72 2.52 -0.46
N VAL B 78 -25.53 1.98 -1.65
CA VAL B 78 -26.49 2.11 -2.73
C VAL B 78 -27.56 1.02 -2.62
N ARG B 79 -27.19 -0.05 -1.92
CA ARG B 79 -28.11 -1.18 -1.72
C ARG B 79 -29.02 -0.90 -0.52
N THR B 80 -28.75 0.20 0.17
CA THR B 80 -29.53 0.60 1.31
C THR B 80 -30.14 2.00 1.14
N GLY B 81 -29.39 2.88 0.48
CA GLY B 81 -29.85 4.25 0.24
C GLY B 81 -30.92 4.36 -0.84
N THR B 82 -31.00 5.54 -1.45
CA THR B 82 -31.98 5.80 -2.50
C THR B 82 -31.73 4.93 -3.75
N TYR B 83 -32.80 4.68 -4.50
CA TYR B 83 -32.73 3.88 -5.71
C TYR B 83 -32.17 2.48 -5.45
N ARG B 84 -32.46 1.98 -4.25
CA ARG B 84 -31.98 0.67 -3.83
C ARG B 84 -32.53 -0.45 -4.73
N GLN B 85 -33.83 -0.43 -4.97
CA GLN B 85 -34.45 -1.45 -5.80
C GLN B 85 -34.47 -1.10 -7.28
N LEU B 86 -33.65 -0.14 -7.68
CA LEU B 86 -33.57 0.25 -9.09
C LEU B 86 -32.51 -0.59 -9.79
N PHE B 87 -31.75 -1.33 -9.00
CA PHE B 87 -30.69 -2.17 -9.52
C PHE B 87 -30.94 -3.64 -9.19
N HIS B 88 -30.18 -4.50 -9.83
CA HIS B 88 -30.28 -5.94 -9.63
C HIS B 88 -29.01 -6.45 -8.94
N PRO B 89 -29.15 -7.38 -7.98
CA PRO B 89 -28.00 -7.93 -7.24
C PRO B 89 -26.94 -8.57 -8.15
N GLU B 90 -27.26 -8.72 -9.43
CA GLU B 90 -26.34 -9.31 -10.39
C GLU B 90 -25.38 -8.25 -10.92
N GLN B 91 -25.81 -7.00 -10.91
CA GLN B 91 -24.98 -5.91 -11.40
C GLN B 91 -24.26 -5.22 -10.26
N LEU B 92 -24.33 -5.83 -9.08
CA LEU B 92 -23.68 -5.30 -7.89
C LEU B 92 -22.71 -6.33 -7.35
N ILE B 93 -21.46 -6.23 -7.78
CA ILE B 93 -20.42 -7.15 -7.36
C ILE B 93 -19.54 -6.52 -6.28
N THR B 94 -19.24 -7.29 -5.26
CA THR B 94 -18.41 -6.81 -4.17
C THR B 94 -17.46 -7.93 -3.71
N GLY B 95 -16.33 -7.52 -3.15
CA GLY B 95 -15.35 -8.47 -2.69
C GLY B 95 -15.20 -8.43 -1.19
N LYS B 96 -15.89 -9.34 -0.51
CA LYS B 96 -15.90 -9.47 0.96
C LYS B 96 -14.55 -9.22 1.65
N GLU B 97 -13.44 -9.46 0.94
CA GLU B 97 -12.10 -9.25 1.51
C GLU B 97 -11.81 -7.78 1.84
N ASP B 98 -10.60 -7.35 1.55
CA ASP B 98 -10.19 -5.98 1.83
C ASP B 98 -9.95 -5.19 0.55
N ALA B 99 -10.22 -3.89 0.63
CA ALA B 99 -10.06 -2.99 -0.51
C ALA B 99 -8.60 -2.70 -0.80
N ALA B 100 -7.88 -2.18 0.21
CA ALA B 100 -6.46 -1.83 0.06
C ALA B 100 -6.26 -0.62 -0.85
N ASN B 101 -5.57 0.39 -0.36
CA ASN B 101 -5.34 1.60 -1.14
C ASN B 101 -4.11 1.49 -2.04
N ASN B 102 -3.85 0.31 -2.54
CA ASN B 102 -2.69 0.10 -3.40
C ASN B 102 -3.06 -0.66 -4.68
N TYR B 103 -2.59 -0.13 -5.79
CA TYR B 103 -2.81 -0.70 -7.11
C TYR B 103 -2.54 -2.20 -7.13
N ALA B 104 -1.28 -2.56 -6.94
CA ALA B 104 -0.81 -3.96 -6.93
C ALA B 104 -1.83 -4.97 -6.39
N ARG B 105 -2.25 -4.78 -5.15
CA ARG B 105 -3.20 -5.69 -4.52
C ARG B 105 -4.53 -5.76 -5.26
N GLY B 106 -5.06 -4.60 -5.64
CA GLY B 106 -6.32 -4.52 -6.35
C GLY B 106 -6.23 -5.07 -7.75
N HIS B 107 -5.03 -5.07 -8.31
CA HIS B 107 -4.79 -5.57 -9.66
C HIS B 107 -4.49 -7.07 -9.63
N TYR B 108 -3.44 -7.43 -8.93
CA TYR B 108 -3.03 -8.83 -8.82
C TYR B 108 -3.85 -9.58 -7.76
N THR B 109 -3.23 -9.78 -6.59
CA THR B 109 -3.81 -10.49 -5.45
C THR B 109 -5.34 -10.70 -5.48
N ILE B 110 -6.06 -9.69 -5.03
CA ILE B 110 -7.52 -9.77 -4.96
C ILE B 110 -8.23 -9.59 -6.31
N GLY B 111 -7.94 -8.47 -6.97
CA GLY B 111 -8.55 -8.15 -8.27
C GLY B 111 -8.70 -9.30 -9.25
N LYS B 112 -7.67 -10.12 -9.37
CA LYS B 112 -7.71 -11.27 -10.28
C LYS B 112 -8.84 -12.22 -9.94
N GLU B 113 -8.99 -12.52 -8.65
CA GLU B 113 -10.05 -13.41 -8.17
C GLU B 113 -11.44 -12.99 -8.63
N ILE B 114 -11.73 -11.70 -8.51
CA ILE B 114 -13.04 -11.15 -8.83
C ILE B 114 -13.30 -10.93 -10.33
N ILE B 115 -12.26 -10.67 -11.12
CA ILE B 115 -12.40 -10.42 -12.56
C ILE B 115 -13.40 -11.35 -13.27
N ASP B 116 -13.31 -12.65 -12.99
CA ASP B 116 -14.17 -13.65 -13.61
C ASP B 116 -15.65 -13.26 -13.51
N LEU B 117 -16.15 -13.18 -12.27
CA LEU B 117 -17.53 -12.81 -12.01
C LEU B 117 -17.92 -11.49 -12.66
N VAL B 118 -17.03 -10.51 -12.57
CA VAL B 118 -17.27 -9.19 -13.15
C VAL B 118 -17.41 -9.27 -14.65
N LEU B 119 -16.41 -9.85 -15.31
CA LEU B 119 -16.42 -10.01 -16.76
C LEU B 119 -17.71 -10.69 -17.20
N ASP B 120 -18.06 -11.75 -16.48
CA ASP B 120 -19.27 -12.53 -16.75
C ASP B 120 -20.48 -11.61 -16.92
N ARG B 121 -20.63 -10.65 -16.02
CA ARG B 121 -21.74 -9.70 -16.07
C ARG B 121 -21.64 -8.80 -17.30
N ILE B 122 -20.44 -8.28 -17.57
CA ILE B 122 -20.23 -7.39 -18.71
C ILE B 122 -20.35 -8.14 -20.05
N ARG B 123 -20.56 -9.45 -19.98
CA ARG B 123 -20.69 -10.25 -21.18
C ARG B 123 -22.13 -10.69 -21.32
N LYS B 124 -22.82 -10.79 -20.18
CA LYS B 124 -24.22 -11.18 -20.15
C LYS B 124 -25.10 -9.99 -20.53
N LEU B 125 -24.72 -8.80 -20.05
CA LEU B 125 -25.46 -7.59 -20.34
C LEU B 125 -25.22 -7.15 -21.76
N ALA B 126 -24.03 -7.45 -22.28
CA ALA B 126 -23.66 -7.08 -23.65
C ALA B 126 -24.44 -7.92 -24.66
N ASP B 127 -24.77 -9.14 -24.28
CA ASP B 127 -25.51 -10.03 -25.15
C ASP B 127 -27.00 -9.72 -25.07
N GLN B 128 -27.48 -9.51 -23.83
CA GLN B 128 -28.88 -9.18 -23.58
C GLN B 128 -29.36 -7.98 -24.40
N CYS B 129 -28.53 -6.94 -24.48
CA CYS B 129 -28.90 -5.74 -25.22
C CYS B 129 -28.95 -6.00 -26.72
N THR B 130 -29.21 -4.95 -27.49
CA THR B 130 -29.30 -5.08 -28.93
C THR B 130 -28.30 -4.15 -29.61
N GLY B 131 -27.23 -4.74 -30.14
CA GLY B 131 -26.18 -3.97 -30.80
C GLY B 131 -25.64 -2.83 -29.94
N LEU B 132 -24.59 -3.13 -29.17
CA LEU B 132 -23.99 -2.13 -28.30
C LEU B 132 -22.92 -1.37 -29.05
N GLN B 133 -22.45 -0.27 -28.46
CA GLN B 133 -21.43 0.55 -29.07
C GLN B 133 -20.13 0.49 -28.28
N GLY B 134 -20.24 0.29 -26.97
CA GLY B 134 -19.07 0.21 -26.15
C GLY B 134 -19.39 0.13 -24.68
N PHE B 135 -18.39 0.40 -23.85
CA PHE B 135 -18.55 0.35 -22.40
C PHE B 135 -18.04 1.61 -21.73
N SER B 136 -18.90 2.26 -20.96
CA SER B 136 -18.55 3.46 -20.24
C SER B 136 -17.86 3.11 -18.93
N VAL B 137 -16.57 3.37 -18.85
CA VAL B 137 -15.81 3.04 -17.65
C VAL B 137 -15.80 4.23 -16.69
N PHE B 138 -15.98 3.94 -15.40
CA PHE B 138 -15.97 4.96 -14.37
C PHE B 138 -15.08 4.53 -13.22
N HIS B 139 -13.94 5.21 -13.03
CA HIS B 139 -13.00 4.87 -11.98
C HIS B 139 -12.28 6.11 -11.41
N SER B 140 -11.48 5.88 -10.36
CA SER B 140 -10.76 6.93 -9.65
C SER B 140 -9.23 6.71 -9.62
N PHE B 141 -8.58 7.01 -10.74
CA PHE B 141 -7.10 6.93 -10.91
C PHE B 141 -6.25 6.56 -9.67
N GLY B 142 -6.36 7.36 -8.60
CA GLY B 142 -5.59 7.10 -7.39
C GLY B 142 -6.35 6.37 -6.31
N GLY B 143 -6.64 5.10 -6.54
CA GLY B 143 -7.36 4.31 -5.57
C GLY B 143 -6.87 2.87 -5.55
N GLY B 144 -7.72 1.96 -5.09
CA GLY B 144 -7.36 0.57 -5.07
C GLY B 144 -8.05 -0.17 -6.18
N THR B 145 -9.37 -0.31 -6.04
CA THR B 145 -10.18 -0.98 -7.02
C THR B 145 -10.33 -0.12 -8.27
N GLY B 146 -10.24 1.19 -8.06
CA GLY B 146 -10.37 2.12 -9.16
C GLY B 146 -9.15 2.09 -10.06
N SER B 147 -8.01 1.73 -9.50
CA SER B 147 -6.79 1.64 -10.27
C SER B 147 -6.55 0.22 -10.77
N GLY B 148 -6.29 -0.67 -9.82
CA GLY B 148 -6.00 -2.08 -10.12
C GLY B 148 -7.07 -2.76 -10.95
N PHE B 149 -8.21 -3.03 -10.32
CA PHE B 149 -9.33 -3.69 -10.97
C PHE B 149 -9.57 -3.24 -12.41
N THR B 150 -9.84 -1.95 -12.60
CA THR B 150 -10.08 -1.39 -13.92
C THR B 150 -9.01 -1.80 -14.91
N SER B 151 -7.75 -1.64 -14.51
CA SER B 151 -6.60 -2.00 -15.34
C SER B 151 -6.75 -3.39 -15.96
N LEU B 152 -7.04 -4.38 -15.12
CA LEU B 152 -7.17 -5.76 -15.58
C LEU B 152 -8.51 -5.98 -16.29
N LEU B 153 -9.51 -5.23 -15.88
CA LEU B 153 -10.84 -5.34 -16.46
C LEU B 153 -10.83 -4.87 -17.91
N MET B 154 -10.32 -3.67 -18.12
CA MET B 154 -10.25 -3.10 -19.46
C MET B 154 -9.30 -3.89 -20.35
N GLU B 155 -8.27 -4.47 -19.73
CA GLU B 155 -7.30 -5.27 -20.44
C GLU B 155 -8.01 -6.43 -21.15
N ARG B 156 -8.88 -7.11 -20.41
CA ARG B 156 -9.64 -8.23 -20.94
C ARG B 156 -10.76 -7.76 -21.86
N LEU B 157 -11.25 -6.55 -21.62
CA LEU B 157 -12.34 -5.99 -22.42
C LEU B 157 -11.87 -5.61 -23.81
N SER B 158 -10.73 -4.93 -23.89
CA SER B 158 -10.17 -4.51 -25.18
C SER B 158 -9.86 -5.70 -26.09
N VAL B 159 -9.83 -6.90 -25.52
CA VAL B 159 -9.54 -8.10 -26.29
C VAL B 159 -10.82 -8.83 -26.68
N ASP B 160 -11.75 -8.94 -25.73
CA ASP B 160 -13.01 -9.64 -25.97
C ASP B 160 -13.98 -8.76 -26.76
N TYR B 161 -13.85 -7.45 -26.61
CA TYR B 161 -14.72 -6.51 -27.28
C TYR B 161 -13.92 -5.40 -27.94
N GLY B 162 -12.79 -5.80 -28.54
CA GLY B 162 -11.93 -4.85 -29.24
C GLY B 162 -12.65 -4.14 -30.37
N LYS B 163 -13.69 -4.78 -30.89
CA LYS B 163 -14.47 -4.24 -32.00
C LYS B 163 -15.58 -3.32 -31.50
N LYS B 164 -15.30 -2.59 -30.42
CA LYS B 164 -16.27 -1.67 -29.84
C LYS B 164 -15.55 -0.42 -29.33
N SER B 165 -16.31 0.51 -28.79
CA SER B 165 -15.74 1.76 -28.28
C SER B 165 -15.36 1.61 -26.81
N LYS B 166 -14.16 2.06 -26.48
CA LYS B 166 -13.68 1.98 -25.12
C LYS B 166 -13.47 3.39 -24.54
N LEU B 167 -14.53 3.92 -23.95
CA LEU B 167 -14.47 5.25 -23.36
C LEU B 167 -14.49 5.17 -21.84
N GLU B 168 -13.43 5.68 -21.22
CA GLU B 168 -13.31 5.67 -19.77
C GLU B 168 -13.37 7.07 -19.19
N PHE B 169 -14.13 7.23 -18.13
CA PHE B 169 -14.23 8.51 -17.45
C PHE B 169 -13.44 8.42 -16.15
N SER B 170 -12.24 8.97 -16.16
CA SER B 170 -11.38 8.91 -15.00
C SER B 170 -11.40 10.20 -14.20
N ILE B 171 -11.13 10.06 -12.91
CA ILE B 171 -11.08 11.20 -12.00
C ILE B 171 -9.63 11.41 -11.59
N TYR B 172 -8.93 12.23 -12.37
CA TYR B 172 -7.52 12.48 -12.15
C TYR B 172 -7.24 13.14 -10.80
N PRO B 173 -6.32 12.53 -10.03
CA PRO B 173 -5.86 13.03 -8.73
C PRO B 173 -5.63 14.53 -8.73
N ALA B 174 -6.21 15.24 -7.78
CA ALA B 174 -6.03 16.69 -7.70
C ALA B 174 -4.55 17.04 -7.55
N PRO B 175 -4.05 17.95 -8.40
CA PRO B 175 -2.64 18.39 -8.44
C PRO B 175 -1.97 18.63 -7.09
N GLN B 176 -2.69 19.19 -6.14
CA GLN B 176 -2.13 19.47 -4.82
C GLN B 176 -3.03 18.92 -3.74
N VAL B 177 -4.31 18.80 -4.06
CA VAL B 177 -5.29 18.29 -3.13
C VAL B 177 -5.43 16.76 -3.30
N SER B 178 -4.38 16.05 -2.92
CA SER B 178 -4.37 14.61 -3.02
C SER B 178 -5.14 13.98 -1.86
N THR B 179 -5.48 12.71 -2.02
CA THR B 179 -6.19 11.99 -0.97
C THR B 179 -5.26 10.90 -0.46
N ALA B 180 -5.04 9.89 -1.29
CA ALA B 180 -4.11 8.82 -0.96
C ALA B 180 -2.67 9.36 -0.93
N VAL B 181 -1.83 8.80 -0.08
CA VAL B 181 -0.43 9.23 -0.02
C VAL B 181 0.32 8.64 -1.22
N VAL B 182 -0.05 7.41 -1.57
CA VAL B 182 0.57 6.72 -2.70
C VAL B 182 -0.03 7.17 -4.03
N GLU B 183 -1.18 7.87 -3.95
CA GLU B 183 -1.93 8.40 -5.10
C GLU B 183 -1.25 8.31 -6.49
N PRO B 184 -0.13 9.04 -6.72
CA PRO B 184 0.59 9.03 -8.00
C PRO B 184 0.92 7.62 -8.49
N TYR B 185 1.40 6.77 -7.58
CA TYR B 185 1.77 5.39 -7.92
C TYR B 185 0.60 4.66 -8.58
N ASN B 186 -0.59 4.86 -8.02
CA ASN B 186 -1.79 4.21 -8.52
C ASN B 186 -2.25 4.76 -9.86
N SER B 187 -1.86 5.98 -10.19
CA SER B 187 -2.30 6.57 -11.45
C SER B 187 -1.31 6.29 -12.58
N ILE B 188 -0.03 6.15 -12.25
CA ILE B 188 0.97 5.89 -13.27
C ILE B 188 0.88 4.46 -13.76
N LEU B 189 0.47 3.56 -12.87
CA LEU B 189 0.35 2.16 -13.22
C LEU B 189 -0.95 1.88 -13.99
N THR B 190 -1.98 2.66 -13.71
CA THR B 190 -3.27 2.48 -14.38
C THR B 190 -3.23 3.04 -15.80
N THR B 191 -2.51 4.14 -16.00
CA THR B 191 -2.42 4.75 -17.31
C THR B 191 -1.52 3.95 -18.24
N HIS B 192 -0.47 3.37 -17.68
CA HIS B 192 0.50 2.57 -18.43
C HIS B 192 -0.18 1.37 -19.09
N THR B 193 -1.16 0.78 -18.41
CA THR B 193 -1.85 -0.38 -18.93
C THR B 193 -3.14 -0.02 -19.69
N THR B 194 -3.63 1.20 -19.54
CA THR B 194 -4.85 1.62 -20.21
C THR B 194 -4.59 2.49 -21.44
N LEU B 195 -3.41 3.12 -21.51
CA LEU B 195 -3.06 3.99 -22.63
C LEU B 195 -3.21 3.31 -23.99
N GLU B 196 -2.80 2.07 -24.07
CA GLU B 196 -2.89 1.31 -25.32
C GLU B 196 -4.12 0.42 -25.35
N HIS B 197 -5.06 0.66 -24.46
CA HIS B 197 -6.28 -0.15 -24.39
C HIS B 197 -7.54 0.69 -24.39
N SER B 198 -7.37 1.99 -24.16
CA SER B 198 -8.50 2.91 -24.15
C SER B 198 -8.63 3.64 -25.48
N ASP B 199 -9.84 4.07 -25.81
CA ASP B 199 -10.09 4.81 -27.04
C ASP B 199 -10.21 6.29 -26.72
N CYS B 200 -10.98 6.60 -25.69
CA CYS B 200 -11.18 7.97 -25.25
C CYS B 200 -11.27 7.99 -23.73
N ALA B 201 -10.30 8.61 -23.08
CA ALA B 201 -10.28 8.69 -21.63
C ALA B 201 -10.59 10.09 -21.15
N PHE B 202 -11.83 10.32 -20.75
CA PHE B 202 -12.23 11.63 -20.26
C PHE B 202 -11.70 11.81 -18.85
N MET B 203 -11.12 12.95 -18.57
CA MET B 203 -10.57 13.19 -17.25
C MET B 203 -11.19 14.40 -16.57
N VAL B 204 -11.48 14.25 -15.29
CA VAL B 204 -12.04 15.32 -14.49
C VAL B 204 -11.15 15.58 -13.27
N ASP B 205 -10.73 16.83 -13.12
CA ASP B 205 -9.85 17.24 -12.03
C ASP B 205 -10.65 17.60 -10.79
N ASN B 206 -10.42 16.86 -9.71
CA ASN B 206 -11.13 17.09 -8.44
C ASN B 206 -10.85 18.48 -7.86
N GLU B 207 -9.61 18.92 -7.94
CA GLU B 207 -9.21 20.22 -7.39
C GLU B 207 -9.95 21.35 -8.11
N ALA B 208 -9.96 21.27 -9.43
CA ALA B 208 -10.63 22.27 -10.24
C ALA B 208 -12.14 22.30 -10.02
N ILE B 209 -12.69 21.24 -9.42
CA ILE B 209 -14.13 21.18 -9.16
C ILE B 209 -14.43 22.01 -7.92
N TYR B 210 -13.52 21.95 -6.96
CA TYR B 210 -13.67 22.71 -5.72
C TYR B 210 -13.68 24.19 -6.05
N ASP B 211 -12.74 24.61 -6.90
CA ASP B 211 -12.62 26.00 -7.31
C ASP B 211 -13.86 26.48 -8.05
N ILE B 212 -14.38 25.66 -8.95
CA ILE B 212 -15.57 26.02 -9.72
C ILE B 212 -16.77 26.25 -8.80
N CYS B 213 -16.94 25.38 -7.82
CA CYS B 213 -18.04 25.51 -6.88
C CYS B 213 -17.81 26.70 -5.94
N ARG B 214 -16.57 27.16 -5.88
CA ARG B 214 -16.21 28.27 -5.01
C ARG B 214 -16.45 29.61 -5.72
N ARG B 215 -16.08 29.68 -6.99
CA ARG B 215 -16.21 30.92 -7.76
C ARG B 215 -17.52 31.00 -8.56
N ASN B 216 -17.96 29.90 -9.14
CA ASN B 216 -19.17 29.88 -9.96
C ASN B 216 -20.33 29.20 -9.28
N LEU B 217 -20.45 29.38 -8.00
CA LEU B 217 -21.54 28.79 -7.23
C LEU B 217 -21.51 29.40 -5.85
N ASP B 218 -20.30 29.71 -5.40
CA ASP B 218 -20.05 30.32 -4.10
C ASP B 218 -20.68 29.50 -2.99
N ILE B 219 -19.89 28.56 -2.46
CA ILE B 219 -20.31 27.66 -1.40
C ILE B 219 -19.10 26.95 -0.83
N GLU B 220 -18.97 27.00 0.48
CA GLU B 220 -17.86 26.36 1.17
C GLU B 220 -18.30 25.04 1.76
N ARG B 221 -19.43 24.54 1.28
CA ARG B 221 -19.96 23.27 1.73
C ARG B 221 -20.23 22.30 0.55
N PRO B 222 -19.28 22.11 -0.39
CA PRO B 222 -19.47 21.21 -1.52
C PRO B 222 -18.99 19.80 -1.16
N THR B 223 -19.92 18.96 -0.79
CA THR B 223 -19.63 17.57 -0.43
C THR B 223 -19.42 16.74 -1.69
N TYR B 224 -18.88 15.53 -1.54
CA TYR B 224 -18.65 14.64 -2.67
C TYR B 224 -19.90 14.50 -3.53
N THR B 225 -21.06 14.40 -2.88
CA THR B 225 -22.33 14.27 -3.60
C THR B 225 -22.63 15.50 -4.46
N ASN B 226 -22.04 16.64 -4.13
CA ASN B 226 -22.26 17.86 -4.89
C ASN B 226 -21.32 17.87 -6.08
N LEU B 227 -20.07 17.53 -5.81
CA LEU B 227 -19.05 17.45 -6.85
C LEU B 227 -19.46 16.45 -7.91
N ASN B 228 -19.88 15.28 -7.46
CA ASN B 228 -20.30 14.18 -8.34
C ASN B 228 -21.50 14.59 -9.19
N ARG B 229 -22.36 15.43 -8.64
CA ARG B 229 -23.55 15.89 -9.36
C ARG B 229 -23.16 16.75 -10.56
N LEU B 230 -22.07 17.48 -10.42
CA LEU B 230 -21.56 18.31 -11.50
C LEU B 230 -21.12 17.43 -12.66
N ILE B 231 -20.29 16.44 -12.33
CA ILE B 231 -19.79 15.50 -13.32
C ILE B 231 -20.95 14.71 -13.93
N GLY B 232 -21.88 14.29 -13.08
CA GLY B 232 -23.04 13.54 -13.53
C GLY B 232 -23.90 14.33 -14.49
N GLN B 233 -23.73 15.64 -14.49
CA GLN B 233 -24.48 16.53 -15.36
C GLN B 233 -23.79 16.50 -16.73
N ILE B 234 -22.47 16.70 -16.70
CA ILE B 234 -21.68 16.66 -17.92
C ILE B 234 -21.84 15.29 -18.60
N VAL B 235 -21.78 14.22 -17.80
CA VAL B 235 -21.90 12.86 -18.32
C VAL B 235 -23.29 12.62 -18.90
N SER B 236 -24.30 13.26 -18.31
CA SER B 236 -25.67 13.13 -18.79
C SER B 236 -25.75 13.63 -20.24
N SER B 237 -25.02 14.68 -20.53
CA SER B 237 -24.99 15.25 -21.86
C SER B 237 -24.09 14.42 -22.78
N ILE B 238 -23.16 13.68 -22.18
CA ILE B 238 -22.26 12.81 -22.91
C ILE B 238 -23.02 11.59 -23.43
N THR B 239 -23.35 10.67 -22.55
CA THR B 239 -24.06 9.48 -22.96
C THR B 239 -25.55 9.76 -23.20
N ALA B 240 -26.33 9.81 -22.11
CA ALA B 240 -27.78 10.10 -22.14
C ALA B 240 -28.24 10.91 -23.35
N SER B 241 -27.98 12.23 -23.31
CA SER B 241 -28.39 13.16 -24.37
C SER B 241 -28.02 12.66 -25.77
N LEU B 242 -26.81 12.15 -25.93
CA LEU B 242 -26.35 11.66 -27.21
C LEU B 242 -27.25 10.56 -27.76
N ARG B 243 -27.80 9.74 -26.86
CA ARG B 243 -28.70 8.67 -27.25
C ARG B 243 -30.08 9.21 -27.61
N PHE B 244 -30.32 10.48 -27.26
CA PHE B 244 -31.59 11.12 -27.55
C PHE B 244 -31.47 11.94 -28.84
N ASP B 245 -32.36 11.68 -29.78
CA ASP B 245 -32.37 12.36 -31.07
C ASP B 245 -32.37 13.89 -30.96
N GLY B 246 -31.85 14.54 -32.00
CA GLY B 246 -31.76 15.97 -32.01
C GLY B 246 -31.46 16.48 -33.40
N ALA B 247 -31.03 17.73 -33.50
CA ALA B 247 -30.74 18.34 -34.79
C ALA B 247 -29.37 17.92 -35.34
N LEU B 248 -28.52 17.40 -34.48
CA LEU B 248 -27.19 16.98 -34.89
C LEU B 248 -26.67 15.83 -34.04
N ASN B 249 -27.42 14.72 -34.04
CA ASN B 249 -27.09 13.51 -33.26
C ASN B 249 -25.58 13.19 -33.29
N VAL B 250 -25.06 12.75 -32.15
CA VAL B 250 -23.63 12.42 -32.04
C VAL B 250 -23.44 11.05 -31.41
N ASP B 251 -22.91 10.12 -32.19
CA ASP B 251 -22.66 8.77 -31.69
C ASP B 251 -21.32 8.65 -30.96
N LEU B 252 -21.12 7.53 -30.27
CA LEU B 252 -19.88 7.28 -29.56
C LEU B 252 -18.73 7.12 -30.55
N THR B 253 -19.03 6.50 -31.69
CA THR B 253 -18.04 6.29 -32.75
C THR B 253 -17.46 7.64 -33.16
N GLU B 254 -18.34 8.57 -33.50
CA GLU B 254 -17.97 9.92 -33.87
C GLU B 254 -16.91 10.50 -32.93
N PHE B 255 -17.13 10.26 -31.64
CA PHE B 255 -16.21 10.73 -30.59
C PHE B 255 -14.80 10.22 -30.84
N GLN B 256 -14.58 8.93 -30.58
CA GLN B 256 -13.27 8.29 -30.77
C GLN B 256 -12.60 8.69 -32.09
N THR B 257 -13.39 8.97 -33.10
CA THR B 257 -12.86 9.36 -34.41
C THR B 257 -12.40 10.83 -34.42
N ASN B 258 -13.25 11.72 -33.93
CA ASN B 258 -12.96 13.16 -33.92
C ASN B 258 -12.17 13.63 -32.69
N LEU B 259 -12.04 12.80 -31.68
CA LEU B 259 -11.34 13.22 -30.47
C LEU B 259 -9.90 12.74 -30.42
N VAL B 260 -9.62 11.54 -30.91
CA VAL B 260 -8.26 11.03 -30.90
C VAL B 260 -7.70 10.85 -32.30
N PRO B 261 -6.72 11.69 -32.66
CA PRO B 261 -6.07 11.63 -33.97
C PRO B 261 -5.01 10.53 -34.04
N TYR B 262 -4.67 9.99 -32.89
CA TYR B 262 -3.67 8.93 -32.80
C TYR B 262 -4.18 7.79 -31.93
N PRO B 263 -3.73 6.55 -32.21
CA PRO B 263 -4.10 5.35 -31.45
C PRO B 263 -4.06 5.53 -29.92
N ARG B 264 -3.18 6.42 -29.46
CA ARG B 264 -3.04 6.70 -28.03
C ARG B 264 -4.37 7.15 -27.44
N GLY B 265 -4.74 6.52 -26.32
CA GLY B 265 -5.98 6.84 -25.61
C GLY B 265 -6.06 8.26 -25.04
N HIS B 266 -5.62 9.25 -25.83
CA HIS B 266 -5.64 10.69 -25.45
C HIS B 266 -6.75 11.07 -24.47
N PHE B 267 -6.42 11.94 -23.53
CA PHE B 267 -7.36 12.33 -22.50
C PHE B 267 -7.95 13.73 -22.73
N PRO B 268 -9.21 13.81 -23.16
CA PRO B 268 -9.90 15.08 -23.38
C PRO B 268 -10.43 15.64 -22.06
N LEU B 269 -10.85 16.89 -22.08
CA LEU B 269 -11.36 17.55 -20.88
C LEU B 269 -12.87 17.72 -20.91
N ALA B 270 -13.47 17.79 -19.73
CA ALA B 270 -14.91 17.97 -19.60
C ALA B 270 -15.21 19.41 -19.16
N THR B 271 -16.11 20.07 -19.86
CA THR B 271 -16.45 21.45 -19.55
C THR B 271 -17.96 21.69 -19.70
N TYR B 272 -18.55 22.37 -18.71
CA TYR B 272 -19.97 22.67 -18.74
C TYR B 272 -20.17 24.18 -18.77
N ALA B 273 -21.16 24.64 -19.54
CA ALA B 273 -21.42 26.07 -19.66
C ALA B 273 -22.29 26.64 -18.53
N PRO B 274 -23.54 26.15 -18.35
CA PRO B 274 -24.43 26.66 -17.29
C PRO B 274 -24.04 26.16 -15.90
N VAL B 275 -23.01 26.76 -15.34
CA VAL B 275 -22.52 26.42 -14.02
C VAL B 275 -22.79 27.56 -13.04
N ILE B 276 -23.99 28.10 -13.07
CA ILE B 276 -24.37 29.21 -12.21
C ILE B 276 -25.25 28.75 -11.03
N SER B 277 -25.12 29.45 -9.90
CA SER B 277 -25.88 29.14 -8.68
C SER B 277 -27.35 29.56 -8.77
N ALA B 278 -28.22 28.73 -8.20
CA ALA B 278 -29.65 29.01 -8.19
C ALA B 278 -30.07 29.72 -6.91
N GLU B 279 -29.28 30.71 -6.49
CA GLU B 279 -29.58 31.47 -5.27
C GLU B 279 -28.94 32.84 -5.38
N LYS B 280 -27.62 32.85 -5.45
CA LYS B 280 -26.84 34.09 -5.58
C LYS B 280 -27.05 34.76 -6.93
N ALA B 281 -26.18 34.46 -7.89
CA ALA B 281 -26.27 35.04 -9.22
C ALA B 281 -27.55 34.59 -9.93
N TYR B 282 -28.05 35.41 -10.83
CA TYR B 282 -29.26 35.11 -11.57
C TYR B 282 -29.14 35.64 -12.99
N HIS B 283 -28.68 34.79 -13.90
CA HIS B 283 -28.49 35.18 -15.30
C HIS B 283 -29.00 34.15 -16.31
N GLU B 284 -29.83 33.21 -15.83
CA GLU B 284 -30.44 32.15 -16.66
C GLU B 284 -30.34 32.36 -18.18
N GLN B 285 -30.99 33.41 -18.67
CA GLN B 285 -30.99 33.77 -20.08
C GLN B 285 -29.59 34.16 -20.58
N LEU B 286 -28.79 33.15 -20.89
CA LEU B 286 -27.43 33.35 -21.35
C LEU B 286 -27.22 32.85 -22.78
N SER B 287 -27.42 33.76 -23.75
CA SER B 287 -27.26 33.46 -25.18
C SER B 287 -26.02 32.62 -25.50
N VAL B 288 -26.09 31.88 -26.62
CA VAL B 288 -25.00 31.02 -27.09
C VAL B 288 -23.63 31.68 -26.97
N ALA B 289 -23.50 32.85 -27.60
CA ALA B 289 -22.25 33.62 -27.59
C ALA B 289 -21.59 33.70 -26.20
N GLU B 290 -22.42 33.77 -25.17
CA GLU B 290 -21.93 33.87 -23.81
C GLU B 290 -21.59 32.50 -23.22
N ILE B 291 -22.53 31.55 -23.31
CA ILE B 291 -22.33 30.22 -22.74
C ILE B 291 -21.19 29.45 -23.42
N THR B 292 -21.01 29.64 -24.72
CA THR B 292 -19.96 28.97 -25.45
C THR B 292 -18.59 29.54 -25.08
N ASN B 293 -18.52 30.85 -24.89
CA ASN B 293 -17.28 31.51 -24.52
C ASN B 293 -16.88 31.19 -23.09
N ALA B 294 -17.87 30.91 -22.24
CA ALA B 294 -17.64 30.58 -20.83
C ALA B 294 -16.98 29.22 -20.66
N CYS B 295 -16.79 28.51 -21.75
CA CYS B 295 -16.18 27.19 -21.73
C CYS B 295 -14.68 27.28 -22.00
N PHE B 296 -14.26 28.35 -22.66
CA PHE B 296 -12.86 28.53 -23.02
C PHE B 296 -12.02 29.11 -21.88
N GLU B 297 -12.67 29.59 -20.83
CA GLU B 297 -11.95 30.13 -19.68
C GLU B 297 -11.51 29.03 -18.73
N PRO B 298 -10.25 29.08 -18.25
CA PRO B 298 -9.69 28.08 -17.34
C PRO B 298 -10.43 28.00 -16.00
N ALA B 299 -11.24 29.02 -15.71
CA ALA B 299 -11.99 29.05 -14.46
C ALA B 299 -13.35 28.37 -14.63
N ASN B 300 -13.39 27.37 -15.49
CA ASN B 300 -14.61 26.62 -15.76
C ASN B 300 -14.32 25.47 -16.72
N GLN B 301 -13.29 24.68 -16.42
CA GLN B 301 -12.94 23.58 -17.30
C GLN B 301 -12.82 22.25 -16.53
N MET B 302 -13.22 22.27 -15.27
CA MET B 302 -13.17 21.07 -14.41
C MET B 302 -11.84 20.33 -14.52
N VAL B 303 -10.76 21.08 -14.66
CA VAL B 303 -9.44 20.49 -14.80
C VAL B 303 -8.35 21.52 -14.57
N LYS B 304 -7.31 21.14 -13.83
CA LYS B 304 -6.19 22.03 -13.55
C LYS B 304 -5.20 21.99 -14.71
N CYS B 305 -5.74 21.91 -15.91
CA CYS B 305 -4.93 21.87 -17.13
C CYS B 305 -5.08 23.16 -17.91
N ASP B 306 -4.97 24.29 -17.20
CA ASP B 306 -5.08 25.62 -17.78
C ASP B 306 -4.37 25.72 -19.12
N PRO B 307 -4.98 26.39 -20.11
CA PRO B 307 -4.40 26.58 -21.44
C PRO B 307 -3.15 27.49 -21.41
N ARG B 308 -2.16 27.08 -20.62
CA ARG B 308 -0.92 27.82 -20.45
C ARG B 308 -0.04 27.74 -21.71
N HIS B 309 -0.31 26.76 -22.55
CA HIS B 309 0.46 26.53 -23.78
C HIS B 309 -0.21 25.44 -24.60
N GLY B 310 -1.09 24.69 -23.94
CA GLY B 310 -1.81 23.63 -24.60
C GLY B 310 -2.66 24.12 -25.75
N LYS B 311 -2.31 23.70 -26.95
CA LYS B 311 -3.03 24.08 -28.15
C LYS B 311 -4.15 23.08 -28.42
N TYR B 312 -5.29 23.58 -28.89
CA TYR B 312 -6.42 22.72 -29.19
C TYR B 312 -6.16 21.94 -30.46
N MET B 313 -6.63 20.69 -30.51
CA MET B 313 -6.43 19.86 -31.69
C MET B 313 -7.72 19.17 -32.11
N ALA B 314 -8.74 19.30 -31.26
CA ALA B 314 -10.05 18.69 -31.52
C ALA B 314 -10.98 18.97 -30.35
N CYS B 315 -12.13 19.58 -30.65
CA CYS B 315 -13.10 19.91 -29.63
C CYS B 315 -14.50 19.53 -30.07
N CYS B 316 -15.27 18.97 -29.15
CA CYS B 316 -16.63 18.55 -29.42
C CYS B 316 -17.64 19.38 -28.62
N LEU B 317 -18.22 20.36 -29.27
CA LEU B 317 -19.19 21.23 -28.63
C LEU B 317 -20.57 20.58 -28.63
N LEU B 318 -20.92 19.95 -27.51
CA LEU B 318 -22.22 19.30 -27.37
C LEU B 318 -23.25 20.26 -26.79
N TYR B 319 -24.14 20.74 -27.62
CA TYR B 319 -25.18 21.64 -27.18
C TYR B 319 -26.45 20.84 -26.90
N ARG B 320 -27.24 21.30 -25.95
CA ARG B 320 -28.48 20.65 -25.61
C ARG B 320 -29.48 21.68 -25.13
N GLY B 321 -30.70 21.61 -25.64
CA GLY B 321 -31.73 22.54 -25.26
C GLY B 321 -32.17 23.41 -26.43
N ASP B 322 -32.57 24.63 -26.14
CA ASP B 322 -33.03 25.56 -27.17
C ASP B 322 -31.85 26.30 -27.78
N VAL B 323 -31.27 25.71 -28.82
CA VAL B 323 -30.12 26.30 -29.50
C VAL B 323 -30.36 26.39 -31.01
N VAL B 324 -30.01 27.53 -31.57
CA VAL B 324 -30.17 27.76 -33.00
C VAL B 324 -28.86 27.44 -33.73
N PRO B 325 -28.90 26.56 -34.75
CA PRO B 325 -27.72 26.16 -35.53
C PRO B 325 -26.93 27.37 -36.05
N LYS B 326 -27.64 28.39 -36.52
CA LYS B 326 -26.98 29.58 -37.04
C LYS B 326 -26.20 30.31 -35.94
N ASP B 327 -26.81 30.44 -34.76
CA ASP B 327 -26.16 31.09 -33.62
C ASP B 327 -24.90 30.33 -33.24
N VAL B 328 -24.99 29.01 -33.31
CA VAL B 328 -23.85 28.14 -33.03
C VAL B 328 -22.77 28.39 -34.06
N ASN B 329 -23.19 28.41 -35.32
CA ASN B 329 -22.30 28.64 -36.44
C ASN B 329 -21.96 30.12 -36.58
N ALA B 330 -21.63 30.72 -35.46
CA ALA B 330 -21.28 32.13 -35.38
C ALA B 330 -20.43 32.29 -34.14
N ALA B 331 -20.82 31.60 -33.07
CA ALA B 331 -20.07 31.61 -31.83
C ALA B 331 -18.73 30.92 -32.08
N ILE B 332 -18.79 29.85 -32.86
CA ILE B 332 -17.60 29.09 -33.22
C ILE B 332 -16.73 29.90 -34.17
N ALA B 333 -17.38 30.64 -35.06
CA ALA B 333 -16.69 31.48 -36.04
C ALA B 333 -15.88 32.58 -35.35
N THR B 334 -16.52 33.31 -34.44
CA THR B 334 -15.84 34.40 -33.74
C THR B 334 -14.66 33.87 -32.93
N ILE B 335 -14.83 32.70 -32.32
CA ILE B 335 -13.76 32.08 -31.55
C ILE B 335 -12.64 31.62 -32.47
N LYS B 336 -13.01 31.00 -33.59
CA LYS B 336 -12.05 30.55 -34.59
C LYS B 336 -11.19 31.70 -35.11
N THR B 337 -11.64 32.92 -34.89
CA THR B 337 -10.91 34.10 -35.33
C THR B 337 -10.46 34.93 -34.13
N LYS B 338 -10.45 34.30 -32.95
CA LYS B 338 -10.05 34.98 -31.73
C LYS B 338 -8.54 34.85 -31.51
N ARG B 339 -7.95 33.80 -32.09
CA ARG B 339 -6.50 33.53 -31.97
C ARG B 339 -6.04 33.20 -30.54
N THR B 340 -6.70 33.76 -29.53
CA THR B 340 -6.34 33.50 -28.13
C THR B 340 -6.56 32.04 -27.74
N ILE B 341 -7.25 31.32 -28.60
CA ILE B 341 -7.53 29.90 -28.39
C ILE B 341 -6.68 29.07 -29.35
N GLN B 342 -5.54 29.67 -29.73
CA GLN B 342 -4.54 29.08 -30.64
C GLN B 342 -4.63 27.56 -30.79
N PHE B 343 -4.93 27.12 -32.01
CA PHE B 343 -5.04 25.69 -32.31
C PHE B 343 -3.70 25.16 -32.81
N VAL B 344 -3.56 23.84 -32.82
CA VAL B 344 -2.34 23.21 -33.31
C VAL B 344 -2.21 23.50 -34.82
N ASP B 345 -1.00 23.42 -35.35
CA ASP B 345 -0.77 23.70 -36.76
C ASP B 345 -1.54 22.77 -37.68
N TRP B 346 -1.31 21.46 -37.51
CA TRP B 346 -1.97 20.45 -38.35
C TRP B 346 -3.48 20.37 -38.13
N CYS B 347 -4.06 21.31 -37.42
CA CYS B 347 -5.50 21.28 -37.17
C CYS B 347 -6.21 22.49 -37.77
N PRO B 348 -6.83 22.29 -38.95
CA PRO B 348 -7.58 23.35 -39.63
C PRO B 348 -8.88 23.63 -38.89
N THR B 349 -9.81 22.68 -38.94
CA THR B 349 -11.07 22.83 -38.26
C THR B 349 -11.27 21.67 -37.28
N GLY B 350 -11.24 21.97 -36.00
CA GLY B 350 -11.41 20.95 -34.99
C GLY B 350 -12.56 21.27 -34.06
N PHE B 351 -13.74 21.37 -34.64
CA PHE B 351 -14.94 21.68 -33.86
C PHE B 351 -16.09 20.78 -34.27
N LYS B 352 -16.33 19.74 -33.50
CA LYS B 352 -17.42 18.81 -33.77
C LYS B 352 -18.69 19.37 -33.15
N VAL B 353 -19.60 19.83 -33.99
CA VAL B 353 -20.84 20.43 -33.53
C VAL B 353 -21.90 19.37 -33.23
N GLY B 354 -22.35 19.36 -31.99
CA GLY B 354 -23.39 18.44 -31.59
C GLY B 354 -24.58 19.22 -31.07
N ILE B 355 -25.71 19.16 -31.78
CA ILE B 355 -26.89 19.89 -31.36
C ILE B 355 -28.00 18.94 -30.94
N ASN B 356 -28.35 18.99 -29.66
CA ASN B 356 -29.39 18.13 -29.13
C ASN B 356 -30.65 18.92 -28.85
N TYR B 357 -31.75 18.21 -28.73
CA TYR B 357 -33.04 18.83 -28.46
C TYR B 357 -33.24 18.99 -26.96
N GLU B 358 -33.23 17.88 -26.25
CA GLU B 358 -33.42 17.83 -24.81
C GLU B 358 -32.55 18.84 -24.05
N PRO B 359 -33.20 19.77 -23.34
CA PRO B 359 -32.50 20.78 -22.54
C PRO B 359 -31.88 20.14 -21.31
N PRO B 360 -30.99 20.86 -20.60
CA PRO B 360 -30.36 20.33 -19.39
C PRO B 360 -31.40 20.06 -18.30
N THR B 361 -31.01 19.32 -17.27
CA THR B 361 -31.91 18.95 -16.19
C THR B 361 -31.28 19.18 -14.82
N VAL B 362 -31.85 20.11 -14.08
CA VAL B 362 -31.36 20.46 -12.76
C VAL B 362 -32.04 19.65 -11.66
N VAL B 363 -31.26 19.24 -10.66
CA VAL B 363 -31.75 18.49 -9.51
C VAL B 363 -32.78 19.34 -8.75
N PRO B 364 -33.92 18.73 -8.36
CA PRO B 364 -35.01 19.41 -7.64
C PRO B 364 -34.54 20.31 -6.50
N GLY B 365 -33.47 19.93 -5.82
CA GLY B 365 -32.98 20.71 -4.71
C GLY B 365 -31.47 20.77 -4.66
N GLY B 366 -30.86 21.05 -5.80
CA GLY B 366 -29.40 21.14 -5.84
C GLY B 366 -28.89 22.55 -5.60
N ASP B 367 -28.25 23.12 -6.62
CA ASP B 367 -27.70 24.47 -6.54
C ASP B 367 -27.48 25.00 -7.95
N LEU B 368 -28.10 24.35 -8.92
CA LEU B 368 -27.95 24.70 -10.31
C LEU B 368 -29.08 25.63 -10.76
N ALA B 369 -28.70 26.73 -11.40
CA ALA B 369 -29.63 27.72 -11.92
C ALA B 369 -30.80 27.11 -12.70
N LYS B 370 -30.45 26.46 -13.82
CA LYS B 370 -31.40 25.82 -14.74
C LYS B 370 -31.64 26.69 -15.96
N VAL B 371 -30.80 26.51 -16.97
CA VAL B 371 -30.90 27.26 -18.21
C VAL B 371 -31.64 26.38 -19.22
N GLN B 372 -32.01 26.93 -20.37
CA GLN B 372 -32.73 26.15 -21.38
C GLN B 372 -31.79 25.76 -22.50
N ARG B 373 -30.53 25.59 -22.15
CA ARG B 373 -29.49 25.21 -23.09
C ARG B 373 -28.15 25.13 -22.37
N ALA B 374 -27.33 24.19 -22.80
CA ALA B 374 -26.03 23.99 -22.20
C ALA B 374 -24.99 23.70 -23.27
N VAL B 375 -23.74 24.01 -22.96
CA VAL B 375 -22.64 23.79 -23.87
C VAL B 375 -21.63 22.87 -23.21
N CYS B 376 -21.72 21.60 -23.56
CA CYS B 376 -20.82 20.60 -23.02
C CYS B 376 -19.59 20.52 -23.93
N MET B 377 -18.56 21.24 -23.55
CA MET B 377 -17.34 21.28 -24.33
C MET B 377 -16.32 20.26 -23.85
N LEU B 378 -15.86 19.45 -24.77
CA LEU B 378 -14.83 18.49 -24.50
C LEU B 378 -13.79 18.64 -25.58
N SER B 379 -12.52 18.49 -25.24
CA SER B 379 -11.47 18.66 -26.22
C SER B 379 -10.15 18.11 -25.72
N ASN B 380 -9.25 17.85 -26.66
CA ASN B 380 -7.93 17.35 -26.34
C ASN B 380 -6.92 18.45 -26.63
N THR B 381 -6.25 18.91 -25.58
CA THR B 381 -5.29 19.99 -25.69
C THR B 381 -3.94 19.59 -25.12
N THR B 382 -2.87 20.15 -25.67
CA THR B 382 -1.50 19.90 -25.19
C THR B 382 -1.38 20.27 -23.70
N ALA B 383 -2.42 20.89 -23.16
CA ALA B 383 -2.46 21.31 -21.76
C ALA B 383 -2.26 20.13 -20.81
N ILE B 384 -2.74 18.96 -21.22
CA ILE B 384 -2.62 17.74 -20.40
C ILE B 384 -1.16 17.44 -20.05
N ALA B 385 -0.22 17.95 -20.88
CA ALA B 385 1.20 17.74 -20.64
C ALA B 385 1.62 18.31 -19.29
N GLU B 386 0.97 19.39 -18.90
CA GLU B 386 1.22 20.02 -17.62
C GLU B 386 0.90 19.03 -16.51
N ALA B 387 -0.41 18.84 -16.26
CA ALA B 387 -0.91 17.87 -15.27
C ALA B 387 -0.06 16.61 -15.19
N TRP B 388 0.20 16.00 -16.36
CA TRP B 388 0.98 14.77 -16.42
C TRP B 388 2.38 14.97 -15.86
N ALA B 389 2.99 16.09 -16.22
CA ALA B 389 4.33 16.43 -15.74
C ALA B 389 4.37 16.41 -14.22
N ARG B 390 3.47 17.18 -13.62
CA ARG B 390 3.39 17.29 -12.17
C ARG B 390 3.11 15.94 -11.50
N LEU B 391 2.40 15.05 -12.19
CA LEU B 391 2.09 13.74 -11.63
C LEU B 391 3.25 12.77 -11.84
N ASP B 392 3.90 12.91 -12.99
CA ASP B 392 5.07 12.10 -13.33
C ASP B 392 6.18 12.45 -12.34
N HIS B 393 6.27 13.74 -12.05
CA HIS B 393 7.24 14.27 -11.10
C HIS B 393 7.06 13.58 -9.76
N LYS B 394 5.81 13.59 -9.28
CA LYS B 394 5.46 12.95 -8.00
C LYS B 394 5.98 11.52 -7.96
N PHE B 395 5.58 10.73 -8.97
CA PHE B 395 6.00 9.34 -9.10
C PHE B 395 7.52 9.20 -9.00
N ASP B 396 8.22 9.93 -9.87
CA ASP B 396 9.69 9.90 -9.92
C ASP B 396 10.31 10.21 -8.56
N LEU B 397 9.89 11.34 -7.97
CA LEU B 397 10.39 11.78 -6.66
C LEU B 397 10.33 10.68 -5.61
N MET B 398 9.13 10.12 -5.43
CA MET B 398 8.91 9.07 -4.43
C MET B 398 9.60 7.77 -4.80
N TYR B 399 9.52 7.40 -6.06
CA TYR B 399 10.12 6.17 -6.57
C TYR B 399 11.63 6.14 -6.31
N ALA B 400 12.25 7.31 -6.31
CA ALA B 400 13.69 7.43 -6.07
C ALA B 400 14.09 6.89 -4.71
N LYS B 401 13.16 6.87 -3.76
CA LYS B 401 13.46 6.37 -2.41
C LYS B 401 12.64 5.12 -2.10
N ARG B 402 11.96 4.60 -3.12
CA ARG B 402 11.14 3.38 -3.04
C ARG B 402 9.86 3.53 -2.21
N ALA B 403 9.86 4.44 -1.24
CA ALA B 403 8.73 4.66 -0.34
C ALA B 403 7.87 3.39 -0.10
N PHE B 404 6.57 3.49 -0.38
CA PHE B 404 5.63 2.39 -0.15
C PHE B 404 5.66 1.34 -1.27
N VAL B 405 6.82 1.14 -1.88
CA VAL B 405 6.95 0.17 -2.96
C VAL B 405 6.75 -1.27 -2.49
N HIS B 406 7.16 -1.55 -1.26
CA HIS B 406 7.03 -2.91 -0.70
C HIS B 406 5.58 -3.35 -0.60
N TRP B 407 4.66 -2.40 -0.52
CA TRP B 407 3.23 -2.72 -0.44
C TRP B 407 2.74 -3.20 -1.80
N TYR B 408 3.47 -2.83 -2.84
CA TYR B 408 3.13 -3.24 -4.18
C TYR B 408 3.88 -4.51 -4.52
N VAL B 409 5.16 -4.54 -4.18
CA VAL B 409 6.03 -5.67 -4.43
C VAL B 409 5.49 -6.96 -3.80
N GLY B 410 5.12 -6.88 -2.52
CA GLY B 410 4.63 -8.06 -1.81
C GLY B 410 3.21 -8.47 -2.20
N GLU B 411 2.73 -7.94 -3.32
CA GLU B 411 1.39 -8.28 -3.79
C GLU B 411 1.47 -8.83 -5.20
N GLY B 412 2.59 -9.45 -5.52
CA GLY B 412 2.81 -10.02 -6.83
C GLY B 412 3.21 -8.97 -7.83
N MET B 413 4.18 -8.15 -7.45
CA MET B 413 4.69 -7.08 -8.30
C MET B 413 6.18 -6.88 -8.07
N GLU B 414 6.81 -6.04 -8.89
CA GLU B 414 8.23 -5.79 -8.76
C GLU B 414 8.66 -4.49 -9.43
N GLU B 415 9.97 -4.25 -9.45
CA GLU B 415 10.54 -3.04 -10.05
C GLU B 415 10.32 -2.99 -11.57
N GLY B 416 10.17 -4.14 -12.20
CA GLY B 416 9.97 -4.21 -13.64
C GLY B 416 8.79 -3.37 -14.11
N GLU B 417 7.58 -3.83 -13.83
CA GLU B 417 6.36 -3.12 -14.22
C GLU B 417 6.39 -1.66 -13.81
N PHE B 418 7.03 -1.38 -12.67
CA PHE B 418 7.15 -0.02 -12.17
C PHE B 418 7.98 0.83 -13.12
N SER B 419 9.23 0.41 -13.33
CA SER B 419 10.14 1.12 -14.23
C SER B 419 9.58 1.20 -15.65
N GLU B 420 8.88 0.15 -16.07
CA GLU B 420 8.31 0.11 -17.42
C GLU B 420 7.10 1.03 -17.54
N ALA B 421 6.57 1.47 -16.40
CA ALA B 421 5.43 2.38 -16.40
C ALA B 421 5.96 3.80 -16.36
N ARG B 422 7.18 3.95 -15.86
CA ARG B 422 7.84 5.23 -15.80
C ARG B 422 8.26 5.60 -17.22
N GLU B 423 8.83 4.62 -17.90
CA GLU B 423 9.27 4.78 -19.28
C GLU B 423 8.09 5.04 -20.20
N ASP B 424 6.98 4.34 -19.96
CA ASP B 424 5.78 4.50 -20.76
C ASP B 424 5.24 5.92 -20.66
N MET B 425 4.96 6.36 -19.43
CA MET B 425 4.46 7.72 -19.20
C MET B 425 5.39 8.75 -19.82
N ALA B 426 6.69 8.48 -19.79
CA ALA B 426 7.68 9.36 -20.40
C ALA B 426 7.35 9.57 -21.87
N ALA B 427 6.92 8.50 -22.54
CA ALA B 427 6.58 8.57 -23.96
C ALA B 427 5.19 9.18 -24.16
N LEU B 428 4.56 9.58 -23.08
CA LEU B 428 3.26 10.21 -23.13
C LEU B 428 3.50 11.70 -22.97
N GLU B 429 4.63 12.01 -22.35
CA GLU B 429 5.07 13.38 -22.17
C GLU B 429 5.64 13.82 -23.51
N LYS B 430 6.30 12.89 -24.18
CA LYS B 430 6.89 13.16 -25.48
C LYS B 430 5.79 13.17 -26.53
N ASP B 431 4.79 12.30 -26.35
CA ASP B 431 3.66 12.22 -27.28
C ASP B 431 2.93 13.55 -27.32
N TYR B 432 2.44 14.00 -26.17
CA TYR B 432 1.70 15.25 -26.09
C TYR B 432 2.57 16.44 -26.48
N GLU B 433 3.88 16.26 -26.47
CA GLU B 433 4.79 17.33 -26.84
C GLU B 433 5.05 17.31 -28.34
N GLU B 434 5.12 16.12 -28.92
CA GLU B 434 5.36 15.96 -30.35
C GLU B 434 4.10 16.24 -31.19
N VAL B 435 2.93 15.91 -30.64
CA VAL B 435 1.67 16.14 -31.34
C VAL B 435 1.38 17.64 -31.45
N GLY B 436 2.13 18.44 -30.71
CA GLY B 436 1.94 19.86 -30.75
C GLY B 436 3.25 20.59 -30.57
N VAL B 437 3.15 21.84 -30.12
CA VAL B 437 4.32 22.71 -29.87
C VAL B 437 5.09 23.09 -31.14
N ASP B 438 5.03 22.26 -32.16
CA ASP B 438 5.74 22.53 -33.41
C ASP B 438 4.78 22.48 -34.57
N SER B 439 5.19 23.03 -35.70
CA SER B 439 4.38 23.04 -36.89
C SER B 439 4.38 21.67 -37.57
N ARG C 2 -13.59 -8.27 7.35
CA ARG C 2 -13.25 -6.96 7.89
C ARG C 2 -13.29 -6.97 9.42
N GLU C 3 -13.29 -8.17 10.00
CA GLU C 3 -13.35 -8.32 11.45
C GLU C 3 -11.95 -8.28 12.09
N ILE C 4 -11.91 -8.04 13.40
CA ILE C 4 -10.64 -7.94 14.13
C ILE C 4 -10.81 -8.48 15.55
N VAL C 5 -9.69 -8.88 16.18
CA VAL C 5 -9.73 -9.42 17.53
C VAL C 5 -8.77 -8.65 18.47
N HIS C 6 -9.35 -7.94 19.43
CA HIS C 6 -8.57 -7.17 20.40
C HIS C 6 -7.84 -8.07 21.40
N ILE C 7 -6.63 -7.68 21.78
CA ILE C 7 -5.85 -8.45 22.76
C ILE C 7 -5.30 -7.53 23.85
N GLN C 8 -5.80 -7.69 25.07
CA GLN C 8 -5.37 -6.88 26.21
C GLN C 8 -4.40 -7.63 27.12
N ALA C 9 -3.13 -7.62 26.76
CA ALA C 9 -2.11 -8.32 27.53
C ALA C 9 -1.58 -7.47 28.69
N GLY C 10 -1.43 -8.09 29.84
CA GLY C 10 -0.89 -7.41 31.01
C GLY C 10 -1.93 -6.66 31.82
N GLN C 11 -1.49 -6.06 32.92
CA GLN C 11 -2.37 -5.31 33.81
C GLN C 11 -2.84 -4.04 33.13
N CYS C 12 -1.88 -3.27 32.62
CA CYS C 12 -2.18 -2.02 31.93
C CYS C 12 -3.11 -2.30 30.75
N GLY C 13 -2.69 -3.21 29.87
CA GLY C 13 -3.48 -3.56 28.70
C GLY C 13 -4.92 -3.91 29.06
N ASN C 14 -5.10 -4.59 30.18
CA ASN C 14 -6.43 -4.97 30.65
C ASN C 14 -7.21 -3.74 31.06
N GLN C 15 -6.59 -2.90 31.89
CA GLN C 15 -7.21 -1.65 32.34
C GLN C 15 -7.62 -0.80 31.15
N ILE C 16 -6.71 -0.70 30.17
CA ILE C 16 -6.95 0.07 28.96
C ILE C 16 -8.13 -0.52 28.20
N GLY C 17 -8.12 -1.84 28.06
CA GLY C 17 -9.18 -2.54 27.37
C GLY C 17 -10.52 -2.35 28.05
N ALA C 18 -10.53 -2.43 29.38
CA ALA C 18 -11.76 -2.27 30.14
C ALA C 18 -12.41 -0.92 29.83
N LYS C 19 -11.61 0.13 29.78
CA LYS C 19 -12.11 1.47 29.49
C LYS C 19 -12.46 1.59 28.00
N PHE C 20 -11.69 0.93 27.15
CA PHE C 20 -11.92 0.95 25.72
C PHE C 20 -13.26 0.32 25.39
N TRP C 21 -13.59 -0.77 26.08
CA TRP C 21 -14.84 -1.47 25.83
C TRP C 21 -16.02 -0.70 26.39
N GLU C 22 -15.76 0.13 27.40
CA GLU C 22 -16.79 0.98 27.98
C GLU C 22 -17.23 2.00 26.94
N VAL C 23 -16.25 2.56 26.25
CA VAL C 23 -16.48 3.53 25.18
C VAL C 23 -17.17 2.86 23.99
N ILE C 24 -16.40 2.06 23.25
CA ILE C 24 -16.89 1.32 22.07
C ILE C 24 -18.35 0.83 22.18
N SER C 25 -18.72 0.31 23.36
CA SER C 25 -20.08 -0.20 23.57
C SER C 25 -21.10 0.92 23.41
N ASP C 26 -20.81 2.07 24.01
CA ASP C 26 -21.68 3.24 23.93
C ASP C 26 -21.70 3.76 22.50
N GLU C 27 -20.59 3.52 21.78
CA GLU C 27 -20.45 3.95 20.40
C GLU C 27 -21.13 2.95 19.45
N HIS C 28 -21.85 1.98 20.02
CA HIS C 28 -22.54 0.97 19.22
C HIS C 28 -23.83 0.59 19.91
N GLY C 29 -24.15 1.29 20.99
CA GLY C 29 -25.35 1.03 21.75
C GLY C 29 -25.47 -0.40 22.22
N ILE C 30 -24.42 -0.93 22.83
CA ILE C 30 -24.43 -2.29 23.35
C ILE C 30 -24.18 -2.30 24.86
N ASP C 31 -25.17 -2.74 25.61
CA ASP C 31 -25.07 -2.82 27.06
C ASP C 31 -24.46 -4.16 27.46
N PRO C 32 -23.73 -4.23 28.61
CA PRO C 32 -23.11 -5.45 29.14
C PRO C 32 -23.82 -6.75 28.72
N THR C 33 -25.01 -6.97 29.25
CA THR C 33 -25.80 -8.14 28.91
C THR C 33 -26.86 -7.76 27.87
N GLY C 34 -27.03 -6.46 27.68
CA GLY C 34 -27.98 -5.93 26.71
C GLY C 34 -27.59 -6.23 25.27
N SER C 35 -28.45 -5.83 24.34
CA SER C 35 -28.20 -6.04 22.92
C SER C 35 -27.96 -4.70 22.22
N TYR C 36 -28.48 -4.57 21.00
CA TYR C 36 -28.31 -3.35 20.24
C TYR C 36 -29.38 -2.31 20.60
N HIS C 37 -29.03 -1.43 21.52
CA HIS C 37 -29.93 -0.39 21.96
C HIS C 37 -29.64 0.91 21.21
N GLY C 38 -28.62 0.83 20.34
CA GLY C 38 -28.18 1.94 19.50
C GLY C 38 -29.25 2.97 19.18
N ASP C 39 -28.95 4.24 19.43
CA ASP C 39 -29.90 5.32 19.16
C ASP C 39 -30.21 5.36 17.67
N SER C 40 -29.21 5.03 16.86
CA SER C 40 -29.38 5.00 15.42
C SER C 40 -29.38 3.55 14.92
N ASP C 41 -29.33 3.39 13.61
CA ASP C 41 -29.32 2.05 13.01
C ASP C 41 -28.04 1.83 12.22
N LEU C 42 -27.17 2.83 12.24
CA LEU C 42 -25.92 2.76 11.51
C LEU C 42 -24.85 2.02 12.30
N GLN C 43 -25.07 1.89 13.61
CA GLN C 43 -24.12 1.22 14.48
C GLN C 43 -24.39 -0.28 14.54
N LEU C 44 -25.10 -0.81 13.55
CA LEU C 44 -25.44 -2.21 13.51
C LEU C 44 -24.95 -2.89 12.23
N GLU C 45 -24.73 -2.10 11.18
CA GLU C 45 -24.30 -2.63 9.89
C GLU C 45 -22.95 -3.34 9.91
N ARG C 46 -22.08 -3.00 10.85
CA ARG C 46 -20.75 -3.60 10.90
C ARG C 46 -20.32 -4.06 12.31
N ILE C 47 -21.28 -4.23 13.22
CA ILE C 47 -20.98 -4.66 14.59
C ILE C 47 -20.03 -5.87 14.62
N ASN C 48 -20.36 -6.85 13.79
CA ASN C 48 -19.58 -8.10 13.64
C ASN C 48 -18.08 -7.94 13.84
N VAL C 49 -17.54 -6.83 13.36
CA VAL C 49 -16.10 -6.54 13.45
C VAL C 49 -15.49 -6.77 14.83
N TYR C 50 -16.22 -6.38 15.88
CA TYR C 50 -15.69 -6.53 17.23
C TYR C 50 -16.62 -7.29 18.14
N TYR C 51 -17.65 -7.91 17.59
CA TYR C 51 -18.59 -8.66 18.41
C TYR C 51 -18.84 -10.02 17.78
N ASN C 52 -19.57 -10.87 18.49
CA ASN C 52 -19.89 -12.20 17.99
C ASN C 52 -21.34 -12.53 18.29
N GLU C 53 -22.04 -13.03 17.30
CA GLU C 53 -23.42 -13.41 17.48
C GLU C 53 -23.51 -14.82 18.01
N ALA C 54 -23.98 -14.96 19.24
CA ALA C 54 -24.10 -16.26 19.86
C ALA C 54 -25.55 -16.55 20.21
N ALA C 55 -26.07 -15.80 21.19
CA ALA C 55 -27.46 -15.97 21.63
C ALA C 55 -28.41 -15.20 20.72
N GLY C 56 -28.39 -13.89 20.84
CA GLY C 56 -29.23 -13.03 20.03
C GLY C 56 -29.45 -11.70 20.69
N ASN C 57 -29.10 -11.63 21.96
CA ASN C 57 -29.23 -10.40 22.73
C ASN C 57 -27.92 -10.12 23.43
N LYS C 58 -27.09 -11.16 23.51
CA LYS C 58 -25.80 -11.04 24.15
C LYS C 58 -24.70 -10.97 23.09
N TYR C 59 -24.36 -9.76 22.68
CA TYR C 59 -23.31 -9.55 21.70
C TYR C 59 -21.98 -9.47 22.41
N VAL C 60 -21.29 -10.59 22.50
CA VAL C 60 -20.02 -10.66 23.19
C VAL C 60 -18.86 -10.10 22.37
N PRO C 61 -18.17 -9.10 22.93
CA PRO C 61 -17.02 -8.46 22.29
C PRO C 61 -15.89 -9.45 22.09
N ARG C 62 -15.23 -9.36 20.96
CA ARG C 62 -14.12 -10.25 20.66
C ARG C 62 -12.79 -9.70 21.14
N ALA C 63 -12.50 -9.94 22.42
CA ALA C 63 -11.24 -9.51 22.99
C ALA C 63 -10.66 -10.64 23.81
N ILE C 64 -9.38 -10.57 24.10
CA ILE C 64 -8.71 -11.61 24.86
C ILE C 64 -7.99 -11.00 26.04
N LEU C 65 -8.20 -11.55 27.22
CA LEU C 65 -7.58 -11.07 28.43
C LEU C 65 -6.48 -12.02 28.86
N VAL C 66 -5.24 -11.66 28.61
CA VAL C 66 -4.11 -12.51 28.96
C VAL C 66 -3.24 -11.83 30.01
N ASP C 67 -3.18 -12.42 31.20
CA ASP C 67 -2.39 -11.87 32.29
C ASP C 67 -2.09 -12.95 33.33
N LEU C 68 -0.97 -12.81 34.03
CA LEU C 68 -0.55 -13.77 35.04
C LEU C 68 -0.96 -13.35 36.45
N GLU C 69 -1.66 -12.23 36.57
CA GLU C 69 -2.09 -11.77 37.88
C GLU C 69 -3.60 -11.83 38.00
N PRO C 70 -4.11 -12.85 38.71
CA PRO C 70 -5.55 -13.03 38.92
C PRO C 70 -6.21 -11.73 39.37
N GLY C 71 -5.71 -11.18 40.48
CA GLY C 71 -6.23 -9.92 41.02
C GLY C 71 -6.61 -8.90 39.96
N THR C 72 -5.68 -8.66 39.04
CA THR C 72 -5.88 -7.73 37.95
C THR C 72 -7.12 -8.09 37.11
N MET C 73 -7.08 -9.25 36.49
CA MET C 73 -8.19 -9.71 35.66
C MET C 73 -9.47 -9.86 36.49
N ASP C 74 -9.31 -10.16 37.77
CA ASP C 74 -10.43 -10.37 38.68
C ASP C 74 -11.07 -9.06 39.11
N SER C 75 -10.51 -7.94 38.71
CA SER C 75 -11.09 -6.64 39.02
C SER C 75 -11.76 -6.09 37.78
N VAL C 76 -11.31 -6.61 36.64
CA VAL C 76 -11.88 -6.23 35.35
C VAL C 76 -13.23 -6.93 35.17
N ARG C 77 -13.30 -8.19 35.59
CA ARG C 77 -14.52 -8.97 35.44
C ARG C 77 -15.54 -8.69 36.56
N SER C 78 -15.09 -8.09 37.63
CA SER C 78 -15.98 -7.81 38.75
C SER C 78 -16.46 -6.37 38.77
N GLY C 79 -16.24 -5.66 37.67
CA GLY C 79 -16.68 -4.28 37.62
C GLY C 79 -17.94 -4.12 36.80
N PRO C 80 -18.09 -2.99 36.13
CA PRO C 80 -19.24 -2.66 35.28
C PRO C 80 -19.33 -3.59 34.06
N PHE C 81 -18.82 -3.11 32.93
CA PHE C 81 -18.85 -3.87 31.67
C PHE C 81 -18.01 -5.15 31.72
N GLY C 82 -17.48 -5.48 32.89
CA GLY C 82 -16.65 -6.67 33.05
C GLY C 82 -17.37 -7.97 32.77
N GLN C 83 -18.69 -7.99 32.94
CA GLN C 83 -19.46 -9.22 32.71
C GLN C 83 -19.92 -9.36 31.26
N ILE C 84 -19.20 -8.74 30.34
CA ILE C 84 -19.55 -8.83 28.93
C ILE C 84 -18.61 -9.81 28.21
N PHE C 85 -17.47 -10.07 28.84
CA PHE C 85 -16.49 -10.97 28.27
C PHE C 85 -16.79 -12.42 28.63
N ARG C 86 -16.79 -13.29 27.63
CA ARG C 86 -17.05 -14.70 27.84
C ARG C 86 -15.89 -15.33 28.62
N PRO C 87 -16.19 -16.28 29.51
CA PRO C 87 -15.18 -16.97 30.34
C PRO C 87 -14.06 -17.57 29.52
N ASP C 88 -14.40 -18.01 28.31
CA ASP C 88 -13.43 -18.63 27.41
C ASP C 88 -12.36 -17.63 26.96
N ASN C 89 -12.71 -16.35 26.98
CA ASN C 89 -11.81 -15.28 26.58
C ASN C 89 -10.79 -14.96 27.67
N PHE C 90 -11.10 -15.36 28.90
CA PHE C 90 -10.22 -15.12 30.02
C PHE C 90 -9.08 -16.13 30.04
N VAL C 91 -7.88 -15.67 29.70
CA VAL C 91 -6.72 -16.53 29.68
C VAL C 91 -5.74 -16.08 30.77
N PHE C 92 -6.02 -16.46 32.00
CA PHE C 92 -5.17 -16.09 33.11
C PHE C 92 -4.20 -17.19 33.49
N GLY C 93 -3.11 -16.79 34.10
CA GLY C 93 -2.07 -17.70 34.53
C GLY C 93 -1.66 -17.41 35.95
N GLN C 94 -2.21 -18.16 36.90
CA GLN C 94 -1.94 -17.97 38.33
C GLN C 94 -0.45 -18.06 38.73
N SER C 95 0.44 -18.14 37.75
CA SER C 95 1.88 -18.19 38.00
C SER C 95 2.41 -16.87 38.60
N GLY C 96 3.72 -16.69 38.56
CA GLY C 96 4.31 -15.47 39.11
C GLY C 96 4.24 -14.30 38.15
N ALA C 97 3.34 -13.37 38.42
CA ALA C 97 3.15 -12.19 37.57
C ALA C 97 4.23 -11.13 37.75
N GLY C 98 5.44 -11.56 38.10
CA GLY C 98 6.58 -10.66 38.27
C GLY C 98 6.74 -9.65 37.14
N ASN C 99 7.25 -8.47 37.44
CA ASN C 99 7.46 -7.41 36.45
C ASN C 99 8.73 -7.66 35.64
N ASN C 100 8.96 -8.92 35.26
CA ASN C 100 10.15 -9.27 34.51
C ASN C 100 9.81 -9.77 33.12
N TRP C 101 10.51 -9.23 32.11
CA TRP C 101 10.29 -9.61 30.73
C TRP C 101 10.55 -11.10 30.51
N ALA C 102 11.69 -11.58 30.99
CA ALA C 102 12.08 -12.98 30.83
C ALA C 102 11.10 -13.91 31.54
N LYS C 103 10.61 -13.47 32.70
CA LYS C 103 9.68 -14.29 33.46
C LYS C 103 8.35 -14.43 32.73
N GLY C 104 7.99 -13.43 31.94
CA GLY C 104 6.74 -13.48 31.21
C GLY C 104 6.92 -13.83 29.75
N HIS C 105 8.14 -14.17 29.36
CA HIS C 105 8.43 -14.51 27.98
C HIS C 105 9.09 -15.88 27.86
N TYR C 106 9.89 -16.25 28.85
CA TYR C 106 10.60 -17.51 28.80
C TYR C 106 10.08 -18.60 29.76
N THR C 107 9.60 -18.23 30.94
CA THR C 107 9.13 -19.25 31.89
C THR C 107 7.63 -19.24 32.16
N GLU C 108 7.14 -18.20 32.82
CA GLU C 108 5.72 -18.12 33.18
C GLU C 108 4.87 -17.73 31.99
N GLY C 109 5.39 -16.86 31.16
CA GLY C 109 4.65 -16.43 29.99
C GLY C 109 4.58 -17.49 28.92
N ALA C 110 5.66 -18.25 28.78
CA ALA C 110 5.76 -19.30 27.76
C ALA C 110 4.72 -20.41 27.94
N GLU C 111 4.41 -20.74 29.18
CA GLU C 111 3.45 -21.80 29.46
C GLU C 111 2.03 -21.41 29.07
N LEU C 112 1.67 -20.17 29.33
CA LEU C 112 0.32 -19.68 29.04
C LEU C 112 0.10 -19.45 27.54
N VAL C 113 1.18 -19.33 26.78
CA VAL C 113 1.10 -19.11 25.33
C VAL C 113 0.18 -20.12 24.64
N ASP C 114 0.35 -21.38 25.01
CA ASP C 114 -0.44 -22.46 24.44
C ASP C 114 -1.95 -22.27 24.65
N SER C 115 -2.32 -21.66 25.77
CA SER C 115 -3.72 -21.40 26.08
C SER C 115 -4.24 -20.17 25.35
N VAL C 116 -3.33 -19.41 24.77
CA VAL C 116 -3.67 -18.21 24.03
C VAL C 116 -3.89 -18.55 22.57
N LEU C 117 -2.91 -19.25 22.00
CA LEU C 117 -2.96 -19.68 20.60
C LEU C 117 -4.28 -20.35 20.28
N ASP C 118 -4.79 -21.13 21.23
CA ASP C 118 -6.06 -21.83 21.07
C ASP C 118 -7.20 -20.85 20.89
N VAL C 119 -7.23 -19.81 21.73
CA VAL C 119 -8.29 -18.81 21.68
C VAL C 119 -8.18 -17.92 20.44
N VAL C 120 -6.97 -17.48 20.12
CA VAL C 120 -6.76 -16.61 18.96
C VAL C 120 -7.20 -17.27 17.66
N ARG C 121 -7.17 -18.60 17.62
CA ARG C 121 -7.58 -19.32 16.44
C ARG C 121 -9.09 -19.49 16.41
N LYS C 122 -9.67 -19.68 17.59
CA LYS C 122 -11.11 -19.81 17.71
C LYS C 122 -11.79 -18.50 17.33
N GLU C 123 -11.09 -17.40 17.61
CA GLU C 123 -11.60 -16.08 17.31
C GLU C 123 -11.34 -15.69 15.85
N SER C 124 -10.22 -16.17 15.29
CA SER C 124 -9.88 -15.85 13.91
C SER C 124 -10.78 -16.58 12.91
N GLU C 125 -11.04 -17.85 13.20
CA GLU C 125 -11.88 -18.68 12.33
C GLU C 125 -13.36 -18.53 12.66
N SER C 126 -13.73 -17.35 13.16
CA SER C 126 -15.12 -17.07 13.50
C SER C 126 -16.04 -17.07 12.28
N CYS C 127 -16.13 -15.93 11.61
CA CYS C 127 -16.96 -15.77 10.43
C CYS C 127 -16.42 -14.65 9.54
N ASP C 128 -17.06 -14.47 8.39
CA ASP C 128 -16.68 -13.41 7.44
C ASP C 128 -15.18 -13.45 7.10
N CYS C 129 -14.56 -12.28 7.04
CA CYS C 129 -13.16 -12.18 6.71
C CYS C 129 -12.38 -11.56 7.87
N LEU C 130 -11.20 -12.08 8.12
CA LEU C 130 -10.36 -11.57 9.19
C LEU C 130 -9.43 -10.49 8.66
N GLN C 131 -9.39 -9.36 9.34
CA GLN C 131 -8.55 -8.25 8.93
C GLN C 131 -7.19 -8.31 9.63
N GLY C 132 -7.19 -8.35 10.95
CA GLY C 132 -5.96 -8.41 11.70
C GLY C 132 -6.18 -8.55 13.19
N PHE C 133 -5.13 -8.36 13.96
CA PHE C 133 -5.20 -8.47 15.41
C PHE C 133 -4.61 -7.22 16.06
N GLN C 134 -5.36 -6.61 16.97
CA GLN C 134 -4.89 -5.43 17.67
C GLN C 134 -4.44 -5.79 19.08
N LEU C 135 -3.30 -5.28 19.49
CA LEU C 135 -2.76 -5.57 20.81
C LEU C 135 -2.58 -4.31 21.65
N THR C 136 -3.04 -4.38 22.88
CA THR C 136 -2.90 -3.26 23.81
C THR C 136 -2.03 -3.71 24.96
N HIS C 137 -1.05 -2.88 25.35
CA HIS C 137 -0.13 -3.24 26.44
C HIS C 137 0.80 -2.08 26.78
N SER C 138 1.64 -2.31 27.78
CA SER C 138 2.60 -1.32 28.23
C SER C 138 4.01 -1.90 28.23
N LEU C 139 5.00 -1.06 27.97
CA LEU C 139 6.40 -1.51 27.95
C LEU C 139 7.03 -1.38 29.33
N GLY C 140 6.22 -1.57 30.38
CA GLY C 140 6.72 -1.47 31.73
C GLY C 140 6.11 -2.53 32.63
N GLY C 141 6.18 -3.77 32.21
CA GLY C 141 5.63 -4.85 33.01
C GLY C 141 6.02 -6.21 32.47
N GLY C 142 5.68 -7.26 33.22
CA GLY C 142 6.01 -8.60 32.79
C GLY C 142 5.09 -9.07 31.69
N THR C 143 3.83 -9.28 32.05
CA THR C 143 2.80 -9.73 31.13
C THR C 143 2.55 -8.74 29.99
N GLY C 144 2.89 -7.48 30.21
CA GLY C 144 2.66 -6.47 29.19
C GLY C 144 3.74 -6.45 28.14
N SER C 145 4.96 -6.14 28.53
CA SER C 145 6.06 -6.07 27.59
C SER C 145 6.53 -7.46 27.16
N GLY C 146 6.48 -8.42 28.06
CA GLY C 146 6.92 -9.76 27.74
C GLY C 146 5.84 -10.59 27.07
N MET C 147 4.90 -11.07 27.87
CA MET C 147 3.81 -11.92 27.40
C MET C 147 3.04 -11.34 26.22
N GLY C 148 2.82 -10.04 26.23
CA GLY C 148 2.09 -9.39 25.17
C GLY C 148 2.83 -9.41 23.84
N THR C 149 4.14 -9.30 23.89
CA THR C 149 4.95 -9.27 22.68
C THR C 149 5.24 -10.67 22.14
N LEU C 150 5.23 -11.67 23.01
CA LEU C 150 5.50 -13.03 22.56
C LEU C 150 4.26 -13.58 21.86
N LEU C 151 3.11 -13.24 22.41
CA LEU C 151 1.83 -13.66 21.85
C LEU C 151 1.70 -13.22 20.39
N ILE C 152 2.03 -11.95 20.13
CA ILE C 152 1.94 -11.42 18.77
C ILE C 152 2.97 -12.03 17.82
N SER C 153 4.15 -12.36 18.35
CA SER C 153 5.21 -12.97 17.54
C SER C 153 4.71 -14.27 16.90
N LYS C 154 3.89 -15.00 17.63
CA LYS C 154 3.33 -16.25 17.13
C LYS C 154 2.19 -15.98 16.16
N ILE C 155 1.43 -14.93 16.45
CA ILE C 155 0.30 -14.55 15.61
C ILE C 155 0.78 -14.18 14.20
N ARG C 156 1.86 -13.42 14.13
CA ARG C 156 2.40 -13.00 12.85
C ARG C 156 3.06 -14.14 12.08
N GLU C 157 3.09 -15.31 12.68
CA GLU C 157 3.66 -16.48 12.03
C GLU C 157 2.53 -17.41 11.59
N GLU C 158 1.40 -17.30 12.28
CA GLU C 158 0.24 -18.10 11.98
C GLU C 158 -0.63 -17.42 10.92
N TYR C 159 -0.58 -16.10 10.90
CA TYR C 159 -1.35 -15.30 9.95
C TYR C 159 -0.51 -14.14 9.43
N PRO C 160 0.43 -14.42 8.50
CA PRO C 160 1.32 -13.40 7.93
C PRO C 160 0.63 -12.46 6.94
N ASP C 161 -0.66 -12.65 6.75
CA ASP C 161 -1.44 -11.82 5.83
C ASP C 161 -2.14 -10.71 6.59
N ARG C 162 -2.74 -11.07 7.71
CA ARG C 162 -3.47 -10.13 8.55
C ARG C 162 -2.53 -9.08 9.13
N ILE C 163 -2.98 -7.85 9.17
CA ILE C 163 -2.18 -6.77 9.72
C ILE C 163 -2.24 -6.83 11.25
N MET C 164 -1.34 -6.11 11.90
CA MET C 164 -1.29 -6.13 13.35
C MET C 164 -1.18 -4.72 13.90
N ASN C 165 -2.28 -4.22 14.43
CA ASN C 165 -2.32 -2.89 15.01
C ASN C 165 -1.99 -3.00 16.49
N THR C 166 -1.07 -2.20 16.97
CA THR C 166 -0.68 -2.26 18.37
C THR C 166 -0.69 -0.90 19.05
N PHE C 167 -1.24 -0.88 20.25
CA PHE C 167 -1.30 0.32 21.07
C PHE C 167 -0.41 0.08 22.27
N SER C 168 0.76 0.70 22.27
CA SER C 168 1.71 0.51 23.33
C SER C 168 1.88 1.75 24.20
N VAL C 169 1.76 1.53 25.50
CA VAL C 169 1.94 2.59 26.49
C VAL C 169 3.40 2.66 26.89
N VAL C 170 4.18 3.33 26.06
CA VAL C 170 5.62 3.50 26.28
C VAL C 170 5.93 4.12 27.64
N PRO C 171 7.09 3.77 28.21
CA PRO C 171 7.53 4.31 29.49
C PRO C 171 7.68 5.83 29.43
N SER C 172 6.91 6.55 30.21
CA SER C 172 6.97 7.99 30.23
C SER C 172 8.36 8.45 30.66
N PRO C 173 8.93 9.44 29.94
CA PRO C 173 10.26 9.98 30.24
C PRO C 173 10.36 10.52 31.67
N LYS C 174 9.91 11.78 31.85
CA LYS C 174 9.93 12.46 33.15
C LYS C 174 9.93 11.55 34.38
N VAL C 175 8.94 10.68 34.49
CA VAL C 175 8.82 9.76 35.61
C VAL C 175 8.48 8.34 35.14
N SER C 176 9.31 7.39 35.52
CA SER C 176 9.10 5.99 35.17
C SER C 176 8.20 5.35 36.22
N ASP C 177 7.22 4.57 35.79
CA ASP C 177 6.30 3.91 36.73
C ASP C 177 6.89 2.62 37.25
N THR C 178 8.08 2.30 36.77
CA THR C 178 8.79 1.09 37.17
C THR C 178 10.28 1.39 37.16
N VAL C 179 11.08 0.52 37.76
CA VAL C 179 12.52 0.73 37.79
C VAL C 179 13.17 -0.02 36.64
N VAL C 180 12.70 -1.23 36.41
CA VAL C 180 13.22 -2.05 35.32
C VAL C 180 12.63 -1.61 33.98
N GLU C 181 11.58 -0.80 34.06
CA GLU C 181 10.87 -0.22 32.90
C GLU C 181 11.63 -0.24 31.55
N PRO C 182 12.75 0.51 31.44
CA PRO C 182 13.54 0.59 30.19
C PRO C 182 14.05 -0.78 29.70
N TYR C 183 14.33 -1.67 30.64
CA TYR C 183 14.81 -3.01 30.32
C TYR C 183 13.71 -3.78 29.60
N ASN C 184 12.52 -3.76 30.20
CA ASN C 184 11.36 -4.44 29.64
C ASN C 184 10.96 -3.84 28.30
N ALA C 185 11.13 -2.53 28.20
CA ALA C 185 10.81 -1.78 26.98
C ALA C 185 11.72 -2.18 25.83
N THR C 186 13.01 -2.01 26.03
CA THR C 186 14.01 -2.34 25.01
C THR C 186 13.82 -3.76 24.46
N LEU C 187 13.54 -4.71 25.35
CA LEU C 187 13.36 -6.09 24.94
C LEU C 187 12.06 -6.32 24.16
N SER C 188 11.00 -5.60 24.51
CA SER C 188 9.73 -5.76 23.83
C SER C 188 9.70 -5.05 22.48
N VAL C 189 10.26 -3.85 22.42
CA VAL C 189 10.29 -3.07 21.19
C VAL C 189 11.01 -3.81 20.07
N HIS C 190 11.99 -4.65 20.43
CA HIS C 190 12.74 -5.43 19.44
C HIS C 190 11.80 -6.34 18.65
N GLN C 191 11.08 -7.19 19.37
CA GLN C 191 10.16 -8.12 18.74
C GLN C 191 8.99 -7.38 18.08
N LEU C 192 8.53 -6.31 18.72
CA LEU C 192 7.42 -5.52 18.19
C LEU C 192 7.75 -4.96 16.81
N VAL C 193 8.87 -4.26 16.69
CA VAL C 193 9.29 -3.64 15.44
C VAL C 193 9.58 -4.66 14.33
N GLU C 194 9.45 -5.95 14.65
CA GLU C 194 9.71 -6.99 13.67
C GLU C 194 8.50 -7.93 13.59
N ASN C 195 7.34 -7.45 14.01
CA ASN C 195 6.13 -8.26 13.99
C ASN C 195 4.91 -7.43 13.57
N THR C 196 4.54 -6.46 14.40
CA THR C 196 3.38 -5.61 14.13
C THR C 196 3.57 -4.76 12.88
N ASP C 197 2.46 -4.33 12.27
CA ASP C 197 2.51 -3.53 11.06
C ASP C 197 1.92 -2.14 11.33
N GLU C 198 1.56 -1.87 12.58
CA GLU C 198 0.99 -0.59 12.98
C GLU C 198 1.16 -0.43 14.48
N THR C 199 1.83 0.62 14.92
CA THR C 199 2.02 0.84 16.34
C THR C 199 1.76 2.29 16.75
N TYR C 200 0.85 2.46 17.68
CA TYR C 200 0.47 3.77 18.21
C TYR C 200 1.10 3.98 19.58
N CYS C 201 2.07 4.86 19.66
CA CYS C 201 2.76 5.13 20.93
C CYS C 201 1.97 6.07 21.83
N ILE C 202 1.60 5.57 23.00
CA ILE C 202 0.90 6.36 24.01
C ILE C 202 1.88 6.65 25.13
N ASP C 203 1.95 7.89 25.59
CA ASP C 203 2.90 8.27 26.64
C ASP C 203 2.19 8.80 27.89
N ASN C 204 2.49 8.17 29.01
CA ASN C 204 1.91 8.55 30.30
C ASN C 204 2.10 10.03 30.67
N GLU C 205 3.21 10.64 30.26
CA GLU C 205 3.44 12.04 30.64
C GLU C 205 2.72 13.00 29.70
N ALA C 206 2.53 12.58 28.47
CA ALA C 206 1.82 13.39 27.50
C ALA C 206 0.33 13.29 27.77
N LEU C 207 -0.07 12.10 28.23
CA LEU C 207 -1.45 11.84 28.56
C LEU C 207 -1.88 12.74 29.72
N TYR C 208 -1.07 12.75 30.78
CA TYR C 208 -1.31 13.59 31.95
C TYR C 208 -1.49 15.03 31.50
N ASP C 209 -0.50 15.51 30.75
CA ASP C 209 -0.49 16.87 30.21
C ASP C 209 -1.80 17.22 29.51
N ILE C 210 -2.17 16.42 28.52
CA ILE C 210 -3.41 16.64 27.75
C ILE C 210 -4.64 16.71 28.66
N CYS C 211 -4.55 16.08 29.82
CA CYS C 211 -5.65 16.05 30.75
C CYS C 211 -5.51 17.17 31.79
N PHE C 212 -4.44 17.95 31.67
CA PHE C 212 -4.21 19.06 32.59
C PHE C 212 -4.20 20.42 31.88
N ARG C 213 -3.87 20.46 30.60
CA ARG C 213 -3.81 21.74 29.89
C ARG C 213 -4.90 21.85 28.83
N THR C 214 -5.27 20.73 28.23
CA THR C 214 -6.30 20.74 27.20
C THR C 214 -7.63 20.35 27.81
N LEU C 215 -7.56 19.87 29.03
CA LEU C 215 -8.72 19.46 29.79
C LEU C 215 -8.53 19.98 31.20
N LYS C 216 -9.41 20.87 31.62
CA LYS C 216 -9.34 21.47 32.96
C LYS C 216 -9.45 20.47 34.11
N LEU C 217 -9.33 19.19 33.81
CA LEU C 217 -9.38 18.14 34.82
C LEU C 217 -8.28 18.33 35.86
N THR C 218 -8.66 18.39 37.14
CA THR C 218 -7.69 18.57 38.21
C THR C 218 -7.07 17.23 38.62
N THR C 219 -7.89 16.20 38.66
CA THR C 219 -7.44 14.87 39.04
C THR C 219 -7.58 13.84 37.91
N PRO C 220 -6.59 13.76 37.00
CA PRO C 220 -6.61 12.82 35.88
C PRO C 220 -6.18 11.42 36.32
N THR C 221 -7.15 10.62 36.74
CA THR C 221 -6.89 9.25 37.18
C THR C 221 -6.62 8.34 35.98
N TYR C 222 -6.31 7.08 36.24
CA TYR C 222 -6.05 6.12 35.17
C TYR C 222 -7.25 6.00 34.25
N GLY C 223 -8.42 5.83 34.85
CA GLY C 223 -9.66 5.73 34.10
C GLY C 223 -9.79 6.86 33.09
N ASP C 224 -9.47 8.07 33.54
CA ASP C 224 -9.53 9.25 32.71
C ASP C 224 -8.54 9.13 31.55
N LEU C 225 -7.26 8.95 31.90
CA LEU C 225 -6.20 8.78 30.90
C LEU C 225 -6.62 7.78 29.84
N ASN C 226 -7.02 6.59 30.28
CA ASN C 226 -7.47 5.52 29.39
C ASN C 226 -8.65 5.96 28.53
N HIS C 227 -9.59 6.72 29.12
CA HIS C 227 -10.77 7.17 28.44
C HIS C 227 -10.36 7.99 27.26
N LEU C 228 -9.31 8.81 27.42
CA LEU C 228 -8.80 9.66 26.35
C LEU C 228 -8.31 8.82 25.18
N VAL C 229 -7.52 7.80 25.50
CA VAL C 229 -6.97 6.88 24.50
C VAL C 229 -8.09 6.10 23.83
N SER C 230 -9.02 5.61 24.63
CA SER C 230 -10.16 4.83 24.14
C SER C 230 -10.91 5.58 23.03
N ALA C 231 -10.93 6.91 23.12
CA ALA C 231 -11.61 7.74 22.12
C ALA C 231 -10.82 7.77 20.81
N THR C 232 -9.53 7.55 20.90
CA THR C 232 -8.67 7.54 19.73
C THR C 232 -8.79 6.22 18.98
N MET C 233 -8.68 5.12 19.71
CA MET C 233 -8.75 3.80 19.12
C MET C 233 -10.11 3.53 18.45
N SER C 234 -11.14 4.25 18.88
CA SER C 234 -12.46 4.10 18.30
C SER C 234 -12.50 4.84 16.96
N GLY C 235 -11.82 5.98 16.92
CA GLY C 235 -11.74 6.76 15.70
C GLY C 235 -10.88 6.04 14.67
N VAL C 236 -9.93 5.26 15.17
CA VAL C 236 -9.07 4.45 14.32
C VAL C 236 -9.85 3.26 13.78
N THR C 237 -10.09 2.29 14.64
CA THR C 237 -10.80 1.07 14.29
C THR C 237 -12.29 1.30 13.97
N THR C 238 -13.17 1.08 14.97
CA THR C 238 -14.63 1.25 14.83
C THR C 238 -15.10 2.24 13.77
N CYS C 239 -14.56 3.45 13.80
CA CYS C 239 -14.91 4.50 12.83
C CYS C 239 -14.88 4.00 11.39
N LEU C 240 -13.77 3.39 11.00
CA LEU C 240 -13.61 2.86 9.64
C LEU C 240 -14.59 1.71 9.35
N ARG C 241 -15.36 1.31 10.34
CA ARG C 241 -16.35 0.25 10.16
C ARG C 241 -17.73 0.86 9.98
N PHE C 242 -17.76 2.15 9.70
CA PHE C 242 -19.01 2.86 9.50
C PHE C 242 -19.01 3.50 8.12
N PRO C 243 -20.19 3.80 7.58
CA PRO C 243 -20.32 4.42 6.25
C PRO C 243 -19.71 5.83 6.24
N GLY C 244 -19.56 6.38 5.04
CA GLY C 244 -18.98 7.70 4.91
C GLY C 244 -18.70 8.04 3.46
N GLN C 245 -18.49 9.33 3.19
CA GLN C 245 -18.21 9.79 1.84
C GLN C 245 -16.81 9.36 1.40
N LEU C 246 -15.90 9.30 2.37
CA LEU C 246 -14.52 8.90 2.11
C LEU C 246 -14.04 7.99 3.23
N ASN C 247 -14.40 6.71 3.15
CA ASN C 247 -14.03 5.76 4.19
C ASN C 247 -12.68 5.11 3.93
N ALA C 248 -12.09 4.58 4.99
CA ALA C 248 -10.80 3.92 4.92
C ALA C 248 -10.83 2.64 5.76
N ASP C 249 -9.67 2.00 5.89
CA ASP C 249 -9.56 0.76 6.66
C ASP C 249 -8.10 0.42 6.89
N LEU C 250 -7.81 -0.29 7.98
CA LEU C 250 -6.46 -0.78 8.31
C LEU C 250 -5.53 -0.90 7.11
N ARG C 251 -5.99 -1.62 6.07
CA ARG C 251 -5.20 -1.80 4.86
C ARG C 251 -4.92 -0.47 4.21
N LYS C 252 -5.99 0.33 3.94
CA LYS C 252 -5.82 1.59 3.26
C LYS C 252 -4.91 2.43 4.09
N LEU C 253 -5.12 2.42 5.42
CA LEU C 253 -4.32 3.19 6.37
C LEU C 253 -2.85 2.79 6.36
N ALA C 254 -2.57 1.51 6.56
CA ALA C 254 -1.20 1.00 6.61
C ALA C 254 -0.48 1.19 5.28
N VAL C 255 -1.20 0.93 4.19
CA VAL C 255 -0.64 1.06 2.85
C VAL C 255 -0.25 2.52 2.53
N ASN C 256 -0.62 3.42 3.42
CA ASN C 256 -0.31 4.83 3.25
C ASN C 256 0.40 5.38 4.47
N MET C 257 0.61 4.55 5.48
CA MET C 257 1.25 4.99 6.72
C MET C 257 2.61 4.36 6.95
N VAL C 258 2.83 3.17 6.40
CA VAL C 258 4.10 2.48 6.58
C VAL C 258 4.96 2.61 5.33
N PRO C 259 5.91 3.55 5.32
CA PRO C 259 6.79 3.78 4.19
C PRO C 259 7.92 2.76 4.13
N PHE C 260 8.29 2.18 5.27
CA PHE C 260 9.37 1.20 5.30
C PHE C 260 9.05 0.00 6.20
N PRO C 261 9.24 -1.22 5.65
CA PRO C 261 9.02 -2.54 6.32
C PRO C 261 9.37 -2.60 7.81
N ARG C 262 10.16 -1.65 8.27
CA ARG C 262 10.57 -1.56 9.67
C ARG C 262 9.36 -1.60 10.60
N LEU C 263 8.24 -1.02 10.13
CA LEU C 263 6.95 -0.94 10.84
C LEU C 263 6.51 0.50 11.02
N HIS C 264 7.42 1.32 11.53
CA HIS C 264 7.18 2.74 11.79
C HIS C 264 6.13 2.93 12.88
N PHE C 265 6.44 3.82 13.81
CA PHE C 265 5.56 4.09 14.94
C PHE C 265 4.78 5.37 14.74
N PHE C 266 3.50 5.32 15.04
CA PHE C 266 2.62 6.47 14.88
C PHE C 266 2.31 7.10 16.23
N MET C 267 1.57 8.19 16.18
CA MET C 267 1.20 8.92 17.38
C MET C 267 -0.24 9.40 17.30
N PRO C 268 -1.08 8.94 18.23
CA PRO C 268 -2.50 9.31 18.27
C PRO C 268 -2.76 10.73 18.78
N GLY C 269 -3.70 11.40 18.14
CA GLY C 269 -4.08 12.75 18.50
C GLY C 269 -5.58 12.94 18.38
N PHE C 270 -6.17 13.69 19.28
CA PHE C 270 -7.61 13.94 19.25
C PHE C 270 -7.92 15.32 18.68
N ALA C 271 -9.07 15.46 18.05
CA ALA C 271 -9.48 16.75 17.48
C ALA C 271 -10.29 17.59 18.48
N PRO C 272 -11.58 17.23 18.75
CA PRO C 272 -12.40 18.00 19.67
C PRO C 272 -11.97 17.74 21.11
N LEU C 273 -11.03 18.53 21.57
CA LEU C 273 -10.51 18.39 22.92
C LEU C 273 -10.73 19.68 23.68
N THR C 274 -11.98 19.92 24.05
CA THR C 274 -12.33 21.12 24.77
C THR C 274 -13.00 20.75 26.09
N SER C 275 -12.76 21.53 27.13
CA SER C 275 -13.36 21.25 28.41
C SER C 275 -14.88 21.37 28.30
N ARG C 276 -15.57 20.46 28.98
CA ARG C 276 -17.03 20.40 28.98
C ARG C 276 -17.73 21.76 29.11
N GLY C 277 -18.01 22.17 30.33
CA GLY C 277 -18.69 23.43 30.60
C GLY C 277 -18.16 24.66 29.88
N SER C 278 -17.22 25.35 30.52
CA SER C 278 -16.62 26.58 30.00
C SER C 278 -16.26 26.53 28.51
N GLN C 279 -15.13 25.88 28.23
CA GLN C 279 -14.59 25.71 26.86
C GLN C 279 -15.56 25.37 25.73
N GLN C 280 -16.74 24.84 26.08
CA GLN C 280 -17.76 24.47 25.10
C GLN C 280 -18.16 25.61 24.16
N TYR C 281 -17.27 25.94 23.22
CA TYR C 281 -17.52 27.00 22.25
C TYR C 281 -18.16 26.42 21.00
N ARG C 282 -18.00 25.11 20.81
CA ARG C 282 -18.55 24.40 19.66
C ARG C 282 -17.81 24.80 18.38
N ALA C 283 -16.69 25.47 18.55
CA ALA C 283 -15.87 25.91 17.43
C ALA C 283 -15.11 24.72 16.87
N LEU C 284 -15.79 23.97 16.01
CA LEU C 284 -15.22 22.79 15.39
C LEU C 284 -15.67 22.69 13.94
N THR C 285 -15.76 23.84 13.28
CA THR C 285 -16.18 23.90 11.88
C THR C 285 -15.29 23.05 10.99
N VAL C 286 -13.98 23.17 11.17
CA VAL C 286 -12.98 22.41 10.41
C VAL C 286 -11.53 22.86 10.64
N PRO C 287 -11.17 24.16 10.54
CA PRO C 287 -9.79 24.60 10.76
C PRO C 287 -9.38 24.47 12.22
N GLU C 288 -10.36 24.50 13.11
CA GLU C 288 -10.12 24.40 14.54
C GLU C 288 -9.61 23.00 14.88
N LEU C 289 -10.05 22.03 14.09
CA LEU C 289 -9.61 20.65 14.29
C LEU C 289 -8.17 20.52 13.83
N THR C 290 -7.86 21.15 12.71
CA THR C 290 -6.52 21.15 12.15
C THR C 290 -5.57 21.84 13.11
N GLN C 291 -6.02 22.95 13.67
CA GLN C 291 -5.24 23.73 14.63
C GLN C 291 -4.84 22.85 15.80
N GLN C 292 -5.82 22.14 16.33
CA GLN C 292 -5.60 21.24 17.45
C GLN C 292 -4.62 20.14 17.07
N MET C 293 -5.13 19.10 16.42
CA MET C 293 -4.36 17.96 15.94
C MET C 293 -2.93 18.26 15.47
N PHE C 294 -2.75 19.35 14.73
CA PHE C 294 -1.44 19.68 14.20
C PHE C 294 -0.56 20.50 15.16
N ASP C 295 -1.00 20.68 16.39
CA ASP C 295 -0.22 21.41 17.38
C ASP C 295 0.64 20.43 18.19
N ALA C 296 1.72 20.92 18.79
CA ALA C 296 2.60 20.10 19.62
C ALA C 296 1.75 19.51 20.74
N LYS C 297 1.36 20.35 21.67
CA LYS C 297 0.48 19.93 22.74
C LYS C 297 -0.78 19.37 22.07
N ASN C 298 -1.23 18.18 22.54
CA ASN C 298 -2.41 17.43 22.02
C ASN C 298 -1.94 16.07 21.49
N MET C 299 -0.64 15.92 21.39
CA MET C 299 -0.04 14.68 20.92
C MET C 299 0.15 13.74 22.10
N MET C 300 -0.52 12.59 22.04
CA MET C 300 -0.43 11.58 23.09
C MET C 300 0.98 11.09 23.36
N ALA C 301 1.90 11.37 22.46
CA ALA C 301 3.30 10.98 22.65
C ALA C 301 4.07 12.06 23.40
N ALA C 302 5.21 11.71 23.99
CA ALA C 302 6.00 12.69 24.72
C ALA C 302 6.76 13.61 23.77
N CYS C 303 7.25 13.04 22.68
CA CYS C 303 7.99 13.84 21.70
C CYS C 303 7.02 14.76 20.96
N ASP C 304 7.53 15.93 20.59
CA ASP C 304 6.72 16.90 19.87
C ASP C 304 7.04 16.90 18.40
N PRO C 305 6.00 16.90 17.55
CA PRO C 305 6.14 16.89 16.09
C PRO C 305 7.14 17.92 15.57
N ARG C 306 7.22 19.05 16.27
CA ARG C 306 8.14 20.11 15.89
C ARG C 306 9.61 19.69 15.96
N HIS C 307 9.89 18.57 16.62
CA HIS C 307 11.24 18.07 16.76
C HIS C 307 11.58 17.02 15.71
N GLY C 308 10.81 16.99 14.63
CA GLY C 308 11.06 16.02 13.58
C GLY C 308 10.11 16.14 12.43
N ARG C 309 10.62 15.87 11.24
CA ARG C 309 9.82 15.95 10.02
C ARG C 309 8.64 14.98 10.07
N TYR C 310 7.71 15.14 9.14
CA TYR C 310 6.55 14.26 9.08
C TYR C 310 6.80 13.29 7.95
N LEU C 311 6.35 12.06 8.11
CA LEU C 311 6.51 11.05 7.06
C LEU C 311 5.15 10.67 6.55
N THR C 312 4.20 10.56 7.47
CA THR C 312 2.84 10.21 7.13
C THR C 312 1.85 10.93 8.04
N VAL C 313 0.68 11.26 7.51
CA VAL C 313 -0.37 11.90 8.28
C VAL C 313 -1.69 11.24 7.92
N ALA C 314 -2.46 10.89 8.93
CA ALA C 314 -3.75 10.25 8.70
C ALA C 314 -4.85 10.97 9.47
N ALA C 315 -5.56 11.83 8.79
CA ALA C 315 -6.66 12.58 9.38
C ALA C 315 -7.97 11.88 9.08
N VAL C 316 -8.47 11.11 10.05
CA VAL C 316 -9.72 10.39 9.88
C VAL C 316 -10.87 11.16 10.51
N PHE C 317 -11.56 11.93 9.69
CA PHE C 317 -12.68 12.73 10.15
C PHE C 317 -13.93 11.88 10.28
N ARG C 318 -14.86 12.33 11.12
CA ARG C 318 -16.11 11.63 11.33
C ARG C 318 -17.22 12.62 11.70
N GLY C 319 -17.92 13.09 10.68
CA GLY C 319 -18.98 14.05 10.87
C GLY C 319 -19.34 14.72 9.55
N ARG C 320 -20.61 15.03 9.36
CA ARG C 320 -21.10 15.68 8.15
C ARG C 320 -20.32 16.95 7.83
N MET C 321 -19.47 16.88 6.80
CA MET C 321 -18.67 18.03 6.39
C MET C 321 -18.35 17.93 4.90
N SER C 322 -17.95 19.05 4.30
CA SER C 322 -17.63 19.10 2.88
C SER C 322 -16.16 18.81 2.63
N MET C 323 -15.89 17.93 1.67
CA MET C 323 -14.52 17.56 1.31
C MET C 323 -13.69 18.77 0.86
N LYS C 324 -14.34 19.90 0.65
CA LYS C 324 -13.64 21.10 0.21
C LYS C 324 -13.04 21.83 1.40
N GLU C 325 -13.78 21.95 2.49
CA GLU C 325 -13.27 22.62 3.68
C GLU C 325 -12.23 21.75 4.39
N VAL C 326 -12.24 20.47 4.07
CA VAL C 326 -11.32 19.52 4.67
C VAL C 326 -10.00 19.50 3.90
N ASP C 327 -10.08 19.08 2.64
CA ASP C 327 -8.92 18.98 1.76
C ASP C 327 -8.15 20.29 1.66
N GLU C 328 -8.88 21.39 1.56
CA GLU C 328 -8.27 22.71 1.46
C GLU C 328 -7.40 23.00 2.68
N GLN C 329 -8.02 22.91 3.85
CA GLN C 329 -7.32 23.14 5.11
C GLN C 329 -6.06 22.28 5.21
N MET C 330 -6.23 20.97 5.02
CA MET C 330 -5.13 20.01 5.08
C MET C 330 -3.95 20.45 4.22
N LEU C 331 -4.25 20.84 2.98
CA LEU C 331 -3.24 21.29 2.04
C LEU C 331 -2.51 22.53 2.58
N ASN C 332 -3.30 23.53 2.96
CA ASN C 332 -2.77 24.79 3.50
C ASN C 332 -1.71 24.56 4.57
N VAL C 333 -1.98 23.64 5.49
CA VAL C 333 -1.04 23.35 6.58
C VAL C 333 0.28 22.81 6.03
N GLN C 334 0.19 21.95 5.01
CA GLN C 334 1.39 21.36 4.41
C GLN C 334 2.17 22.40 3.61
N ASN C 335 1.52 23.51 3.31
CA ASN C 335 2.16 24.58 2.56
C ASN C 335 2.76 25.60 3.51
N LYS C 336 2.13 25.77 4.66
CA LYS C 336 2.60 26.72 5.67
C LYS C 336 3.76 26.18 6.48
N ASN C 337 3.73 24.87 6.77
CA ASN C 337 4.77 24.24 7.57
C ASN C 337 5.61 23.29 6.74
N SER C 338 5.93 23.71 5.51
CA SER C 338 6.73 22.91 4.59
C SER C 338 8.08 22.50 5.18
N SER C 339 8.55 23.29 6.16
CA SER C 339 9.82 23.02 6.83
C SER C 339 9.86 21.59 7.34
N TYR C 340 8.91 21.21 8.16
CA TYR C 340 8.85 19.85 8.67
C TYR C 340 7.62 19.14 8.15
N PHE C 341 7.77 18.53 6.98
CA PHE C 341 6.68 17.81 6.32
C PHE C 341 7.23 16.95 5.20
N VAL C 342 8.51 16.63 5.29
CA VAL C 342 9.21 15.81 4.31
C VAL C 342 9.27 16.43 2.91
N GLU C 343 10.29 16.05 2.16
CA GLU C 343 10.47 16.58 0.81
C GLU C 343 10.19 15.54 -0.26
N TRP C 344 10.63 14.30 -0.02
CA TRP C 344 10.44 13.21 -0.99
C TRP C 344 8.99 12.73 -1.13
N ILE C 345 8.07 13.37 -0.44
CA ILE C 345 6.66 13.02 -0.52
C ILE C 345 5.81 14.27 -0.69
N PRO C 346 5.21 14.43 -1.87
CA PRO C 346 4.38 15.60 -2.20
C PRO C 346 3.21 15.81 -1.24
N ASN C 347 2.50 14.73 -0.91
CA ASN C 347 1.35 14.82 -0.01
C ASN C 347 1.30 13.67 1.00
N ASN C 348 1.90 13.91 2.15
CA ASN C 348 1.94 12.95 3.25
C ASN C 348 0.55 12.69 3.83
N VAL C 349 -0.27 13.73 3.86
CA VAL C 349 -1.61 13.64 4.43
C VAL C 349 -2.54 12.73 3.62
N LYS C 350 -3.15 11.79 4.32
CA LYS C 350 -4.11 10.88 3.72
C LYS C 350 -5.49 11.20 4.31
N THR C 351 -6.28 11.95 3.57
CA THR C 351 -7.59 12.37 4.02
C THR C 351 -8.61 11.23 4.09
N ALA C 352 -9.37 11.22 5.18
CA ALA C 352 -10.43 10.25 5.39
C ALA C 352 -11.61 10.97 6.04
N VAL C 353 -12.82 10.72 5.56
CA VAL C 353 -14.00 11.40 6.10
C VAL C 353 -15.17 10.43 6.25
N CYS C 354 -15.52 10.15 7.49
CA CYS C 354 -16.64 9.29 7.80
C CYS C 354 -17.92 10.14 7.84
N ASP C 355 -19.04 9.53 8.17
CA ASP C 355 -20.31 10.25 8.22
C ASP C 355 -20.79 10.35 9.65
N ILE C 356 -21.08 9.21 10.24
CA ILE C 356 -21.56 9.16 11.62
C ILE C 356 -20.44 9.47 12.62
N PRO C 357 -20.64 10.49 13.46
CA PRO C 357 -19.66 10.88 14.47
C PRO C 357 -19.90 10.07 15.75
N PRO C 358 -19.04 10.21 16.76
CA PRO C 358 -19.23 9.49 18.03
C PRO C 358 -20.47 10.00 18.77
N ARG C 359 -21.53 9.20 18.68
CA ARG C 359 -22.84 9.46 19.29
C ARG C 359 -23.15 10.91 19.72
N GLY C 360 -22.64 11.35 20.87
CA GLY C 360 -22.94 12.69 21.36
C GLY C 360 -22.21 13.84 20.69
N LEU C 361 -21.18 13.56 19.91
CA LEU C 361 -20.44 14.63 19.24
C LEU C 361 -20.98 14.90 17.83
N LYS C 362 -20.83 16.14 17.38
CA LYS C 362 -21.31 16.55 16.06
C LYS C 362 -20.19 16.50 15.01
N MET C 363 -18.97 16.80 15.43
CA MET C 363 -17.83 16.82 14.52
C MET C 363 -16.58 16.37 15.24
N SER C 364 -15.87 15.43 14.64
CA SER C 364 -14.65 14.90 15.22
C SER C 364 -13.65 14.50 14.15
N ALA C 365 -12.44 14.15 14.57
CA ALA C 365 -11.39 13.75 13.65
C ALA C 365 -10.25 13.09 14.41
N THR C 366 -9.97 11.85 14.06
CA THR C 366 -8.89 11.12 14.70
C THR C 366 -7.57 11.45 13.98
N PHE C 367 -6.54 11.76 14.74
CA PHE C 367 -5.24 12.11 14.16
C PHE C 367 -4.21 11.01 14.38
N ILE C 368 -3.53 10.67 13.29
CA ILE C 368 -2.47 9.66 13.32
C ILE C 368 -1.24 10.23 12.63
N GLY C 369 -0.23 10.59 13.40
CA GLY C 369 0.97 11.16 12.82
C GLY C 369 2.17 10.22 12.86
N ASN C 370 2.87 10.14 11.75
CA ASN C 370 4.07 9.30 11.63
C ASN C 370 5.27 10.20 11.36
N SER C 371 5.69 10.92 12.39
CA SER C 371 6.82 11.83 12.26
C SER C 371 8.11 11.17 12.75
N THR C 372 9.24 11.75 12.35
CA THR C 372 10.54 11.23 12.75
C THR C 372 10.89 11.73 14.15
N ALA C 373 9.99 12.53 14.71
CA ALA C 373 10.16 13.09 16.04
C ALA C 373 10.16 12.00 17.11
N ILE C 374 9.63 10.83 16.76
CA ILE C 374 9.58 9.70 17.68
C ILE C 374 11.00 9.27 18.09
N GLN C 375 12.00 9.87 17.44
CA GLN C 375 13.39 9.62 17.74
C GLN C 375 13.67 10.09 19.16
N GLU C 376 13.05 11.22 19.53
CA GLU C 376 13.23 11.81 20.85
C GLU C 376 12.49 11.01 21.92
N LEU C 377 12.18 9.77 21.62
CA LEU C 377 11.50 8.89 22.55
C LEU C 377 12.31 7.59 22.67
N PHE C 378 12.62 6.99 21.52
CA PHE C 378 13.40 5.76 21.51
C PHE C 378 14.81 6.03 22.00
N LYS C 379 15.34 7.20 21.66
CA LYS C 379 16.68 7.60 22.08
C LYS C 379 16.75 7.58 23.60
N ARG C 380 15.72 8.14 24.22
CA ARG C 380 15.59 8.15 25.67
C ARG C 380 15.74 6.73 26.20
N ILE C 381 14.89 5.84 25.69
CA ILE C 381 14.90 4.43 26.08
C ILE C 381 16.31 3.83 25.97
N SER C 382 16.96 4.01 24.82
CA SER C 382 18.31 3.50 24.62
C SER C 382 19.24 4.05 25.70
N GLU C 383 19.13 5.34 25.97
CA GLU C 383 19.94 5.99 26.98
C GLU C 383 19.70 5.35 28.35
N GLN C 384 18.43 5.34 28.78
CA GLN C 384 18.05 4.74 30.06
C GLN C 384 18.59 3.32 30.17
N PHE C 385 18.35 2.52 29.12
CA PHE C 385 18.77 1.14 29.07
C PHE C 385 20.29 1.02 29.22
N THR C 386 21.02 1.51 28.22
CA THR C 386 22.48 1.46 28.21
C THR C 386 23.09 1.95 29.54
N ALA C 387 22.51 3.01 30.10
CA ALA C 387 22.99 3.58 31.36
C ALA C 387 22.97 2.57 32.51
N MET C 388 21.93 1.75 32.56
CA MET C 388 21.81 0.77 33.64
C MET C 388 22.33 -0.60 33.20
N PHE C 389 22.30 -0.84 31.89
CA PHE C 389 22.80 -2.09 31.33
C PHE C 389 24.30 -2.19 31.59
N ARG C 390 24.99 -1.06 31.45
CA ARG C 390 26.43 -0.98 31.72
C ARG C 390 26.79 -1.68 33.04
N ARG C 391 25.95 -1.51 34.05
CA ARG C 391 26.18 -2.12 35.35
C ARG C 391 25.40 -3.40 35.52
N LYS C 392 24.61 -3.73 34.50
CA LYS C 392 23.77 -4.93 34.50
C LYS C 392 22.82 -4.92 35.71
N ALA C 393 22.35 -3.71 36.04
CA ALA C 393 21.43 -3.43 37.16
C ALA C 393 20.66 -4.65 37.67
N PHE C 394 19.47 -4.85 37.17
CA PHE C 394 18.65 -5.98 37.59
C PHE C 394 18.72 -7.10 36.56
N LEU C 395 19.94 -7.42 36.12
CA LEU C 395 20.14 -8.47 35.13
C LEU C 395 19.90 -9.84 35.75
N HIS C 396 20.11 -9.92 37.06
CA HIS C 396 19.91 -11.15 37.79
C HIS C 396 18.46 -11.63 37.71
N TRP C 397 17.53 -10.68 37.67
CA TRP C 397 16.11 -11.00 37.60
C TRP C 397 15.75 -11.57 36.23
N TYR C 398 16.52 -11.20 35.21
CA TYR C 398 16.28 -11.67 33.85
C TYR C 398 16.98 -12.99 33.61
N THR C 399 18.29 -12.99 33.84
CA THR C 399 19.11 -14.19 33.66
C THR C 399 18.62 -15.34 34.53
N GLY C 400 18.22 -15.03 35.77
CA GLY C 400 17.74 -16.05 36.68
C GLY C 400 16.46 -16.70 36.22
N GLU C 401 15.74 -16.05 35.32
CA GLU C 401 14.50 -16.58 34.79
C GLU C 401 14.69 -17.15 33.38
N GLY C 402 15.95 -17.36 33.02
CA GLY C 402 16.26 -17.90 31.70
C GLY C 402 16.37 -16.83 30.62
N MET C 403 17.57 -16.31 30.47
CA MET C 403 17.83 -15.29 29.47
C MET C 403 19.23 -15.49 28.88
N ASP C 404 19.62 -14.63 27.95
CA ASP C 404 20.92 -14.71 27.31
C ASP C 404 21.56 -13.33 27.32
N GLU C 405 22.88 -13.28 27.41
CA GLU C 405 23.61 -12.01 27.42
C GLU C 405 23.47 -11.29 26.08
N MET C 406 23.21 -12.06 25.04
CA MET C 406 23.07 -11.50 23.70
C MET C 406 21.66 -10.94 23.48
N GLU C 407 20.72 -11.39 24.31
CA GLU C 407 19.34 -10.94 24.20
C GLU C 407 19.29 -9.43 24.36
N PHE C 408 20.11 -8.91 25.25
CA PHE C 408 20.19 -7.49 25.50
C PHE C 408 20.85 -6.76 24.34
N THR C 409 21.90 -7.37 23.77
CA THR C 409 22.60 -6.77 22.63
C THR C 409 21.67 -6.69 21.43
N GLU C 410 20.95 -7.78 21.17
CA GLU C 410 20.00 -7.85 20.08
C GLU C 410 19.01 -6.71 20.18
N ALA C 411 18.31 -6.66 21.31
CA ALA C 411 17.31 -5.62 21.57
C ALA C 411 17.90 -4.22 21.44
N GLU C 412 18.98 -3.95 22.17
CA GLU C 412 19.62 -2.64 22.13
C GLU C 412 20.01 -2.24 20.72
N SER C 413 20.75 -3.12 20.03
CA SER C 413 21.18 -2.87 18.66
C SER C 413 19.98 -2.56 17.77
N ASN C 414 19.03 -3.50 17.73
CA ASN C 414 17.82 -3.37 16.94
C ASN C 414 17.15 -2.00 17.15
N MET C 415 16.76 -1.73 18.38
CA MET C 415 16.09 -0.48 18.73
C MET C 415 16.96 0.74 18.42
N ASN C 416 18.26 0.65 18.69
CA ASN C 416 19.19 1.76 18.42
C ASN C 416 19.25 2.02 16.92
N ASP C 417 19.17 0.96 16.14
CA ASP C 417 19.20 1.06 14.68
C ASP C 417 17.92 1.74 14.19
N LEU C 418 16.83 1.46 14.90
CA LEU C 418 15.53 2.04 14.58
C LEU C 418 15.60 3.56 14.70
N VAL C 419 16.30 4.03 15.72
CA VAL C 419 16.47 5.46 15.95
C VAL C 419 17.21 6.06 14.75
N SER C 420 18.29 5.39 14.37
CA SER C 420 19.10 5.78 13.23
C SER C 420 18.25 5.87 11.95
N GLU C 421 17.55 4.78 11.64
CA GLU C 421 16.69 4.70 10.46
C GLU C 421 15.81 5.94 10.28
N TYR C 422 15.09 6.31 11.34
CA TYR C 422 14.23 7.49 11.31
C TYR C 422 15.01 8.76 10.97
N GLN C 423 16.24 8.83 11.46
CA GLN C 423 17.09 9.99 11.22
C GLN C 423 17.57 10.03 9.77
N GLN C 424 17.70 8.85 9.16
CA GLN C 424 18.14 8.74 7.77
C GLN C 424 17.15 9.39 6.81
N TYR C 425 15.90 9.53 7.28
CA TYR C 425 14.86 10.12 6.46
C TYR C 425 14.51 11.53 6.93
N GLN C 426 14.88 11.83 8.17
CA GLN C 426 14.63 13.15 8.75
C GLN C 426 15.40 14.23 7.99
N ASP C 427 16.61 13.89 7.54
CA ASP C 427 17.43 14.83 6.79
C ASP C 427 17.51 14.44 5.33
PB ADP D . 17.20 -24.62 -13.96
O1B ADP D . 17.70 -23.25 -14.36
O2B ADP D . 15.70 -24.71 -13.76
O3B ADP D . 17.98 -25.18 -12.82
PA ADP D . 18.47 -26.80 -15.27
O1A ADP D . 17.72 -27.92 -14.59
O2A ADP D . 19.81 -26.36 -14.75
O3A ADP D . 17.51 -25.51 -15.27
O5' ADP D . 18.59 -27.16 -16.82
C5' ADP D . 17.45 -27.37 -17.65
C4' ADP D . 17.75 -28.57 -18.52
O4' ADP D . 18.69 -28.21 -19.54
C3' ADP D . 18.42 -29.64 -17.67
O3' ADP D . 18.03 -30.94 -18.17
C2' ADP D . 19.90 -29.45 -17.94
O2' ADP D . 20.58 -30.70 -17.86
C1' ADP D . 19.95 -28.85 -19.34
N9 ADP D . 21.04 -27.83 -19.44
C8 ADP D . 21.05 -26.64 -18.83
N7 ADP D . 22.17 -25.95 -19.15
C5 ADP D . 22.90 -26.72 -19.99
C6 ADP D . 24.17 -26.60 -20.71
N6 ADP D . 24.93 -25.48 -20.59
N1 ADP D . 24.55 -27.61 -21.50
C2 ADP D . 23.80 -28.73 -21.64
N3 ADP D . 22.63 -28.92 -21.01
C4 ADP D . 22.13 -27.97 -20.18
MG MG E . 16.97 -26.29 -11.15
PG GTP F . -9.87 1.72 -3.14
O1G GTP F . -9.49 0.23 -3.27
O2G GTP F . -10.80 1.99 -1.98
O3G GTP F . -8.52 2.41 -2.98
O3B GTP F . -10.70 2.30 -4.45
PB GTP F . -11.25 3.84 -4.65
O1B GTP F . -10.70 4.31 -5.97
O2B GTP F . -12.70 3.89 -4.44
O3A GTP F . -10.47 4.66 -3.62
PA GTP F . -10.59 6.06 -3.02
O1A GTP F . -11.96 6.33 -2.53
O2A GTP F . -9.50 6.22 -2.01
O5' GTP F . -10.21 7.04 -4.29
C5' GTP F . -10.27 8.42 -3.94
C4' GTP F . -9.93 9.38 -5.03
O4' GTP F . -11.11 9.71 -5.80
C3' GTP F . -9.47 10.68 -4.40
O3' GTP F . -8.63 11.37 -5.29
C2' GTP F . -10.79 11.39 -4.15
O2' GTP F . -10.58 12.80 -4.13
C1' GTP F . -11.67 10.96 -5.33
N9 GTP F . -13.09 10.72 -5.02
C8 GTP F . -13.60 9.84 -4.09
N7 GTP F . -14.90 9.84 -4.02
C5 GTP F . -15.28 10.78 -4.94
C6 GTP F . -16.56 11.23 -5.31
O6 GTP F . -17.63 10.83 -4.85
N1 GTP F . -16.54 12.22 -6.31
C2 GTP F . -15.39 12.72 -6.89
N2 GTP F . -15.55 13.64 -7.79
N3 GTP F . -14.17 12.32 -6.55
C4 GTP F . -14.17 11.35 -5.58
MG MG G . -13.23 2.21 -1.82
PB GDP H . 2.17 -5.74 33.81
O1B GDP H . 2.08 -6.31 32.45
O2B GDP H . 0.96 -5.54 34.47
O3B GDP H . 3.25 -6.63 34.66
O3A GDP H . 2.78 -4.31 33.63
PA GDP H . 2.16 -2.82 34.10
O1A GDP H . 0.93 -2.54 33.30
O2A GDP H . 1.97 -2.88 35.60
O5' GDP H . 3.29 -1.87 33.62
C5' GDP H . 3.48 -0.55 34.22
C4' GDP H . 3.40 0.56 33.30
O4' GDP H . 2.03 0.62 32.74
C3' GDP H . 3.53 1.99 33.95
O3' GDP H . 4.30 2.81 33.00
C2' GDP H . 2.12 2.61 34.09
O2' GDP H . 1.97 4.04 33.98
C1' GDP H . 1.33 1.92 32.98
N9 GDP H . -0.06 1.61 33.33
C8 GDP H . -0.35 0.54 34.33
N7 GDP H . -1.74 0.70 34.23
C5 GDP H . -2.26 1.61 33.42
C6 GDP H . -3.45 2.20 32.93
O6 GDP H . -4.60 1.70 33.41
N1 GDP H . -3.49 3.19 32.00
C2 GDP H . -2.21 3.71 31.47
N2 GDP H . -2.49 4.67 30.62
N3 GDP H . -1.11 3.24 31.89
C4 GDP H . -1.11 2.23 32.78
O01 TA1 I . -17.25 13.16 28.91
C01 TA1 I . -17.48 13.72 27.60
C02 TA1 I . -16.31 14.82 27.37
O02 TA1 I . -15.08 13.98 27.46
C03 TA1 I . -14.27 14.13 28.61
O03 TA1 I . -14.49 14.92 29.49
C04 TA1 I . -13.13 13.26 28.59
C05 TA1 I . -12.96 12.57 29.87
C06 TA1 I . -11.78 11.64 29.92
C07 TA1 I . -10.92 11.47 28.81
C08 TA1 I . -11.16 12.11 27.76
C09 TA1 I . -12.23 13.02 27.54
C10 TA1 I . -16.25 15.61 25.95
C11 TA1 I . -14.78 15.71 25.30
O04 TA1 I . -14.21 14.38 24.96
C12 TA1 I . -14.74 13.59 23.96
O05 TA1 I . -15.67 13.89 23.27
C13 TA1 I . -13.94 12.31 23.85
C14 TA1 I . -13.62 16.34 26.11
O06 TA1 I . -13.35 17.34 25.11
C15 TA1 I . -14.41 16.82 24.28
C16 TA1 I . -15.48 17.90 23.94
C17 TA1 I . -16.89 17.54 24.40
O07 TA1 I . -17.79 18.64 24.08
C18 TA1 I . -16.96 17.13 25.95
C19 TA1 I . -16.20 18.19 26.80
C20 TA1 I . -18.49 17.27 26.48
O08 TA1 I . -18.75 18.09 27.33
C21 TA1 I . -19.61 16.37 25.96
O09 TA1 I . -20.87 16.75 26.68
C22 TA1 I . -21.91 17.35 25.99
O10 TA1 I . -21.91 17.61 24.84
C23 TA1 I . -23.05 17.65 26.93
C24 TA1 I . -19.27 14.89 26.17
C25 TA1 I . -19.09 14.06 25.07
C26 TA1 I . -18.58 12.61 25.37
O11 TA1 I . -18.07 11.90 24.19
C27 TA1 I . -18.90 11.12 23.53
O12 TA1 I . -20.05 10.92 23.76
C28 TA1 I . -18.17 10.44 22.34
O13 TA1 I . -19.09 9.58 21.70
C29 TA1 I . -16.94 9.68 22.90
N01 TA1 I . -17.42 8.83 23.98
C30 TA1 I . -16.64 8.44 25.01
O14 TA1 I . -15.46 8.75 25.13
C31 TA1 I . -17.35 7.61 26.03
C32 TA1 I . -17.94 6.38 25.75
C33 TA1 I . -18.62 5.65 26.77
C34 TA1 I . -18.69 6.17 28.08
C35 TA1 I . -18.10 7.39 28.37
C36 TA1 I . -17.44 8.13 27.38
C37 TA1 I . -16.18 8.93 21.79
C38 TA1 I . -15.13 9.59 21.15
C39 TA1 I . -14.39 8.96 20.11
C40 TA1 I . -14.73 7.66 19.72
C41 TA1 I . -15.77 7.00 20.35
C42 TA1 I . -16.51 7.63 21.39
C43 TA1 I . -17.42 12.63 26.43
C44 TA1 I . -19.26 14.46 23.61
C45 TA1 I . -19.02 14.34 27.66
C46 TA1 I . -20.12 13.23 27.98
C47 TA1 I . -19.17 15.31 28.86
#